data_6TL0
#
_entry.id   6TL0
#
loop_
_entity.id
_entity.type
_entity.pdbx_description
1 polymer 'Vacuolar protein sorting-associated protein 29'
2 polymer 'Ankyrin repeat domain-containing protein 27'
3 non-polymer 'ZINC ION'
#
loop_
_entity_poly.entity_id
_entity_poly.type
_entity_poly.pdbx_seq_one_letter_code
_entity_poly.pdbx_strand_id
1 'polypeptide(L)'
;GSPEFGTRDRMLVLVLGDLHIPHRCNSLPAKFKKLLVPGKIQHILCTGNLCTKESYDYLKTLAGDVHIVRGDFDENLNYP
EQKVVTVGQFKIGLIHGHQVIPWGDMASLALLQRQFDVDILISGHTHKFEAFEHENKFYINPGSATGAYNALETNIIPSF
VLMDIQASTVVTYVYQLIGDDVKVERIEYKKS
;
A
2 'polypeptide(L)' GPLGSTEEDLEDAEDTVSAADPEFCHPLCQCPKCAPAQKRLAKVPASGLGVNVTSQDGSSW B
#
# COMPACT_ATOMS: atom_id res chain seq x y z
N GLY A 1 10.36 20.01 -27.65
CA GLY A 1 9.25 20.38 -26.73
C GLY A 1 9.81 20.99 -25.45
N SER A 2 8.97 21.47 -24.58
CA SER A 2 9.46 22.08 -23.31
C SER A 2 8.94 21.28 -22.11
N PRO A 3 9.63 21.40 -21.00
CA PRO A 3 9.23 20.68 -19.76
C PRO A 3 7.93 21.27 -19.20
N GLU A 4 7.02 20.43 -18.79
CA GLU A 4 5.74 20.94 -18.22
C GLU A 4 6.00 21.74 -16.94
N PHE A 5 6.93 21.31 -16.13
CA PHE A 5 7.23 22.05 -14.87
C PHE A 5 8.74 22.13 -14.67
N GLY A 6 9.19 23.04 -13.84
CA GLY A 6 10.66 23.18 -13.59
C GLY A 6 11.19 21.94 -12.87
N THR A 7 10.84 21.76 -11.63
CA THR A 7 11.34 20.56 -10.88
C THR A 7 10.16 19.74 -10.35
N ARG A 8 10.41 18.51 -9.97
CA ARG A 8 9.29 17.66 -9.45
C ARG A 8 9.54 17.30 -7.98
N ASP A 9 8.54 17.44 -7.15
CA ASP A 9 8.71 17.11 -5.71
C ASP A 9 7.77 15.96 -5.32
N ARG A 10 7.29 15.21 -6.28
CA ARG A 10 6.37 14.08 -5.97
C ARG A 10 7.00 13.12 -4.96
N MET A 11 6.22 12.62 -4.03
CA MET A 11 6.79 11.67 -3.02
C MET A 11 5.78 10.55 -2.72
N LEU A 12 6.24 9.34 -2.63
CA LEU A 12 5.33 8.19 -2.34
C LEU A 12 5.30 7.87 -0.84
N VAL A 13 4.13 7.64 -0.30
CA VAL A 13 4.03 7.32 1.15
C VAL A 13 3.37 5.95 1.35
N LEU A 14 3.88 5.16 2.27
CA LEU A 14 3.28 3.82 2.53
C LEU A 14 2.35 3.88 3.74
N VAL A 15 1.16 3.32 3.62
CA VAL A 15 0.20 3.35 4.76
C VAL A 15 -0.22 1.91 5.13
N LEU A 16 -0.14 1.57 6.38
CA LEU A 16 -0.55 0.21 6.81
C LEU A 16 -0.65 0.14 8.34
N GLY A 17 -0.92 -1.01 8.90
CA GLY A 17 -1.03 -1.12 10.39
C GLY A 17 -1.87 -2.33 10.77
N ASP A 18 -2.13 -2.49 12.05
CA ASP A 18 -2.94 -3.66 12.52
C ASP A 18 -2.24 -4.95 12.17
N LEU A 19 -0.94 -4.98 12.33
CA LEU A 19 -0.18 -6.23 12.04
C LEU A 19 -0.45 -7.20 13.19
N HIS A 20 -0.59 -6.67 14.37
CA HIS A 20 -0.88 -7.50 15.58
C HIS A 20 0.17 -8.60 15.76
N ILE A 21 1.42 -8.29 15.56
CA ILE A 21 2.49 -9.32 15.76
C ILE A 21 3.14 -9.10 17.14
N PRO A 22 3.38 -10.16 17.88
CA PRO A 22 3.05 -11.54 17.47
C PRO A 22 1.72 -11.97 18.13
N HIS A 23 0.89 -11.04 18.46
CA HIS A 23 -0.40 -11.39 19.13
C HIS A 23 -1.28 -12.29 18.26
N ARG A 24 -1.46 -11.95 17.01
CA ARG A 24 -2.34 -12.79 16.13
C ARG A 24 -1.59 -13.25 14.87
N CYS A 25 -0.55 -12.54 14.50
CA CYS A 25 0.21 -12.95 13.28
C CYS A 25 1.72 -12.93 13.56
N ASN A 26 2.48 -13.64 12.78
CA ASN A 26 3.96 -13.67 13.02
C ASN A 26 4.69 -12.78 12.02
N SER A 27 4.07 -12.43 10.93
CA SER A 27 4.74 -11.55 9.93
C SER A 27 3.77 -11.16 8.81
N LEU A 28 4.24 -10.37 7.88
CA LEU A 28 3.36 -9.96 6.74
C LEU A 28 3.26 -11.14 5.75
N PRO A 29 2.28 -11.10 4.89
CA PRO A 29 2.12 -12.21 3.91
C PRO A 29 3.34 -12.27 2.98
N ALA A 30 3.75 -13.46 2.63
CA ALA A 30 4.96 -13.67 1.77
C ALA A 30 5.03 -12.73 0.56
N LYS A 31 4.05 -12.78 -0.31
CA LYS A 31 4.11 -11.91 -1.53
C LYS A 31 4.26 -10.42 -1.16
N PHE A 32 3.63 -9.99 -0.10
CA PHE A 32 3.75 -8.55 0.28
C PHE A 32 5.19 -8.19 0.65
N LYS A 33 5.88 -9.06 1.35
CA LYS A 33 7.29 -8.74 1.70
C LYS A 33 8.06 -8.46 0.41
N LYS A 34 7.75 -9.18 -0.64
CA LYS A 34 8.44 -8.95 -1.93
C LYS A 34 7.99 -7.59 -2.51
N LEU A 35 6.75 -7.23 -2.30
CA LEU A 35 6.24 -5.91 -2.84
C LEU A 35 6.95 -4.75 -2.14
N LEU A 36 7.19 -4.86 -0.86
CA LEU A 36 7.86 -3.75 -0.11
C LEU A 36 9.39 -3.84 -0.23
N VAL A 37 10.02 -2.71 -0.48
CA VAL A 37 11.50 -2.70 -0.61
C VAL A 37 12.05 -1.32 -0.20
N PRO A 38 13.23 -1.30 0.39
CA PRO A 38 13.85 -0.03 0.82
C PRO A 38 14.34 0.77 -0.39
N GLY A 39 14.34 2.08 -0.27
CA GLY A 39 14.82 2.93 -1.40
C GLY A 39 13.65 3.31 -2.31
N LYS A 40 12.48 2.77 -2.04
CA LYS A 40 11.30 3.08 -2.90
C LYS A 40 10.31 3.96 -2.15
N ILE A 41 10.28 3.86 -0.85
CA ILE A 41 9.31 4.69 -0.08
C ILE A 41 10.04 5.75 0.74
N GLN A 42 9.60 6.97 0.64
CA GLN A 42 10.26 8.08 1.41
C GLN A 42 9.46 8.39 2.68
N HIS A 43 8.20 8.02 2.73
CA HIS A 43 7.38 8.30 3.95
C HIS A 43 6.51 7.09 4.32
N ILE A 44 6.42 6.78 5.58
CA ILE A 44 5.56 5.63 6.00
C ILE A 44 4.60 6.04 7.12
N LEU A 45 3.33 5.86 6.91
CA LEU A 45 2.35 6.21 7.99
C LEU A 45 1.74 4.91 8.54
N CYS A 46 1.75 4.74 9.84
CA CYS A 46 1.19 3.49 10.42
C CYS A 46 0.03 3.81 11.36
N THR A 47 -1.08 3.15 11.18
CA THR A 47 -2.26 3.42 12.07
C THR A 47 -2.41 2.30 13.10
N GLY A 48 -2.72 1.12 12.65
CA GLY A 48 -2.91 -0.03 13.58
C GLY A 48 -1.70 -0.19 14.50
N ASN A 49 -1.88 -0.90 15.59
CA ASN A 49 -0.74 -1.12 16.54
C ASN A 49 0.29 -2.08 15.95
N LEU A 50 1.54 -1.92 16.30
CA LEU A 50 2.60 -2.81 15.74
C LEU A 50 2.28 -4.30 16.02
N CYS A 51 2.22 -4.74 17.26
CA CYS A 51 2.47 -3.86 18.44
C CYS A 51 3.90 -4.05 18.96
N THR A 52 4.50 -5.18 18.67
CA THR A 52 5.88 -5.45 19.15
C THR A 52 6.89 -4.52 18.48
N LYS A 53 7.89 -4.09 19.19
CA LYS A 53 8.91 -3.18 18.59
C LYS A 53 9.59 -3.87 17.40
N GLU A 54 9.66 -5.18 17.41
CA GLU A 54 10.30 -5.91 16.28
C GLU A 54 9.73 -5.44 14.94
N SER A 55 8.43 -5.25 14.89
CA SER A 55 7.80 -4.78 13.62
C SER A 55 8.26 -3.34 13.31
N TYR A 56 8.47 -2.54 14.32
CA TYR A 56 8.92 -1.14 14.10
C TYR A 56 10.25 -1.14 13.35
N ASP A 57 11.16 -1.99 13.74
CA ASP A 57 12.48 -2.04 13.03
C ASP A 57 12.26 -2.37 11.56
N TYR A 58 11.36 -3.27 11.27
CA TYR A 58 11.09 -3.62 9.84
C TYR A 58 10.57 -2.39 9.08
N LEU A 59 9.65 -1.67 9.66
CA LEU A 59 9.12 -0.46 8.98
C LEU A 59 10.23 0.56 8.77
N LYS A 60 11.11 0.70 9.72
CA LYS A 60 12.22 1.68 9.58
C LYS A 60 13.10 1.29 8.39
N THR A 61 13.22 0.01 8.13
CA THR A 61 14.07 -0.45 6.98
C THR A 61 13.50 0.06 5.65
N LEU A 62 12.21 -0.02 5.47
CA LEU A 62 11.62 0.45 4.18
C LEU A 62 11.85 1.95 3.99
N ALA A 63 11.81 2.71 5.05
CA ALA A 63 12.04 4.18 4.92
C ALA A 63 12.60 4.75 6.22
N GLY A 64 13.31 5.85 6.14
CA GLY A 64 13.90 6.46 7.37
C GLY A 64 12.81 7.23 8.13
N ASP A 65 12.00 7.98 7.42
CA ASP A 65 10.94 8.77 8.11
C ASP A 65 9.69 7.92 8.30
N VAL A 66 9.39 7.54 9.52
CA VAL A 66 8.18 6.71 9.77
C VAL A 66 7.30 7.37 10.84
N HIS A 67 6.01 7.44 10.59
CA HIS A 67 5.10 8.06 11.59
C HIS A 67 4.12 7.01 12.11
N ILE A 68 4.06 6.82 13.40
CA ILE A 68 3.14 5.79 13.96
C ILE A 68 2.29 6.37 15.11
N VAL A 69 1.11 5.86 15.28
CA VAL A 69 0.23 6.33 16.39
C VAL A 69 -0.02 5.16 17.34
N ARG A 70 -0.23 5.41 18.60
CA ARG A 70 -0.44 4.27 19.55
C ARG A 70 -1.78 3.58 19.28
N GLY A 71 -1.76 2.28 19.17
CA GLY A 71 -3.01 1.52 18.94
C GLY A 71 -3.55 1.05 20.29
N ASP A 72 -4.61 0.29 20.30
CA ASP A 72 -5.16 -0.19 21.60
C ASP A 72 -4.38 -1.40 22.12
N PHE A 73 -3.37 -1.84 21.39
CA PHE A 73 -2.59 -3.02 21.85
C PHE A 73 -1.08 -2.79 21.66
N ASP A 74 -0.65 -1.56 21.65
CA ASP A 74 0.81 -1.29 21.47
C ASP A 74 1.55 -1.43 22.81
N GLU A 75 2.65 -2.13 22.82
CA GLU A 75 3.42 -2.29 24.10
C GLU A 75 4.03 -0.95 24.52
N ASN A 76 4.63 -0.26 23.59
CA ASN A 76 5.25 1.06 23.90
C ASN A 76 4.17 2.12 24.06
N LEU A 77 4.09 2.73 25.21
CA LEU A 77 3.07 3.79 25.46
C LEU A 77 3.60 5.15 25.00
N ASN A 78 4.81 5.21 24.52
CA ASN A 78 5.37 6.53 24.09
C ASN A 78 4.79 6.97 22.74
N TYR A 79 3.97 6.16 22.13
CA TYR A 79 3.36 6.58 20.83
C TYR A 79 2.25 7.60 21.09
N PRO A 80 2.08 8.51 20.17
CA PRO A 80 1.05 9.56 20.31
C PRO A 80 -0.35 9.02 20.02
N GLU A 81 -1.33 9.44 20.78
CA GLU A 81 -2.72 8.95 20.52
C GLU A 81 -3.13 9.31 19.09
N GLN A 82 -2.76 10.48 18.65
CA GLN A 82 -3.09 10.92 17.27
C GLN A 82 -2.02 11.92 16.80
N LYS A 83 -1.75 11.98 15.53
CA LYS A 83 -0.71 12.95 15.05
C LYS A 83 -1.08 13.56 13.70
N VAL A 84 -0.68 14.78 13.47
CA VAL A 84 -0.98 15.44 12.17
C VAL A 84 0.33 15.68 11.42
N VAL A 85 0.53 15.02 10.31
CA VAL A 85 1.80 15.22 9.54
C VAL A 85 1.49 15.83 8.17
N THR A 86 2.21 16.86 7.80
CA THR A 86 1.95 17.49 6.48
C THR A 86 2.85 16.87 5.42
N VAL A 87 2.28 16.48 4.31
CA VAL A 87 3.09 15.86 3.22
C VAL A 87 2.94 16.69 1.94
N GLY A 88 3.74 17.70 1.78
CA GLY A 88 3.64 18.56 0.57
C GLY A 88 2.46 19.53 0.75
N GLN A 89 1.49 19.45 -0.11
CA GLN A 89 0.31 20.37 0.01
C GLN A 89 -0.80 19.72 0.85
N PHE A 90 -0.65 18.48 1.21
CA PHE A 90 -1.73 17.80 1.98
C PHE A 90 -1.48 17.77 3.49
N LYS A 91 -2.52 18.03 4.25
CA LYS A 91 -2.41 17.98 5.74
C LYS A 91 -3.11 16.70 6.18
N ILE A 92 -2.36 15.72 6.60
CA ILE A 92 -3.00 14.42 6.97
C ILE A 92 -2.99 14.18 8.49
N GLY A 93 -4.06 13.64 8.99
CA GLY A 93 -4.15 13.34 10.45
C GLY A 93 -3.97 11.84 10.65
N LEU A 94 -3.60 11.40 11.82
CA LEU A 94 -3.40 9.94 12.03
C LEU A 94 -3.93 9.48 13.39
N ILE A 95 -4.70 8.41 13.40
CA ILE A 95 -5.22 7.87 14.69
C ILE A 95 -5.57 6.38 14.52
N HIS A 96 -5.45 5.59 15.56
CA HIS A 96 -5.77 4.14 15.41
C HIS A 96 -7.23 3.95 14.99
N GLY A 97 -8.14 4.41 15.81
CA GLY A 97 -9.58 4.27 15.45
C GLY A 97 -10.38 3.76 16.66
N HIS A 98 -9.75 3.05 17.56
CA HIS A 98 -10.50 2.54 18.76
C HIS A 98 -11.05 3.72 19.57
N GLN A 99 -10.53 4.90 19.36
CA GLN A 99 -11.03 6.09 20.11
C GLN A 99 -12.25 6.69 19.39
N VAL A 100 -12.57 6.18 18.22
CA VAL A 100 -13.74 6.73 17.47
C VAL A 100 -14.96 5.85 17.70
N ILE A 101 -15.97 6.36 18.37
CA ILE A 101 -17.19 5.54 18.64
C ILE A 101 -18.39 6.13 17.87
N PRO A 102 -19.09 5.28 17.13
CA PRO A 102 -18.74 3.85 17.05
C PRO A 102 -17.45 3.62 16.25
N TRP A 103 -16.78 2.54 16.53
CA TRP A 103 -15.48 2.20 15.88
C TRP A 103 -15.39 2.56 14.38
N GLY A 104 -16.25 2.05 13.55
CA GLY A 104 -16.13 2.36 12.09
C GLY A 104 -17.24 3.29 11.58
N ASP A 105 -17.70 4.21 12.38
CA ASP A 105 -18.77 5.14 11.90
C ASP A 105 -18.17 6.24 11.04
N MET A 106 -18.76 6.54 9.92
CA MET A 106 -18.23 7.62 9.06
C MET A 106 -18.54 8.98 9.69
N ALA A 107 -19.71 9.13 10.25
CA ALA A 107 -20.07 10.43 10.89
C ALA A 107 -19.10 10.71 12.05
N SER A 108 -18.73 9.70 12.79
CA SER A 108 -17.76 9.92 13.90
C SER A 108 -16.40 10.31 13.33
N LEU A 109 -15.99 9.64 12.27
CA LEU A 109 -14.69 9.99 11.65
C LEU A 109 -14.74 11.42 11.10
N ALA A 110 -15.83 11.78 10.48
CA ALA A 110 -15.96 13.16 9.95
C ALA A 110 -15.89 14.17 11.10
N LEU A 111 -16.59 13.91 12.16
CA LEU A 111 -16.55 14.82 13.33
C LEU A 111 -15.10 14.99 13.80
N LEU A 112 -14.32 13.94 13.69
CA LEU A 112 -12.89 14.03 14.10
C LEU A 112 -12.12 14.86 13.07
N GLN A 113 -12.47 14.74 11.82
CA GLN A 113 -11.76 15.52 10.76
C GLN A 113 -11.85 17.02 11.08
N ARG A 114 -13.02 17.49 11.44
CA ARG A 114 -13.18 18.93 11.76
C ARG A 114 -12.16 19.35 12.83
N GLN A 115 -12.19 18.68 13.96
CA GLN A 115 -11.24 19.02 15.06
C GLN A 115 -9.79 18.99 14.55
N PHE A 116 -9.43 17.98 13.80
CA PHE A 116 -8.04 17.88 13.27
C PHE A 116 -7.79 18.90 12.16
N ASP A 117 -8.81 19.28 11.43
CA ASP A 117 -8.62 20.26 10.31
C ASP A 117 -7.61 19.70 9.29
N VAL A 118 -7.80 18.47 8.89
CA VAL A 118 -6.86 17.86 7.90
C VAL A 118 -7.59 17.57 6.58
N ASP A 119 -6.87 17.50 5.49
CA ASP A 119 -7.53 17.21 4.18
C ASP A 119 -7.76 15.70 4.07
N ILE A 120 -6.88 14.93 4.64
CA ILE A 120 -7.03 13.44 4.59
C ILE A 120 -6.94 12.85 6.00
N LEU A 121 -7.74 11.87 6.31
CA LEU A 121 -7.66 11.25 7.67
C LEU A 121 -7.34 9.75 7.54
N ILE A 122 -6.29 9.31 8.18
CA ILE A 122 -5.92 7.87 8.09
C ILE A 122 -6.26 7.15 9.42
N SER A 123 -6.92 6.04 9.34
CA SER A 123 -7.28 5.30 10.58
C SER A 123 -7.53 3.82 10.28
N GLY A 124 -7.47 2.97 11.27
CA GLY A 124 -7.71 1.51 11.03
C GLY A 124 -8.60 0.94 12.14
N HIS A 125 -8.11 -0.05 12.85
CA HIS A 125 -8.90 -0.70 13.96
C HIS A 125 -9.99 -1.64 13.41
N THR A 126 -10.58 -1.32 12.29
CA THR A 126 -11.65 -2.22 11.72
C THR A 126 -11.05 -3.30 10.82
N HIS A 127 -9.78 -3.21 10.50
CA HIS A 127 -9.16 -4.25 9.62
C HIS A 127 -9.92 -4.37 8.30
N LYS A 128 -10.60 -3.33 7.90
CA LYS A 128 -11.35 -3.36 6.61
C LYS A 128 -10.88 -2.20 5.72
N PHE A 129 -10.25 -2.49 4.62
CA PHE A 129 -9.77 -1.38 3.74
C PHE A 129 -10.94 -0.45 3.38
N GLU A 130 -10.70 0.84 3.40
CA GLU A 130 -11.78 1.79 3.06
C GLU A 130 -11.19 3.08 2.47
N ALA A 131 -11.59 3.44 1.29
CA ALA A 131 -11.05 4.68 0.66
C ALA A 131 -12.19 5.44 -0.03
N PHE A 132 -12.74 6.43 0.62
CA PHE A 132 -13.87 7.21 0.01
C PHE A 132 -13.74 8.71 0.33
N GLU A 133 -14.51 9.53 -0.35
CA GLU A 133 -14.45 11.01 -0.11
C GLU A 133 -15.74 11.47 0.57
N HIS A 134 -15.66 12.45 1.44
CA HIS A 134 -16.89 12.95 2.13
C HIS A 134 -16.79 14.46 2.40
N GLU A 135 -17.67 15.23 1.82
CA GLU A 135 -17.67 16.70 2.04
C GLU A 135 -16.29 17.31 1.75
N ASN A 136 -15.80 17.12 0.55
CA ASN A 136 -14.47 17.68 0.14
C ASN A 136 -13.32 17.15 0.99
N LYS A 137 -13.52 16.08 1.72
CA LYS A 137 -12.41 15.52 2.54
C LYS A 137 -12.18 14.05 2.18
N PHE A 138 -11.00 13.55 2.39
CA PHE A 138 -10.71 12.12 2.02
C PHE A 138 -10.45 11.29 3.27
N TYR A 139 -10.95 10.07 3.28
CA TYR A 139 -10.73 9.17 4.44
C TYR A 139 -10.08 7.87 3.94
N ILE A 140 -9.07 7.39 4.60
CA ILE A 140 -8.39 6.15 4.12
C ILE A 140 -8.14 5.17 5.26
N ASN A 141 -8.41 3.92 5.01
CA ASN A 141 -8.15 2.87 6.03
C ASN A 141 -7.40 1.72 5.35
N PRO A 142 -6.14 1.57 5.67
CA PRO A 142 -5.30 0.51 5.05
C PRO A 142 -5.79 -0.89 5.45
N GLY A 143 -6.34 -1.02 6.62
CA GLY A 143 -6.83 -2.36 7.06
C GLY A 143 -5.72 -3.10 7.82
N SER A 144 -5.57 -4.38 7.58
CA SER A 144 -4.50 -5.14 8.30
C SER A 144 -3.50 -5.71 7.29
N ALA A 145 -2.28 -5.22 7.31
CA ALA A 145 -1.25 -5.74 6.36
C ALA A 145 -1.06 -7.24 6.56
N THR A 146 -1.43 -7.77 7.70
CA THR A 146 -1.25 -9.23 7.95
C THR A 146 -2.61 -9.92 8.06
N GLY A 147 -3.66 -9.26 7.68
CA GLY A 147 -5.02 -9.90 7.79
C GLY A 147 -5.24 -10.34 9.24
N ALA A 148 -4.76 -9.57 10.18
CA ALA A 148 -4.91 -9.94 11.61
C ALA A 148 -6.37 -10.29 11.92
N TYR A 149 -6.57 -11.21 12.83
CA TYR A 149 -7.95 -11.64 13.19
C TYR A 149 -8.74 -10.49 13.84
N ASN A 150 -10.05 -10.51 13.68
CA ASN A 150 -10.91 -9.46 14.29
C ASN A 150 -12.29 -10.07 14.60
N ALA A 151 -12.64 -10.13 15.85
CA ALA A 151 -13.94 -10.75 16.26
C ALA A 151 -15.15 -10.21 15.48
N LEU A 152 -15.10 -8.98 15.03
CA LEU A 152 -16.28 -8.42 14.30
C LEU A 152 -16.35 -8.92 12.84
N GLU A 153 -15.24 -9.22 12.24
CA GLU A 153 -15.29 -9.72 10.82
C GLU A 153 -14.59 -11.08 10.72
N THR A 154 -15.32 -12.10 10.37
CA THR A 154 -14.71 -13.47 10.27
C THR A 154 -13.89 -13.60 8.99
N ASN A 155 -14.06 -12.72 8.05
CA ASN A 155 -13.26 -12.82 6.79
C ASN A 155 -12.41 -11.56 6.60
N ILE A 156 -11.17 -11.61 7.05
CA ILE A 156 -10.29 -10.41 6.89
C ILE A 156 -9.33 -10.60 5.72
N ILE A 157 -9.12 -9.57 4.96
CA ILE A 157 -8.17 -9.65 3.81
C ILE A 157 -6.95 -8.78 4.11
N PRO A 158 -5.79 -9.37 4.12
CA PRO A 158 -4.56 -8.61 4.42
C PRO A 158 -4.28 -7.61 3.28
N SER A 159 -3.92 -6.39 3.59
CA SER A 159 -3.67 -5.41 2.50
C SER A 159 -3.01 -4.12 3.00
N PHE A 160 -2.29 -3.44 2.14
CA PHE A 160 -1.65 -2.16 2.53
C PHE A 160 -1.82 -1.16 1.38
N VAL A 161 -1.68 0.11 1.65
CA VAL A 161 -1.90 1.11 0.55
C VAL A 161 -0.74 2.09 0.37
N LEU A 162 -0.40 2.36 -0.86
CA LEU A 162 0.68 3.33 -1.19
C LEU A 162 0.05 4.60 -1.76
N MET A 163 0.48 5.76 -1.33
CA MET A 163 -0.13 7.00 -1.88
C MET A 163 0.91 7.81 -2.64
N ASP A 164 0.64 8.10 -3.90
CA ASP A 164 1.62 8.89 -4.71
C ASP A 164 1.15 10.35 -4.78
N ILE A 165 1.93 11.27 -4.27
CA ILE A 165 1.51 12.70 -4.30
C ILE A 165 2.47 13.54 -5.17
N GLN A 166 2.01 13.97 -6.32
CA GLN A 166 2.87 14.81 -7.20
C GLN A 166 2.84 16.25 -6.67
N ALA A 167 1.70 16.71 -6.27
CA ALA A 167 1.55 18.08 -5.73
C ALA A 167 0.16 18.22 -5.08
N SER A 168 -0.76 18.92 -5.70
CA SER A 168 -2.12 19.05 -5.10
C SER A 168 -2.99 17.85 -5.50
N THR A 169 -2.40 16.85 -6.11
CA THR A 169 -3.18 15.64 -6.53
C THR A 169 -2.54 14.39 -5.92
N VAL A 170 -3.34 13.46 -5.46
CA VAL A 170 -2.75 12.22 -4.87
C VAL A 170 -3.40 10.96 -5.46
N VAL A 171 -2.61 9.97 -5.71
CA VAL A 171 -3.16 8.69 -6.24
C VAL A 171 -2.90 7.60 -5.22
N THR A 172 -3.91 6.89 -4.80
CA THR A 172 -3.69 5.83 -3.78
C THR A 172 -3.79 4.45 -4.39
N TYR A 173 -2.88 3.58 -4.05
CA TYR A 173 -2.92 2.21 -4.59
C TYR A 173 -3.18 1.23 -3.45
N VAL A 174 -4.16 0.39 -3.60
CA VAL A 174 -4.46 -0.58 -2.51
C VAL A 174 -4.11 -1.99 -2.98
N TYR A 175 -3.43 -2.74 -2.16
CA TYR A 175 -3.05 -4.11 -2.56
C TYR A 175 -3.81 -5.12 -1.71
N GLN A 176 -4.66 -5.89 -2.32
CA GLN A 176 -5.42 -6.91 -1.54
C GLN A 176 -4.91 -8.30 -1.90
N LEU A 177 -4.75 -9.15 -0.93
CA LEU A 177 -4.25 -10.52 -1.23
C LEU A 177 -5.44 -11.47 -1.40
N ILE A 178 -6.02 -11.48 -2.56
CA ILE A 178 -7.17 -12.39 -2.82
C ILE A 178 -6.67 -13.61 -3.56
N GLY A 179 -6.80 -14.78 -2.98
CA GLY A 179 -6.29 -15.99 -3.66
C GLY A 179 -4.76 -15.94 -3.64
N ASP A 180 -4.11 -16.72 -4.47
CA ASP A 180 -2.61 -16.69 -4.47
C ASP A 180 -2.09 -15.39 -5.08
N ASP A 181 -2.67 -14.95 -6.17
CA ASP A 181 -2.21 -13.69 -6.82
C ASP A 181 -2.67 -12.46 -6.03
N VAL A 182 -2.00 -11.35 -6.19
CA VAL A 182 -2.41 -10.12 -5.47
C VAL A 182 -3.10 -9.16 -6.44
N LYS A 183 -4.26 -8.68 -6.08
CA LYS A 183 -5.00 -7.73 -6.98
C LYS A 183 -4.75 -6.29 -6.53
N VAL A 184 -4.72 -5.36 -7.45
CA VAL A 184 -4.49 -3.95 -7.06
C VAL A 184 -5.52 -3.01 -7.71
N GLU A 185 -5.97 -2.02 -6.99
CA GLU A 185 -6.97 -1.06 -7.54
C GLU A 185 -6.39 0.36 -7.50
N ARG A 186 -6.78 1.21 -8.41
CA ARG A 186 -6.23 2.60 -8.40
C ARG A 186 -7.30 3.64 -8.12
N ILE A 187 -7.06 4.48 -7.15
CA ILE A 187 -8.05 5.56 -6.80
C ILE A 187 -7.31 6.91 -6.81
N GLU A 188 -7.86 7.90 -7.48
CA GLU A 188 -7.17 9.23 -7.52
C GLU A 188 -7.97 10.30 -6.79
N TYR A 189 -7.30 11.18 -6.10
CA TYR A 189 -7.99 12.28 -5.36
C TYR A 189 -7.18 13.58 -5.49
N LYS A 190 -7.86 14.69 -5.61
CA LYS A 190 -7.15 15.99 -5.73
C LYS A 190 -7.87 17.07 -4.92
N LYS A 191 -7.15 18.01 -4.37
CA LYS A 191 -7.80 19.09 -3.58
C LYS A 191 -8.95 19.73 -4.37
N SER A 192 -8.80 19.82 -5.67
CA SER A 192 -9.88 20.44 -6.49
C SER A 192 -10.90 19.36 -6.91
N GLY B 1 16.13 -7.91 -58.39
CA GLY B 1 16.76 -8.52 -57.19
C GLY B 1 15.89 -8.26 -55.96
N PRO B 2 16.04 -7.11 -55.37
CA PRO B 2 15.25 -6.75 -54.18
C PRO B 2 13.78 -6.54 -54.54
N LEU B 3 12.88 -6.84 -53.63
CA LEU B 3 11.43 -6.66 -53.94
C LEU B 3 11.13 -5.19 -54.23
N GLY B 4 11.79 -4.28 -53.56
CA GLY B 4 11.54 -2.83 -53.81
C GLY B 4 12.58 -2.30 -54.78
N SER B 5 12.15 -1.81 -55.92
CA SER B 5 13.12 -1.26 -56.91
C SER B 5 13.88 -0.07 -56.31
N THR B 6 13.30 0.61 -55.36
CA THR B 6 14.00 1.78 -54.75
C THR B 6 15.26 1.31 -54.01
N GLU B 7 16.36 1.98 -54.22
CA GLU B 7 17.62 1.58 -53.53
C GLU B 7 17.54 1.88 -52.03
N GLU B 8 16.84 2.91 -51.65
CA GLU B 8 16.73 3.26 -50.21
C GLU B 8 15.41 2.73 -49.62
N ASP B 9 15.46 2.16 -48.44
CA ASP B 9 14.21 1.63 -47.82
C ASP B 9 14.47 1.24 -46.35
N LEU B 10 15.41 1.89 -45.70
CA LEU B 10 15.69 1.54 -44.28
C LEU B 10 15.02 2.56 -43.34
N GLU B 11 14.23 2.08 -42.41
CA GLU B 11 13.55 3.02 -41.46
C GLU B 11 14.57 3.62 -40.49
N ASP B 12 15.52 2.84 -40.05
CA ASP B 12 16.54 3.36 -39.10
C ASP B 12 17.95 2.97 -39.55
N ALA B 13 18.82 3.93 -39.74
CA ALA B 13 20.20 3.61 -40.18
C ALA B 13 20.98 2.86 -39.10
N GLU B 14 20.80 3.25 -37.85
CA GLU B 14 21.53 2.56 -36.75
C GLU B 14 20.57 2.12 -35.65
N ASP B 15 20.87 1.04 -34.97
CA ASP B 15 19.99 0.56 -33.88
C ASP B 15 20.55 0.97 -32.52
N THR B 16 19.79 0.80 -31.47
CA THR B 16 20.28 1.18 -30.11
C THR B 16 20.37 -0.05 -29.20
N VAL B 17 21.12 0.05 -28.13
CA VAL B 17 21.26 -1.11 -27.20
C VAL B 17 20.97 -0.68 -25.76
N SER B 18 20.51 -1.59 -24.93
CA SER B 18 20.22 -1.23 -23.52
C SER B 18 20.46 -2.44 -22.60
N ALA B 19 20.70 -2.21 -21.35
CA ALA B 19 20.95 -3.34 -20.40
C ALA B 19 19.62 -4.04 -20.07
N ALA B 20 18.69 -3.31 -19.52
CA ALA B 20 17.37 -3.93 -19.16
C ALA B 20 16.27 -2.86 -19.17
N ASP B 21 15.05 -3.26 -19.43
CA ASP B 21 13.93 -2.27 -19.44
C ASP B 21 12.77 -2.76 -18.57
N PRO B 22 12.96 -2.66 -17.28
CA PRO B 22 11.91 -3.11 -16.33
C PRO B 22 10.72 -2.14 -16.37
N GLU B 23 9.52 -2.67 -16.22
CA GLU B 23 8.32 -1.78 -16.24
C GLU B 23 7.69 -1.70 -14.85
N PHE B 24 7.07 -0.59 -14.52
CA PHE B 24 6.45 -0.46 -13.18
C PHE B 24 4.93 -0.45 -13.26
N CYS B 25 4.29 -1.23 -12.42
CA CYS B 25 2.80 -1.29 -12.41
C CYS B 25 2.29 -0.23 -11.42
N HIS B 26 2.89 -0.20 -10.28
CA HIS B 26 2.53 0.78 -9.24
C HIS B 26 3.71 0.88 -8.27
N PRO B 27 3.59 1.68 -7.24
CA PRO B 27 4.71 1.80 -6.28
C PRO B 27 5.05 0.43 -5.67
N LEU B 28 6.32 0.17 -5.44
CA LEU B 28 6.76 -1.15 -4.86
C LEU B 28 6.56 -2.32 -5.83
N CYS B 29 6.78 -2.14 -7.11
CA CYS B 29 6.63 -3.29 -8.03
C CYS B 29 7.81 -3.30 -9.00
N GLN B 30 8.93 -3.76 -8.53
CA GLN B 30 10.15 -3.82 -9.41
C GLN B 30 10.10 -5.07 -10.28
N CYS B 31 8.93 -5.64 -10.39
CA CYS B 31 8.73 -6.86 -11.21
C CYS B 31 9.39 -6.76 -12.59
N PRO B 32 9.39 -7.87 -13.27
CA PRO B 32 9.91 -7.90 -14.66
C PRO B 32 8.93 -7.18 -15.57
N LYS B 33 7.70 -7.61 -15.53
CA LYS B 33 6.62 -7.00 -16.37
C LYS B 33 5.26 -7.35 -15.79
N CYS B 34 5.21 -8.33 -14.92
CA CYS B 34 3.88 -8.79 -14.40
C CYS B 34 3.04 -9.21 -15.60
N ALA B 35 3.71 -9.61 -16.65
CA ALA B 35 3.02 -10.04 -17.89
C ALA B 35 2.30 -11.38 -17.67
N PRO B 36 1.23 -11.57 -18.41
CA PRO B 36 0.44 -12.83 -18.29
C PRO B 36 1.21 -14.03 -18.85
N ALA B 37 2.33 -13.80 -19.49
CA ALA B 37 3.10 -14.94 -20.07
C ALA B 37 3.47 -15.94 -18.98
N GLN B 38 2.94 -17.14 -19.05
CA GLN B 38 3.24 -18.17 -18.03
C GLN B 38 3.26 -19.56 -18.68
N LYS B 39 3.40 -20.60 -17.90
CA LYS B 39 3.41 -21.97 -18.47
C LYS B 39 2.14 -22.22 -19.30
N ARG B 40 1.03 -21.71 -18.85
CA ARG B 40 -0.24 -21.89 -19.61
C ARG B 40 -0.10 -21.31 -21.02
N LEU B 41 0.61 -20.23 -21.15
CA LEU B 41 0.79 -19.60 -22.50
C LEU B 41 2.01 -20.20 -23.20
N ALA B 42 1.85 -20.59 -24.43
CA ALA B 42 3.00 -21.19 -25.18
C ALA B 42 3.63 -20.14 -26.10
N LYS B 43 4.93 -20.10 -26.16
CA LYS B 43 5.60 -19.09 -27.04
C LYS B 43 6.04 -19.76 -28.34
N VAL B 44 6.02 -19.04 -29.43
CA VAL B 44 6.43 -19.63 -30.73
C VAL B 44 7.91 -20.04 -30.69
N PRO B 45 8.18 -21.26 -31.08
CA PRO B 45 9.57 -21.77 -31.06
C PRO B 45 10.40 -21.09 -32.16
N ALA B 46 11.67 -20.90 -31.93
CA ALA B 46 12.53 -20.25 -32.96
C ALA B 46 14.01 -20.58 -32.71
N SER B 47 14.30 -21.81 -32.38
CA SER B 47 15.72 -22.20 -32.13
C SER B 47 16.17 -23.25 -33.15
N GLY B 48 17.37 -23.15 -33.62
CA GLY B 48 17.87 -24.15 -34.61
C GLY B 48 18.29 -25.42 -33.90
N LEU B 49 19.27 -25.33 -33.03
CA LEU B 49 19.73 -26.54 -32.28
C LEU B 49 19.12 -26.57 -30.88
N GLY B 50 18.60 -27.69 -30.48
CA GLY B 50 17.99 -27.79 -29.12
C GLY B 50 17.85 -29.25 -28.71
N VAL B 51 17.12 -29.53 -27.67
CA VAL B 51 16.95 -30.94 -27.21
C VAL B 51 16.42 -31.79 -28.36
N ASN B 52 15.67 -31.22 -29.25
CA ASN B 52 15.11 -32.00 -30.40
C ASN B 52 16.24 -32.71 -31.16
N VAL B 53 17.41 -32.14 -31.17
CA VAL B 53 18.54 -32.77 -31.90
C VAL B 53 19.51 -33.43 -30.90
N THR B 54 19.94 -34.63 -31.18
CA THR B 54 20.88 -35.33 -30.25
C THR B 54 22.19 -35.68 -30.99
N SER B 55 23.23 -35.94 -30.26
CA SER B 55 24.53 -36.28 -30.93
C SER B 55 24.97 -37.69 -30.54
N GLN B 56 25.67 -38.37 -31.42
CA GLN B 56 26.14 -39.74 -31.11
C GLN B 56 27.66 -39.84 -31.33
N ASP B 57 28.34 -40.65 -30.56
CA ASP B 57 29.81 -40.77 -30.73
C ASP B 57 30.12 -41.74 -31.88
N GLY B 58 30.69 -41.25 -32.94
CA GLY B 58 31.01 -42.12 -34.11
C GLY B 58 31.95 -43.25 -33.67
N SER B 59 32.93 -42.93 -32.86
CA SER B 59 33.88 -43.99 -32.41
C SER B 59 33.14 -45.05 -31.57
N SER B 60 32.18 -44.63 -30.80
CA SER B 60 31.42 -45.62 -29.97
C SER B 60 30.66 -46.59 -30.87
N TRP B 61 30.19 -46.13 -31.99
CA TRP B 61 29.43 -47.03 -32.91
C TRP B 61 30.38 -47.63 -33.96
N GLY A 1 29.43 8.90 -1.17
CA GLY A 1 28.40 7.85 -0.95
C GLY A 1 27.52 7.71 -2.19
N SER A 2 26.40 8.38 -2.22
CA SER A 2 25.50 8.29 -3.41
C SER A 2 25.20 9.68 -3.96
N PRO A 3 26.18 10.25 -4.63
CA PRO A 3 26.02 11.60 -5.21
C PRO A 3 25.16 11.53 -6.48
N GLU A 4 23.94 11.07 -6.38
CA GLU A 4 23.07 10.98 -7.58
C GLU A 4 21.91 11.98 -7.48
N PHE A 5 21.49 12.53 -8.58
CA PHE A 5 20.37 13.51 -8.55
C PHE A 5 19.10 12.89 -9.14
N GLY A 6 17.99 13.05 -8.48
CA GLY A 6 16.71 12.47 -8.99
C GLY A 6 15.59 13.50 -8.83
N THR A 7 14.44 13.23 -9.39
CA THR A 7 13.31 14.20 -9.27
C THR A 7 12.47 13.88 -8.02
N ARG A 8 12.16 14.88 -7.24
CA ARG A 8 11.35 14.64 -6.01
C ARG A 8 10.06 15.47 -6.05
N ASP A 9 9.64 15.90 -7.21
CA ASP A 9 8.38 16.71 -7.29
C ASP A 9 7.23 15.97 -6.61
N ARG A 10 7.20 14.68 -6.73
CA ARG A 10 6.12 13.88 -6.08
C ARG A 10 6.74 12.90 -5.08
N MET A 11 6.06 12.56 -4.02
CA MET A 11 6.67 11.62 -3.04
C MET A 11 5.69 10.49 -2.70
N LEU A 12 6.18 9.28 -2.66
CA LEU A 12 5.30 8.11 -2.34
C LEU A 12 5.29 7.82 -0.83
N VAL A 13 4.12 7.65 -0.26
CA VAL A 13 4.04 7.34 1.20
C VAL A 13 3.37 5.99 1.42
N LEU A 14 3.90 5.19 2.32
CA LEU A 14 3.30 3.85 2.58
C LEU A 14 2.39 3.90 3.81
N VAL A 15 1.20 3.37 3.69
CA VAL A 15 0.26 3.38 4.85
C VAL A 15 -0.17 1.94 5.19
N LEU A 16 -0.07 1.57 6.44
CA LEU A 16 -0.48 0.19 6.85
C LEU A 16 -0.59 0.12 8.38
N GLY A 17 -0.88 -1.03 8.93
CA GLY A 17 -1.01 -1.14 10.41
C GLY A 17 -1.87 -2.36 10.77
N ASP A 18 -2.15 -2.52 12.04
CA ASP A 18 -2.96 -3.67 12.52
C ASP A 18 -2.25 -4.99 12.18
N LEU A 19 -0.95 -5.00 12.35
CA LEU A 19 -0.19 -6.24 12.08
C LEU A 19 -0.47 -7.22 13.22
N HIS A 20 -0.62 -6.69 14.40
CA HIS A 20 -0.93 -7.52 15.60
C HIS A 20 0.12 -8.62 15.81
N ILE A 21 1.37 -8.31 15.62
CA ILE A 21 2.43 -9.34 15.83
C ILE A 21 3.07 -9.11 17.22
N PRO A 22 3.30 -10.17 17.96
CA PRO A 22 2.96 -11.56 17.55
C PRO A 22 1.63 -11.99 18.18
N HIS A 23 0.78 -11.05 18.51
CA HIS A 23 -0.51 -11.40 19.16
C HIS A 23 -1.38 -12.30 18.28
N ARG A 24 -1.54 -11.96 17.03
CA ARG A 24 -2.41 -12.81 16.15
C ARG A 24 -1.65 -13.26 14.90
N CYS A 25 -0.60 -12.57 14.53
CA CYS A 25 0.18 -12.97 13.32
C CYS A 25 1.67 -12.96 13.62
N ASN A 26 2.46 -13.67 12.85
CA ASN A 26 3.93 -13.71 13.11
C ASN A 26 4.68 -12.80 12.12
N SER A 27 4.06 -12.45 11.02
CA SER A 27 4.76 -11.58 10.02
C SER A 27 3.80 -11.18 8.90
N LEU A 28 4.27 -10.40 7.97
CA LEU A 28 3.41 -10.00 6.82
C LEU A 28 3.33 -11.17 5.83
N PRO A 29 2.36 -11.13 4.96
CA PRO A 29 2.20 -12.24 3.98
C PRO A 29 3.42 -12.29 3.04
N ALA A 30 3.80 -13.48 2.63
CA ALA A 30 5.01 -13.66 1.77
C ALA A 30 5.03 -12.71 0.55
N LYS A 31 4.01 -12.73 -0.27
CA LYS A 31 4.02 -11.85 -1.48
C LYS A 31 4.18 -10.37 -1.10
N PHE A 32 3.59 -9.93 -0.03
CA PHE A 32 3.71 -8.50 0.36
C PHE A 32 5.15 -8.14 0.69
N LYS A 33 5.86 -9.01 1.37
CA LYS A 33 7.29 -8.70 1.69
C LYS A 33 8.03 -8.42 0.39
N LYS A 34 7.73 -9.16 -0.63
CA LYS A 34 8.39 -8.93 -1.95
C LYS A 34 7.92 -7.58 -2.53
N LEU A 35 6.67 -7.23 -2.30
CA LEU A 35 6.14 -5.94 -2.84
C LEU A 35 6.87 -4.76 -2.19
N LEU A 36 7.17 -4.85 -0.91
CA LEU A 36 7.85 -3.72 -0.22
C LEU A 36 9.38 -3.83 -0.30
N VAL A 37 10.02 -2.73 -0.60
CA VAL A 37 11.52 -2.73 -0.70
C VAL A 37 12.06 -1.35 -0.31
N PRO A 38 13.24 -1.34 0.28
CA PRO A 38 13.87 -0.05 0.70
C PRO A 38 14.34 0.76 -0.52
N GLY A 39 14.36 2.05 -0.40
CA GLY A 39 14.82 2.90 -1.54
C GLY A 39 13.63 3.25 -2.43
N LYS A 40 12.47 2.73 -2.13
CA LYS A 40 11.28 3.02 -2.98
C LYS A 40 10.28 3.90 -2.24
N ILE A 41 10.27 3.84 -0.94
CA ILE A 41 9.31 4.68 -0.17
C ILE A 41 10.03 5.75 0.64
N GLN A 42 9.56 6.97 0.57
CA GLN A 42 10.22 8.07 1.32
C GLN A 42 9.47 8.36 2.63
N HIS A 43 8.20 8.02 2.70
CA HIS A 43 7.42 8.30 3.94
C HIS A 43 6.55 7.09 4.31
N ILE A 44 6.47 6.78 5.58
CA ILE A 44 5.62 5.63 6.02
C ILE A 44 4.69 6.04 7.16
N LEU A 45 3.41 5.87 7.00
CA LEU A 45 2.46 6.21 8.08
C LEU A 45 1.84 4.92 8.64
N CYS A 46 1.87 4.75 9.93
CA CYS A 46 1.29 3.50 10.53
C CYS A 46 0.17 3.84 11.51
N THR A 47 -0.96 3.21 11.36
CA THR A 47 -2.11 3.51 12.28
C THR A 47 -2.26 2.39 13.32
N GLY A 48 -2.41 1.18 12.87
CA GLY A 48 -2.59 0.04 13.82
C GLY A 48 -1.37 -0.14 14.71
N ASN A 49 -1.54 -0.83 15.81
CA ASN A 49 -0.40 -1.07 16.75
C ASN A 49 0.59 -2.06 16.14
N LEU A 50 1.86 -1.90 16.43
CA LEU A 50 2.87 -2.83 15.85
C LEU A 50 2.53 -4.31 16.14
N CYS A 51 2.48 -4.76 17.37
CA CYS A 51 2.77 -3.88 18.55
C CYS A 51 4.21 -4.09 19.03
N THR A 52 4.81 -5.21 18.68
CA THR A 52 6.20 -5.49 19.13
C THR A 52 7.20 -4.56 18.44
N LYS A 53 8.20 -4.12 19.15
CA LYS A 53 9.21 -3.20 18.53
C LYS A 53 9.89 -3.89 17.33
N GLU A 54 9.96 -5.19 17.34
CA GLU A 54 10.60 -5.91 16.19
C GLU A 54 9.99 -5.43 14.88
N SER A 55 8.69 -5.25 14.85
CA SER A 55 8.04 -4.78 13.60
C SER A 55 8.48 -3.35 13.28
N TYR A 56 8.71 -2.55 14.28
CA TYR A 56 9.16 -1.14 14.04
C TYR A 56 10.47 -1.13 13.27
N ASP A 57 11.39 -1.99 13.63
CA ASP A 57 12.69 -2.03 12.90
C ASP A 57 12.44 -2.36 11.42
N TYR A 58 11.54 -3.26 11.15
CA TYR A 58 11.24 -3.61 9.73
C TYR A 58 10.71 -2.38 8.99
N LEU A 59 9.80 -1.66 9.59
CA LEU A 59 9.24 -0.45 8.91
C LEU A 59 10.36 0.57 8.68
N LYS A 60 11.25 0.71 9.62
CA LYS A 60 12.36 1.70 9.46
C LYS A 60 13.21 1.31 8.26
N THR A 61 13.34 0.04 7.99
CA THR A 61 14.17 -0.41 6.83
C THR A 61 13.57 0.09 5.51
N LEU A 62 12.28 0.01 5.35
CA LEU A 62 11.65 0.48 4.08
C LEU A 62 11.88 1.98 3.89
N ALA A 63 11.85 2.75 4.96
CA ALA A 63 12.06 4.21 4.82
C ALA A 63 12.67 4.78 6.11
N GLY A 64 13.37 5.87 6.01
CA GLY A 64 14.00 6.48 7.23
C GLY A 64 12.94 7.26 8.01
N ASP A 65 12.10 8.00 7.34
CA ASP A 65 11.06 8.78 8.05
C ASP A 65 9.81 7.92 8.27
N VAL A 66 9.54 7.56 9.49
CA VAL A 66 8.34 6.72 9.77
C VAL A 66 7.47 7.38 10.86
N HIS A 67 6.18 7.43 10.64
CA HIS A 67 5.28 8.05 11.65
C HIS A 67 4.31 6.99 12.19
N ILE A 68 4.23 6.84 13.48
CA ILE A 68 3.31 5.81 14.05
C ILE A 68 2.45 6.39 15.19
N VAL A 69 1.28 5.85 15.37
CA VAL A 69 0.37 6.32 16.47
C VAL A 69 0.08 5.14 17.40
N ARG A 70 -0.28 5.39 18.64
CA ARG A 70 -0.53 4.25 19.56
C ARG A 70 -1.86 3.56 19.28
N GLY A 71 -1.84 2.27 19.17
CA GLY A 71 -3.10 1.50 18.91
C GLY A 71 -3.65 1.04 20.26
N ASP A 72 -4.71 0.28 20.26
CA ASP A 72 -5.29 -0.20 21.56
C ASP A 72 -4.51 -1.42 22.08
N PHE A 73 -3.50 -1.85 21.38
CA PHE A 73 -2.72 -3.03 21.85
C PHE A 73 -1.21 -2.81 21.68
N ASP A 74 -0.78 -1.58 21.66
CA ASP A 74 0.68 -1.31 21.51
C ASP A 74 1.40 -1.45 22.86
N GLU A 75 2.51 -2.14 22.88
CA GLU A 75 3.26 -2.30 24.17
C GLU A 75 3.86 -0.96 24.59
N ASN A 76 4.48 -0.27 23.67
CA ASN A 76 5.10 1.04 23.99
C ASN A 76 4.02 2.12 24.13
N LEU A 77 3.93 2.71 25.29
CA LEU A 77 2.90 3.78 25.51
C LEU A 77 3.44 5.15 25.07
N ASN A 78 4.65 5.19 24.60
CA ASN A 78 5.22 6.51 24.17
C ASN A 78 4.65 6.95 22.83
N TYR A 79 3.83 6.14 22.20
CA TYR A 79 3.25 6.56 20.89
C TYR A 79 2.13 7.58 21.14
N PRO A 80 1.97 8.49 20.21
CA PRO A 80 0.95 9.55 20.34
C PRO A 80 -0.45 9.00 20.03
N GLU A 81 -1.45 9.42 20.77
CA GLU A 81 -2.83 8.93 20.50
C GLU A 81 -3.22 9.29 19.06
N GLN A 82 -2.84 10.47 18.64
CA GLN A 82 -3.15 10.90 17.24
C GLN A 82 -2.08 11.91 16.78
N LYS A 83 -1.79 11.96 15.51
CA LYS A 83 -0.74 12.93 15.05
C LYS A 83 -1.10 13.53 13.69
N VAL A 84 -0.69 14.75 13.46
CA VAL A 84 -0.98 15.42 12.16
C VAL A 84 0.34 15.67 11.43
N VAL A 85 0.55 15.00 10.32
CA VAL A 85 1.83 15.19 9.56
C VAL A 85 1.54 15.80 8.20
N THR A 86 2.26 16.83 7.84
CA THR A 86 2.02 17.47 6.51
C THR A 86 2.93 16.83 5.46
N VAL A 87 2.38 16.44 4.34
CA VAL A 87 3.20 15.82 3.27
C VAL A 87 3.07 16.65 1.99
N GLY A 88 3.88 17.67 1.83
CA GLY A 88 3.79 18.52 0.62
C GLY A 88 2.61 19.49 0.78
N GLN A 89 1.65 19.42 -0.09
CA GLN A 89 0.47 20.33 0.02
C GLN A 89 -0.65 19.69 0.85
N PHE A 90 -0.51 18.44 1.20
CA PHE A 90 -1.60 17.75 1.97
C PHE A 90 -1.37 17.74 3.48
N LYS A 91 -2.41 18.01 4.22
CA LYS A 91 -2.32 17.95 5.71
C LYS A 91 -3.03 16.67 6.15
N ILE A 92 -2.29 15.69 6.58
CA ILE A 92 -2.93 14.38 6.94
C ILE A 92 -2.94 14.15 8.45
N GLY A 93 -4.02 13.61 8.96
CA GLY A 93 -4.13 13.32 10.41
C GLY A 93 -3.96 11.82 10.61
N LEU A 94 -3.59 11.39 11.80
CA LEU A 94 -3.40 9.92 12.01
C LEU A 94 -3.94 9.45 13.36
N ILE A 95 -4.71 8.39 13.36
CA ILE A 95 -5.26 7.85 14.63
C ILE A 95 -5.60 6.37 14.46
N HIS A 96 -5.49 5.57 15.51
CA HIS A 96 -5.81 4.12 15.35
C HIS A 96 -7.27 3.94 14.93
N GLY A 97 -8.20 4.39 15.73
CA GLY A 97 -9.64 4.25 15.35
C GLY A 97 -10.44 3.75 16.55
N HIS A 98 -9.83 3.03 17.47
CA HIS A 98 -10.59 2.53 18.65
C HIS A 98 -11.15 3.71 19.46
N GLN A 99 -10.62 4.89 19.25
CA GLN A 99 -11.14 6.08 19.99
C GLN A 99 -12.34 6.68 19.25
N VAL A 100 -12.65 6.17 18.08
CA VAL A 100 -13.81 6.73 17.32
C VAL A 100 -15.04 5.84 17.53
N ILE A 101 -16.04 6.36 18.19
CA ILE A 101 -17.27 5.54 18.44
C ILE A 101 -18.47 6.12 17.65
N PRO A 102 -19.15 5.27 16.92
CA PRO A 102 -18.80 3.84 16.84
C PRO A 102 -17.51 3.62 16.05
N TRP A 103 -16.85 2.53 16.34
CA TRP A 103 -15.53 2.19 15.71
C TRP A 103 -15.42 2.55 14.21
N GLY A 104 -16.28 2.04 13.36
CA GLY A 104 -16.14 2.34 11.91
C GLY A 104 -17.23 3.28 11.38
N ASP A 105 -17.71 4.19 12.18
CA ASP A 105 -18.77 5.12 11.68
C ASP A 105 -18.15 6.22 10.83
N MET A 106 -18.74 6.52 9.70
CA MET A 106 -18.19 7.61 8.85
C MET A 106 -18.50 8.96 9.48
N ALA A 107 -19.68 9.12 10.01
CA ALA A 107 -20.06 10.42 10.66
C ALA A 107 -19.10 10.70 11.82
N SER A 108 -18.73 9.68 12.56
CA SER A 108 -17.79 9.90 13.70
C SER A 108 -16.42 10.29 13.14
N LEU A 109 -15.99 9.63 12.09
CA LEU A 109 -14.68 9.97 11.48
C LEU A 109 -14.73 11.40 10.93
N ALA A 110 -15.81 11.77 10.30
CA ALA A 110 -15.92 13.15 9.76
C ALA A 110 -15.87 14.15 10.91
N LEU A 111 -16.59 13.90 11.96
CA LEU A 111 -16.56 14.81 13.14
C LEU A 111 -15.11 14.98 13.61
N LEU A 112 -14.34 13.93 13.52
CA LEU A 112 -12.91 14.02 13.94
C LEU A 112 -12.13 14.84 12.93
N GLN A 113 -12.46 14.72 11.67
CA GLN A 113 -11.75 15.51 10.62
C GLN A 113 -11.84 17.00 10.93
N ARG A 114 -13.01 17.47 11.27
CA ARG A 114 -13.17 18.93 11.60
C ARG A 114 -12.16 19.33 12.68
N GLN A 115 -12.21 18.67 13.81
CA GLN A 115 -11.26 19.00 14.92
C GLN A 115 -9.82 18.97 14.43
N PHE A 116 -9.45 17.96 13.68
CA PHE A 116 -8.05 17.86 13.17
C PHE A 116 -7.78 18.89 12.07
N ASP A 117 -8.79 19.26 11.32
CA ASP A 117 -8.59 20.25 10.21
C ASP A 117 -7.58 19.69 9.20
N VAL A 118 -7.75 18.45 8.80
CA VAL A 118 -6.80 17.83 7.82
C VAL A 118 -7.52 17.55 6.49
N ASP A 119 -6.79 17.47 5.42
CA ASP A 119 -7.42 17.18 4.10
C ASP A 119 -7.65 15.68 3.98
N ILE A 120 -6.78 14.89 4.57
CA ILE A 120 -6.94 13.41 4.51
C ILE A 120 -6.85 12.82 5.93
N LEU A 121 -7.66 11.84 6.23
CA LEU A 121 -7.61 11.22 7.58
C LEU A 121 -7.29 9.73 7.47
N ILE A 122 -6.24 9.29 8.12
CA ILE A 122 -5.87 7.84 8.03
C ILE A 122 -6.23 7.13 9.35
N SER A 123 -6.89 6.01 9.28
CA SER A 123 -7.27 5.28 10.52
C SER A 123 -7.51 3.80 10.21
N GLY A 124 -7.47 2.95 11.20
CA GLY A 124 -7.70 1.49 10.96
C GLY A 124 -8.61 0.93 12.05
N HIS A 125 -8.13 -0.06 12.77
CA HIS A 125 -8.93 -0.71 13.87
C HIS A 125 -10.01 -1.66 13.31
N THR A 126 -10.59 -1.34 12.18
CA THR A 126 -11.66 -2.23 11.61
C THR A 126 -11.05 -3.32 10.71
N HIS A 127 -9.77 -3.23 10.41
CA HIS A 127 -9.14 -4.27 9.54
C HIS A 127 -9.88 -4.39 8.21
N LYS A 128 -10.56 -3.35 7.79
CA LYS A 128 -11.29 -3.39 6.50
C LYS A 128 -10.80 -2.23 5.62
N PHE A 129 -10.16 -2.51 4.51
CA PHE A 129 -9.68 -1.41 3.64
C PHE A 129 -10.84 -0.48 3.27
N GLU A 130 -10.60 0.81 3.29
CA GLU A 130 -11.68 1.77 2.94
C GLU A 130 -11.07 3.06 2.36
N ALA A 131 -11.46 3.41 1.17
CA ALA A 131 -10.91 4.65 0.53
C ALA A 131 -12.05 5.41 -0.16
N PHE A 132 -12.60 6.41 0.48
CA PHE A 132 -13.72 7.18 -0.14
C PHE A 132 -13.59 8.68 0.17
N GLU A 133 -14.35 9.50 -0.52
CA GLU A 133 -14.31 10.98 -0.28
C GLU A 133 -15.60 11.45 0.38
N HIS A 134 -15.53 12.43 1.26
CA HIS A 134 -16.76 12.93 1.93
C HIS A 134 -16.66 14.43 2.20
N GLU A 135 -17.54 15.20 1.61
CA GLU A 135 -17.53 16.68 1.82
C GLU A 135 -16.14 17.28 1.55
N ASN A 136 -15.65 17.09 0.36
CA ASN A 136 -14.32 17.66 -0.04
C ASN A 136 -13.17 17.11 0.83
N LYS A 137 -13.39 16.05 1.56
CA LYS A 137 -12.28 15.50 2.40
C LYS A 137 -12.06 14.02 2.04
N PHE A 138 -10.87 13.52 2.26
CA PHE A 138 -10.59 12.10 1.90
C PHE A 138 -10.34 11.26 3.16
N TYR A 139 -10.83 10.05 3.16
CA TYR A 139 -10.63 9.14 4.31
C TYR A 139 -9.98 7.85 3.82
N ILE A 140 -8.97 7.37 4.50
CA ILE A 140 -8.29 6.13 4.03
C ILE A 140 -8.06 5.14 5.17
N ASN A 141 -8.33 3.89 4.93
CA ASN A 141 -8.08 2.84 5.95
C ASN A 141 -7.32 1.69 5.28
N PRO A 142 -6.07 1.55 5.62
CA PRO A 142 -5.23 0.47 5.01
C PRO A 142 -5.71 -0.92 5.40
N GLY A 143 -6.29 -1.05 6.57
CA GLY A 143 -6.77 -2.39 7.01
C GLY A 143 -5.67 -3.12 7.78
N SER A 144 -5.53 -4.40 7.55
CA SER A 144 -4.47 -5.17 8.27
C SER A 144 -3.45 -5.75 7.28
N ALA A 145 -2.24 -5.25 7.31
CA ALA A 145 -1.19 -5.77 6.37
C ALA A 145 -1.00 -7.27 6.57
N THR A 146 -1.38 -7.80 7.71
CA THR A 146 -1.21 -9.26 7.97
C THR A 146 -2.57 -9.95 8.07
N GLY A 147 -3.63 -9.29 7.66
CA GLY A 147 -4.97 -9.92 7.76
C GLY A 147 -5.22 -10.37 9.21
N ALA A 148 -4.75 -9.59 10.15
CA ALA A 148 -4.92 -9.97 11.59
C ALA A 148 -6.39 -10.31 11.89
N TYR A 149 -6.60 -11.23 12.78
CA TYR A 149 -7.99 -11.65 13.13
C TYR A 149 -8.78 -10.51 13.78
N ASN A 150 -10.08 -10.53 13.60
CA ASN A 150 -10.96 -9.48 14.19
C ASN A 150 -12.33 -10.09 14.48
N ALA A 151 -12.70 -10.15 15.73
CA ALA A 151 -14.01 -10.77 16.13
C ALA A 151 -15.20 -10.21 15.32
N LEU A 152 -15.15 -8.99 14.88
CA LEU A 152 -16.32 -8.44 14.12
C LEU A 152 -16.38 -8.94 12.68
N GLU A 153 -15.26 -9.24 12.08
CA GLU A 153 -15.29 -9.74 10.67
C GLU A 153 -14.59 -11.09 10.58
N THR A 154 -15.31 -12.12 10.22
CA THR A 154 -14.71 -13.48 10.13
C THR A 154 -13.86 -13.62 8.86
N ASN A 155 -14.02 -12.74 7.91
CA ASN A 155 -13.22 -12.84 6.67
C ASN A 155 -12.35 -11.59 6.49
N ILE A 156 -11.12 -11.63 6.94
CA ILE A 156 -10.24 -10.43 6.80
C ILE A 156 -9.27 -10.62 5.63
N ILE A 157 -9.04 -9.59 4.88
CA ILE A 157 -8.09 -9.69 3.75
C ILE A 157 -6.87 -8.81 4.05
N PRO A 158 -5.71 -9.41 4.09
CA PRO A 158 -4.48 -8.65 4.40
C PRO A 158 -4.20 -7.64 3.28
N SER A 159 -3.90 -6.40 3.62
CA SER A 159 -3.65 -5.40 2.54
C SER A 159 -3.00 -4.12 3.10
N PHE A 160 -2.29 -3.42 2.26
CA PHE A 160 -1.66 -2.13 2.68
C PHE A 160 -1.85 -1.12 1.55
N VAL A 161 -1.74 0.15 1.84
CA VAL A 161 -1.98 1.16 0.77
C VAL A 161 -0.82 2.14 0.57
N LEU A 162 -0.51 2.43 -0.66
CA LEU A 162 0.57 3.41 -0.99
C LEU A 162 -0.08 4.66 -1.57
N MET A 163 0.38 5.82 -1.18
CA MET A 163 -0.23 7.07 -1.72
C MET A 163 0.79 7.85 -2.55
N ASP A 164 0.49 8.13 -3.79
CA ASP A 164 1.43 8.90 -4.63
C ASP A 164 0.99 10.37 -4.69
N ILE A 165 1.80 11.26 -4.19
CA ILE A 165 1.42 12.71 -4.20
C ILE A 165 2.36 13.53 -5.10
N GLN A 166 1.80 14.19 -6.07
CA GLN A 166 2.63 15.03 -6.98
C GLN A 166 2.53 16.49 -6.55
N ALA A 167 1.33 17.00 -6.47
CA ALA A 167 1.11 18.42 -6.06
C ALA A 167 -0.39 18.70 -5.97
N SER A 168 -0.93 18.81 -4.78
CA SER A 168 -2.39 19.05 -4.63
C SER A 168 -3.19 17.90 -5.25
N THR A 169 -2.53 16.84 -5.62
CA THR A 169 -3.25 15.68 -6.22
C THR A 169 -2.66 14.38 -5.65
N VAL A 170 -3.48 13.48 -5.21
CA VAL A 170 -2.92 12.22 -4.64
C VAL A 170 -3.63 10.97 -5.20
N VAL A 171 -2.87 9.96 -5.49
CA VAL A 171 -3.46 8.70 -6.00
C VAL A 171 -3.11 7.59 -5.02
N THR A 172 -4.07 6.90 -4.51
CA THR A 172 -3.76 5.83 -3.52
C THR A 172 -3.89 4.45 -4.16
N TYR A 173 -2.98 3.58 -3.85
CA TYR A 173 -3.04 2.21 -4.40
C TYR A 173 -3.28 1.24 -3.26
N VAL A 174 -4.27 0.40 -3.39
CA VAL A 174 -4.55 -0.58 -2.30
C VAL A 174 -4.22 -1.98 -2.79
N TYR A 175 -3.49 -2.73 -2.00
CA TYR A 175 -3.13 -4.11 -2.42
C TYR A 175 -3.87 -5.11 -1.56
N GLN A 176 -4.78 -5.84 -2.13
CA GLN A 176 -5.53 -6.84 -1.34
C GLN A 176 -5.03 -8.24 -1.72
N LEU A 177 -4.83 -9.08 -0.75
CA LEU A 177 -4.36 -10.45 -1.06
C LEU A 177 -5.55 -11.39 -1.17
N ILE A 178 -6.05 -11.56 -2.36
CA ILE A 178 -7.22 -12.47 -2.55
C ILE A 178 -6.75 -13.74 -3.25
N GLY A 179 -7.00 -14.87 -2.68
CA GLY A 179 -6.54 -16.14 -3.30
C GLY A 179 -5.00 -16.16 -3.25
N ASP A 180 -4.36 -16.46 -4.35
CA ASP A 180 -2.87 -16.49 -4.36
C ASP A 180 -2.32 -15.19 -4.95
N ASP A 181 -2.82 -14.79 -6.09
CA ASP A 181 -2.33 -13.53 -6.73
C ASP A 181 -2.80 -12.31 -5.95
N VAL A 182 -2.12 -11.21 -6.07
CA VAL A 182 -2.53 -9.98 -5.34
C VAL A 182 -3.27 -9.03 -6.28
N LYS A 183 -4.44 -8.59 -5.90
CA LYS A 183 -5.21 -7.66 -6.77
C LYS A 183 -4.97 -6.22 -6.33
N VAL A 184 -4.99 -5.29 -7.25
CA VAL A 184 -4.73 -3.87 -6.88
C VAL A 184 -5.78 -2.93 -7.50
N GLU A 185 -6.20 -1.94 -6.76
CA GLU A 185 -7.20 -0.97 -7.28
C GLU A 185 -6.61 0.44 -7.23
N ARG A 186 -7.01 1.30 -8.13
CA ARG A 186 -6.44 2.69 -8.14
C ARG A 186 -7.51 3.75 -7.83
N ILE A 187 -7.26 4.58 -6.85
CA ILE A 187 -8.22 5.66 -6.50
C ILE A 187 -7.49 7.00 -6.51
N GLU A 188 -8.05 8.00 -7.15
CA GLU A 188 -7.36 9.32 -7.20
C GLU A 188 -8.15 10.40 -6.45
N TYR A 189 -7.46 11.27 -5.74
CA TYR A 189 -8.14 12.36 -5.00
C TYR A 189 -7.35 13.66 -5.14
N LYS A 190 -8.02 14.77 -5.27
CA LYS A 190 -7.30 16.08 -5.39
C LYS A 190 -8.01 17.16 -4.57
N LYS A 191 -7.27 18.10 -4.03
CA LYS A 191 -7.90 19.18 -3.23
C LYS A 191 -9.07 19.82 -3.99
N SER A 192 -8.96 19.90 -5.29
CA SER A 192 -10.06 20.52 -6.10
C SER A 192 -10.43 21.90 -5.55
N GLY B 1 -21.65 -22.33 -33.71
CA GLY B 1 -21.83 -22.02 -32.26
C GLY B 1 -22.17 -20.55 -32.08
N PRO B 2 -22.78 -20.23 -30.97
CA PRO B 2 -23.16 -18.83 -30.68
C PRO B 2 -21.92 -17.96 -30.45
N LEU B 3 -20.85 -18.56 -29.98
CA LEU B 3 -19.60 -17.79 -29.74
C LEU B 3 -18.60 -18.03 -30.89
N GLY B 4 -17.88 -17.01 -31.27
CA GLY B 4 -16.89 -17.18 -32.38
C GLY B 4 -15.59 -17.78 -31.83
N SER B 5 -14.60 -17.92 -32.67
CA SER B 5 -13.30 -18.50 -32.20
C SER B 5 -12.67 -17.60 -31.13
N THR B 6 -11.89 -18.17 -30.25
CA THR B 6 -11.25 -17.35 -29.18
C THR B 6 -10.37 -16.26 -29.81
N GLU B 7 -9.69 -16.59 -30.88
CA GLU B 7 -8.81 -15.58 -31.55
C GLU B 7 -9.36 -15.24 -32.93
N GLU B 8 -9.08 -14.05 -33.42
CA GLU B 8 -9.59 -13.66 -34.76
C GLU B 8 -8.43 -13.62 -35.77
N ASP B 9 -8.59 -14.27 -36.89
CA ASP B 9 -7.51 -14.27 -37.91
C ASP B 9 -7.29 -12.87 -38.47
N LEU B 10 -8.35 -12.11 -38.62
CA LEU B 10 -8.21 -10.72 -39.16
C LEU B 10 -7.29 -9.87 -38.29
N GLU B 11 -7.31 -10.09 -37.00
CA GLU B 11 -6.43 -9.29 -36.10
C GLU B 11 -5.29 -10.15 -35.54
N ASP B 12 -4.17 -9.55 -35.25
CA ASP B 12 -3.02 -10.31 -34.69
C ASP B 12 -2.31 -9.50 -33.62
N ALA B 13 -1.36 -10.08 -32.94
CA ALA B 13 -0.64 -9.32 -31.88
C ALA B 13 0.69 -8.80 -32.41
N GLU B 14 1.01 -7.57 -32.13
CA GLU B 14 2.30 -7.00 -32.62
C GLU B 14 3.29 -6.89 -31.46
N ASP B 15 4.53 -7.21 -31.69
CA ASP B 15 5.54 -7.14 -30.59
C ASP B 15 6.44 -5.91 -30.74
N THR B 16 7.16 -5.57 -29.71
CA THR B 16 8.08 -4.38 -29.78
C THR B 16 9.53 -4.86 -29.78
N VAL B 17 10.43 -4.13 -29.20
CA VAL B 17 11.85 -4.56 -29.19
C VAL B 17 12.29 -4.95 -27.77
N SER B 18 13.14 -5.93 -27.65
CA SER B 18 13.60 -6.37 -26.30
C SER B 18 14.28 -5.21 -25.57
N ALA B 19 14.87 -4.30 -26.30
CA ALA B 19 15.57 -3.15 -25.65
C ALA B 19 14.59 -2.37 -24.75
N ALA B 20 13.32 -2.47 -25.00
CA ALA B 20 12.33 -1.73 -24.15
C ALA B 20 12.47 -2.16 -22.69
N ASP B 21 12.25 -1.25 -21.77
CA ASP B 21 12.38 -1.58 -20.32
C ASP B 21 11.02 -2.04 -19.76
N PRO B 22 11.08 -2.70 -18.62
CA PRO B 22 9.84 -3.19 -17.98
C PRO B 22 9.00 -2.03 -17.44
N GLU B 23 7.71 -2.20 -17.35
CA GLU B 23 6.84 -1.09 -16.84
C GLU B 23 6.40 -1.39 -15.40
N PHE B 24 6.11 -0.36 -14.63
CA PHE B 24 5.67 -0.58 -13.23
C PHE B 24 4.14 -0.54 -13.11
N CYS B 25 3.59 -1.48 -12.39
CA CYS B 25 2.11 -1.51 -12.20
C CYS B 25 1.73 -0.44 -11.17
N HIS B 26 2.55 -0.28 -10.18
CA HIS B 26 2.27 0.72 -9.12
C HIS B 26 3.52 0.81 -8.23
N PRO B 27 3.47 1.61 -7.19
CA PRO B 27 4.65 1.74 -6.29
C PRO B 27 5.02 0.38 -5.70
N LEU B 28 6.29 0.11 -5.66
CA LEU B 28 6.83 -1.17 -5.09
C LEU B 28 6.52 -2.38 -5.97
N CYS B 29 6.59 -2.27 -7.27
CA CYS B 29 6.32 -3.47 -8.11
C CYS B 29 7.44 -3.61 -9.13
N GLN B 30 8.57 -4.10 -8.70
CA GLN B 30 9.73 -4.28 -9.61
C GLN B 30 9.56 -5.56 -10.41
N CYS B 31 8.36 -6.04 -10.46
CA CYS B 31 8.04 -7.29 -11.21
C CYS B 31 8.61 -7.28 -12.63
N PRO B 32 8.53 -8.43 -13.25
CA PRO B 32 8.96 -8.56 -14.65
C PRO B 32 7.94 -7.86 -15.55
N LYS B 33 6.71 -8.25 -15.41
CA LYS B 33 5.60 -7.67 -16.21
C LYS B 33 4.27 -7.94 -15.53
N CYS B 34 4.24 -8.84 -14.58
CA CYS B 34 2.94 -9.22 -13.94
C CYS B 34 2.02 -9.72 -15.06
N ALA B 35 2.62 -10.23 -16.11
CA ALA B 35 1.85 -10.73 -17.27
C ALA B 35 2.10 -12.23 -17.46
N PRO B 36 1.12 -12.91 -18.01
CA PRO B 36 1.26 -14.37 -18.25
C PRO B 36 2.24 -14.63 -19.40
N ALA B 37 3.17 -15.53 -19.20
CA ALA B 37 4.16 -15.83 -20.28
C ALA B 37 4.75 -17.23 -20.08
N GLN B 38 5.06 -17.91 -21.15
CA GLN B 38 5.64 -19.28 -21.01
C GLN B 38 6.88 -19.42 -21.89
N LYS B 39 7.76 -20.34 -21.57
CA LYS B 39 8.98 -20.54 -22.39
C LYS B 39 8.60 -20.91 -23.82
N ARG B 40 7.54 -21.65 -23.99
CA ARG B 40 7.10 -22.04 -25.35
C ARG B 40 6.39 -20.87 -26.05
N LEU B 41 6.35 -20.89 -27.36
CA LEU B 41 5.68 -19.78 -28.10
C LEU B 41 4.17 -20.06 -28.19
N ALA B 42 3.35 -19.10 -27.86
CA ALA B 42 1.89 -19.31 -27.93
C ALA B 42 1.17 -18.04 -28.39
N LYS B 43 -0.02 -18.17 -28.90
CA LYS B 43 -0.77 -16.97 -29.37
C LYS B 43 -1.63 -16.41 -28.22
N VAL B 44 -1.81 -15.12 -28.18
CA VAL B 44 -2.64 -14.52 -27.09
C VAL B 44 -3.90 -13.87 -27.67
N PRO B 45 -4.91 -13.75 -26.85
CA PRO B 45 -6.18 -13.14 -27.30
C PRO B 45 -6.02 -11.63 -27.50
N ALA B 46 -6.77 -11.05 -28.39
CA ALA B 46 -6.66 -9.58 -28.61
C ALA B 46 -7.00 -8.82 -27.34
N SER B 47 -6.39 -7.69 -27.11
CA SER B 47 -6.68 -6.91 -25.88
C SER B 47 -8.13 -6.42 -25.89
N GLY B 48 -8.66 -6.05 -24.75
CA GLY B 48 -10.07 -5.57 -24.70
C GLY B 48 -10.85 -6.40 -23.69
N LEU B 49 -10.25 -6.74 -22.58
CA LEU B 49 -10.96 -7.55 -21.54
C LEU B 49 -11.44 -6.64 -20.42
N GLY B 50 -12.68 -6.79 -20.01
CA GLY B 50 -13.21 -5.91 -18.91
C GLY B 50 -13.58 -4.54 -19.49
N VAL B 51 -12.78 -3.55 -19.23
CA VAL B 51 -13.09 -2.18 -19.76
C VAL B 51 -11.88 -1.60 -20.49
N ASN B 52 -12.10 -0.96 -21.60
CA ASN B 52 -10.98 -0.37 -22.38
C ASN B 52 -11.51 0.51 -23.51
N VAL B 53 -10.76 0.65 -24.58
CA VAL B 53 -11.22 1.49 -25.72
C VAL B 53 -11.68 0.57 -26.87
N THR B 54 -12.77 0.91 -27.51
CA THR B 54 -13.27 0.06 -28.63
C THR B 54 -13.52 0.92 -29.87
N SER B 55 -13.61 0.30 -31.03
CA SER B 55 -13.86 1.07 -32.28
C SER B 55 -15.32 1.52 -32.35
N GLN B 56 -15.55 2.75 -32.68
CA GLN B 56 -16.95 3.25 -32.78
C GLN B 56 -17.72 2.51 -33.89
N ASP B 57 -17.05 2.19 -34.97
CA ASP B 57 -17.73 1.48 -36.08
C ASP B 57 -16.72 0.65 -36.88
N GLY B 58 -17.18 -0.32 -37.62
CA GLY B 58 -16.25 -1.16 -38.42
C GLY B 58 -16.80 -1.37 -39.83
N SER B 59 -17.76 -0.56 -40.24
CA SER B 59 -18.33 -0.73 -41.60
C SER B 59 -18.56 0.65 -42.25
N SER B 60 -18.27 0.77 -43.52
CA SER B 60 -18.48 2.08 -44.21
C SER B 60 -19.28 1.89 -45.49
N TRP B 61 -20.05 2.87 -45.89
CA TRP B 61 -20.86 2.74 -47.13
C TRP B 61 -20.09 3.33 -48.32
N GLY A 1 6.32 20.52 -28.06
CA GLY A 1 6.56 19.91 -26.71
C GLY A 1 8.03 19.57 -26.55
N SER A 2 8.41 19.03 -25.41
CA SER A 2 9.84 18.68 -25.20
C SER A 2 10.01 17.16 -25.11
N PRO A 3 11.15 16.69 -25.55
CA PRO A 3 11.43 15.23 -25.51
C PRO A 3 11.63 14.76 -24.06
N GLU A 4 11.89 15.66 -23.16
CA GLU A 4 12.10 15.27 -21.74
C GLU A 4 10.85 15.54 -20.92
N PHE A 5 10.64 14.78 -19.87
CA PHE A 5 9.44 14.99 -19.01
C PHE A 5 9.61 16.27 -18.19
N GLY A 6 8.52 16.87 -17.77
CA GLY A 6 8.63 18.13 -16.98
C GLY A 6 9.18 17.78 -15.59
N THR A 7 9.42 18.75 -14.76
CA THR A 7 9.95 18.46 -13.40
C THR A 7 8.96 18.90 -12.32
N ARG A 8 8.62 18.00 -11.43
CA ARG A 8 7.66 18.35 -10.34
C ARG A 8 8.04 17.61 -9.05
N ASP A 9 7.72 18.17 -7.92
CA ASP A 9 8.08 17.48 -6.63
C ASP A 9 6.99 16.49 -6.23
N ARG A 10 7.31 15.22 -6.19
CA ARG A 10 6.31 14.19 -5.80
C ARG A 10 6.93 13.20 -4.81
N MET A 11 6.13 12.55 -4.00
CA MET A 11 6.71 11.58 -3.02
C MET A 11 5.72 10.45 -2.71
N LEU A 12 6.20 9.23 -2.69
CA LEU A 12 5.31 8.06 -2.41
C LEU A 12 5.30 7.74 -0.91
N VAL A 13 4.14 7.59 -0.33
CA VAL A 13 4.06 7.28 1.13
C VAL A 13 3.40 5.91 1.35
N LEU A 14 3.92 5.14 2.27
CA LEU A 14 3.32 3.80 2.55
C LEU A 14 2.40 3.86 3.78
N VAL A 15 1.22 3.33 3.66
CA VAL A 15 0.28 3.35 4.82
C VAL A 15 -0.17 1.92 5.17
N LEU A 16 -0.07 1.55 6.42
CA LEU A 16 -0.49 0.18 6.84
C LEU A 16 -0.60 0.12 8.38
N GLY A 17 -0.90 -1.03 8.91
CA GLY A 17 -1.03 -1.13 10.40
C GLY A 17 -1.88 -2.35 10.77
N ASP A 18 -2.16 -2.51 12.04
CA ASP A 18 -2.96 -3.66 12.53
C ASP A 18 -2.26 -4.96 12.19
N LEU A 19 -0.97 -4.99 12.34
CA LEU A 19 -0.19 -6.23 12.08
C LEU A 19 -0.48 -7.20 13.22
N HIS A 20 -0.63 -6.67 14.40
CA HIS A 20 -0.92 -7.50 15.60
C HIS A 20 0.11 -8.60 15.80
N ILE A 21 1.36 -8.29 15.62
CA ILE A 21 2.44 -9.32 15.83
C ILE A 21 3.07 -9.10 17.21
N PRO A 22 3.31 -10.15 17.95
CA PRO A 22 2.97 -11.54 17.54
C PRO A 22 1.65 -11.97 18.17
N HIS A 23 0.80 -11.03 18.51
CA HIS A 23 -0.49 -11.39 19.17
C HIS A 23 -1.36 -12.29 18.29
N ARG A 24 -1.53 -11.95 17.03
CA ARG A 24 -2.41 -12.79 16.15
C ARG A 24 -1.64 -13.25 14.90
N CYS A 25 -0.60 -12.55 14.53
CA CYS A 25 0.17 -12.96 13.32
C CYS A 25 1.67 -12.94 13.62
N ASN A 26 2.46 -13.66 12.85
CA ASN A 26 3.92 -13.69 13.10
C ASN A 26 4.66 -12.79 12.10
N SER A 27 4.05 -12.44 11.00
CA SER A 27 4.74 -11.57 10.01
C SER A 27 3.77 -11.17 8.89
N LEU A 28 4.24 -10.39 7.95
CA LEU A 28 3.38 -9.99 6.81
C LEU A 28 3.30 -11.16 5.82
N PRO A 29 2.32 -11.13 4.95
CA PRO A 29 2.17 -12.23 3.97
C PRO A 29 3.39 -12.29 3.03
N ALA A 30 3.77 -13.48 2.65
CA ALA A 30 4.99 -13.67 1.79
C ALA A 30 5.02 -12.73 0.58
N LYS A 31 4.02 -12.75 -0.27
CA LYS A 31 4.06 -11.87 -1.48
C LYS A 31 4.22 -10.39 -1.11
N PHE A 32 3.61 -9.95 -0.03
CA PHE A 32 3.75 -8.51 0.36
C PHE A 32 5.19 -8.17 0.69
N LYS A 33 5.90 -9.05 1.35
CA LYS A 33 7.32 -8.74 1.67
C LYS A 33 8.07 -8.45 0.37
N LYS A 34 7.75 -9.16 -0.67
CA LYS A 34 8.40 -8.91 -1.99
C LYS A 34 7.94 -7.55 -2.55
N LEU A 35 6.70 -7.20 -2.32
CA LEU A 35 6.18 -5.88 -2.82
C LEU A 35 6.90 -4.72 -2.13
N LEU A 36 7.14 -4.84 -0.85
CA LEU A 36 7.82 -3.73 -0.11
C LEU A 36 9.34 -3.81 -0.27
N VAL A 37 9.97 -2.70 -0.57
CA VAL A 37 11.46 -2.68 -0.73
C VAL A 37 12.01 -1.30 -0.34
N PRO A 38 13.18 -1.30 0.25
CA PRO A 38 13.81 -0.01 0.67
C PRO A 38 14.27 0.79 -0.55
N GLY A 39 14.25 2.10 -0.46
CA GLY A 39 14.70 2.94 -1.60
C GLY A 39 13.49 3.31 -2.46
N LYS A 40 12.35 2.74 -2.20
CA LYS A 40 11.14 3.06 -3.02
C LYS A 40 10.18 3.94 -2.23
N ILE A 41 10.20 3.85 -0.93
CA ILE A 41 9.26 4.68 -0.11
C ILE A 41 10.01 5.74 0.68
N GLN A 42 9.56 6.97 0.63
CA GLN A 42 10.24 8.05 1.39
C GLN A 42 9.48 8.37 2.68
N HIS A 43 8.22 8.01 2.75
CA HIS A 43 7.43 8.29 3.99
C HIS A 43 6.56 7.09 4.36
N ILE A 44 6.48 6.77 5.62
CA ILE A 44 5.63 5.61 6.05
C ILE A 44 4.69 6.03 7.20
N LEU A 45 3.41 5.86 7.02
CA LEU A 45 2.46 6.20 8.10
C LEU A 45 1.86 4.92 8.67
N CYS A 46 1.90 4.73 9.96
CA CYS A 46 1.33 3.49 10.55
C CYS A 46 0.18 3.81 11.50
N THR A 47 -0.93 3.16 11.33
CA THR A 47 -2.10 3.44 12.21
C THR A 47 -2.26 2.34 13.26
N GLY A 48 -2.49 1.13 12.83
CA GLY A 48 -2.67 0.01 13.78
C GLY A 48 -1.44 -0.17 14.68
N ASN A 49 -1.60 -0.89 15.77
CA ASN A 49 -0.46 -1.11 16.70
C ASN A 49 0.54 -2.11 16.08
N LEU A 50 1.81 -1.95 16.40
CA LEU A 50 2.83 -2.89 15.82
C LEU A 50 2.48 -4.36 16.11
N CYS A 51 2.43 -4.80 17.35
CA CYS A 51 2.72 -3.92 18.53
C CYS A 51 4.16 -4.13 19.01
N THR A 52 4.76 -5.24 18.67
CA THR A 52 6.15 -5.52 19.13
C THR A 52 7.15 -4.59 18.44
N LYS A 53 8.16 -4.17 19.14
CA LYS A 53 9.17 -3.25 18.54
C LYS A 53 9.84 -3.92 17.33
N GLU A 54 9.91 -5.23 17.33
CA GLU A 54 10.55 -5.94 16.18
C GLU A 54 9.94 -5.46 14.87
N SER A 55 8.65 -5.28 14.82
CA SER A 55 8.00 -4.80 13.57
C SER A 55 8.46 -3.38 13.26
N TYR A 56 8.68 -2.58 14.29
CA TYR A 56 9.13 -1.17 14.05
C TYR A 56 10.45 -1.16 13.29
N ASP A 57 11.37 -2.02 13.66
CA ASP A 57 12.68 -2.07 12.94
C ASP A 57 12.44 -2.39 11.47
N TYR A 58 11.54 -3.29 11.18
CA TYR A 58 11.24 -3.63 9.76
C TYR A 58 10.71 -2.41 9.02
N LEU A 59 9.80 -1.68 9.62
CA LEU A 59 9.25 -0.47 8.95
C LEU A 59 10.36 0.56 8.72
N LYS A 60 11.26 0.68 9.66
CA LYS A 60 12.37 1.67 9.50
C LYS A 60 13.23 1.29 8.29
N THR A 61 13.34 0.01 8.02
CA THR A 61 14.17 -0.44 6.86
C THR A 61 13.57 0.07 5.54
N LEU A 62 12.28 -0.01 5.37
CA LEU A 62 11.65 0.46 4.10
C LEU A 62 11.89 1.96 3.91
N ALA A 63 11.86 2.72 4.98
CA ALA A 63 12.08 4.19 4.86
C ALA A 63 12.67 4.76 6.15
N GLY A 64 13.39 5.84 6.05
CA GLY A 64 14.00 6.45 7.27
C GLY A 64 12.93 7.22 8.06
N ASP A 65 12.11 7.98 7.39
CA ASP A 65 11.06 8.76 8.11
C ASP A 65 9.81 7.91 8.30
N VAL A 66 9.53 7.52 9.53
CA VAL A 66 8.32 6.69 9.79
C VAL A 66 7.45 7.34 10.86
N HIS A 67 6.16 7.41 10.65
CA HIS A 67 5.26 8.02 11.66
C HIS A 67 4.29 6.97 12.19
N ILE A 68 4.22 6.80 13.48
CA ILE A 68 3.29 5.77 14.05
C ILE A 68 2.43 6.36 15.17
N VAL A 69 1.25 5.84 15.34
CA VAL A 69 0.35 6.31 16.43
C VAL A 69 0.06 5.14 17.37
N ARG A 70 -0.27 5.40 18.62
CA ARG A 70 -0.51 4.27 19.55
C ARG A 70 -1.84 3.58 19.27
N GLY A 71 -1.83 2.28 19.16
CA GLY A 71 -3.08 1.53 18.92
C GLY A 71 -3.64 1.06 20.27
N ASP A 72 -4.70 0.29 20.27
CA ASP A 72 -5.25 -0.18 21.58
C ASP A 72 -4.48 -1.39 22.10
N PHE A 73 -3.47 -1.83 21.39
CA PHE A 73 -2.70 -3.02 21.85
C PHE A 73 -1.19 -2.78 21.68
N ASP A 74 -0.75 -1.55 21.67
CA ASP A 74 0.71 -1.28 21.50
C ASP A 74 1.44 -1.42 22.84
N GLU A 75 2.54 -2.12 22.87
CA GLU A 75 3.30 -2.28 24.15
C GLU A 75 3.90 -0.94 24.57
N ASN A 76 4.51 -0.26 23.65
CA ASN A 76 5.13 1.06 23.97
C ASN A 76 4.05 2.14 24.11
N LEU A 77 3.96 2.73 25.26
CA LEU A 77 2.94 3.80 25.49
C LEU A 77 3.47 5.17 25.04
N ASN A 78 4.69 5.22 24.57
CA ASN A 78 5.26 6.53 24.14
C ASN A 78 4.68 6.97 22.79
N TYR A 79 3.86 6.16 22.17
CA TYR A 79 3.28 6.58 20.87
C TYR A 79 2.15 7.61 21.12
N PRO A 80 2.00 8.51 20.19
CA PRO A 80 0.97 9.57 20.32
C PRO A 80 -0.43 9.02 20.01
N GLU A 81 -1.42 9.44 20.76
CA GLU A 81 -2.81 8.95 20.49
C GLU A 81 -3.21 9.32 19.06
N GLN A 82 -2.82 10.48 18.62
CA GLN A 82 -3.14 10.91 17.23
C GLN A 82 -2.07 11.92 16.78
N LYS A 83 -1.79 11.99 15.51
CA LYS A 83 -0.74 12.95 15.04
C LYS A 83 -1.10 13.55 13.67
N VAL A 84 -0.70 14.77 13.45
CA VAL A 84 -0.99 15.42 12.14
C VAL A 84 0.33 15.67 11.40
N VAL A 85 0.54 15.00 10.31
CA VAL A 85 1.81 15.20 9.54
C VAL A 85 1.51 15.81 8.17
N THR A 86 2.23 16.83 7.80
CA THR A 86 2.00 17.47 6.48
C THR A 86 2.90 16.84 5.43
N VAL A 87 2.34 16.45 4.31
CA VAL A 87 3.17 15.83 3.24
C VAL A 87 3.02 16.66 1.95
N GLY A 88 3.83 17.67 1.80
CA GLY A 88 3.74 18.51 0.58
C GLY A 88 2.56 19.49 0.75
N GLN A 89 1.59 19.42 -0.12
CA GLN A 89 0.42 20.33 -0.01
C GLN A 89 -0.70 19.69 0.82
N PHE A 90 -0.55 18.44 1.19
CA PHE A 90 -1.64 17.76 1.95
C PHE A 90 -1.40 17.75 3.46
N LYS A 91 -2.44 18.01 4.21
CA LYS A 91 -2.36 17.96 5.69
C LYS A 91 -3.07 16.67 6.14
N ILE A 92 -2.32 15.69 6.56
CA ILE A 92 -2.95 14.40 6.93
C ILE A 92 -2.97 14.17 8.44
N GLY A 93 -4.04 13.62 8.94
CA GLY A 93 -4.14 13.33 10.40
C GLY A 93 -3.97 11.83 10.61
N LEU A 94 -3.61 11.40 11.79
CA LEU A 94 -3.41 9.93 12.00
C LEU A 94 -3.96 9.47 13.35
N ILE A 95 -4.72 8.41 13.36
CA ILE A 95 -5.26 7.87 14.64
C ILE A 95 -5.60 6.38 14.47
N HIS A 96 -5.49 5.59 15.51
CA HIS A 96 -5.81 4.13 15.36
C HIS A 96 -7.27 3.96 14.94
N GLY A 97 -8.19 4.42 15.74
CA GLY A 97 -9.63 4.27 15.38
C GLY A 97 -10.43 3.77 16.58
N HIS A 98 -9.81 3.06 17.49
CA HIS A 98 -10.58 2.55 18.67
C HIS A 98 -11.13 3.73 19.49
N GLN A 99 -10.61 4.91 19.28
CA GLN A 99 -11.11 6.10 20.02
C GLN A 99 -12.32 6.69 19.28
N VAL A 100 -12.63 6.20 18.11
CA VAL A 100 -13.80 6.74 17.35
C VAL A 100 -15.03 5.86 17.57
N ILE A 101 -16.03 6.38 18.23
CA ILE A 101 -17.25 5.55 18.48
C ILE A 101 -18.45 6.14 17.71
N PRO A 102 -19.15 5.29 16.97
CA PRO A 102 -18.79 3.86 16.90
C PRO A 102 -17.50 3.64 16.10
N TRP A 103 -16.84 2.54 16.39
CA TRP A 103 -15.53 2.21 15.75
C TRP A 103 -15.43 2.56 14.26
N GLY A 104 -16.28 2.05 13.41
CA GLY A 104 -16.14 2.36 11.96
C GLY A 104 -17.25 3.29 11.44
N ASP A 105 -17.72 4.21 12.23
CA ASP A 105 -18.78 5.14 11.74
C ASP A 105 -18.17 6.24 10.88
N MET A 106 -18.75 6.54 9.76
CA MET A 106 -18.21 7.61 8.90
C MET A 106 -18.52 8.98 9.52
N ALA A 107 -19.71 9.13 10.07
CA ALA A 107 -20.07 10.43 10.71
C ALA A 107 -19.11 10.71 11.87
N SER A 108 -18.75 9.70 12.62
CA SER A 108 -17.79 9.92 13.74
C SER A 108 -16.43 10.30 13.17
N LEU A 109 -16.00 9.64 12.13
CA LEU A 109 -14.69 9.99 11.51
C LEU A 109 -14.74 11.41 10.97
N ALA A 110 -15.83 11.77 10.34
CA ALA A 110 -15.95 13.16 9.80
C ALA A 110 -15.88 14.16 10.94
N LEU A 111 -16.60 13.90 12.01
CA LEU A 111 -16.57 14.82 13.18
C LEU A 111 -15.12 14.99 13.65
N LEU A 112 -14.34 13.94 13.56
CA LEU A 112 -12.92 14.03 13.98
C LEU A 112 -12.13 14.85 12.95
N GLN A 113 -12.48 14.73 11.69
CA GLN A 113 -11.76 15.52 10.64
C GLN A 113 -11.85 17.01 10.95
N ARG A 114 -13.02 17.49 11.30
CA ARG A 114 -13.17 18.94 11.62
C ARG A 114 -12.17 19.34 12.70
N GLN A 115 -12.21 18.68 13.82
CA GLN A 115 -11.27 19.02 14.93
C GLN A 115 -9.82 18.99 14.43
N PHE A 116 -9.46 17.97 13.70
CA PHE A 116 -8.05 17.87 13.19
C PHE A 116 -7.79 18.90 12.07
N ASP A 117 -8.80 19.27 11.33
CA ASP A 117 -8.60 20.25 10.21
C ASP A 117 -7.59 19.69 9.20
N VAL A 118 -7.77 18.46 8.80
CA VAL A 118 -6.83 17.85 7.82
C VAL A 118 -7.55 17.56 6.50
N ASP A 119 -6.81 17.48 5.41
CA ASP A 119 -7.46 17.20 4.10
C ASP A 119 -7.69 15.68 3.98
N ILE A 120 -6.82 14.90 4.57
CA ILE A 120 -6.97 13.42 4.52
C ILE A 120 -6.88 12.83 5.94
N LEU A 121 -7.69 11.84 6.24
CA LEU A 121 -7.64 11.23 7.60
C LEU A 121 -7.31 9.74 7.48
N ILE A 122 -6.27 9.29 8.12
CA ILE A 122 -5.90 7.84 8.05
C ILE A 122 -6.25 7.14 9.36
N SER A 123 -6.91 6.02 9.29
CA SER A 123 -7.28 5.29 10.54
C SER A 123 -7.53 3.81 10.22
N GLY A 124 -7.48 2.96 11.22
CA GLY A 124 -7.72 1.50 10.97
C GLY A 124 -8.63 0.94 12.07
N HIS A 125 -8.14 -0.05 12.80
CA HIS A 125 -8.94 -0.70 13.90
C HIS A 125 -10.01 -1.64 13.34
N THR A 126 -10.60 -1.32 12.21
CA THR A 126 -11.66 -2.22 11.64
C THR A 126 -11.06 -3.31 10.74
N HIS A 127 -9.79 -3.22 10.44
CA HIS A 127 -9.16 -4.25 9.57
C HIS A 127 -9.90 -4.38 8.24
N LYS A 128 -10.58 -3.35 7.83
CA LYS A 128 -11.32 -3.38 6.53
C LYS A 128 -10.84 -2.22 5.65
N PHE A 129 -10.20 -2.51 4.55
CA PHE A 129 -9.71 -1.40 3.66
C PHE A 129 -10.88 -0.47 3.30
N GLU A 130 -10.64 0.81 3.32
CA GLU A 130 -11.72 1.77 2.97
C GLU A 130 -11.11 3.06 2.39
N ALA A 131 -11.50 3.41 1.19
CA ALA A 131 -10.96 4.65 0.57
C ALA A 131 -12.10 5.42 -0.13
N PHE A 132 -12.65 6.41 0.51
CA PHE A 132 -13.77 7.18 -0.11
C PHE A 132 -13.64 8.69 0.20
N GLU A 133 -14.40 9.50 -0.49
CA GLU A 133 -14.35 10.98 -0.24
C GLU A 133 -15.65 11.45 0.43
N HIS A 134 -15.57 12.43 1.29
CA HIS A 134 -16.80 12.93 1.97
C HIS A 134 -16.71 14.43 2.24
N GLU A 135 -17.59 15.20 1.66
CA GLU A 135 -17.58 16.68 1.86
C GLU A 135 -16.19 17.28 1.58
N ASN A 136 -15.70 17.09 0.39
CA ASN A 136 -14.37 17.65 0.00
C ASN A 136 -13.22 17.12 0.85
N LYS A 137 -13.44 16.06 1.58
CA LYS A 137 -12.33 15.49 2.42
C LYS A 137 -12.10 14.02 2.05
N PHE A 138 -10.91 13.52 2.28
CA PHE A 138 -10.63 12.10 1.93
C PHE A 138 -10.39 11.26 3.17
N TYR A 139 -10.88 10.05 3.18
CA TYR A 139 -10.67 9.14 4.34
C TYR A 139 -10.02 7.85 3.84
N ILE A 140 -9.01 7.37 4.51
CA ILE A 140 -8.33 6.13 4.05
C ILE A 140 -8.08 5.15 5.19
N ASN A 141 -8.36 3.90 4.95
CA ASN A 141 -8.11 2.85 5.97
C ASN A 141 -7.36 1.70 5.30
N PRO A 142 -6.10 1.55 5.64
CA PRO A 142 -5.26 0.48 5.01
C PRO A 142 -5.75 -0.91 5.42
N GLY A 143 -6.31 -1.04 6.59
CA GLY A 143 -6.80 -2.38 7.03
C GLY A 143 -5.70 -3.11 7.79
N SER A 144 -5.55 -4.39 7.56
CA SER A 144 -4.50 -5.16 8.28
C SER A 144 -3.47 -5.74 7.29
N ALA A 145 -2.27 -5.25 7.31
CA ALA A 145 -1.22 -5.76 6.38
C ALA A 145 -1.03 -7.27 6.58
N THR A 146 -1.41 -7.78 7.71
CA THR A 146 -1.23 -9.25 7.97
C THR A 146 -2.59 -9.94 8.08
N GLY A 147 -3.65 -9.28 7.68
CA GLY A 147 -5.00 -9.92 7.78
C GLY A 147 -5.23 -10.36 9.23
N ALA A 148 -4.76 -9.58 10.17
CA ALA A 148 -4.93 -9.96 11.61
C ALA A 148 -6.40 -10.30 11.91
N TYR A 149 -6.60 -11.21 12.81
CA TYR A 149 -7.98 -11.64 13.16
C TYR A 149 -8.78 -10.50 13.81
N ASN A 150 -10.08 -10.52 13.63
CA ASN A 150 -10.96 -9.46 14.23
C ASN A 150 -12.33 -10.07 14.52
N ALA A 151 -12.70 -10.13 15.78
CA ALA A 151 -14.00 -10.75 16.18
C ALA A 151 -15.20 -10.20 15.38
N LEU A 152 -15.15 -8.98 14.92
CA LEU A 152 -16.32 -8.42 14.18
C LEU A 152 -16.38 -8.92 12.73
N GLU A 153 -15.27 -9.23 12.14
CA GLU A 153 -15.30 -9.72 10.72
C GLU A 153 -14.60 -11.08 10.63
N THR A 154 -15.33 -12.11 10.28
CA THR A 154 -14.72 -13.47 10.18
C THR A 154 -13.89 -13.62 8.91
N ASN A 155 -14.04 -12.73 7.97
CA ASN A 155 -13.25 -12.84 6.71
C ASN A 155 -12.38 -11.58 6.53
N ILE A 156 -11.15 -11.62 6.99
CA ILE A 156 -10.28 -10.43 6.83
C ILE A 156 -9.31 -10.62 5.67
N ILE A 157 -9.08 -9.58 4.92
CA ILE A 157 -8.12 -9.68 3.77
C ILE A 157 -6.90 -8.80 4.08
N PRO A 158 -5.74 -9.41 4.11
CA PRO A 158 -4.51 -8.64 4.41
C PRO A 158 -4.24 -7.63 3.29
N SER A 159 -3.90 -6.41 3.62
CA SER A 159 -3.63 -5.41 2.53
C SER A 159 -2.99 -4.13 3.08
N PHE A 160 -2.26 -3.43 2.23
CA PHE A 160 -1.64 -2.15 2.64
C PHE A 160 -1.83 -1.13 1.51
N VAL A 161 -1.69 0.13 1.78
CA VAL A 161 -1.94 1.14 0.70
C VAL A 161 -0.77 2.13 0.51
N LEU A 162 -0.44 2.39 -0.73
CA LEU A 162 0.63 3.37 -1.07
C LEU A 162 -0.02 4.63 -1.62
N MET A 163 0.42 5.79 -1.21
CA MET A 163 -0.20 7.04 -1.73
C MET A 163 0.83 7.84 -2.53
N ASP A 164 0.53 8.11 -3.78
CA ASP A 164 1.48 8.90 -4.63
C ASP A 164 1.03 10.36 -4.67
N ILE A 165 1.83 11.26 -4.18
CA ILE A 165 1.44 12.70 -4.20
C ILE A 165 2.38 13.52 -5.09
N GLN A 166 1.83 14.18 -6.07
CA GLN A 166 2.67 15.03 -6.97
C GLN A 166 2.56 16.50 -6.54
N ALA A 167 1.36 17.00 -6.45
CA ALA A 167 1.14 18.42 -6.05
C ALA A 167 -0.36 18.70 -5.97
N SER A 168 -0.90 18.81 -4.77
CA SER A 168 -2.37 19.05 -4.62
C SER A 168 -3.17 17.90 -5.23
N THR A 169 -2.51 16.84 -5.61
CA THR A 169 -3.23 15.67 -6.20
C THR A 169 -2.62 14.38 -5.63
N VAL A 170 -3.43 13.45 -5.19
CA VAL A 170 -2.86 12.20 -4.64
C VAL A 170 -3.52 10.96 -5.23
N VAL A 171 -2.75 9.97 -5.53
CA VAL A 171 -3.32 8.70 -6.06
C VAL A 171 -3.02 7.60 -5.05
N THR A 172 -4.03 6.90 -4.60
CA THR A 172 -3.77 5.84 -3.59
C THR A 172 -3.88 4.46 -4.22
N TYR A 173 -2.94 3.60 -3.89
CA TYR A 173 -2.98 2.22 -4.43
C TYR A 173 -3.23 1.25 -3.29
N VAL A 174 -4.23 0.43 -3.43
CA VAL A 174 -4.52 -0.55 -2.34
C VAL A 174 -4.16 -1.96 -2.82
N TYR A 175 -3.45 -2.69 -2.01
CA TYR A 175 -3.07 -4.07 -2.42
C TYR A 175 -3.80 -5.08 -1.57
N GLN A 176 -4.70 -5.82 -2.15
CA GLN A 176 -5.44 -6.84 -1.36
C GLN A 176 -4.95 -8.23 -1.76
N LEU A 177 -4.76 -9.08 -0.80
CA LEU A 177 -4.28 -10.45 -1.12
C LEU A 177 -5.48 -11.38 -1.23
N ILE A 178 -5.97 -11.59 -2.42
CA ILE A 178 -7.14 -12.49 -2.61
C ILE A 178 -6.67 -13.76 -3.30
N GLY A 179 -6.95 -14.90 -2.74
CA GLY A 179 -6.49 -16.17 -3.37
C GLY A 179 -4.96 -16.21 -3.30
N ASP A 180 -4.31 -16.45 -4.42
CA ASP A 180 -2.82 -16.49 -4.41
C ASP A 180 -2.26 -15.21 -5.04
N ASP A 181 -2.78 -14.80 -6.17
CA ASP A 181 -2.28 -13.57 -6.83
C ASP A 181 -2.72 -12.33 -6.06
N VAL A 182 -2.04 -11.23 -6.24
CA VAL A 182 -2.41 -9.98 -5.51
C VAL A 182 -3.17 -9.04 -6.44
N LYS A 183 -4.33 -8.58 -6.03
CA LYS A 183 -5.11 -7.65 -6.89
C LYS A 183 -4.88 -6.21 -6.43
N VAL A 184 -4.86 -5.27 -7.34
CA VAL A 184 -4.62 -3.86 -6.92
C VAL A 184 -5.66 -2.92 -7.56
N GLU A 185 -6.12 -1.97 -6.80
CA GLU A 185 -7.12 -0.99 -7.34
C GLU A 185 -6.53 0.42 -7.28
N ARG A 186 -6.93 1.29 -8.19
CA ARG A 186 -6.36 2.67 -8.18
C ARG A 186 -7.43 3.72 -7.87
N ILE A 187 -7.18 4.55 -6.90
CA ILE A 187 -8.15 5.63 -6.56
C ILE A 187 -7.42 6.98 -6.57
N GLU A 188 -7.99 7.98 -7.20
CA GLU A 188 -7.29 9.31 -7.25
C GLU A 188 -8.10 10.38 -6.50
N TYR A 189 -7.40 11.24 -5.80
CA TYR A 189 -8.09 12.34 -5.05
C TYR A 189 -7.30 13.64 -5.18
N LYS A 190 -7.97 14.75 -5.32
CA LYS A 190 -7.26 16.05 -5.43
C LYS A 190 -7.99 17.12 -4.62
N LYS A 191 -7.25 18.06 -4.07
CA LYS A 191 -7.90 19.15 -3.26
C LYS A 191 -9.06 19.77 -4.03
N SER A 192 -10.10 20.16 -3.34
CA SER A 192 -11.27 20.77 -4.04
C SER A 192 -11.73 22.03 -3.29
N GLY B 1 22.80 18.94 -45.14
CA GLY B 1 23.10 18.21 -43.87
C GLY B 1 24.57 18.40 -43.50
N PRO B 2 24.84 19.47 -42.79
CA PRO B 2 26.23 19.77 -42.36
C PRO B 2 26.69 18.76 -41.30
N LEU B 3 25.78 18.05 -40.69
CA LEU B 3 26.18 17.06 -39.65
C LEU B 3 26.54 15.73 -40.31
N GLY B 4 27.50 15.03 -39.76
CA GLY B 4 27.90 13.72 -40.36
C GLY B 4 26.96 12.62 -39.86
N SER B 5 27.17 11.41 -40.31
CA SER B 5 26.30 10.29 -39.87
C SER B 5 26.66 9.84 -38.44
N THR B 6 25.75 9.20 -37.77
CA THR B 6 26.03 8.74 -36.38
C THR B 6 26.41 7.25 -36.40
N GLU B 7 27.10 6.79 -35.39
CA GLU B 7 27.51 5.35 -35.36
C GLU B 7 26.29 4.46 -35.57
N GLU B 8 26.47 3.32 -36.20
CA GLU B 8 25.31 2.41 -36.45
C GLU B 8 24.64 2.02 -35.13
N ASP B 9 25.42 1.82 -34.09
CA ASP B 9 24.82 1.45 -32.78
C ASP B 9 24.93 2.61 -31.80
N LEU B 10 23.85 3.28 -31.53
CA LEU B 10 23.89 4.44 -30.58
C LEU B 10 24.29 3.95 -29.17
N GLU B 11 23.80 2.81 -28.78
CA GLU B 11 24.15 2.29 -27.43
C GLU B 11 25.12 1.11 -27.54
N ASP B 12 25.99 0.94 -26.57
CA ASP B 12 26.98 -0.19 -26.64
C ASP B 12 26.25 -1.52 -26.88
N ALA B 13 25.08 -1.69 -26.32
CA ALA B 13 24.33 -2.95 -26.52
C ALA B 13 23.42 -2.84 -27.74
N GLU B 14 23.36 -3.86 -28.56
CA GLU B 14 22.50 -3.82 -29.76
C GLU B 14 21.03 -3.69 -29.36
N ASP B 15 20.66 -4.25 -28.24
CA ASP B 15 19.24 -4.16 -27.78
C ASP B 15 19.20 -3.63 -26.34
N THR B 16 18.04 -3.59 -25.74
CA THR B 16 17.94 -3.08 -24.34
C THR B 16 17.38 -4.17 -23.41
N VAL B 17 17.74 -4.14 -22.16
CA VAL B 17 17.24 -5.16 -21.20
C VAL B 17 16.88 -4.49 -19.86
N SER B 18 15.83 -4.95 -19.22
CA SER B 18 15.44 -4.35 -17.92
C SER B 18 15.20 -5.44 -16.86
N ALA B 19 16.13 -6.35 -16.72
CA ALA B 19 15.95 -7.44 -15.71
C ALA B 19 15.92 -6.87 -14.30
N ALA B 20 16.92 -6.10 -13.93
CA ALA B 20 16.94 -5.50 -12.57
C ALA B 20 15.86 -4.44 -12.42
N ASP B 21 15.57 -3.72 -13.48
CA ASP B 21 14.52 -2.67 -13.39
C ASP B 21 13.46 -2.87 -14.49
N PRO B 22 12.66 -3.89 -14.31
CA PRO B 22 11.58 -4.19 -15.30
C PRO B 22 10.46 -3.14 -15.18
N GLU B 23 9.55 -3.14 -16.12
CA GLU B 23 8.43 -2.15 -16.06
C GLU B 23 7.71 -2.26 -14.71
N PHE B 24 7.21 -1.16 -14.20
CA PHE B 24 6.52 -1.19 -12.89
C PHE B 24 5.00 -1.03 -13.04
N CYS B 25 4.26 -1.85 -12.36
CA CYS B 25 2.77 -1.74 -12.42
C CYS B 25 2.33 -0.60 -11.51
N HIS B 26 2.85 -0.60 -10.32
CA HIS B 26 2.53 0.46 -9.32
C HIS B 26 3.69 0.54 -8.34
N PRO B 27 3.61 1.40 -7.36
CA PRO B 27 4.73 1.51 -6.38
C PRO B 27 4.95 0.14 -5.69
N LEU B 28 6.20 -0.24 -5.54
CA LEU B 28 6.55 -1.55 -4.89
C LEU B 28 6.23 -2.78 -5.76
N CYS B 29 6.51 -2.73 -7.04
CA CYS B 29 6.24 -3.95 -7.88
C CYS B 29 7.45 -4.20 -8.77
N GLN B 30 8.47 -4.78 -8.21
CA GLN B 30 9.70 -5.07 -9.00
C GLN B 30 9.51 -6.34 -9.81
N CYS B 31 8.28 -6.75 -9.96
CA CYS B 31 7.94 -7.98 -10.74
C CYS B 31 8.65 -8.02 -12.09
N PRO B 32 8.55 -9.16 -12.71
CA PRO B 32 9.12 -9.35 -14.06
C PRO B 32 8.26 -8.57 -15.07
N LYS B 33 6.98 -8.85 -15.05
CA LYS B 33 6.02 -8.17 -15.96
C LYS B 33 4.60 -8.33 -15.43
N CYS B 34 4.40 -9.23 -14.50
CA CYS B 34 3.01 -9.50 -14.02
C CYS B 34 2.19 -9.91 -15.24
N ALA B 35 2.85 -10.48 -16.21
CA ALA B 35 2.18 -10.90 -17.47
C ALA B 35 2.43 -12.39 -17.72
N PRO B 36 1.61 -12.97 -18.56
CA PRO B 36 1.77 -14.41 -18.89
C PRO B 36 2.92 -14.61 -19.87
N ALA B 37 2.80 -14.11 -21.06
CA ALA B 37 3.90 -14.26 -22.07
C ALA B 37 3.70 -13.31 -23.24
N GLN B 38 4.76 -12.74 -23.75
CA GLN B 38 4.62 -11.78 -24.89
C GLN B 38 5.31 -12.35 -26.13
N LYS B 39 4.68 -12.25 -27.28
CA LYS B 39 5.31 -12.78 -28.53
C LYS B 39 6.10 -11.68 -29.23
N ARG B 40 7.22 -12.03 -29.81
CA ARG B 40 8.03 -11.00 -30.53
C ARG B 40 7.26 -10.49 -31.75
N LEU B 41 7.59 -9.31 -32.22
CA LEU B 41 6.86 -8.75 -33.40
C LEU B 41 7.36 -9.42 -34.68
N ALA B 42 6.46 -9.89 -35.50
CA ALA B 42 6.86 -10.55 -36.78
C ALA B 42 5.62 -10.90 -37.60
N LYS B 43 5.65 -10.64 -38.88
CA LYS B 43 4.47 -10.96 -39.74
C LYS B 43 4.65 -12.34 -40.37
N VAL B 44 5.58 -12.47 -41.28
CA VAL B 44 5.81 -13.79 -41.93
C VAL B 44 7.30 -13.97 -42.27
N PRO B 45 7.90 -15.01 -41.76
CA PRO B 45 9.33 -15.28 -42.01
C PRO B 45 9.56 -15.68 -43.48
N ALA B 46 10.66 -15.28 -44.05
CA ALA B 46 10.94 -15.63 -45.47
C ALA B 46 12.38 -15.25 -45.83
N SER B 47 13.30 -16.17 -45.72
CA SER B 47 14.72 -15.85 -46.06
C SER B 47 15.24 -16.83 -47.12
N GLY B 48 16.06 -16.36 -48.02
CA GLY B 48 16.60 -17.26 -49.08
C GLY B 48 17.94 -16.71 -49.58
N LEU B 49 18.98 -17.49 -49.51
CA LEU B 49 20.32 -17.01 -49.98
C LEU B 49 20.24 -16.62 -51.47
N GLY B 50 19.53 -17.38 -52.25
CA GLY B 50 19.42 -17.06 -53.70
C GLY B 50 18.78 -15.69 -53.89
N VAL B 51 17.94 -15.27 -52.97
CA VAL B 51 17.28 -13.95 -53.10
C VAL B 51 18.27 -12.82 -52.79
N ASN B 52 18.36 -11.85 -53.65
CA ASN B 52 19.30 -10.71 -53.42
C ASN B 52 18.55 -9.38 -53.49
N VAL B 53 17.25 -9.41 -53.33
CA VAL B 53 16.45 -8.15 -53.39
C VAL B 53 15.83 -7.86 -52.02
N THR B 54 15.78 -6.61 -51.64
CA THR B 54 15.19 -6.26 -50.31
C THR B 54 13.68 -6.54 -50.32
N SER B 55 13.10 -6.72 -49.15
CA SER B 55 11.63 -7.00 -49.09
C SER B 55 11.01 -6.27 -47.90
N GLN B 56 9.70 -6.21 -47.86
CA GLN B 56 9.00 -5.52 -46.73
C GLN B 56 9.45 -4.06 -46.65
N ASP B 57 9.54 -3.39 -47.78
CA ASP B 57 9.97 -1.95 -47.76
C ASP B 57 8.91 -1.08 -48.43
N GLY B 58 8.36 -0.15 -47.71
CA GLY B 58 7.31 0.74 -48.31
C GLY B 58 5.92 0.15 -48.06
N SER B 59 5.83 -0.93 -47.33
CA SER B 59 4.49 -1.53 -47.06
C SER B 59 4.24 -1.61 -45.55
N SER B 60 3.01 -1.49 -45.14
CA SER B 60 2.69 -1.55 -43.68
C SER B 60 1.49 -2.47 -43.43
N TRP B 61 1.36 -2.97 -42.24
CA TRP B 61 0.21 -3.87 -41.92
C TRP B 61 -0.31 -3.59 -40.50
N GLY A 1 3.60 36.68 -14.10
CA GLY A 1 3.51 36.15 -15.49
C GLY A 1 4.29 34.83 -15.58
N SER A 2 3.77 33.79 -14.99
CA SER A 2 4.47 32.47 -15.04
C SER A 2 5.92 32.61 -14.55
N PRO A 3 6.07 32.95 -13.30
CA PRO A 3 7.42 33.13 -12.71
C PRO A 3 8.12 31.77 -12.57
N GLU A 4 9.41 31.73 -12.77
CA GLU A 4 10.15 30.44 -12.63
C GLU A 4 10.00 29.89 -11.21
N PHE A 5 9.81 30.76 -10.25
CA PHE A 5 9.67 30.31 -8.83
C PHE A 5 8.50 29.34 -8.71
N GLY A 6 8.59 28.40 -7.80
CA GLY A 6 7.49 27.41 -7.62
C GLY A 6 8.04 26.02 -7.90
N THR A 7 8.07 25.17 -6.90
CA THR A 7 8.61 23.80 -7.10
C THR A 7 7.55 22.75 -6.77
N ARG A 8 7.43 21.75 -7.62
CA ARG A 8 6.43 20.67 -7.36
C ARG A 8 7.17 19.35 -7.14
N ASP A 9 6.96 18.69 -6.04
CA ASP A 9 7.67 17.41 -5.79
C ASP A 9 6.69 16.24 -5.70
N ARG A 10 7.12 15.07 -6.13
CA ARG A 10 6.25 13.88 -6.07
C ARG A 10 6.83 12.89 -5.05
N MET A 11 6.10 12.53 -4.04
CA MET A 11 6.67 11.58 -3.03
C MET A 11 5.68 10.44 -2.73
N LEU A 12 6.17 9.22 -2.68
CA LEU A 12 5.28 8.06 -2.39
C LEU A 12 5.25 7.76 -0.89
N VAL A 13 4.07 7.58 -0.33
CA VAL A 13 3.97 7.28 1.12
C VAL A 13 3.32 5.92 1.33
N LEU A 14 3.83 5.14 2.25
CA LEU A 14 3.24 3.79 2.53
C LEU A 14 2.30 3.86 3.74
N VAL A 15 1.13 3.32 3.62
CA VAL A 15 0.17 3.33 4.77
C VAL A 15 -0.25 1.91 5.13
N LEU A 16 -0.14 1.55 6.39
CA LEU A 16 -0.54 0.18 6.83
C LEU A 16 -0.64 0.12 8.35
N GLY A 17 -0.90 -1.03 8.91
CA GLY A 17 -1.01 -1.13 10.39
C GLY A 17 -1.86 -2.35 10.76
N ASP A 18 -2.13 -2.51 12.03
CA ASP A 18 -2.94 -3.67 12.52
C ASP A 18 -2.23 -4.97 12.17
N LEU A 19 -0.94 -5.00 12.33
CA LEU A 19 -0.17 -6.25 12.05
C LEU A 19 -0.46 -7.23 13.19
N HIS A 20 -0.60 -6.69 14.37
CA HIS A 20 -0.89 -7.52 15.57
C HIS A 20 0.15 -8.62 15.77
N ILE A 21 1.40 -8.32 15.58
CA ILE A 21 2.47 -9.35 15.78
C ILE A 21 3.11 -9.13 17.15
N PRO A 22 3.36 -10.18 17.89
CA PRO A 22 3.01 -11.57 17.48
C PRO A 22 1.69 -12.00 18.13
N HIS A 23 0.84 -11.06 18.46
CA HIS A 23 -0.45 -11.42 19.13
C HIS A 23 -1.32 -12.31 18.25
N ARG A 24 -1.50 -11.97 17.00
CA ARG A 24 -2.38 -12.80 16.13
C ARG A 24 -1.63 -13.26 14.87
N CYS A 25 -0.59 -12.57 14.49
CA CYS A 25 0.19 -12.98 13.28
C CYS A 25 1.69 -12.96 13.56
N ASN A 26 2.46 -13.68 12.79
CA ASN A 26 3.94 -13.71 13.03
C ASN A 26 4.67 -12.81 12.04
N SER A 27 4.05 -12.46 10.95
CA SER A 27 4.73 -11.58 9.95
C SER A 27 3.77 -11.19 8.83
N LEU A 28 4.24 -10.40 7.89
CA LEU A 28 3.37 -9.99 6.76
C LEU A 28 3.27 -11.16 5.77
N PRO A 29 2.30 -11.13 4.90
CA PRO A 29 2.14 -12.22 3.92
C PRO A 29 3.36 -12.29 2.98
N ALA A 30 3.78 -13.48 2.64
CA ALA A 30 5.00 -13.67 1.79
C ALA A 30 5.04 -12.73 0.57
N LYS A 31 4.07 -12.75 -0.29
CA LYS A 31 4.12 -11.88 -1.50
C LYS A 31 4.27 -10.40 -1.12
N PHE A 32 3.65 -9.97 -0.06
CA PHE A 32 3.76 -8.53 0.32
C PHE A 32 5.21 -8.17 0.68
N LYS A 33 5.90 -9.03 1.37
CA LYS A 33 7.32 -8.71 1.71
C LYS A 33 8.09 -8.43 0.42
N LYS A 34 7.80 -9.17 -0.61
CA LYS A 34 8.49 -8.93 -1.92
C LYS A 34 8.04 -7.58 -2.50
N LEU A 35 6.79 -7.22 -2.31
CA LEU A 35 6.28 -5.92 -2.85
C LEU A 35 7.00 -4.75 -2.17
N LEU A 36 7.22 -4.84 -0.88
CA LEU A 36 7.89 -3.71 -0.16
C LEU A 36 9.42 -3.80 -0.26
N VAL A 37 10.06 -2.69 -0.53
CA VAL A 37 11.55 -2.68 -0.63
C VAL A 37 12.08 -1.29 -0.24
N PRO A 38 13.23 -1.26 0.39
CA PRO A 38 13.83 0.03 0.83
C PRO A 38 14.31 0.84 -0.38
N GLY A 39 14.30 2.14 -0.28
CA GLY A 39 14.76 2.99 -1.41
C GLY A 39 13.59 3.35 -2.32
N LYS A 40 12.42 2.80 -2.05
CA LYS A 40 11.24 3.10 -2.90
C LYS A 40 10.24 3.98 -2.15
N ILE A 41 10.24 3.92 -0.85
CA ILE A 41 9.26 4.73 -0.07
C ILE A 41 9.98 5.81 0.74
N GLN A 42 9.50 7.03 0.65
CA GLN A 42 10.16 8.14 1.41
C GLN A 42 9.37 8.44 2.70
N HIS A 43 8.11 8.08 2.75
CA HIS A 43 7.30 8.34 3.98
C HIS A 43 6.44 7.13 4.34
N ILE A 44 6.34 6.82 5.60
CA ILE A 44 5.50 5.66 6.02
C ILE A 44 4.54 6.06 7.14
N LEU A 45 3.27 5.89 6.95
CA LEU A 45 2.29 6.23 8.02
C LEU A 45 1.70 4.93 8.58
N CYS A 46 1.72 4.75 9.87
CA CYS A 46 1.17 3.49 10.45
C CYS A 46 0.02 3.81 11.40
N THR A 47 -1.10 3.15 11.21
CA THR A 47 -2.27 3.40 12.09
C THR A 47 -2.42 2.28 13.12
N GLY A 48 -2.73 1.10 12.67
CA GLY A 48 -2.91 -0.06 13.59
C GLY A 48 -1.70 -0.22 14.52
N ASN A 49 -1.86 -0.94 15.59
CA ASN A 49 -0.72 -1.15 16.55
C ASN A 49 0.31 -2.12 15.96
N LEU A 50 1.56 -1.94 16.31
CA LEU A 50 2.62 -2.84 15.76
C LEU A 50 2.30 -4.33 16.04
N CYS A 51 2.24 -4.78 17.28
CA CYS A 51 2.48 -3.89 18.46
C CYS A 51 3.92 -4.08 18.97
N THR A 52 4.53 -5.20 18.67
CA THR A 52 5.93 -5.46 19.15
C THR A 52 6.93 -4.52 18.46
N LYS A 53 7.92 -4.08 19.18
CA LYS A 53 8.93 -3.16 18.59
C LYS A 53 9.62 -3.84 17.40
N GLU A 54 9.70 -5.15 17.40
CA GLU A 54 10.36 -5.86 16.26
C GLU A 54 9.78 -5.39 14.93
N SER A 55 8.48 -5.21 14.88
CA SER A 55 7.85 -4.74 13.61
C SER A 55 8.29 -3.31 13.31
N TYR A 56 8.50 -2.51 14.33
CA TYR A 56 8.95 -1.10 14.09
C TYR A 56 10.28 -1.08 13.35
N ASP A 57 11.19 -1.94 13.72
CA ASP A 57 12.50 -1.97 13.02
C ASP A 57 12.29 -2.30 11.54
N TYR A 58 11.39 -3.20 11.26
CA TYR A 58 11.12 -3.56 9.84
C TYR A 58 10.58 -2.34 9.08
N LEU A 59 9.66 -1.61 9.67
CA LEU A 59 9.12 -0.41 8.99
C LEU A 59 10.22 0.62 8.76
N LYS A 60 11.10 0.77 9.72
CA LYS A 60 12.20 1.76 9.58
C LYS A 60 13.08 1.38 8.38
N THR A 61 13.23 0.10 8.11
CA THR A 61 14.07 -0.34 6.96
C THR A 61 13.48 0.16 5.64
N LEU A 62 12.19 0.07 5.46
CA LEU A 62 11.58 0.54 4.18
C LEU A 62 11.80 2.04 3.99
N ALA A 63 11.76 2.79 5.06
CA ALA A 63 11.97 4.27 4.92
C ALA A 63 12.54 4.84 6.22
N GLY A 64 13.26 5.93 6.13
CA GLY A 64 13.85 6.54 7.36
C GLY A 64 12.78 7.32 8.13
N ASP A 65 11.95 8.06 7.45
CA ASP A 65 10.89 8.84 8.15
C ASP A 65 9.63 7.98 8.33
N VAL A 66 9.35 7.58 9.55
CA VAL A 66 8.14 6.76 9.80
C VAL A 66 7.25 7.40 10.86
N HIS A 67 5.97 7.47 10.62
CA HIS A 67 5.04 8.08 11.62
C HIS A 67 4.08 7.02 12.14
N ILE A 68 4.03 6.82 13.42
CA ILE A 68 3.12 5.79 13.99
C ILE A 68 2.27 6.35 15.13
N VAL A 69 1.07 5.85 15.28
CA VAL A 69 0.19 6.32 16.39
C VAL A 69 -0.05 5.14 17.34
N ARG A 70 -0.24 5.39 18.61
CA ARG A 70 -0.44 4.24 19.54
C ARG A 70 -1.78 3.55 19.27
N GLY A 71 -1.76 2.26 19.16
CA GLY A 71 -3.02 1.50 18.92
C GLY A 71 -3.56 1.04 20.27
N ASP A 72 -4.62 0.28 20.29
CA ASP A 72 -5.18 -0.20 21.59
C ASP A 72 -4.40 -1.42 22.10
N PHE A 73 -3.40 -1.86 21.38
CA PHE A 73 -2.62 -3.04 21.84
C PHE A 73 -1.12 -2.82 21.66
N ASP A 74 -0.68 -1.58 21.65
CA ASP A 74 0.78 -1.32 21.48
C ASP A 74 1.52 -1.46 22.82
N GLU A 75 2.63 -2.16 22.84
CA GLU A 75 3.38 -2.32 24.12
C GLU A 75 3.99 -0.99 24.53
N ASN A 76 4.61 -0.30 23.61
CA ASN A 76 5.23 1.01 23.93
C ASN A 76 4.14 2.09 24.08
N LEU A 77 4.06 2.69 25.24
CA LEU A 77 3.05 3.75 25.47
C LEU A 77 3.58 5.12 25.02
N ASN A 78 4.79 5.17 24.54
CA ASN A 78 5.36 6.48 24.12
C ASN A 78 4.79 6.92 22.77
N TYR A 79 3.96 6.12 22.14
CA TYR A 79 3.36 6.54 20.84
C TYR A 79 2.25 7.57 21.11
N PRO A 80 2.09 8.47 20.18
CA PRO A 80 1.06 9.54 20.33
C PRO A 80 -0.33 9.00 20.02
N GLU A 81 -1.32 9.41 20.78
CA GLU A 81 -2.71 8.93 20.52
C GLU A 81 -3.12 9.29 19.09
N GLN A 82 -2.74 10.46 18.66
CA GLN A 82 -3.05 10.90 17.26
C GLN A 82 -1.99 11.90 16.80
N LYS A 83 -1.71 11.97 15.53
CA LYS A 83 -0.67 12.93 15.05
C LYS A 83 -1.03 13.53 13.69
N VAL A 84 -0.64 14.75 13.48
CA VAL A 84 -0.93 15.42 12.18
C VAL A 84 0.39 15.66 11.43
N VAL A 85 0.59 14.99 10.33
CA VAL A 85 1.86 15.19 9.56
C VAL A 85 1.56 15.80 8.19
N THR A 86 2.28 16.83 7.82
CA THR A 86 2.04 17.47 6.50
C THR A 86 2.93 16.83 5.43
N VAL A 87 2.37 16.45 4.33
CA VAL A 87 3.19 15.83 3.24
C VAL A 87 3.04 16.66 1.97
N GLY A 88 3.85 17.67 1.81
CA GLY A 88 3.74 18.53 0.59
C GLY A 88 2.57 19.50 0.77
N GLN A 89 1.59 19.43 -0.10
CA GLN A 89 0.43 20.35 0.02
C GLN A 89 -0.69 19.71 0.85
N PHE A 90 -0.54 18.46 1.22
CA PHE A 90 -1.63 17.78 1.98
C PHE A 90 -1.38 17.76 3.49
N LYS A 91 -2.42 18.02 4.25
CA LYS A 91 -2.32 17.97 5.73
C LYS A 91 -3.02 16.68 6.18
N ILE A 92 -2.29 15.70 6.60
CA ILE A 92 -2.92 14.41 6.97
C ILE A 92 -2.92 14.17 8.48
N GLY A 93 -4.00 13.63 8.99
CA GLY A 93 -4.09 13.33 10.44
C GLY A 93 -3.92 11.83 10.65
N LEU A 94 -3.55 11.39 11.82
CA LEU A 94 -3.36 9.93 12.02
C LEU A 94 -3.90 9.46 13.38
N ILE A 95 -4.66 8.40 13.38
CA ILE A 95 -5.20 7.86 14.67
C ILE A 95 -5.55 6.37 14.50
N HIS A 96 -5.43 5.58 15.54
CA HIS A 96 -5.76 4.13 15.39
C HIS A 96 -7.22 3.95 14.96
N GLY A 97 -8.13 4.41 15.78
CA GLY A 97 -9.57 4.27 15.43
C GLY A 97 -10.37 3.76 16.63
N HIS A 98 -9.75 3.05 17.54
CA HIS A 98 -10.50 2.54 18.72
C HIS A 98 -11.05 3.73 19.53
N GLN A 99 -10.52 4.90 19.33
CA GLN A 99 -11.03 6.10 20.08
C GLN A 99 -12.24 6.69 19.35
N VAL A 100 -12.57 6.19 18.18
CA VAL A 100 -13.72 6.74 17.43
C VAL A 100 -14.96 5.87 17.64
N ILE A 101 -15.96 6.38 18.32
CA ILE A 101 -17.18 5.57 18.58
C ILE A 101 -18.38 6.16 17.81
N PRO A 102 -19.08 5.31 17.07
CA PRO A 102 -18.73 3.87 16.99
C PRO A 102 -17.44 3.65 16.19
N TRP A 103 -16.78 2.55 16.46
CA TRP A 103 -15.47 2.22 15.82
C TRP A 103 -15.38 2.57 14.33
N GLY A 104 -16.24 2.07 13.49
CA GLY A 104 -16.11 2.38 12.03
C GLY A 104 -17.21 3.32 11.52
N ASP A 105 -17.68 4.23 12.33
CA ASP A 105 -18.74 5.17 11.84
C ASP A 105 -18.13 6.27 10.98
N MET A 106 -18.73 6.56 9.86
CA MET A 106 -18.18 7.65 8.99
C MET A 106 -18.49 9.01 9.63
N ALA A 107 -19.66 9.16 10.17
CA ALA A 107 -20.02 10.46 10.82
C ALA A 107 -19.06 10.74 11.98
N SER A 108 -18.69 9.72 12.72
CA SER A 108 -17.73 9.94 13.84
C SER A 108 -16.37 10.33 13.27
N LEU A 109 -15.96 9.66 12.21
CA LEU A 109 -14.65 10.00 11.59
C LEU A 109 -14.69 11.43 11.06
N ALA A 110 -15.78 11.80 10.43
CA ALA A 110 -15.90 13.19 9.89
C ALA A 110 -15.83 14.19 11.04
N LEU A 111 -16.54 13.92 12.11
CA LEU A 111 -16.50 14.85 13.28
C LEU A 111 -15.05 15.00 13.75
N LEU A 112 -14.28 13.95 13.65
CA LEU A 112 -12.85 14.04 14.06
C LEU A 112 -12.06 14.86 13.03
N GLN A 113 -12.42 14.75 11.78
CA GLN A 113 -11.70 15.53 10.72
C GLN A 113 -11.79 17.03 11.04
N ARG A 114 -12.96 17.50 11.39
CA ARG A 114 -13.11 18.95 11.72
C ARG A 114 -12.10 19.35 12.80
N GLN A 115 -12.14 18.70 13.92
CA GLN A 115 -11.19 19.03 15.02
C GLN A 115 -9.74 18.99 14.51
N PHE A 116 -9.38 17.98 13.78
CA PHE A 116 -7.98 17.88 13.24
C PHE A 116 -7.72 18.90 12.14
N ASP A 117 -8.74 19.28 11.41
CA ASP A 117 -8.54 20.26 10.28
C ASP A 117 -7.53 19.70 9.27
N VAL A 118 -7.71 18.47 8.87
CA VAL A 118 -6.78 17.85 7.89
C VAL A 118 -7.51 17.57 6.56
N ASP A 119 -6.78 17.50 5.48
CA ASP A 119 -7.43 17.22 4.17
C ASP A 119 -7.67 15.71 4.04
N ILE A 120 -6.80 14.92 4.63
CA ILE A 120 -6.95 13.44 4.58
C ILE A 120 -6.85 12.85 5.98
N LEU A 121 -7.67 11.86 6.29
CA LEU A 121 -7.61 11.24 7.65
C LEU A 121 -7.28 9.75 7.53
N ILE A 122 -6.23 9.30 8.17
CA ILE A 122 -5.87 7.85 8.08
C ILE A 122 -6.22 7.15 9.39
N SER A 123 -6.88 6.03 9.33
CA SER A 123 -7.25 5.29 10.56
C SER A 123 -7.49 3.82 10.25
N GLY A 124 -7.45 2.97 11.25
CA GLY A 124 -7.69 1.51 11.00
C GLY A 124 -8.59 0.94 12.10
N HIS A 125 -8.11 -0.05 12.82
CA HIS A 125 -8.89 -0.70 13.93
C HIS A 125 -9.98 -1.64 13.37
N THR A 126 -10.57 -1.32 12.25
CA THR A 126 -11.63 -2.20 11.68
C THR A 126 -11.04 -3.29 10.78
N HIS A 127 -9.77 -3.21 10.47
CA HIS A 127 -9.14 -4.25 9.59
C HIS A 127 -9.90 -4.37 8.26
N LYS A 128 -10.58 -3.32 7.86
CA LYS A 128 -11.32 -3.35 6.56
C LYS A 128 -10.85 -2.20 5.69
N PHE A 129 -10.21 -2.48 4.58
CA PHE A 129 -9.72 -1.38 3.70
C PHE A 129 -10.89 -0.44 3.34
N GLU A 130 -10.65 0.84 3.36
CA GLU A 130 -11.73 1.81 3.02
C GLU A 130 -11.13 3.09 2.44
N ALA A 131 -11.52 3.45 1.24
CA ALA A 131 -10.98 4.69 0.62
C ALA A 131 -12.12 5.46 -0.08
N PHE A 132 -12.67 6.45 0.59
CA PHE A 132 -13.78 7.23 -0.04
C PHE A 132 -13.65 8.72 0.28
N GLU A 133 -14.42 9.55 -0.40
CA GLU A 133 -14.36 11.02 -0.16
C GLU A 133 -15.65 11.50 0.51
N HIS A 134 -15.57 12.47 1.38
CA HIS A 134 -16.80 12.98 2.07
C HIS A 134 -16.70 14.49 2.34
N GLU A 135 -17.58 15.25 1.76
CA GLU A 135 -17.57 16.73 1.98
C GLU A 135 -16.18 17.33 1.70
N ASN A 136 -15.70 17.14 0.50
CA ASN A 136 -14.37 17.71 0.09
C ASN A 136 -13.22 17.16 0.95
N LYS A 137 -13.42 16.10 1.67
CA LYS A 137 -12.31 15.53 2.51
C LYS A 137 -12.09 14.07 2.14
N PHE A 138 -10.90 13.56 2.35
CA PHE A 138 -10.63 12.13 1.99
C PHE A 138 -10.37 11.29 3.24
N TYR A 139 -10.87 10.08 3.25
CA TYR A 139 -10.66 9.17 4.40
C TYR A 139 -10.01 7.88 3.90
N ILE A 140 -9.00 7.40 4.56
CA ILE A 140 -8.33 6.16 4.09
C ILE A 140 -8.08 5.17 5.23
N ASN A 141 -8.36 3.91 4.99
CA ASN A 141 -8.10 2.87 6.01
C ASN A 141 -7.35 1.71 5.33
N PRO A 142 -6.09 1.57 5.65
CA PRO A 142 -5.26 0.50 5.03
C PRO A 142 -5.75 -0.90 5.43
N GLY A 143 -6.31 -1.03 6.61
CA GLY A 143 -6.80 -2.37 7.03
C GLY A 143 -5.69 -3.10 7.80
N SER A 144 -5.55 -4.38 7.57
CA SER A 144 -4.49 -5.15 8.28
C SER A 144 -3.48 -5.73 7.28
N ALA A 145 -2.27 -5.24 7.30
CA ALA A 145 -1.24 -5.76 6.35
C ALA A 145 -1.04 -7.26 6.55
N THR A 146 -1.42 -7.79 7.69
CA THR A 146 -1.24 -9.25 7.95
C THR A 146 -2.60 -9.93 8.05
N GLY A 147 -3.66 -9.27 7.67
CA GLY A 147 -5.00 -9.91 7.77
C GLY A 147 -5.24 -10.35 9.22
N ALA A 148 -4.76 -9.58 10.15
CA ALA A 148 -4.92 -9.95 11.60
C ALA A 148 -6.39 -10.30 11.91
N TYR A 149 -6.59 -11.21 12.81
CA TYR A 149 -7.97 -11.64 13.16
C TYR A 149 -8.76 -10.50 13.81
N ASN A 150 -10.06 -10.51 13.64
CA ASN A 150 -10.93 -9.46 14.25
C ASN A 150 -12.31 -10.06 14.56
N ALA A 151 -12.67 -10.12 15.80
CA ALA A 151 -13.97 -10.74 16.20
C ALA A 151 -15.17 -10.19 15.42
N LEU A 152 -15.12 -8.97 14.97
CA LEU A 152 -16.30 -8.40 14.23
C LEU A 152 -16.37 -8.90 12.78
N GLU A 153 -15.25 -9.20 12.18
CA GLU A 153 -15.30 -9.70 10.76
C GLU A 153 -14.60 -11.06 10.67
N THR A 154 -15.34 -12.08 10.32
CA THR A 154 -14.73 -13.44 10.21
C THR A 154 -13.90 -13.59 8.93
N ASN A 155 -14.06 -12.70 8.00
CA ASN A 155 -13.26 -12.81 6.74
C ASN A 155 -12.40 -11.56 6.56
N ILE A 156 -11.17 -11.60 7.00
CA ILE A 156 -10.29 -10.41 6.85
C ILE A 156 -9.33 -10.59 5.68
N ILE A 157 -9.11 -9.56 4.93
CA ILE A 157 -8.16 -9.65 3.78
C ILE A 157 -6.93 -8.78 4.08
N PRO A 158 -5.77 -9.38 4.10
CA PRO A 158 -4.54 -8.62 4.41
C PRO A 158 -4.27 -7.61 3.28
N SER A 159 -3.93 -6.39 3.60
CA SER A 159 -3.68 -5.40 2.52
C SER A 159 -3.06 -4.11 3.06
N PHE A 160 -2.34 -3.41 2.22
CA PHE A 160 -1.72 -2.12 2.62
C PHE A 160 -1.90 -1.11 1.49
N VAL A 161 -1.80 0.15 1.75
CA VAL A 161 -2.03 1.16 0.66
C VAL A 161 -0.88 2.15 0.49
N LEU A 162 -0.54 2.43 -0.74
CA LEU A 162 0.53 3.41 -1.05
C LEU A 162 -0.12 4.68 -1.64
N MET A 163 0.35 5.84 -1.27
CA MET A 163 -0.25 7.07 -1.82
C MET A 163 0.79 7.88 -2.60
N ASP A 164 0.56 8.10 -3.86
CA ASP A 164 1.53 8.89 -4.68
C ASP A 164 1.06 10.35 -4.77
N ILE A 165 1.84 11.26 -4.24
CA ILE A 165 1.40 12.70 -4.28
C ILE A 165 2.36 13.53 -5.16
N GLN A 166 1.88 13.99 -6.27
CA GLN A 166 2.72 14.85 -7.16
C GLN A 166 2.69 16.28 -6.62
N ALA A 167 1.53 16.72 -6.20
CA ALA A 167 1.39 18.10 -5.65
C ALA A 167 -0.01 18.23 -5.01
N SER A 168 -0.92 18.92 -5.62
CA SER A 168 -2.29 19.04 -5.03
C SER A 168 -3.15 17.82 -5.43
N THR A 169 -2.54 16.83 -6.05
CA THR A 169 -3.31 15.63 -6.46
C THR A 169 -2.67 14.37 -5.87
N VAL A 170 -3.45 13.43 -5.42
CA VAL A 170 -2.86 12.19 -4.84
C VAL A 170 -3.50 10.93 -5.42
N VAL A 171 -2.70 9.93 -5.68
CA VAL A 171 -3.26 8.65 -6.21
C VAL A 171 -2.99 7.56 -5.16
N THR A 172 -3.99 6.85 -4.76
CA THR A 172 -3.75 5.79 -3.74
C THR A 172 -3.85 4.41 -4.35
N TYR A 173 -2.94 3.55 -4.00
CA TYR A 173 -2.97 2.17 -4.53
C TYR A 173 -3.26 1.20 -3.39
N VAL A 174 -4.24 0.38 -3.53
CA VAL A 174 -4.56 -0.59 -2.45
C VAL A 174 -4.19 -1.99 -2.91
N TYR A 175 -3.48 -2.72 -2.08
CA TYR A 175 -3.08 -4.09 -2.46
C TYR A 175 -3.82 -5.11 -1.62
N GLN A 176 -4.65 -5.89 -2.24
CA GLN A 176 -5.40 -6.93 -1.48
C GLN A 176 -4.88 -8.31 -1.85
N LEU A 177 -4.73 -9.17 -0.88
CA LEU A 177 -4.24 -10.54 -1.20
C LEU A 177 -5.43 -11.48 -1.32
N ILE A 178 -5.89 -11.70 -2.52
CA ILE A 178 -7.05 -12.60 -2.72
C ILE A 178 -6.56 -13.88 -3.41
N GLY A 179 -6.84 -15.02 -2.84
CA GLY A 179 -6.35 -16.28 -3.46
C GLY A 179 -4.83 -16.30 -3.39
N ASP A 180 -4.18 -16.52 -4.50
CA ASP A 180 -2.68 -16.54 -4.50
C ASP A 180 -2.13 -15.24 -5.09
N ASP A 181 -2.61 -14.86 -6.24
CA ASP A 181 -2.11 -13.60 -6.88
C ASP A 181 -2.60 -12.38 -6.09
N VAL A 182 -1.92 -11.28 -6.19
CA VAL A 182 -2.35 -10.06 -5.47
C VAL A 182 -3.07 -9.11 -6.41
N LYS A 183 -4.24 -8.67 -6.07
CA LYS A 183 -5.00 -7.74 -6.95
C LYS A 183 -4.77 -6.30 -6.49
N VAL A 184 -4.74 -5.36 -7.41
CA VAL A 184 -4.51 -3.95 -7.00
C VAL A 184 -5.53 -3.02 -7.67
N GLU A 185 -6.02 -2.06 -6.94
CA GLU A 185 -7.01 -1.09 -7.50
C GLU A 185 -6.43 0.32 -7.45
N ARG A 186 -6.83 1.18 -8.35
CA ARG A 186 -6.27 2.57 -8.35
C ARG A 186 -7.36 3.62 -8.07
N ILE A 187 -7.13 4.46 -7.09
CA ILE A 187 -8.12 5.53 -6.75
C ILE A 187 -7.40 6.89 -6.76
N GLU A 188 -7.96 7.89 -7.40
CA GLU A 188 -7.28 9.21 -7.44
C GLU A 188 -8.09 10.29 -6.70
N TYR A 189 -7.42 11.15 -6.00
CA TYR A 189 -8.12 12.24 -5.25
C TYR A 189 -7.32 13.55 -5.39
N LYS A 190 -8.01 14.65 -5.52
CA LYS A 190 -7.30 15.96 -5.63
C LYS A 190 -8.02 17.04 -4.82
N LYS A 191 -7.29 17.96 -4.27
CA LYS A 191 -7.93 19.05 -3.46
C LYS A 191 -9.08 19.70 -4.24
N SER A 192 -8.93 19.81 -5.54
CA SER A 192 -10.01 20.43 -6.36
C SER A 192 -10.42 19.49 -7.50
N GLY B 1 25.20 38.38 -38.71
CA GLY B 1 25.53 39.09 -37.44
C GLY B 1 26.62 38.33 -36.68
N PRO B 2 27.28 39.02 -35.78
CA PRO B 2 28.36 38.39 -34.98
C PRO B 2 27.77 37.37 -34.01
N LEU B 3 26.52 37.51 -33.66
CA LEU B 3 25.88 36.54 -32.72
C LEU B 3 25.97 35.11 -33.27
N GLY B 4 25.82 34.96 -34.56
CA GLY B 4 25.91 33.61 -35.18
C GLY B 4 27.25 32.95 -34.82
N SER B 5 28.25 33.75 -34.56
CA SER B 5 29.59 33.17 -34.22
C SER B 5 29.48 32.19 -33.05
N THR B 6 28.60 32.45 -32.12
CA THR B 6 28.44 31.53 -30.95
C THR B 6 27.55 30.35 -31.33
N GLU B 7 27.68 29.25 -30.63
CA GLU B 7 26.83 28.07 -30.93
C GLU B 7 26.01 27.66 -29.70
N GLU B 8 24.87 27.04 -29.91
CA GLU B 8 24.03 26.62 -28.76
C GLU B 8 24.77 25.62 -27.87
N ASP B 9 24.58 25.71 -26.58
CA ASP B 9 25.29 24.77 -25.65
C ASP B 9 24.60 23.40 -25.68
N LEU B 10 25.23 22.39 -25.13
CA LEU B 10 24.63 21.03 -25.13
C LEU B 10 23.42 20.99 -24.18
N GLU B 11 22.44 20.20 -24.50
CA GLU B 11 21.23 20.11 -23.61
C GLU B 11 21.63 19.69 -22.20
N ASP B 12 21.02 20.28 -21.20
CA ASP B 12 21.37 19.91 -19.79
C ASP B 12 20.44 18.80 -19.27
N ALA B 13 19.59 18.28 -20.12
CA ALA B 13 18.66 17.20 -19.68
C ALA B 13 19.44 15.89 -19.47
N GLU B 14 19.09 15.13 -18.48
CA GLU B 14 19.80 13.84 -18.23
C GLU B 14 19.03 12.98 -17.22
N ASP B 15 17.73 12.91 -17.35
CA ASP B 15 16.93 12.09 -16.40
C ASP B 15 17.02 10.61 -16.76
N THR B 16 17.93 9.90 -16.16
CA THR B 16 18.08 8.44 -16.47
C THR B 16 17.91 7.61 -15.20
N VAL B 17 17.41 6.41 -15.33
CA VAL B 17 17.22 5.54 -14.13
C VAL B 17 18.55 5.38 -13.37
N SER B 18 18.48 5.15 -12.09
CA SER B 18 19.74 5.00 -11.29
C SER B 18 20.64 3.92 -11.89
N ALA B 19 20.08 2.83 -12.36
CA ALA B 19 20.92 1.76 -12.96
C ALA B 19 20.05 0.56 -13.40
N ALA B 20 18.79 0.78 -13.65
CA ALA B 20 17.92 -0.35 -14.08
C ALA B 20 16.64 0.18 -14.72
N ASP B 21 16.07 -0.56 -15.65
CA ASP B 21 14.81 -0.10 -16.30
C ASP B 21 13.76 -1.22 -16.28
N PRO B 22 13.51 -1.75 -15.11
CA PRO B 22 12.50 -2.84 -14.97
C PRO B 22 11.08 -2.28 -15.11
N GLU B 23 10.20 -3.01 -15.75
CA GLU B 23 8.80 -2.51 -15.90
C GLU B 23 8.16 -2.37 -14.53
N PHE B 24 7.33 -1.38 -14.34
CA PHE B 24 6.67 -1.19 -13.02
C PHE B 24 5.14 -1.19 -13.15
N CYS B 25 4.48 -1.88 -12.27
CA CYS B 25 3.00 -1.91 -12.30
C CYS B 25 2.47 -0.81 -11.39
N HIS B 26 3.07 -0.70 -10.23
CA HIS B 26 2.68 0.34 -9.25
C HIS B 26 3.84 0.49 -8.26
N PRO B 27 3.70 1.35 -7.27
CA PRO B 27 4.80 1.52 -6.28
C PRO B 27 5.12 0.20 -5.59
N LEU B 28 6.40 -0.08 -5.44
CA LEU B 28 6.88 -1.33 -4.75
C LEU B 28 6.60 -2.60 -5.57
N CYS B 29 6.83 -2.61 -6.85
CA CYS B 29 6.57 -3.87 -7.62
C CYS B 29 7.79 -4.21 -8.46
N GLN B 30 8.80 -4.77 -7.85
CA GLN B 30 10.03 -5.17 -8.61
C GLN B 30 9.80 -6.55 -9.21
N CYS B 31 8.56 -6.92 -9.32
CA CYS B 31 8.17 -8.24 -9.89
C CYS B 31 8.97 -8.61 -11.14
N PRO B 32 8.80 -9.85 -11.53
CA PRO B 32 9.45 -10.34 -12.77
C PRO B 32 8.73 -9.73 -13.97
N LYS B 33 7.45 -9.93 -14.03
CA LYS B 33 6.63 -9.38 -15.15
C LYS B 33 5.17 -9.30 -14.72
N CYS B 34 4.81 -9.96 -13.65
CA CYS B 34 3.36 -10.00 -13.24
C CYS B 34 2.57 -10.54 -14.43
N ALA B 35 3.23 -11.35 -15.23
CA ALA B 35 2.58 -11.94 -16.43
C ALA B 35 1.71 -13.15 -16.02
N PRO B 36 0.77 -13.48 -16.86
CA PRO B 36 -0.14 -14.62 -16.56
C PRO B 36 0.62 -15.96 -16.63
N ALA B 37 0.34 -16.84 -15.71
CA ALA B 37 1.04 -18.17 -15.70
C ALA B 37 0.32 -19.16 -16.63
N GLN B 38 -0.72 -18.73 -17.30
CA GLN B 38 -1.46 -19.66 -18.21
C GLN B 38 -0.52 -20.21 -19.28
N LYS B 39 0.43 -19.44 -19.72
CA LYS B 39 1.38 -19.92 -20.77
C LYS B 39 2.53 -20.69 -20.11
N ARG B 40 2.96 -21.77 -20.72
CA ARG B 40 4.09 -22.56 -20.14
C ARG B 40 5.23 -22.69 -21.15
N LEU B 41 6.44 -22.71 -20.69
CA LEU B 41 7.60 -22.84 -21.63
C LEU B 41 7.51 -24.16 -22.38
N ALA B 42 7.05 -25.20 -21.73
CA ALA B 42 6.94 -26.52 -22.41
C ALA B 42 5.66 -26.59 -23.23
N LYS B 43 5.67 -27.31 -24.32
CA LYS B 43 4.45 -27.41 -25.17
C LYS B 43 3.55 -28.54 -24.65
N VAL B 44 2.26 -28.36 -24.74
CA VAL B 44 1.33 -29.42 -24.25
C VAL B 44 1.48 -30.68 -25.11
N PRO B 45 1.61 -31.81 -24.45
CA PRO B 45 1.76 -33.09 -25.19
C PRO B 45 0.45 -33.49 -25.87
N ALA B 46 0.53 -34.02 -27.06
CA ALA B 46 -0.71 -34.42 -27.78
C ALA B 46 -0.41 -35.59 -28.72
N SER B 47 -1.39 -36.40 -29.03
CA SER B 47 -1.15 -37.55 -29.93
C SER B 47 -0.65 -37.05 -31.29
N GLY B 48 -1.19 -35.96 -31.78
CA GLY B 48 -0.74 -35.42 -33.10
C GLY B 48 -0.80 -36.51 -34.16
N LEU B 49 0.20 -36.58 -35.00
CA LEU B 49 0.21 -37.62 -36.07
C LEU B 49 0.26 -39.02 -35.45
N GLY B 50 0.90 -39.15 -34.32
CA GLY B 50 0.98 -40.49 -33.67
C GLY B 50 2.27 -41.20 -34.10
N VAL B 51 3.19 -40.48 -34.68
CA VAL B 51 4.46 -41.12 -35.13
C VAL B 51 5.64 -40.62 -34.29
N ASN B 52 5.37 -40.09 -33.12
CA ASN B 52 6.47 -39.59 -32.25
C ASN B 52 7.24 -40.74 -31.64
N VAL B 53 8.47 -40.51 -31.24
CA VAL B 53 9.29 -41.60 -30.63
C VAL B 53 9.84 -41.15 -29.27
N THR B 54 10.24 -42.08 -28.45
CA THR B 54 10.79 -41.70 -27.11
C THR B 54 12.23 -41.21 -27.22
N SER B 55 12.56 -40.13 -26.56
CA SER B 55 13.95 -39.60 -26.62
C SER B 55 14.82 -40.30 -25.58
N GLN B 56 16.12 -40.13 -25.66
CA GLN B 56 17.01 -40.79 -24.66
C GLN B 56 17.14 -39.93 -23.41
N ASP B 57 16.54 -40.34 -22.33
CA ASP B 57 16.61 -39.55 -21.07
C ASP B 57 17.74 -40.08 -20.19
N GLY B 58 18.67 -39.23 -19.84
CA GLY B 58 19.81 -39.68 -18.97
C GLY B 58 21.10 -39.00 -19.44
N SER B 59 21.18 -37.70 -19.32
CA SER B 59 22.42 -36.99 -19.75
C SER B 59 23.64 -37.52 -18.97
N SER B 60 23.44 -37.89 -17.73
CA SER B 60 24.57 -38.41 -16.92
C SER B 60 24.30 -39.86 -16.50
N TRP B 61 25.30 -40.70 -16.55
CA TRP B 61 25.11 -42.12 -16.15
C TRP B 61 26.45 -42.86 -16.17
N GLY A 1 22.13 20.27 -24.54
CA GLY A 1 22.08 21.14 -23.33
C GLY A 1 22.30 20.30 -22.08
N SER A 2 22.47 20.94 -20.95
CA SER A 2 22.70 20.17 -19.69
C SER A 2 21.68 20.60 -18.62
N PRO A 3 20.46 20.17 -18.79
CA PRO A 3 19.38 20.51 -17.82
C PRO A 3 19.63 19.82 -16.48
N GLU A 4 19.16 20.40 -15.41
CA GLU A 4 19.38 19.78 -14.06
C GLU A 4 18.17 18.91 -13.68
N PHE A 5 18.42 17.82 -13.00
CA PHE A 5 17.30 16.92 -12.58
C PHE A 5 17.57 16.36 -11.18
N GLY A 6 16.58 15.75 -10.59
CA GLY A 6 16.77 15.18 -9.22
C GLY A 6 16.45 16.25 -8.17
N THR A 7 15.44 17.03 -8.40
CA THR A 7 15.05 18.09 -7.42
C THR A 7 13.74 17.72 -6.73
N ARG A 8 13.14 18.65 -6.02
CA ARG A 8 11.84 18.35 -5.32
C ARG A 8 10.87 17.70 -6.31
N ASP A 9 10.09 16.74 -5.87
CA ASP A 9 9.15 16.07 -6.81
C ASP A 9 8.13 15.19 -6.06
N ARG A 10 7.24 14.60 -6.81
CA ARG A 10 6.19 13.71 -6.23
C ARG A 10 6.80 12.72 -5.21
N MET A 11 6.12 12.47 -4.09
CA MET A 11 6.72 11.51 -3.11
C MET A 11 5.73 10.38 -2.80
N LEU A 12 6.22 9.16 -2.76
CA LEU A 12 5.34 7.99 -2.46
C LEU A 12 5.31 7.70 -0.96
N VAL A 13 4.15 7.55 -0.39
CA VAL A 13 4.06 7.25 1.08
C VAL A 13 3.40 5.89 1.31
N LEU A 14 3.91 5.12 2.24
CA LEU A 14 3.31 3.78 2.52
C LEU A 14 2.40 3.87 3.75
N VAL A 15 1.21 3.32 3.65
CA VAL A 15 0.27 3.35 4.81
C VAL A 15 -0.16 1.93 5.16
N LEU A 16 -0.06 1.56 6.41
CA LEU A 16 -0.48 0.20 6.84
C LEU A 16 -0.60 0.14 8.37
N GLY A 17 -0.90 -1.01 8.91
CA GLY A 17 -1.03 -1.10 10.40
C GLY A 17 -1.89 -2.33 10.76
N ASP A 18 -2.17 -2.49 12.03
CA ASP A 18 -2.97 -3.65 12.51
C ASP A 18 -2.26 -4.96 12.17
N LEU A 19 -0.97 -4.98 12.32
CA LEU A 19 -0.20 -6.22 12.05
C LEU A 19 -0.49 -7.20 13.19
N HIS A 20 -0.64 -6.66 14.37
CA HIS A 20 -0.93 -7.51 15.57
C HIS A 20 0.11 -8.61 15.77
N ILE A 21 1.36 -8.30 15.58
CA ILE A 21 2.43 -9.32 15.78
C ILE A 21 3.07 -9.10 17.16
N PRO A 22 3.31 -10.17 17.91
CA PRO A 22 2.97 -11.55 17.49
C PRO A 22 1.64 -11.99 18.12
N HIS A 23 0.80 -11.04 18.46
CA HIS A 23 -0.50 -11.41 19.12
C HIS A 23 -1.36 -12.30 18.23
N ARG A 24 -1.54 -11.95 16.99
CA ARG A 24 -2.41 -12.79 16.10
C ARG A 24 -1.65 -13.25 14.85
N CYS A 25 -0.60 -12.55 14.47
CA CYS A 25 0.17 -12.95 13.26
C CYS A 25 1.67 -12.94 13.56
N ASN A 26 2.45 -13.65 12.79
CA ASN A 26 3.92 -13.68 13.03
C ASN A 26 4.66 -12.77 12.05
N SER A 27 4.05 -12.42 10.95
CA SER A 27 4.73 -11.54 9.96
C SER A 27 3.77 -11.14 8.83
N LEU A 28 4.24 -10.35 7.91
CA LEU A 28 3.37 -9.95 6.77
C LEU A 28 3.29 -11.12 5.78
N PRO A 29 2.32 -11.09 4.90
CA PRO A 29 2.16 -12.18 3.93
C PRO A 29 3.39 -12.24 3.00
N ALA A 30 3.80 -13.44 2.65
CA ALA A 30 5.02 -13.63 1.81
C ALA A 30 5.06 -12.71 0.58
N LYS A 31 4.07 -12.75 -0.27
CA LYS A 31 4.11 -11.88 -1.49
C LYS A 31 4.26 -10.40 -1.12
N PHE A 32 3.66 -9.97 -0.06
CA PHE A 32 3.79 -8.52 0.32
C PHE A 32 5.23 -8.18 0.67
N LYS A 33 5.93 -9.04 1.36
CA LYS A 33 7.34 -8.74 1.69
C LYS A 33 8.11 -8.46 0.41
N LYS A 34 7.81 -9.20 -0.63
CA LYS A 34 8.47 -8.96 -1.94
C LYS A 34 8.01 -7.62 -2.52
N LEU A 35 6.77 -7.26 -2.30
CA LEU A 35 6.23 -5.97 -2.82
C LEU A 35 6.94 -4.79 -2.15
N LEU A 36 7.19 -4.87 -0.86
CA LEU A 36 7.86 -3.74 -0.15
C LEU A 36 9.39 -3.82 -0.28
N VAL A 37 10.01 -2.72 -0.61
CA VAL A 37 11.50 -2.69 -0.76
C VAL A 37 12.04 -1.32 -0.35
N PRO A 38 13.21 -1.31 0.24
CA PRO A 38 13.84 -0.03 0.67
C PRO A 38 14.31 0.78 -0.54
N GLY A 39 14.27 2.08 -0.44
CA GLY A 39 14.71 2.93 -1.58
C GLY A 39 13.51 3.31 -2.46
N LYS A 40 12.37 2.69 -2.22
CA LYS A 40 11.17 3.00 -3.05
C LYS A 40 10.19 3.88 -2.27
N ILE A 41 10.23 3.82 -0.97
CA ILE A 41 9.28 4.65 -0.16
C ILE A 41 10.03 5.73 0.63
N GLN A 42 9.56 6.94 0.58
CA GLN A 42 10.23 8.03 1.33
C GLN A 42 9.47 8.35 2.62
N HIS A 43 8.21 8.00 2.69
CA HIS A 43 7.41 8.29 3.92
C HIS A 43 6.55 7.08 4.30
N ILE A 44 6.46 6.77 5.57
CA ILE A 44 5.62 5.63 6.01
C ILE A 44 4.68 6.04 7.14
N LEU A 45 3.40 5.85 6.97
CA LEU A 45 2.43 6.20 8.05
C LEU A 45 1.82 4.92 8.62
N CYS A 46 1.85 4.75 9.91
CA CYS A 46 1.28 3.51 10.50
C CYS A 46 0.15 3.85 11.47
N THR A 47 -0.99 3.22 11.33
CA THR A 47 -2.13 3.51 12.23
C THR A 47 -2.29 2.40 13.28
N GLY A 48 -2.47 1.19 12.83
CA GLY A 48 -2.65 0.05 13.78
C GLY A 48 -1.43 -0.11 14.68
N ASN A 49 -1.58 -0.85 15.76
CA ASN A 49 -0.45 -1.07 16.69
C ASN A 49 0.55 -2.06 16.09
N LEU A 50 1.81 -1.92 16.40
CA LEU A 50 2.84 -2.84 15.84
C LEU A 50 2.50 -4.32 16.13
N CYS A 51 2.44 -4.75 17.37
CA CYS A 51 2.72 -3.86 18.54
C CYS A 51 4.16 -4.07 19.04
N THR A 52 4.76 -5.19 18.70
CA THR A 52 6.15 -5.47 19.16
C THR A 52 7.14 -4.54 18.46
N LYS A 53 8.16 -4.10 19.16
CA LYS A 53 9.17 -3.19 18.55
C LYS A 53 9.84 -3.87 17.34
N GLU A 54 9.92 -5.17 17.35
CA GLU A 54 10.56 -5.89 16.20
C GLU A 54 9.96 -5.42 14.87
N SER A 55 8.66 -5.22 14.84
CA SER A 55 8.01 -4.76 13.58
C SER A 55 8.46 -3.32 13.27
N TYR A 56 8.68 -2.52 14.28
CA TYR A 56 9.13 -1.12 14.04
C TYR A 56 10.45 -1.11 13.28
N ASP A 57 11.37 -1.96 13.66
CA ASP A 57 12.68 -2.01 12.94
C ASP A 57 12.45 -2.33 11.46
N TYR A 58 11.55 -3.24 11.19
CA TYR A 58 11.25 -3.60 9.77
C TYR A 58 10.71 -2.37 9.02
N LEU A 59 9.81 -1.65 9.62
CA LEU A 59 9.25 -0.43 8.93
C LEU A 59 10.37 0.59 8.70
N LYS A 60 11.26 0.73 9.63
CA LYS A 60 12.37 1.71 9.47
C LYS A 60 13.23 1.31 8.26
N THR A 61 13.35 0.05 8.00
CA THR A 61 14.18 -0.42 6.84
C THR A 61 13.58 0.08 5.52
N LEU A 62 12.29 0.00 5.36
CA LEU A 62 11.66 0.47 4.08
C LEU A 62 11.89 1.97 3.89
N ALA A 63 11.86 2.73 4.95
CA ALA A 63 12.07 4.20 4.82
C ALA A 63 12.67 4.77 6.10
N GLY A 64 13.37 5.86 6.01
CA GLY A 64 13.98 6.48 7.23
C GLY A 64 12.92 7.25 8.01
N ASP A 65 12.10 8.01 7.33
CA ASP A 65 11.04 8.79 8.04
C ASP A 65 9.79 7.93 8.25
N VAL A 66 9.52 7.56 9.48
CA VAL A 66 8.32 6.73 9.76
C VAL A 66 7.44 7.39 10.83
N HIS A 67 6.15 7.44 10.62
CA HIS A 67 5.25 8.06 11.63
C HIS A 67 4.28 7.00 12.16
N ILE A 68 4.20 6.84 13.45
CA ILE A 68 3.28 5.81 14.03
C ILE A 68 2.43 6.39 15.17
N VAL A 69 1.26 5.84 15.36
CA VAL A 69 0.36 6.32 16.46
C VAL A 69 0.07 5.14 17.40
N ARG A 70 -0.28 5.39 18.64
CA ARG A 70 -0.52 4.25 19.57
C ARG A 70 -1.86 3.56 19.28
N GLY A 71 -1.84 2.27 19.17
CA GLY A 71 -3.10 1.50 18.93
C GLY A 71 -3.64 1.04 20.28
N ASP A 72 -4.71 0.27 20.27
CA ASP A 72 -5.27 -0.20 21.58
C ASP A 72 -4.49 -1.42 22.09
N PHE A 73 -3.49 -1.86 21.38
CA PHE A 73 -2.70 -3.04 21.84
C PHE A 73 -1.20 -2.82 21.66
N ASP A 74 -0.76 -1.58 21.65
CA ASP A 74 0.70 -1.31 21.50
C ASP A 74 1.42 -1.46 22.84
N GLU A 75 2.53 -2.15 22.86
CA GLU A 75 3.28 -2.32 24.14
C GLU A 75 3.88 -0.97 24.57
N ASN A 76 4.50 -0.29 23.64
CA ASN A 76 5.12 1.02 23.97
C ASN A 76 4.04 2.10 24.12
N LEU A 77 3.95 2.69 25.28
CA LEU A 77 2.92 3.76 25.50
C LEU A 77 3.45 5.13 25.07
N ASN A 78 4.67 5.19 24.59
CA ASN A 78 5.25 6.49 24.17
C ASN A 78 4.66 6.94 22.82
N TYR A 79 3.85 6.13 22.20
CA TYR A 79 3.26 6.56 20.89
C TYR A 79 2.14 7.58 21.15
N PRO A 80 1.99 8.49 20.22
CA PRO A 80 0.95 9.55 20.36
C PRO A 80 -0.44 9.01 20.06
N GLU A 81 -1.44 9.41 20.80
CA GLU A 81 -2.82 8.92 20.53
C GLU A 81 -3.22 9.29 19.10
N GLN A 82 -2.84 10.47 18.67
CA GLN A 82 -3.16 10.91 17.28
C GLN A 82 -2.09 11.91 16.83
N LYS A 83 -1.80 11.98 15.56
CA LYS A 83 -0.75 12.94 15.09
C LYS A 83 -1.12 13.55 13.73
N VAL A 84 -0.72 14.78 13.52
CA VAL A 84 -1.00 15.44 12.21
C VAL A 84 0.31 15.70 11.48
N VAL A 85 0.52 15.03 10.37
CA VAL A 85 1.80 15.22 9.61
C VAL A 85 1.50 15.84 8.24
N THR A 86 2.21 16.87 7.88
CA THR A 86 1.97 17.52 6.55
C THR A 86 2.89 16.89 5.50
N VAL A 87 2.32 16.50 4.39
CA VAL A 87 3.14 15.88 3.31
C VAL A 87 3.00 16.71 2.03
N GLY A 88 3.81 17.73 1.89
CA GLY A 88 3.71 18.59 0.66
C GLY A 88 2.54 19.55 0.83
N GLN A 89 1.57 19.49 -0.04
CA GLN A 89 0.40 20.40 0.09
C GLN A 89 -0.73 19.76 0.90
N PHE A 90 -0.58 18.51 1.27
CA PHE A 90 -1.66 17.82 2.03
C PHE A 90 -1.43 17.80 3.54
N LYS A 91 -2.47 18.06 4.29
CA LYS A 91 -2.38 18.00 5.77
C LYS A 91 -3.08 16.72 6.21
N ILE A 92 -2.34 15.74 6.64
CA ILE A 92 -2.98 14.43 7.00
C ILE A 92 -2.98 14.19 8.51
N GLY A 93 -4.06 13.65 9.01
CA GLY A 93 -4.16 13.35 10.47
C GLY A 93 -3.98 11.84 10.67
N LEU A 94 -3.63 11.41 11.84
CA LEU A 94 -3.43 9.95 12.04
C LEU A 94 -3.97 9.47 13.39
N ILE A 95 -4.74 8.41 13.40
CA ILE A 95 -5.28 7.86 14.68
C ILE A 95 -5.62 6.38 14.50
N HIS A 96 -5.51 5.59 15.54
CA HIS A 96 -5.83 4.13 15.39
C HIS A 96 -7.28 3.95 14.96
N GLY A 97 -8.21 4.41 15.75
CA GLY A 97 -9.64 4.26 15.40
C GLY A 97 -10.45 3.76 16.60
N HIS A 98 -9.83 3.04 17.51
CA HIS A 98 -10.59 2.53 18.68
C HIS A 98 -11.14 3.71 19.50
N GLN A 99 -10.61 4.88 19.30
CA GLN A 99 -11.12 6.07 20.05
C GLN A 99 -12.34 6.67 19.31
N VAL A 100 -12.65 6.18 18.14
CA VAL A 100 -13.81 6.72 17.38
C VAL A 100 -15.04 5.84 17.60
N ILE A 101 -16.04 6.36 18.26
CA ILE A 101 -17.27 5.53 18.51
C ILE A 101 -18.47 6.12 17.74
N PRO A 102 -19.16 5.27 17.00
CA PRO A 102 -18.80 3.84 16.92
C PRO A 102 -17.51 3.62 16.12
N TRP A 103 -16.84 2.52 16.40
CA TRP A 103 -15.53 2.20 15.76
C TRP A 103 -15.43 2.56 14.27
N GLY A 104 -16.30 2.05 13.42
CA GLY A 104 -16.16 2.37 11.97
C GLY A 104 -17.26 3.30 11.46
N ASP A 105 -17.73 4.22 12.25
CA ASP A 105 -18.79 5.14 11.77
C ASP A 105 -18.18 6.25 10.91
N MET A 106 -18.78 6.55 9.78
CA MET A 106 -18.23 7.64 8.93
C MET A 106 -18.54 8.99 9.57
N ALA A 107 -19.72 9.15 10.11
CA ALA A 107 -20.09 10.44 10.76
C ALA A 107 -19.13 10.71 11.92
N SER A 108 -18.76 9.70 12.66
CA SER A 108 -17.80 9.92 13.79
C SER A 108 -16.44 10.31 13.22
N LEU A 109 -16.02 9.65 12.17
CA LEU A 109 -14.71 10.00 11.55
C LEU A 109 -14.76 11.43 11.02
N ALA A 110 -15.85 11.79 10.39
CA ALA A 110 -15.97 13.18 9.86
C ALA A 110 -15.90 14.18 11.01
N LEU A 111 -16.62 13.90 12.07
CA LEU A 111 -16.59 14.82 13.24
C LEU A 111 -15.14 14.98 13.71
N LEU A 112 -14.36 13.94 13.62
CA LEU A 112 -12.93 14.02 14.04
C LEU A 112 -12.15 14.85 13.02
N GLN A 113 -12.50 14.75 11.76
CA GLN A 113 -11.78 15.53 10.71
C GLN A 113 -11.87 17.03 11.03
N ARG A 114 -13.04 17.49 11.38
CA ARG A 114 -13.20 18.94 11.71
C ARG A 114 -12.19 19.35 12.78
N GLN A 115 -12.23 18.68 13.91
CA GLN A 115 -11.29 19.02 15.02
C GLN A 115 -9.84 18.99 14.52
N PHE A 116 -9.47 17.98 13.78
CA PHE A 116 -8.07 17.88 13.26
C PHE A 116 -7.81 18.91 12.16
N ASP A 117 -8.82 19.29 11.41
CA ASP A 117 -8.62 20.27 10.30
C ASP A 117 -7.62 19.72 9.29
N VAL A 118 -7.79 18.48 8.88
CA VAL A 118 -6.85 17.87 7.90
C VAL A 118 -7.57 17.60 6.58
N ASP A 119 -6.83 17.52 5.50
CA ASP A 119 -7.48 17.23 4.18
C ASP A 119 -7.71 15.73 4.06
N ILE A 120 -6.84 14.94 4.65
CA ILE A 120 -6.99 13.46 4.58
C ILE A 120 -6.90 12.86 5.99
N LEU A 121 -7.70 11.88 6.29
CA LEU A 121 -7.65 11.26 7.65
C LEU A 121 -7.33 9.77 7.53
N ILE A 122 -6.28 9.31 8.16
CA ILE A 122 -5.92 7.87 8.08
C ILE A 122 -6.27 7.17 9.39
N SER A 123 -6.92 6.04 9.31
CA SER A 123 -7.30 5.31 10.56
C SER A 123 -7.54 3.83 10.24
N GLY A 124 -7.49 2.98 11.23
CA GLY A 124 -7.73 1.52 10.98
C GLY A 124 -8.64 0.95 12.07
N HIS A 125 -8.15 -0.04 12.79
CA HIS A 125 -8.94 -0.70 13.90
C HIS A 125 -10.03 -1.64 13.34
N THR A 126 -10.61 -1.32 12.20
CA THR A 126 -11.66 -2.21 11.63
C THR A 126 -11.07 -3.29 10.73
N HIS A 127 -9.80 -3.20 10.43
CA HIS A 127 -9.16 -4.24 9.55
C HIS A 127 -9.92 -4.36 8.22
N LYS A 128 -10.59 -3.31 7.81
CA LYS A 128 -11.33 -3.34 6.52
C LYS A 128 -10.85 -2.18 5.65
N PHE A 129 -10.21 -2.47 4.54
CA PHE A 129 -9.73 -1.35 3.66
C PHE A 129 -10.88 -0.42 3.30
N GLU A 130 -10.64 0.86 3.33
CA GLU A 130 -11.73 1.82 2.98
C GLU A 130 -11.13 3.11 2.40
N ALA A 131 -11.52 3.47 1.21
CA ALA A 131 -10.98 4.72 0.59
C ALA A 131 -12.11 5.48 -0.11
N PHE A 132 -12.66 6.47 0.54
CA PHE A 132 -13.78 7.24 -0.08
C PHE A 132 -13.66 8.75 0.24
N GLU A 133 -14.42 9.56 -0.44
CA GLU A 133 -14.38 11.04 -0.19
C GLU A 133 -15.67 11.51 0.47
N HIS A 134 -15.59 12.49 1.35
CA HIS A 134 -16.82 12.98 2.03
C HIS A 134 -16.72 14.49 2.31
N GLU A 135 -17.61 15.25 1.72
CA GLU A 135 -17.60 16.73 1.94
C GLU A 135 -16.21 17.34 1.67
N ASN A 136 -15.72 17.15 0.47
CA ASN A 136 -14.39 17.72 0.07
C ASN A 136 -13.24 17.17 0.93
N LYS A 137 -13.46 16.11 1.66
CA LYS A 137 -12.34 15.55 2.49
C LYS A 137 -12.12 14.08 2.11
N PHE A 138 -10.93 13.57 2.34
CA PHE A 138 -10.65 12.16 1.98
C PHE A 138 -10.40 11.31 3.23
N TYR A 139 -10.89 10.11 3.22
CA TYR A 139 -10.68 9.19 4.39
C TYR A 139 -10.04 7.90 3.88
N ILE A 140 -9.03 7.42 4.55
CA ILE A 140 -8.34 6.17 4.07
C ILE A 140 -8.10 5.19 5.21
N ASN A 141 -8.38 3.94 4.97
CA ASN A 141 -8.13 2.89 5.98
C ASN A 141 -7.37 1.74 5.31
N PRO A 142 -6.11 1.59 5.65
CA PRO A 142 -5.27 0.53 5.02
C PRO A 142 -5.76 -0.87 5.41
N GLY A 143 -6.32 -1.01 6.58
CA GLY A 143 -6.81 -2.36 7.02
C GLY A 143 -5.71 -3.08 7.78
N SER A 144 -5.56 -4.36 7.55
CA SER A 144 -4.50 -5.14 8.27
C SER A 144 -3.48 -5.70 7.27
N ALA A 145 -2.28 -5.21 7.29
CA ALA A 145 -1.23 -5.72 6.35
C ALA A 145 -1.03 -7.23 6.55
N THR A 146 -1.41 -7.75 7.68
CA THR A 146 -1.23 -9.22 7.94
C THR A 146 -2.60 -9.91 8.03
N GLY A 147 -3.66 -9.25 7.64
CA GLY A 147 -5.00 -9.88 7.74
C GLY A 147 -5.24 -10.33 9.18
N ALA A 148 -4.77 -9.57 10.13
CA ALA A 148 -4.94 -9.94 11.56
C ALA A 148 -6.39 -10.28 11.86
N TYR A 149 -6.61 -11.21 12.76
CA TYR A 149 -7.99 -11.64 13.11
C TYR A 149 -8.78 -10.49 13.76
N ASN A 150 -10.09 -10.51 13.59
CA ASN A 150 -10.96 -9.47 14.19
C ASN A 150 -12.34 -10.08 14.48
N ALA A 151 -12.70 -10.14 15.73
CA ALA A 151 -14.01 -10.76 16.13
C ALA A 151 -15.20 -10.21 15.34
N LEU A 152 -15.16 -8.98 14.89
CA LEU A 152 -16.33 -8.43 14.15
C LEU A 152 -16.39 -8.92 12.69
N GLU A 153 -15.28 -9.22 12.09
CA GLU A 153 -15.31 -9.71 10.68
C GLU A 153 -14.61 -11.06 10.58
N THR A 154 -15.34 -12.09 10.22
CA THR A 154 -14.73 -13.46 10.12
C THR A 154 -13.88 -13.59 8.85
N ASN A 155 -14.05 -12.70 7.91
CA ASN A 155 -13.24 -12.80 6.65
C ASN A 155 -12.39 -11.54 6.48
N ILE A 156 -11.16 -11.59 6.93
CA ILE A 156 -10.27 -10.39 6.79
C ILE A 156 -9.31 -10.58 5.62
N ILE A 157 -9.08 -9.54 4.87
CA ILE A 157 -8.13 -9.63 3.73
C ILE A 157 -6.91 -8.75 4.03
N PRO A 158 -5.75 -9.36 4.07
CA PRO A 158 -4.51 -8.59 4.37
C PRO A 158 -4.24 -7.59 3.26
N SER A 159 -3.89 -6.37 3.58
CA SER A 159 -3.63 -5.37 2.50
C SER A 159 -2.98 -4.09 3.04
N PHE A 160 -2.25 -3.41 2.20
CA PHE A 160 -1.62 -2.13 2.60
C PHE A 160 -1.78 -1.13 1.46
N VAL A 161 -1.66 0.15 1.73
CA VAL A 161 -1.87 1.15 0.64
C VAL A 161 -0.71 2.13 0.46
N LEU A 162 -0.35 2.38 -0.78
CA LEU A 162 0.73 3.35 -1.10
C LEU A 162 0.09 4.61 -1.67
N MET A 163 0.49 5.77 -1.22
CA MET A 163 -0.13 7.02 -1.77
C MET A 163 0.90 7.83 -2.55
N ASP A 164 0.66 8.06 -3.81
CA ASP A 164 1.61 8.86 -4.63
C ASP A 164 1.13 10.31 -4.73
N ILE A 165 1.89 11.24 -4.21
CA ILE A 165 1.44 12.66 -4.26
C ILE A 165 2.38 13.49 -5.15
N GLN A 166 1.89 13.95 -6.28
CA GLN A 166 2.73 14.80 -7.17
C GLN A 166 2.72 16.24 -6.64
N ALA A 167 1.57 16.68 -6.21
CA ALA A 167 1.45 18.06 -5.67
C ALA A 167 0.06 18.21 -5.00
N SER A 168 -0.86 18.90 -5.62
CA SER A 168 -2.21 19.04 -5.01
C SER A 168 -3.09 17.83 -5.39
N THR A 169 -2.51 16.83 -6.01
CA THR A 169 -3.29 15.63 -6.40
C THR A 169 -2.66 14.38 -5.79
N VAL A 170 -3.45 13.45 -5.32
CA VAL A 170 -2.86 12.22 -4.72
C VAL A 170 -3.51 10.96 -5.30
N VAL A 171 -2.72 9.96 -5.55
CA VAL A 171 -3.27 8.68 -6.09
C VAL A 171 -2.98 7.59 -5.06
N THR A 172 -3.97 6.84 -4.67
CA THR A 172 -3.73 5.78 -3.65
C THR A 172 -3.84 4.40 -4.29
N TYR A 173 -2.93 3.52 -3.97
CA TYR A 173 -2.98 2.15 -4.51
C TYR A 173 -3.21 1.17 -3.36
N VAL A 174 -4.20 0.34 -3.47
CA VAL A 174 -4.47 -0.63 -2.38
C VAL A 174 -4.16 -2.05 -2.85
N TYR A 175 -3.43 -2.80 -2.08
CA TYR A 175 -3.10 -4.18 -2.49
C TYR A 175 -3.83 -5.18 -1.61
N GLN A 176 -4.71 -5.95 -2.19
CA GLN A 176 -5.44 -6.96 -1.39
C GLN A 176 -4.94 -8.35 -1.76
N LEU A 177 -4.73 -9.19 -0.78
CA LEU A 177 -4.25 -10.55 -1.08
C LEU A 177 -5.43 -11.50 -1.24
N ILE A 178 -6.05 -11.49 -2.39
CA ILE A 178 -7.21 -12.41 -2.60
C ILE A 178 -6.72 -13.64 -3.36
N GLY A 179 -6.83 -14.79 -2.76
CA GLY A 179 -6.34 -16.02 -3.44
C GLY A 179 -4.80 -15.98 -3.44
N ASP A 180 -4.17 -16.74 -4.29
CA ASP A 180 -2.68 -16.72 -4.32
C ASP A 180 -2.16 -15.41 -4.92
N ASP A 181 -2.76 -14.96 -6.00
CA ASP A 181 -2.30 -13.69 -6.63
C ASP A 181 -2.80 -12.47 -5.85
N VAL A 182 -2.14 -11.35 -6.00
CA VAL A 182 -2.60 -10.13 -5.27
C VAL A 182 -3.28 -9.17 -6.25
N LYS A 183 -4.43 -8.67 -5.91
CA LYS A 183 -5.15 -7.74 -6.81
C LYS A 183 -4.89 -6.28 -6.38
N VAL A 184 -4.88 -5.38 -7.31
CA VAL A 184 -4.62 -3.95 -6.95
C VAL A 184 -5.68 -3.03 -7.57
N GLU A 185 -6.10 -2.04 -6.82
CA GLU A 185 -7.12 -1.07 -7.35
C GLU A 185 -6.53 0.35 -7.31
N ARG A 186 -6.95 1.20 -8.22
CA ARG A 186 -6.38 2.59 -8.22
C ARG A 186 -7.45 3.63 -7.92
N ILE A 187 -7.19 4.47 -6.96
CA ILE A 187 -8.16 5.56 -6.60
C ILE A 187 -7.43 6.91 -6.63
N GLU A 188 -8.00 7.91 -7.26
CA GLU A 188 -7.30 9.23 -7.31
C GLU A 188 -8.10 10.31 -6.58
N TYR A 189 -7.42 11.18 -5.87
CA TYR A 189 -8.10 12.28 -5.14
C TYR A 189 -7.31 13.58 -5.28
N LYS A 190 -7.98 14.69 -5.41
CA LYS A 190 -7.27 16.00 -5.54
C LYS A 190 -7.98 17.07 -4.72
N LYS A 191 -7.24 18.01 -4.18
CA LYS A 191 -7.87 19.10 -3.37
C LYS A 191 -9.02 19.75 -4.14
N SER A 192 -8.91 19.83 -5.44
CA SER A 192 -9.99 20.46 -6.26
C SER A 192 -11.28 19.63 -6.13
N GLY B 1 19.99 -26.11 -27.11
CA GLY B 1 19.29 -26.01 -25.81
C GLY B 1 18.90 -27.42 -25.32
N PRO B 2 18.76 -27.54 -24.03
CA PRO B 2 18.38 -28.85 -23.43
C PRO B 2 16.95 -29.24 -23.81
N LEU B 3 16.17 -28.28 -24.26
CA LEU B 3 14.76 -28.60 -24.64
C LEU B 3 14.73 -29.71 -25.70
N GLY B 4 15.66 -29.70 -26.62
CA GLY B 4 15.68 -30.75 -27.67
C GLY B 4 15.82 -30.09 -29.04
N SER B 5 16.01 -30.87 -30.07
CA SER B 5 16.15 -30.30 -31.44
C SER B 5 15.07 -30.88 -32.37
N THR B 6 14.66 -30.12 -33.35
CA THR B 6 13.62 -30.61 -34.30
C THR B 6 14.21 -30.72 -35.71
N GLU B 7 13.52 -31.38 -36.61
CA GLU B 7 14.05 -31.51 -38.00
C GLU B 7 14.25 -30.12 -38.62
N GLU B 8 13.38 -29.19 -38.33
CA GLU B 8 13.52 -27.83 -38.90
C GLU B 8 13.53 -26.77 -37.78
N ASP B 9 14.43 -25.83 -37.84
CA ASP B 9 14.48 -24.79 -36.78
C ASP B 9 13.91 -23.46 -37.32
N LEU B 10 13.25 -22.71 -36.47
CA LEU B 10 12.68 -21.41 -36.93
C LEU B 10 13.55 -20.25 -36.45
N GLU B 11 13.75 -19.27 -37.30
CA GLU B 11 14.60 -18.10 -36.89
C GLU B 11 13.95 -17.35 -35.73
N ASP B 12 12.64 -17.30 -35.70
CA ASP B 12 11.94 -16.59 -34.60
C ASP B 12 11.77 -17.51 -33.39
N ALA B 13 12.29 -17.12 -32.25
CA ALA B 13 12.16 -17.97 -31.03
C ALA B 13 11.69 -17.14 -29.84
N GLU B 14 11.10 -17.77 -28.86
CA GLU B 14 10.61 -17.01 -27.66
C GLU B 14 11.69 -17.03 -26.57
N ASP B 15 11.79 -15.98 -25.80
CA ASP B 15 12.82 -15.94 -24.72
C ASP B 15 12.57 -17.07 -23.71
N THR B 16 13.61 -17.77 -23.35
CA THR B 16 13.45 -18.90 -22.38
C THR B 16 12.95 -18.36 -21.03
N VAL B 17 13.35 -17.18 -20.65
CA VAL B 17 12.90 -16.61 -19.35
C VAL B 17 11.80 -15.56 -19.57
N SER B 18 10.74 -15.64 -18.82
CA SER B 18 9.63 -14.66 -18.97
C SER B 18 10.14 -13.23 -18.72
N ALA B 19 11.14 -13.09 -17.88
CA ALA B 19 11.67 -11.73 -17.59
C ALA B 19 12.11 -11.03 -18.88
N ALA B 20 11.93 -9.74 -18.95
CA ALA B 20 12.33 -8.99 -20.19
C ALA B 20 12.44 -7.50 -19.87
N ASP B 21 11.82 -6.64 -20.67
CA ASP B 21 11.90 -5.18 -20.38
C ASP B 21 11.34 -4.89 -18.98
N PRO B 22 11.98 -3.98 -18.28
CA PRO B 22 11.52 -3.63 -16.92
C PRO B 22 10.22 -2.83 -16.96
N GLU B 23 9.18 -3.35 -16.35
CA GLU B 23 7.87 -2.63 -16.34
C GLU B 23 7.31 -2.61 -14.91
N PHE B 24 6.59 -1.57 -14.57
CA PHE B 24 6.01 -1.50 -13.19
C PHE B 24 4.49 -1.35 -13.24
N CYS B 25 3.81 -2.00 -12.34
CA CYS B 25 2.33 -1.89 -12.29
C CYS B 25 1.96 -0.73 -11.37
N HIS B 26 2.68 -0.61 -10.29
CA HIS B 26 2.43 0.47 -9.31
C HIS B 26 3.63 0.53 -8.36
N PRO B 27 3.59 1.37 -7.35
CA PRO B 27 4.73 1.45 -6.40
C PRO B 27 4.96 0.08 -5.73
N LEU B 28 6.20 -0.30 -5.59
CA LEU B 28 6.55 -1.62 -4.95
C LEU B 28 6.10 -2.83 -5.79
N CYS B 29 6.32 -2.85 -7.08
CA CYS B 29 5.91 -4.06 -7.85
C CYS B 29 7.03 -4.43 -8.81
N GLN B 30 8.06 -5.07 -8.31
CA GLN B 30 9.19 -5.51 -9.17
C GLN B 30 8.86 -6.87 -9.79
N CYS B 31 7.61 -7.20 -9.78
CA CYS B 31 7.12 -8.49 -10.35
C CYS B 31 7.74 -8.82 -11.71
N PRO B 32 7.46 -10.01 -12.16
CA PRO B 32 7.91 -10.44 -13.50
C PRO B 32 7.07 -9.72 -14.56
N LYS B 33 5.78 -9.87 -14.45
CA LYS B 33 4.84 -9.22 -15.41
C LYS B 33 3.45 -9.14 -14.79
N CYS B 34 3.21 -9.85 -13.72
CA CYS B 34 1.84 -9.88 -13.13
C CYS B 34 0.88 -10.39 -14.20
N ALA B 35 1.39 -11.18 -15.10
CA ALA B 35 0.57 -11.72 -16.22
C ALA B 35 0.10 -13.15 -15.87
N PRO B 36 -1.11 -13.46 -16.26
CA PRO B 36 -1.66 -14.80 -16.00
C PRO B 36 -0.96 -15.86 -16.85
N ALA B 37 -0.85 -17.06 -16.36
CA ALA B 37 -0.16 -18.13 -17.16
C ALA B 37 -0.95 -18.43 -18.43
N GLN B 38 -0.28 -18.60 -19.53
CA GLN B 38 -0.99 -18.89 -20.81
C GLN B 38 -0.29 -20.04 -21.56
N LYS B 39 -0.97 -20.66 -22.48
CA LYS B 39 -0.36 -21.79 -23.24
C LYS B 39 0.57 -21.24 -24.32
N ARG B 40 1.64 -21.95 -24.62
CA ARG B 40 2.59 -21.46 -25.66
C ARG B 40 1.89 -21.31 -27.02
N LEU B 41 2.25 -20.30 -27.76
CA LEU B 41 1.61 -20.08 -29.09
C LEU B 41 2.64 -20.30 -30.21
N ALA B 42 2.31 -21.09 -31.20
CA ALA B 42 3.27 -21.33 -32.32
C ALA B 42 3.23 -20.17 -33.31
N LYS B 43 4.37 -19.71 -33.76
CA LYS B 43 4.40 -18.59 -34.74
C LYS B 43 4.51 -19.13 -36.16
N VAL B 44 3.82 -18.53 -37.10
CA VAL B 44 3.89 -19.02 -38.51
C VAL B 44 4.26 -17.87 -39.45
N PRO B 45 5.48 -17.42 -39.35
CA PRO B 45 5.96 -16.32 -40.21
C PRO B 45 6.13 -16.80 -41.67
N ALA B 46 5.87 -15.95 -42.63
CA ALA B 46 6.02 -16.37 -44.05
C ALA B 46 6.56 -15.21 -44.89
N SER B 47 7.31 -15.51 -45.92
CA SER B 47 7.88 -14.44 -46.79
C SER B 47 8.55 -13.34 -45.95
N GLY B 48 8.94 -13.64 -44.74
CA GLY B 48 9.60 -12.63 -43.88
C GLY B 48 11.08 -12.51 -44.27
N LEU B 49 11.70 -13.62 -44.61
CA LEU B 49 13.14 -13.59 -44.98
C LEU B 49 13.37 -12.65 -46.17
N GLY B 50 12.47 -12.63 -47.11
CA GLY B 50 12.64 -11.74 -48.30
C GLY B 50 12.11 -12.45 -49.54
N VAL B 51 12.41 -11.92 -50.70
CA VAL B 51 11.93 -12.58 -51.96
C VAL B 51 13.13 -13.09 -52.77
N ASN B 52 13.09 -14.33 -53.17
CA ASN B 52 14.22 -14.90 -53.97
C ASN B 52 13.86 -16.30 -54.47
N VAL B 53 14.60 -16.81 -55.43
CA VAL B 53 14.29 -18.17 -55.95
C VAL B 53 15.50 -19.10 -55.77
N THR B 54 15.29 -20.26 -55.22
CA THR B 54 16.42 -21.21 -55.00
C THR B 54 16.99 -21.67 -56.35
N SER B 55 16.15 -21.85 -57.33
CA SER B 55 16.65 -22.30 -58.67
C SER B 55 17.11 -21.10 -59.50
N GLN B 56 18.05 -21.30 -60.38
CA GLN B 56 18.54 -20.17 -61.22
C GLN B 56 17.80 -20.15 -62.56
N ASP B 57 17.03 -19.13 -62.81
CA ASP B 57 16.29 -19.05 -64.10
C ASP B 57 17.14 -18.37 -65.17
N GLY B 58 17.15 -18.89 -66.37
CA GLY B 58 17.95 -18.27 -67.46
C GLY B 58 17.12 -17.18 -68.14
N SER B 59 17.67 -16.55 -69.15
CA SER B 59 16.91 -15.48 -69.86
C SER B 59 15.61 -16.05 -70.44
N SER B 60 15.64 -17.27 -70.89
CA SER B 60 14.42 -17.89 -71.47
C SER B 60 14.06 -19.17 -70.70
N TRP B 61 12.79 -19.48 -70.59
CA TRP B 61 12.39 -20.71 -69.87
C TRP B 61 11.04 -21.21 -70.36
N GLY A 1 10.96 33.82 -7.01
CA GLY A 1 12.38 33.81 -6.58
C GLY A 1 12.73 32.48 -5.91
N SER A 2 12.23 31.40 -6.44
CA SER A 2 12.52 30.07 -5.84
C SER A 2 13.17 29.14 -6.87
N PRO A 3 13.81 28.11 -6.40
CA PRO A 3 14.48 27.14 -7.30
C PRO A 3 13.44 26.34 -8.09
N GLU A 4 13.75 26.01 -9.31
CA GLU A 4 12.79 25.22 -10.14
C GLU A 4 12.53 23.86 -9.50
N PHE A 5 11.33 23.36 -9.61
CA PHE A 5 11.01 22.03 -9.01
C PHE A 5 10.92 20.96 -10.10
N GLY A 6 11.60 19.86 -9.93
CA GLY A 6 11.56 18.78 -10.95
C GLY A 6 10.44 17.79 -10.63
N THR A 7 10.31 16.77 -11.42
CA THR A 7 9.24 15.75 -11.17
C THR A 7 9.44 15.09 -9.80
N ARG A 8 10.68 14.98 -9.37
CA ARG A 8 10.96 14.35 -8.05
C ARG A 8 10.08 14.93 -6.95
N ASP A 9 9.59 16.14 -7.13
CA ASP A 9 8.73 16.78 -6.08
C ASP A 9 7.67 15.79 -5.57
N ARG A 10 7.13 14.98 -6.43
CA ARG A 10 6.09 14.00 -5.96
C ARG A 10 6.72 13.00 -4.99
N MET A 11 6.01 12.59 -3.97
CA MET A 11 6.60 11.63 -3.00
C MET A 11 5.60 10.51 -2.67
N LEU A 12 6.06 9.29 -2.63
CA LEU A 12 5.16 8.14 -2.33
C LEU A 12 5.18 7.83 -0.83
N VAL A 13 4.04 7.63 -0.23
CA VAL A 13 4.00 7.32 1.23
C VAL A 13 3.37 5.94 1.47
N LEU A 14 3.92 5.18 2.38
CA LEU A 14 3.36 3.83 2.68
C LEU A 14 2.40 3.89 3.88
N VAL A 15 1.23 3.35 3.74
CA VAL A 15 0.26 3.36 4.87
C VAL A 15 -0.17 1.93 5.20
N LEU A 16 -0.06 1.55 6.44
CA LEU A 16 -0.48 0.18 6.86
C LEU A 16 -0.60 0.11 8.39
N GLY A 17 -0.89 -1.04 8.93
CA GLY A 17 -1.03 -1.14 10.40
C GLY A 17 -1.88 -2.36 10.77
N ASP A 18 -2.16 -2.52 12.03
CA ASP A 18 -2.98 -3.67 12.52
C ASP A 18 -2.27 -4.98 12.17
N LEU A 19 -0.98 -5.00 12.34
CA LEU A 19 -0.21 -6.25 12.08
C LEU A 19 -0.50 -7.22 13.21
N HIS A 20 -0.66 -6.68 14.41
CA HIS A 20 -0.96 -7.52 15.60
C HIS A 20 0.08 -8.62 15.80
N ILE A 21 1.34 -8.32 15.63
CA ILE A 21 2.39 -9.34 15.85
C ILE A 21 3.03 -9.11 17.23
N PRO A 22 3.27 -10.18 17.97
CA PRO A 22 2.92 -11.56 17.56
C PRO A 22 1.59 -11.99 18.19
N HIS A 23 0.75 -11.05 18.52
CA HIS A 23 -0.55 -11.40 19.18
C HIS A 23 -1.42 -12.30 18.28
N ARG A 24 -1.58 -11.95 17.03
CA ARG A 24 -2.45 -12.80 16.15
C ARG A 24 -1.68 -13.26 14.90
N CYS A 25 -0.63 -12.57 14.53
CA CYS A 25 0.15 -12.98 13.32
C CYS A 25 1.64 -12.96 13.63
N ASN A 26 2.42 -13.68 12.87
CA ASN A 26 3.89 -13.71 13.12
C ASN A 26 4.64 -12.81 12.14
N SER A 27 4.03 -12.46 11.03
CA SER A 27 4.72 -11.59 10.04
C SER A 27 3.77 -11.20 8.92
N LEU A 28 4.25 -10.42 7.98
CA LEU A 28 3.39 -10.01 6.83
C LEU A 28 3.31 -11.18 5.84
N PRO A 29 2.34 -11.15 4.96
CA PRO A 29 2.19 -12.25 3.98
C PRO A 29 3.41 -12.31 3.05
N ALA A 30 3.79 -13.50 2.65
CA ALA A 30 5.01 -13.67 1.79
C ALA A 30 5.04 -12.73 0.58
N LYS A 31 4.03 -12.75 -0.25
CA LYS A 31 4.06 -11.87 -1.47
C LYS A 31 4.22 -10.39 -1.10
N PHE A 32 3.62 -9.95 -0.02
CA PHE A 32 3.76 -8.51 0.35
C PHE A 32 5.20 -8.16 0.68
N LYS A 33 5.92 -9.02 1.34
CA LYS A 33 7.34 -8.70 1.66
C LYS A 33 8.08 -8.41 0.35
N LYS A 34 7.77 -9.13 -0.68
CA LYS A 34 8.43 -8.89 -2.00
C LYS A 34 7.95 -7.53 -2.55
N LEU A 35 6.71 -7.17 -2.32
CA LEU A 35 6.17 -5.87 -2.83
C LEU A 35 6.88 -4.70 -2.14
N LEU A 36 7.19 -4.82 -0.88
CA LEU A 36 7.85 -3.70 -0.15
C LEU A 36 9.38 -3.79 -0.26
N VAL A 37 10.01 -2.70 -0.58
CA VAL A 37 11.51 -2.68 -0.69
C VAL A 37 12.05 -1.29 -0.31
N PRO A 38 13.23 -1.27 0.25
CA PRO A 38 13.84 0.02 0.66
C PRO A 38 14.30 0.83 -0.57
N GLY A 39 14.28 2.13 -0.46
CA GLY A 39 14.71 2.98 -1.62
C GLY A 39 13.50 3.32 -2.48
N LYS A 40 12.36 2.77 -2.18
CA LYS A 40 11.15 3.04 -3.01
C LYS A 40 10.17 3.93 -2.25
N ILE A 41 10.18 3.88 -0.94
CA ILE A 41 9.23 4.70 -0.15
C ILE A 41 9.98 5.77 0.65
N GLN A 42 9.51 6.99 0.59
CA GLN A 42 10.19 8.09 1.35
C GLN A 42 9.44 8.38 2.66
N HIS A 43 8.18 8.04 2.73
CA HIS A 43 7.40 8.30 3.98
C HIS A 43 6.55 7.09 4.36
N ILE A 44 6.49 6.77 5.63
CA ILE A 44 5.66 5.62 6.07
C ILE A 44 4.72 6.03 7.23
N LEU A 45 3.44 5.85 7.05
CA LEU A 45 2.49 6.19 8.15
C LEU A 45 1.89 4.90 8.72
N CYS A 46 1.94 4.73 10.01
CA CYS A 46 1.39 3.48 10.62
C CYS A 46 0.23 3.82 11.56
N THR A 47 -0.88 3.16 11.40
CA THR A 47 -2.05 3.44 12.28
C THR A 47 -2.21 2.37 13.36
N GLY A 48 -2.33 1.13 12.95
CA GLY A 48 -2.52 0.03 13.93
C GLY A 48 -1.28 -0.16 14.80
N ASN A 49 -1.43 -0.89 15.87
CA ASN A 49 -0.28 -1.13 16.80
C ASN A 49 0.70 -2.13 16.18
N LEU A 50 1.97 -1.98 16.46
CA LEU A 50 2.98 -2.91 15.86
C LEU A 50 2.64 -4.38 16.16
N CYS A 51 2.59 -4.82 17.41
CA CYS A 51 2.88 -3.93 18.58
C CYS A 51 4.33 -4.14 19.05
N THR A 52 4.92 -5.24 18.69
CA THR A 52 6.32 -5.53 19.13
C THR A 52 7.31 -4.58 18.43
N LYS A 53 8.34 -4.16 19.12
CA LYS A 53 9.34 -3.25 18.51
C LYS A 53 9.99 -3.91 17.30
N GLU A 54 10.06 -5.22 17.29
CA GLU A 54 10.69 -5.92 16.13
C GLU A 54 10.07 -5.45 14.82
N SER A 55 8.78 -5.26 14.79
CA SER A 55 8.12 -4.78 13.55
C SER A 55 8.55 -3.35 13.24
N TYR A 56 8.79 -2.56 14.26
CA TYR A 56 9.23 -1.16 14.03
C TYR A 56 10.54 -1.14 13.25
N ASP A 57 11.47 -1.99 13.61
CA ASP A 57 12.77 -2.03 12.87
C ASP A 57 12.53 -2.35 11.40
N TYR A 58 11.62 -3.25 11.13
CA TYR A 58 11.30 -3.60 9.71
C TYR A 58 10.77 -2.37 8.97
N LEU A 59 9.86 -1.65 9.58
CA LEU A 59 9.30 -0.44 8.91
C LEU A 59 10.41 0.59 8.68
N LYS A 60 11.31 0.72 9.61
CA LYS A 60 12.42 1.70 9.45
C LYS A 60 13.27 1.33 8.23
N THR A 61 13.39 0.06 7.95
CA THR A 61 14.21 -0.39 6.78
C THR A 61 13.60 0.12 5.47
N LEU A 62 12.30 0.04 5.32
CA LEU A 62 11.66 0.50 4.05
C LEU A 62 11.89 2.01 3.87
N ALA A 63 11.86 2.76 4.93
CA ALA A 63 12.08 4.24 4.81
C ALA A 63 12.68 4.80 6.10
N GLY A 64 13.38 5.90 6.00
CA GLY A 64 14.01 6.50 7.22
C GLY A 64 12.95 7.27 8.02
N ASP A 65 12.11 8.02 7.35
CA ASP A 65 11.07 8.80 8.08
C ASP A 65 9.82 7.94 8.29
N VAL A 66 9.55 7.55 9.52
CA VAL A 66 8.36 6.71 9.80
C VAL A 66 7.48 7.37 10.88
N HIS A 67 6.20 7.42 10.67
CA HIS A 67 5.29 8.03 11.69
C HIS A 67 4.33 6.97 12.22
N ILE A 68 4.27 6.80 13.52
CA ILE A 68 3.35 5.77 14.08
C ILE A 68 2.49 6.35 15.21
N VAL A 69 1.30 5.82 15.37
CA VAL A 69 0.40 6.30 16.47
C VAL A 69 0.10 5.13 17.40
N ARG A 70 -0.28 5.39 18.63
CA ARG A 70 -0.54 4.25 19.56
C ARG A 70 -1.88 3.57 19.26
N GLY A 71 -1.86 2.27 19.16
CA GLY A 71 -3.13 1.52 18.91
C GLY A 71 -3.68 1.05 20.25
N ASP A 72 -4.74 0.28 20.26
CA ASP A 72 -5.31 -0.18 21.55
C ASP A 72 -4.54 -1.40 22.08
N PHE A 73 -3.53 -1.84 21.37
CA PHE A 73 -2.75 -3.02 21.84
C PHE A 73 -1.25 -2.81 21.67
N ASP A 74 -0.81 -1.57 21.66
CA ASP A 74 0.66 -1.30 21.51
C ASP A 74 1.36 -1.44 22.86
N GLU A 75 2.47 -2.14 22.88
CA GLU A 75 3.22 -2.30 24.17
C GLU A 75 3.82 -0.96 24.60
N ASN A 76 4.44 -0.28 23.67
CA ASN A 76 5.07 1.04 24.00
C ASN A 76 3.99 2.11 24.14
N LEU A 77 3.89 2.72 25.29
CA LEU A 77 2.87 3.78 25.51
C LEU A 77 3.40 5.14 25.07
N ASN A 78 4.63 5.20 24.60
CA ASN A 78 5.20 6.51 24.17
C ASN A 78 4.63 6.95 22.83
N TYR A 79 3.81 6.14 22.20
CA TYR A 79 3.23 6.56 20.89
C TYR A 79 2.12 7.59 21.13
N PRO A 80 1.97 8.49 20.20
CA PRO A 80 0.94 9.56 20.33
C PRO A 80 -0.46 9.01 20.02
N GLU A 81 -1.45 9.43 20.76
CA GLU A 81 -2.84 8.95 20.49
C GLU A 81 -3.23 9.30 19.05
N GLN A 82 -2.84 10.47 18.61
CA GLN A 82 -3.15 10.91 17.23
C GLN A 82 -2.07 11.91 16.77
N LYS A 83 -1.78 11.97 15.49
CA LYS A 83 -0.73 12.93 15.03
C LYS A 83 -1.08 13.53 13.68
N VAL A 84 -0.68 14.75 13.46
CA VAL A 84 -0.96 15.41 12.15
C VAL A 84 0.36 15.66 11.41
N VAL A 85 0.57 14.99 10.31
CA VAL A 85 1.85 15.19 9.56
C VAL A 85 1.56 15.79 8.19
N THR A 86 2.29 16.81 7.82
CA THR A 86 2.05 17.45 6.50
C THR A 86 2.97 16.82 5.45
N VAL A 87 2.41 16.42 4.33
CA VAL A 87 3.24 15.81 3.26
C VAL A 87 3.10 16.63 1.98
N GLY A 88 3.92 17.64 1.82
CA GLY A 88 3.83 18.50 0.61
C GLY A 88 2.66 19.47 0.77
N GLN A 89 1.69 19.40 -0.11
CA GLN A 89 0.52 20.32 0.01
C GLN A 89 -0.61 19.67 0.82
N PHE A 90 -0.46 18.43 1.19
CA PHE A 90 -1.56 17.75 1.94
C PHE A 90 -1.33 17.73 3.46
N LYS A 91 -2.38 18.00 4.20
CA LYS A 91 -2.29 17.95 5.69
C LYS A 91 -3.00 16.67 6.13
N ILE A 92 -2.26 15.69 6.56
CA ILE A 92 -2.90 14.38 6.93
C ILE A 92 -2.92 14.16 8.44
N GLY A 93 -4.00 13.61 8.93
CA GLY A 93 -4.12 13.32 10.39
C GLY A 93 -3.93 11.82 10.59
N LEU A 94 -3.59 11.39 11.78
CA LEU A 94 -3.39 9.92 11.99
C LEU A 94 -3.94 9.46 13.34
N ILE A 95 -4.71 8.40 13.34
CA ILE A 95 -5.26 7.86 14.62
C ILE A 95 -5.60 6.37 14.45
N HIS A 96 -5.50 5.59 15.49
CA HIS A 96 -5.83 4.13 15.34
C HIS A 96 -7.28 3.95 14.90
N GLY A 97 -8.20 4.41 15.70
CA GLY A 97 -9.64 4.28 15.33
C GLY A 97 -10.45 3.77 16.53
N HIS A 98 -9.84 3.06 17.44
CA HIS A 98 -10.61 2.56 18.62
C HIS A 98 -11.17 3.73 19.43
N GLN A 99 -10.63 4.91 19.22
CA GLN A 99 -11.15 6.11 19.96
C GLN A 99 -12.35 6.70 19.22
N VAL A 100 -12.66 6.19 18.05
CA VAL A 100 -13.81 6.75 17.28
C VAL A 100 -15.04 5.86 17.49
N ILE A 101 -16.06 6.38 18.15
CA ILE A 101 -17.28 5.57 18.40
C ILE A 101 -18.47 6.16 17.61
N PRO A 102 -19.17 5.32 16.87
CA PRO A 102 -18.81 3.88 16.80
C PRO A 102 -17.52 3.64 16.01
N TRP A 103 -16.87 2.56 16.30
CA TRP A 103 -15.54 2.22 15.68
C TRP A 103 -15.44 2.58 14.17
N GLY A 104 -16.29 2.07 13.33
CA GLY A 104 -16.14 2.37 11.87
C GLY A 104 -17.24 3.30 11.35
N ASP A 105 -17.72 4.23 12.14
CA ASP A 105 -18.77 5.15 11.64
C ASP A 105 -18.15 6.26 10.78
N MET A 106 -18.74 6.55 9.66
CA MET A 106 -18.18 7.64 8.80
C MET A 106 -18.50 9.00 9.43
N ALA A 107 -19.67 9.15 9.96
CA ALA A 107 -20.04 10.45 10.61
C ALA A 107 -19.09 10.73 11.77
N SER A 108 -18.73 9.72 12.52
CA SER A 108 -17.79 9.94 13.65
C SER A 108 -16.42 10.32 13.09
N LEU A 109 -15.99 9.66 12.04
CA LEU A 109 -14.67 10.00 11.44
C LEU A 109 -14.72 11.43 10.89
N ALA A 110 -15.80 11.79 10.26
CA ALA A 110 -15.91 13.17 9.71
C ALA A 110 -15.86 14.18 10.86
N LEU A 111 -16.57 13.91 11.91
CA LEU A 111 -16.55 14.83 13.09
C LEU A 111 -15.11 14.99 13.57
N LEU A 112 -14.33 13.95 13.49
CA LEU A 112 -12.90 14.03 13.91
C LEU A 112 -12.11 14.86 12.89
N GLN A 113 -12.45 14.74 11.64
CA GLN A 113 -11.73 15.52 10.58
C GLN A 113 -11.82 17.02 10.90
N ARG A 114 -12.98 17.49 11.23
CA ARG A 114 -13.15 18.94 11.55
C ARG A 114 -12.14 19.35 12.64
N GLN A 115 -12.19 18.69 13.77
CA GLN A 115 -11.25 19.03 14.88
C GLN A 115 -9.79 18.99 14.39
N PHE A 116 -9.43 17.98 13.65
CA PHE A 116 -8.03 17.87 13.15
C PHE A 116 -7.76 18.89 12.03
N ASP A 117 -8.77 19.27 11.29
CA ASP A 117 -8.55 20.26 10.17
C ASP A 117 -7.54 19.69 9.16
N VAL A 118 -7.72 18.46 8.77
CA VAL A 118 -6.77 17.84 7.79
C VAL A 118 -7.49 17.56 6.47
N ASP A 119 -6.75 17.47 5.38
CA ASP A 119 -7.38 17.19 4.07
C ASP A 119 -7.62 15.68 3.95
N ILE A 120 -6.76 14.89 4.54
CA ILE A 120 -6.90 13.41 4.49
C ILE A 120 -6.83 12.82 5.90
N LEU A 121 -7.64 11.84 6.20
CA LEU A 121 -7.59 11.23 7.56
C LEU A 121 -7.27 9.73 7.45
N ILE A 122 -6.22 9.28 8.10
CA ILE A 122 -5.86 7.83 8.01
C ILE A 122 -6.22 7.14 9.33
N SER A 123 -6.88 6.02 9.26
CA SER A 123 -7.27 5.28 10.49
C SER A 123 -7.52 3.81 10.19
N GLY A 124 -7.48 2.95 11.18
CA GLY A 124 -7.70 1.50 10.94
C GLY A 124 -8.63 0.93 12.03
N HIS A 125 -8.14 -0.06 12.75
CA HIS A 125 -8.94 -0.71 13.85
C HIS A 125 -10.02 -1.64 13.29
N THR A 126 -10.61 -1.32 12.16
CA THR A 126 -11.66 -2.21 11.58
C THR A 126 -11.06 -3.31 10.69
N HIS A 127 -9.78 -3.23 10.39
CA HIS A 127 -9.15 -4.26 9.52
C HIS A 127 -9.89 -4.38 8.18
N LYS A 128 -10.56 -3.34 7.78
CA LYS A 128 -11.29 -3.37 6.48
C LYS A 128 -10.81 -2.21 5.59
N PHE A 129 -10.16 -2.51 4.50
CA PHE A 129 -9.67 -1.40 3.62
C PHE A 129 -10.83 -0.47 3.25
N GLU A 130 -10.59 0.82 3.27
CA GLU A 130 -11.66 1.78 2.91
C GLU A 130 -11.06 3.07 2.33
N ALA A 131 -11.44 3.42 1.13
CA ALA A 131 -10.89 4.66 0.51
C ALA A 131 -12.02 5.42 -0.19
N PHE A 132 -12.58 6.42 0.45
CA PHE A 132 -13.69 7.19 -0.18
C PHE A 132 -13.57 8.69 0.13
N GLU A 133 -14.32 9.52 -0.56
CA GLU A 133 -14.26 10.99 -0.32
C GLU A 133 -15.57 11.46 0.35
N HIS A 134 -15.49 12.45 1.21
CA HIS A 134 -16.73 12.95 1.88
C HIS A 134 -16.63 14.46 2.16
N GLU A 135 -17.51 15.22 1.56
CA GLU A 135 -17.49 16.70 1.78
C GLU A 135 -16.10 17.30 1.51
N ASN A 136 -15.61 17.10 0.31
CA ASN A 136 -14.28 17.67 -0.08
C ASN A 136 -13.13 17.12 0.79
N LYS A 137 -13.34 16.06 1.52
CA LYS A 137 -12.25 15.50 2.35
C LYS A 137 -12.02 14.03 2.00
N PHE A 138 -10.84 13.53 2.23
CA PHE A 138 -10.56 12.11 1.88
C PHE A 138 -10.31 11.26 3.13
N TYR A 139 -10.81 10.06 3.13
CA TYR A 139 -10.61 9.15 4.29
C TYR A 139 -9.96 7.86 3.79
N ILE A 140 -8.95 7.38 4.48
CA ILE A 140 -8.28 6.12 4.00
C ILE A 140 -8.04 5.15 5.15
N ASN A 141 -8.32 3.90 4.91
CA ASN A 141 -8.07 2.85 5.93
C ASN A 141 -7.32 1.69 5.26
N PRO A 142 -6.06 1.54 5.60
CA PRO A 142 -5.23 0.48 4.99
C PRO A 142 -5.71 -0.91 5.39
N GLY A 143 -6.29 -1.05 6.56
CA GLY A 143 -6.78 -2.38 6.99
C GLY A 143 -5.68 -3.12 7.76
N SER A 144 -5.53 -4.40 7.54
CA SER A 144 -4.48 -5.17 8.27
C SER A 144 -3.46 -5.74 7.27
N ALA A 145 -2.26 -5.25 7.31
CA ALA A 145 -1.21 -5.77 6.37
C ALA A 145 -1.00 -7.28 6.58
N THR A 146 -1.40 -7.80 7.71
CA THR A 146 -1.23 -9.26 7.97
C THR A 146 -2.59 -9.95 8.07
N GLY A 147 -3.65 -9.29 7.67
CA GLY A 147 -5.00 -9.92 7.76
C GLY A 147 -5.24 -10.37 9.20
N ALA A 148 -4.77 -9.59 10.15
CA ALA A 148 -4.95 -9.96 11.58
C ALA A 148 -6.42 -10.31 11.88
N TYR A 149 -6.63 -11.22 12.78
CA TYR A 149 -8.02 -11.64 13.13
C TYR A 149 -8.81 -10.50 13.76
N ASN A 150 -10.10 -10.52 13.57
CA ASN A 150 -10.98 -9.47 14.17
C ASN A 150 -12.36 -10.07 14.46
N ALA A 151 -12.73 -10.12 15.71
CA ALA A 151 -14.04 -10.74 16.10
C ALA A 151 -15.23 -10.19 15.30
N LEU A 152 -15.19 -8.96 14.85
CA LEU A 152 -16.36 -8.41 14.10
C LEU A 152 -16.40 -8.90 12.65
N GLU A 153 -15.29 -9.21 12.06
CA GLU A 153 -15.31 -9.71 10.64
C GLU A 153 -14.61 -11.07 10.56
N THR A 154 -15.34 -12.10 10.20
CA THR A 154 -14.74 -13.46 10.10
C THR A 154 -13.89 -13.61 8.84
N ASN A 155 -14.04 -12.71 7.89
CA ASN A 155 -13.24 -12.83 6.64
C ASN A 155 -12.37 -11.57 6.47
N ILE A 156 -11.15 -11.62 6.92
CA ILE A 156 -10.26 -10.42 6.79
C ILE A 156 -9.29 -10.62 5.62
N ILE A 157 -9.06 -9.58 4.87
CA ILE A 157 -8.10 -9.68 3.74
C ILE A 157 -6.89 -8.80 4.04
N PRO A 158 -5.72 -9.41 4.08
CA PRO A 158 -4.49 -8.65 4.39
C PRO A 158 -4.20 -7.64 3.28
N SER A 159 -3.88 -6.41 3.61
CA SER A 159 -3.62 -5.41 2.53
C SER A 159 -2.98 -4.13 3.07
N PHE A 160 -2.27 -3.42 2.23
CA PHE A 160 -1.65 -2.13 2.65
C PHE A 160 -1.85 -1.11 1.52
N VAL A 161 -1.75 0.15 1.81
CA VAL A 161 -2.00 1.18 0.74
C VAL A 161 -0.85 2.18 0.57
N LEU A 162 -0.54 2.49 -0.67
CA LEU A 162 0.52 3.50 -0.96
C LEU A 162 -0.13 4.77 -1.47
N MET A 163 0.34 5.91 -1.08
CA MET A 163 -0.29 7.17 -1.58
C MET A 163 0.74 7.98 -2.36
N ASP A 164 0.56 8.07 -3.65
CA ASP A 164 1.52 8.87 -4.48
C ASP A 164 1.03 10.31 -4.59
N ILE A 165 1.79 11.25 -4.08
CA ILE A 165 1.36 12.67 -4.15
C ILE A 165 2.28 13.50 -5.05
N GLN A 166 1.71 14.18 -6.01
CA GLN A 166 2.53 15.03 -6.92
C GLN A 166 2.41 16.50 -6.49
N ALA A 167 1.20 16.99 -6.40
CA ALA A 167 0.98 18.40 -5.98
C ALA A 167 -0.53 18.67 -5.87
N SER A 168 -1.04 18.80 -4.68
CA SER A 168 -2.51 19.04 -4.51
C SER A 168 -3.32 17.89 -5.12
N THR A 169 -2.66 16.82 -5.48
CA THR A 169 -3.38 15.64 -6.07
C THR A 169 -2.77 14.36 -5.51
N VAL A 170 -3.56 13.43 -5.07
CA VAL A 170 -2.99 12.18 -4.51
C VAL A 170 -3.63 10.93 -5.11
N VAL A 171 -2.84 9.95 -5.40
CA VAL A 171 -3.39 8.68 -5.95
C VAL A 171 -3.08 7.57 -4.95
N THR A 172 -4.07 6.83 -4.53
CA THR A 172 -3.80 5.76 -3.53
C THR A 172 -3.92 4.39 -4.17
N TYR A 173 -2.99 3.52 -3.88
CA TYR A 173 -3.04 2.15 -4.44
C TYR A 173 -3.25 1.17 -3.30
N VAL A 174 -4.25 0.35 -3.40
CA VAL A 174 -4.51 -0.64 -2.32
C VAL A 174 -4.23 -2.05 -2.82
N TYR A 175 -3.50 -2.82 -2.05
CA TYR A 175 -3.20 -4.20 -2.48
C TYR A 175 -3.92 -5.20 -1.60
N GLN A 176 -4.85 -5.93 -2.14
CA GLN A 176 -5.57 -6.93 -1.32
C GLN A 176 -5.08 -8.32 -1.69
N LEU A 177 -4.78 -9.14 -0.72
CA LEU A 177 -4.30 -10.51 -1.03
C LEU A 177 -5.50 -11.45 -1.14
N ILE A 178 -6.02 -11.61 -2.33
CA ILE A 178 -7.18 -12.52 -2.51
C ILE A 178 -6.71 -13.78 -3.22
N GLY A 179 -6.96 -14.92 -2.65
CA GLY A 179 -6.49 -16.18 -3.28
C GLY A 179 -4.96 -16.20 -3.25
N ASP A 180 -4.32 -16.49 -4.34
CA ASP A 180 -2.84 -16.50 -4.36
C ASP A 180 -2.29 -15.21 -4.97
N ASP A 181 -2.80 -14.81 -6.10
CA ASP A 181 -2.33 -13.55 -6.75
C ASP A 181 -2.78 -12.33 -5.95
N VAL A 182 -2.11 -11.23 -6.11
CA VAL A 182 -2.52 -9.99 -5.37
C VAL A 182 -3.26 -9.05 -6.31
N LYS A 183 -4.43 -8.60 -5.91
CA LYS A 183 -5.21 -7.67 -6.78
C LYS A 183 -4.95 -6.23 -6.35
N VAL A 184 -4.98 -5.31 -7.27
CA VAL A 184 -4.72 -3.88 -6.90
C VAL A 184 -5.79 -2.95 -7.49
N GLU A 185 -6.20 -1.97 -6.74
CA GLU A 185 -7.23 -1.01 -7.23
C GLU A 185 -6.65 0.41 -7.18
N ARG A 186 -7.08 1.28 -8.07
CA ARG A 186 -6.51 2.66 -8.07
C ARG A 186 -7.58 3.70 -7.75
N ILE A 187 -7.31 4.54 -6.77
CA ILE A 187 -8.29 5.62 -6.40
C ILE A 187 -7.56 6.97 -6.42
N GLU A 188 -8.13 7.96 -7.04
CA GLU A 188 -7.44 9.29 -7.09
C GLU A 188 -8.24 10.37 -6.34
N TYR A 189 -7.55 11.24 -5.64
CA TYR A 189 -8.23 12.33 -4.89
C TYR A 189 -7.44 13.63 -5.04
N LYS A 190 -8.12 14.74 -5.15
CA LYS A 190 -7.40 16.05 -5.28
C LYS A 190 -8.11 17.12 -4.45
N LYS A 191 -7.37 18.05 -3.90
CA LYS A 191 -8.00 19.13 -3.08
C LYS A 191 -9.17 19.77 -3.84
N SER A 192 -10.21 20.15 -3.14
CA SER A 192 -11.38 20.78 -3.81
C SER A 192 -12.06 21.78 -2.88
N GLY B 1 2.19 -20.75 -11.03
CA GLY B 1 1.60 -21.88 -10.23
C GLY B 1 0.27 -22.31 -10.84
N PRO B 2 0.35 -23.22 -11.77
CA PRO B 2 -0.88 -23.73 -12.44
C PRO B 2 -1.74 -24.54 -11.46
N LEU B 3 -3.03 -24.50 -11.61
CA LEU B 3 -3.92 -25.26 -10.68
C LEU B 3 -4.35 -26.57 -11.34
N GLY B 4 -4.19 -27.68 -10.66
CA GLY B 4 -4.60 -28.98 -11.24
C GLY B 4 -4.30 -30.11 -10.26
N SER B 5 -4.66 -31.32 -10.60
CA SER B 5 -4.39 -32.47 -9.70
C SER B 5 -2.89 -32.64 -9.47
N THR B 6 -2.09 -32.27 -10.42
CA THR B 6 -0.61 -32.41 -10.27
C THR B 6 -0.07 -31.40 -9.24
N GLU B 7 1.10 -31.63 -8.73
CA GLU B 7 1.68 -30.69 -7.72
C GLU B 7 2.60 -29.67 -8.40
N GLU B 8 2.75 -28.52 -7.80
CA GLU B 8 3.63 -27.47 -8.41
C GLU B 8 5.06 -28.00 -8.57
N ASP B 9 5.75 -27.57 -9.60
CA ASP B 9 7.15 -28.03 -9.82
C ASP B 9 8.01 -27.72 -8.59
N LEU B 10 9.12 -28.40 -8.45
CA LEU B 10 10.00 -28.16 -7.27
C LEU B 10 10.86 -26.91 -7.49
N GLU B 11 10.86 -26.01 -6.56
CA GLU B 11 11.68 -24.77 -6.71
C GLU B 11 12.74 -24.69 -5.61
N ASP B 12 13.74 -23.88 -5.81
CA ASP B 12 14.82 -23.75 -4.77
C ASP B 12 14.45 -22.68 -3.74
N ALA B 13 13.23 -22.20 -3.77
CA ALA B 13 12.80 -21.15 -2.79
C ALA B 13 13.60 -19.85 -3.00
N GLU B 14 14.30 -19.73 -4.10
CA GLU B 14 15.08 -18.49 -4.35
C GLU B 14 14.70 -17.90 -5.71
N ASP B 15 14.70 -16.59 -5.83
CA ASP B 15 14.35 -15.96 -7.14
C ASP B 15 15.59 -15.34 -7.78
N THR B 16 15.91 -15.74 -8.98
CA THR B 16 17.11 -15.16 -9.67
C THR B 16 16.70 -14.57 -11.02
N VAL B 17 17.19 -13.40 -11.34
CA VAL B 17 16.84 -12.78 -12.65
C VAL B 17 18.09 -12.22 -13.32
N SER B 18 18.23 -12.44 -14.61
CA SER B 18 19.43 -11.91 -15.33
C SER B 18 19.16 -10.52 -15.90
N ALA B 19 18.01 -9.95 -15.64
CA ALA B 19 17.69 -8.60 -16.19
C ALA B 19 17.88 -7.52 -15.11
N ALA B 20 18.45 -6.40 -15.48
CA ALA B 20 18.65 -5.31 -14.49
C ALA B 20 17.59 -4.21 -14.67
N ASP B 21 16.61 -4.45 -15.50
CA ASP B 21 15.55 -3.42 -15.72
C ASP B 21 14.17 -4.03 -15.48
N PRO B 22 13.79 -4.12 -14.23
CA PRO B 22 12.47 -4.69 -13.86
C PRO B 22 11.33 -3.75 -14.30
N GLU B 23 10.20 -4.30 -14.64
CA GLU B 23 9.05 -3.46 -15.07
C GLU B 23 8.23 -3.04 -13.86
N PHE B 24 7.61 -1.88 -13.91
CA PHE B 24 6.80 -1.41 -12.75
C PHE B 24 5.31 -1.34 -13.08
N CYS B 25 4.49 -1.79 -12.17
CA CYS B 25 3.01 -1.72 -12.38
C CYS B 25 2.48 -0.55 -11.56
N HIS B 26 2.77 -0.59 -10.29
CA HIS B 26 2.35 0.50 -9.37
C HIS B 26 3.48 0.66 -8.34
N PRO B 27 3.31 1.53 -7.39
CA PRO B 27 4.39 1.72 -6.37
C PRO B 27 4.68 0.38 -5.67
N LEU B 28 5.95 0.07 -5.51
CA LEU B 28 6.38 -1.21 -4.84
C LEU B 28 6.16 -2.46 -5.70
N CYS B 29 6.39 -2.40 -6.99
CA CYS B 29 6.22 -3.63 -7.81
C CYS B 29 7.43 -3.81 -8.73
N GLN B 30 8.50 -4.29 -8.17
CA GLN B 30 9.74 -4.51 -8.97
C GLN B 30 9.64 -5.86 -9.68
N CYS B 31 8.46 -6.37 -9.78
CA CYS B 31 8.20 -7.68 -10.46
C CYS B 31 8.95 -7.81 -11.79
N PRO B 32 8.87 -8.99 -12.33
CA PRO B 32 9.46 -9.26 -13.66
C PRO B 32 8.58 -8.62 -14.73
N LYS B 33 7.32 -8.96 -14.70
CA LYS B 33 6.35 -8.41 -15.69
C LYS B 33 4.93 -8.59 -15.16
N CYS B 34 4.75 -9.40 -14.15
CA CYS B 34 3.36 -9.68 -13.65
C CYS B 34 2.55 -10.23 -14.83
N ALA B 35 3.24 -10.83 -15.76
CA ALA B 35 2.58 -11.40 -16.97
C ALA B 35 2.04 -12.81 -16.69
N PRO B 36 0.97 -13.15 -17.34
CA PRO B 36 0.35 -14.49 -17.16
C PRO B 36 1.23 -15.57 -17.81
N ALA B 37 1.02 -16.82 -17.46
CA ALA B 37 1.84 -17.91 -18.06
C ALA B 37 1.50 -18.07 -19.54
N GLN B 38 2.44 -17.79 -20.41
CA GLN B 38 2.18 -17.92 -21.88
C GLN B 38 1.93 -19.38 -22.27
N LYS B 39 2.58 -20.31 -21.60
CA LYS B 39 2.38 -21.75 -21.95
C LYS B 39 1.26 -22.37 -21.13
N ARG B 40 0.60 -23.36 -21.68
CA ARG B 40 -0.51 -24.04 -20.95
C ARG B 40 -0.17 -25.52 -20.77
N LEU B 41 -0.91 -26.23 -19.97
CA LEU B 41 -0.62 -27.69 -19.77
C LEU B 41 -1.22 -28.49 -20.92
N ALA B 42 -0.39 -29.20 -21.65
CA ALA B 42 -0.90 -30.01 -22.80
C ALA B 42 -1.56 -31.31 -22.31
N LYS B 43 -1.33 -31.69 -21.08
CA LYS B 43 -1.95 -32.96 -20.57
C LYS B 43 -3.45 -32.76 -20.33
N VAL B 44 -4.23 -33.76 -20.65
CA VAL B 44 -5.71 -33.65 -20.44
C VAL B 44 -6.19 -34.78 -19.53
N PRO B 45 -7.37 -34.61 -18.99
CA PRO B 45 -7.95 -35.64 -18.08
C PRO B 45 -8.30 -36.91 -18.86
N ALA B 46 -8.10 -38.06 -18.25
CA ALA B 46 -8.41 -39.34 -18.95
C ALA B 46 -9.62 -40.01 -18.28
N SER B 47 -10.28 -40.91 -18.97
CA SER B 47 -11.46 -41.59 -18.38
C SER B 47 -11.07 -42.98 -17.87
N GLY B 48 -11.62 -43.38 -16.76
CA GLY B 48 -11.28 -44.72 -16.20
C GLY B 48 -11.91 -44.86 -14.80
N LEU B 49 -12.65 -45.92 -14.58
CA LEU B 49 -13.30 -46.11 -13.25
C LEU B 49 -12.45 -47.07 -12.40
N GLY B 50 -12.40 -46.83 -11.11
CA GLY B 50 -11.60 -47.72 -10.23
C GLY B 50 -12.17 -47.69 -8.81
N VAL B 51 -11.47 -48.26 -7.87
CA VAL B 51 -11.96 -48.28 -6.45
C VAL B 51 -10.89 -47.71 -5.52
N ASN B 52 -11.27 -47.38 -4.31
CA ASN B 52 -10.27 -46.82 -3.35
C ASN B 52 -9.09 -47.78 -3.18
N VAL B 53 -7.90 -47.33 -3.48
CA VAL B 53 -6.71 -48.22 -3.34
C VAL B 53 -6.44 -48.53 -1.87
N THR B 54 -6.50 -47.55 -1.01
CA THR B 54 -6.24 -47.80 0.43
C THR B 54 -7.20 -46.96 1.30
N SER B 55 -7.50 -47.43 2.48
CA SER B 55 -8.40 -46.67 3.38
C SER B 55 -8.37 -47.27 4.79
N GLN B 56 -9.08 -46.69 5.72
CA GLN B 56 -9.09 -47.24 7.10
C GLN B 56 -9.69 -48.65 7.09
N ASP B 57 -9.33 -49.47 8.04
CA ASP B 57 -9.87 -50.86 8.07
C ASP B 57 -11.41 -50.83 8.01
N GLY B 58 -12.02 -49.91 8.72
CA GLY B 58 -13.51 -49.82 8.69
C GLY B 58 -14.14 -51.18 8.96
N SER B 59 -15.14 -51.54 8.22
CA SER B 59 -15.81 -52.85 8.42
C SER B 59 -16.41 -53.35 7.10
N SER B 60 -16.80 -54.60 7.04
CA SER B 60 -17.39 -55.13 5.77
C SER B 60 -18.85 -54.68 5.64
N TRP B 61 -19.29 -54.42 4.45
CA TRP B 61 -20.70 -53.96 4.26
C TRP B 61 -21.31 -54.62 3.00
N GLY A 1 6.30 20.61 -2.64
CA GLY A 1 5.62 20.16 -3.88
C GLY A 1 5.56 21.31 -4.89
N SER A 2 6.33 21.24 -5.94
CA SER A 2 6.32 22.34 -6.96
C SER A 2 6.01 21.77 -8.34
N PRO A 3 5.54 22.63 -9.22
CA PRO A 3 5.21 22.20 -10.60
C PRO A 3 6.49 21.89 -11.40
N GLU A 4 7.63 22.27 -10.90
CA GLU A 4 8.90 21.99 -11.63
C GLU A 4 9.45 20.63 -11.24
N PHE A 5 10.00 19.90 -12.18
CA PHE A 5 10.56 18.56 -11.86
C PHE A 5 12.08 18.65 -11.70
N GLY A 6 12.61 18.12 -10.62
CA GLY A 6 14.08 18.19 -10.40
C GLY A 6 14.38 17.97 -8.92
N THR A 7 14.89 18.99 -8.26
CA THR A 7 15.19 18.86 -6.80
C THR A 7 13.93 18.46 -6.04
N ARG A 8 12.80 18.96 -6.45
CA ARG A 8 11.53 18.61 -5.76
C ARG A 8 10.62 17.81 -6.70
N ASP A 9 9.96 16.81 -6.20
CA ASP A 9 9.07 15.99 -7.07
C ASP A 9 8.01 15.25 -6.23
N ARG A 10 7.15 14.52 -6.88
CA ARG A 10 6.09 13.77 -6.13
C ARG A 10 6.73 12.81 -5.13
N MET A 11 6.11 12.60 -3.99
CA MET A 11 6.70 11.67 -3.00
C MET A 11 5.72 10.52 -2.69
N LEU A 12 6.22 9.32 -2.59
CA LEU A 12 5.33 8.15 -2.30
C LEU A 12 5.30 7.85 -0.79
N VAL A 13 4.14 7.66 -0.25
CA VAL A 13 4.04 7.35 1.22
C VAL A 13 3.39 5.98 1.43
N LEU A 14 3.90 5.20 2.34
CA LEU A 14 3.30 3.86 2.61
C LEU A 14 2.39 3.90 3.84
N VAL A 15 1.20 3.37 3.72
CA VAL A 15 0.26 3.37 4.87
C VAL A 15 -0.17 1.94 5.21
N LEU A 16 -0.05 1.56 6.45
CA LEU A 16 -0.47 0.18 6.85
C LEU A 16 -0.59 0.11 8.38
N GLY A 17 -0.89 -1.04 8.92
CA GLY A 17 -1.03 -1.15 10.40
C GLY A 17 -1.88 -2.36 10.77
N ASP A 18 -2.17 -2.52 12.03
CA ASP A 18 -2.98 -3.68 12.51
C ASP A 18 -2.27 -4.98 12.17
N LEU A 19 -0.99 -5.00 12.33
CA LEU A 19 -0.21 -6.25 12.07
C LEU A 19 -0.51 -7.22 13.21
N HIS A 20 -0.65 -6.68 14.40
CA HIS A 20 -0.95 -7.52 15.59
C HIS A 20 0.08 -8.62 15.79
N ILE A 21 1.33 -8.32 15.60
CA ILE A 21 2.40 -9.34 15.82
C ILE A 21 3.03 -9.12 17.20
N PRO A 22 3.27 -10.18 17.94
CA PRO A 22 2.93 -11.56 17.54
C PRO A 22 1.60 -12.00 18.17
N HIS A 23 0.75 -11.05 18.50
CA HIS A 23 -0.54 -11.41 19.15
C HIS A 23 -1.41 -12.31 18.26
N ARG A 24 -1.57 -11.97 17.01
CA ARG A 24 -2.45 -12.80 16.13
C ARG A 24 -1.68 -13.26 14.88
N CYS A 25 -0.63 -12.57 14.51
CA CYS A 25 0.14 -12.97 13.30
C CYS A 25 1.64 -12.96 13.60
N ASN A 26 2.43 -13.68 12.84
CA ASN A 26 3.90 -13.70 13.10
C ASN A 26 4.64 -12.80 12.11
N SER A 27 4.03 -12.45 11.01
CA SER A 27 4.73 -11.58 10.01
C SER A 27 3.77 -11.19 8.89
N LEU A 28 4.24 -10.40 7.95
CA LEU A 28 3.38 -10.00 6.81
C LEU A 28 3.30 -11.17 5.82
N PRO A 29 2.33 -11.13 4.94
CA PRO A 29 2.18 -12.23 3.96
C PRO A 29 3.40 -12.29 3.03
N ALA A 30 3.80 -13.48 2.65
CA ALA A 30 5.01 -13.66 1.78
C ALA A 30 5.04 -12.73 0.56
N LYS A 31 4.03 -12.75 -0.27
CA LYS A 31 4.06 -11.88 -1.48
C LYS A 31 4.21 -10.40 -1.12
N PHE A 32 3.60 -9.95 -0.05
CA PHE A 32 3.73 -8.51 0.33
C PHE A 32 5.17 -8.16 0.66
N LYS A 33 5.88 -9.02 1.34
CA LYS A 33 7.30 -8.70 1.66
C LYS A 33 8.05 -8.41 0.36
N LYS A 34 7.72 -9.13 -0.68
CA LYS A 34 8.38 -8.89 -2.00
C LYS A 34 7.92 -7.55 -2.57
N LEU A 35 6.68 -7.18 -2.37
CA LEU A 35 6.18 -5.87 -2.91
C LEU A 35 6.89 -4.70 -2.22
N LEU A 36 7.16 -4.81 -0.94
CA LEU A 36 7.84 -3.69 -0.22
C LEU A 36 9.36 -3.78 -0.32
N VAL A 37 10.00 -2.68 -0.63
CA VAL A 37 11.49 -2.67 -0.75
C VAL A 37 12.04 -1.29 -0.36
N PRO A 38 13.22 -1.28 0.23
CA PRO A 38 13.84 -0.01 0.66
C PRO A 38 14.32 0.80 -0.55
N GLY A 39 14.33 2.10 -0.44
CA GLY A 39 14.79 2.96 -1.57
C GLY A 39 13.61 3.33 -2.46
N LYS A 40 12.46 2.77 -2.21
CA LYS A 40 11.27 3.09 -3.05
C LYS A 40 10.28 3.96 -2.29
N ILE A 41 10.27 3.88 -0.99
CA ILE A 41 9.31 4.69 -0.20
C ILE A 41 10.05 5.76 0.61
N GLN A 42 9.57 6.98 0.56
CA GLN A 42 10.23 8.07 1.33
C GLN A 42 9.47 8.36 2.63
N HIS A 43 8.21 8.02 2.69
CA HIS A 43 7.42 8.29 3.94
C HIS A 43 6.56 7.08 4.32
N ILE A 44 6.49 6.77 5.59
CA ILE A 44 5.65 5.63 6.04
C ILE A 44 4.73 6.03 7.18
N LEU A 45 3.45 5.87 7.02
CA LEU A 45 2.49 6.21 8.12
C LEU A 45 1.90 4.92 8.69
N CYS A 46 1.93 4.75 9.99
CA CYS A 46 1.37 3.51 10.59
C CYS A 46 0.22 3.85 11.54
N THR A 47 -0.89 3.18 11.38
CA THR A 47 -2.07 3.45 12.26
C THR A 47 -2.21 2.37 13.33
N GLY A 48 -2.36 1.14 12.91
CA GLY A 48 -2.55 0.03 13.88
C GLY A 48 -1.31 -0.15 14.76
N ASN A 49 -1.46 -0.86 15.85
CA ASN A 49 -0.32 -1.10 16.78
C ASN A 49 0.67 -2.09 16.15
N LEU A 50 1.94 -1.94 16.44
CA LEU A 50 2.95 -2.86 15.85
C LEU A 50 2.62 -4.34 16.15
N CYS A 51 2.56 -4.78 17.40
CA CYS A 51 2.85 -3.89 18.57
C CYS A 51 4.30 -4.10 19.05
N THR A 52 4.89 -5.22 18.71
CA THR A 52 6.28 -5.50 19.14
C THR A 52 7.27 -4.56 18.45
N LYS A 53 8.29 -4.12 19.15
CA LYS A 53 9.30 -3.21 18.53
C LYS A 53 9.95 -3.88 17.32
N GLU A 54 10.02 -5.19 17.31
CA GLU A 54 10.66 -5.91 16.15
C GLU A 54 10.03 -5.43 14.84
N SER A 55 8.74 -5.24 14.81
CA SER A 55 8.08 -4.76 13.57
C SER A 55 8.53 -3.33 13.26
N TYR A 56 8.77 -2.54 14.27
CA TYR A 56 9.21 -1.13 14.03
C TYR A 56 10.52 -1.12 13.26
N ASP A 57 11.45 -1.98 13.62
CA ASP A 57 12.74 -2.02 12.89
C ASP A 57 12.50 -2.35 11.42
N TYR A 58 11.59 -3.24 11.15
CA TYR A 58 11.29 -3.60 9.72
C TYR A 58 10.75 -2.38 8.98
N LEU A 59 9.85 -1.64 9.59
CA LEU A 59 9.30 -0.44 8.93
C LEU A 59 10.40 0.59 8.68
N LYS A 60 11.31 0.72 9.62
CA LYS A 60 12.41 1.70 9.45
C LYS A 60 13.26 1.32 8.24
N THR A 61 13.39 0.04 7.97
CA THR A 61 14.19 -0.41 6.80
C THR A 61 13.59 0.10 5.48
N LEU A 62 12.30 0.02 5.33
CA LEU A 62 11.66 0.49 4.07
C LEU A 62 11.89 1.99 3.87
N ALA A 63 11.86 2.74 4.94
CA ALA A 63 12.08 4.21 4.81
C ALA A 63 12.69 4.78 6.10
N GLY A 64 13.39 5.87 6.00
CA GLY A 64 14.01 6.48 7.21
C GLY A 64 12.95 7.25 8.01
N ASP A 65 12.13 8.01 7.34
CA ASP A 65 11.08 8.79 8.06
C ASP A 65 9.83 7.93 8.28
N VAL A 66 9.56 7.55 9.50
CA VAL A 66 8.35 6.72 9.78
C VAL A 66 7.49 7.38 10.85
N HIS A 67 6.19 7.43 10.64
CA HIS A 67 5.30 8.04 11.67
C HIS A 67 4.33 6.98 12.20
N ILE A 68 4.26 6.82 13.49
CA ILE A 68 3.34 5.79 14.07
C ILE A 68 2.49 6.37 15.20
N VAL A 69 1.30 5.83 15.37
CA VAL A 69 0.40 6.30 16.46
C VAL A 69 0.10 5.13 17.40
N ARG A 70 -0.28 5.38 18.63
CA ARG A 70 -0.54 4.25 19.56
C ARG A 70 -1.88 3.56 19.27
N GLY A 71 -1.86 2.26 19.16
CA GLY A 71 -3.13 1.51 18.91
C GLY A 71 -3.68 1.04 20.25
N ASP A 72 -4.73 0.28 20.25
CA ASP A 72 -5.31 -0.19 21.55
C ASP A 72 -4.53 -1.41 22.07
N PHE A 73 -3.52 -1.85 21.36
CA PHE A 73 -2.74 -3.04 21.84
C PHE A 73 -1.23 -2.81 21.66
N ASP A 74 -0.80 -1.58 21.66
CA ASP A 74 0.66 -1.31 21.50
C ASP A 74 1.38 -1.45 22.85
N GLU A 75 2.48 -2.15 22.88
CA GLU A 75 3.23 -2.31 24.16
C GLU A 75 3.83 -0.97 24.59
N ASN A 76 4.45 -0.28 23.67
CA ASN A 76 5.07 1.03 23.99
C ASN A 76 3.99 2.10 24.13
N LEU A 77 3.90 2.71 25.28
CA LEU A 77 2.88 3.76 25.51
C LEU A 77 3.41 5.13 25.07
N ASN A 78 4.62 5.19 24.60
CA ASN A 78 5.21 6.50 24.17
C ASN A 78 4.63 6.95 22.81
N TYR A 79 3.82 6.14 22.19
CA TYR A 79 3.23 6.56 20.89
C TYR A 79 2.12 7.58 21.13
N PRO A 80 1.96 8.48 20.20
CA PRO A 80 0.93 9.55 20.33
C PRO A 80 -0.46 9.00 20.03
N GLU A 81 -1.46 9.42 20.77
CA GLU A 81 -2.84 8.93 20.49
C GLU A 81 -3.23 9.29 19.06
N GLN A 82 -2.85 10.46 18.63
CA GLN A 82 -3.16 10.90 17.23
C GLN A 82 -2.09 11.91 16.78
N LYS A 83 -1.79 11.96 15.51
CA LYS A 83 -0.75 12.92 15.05
C LYS A 83 -1.10 13.53 13.69
N VAL A 84 -0.70 14.75 13.47
CA VAL A 84 -0.98 15.42 12.16
C VAL A 84 0.34 15.67 11.43
N VAL A 85 0.55 15.00 10.32
CA VAL A 85 1.82 15.19 9.57
C VAL A 85 1.54 15.80 8.20
N THR A 86 2.26 16.83 7.84
CA THR A 86 2.03 17.47 6.52
C THR A 86 2.94 16.83 5.47
N VAL A 87 2.38 16.44 4.35
CA VAL A 87 3.21 15.82 3.27
C VAL A 87 3.08 16.65 1.99
N GLY A 88 3.88 17.67 1.84
CA GLY A 88 3.79 18.52 0.63
C GLY A 88 2.62 19.49 0.78
N GLN A 89 1.65 19.42 -0.09
CA GLN A 89 0.48 20.34 0.03
C GLN A 89 -0.65 19.69 0.84
N PHE A 90 -0.50 18.44 1.21
CA PHE A 90 -1.60 17.76 1.96
C PHE A 90 -1.37 17.75 3.48
N LYS A 91 -2.41 18.01 4.22
CA LYS A 91 -2.32 17.95 5.71
C LYS A 91 -3.03 16.68 6.15
N ILE A 92 -2.29 15.70 6.58
CA ILE A 92 -2.93 14.39 6.94
C ILE A 92 -2.94 14.16 8.45
N GLY A 93 -4.03 13.62 8.95
CA GLY A 93 -4.13 13.33 10.41
C GLY A 93 -3.96 11.82 10.61
N LEU A 94 -3.61 11.39 11.79
CA LEU A 94 -3.41 9.92 12.00
C LEU A 94 -3.96 9.46 13.35
N ILE A 95 -4.72 8.39 13.35
CA ILE A 95 -5.28 7.86 14.63
C ILE A 95 -5.61 6.36 14.46
N HIS A 96 -5.51 5.58 15.49
CA HIS A 96 -5.84 4.13 15.34
C HIS A 96 -7.28 3.94 14.91
N GLY A 97 -8.21 4.40 15.71
CA GLY A 97 -9.65 4.27 15.35
C GLY A 97 -10.46 3.76 16.54
N HIS A 98 -9.84 3.05 17.45
CA HIS A 98 -10.61 2.54 18.63
C HIS A 98 -11.16 3.72 19.45
N GLN A 99 -10.64 4.90 19.24
CA GLN A 99 -11.14 6.09 19.98
C GLN A 99 -12.35 6.68 19.24
N VAL A 100 -12.66 6.19 18.07
CA VAL A 100 -13.82 6.73 17.31
C VAL A 100 -15.05 5.86 17.52
N ILE A 101 -16.06 6.37 18.18
CA ILE A 101 -17.29 5.55 18.42
C ILE A 101 -18.48 6.14 17.64
N PRO A 102 -19.17 5.29 16.90
CA PRO A 102 -18.82 3.86 16.83
C PRO A 102 -17.52 3.64 16.03
N TRP A 103 -16.86 2.54 16.32
CA TRP A 103 -15.54 2.21 15.69
C TRP A 103 -15.44 2.56 14.20
N GLY A 104 -16.30 2.05 13.35
CA GLY A 104 -16.15 2.36 11.89
C GLY A 104 -17.25 3.29 11.38
N ASP A 105 -17.72 4.21 12.17
CA ASP A 105 -18.78 5.14 11.68
C ASP A 105 -18.16 6.25 10.81
N MET A 106 -18.75 6.54 9.69
CA MET A 106 -18.19 7.63 8.84
C MET A 106 -18.51 8.99 9.47
N ALA A 107 -19.69 9.14 10.00
CA ALA A 107 -20.06 10.44 10.64
C ALA A 107 -19.11 10.72 11.81
N SER A 108 -18.74 9.70 12.55
CA SER A 108 -17.80 9.92 13.69
C SER A 108 -16.43 10.31 13.13
N LEU A 109 -16.00 9.65 12.07
CA LEU A 109 -14.69 9.99 11.46
C LEU A 109 -14.73 11.42 10.93
N ALA A 110 -15.82 11.78 10.29
CA ALA A 110 -15.93 13.17 9.75
C ALA A 110 -15.88 14.17 10.90
N LEU A 111 -16.59 13.90 11.95
CA LEU A 111 -16.57 14.83 13.13
C LEU A 111 -15.12 14.98 13.60
N LEU A 112 -14.34 13.94 13.52
CA LEU A 112 -12.92 14.02 13.94
C LEU A 112 -12.12 14.85 12.92
N GLN A 113 -12.47 14.74 11.66
CA GLN A 113 -11.75 15.52 10.62
C GLN A 113 -11.84 17.01 10.93
N ARG A 114 -13.01 17.48 11.27
CA ARG A 114 -13.17 18.94 11.59
C ARG A 114 -12.16 19.34 12.68
N GLN A 115 -12.21 18.68 13.80
CA GLN A 115 -11.27 19.02 14.92
C GLN A 115 -9.81 18.98 14.42
N PHE A 116 -9.45 17.97 13.68
CA PHE A 116 -8.05 17.87 13.17
C PHE A 116 -7.78 18.90 12.07
N ASP A 117 -8.79 19.27 11.32
CA ASP A 117 -8.58 20.26 10.20
C ASP A 117 -7.56 19.69 9.20
N VAL A 118 -7.75 18.46 8.80
CA VAL A 118 -6.80 17.84 7.82
C VAL A 118 -7.52 17.56 6.49
N ASP A 119 -6.78 17.48 5.41
CA ASP A 119 -7.42 17.20 4.09
C ASP A 119 -7.66 15.69 3.97
N ILE A 120 -6.79 14.90 4.57
CA ILE A 120 -6.94 13.42 4.51
C ILE A 120 -6.86 12.83 5.92
N LEU A 121 -7.66 11.85 6.22
CA LEU A 121 -7.61 11.23 7.58
C LEU A 121 -7.29 9.74 7.47
N ILE A 122 -6.25 9.29 8.11
CA ILE A 122 -5.89 7.84 8.03
C ILE A 122 -6.24 7.14 9.35
N SER A 123 -6.90 6.02 9.27
CA SER A 123 -7.28 5.28 10.51
C SER A 123 -7.53 3.81 10.20
N GLY A 124 -7.49 2.95 11.19
CA GLY A 124 -7.72 1.50 10.95
C GLY A 124 -8.63 0.93 12.04
N HIS A 125 -8.15 -0.06 12.76
CA HIS A 125 -8.95 -0.71 13.86
C HIS A 125 -10.03 -1.65 13.30
N THR A 126 -10.61 -1.33 12.17
CA THR A 126 -11.67 -2.21 11.59
C THR A 126 -11.07 -3.31 10.70
N HIS A 127 -9.79 -3.23 10.40
CA HIS A 127 -9.15 -4.26 9.52
C HIS A 127 -9.90 -4.38 8.19
N LYS A 128 -10.57 -3.34 7.78
CA LYS A 128 -11.30 -3.37 6.48
C LYS A 128 -10.83 -2.22 5.60
N PHE A 129 -10.18 -2.50 4.50
CA PHE A 129 -9.69 -1.39 3.62
C PHE A 129 -10.85 -0.46 3.26
N GLU A 130 -10.61 0.82 3.28
CA GLU A 130 -11.69 1.79 2.92
C GLU A 130 -11.08 3.07 2.35
N ALA A 131 -11.47 3.43 1.15
CA ALA A 131 -10.92 4.67 0.52
C ALA A 131 -12.05 5.43 -0.17
N PHE A 132 -12.61 6.43 0.48
CA PHE A 132 -13.72 7.20 -0.16
C PHE A 132 -13.60 8.70 0.15
N GLU A 133 -14.35 9.52 -0.54
CA GLU A 133 -14.30 11.00 -0.28
C GLU A 133 -15.60 11.47 0.38
N HIS A 134 -15.52 12.45 1.25
CA HIS A 134 -16.76 12.95 1.91
C HIS A 134 -16.67 14.45 2.19
N GLU A 135 -17.54 15.22 1.60
CA GLU A 135 -17.54 16.71 1.82
C GLU A 135 -16.15 17.30 1.55
N ASN A 136 -15.65 17.11 0.35
CA ASN A 136 -14.32 17.68 -0.05
C ASN A 136 -13.17 17.13 0.82
N LYS A 137 -13.38 16.07 1.56
CA LYS A 137 -12.28 15.50 2.39
C LYS A 137 -12.06 14.04 2.02
N PHE A 138 -10.87 13.53 2.26
CA PHE A 138 -10.59 12.12 1.90
C PHE A 138 -10.35 11.27 3.15
N TYR A 139 -10.84 10.06 3.15
CA TYR A 139 -10.63 9.16 4.31
C TYR A 139 -9.98 7.87 3.81
N ILE A 140 -8.98 7.39 4.49
CA ILE A 140 -8.30 6.13 4.02
C ILE A 140 -8.06 5.15 5.16
N ASN A 141 -8.34 3.90 4.92
CA ASN A 141 -8.09 2.85 5.95
C ASN A 141 -7.34 1.70 5.27
N PRO A 142 -6.08 1.55 5.61
CA PRO A 142 -5.24 0.49 5.00
C PRO A 142 -5.73 -0.91 5.39
N GLY A 143 -6.30 -1.04 6.55
CA GLY A 143 -6.79 -2.38 6.99
C GLY A 143 -5.69 -3.11 7.76
N SER A 144 -5.55 -4.39 7.54
CA SER A 144 -4.49 -5.17 8.26
C SER A 144 -3.47 -5.74 7.27
N ALA A 145 -2.26 -5.25 7.30
CA ALA A 145 -1.22 -5.76 6.36
C ALA A 145 -1.01 -7.28 6.56
N THR A 146 -1.41 -7.79 7.70
CA THR A 146 -1.23 -9.25 7.95
C THR A 146 -2.60 -9.94 8.05
N GLY A 147 -3.66 -9.29 7.66
CA GLY A 147 -5.00 -9.92 7.74
C GLY A 147 -5.24 -10.36 9.19
N ALA A 148 -4.77 -9.59 10.14
CA ALA A 148 -4.95 -9.96 11.57
C ALA A 148 -6.41 -10.31 11.87
N TYR A 149 -6.62 -11.22 12.77
CA TYR A 149 -8.01 -11.65 13.11
C TYR A 149 -8.81 -10.50 13.76
N ASN A 150 -10.10 -10.52 13.57
CA ASN A 150 -10.98 -9.47 14.17
C ASN A 150 -12.36 -10.08 14.46
N ALA A 151 -12.73 -10.13 15.71
CA ALA A 151 -14.04 -10.76 16.10
C ALA A 151 -15.23 -10.20 15.30
N LEU A 152 -15.18 -8.98 14.86
CA LEU A 152 -16.35 -8.42 14.11
C LEU A 152 -16.41 -8.91 12.65
N GLU A 153 -15.29 -9.22 12.06
CA GLU A 153 -15.31 -9.71 10.65
C GLU A 153 -14.61 -11.08 10.56
N THR A 154 -15.34 -12.10 10.20
CA THR A 154 -14.74 -13.46 10.10
C THR A 154 -13.89 -13.61 8.84
N ASN A 155 -14.05 -12.72 7.88
CA ASN A 155 -13.24 -12.83 6.64
C ASN A 155 -12.38 -11.58 6.47
N ILE A 156 -11.15 -11.62 6.92
CA ILE A 156 -10.27 -10.42 6.78
C ILE A 156 -9.29 -10.62 5.62
N ILE A 157 -9.07 -9.58 4.86
CA ILE A 157 -8.11 -9.67 3.73
C ILE A 157 -6.89 -8.80 4.03
N PRO A 158 -5.73 -9.40 4.07
CA PRO A 158 -4.50 -8.64 4.39
C PRO A 158 -4.22 -7.63 3.28
N SER A 159 -3.90 -6.40 3.62
CA SER A 159 -3.64 -5.40 2.55
C SER A 159 -2.98 -4.12 3.10
N PHE A 160 -2.25 -3.43 2.27
CA PHE A 160 -1.61 -2.16 2.69
C PHE A 160 -1.80 -1.14 1.57
N VAL A 161 -1.67 0.13 1.85
CA VAL A 161 -1.92 1.15 0.79
C VAL A 161 -0.75 2.13 0.60
N LEU A 162 -0.42 2.38 -0.64
CA LEU A 162 0.67 3.36 -0.96
C LEU A 162 0.02 4.62 -1.54
N MET A 163 0.44 5.78 -1.12
CA MET A 163 -0.18 7.02 -1.67
C MET A 163 0.84 7.81 -2.48
N ASP A 164 0.54 8.07 -3.73
CA ASP A 164 1.48 8.86 -4.57
C ASP A 164 1.02 10.32 -4.63
N ILE A 165 1.82 11.24 -4.16
CA ILE A 165 1.42 12.67 -4.20
C ILE A 165 2.34 13.49 -5.10
N GLN A 166 1.78 14.16 -6.06
CA GLN A 166 2.60 15.01 -6.98
C GLN A 166 2.49 16.48 -6.54
N ALA A 167 1.28 16.97 -6.47
CA ALA A 167 1.06 18.40 -6.06
C ALA A 167 -0.44 18.66 -5.96
N SER A 168 -0.96 18.78 -4.76
CA SER A 168 -2.43 19.03 -4.60
C SER A 168 -3.24 17.87 -5.20
N THR A 169 -2.59 16.81 -5.58
CA THR A 169 -3.31 15.64 -6.16
C THR A 169 -2.70 14.36 -5.60
N VAL A 170 -3.51 13.43 -5.16
CA VAL A 170 -2.92 12.17 -4.60
C VAL A 170 -3.59 10.93 -5.18
N VAL A 171 -2.82 9.93 -5.47
CA VAL A 171 -3.38 8.66 -5.99
C VAL A 171 -3.11 7.57 -4.97
N THR A 172 -4.11 6.89 -4.51
CA THR A 172 -3.86 5.84 -3.48
C THR A 172 -3.99 4.46 -4.10
N TYR A 173 -3.06 3.60 -3.80
CA TYR A 173 -3.12 2.22 -4.34
C TYR A 173 -3.35 1.25 -3.19
N VAL A 174 -4.30 0.40 -3.33
CA VAL A 174 -4.58 -0.59 -2.26
C VAL A 174 -4.22 -1.98 -2.74
N TYR A 175 -3.50 -2.73 -1.93
CA TYR A 175 -3.11 -4.09 -2.35
C TYR A 175 -3.83 -5.12 -1.50
N GLN A 176 -4.72 -5.86 -2.09
CA GLN A 176 -5.45 -6.90 -1.30
C GLN A 176 -4.94 -8.28 -1.70
N LEU A 177 -4.78 -9.14 -0.74
CA LEU A 177 -4.28 -10.51 -1.06
C LEU A 177 -5.47 -11.45 -1.20
N ILE A 178 -6.10 -11.45 -2.34
CA ILE A 178 -7.26 -12.37 -2.55
C ILE A 178 -6.78 -13.59 -3.31
N GLY A 179 -6.87 -14.75 -2.72
CA GLY A 179 -6.38 -15.97 -3.41
C GLY A 179 -4.86 -15.92 -3.42
N ASP A 180 -4.23 -16.68 -4.28
CA ASP A 180 -2.74 -16.66 -4.32
C ASP A 180 -2.23 -15.34 -4.92
N ASP A 181 -2.83 -14.89 -5.99
CA ASP A 181 -2.38 -13.62 -6.64
C ASP A 181 -2.87 -12.41 -5.84
N VAL A 182 -2.19 -11.29 -5.95
CA VAL A 182 -2.62 -10.08 -5.22
C VAL A 182 -3.33 -9.12 -6.18
N LYS A 183 -4.50 -8.68 -5.82
CA LYS A 183 -5.24 -7.73 -6.71
C LYS A 183 -4.99 -6.29 -6.26
N VAL A 184 -5.00 -5.36 -7.18
CA VAL A 184 -4.74 -3.95 -6.80
C VAL A 184 -5.78 -3.00 -7.43
N GLU A 185 -6.20 -2.01 -6.70
CA GLU A 185 -7.20 -1.03 -7.24
C GLU A 185 -6.61 0.39 -7.20
N ARG A 186 -7.04 1.24 -8.08
CA ARG A 186 -6.47 2.63 -8.10
C ARG A 186 -7.54 3.69 -7.78
N ILE A 187 -7.27 4.53 -6.82
CA ILE A 187 -8.24 5.61 -6.46
C ILE A 187 -7.51 6.96 -6.49
N GLU A 188 -8.08 7.95 -7.11
CA GLU A 188 -7.39 9.28 -7.16
C GLU A 188 -8.18 10.36 -6.41
N TYR A 189 -7.49 11.22 -5.72
CA TYR A 189 -8.18 12.33 -4.97
C TYR A 189 -7.37 13.62 -5.12
N LYS A 190 -8.05 14.73 -5.24
CA LYS A 190 -7.33 16.04 -5.36
C LYS A 190 -8.04 17.11 -4.54
N LYS A 191 -7.30 18.04 -4.00
CA LYS A 191 -7.93 19.13 -3.18
C LYS A 191 -9.10 19.77 -3.93
N SER A 192 -9.00 19.86 -5.24
CA SER A 192 -10.10 20.47 -6.04
C SER A 192 -11.38 19.63 -5.89
N GLY B 1 -7.32 29.53 -25.25
CA GLY B 1 -7.95 30.83 -24.86
C GLY B 1 -7.03 31.59 -23.89
N PRO B 2 -7.15 31.26 -22.63
CA PRO B 2 -6.32 31.92 -21.60
C PRO B 2 -4.85 31.51 -21.74
N LEU B 3 -4.60 30.36 -22.31
CA LEU B 3 -3.19 29.90 -22.49
C LEU B 3 -2.76 30.07 -23.94
N GLY B 4 -1.63 30.70 -24.17
CA GLY B 4 -1.15 30.89 -25.57
C GLY B 4 0.38 30.89 -25.60
N SER B 5 1.00 30.26 -24.64
CA SER B 5 2.49 30.23 -24.61
C SER B 5 2.99 28.78 -24.54
N THR B 6 4.10 28.49 -25.17
CA THR B 6 4.63 27.10 -25.15
C THR B 6 5.34 26.84 -23.81
N GLU B 7 5.10 25.70 -23.23
CA GLU B 7 5.76 25.39 -21.92
C GLU B 7 6.76 24.24 -22.08
N GLU B 8 7.78 24.22 -21.25
CA GLU B 8 8.80 23.13 -21.35
C GLU B 8 8.14 21.78 -21.05
N ASP B 9 7.06 21.77 -20.31
CA ASP B 9 6.37 20.49 -19.97
C ASP B 9 6.12 19.66 -21.23
N LEU B 10 5.87 20.31 -22.34
CA LEU B 10 5.61 19.54 -23.60
C LEU B 10 6.93 18.98 -24.16
N GLU B 11 6.93 17.73 -24.55
CA GLU B 11 8.18 17.12 -25.09
C GLU B 11 7.84 16.15 -26.23
N ASP B 12 6.78 15.39 -26.08
CA ASP B 12 6.38 14.43 -27.16
C ASP B 12 5.94 15.17 -28.42
N ALA B 13 6.23 14.62 -29.57
CA ALA B 13 5.83 15.29 -30.85
C ALA B 13 4.55 14.65 -31.38
N GLU B 14 3.87 15.33 -32.27
CA GLU B 14 2.61 14.76 -32.85
C GLU B 14 2.88 13.41 -33.51
N ASP B 15 4.07 13.24 -34.04
CA ASP B 15 4.40 11.93 -34.70
C ASP B 15 4.54 10.83 -33.66
N THR B 16 4.64 9.60 -34.10
CA THR B 16 4.77 8.47 -33.14
C THR B 16 5.98 7.59 -33.51
N VAL B 17 7.12 8.20 -33.73
CA VAL B 17 8.32 7.40 -34.10
C VAL B 17 8.67 6.39 -33.00
N SER B 18 8.54 6.79 -31.76
CA SER B 18 8.87 5.85 -30.64
C SER B 18 7.63 5.59 -29.79
N ALA B 19 7.46 4.37 -29.32
CA ALA B 19 6.28 4.04 -28.47
C ALA B 19 6.43 4.67 -27.08
N ALA B 20 5.35 4.94 -26.42
CA ALA B 20 5.43 5.56 -25.06
C ALA B 20 6.24 4.65 -24.12
N ASP B 21 6.97 5.23 -23.20
CA ASP B 21 7.77 4.42 -22.25
C ASP B 21 6.86 3.61 -21.32
N PRO B 22 7.32 2.45 -20.92
CA PRO B 22 6.52 1.60 -20.01
C PRO B 22 6.44 2.22 -18.62
N GLU B 23 5.31 2.08 -17.95
CA GLU B 23 5.17 2.67 -16.59
C GLU B 23 4.89 1.57 -15.55
N PHE B 24 5.20 1.84 -14.32
CA PHE B 24 4.95 0.83 -13.24
C PHE B 24 3.45 0.65 -12.98
N CYS B 25 3.07 -0.52 -12.55
CA CYS B 25 1.63 -0.77 -12.23
C CYS B 25 1.26 0.13 -11.07
N HIS B 26 2.18 0.25 -10.16
CA HIS B 26 1.97 1.10 -8.95
C HIS B 26 3.27 1.12 -8.16
N PRO B 27 3.31 1.82 -7.06
CA PRO B 27 4.55 1.88 -6.26
C PRO B 27 4.97 0.47 -5.82
N LEU B 28 6.25 0.21 -5.85
CA LEU B 28 6.82 -1.10 -5.43
C LEU B 28 6.45 -2.23 -6.41
N CYS B 29 6.57 -2.04 -7.70
CA CYS B 29 6.23 -3.15 -8.63
C CYS B 29 7.27 -3.20 -9.74
N GLN B 30 8.43 -3.75 -9.44
CA GLN B 30 9.49 -3.87 -10.47
C GLN B 30 9.25 -5.09 -11.35
N CYS B 31 8.05 -5.58 -11.32
CA CYS B 31 7.65 -6.77 -12.12
C CYS B 31 8.10 -6.65 -13.58
N PRO B 32 7.89 -7.73 -14.29
CA PRO B 32 8.18 -7.73 -15.74
C PRO B 32 7.11 -6.93 -16.47
N LYS B 33 5.88 -7.29 -16.25
CA LYS B 33 4.73 -6.59 -16.88
C LYS B 33 3.44 -6.91 -16.12
N CYS B 34 3.47 -7.90 -15.26
CA CYS B 34 2.21 -8.30 -14.56
C CYS B 34 1.20 -8.69 -15.63
N ALA B 35 1.68 -9.11 -16.76
CA ALA B 35 0.80 -9.50 -17.88
C ALA B 35 0.71 -11.03 -18.00
N PRO B 36 -0.50 -11.53 -17.98
CA PRO B 36 -0.70 -13.00 -18.08
C PRO B 36 -0.38 -13.49 -19.50
N ALA B 37 0.16 -14.68 -19.62
CA ALA B 37 0.50 -15.20 -20.97
C ALA B 37 0.78 -16.71 -20.89
N GLN B 38 1.91 -17.08 -20.33
CA GLN B 38 2.25 -18.53 -20.22
C GLN B 38 1.19 -19.26 -19.39
N LYS B 39 0.67 -18.61 -18.38
CA LYS B 39 -0.37 -19.26 -17.53
C LYS B 39 -1.78 -18.83 -17.97
N ARG B 40 -2.76 -19.61 -17.64
CA ARG B 40 -4.17 -19.25 -18.05
C ARG B 40 -5.02 -18.99 -16.80
N LEU B 41 -5.97 -18.10 -16.90
CA LEU B 41 -6.85 -17.79 -15.74
C LEU B 41 -8.08 -18.70 -15.75
N ALA B 42 -7.88 -19.99 -15.83
CA ALA B 42 -9.03 -20.94 -15.85
C ALA B 42 -9.84 -20.84 -14.54
N LYS B 43 -9.22 -20.36 -13.50
CA LYS B 43 -9.94 -20.24 -12.20
C LYS B 43 -11.17 -19.34 -12.34
N VAL B 44 -12.27 -19.71 -11.75
CA VAL B 44 -13.50 -18.88 -11.86
C VAL B 44 -13.52 -17.80 -10.77
N PRO B 45 -13.42 -16.56 -11.19
CA PRO B 45 -13.43 -15.42 -10.23
C PRO B 45 -14.83 -15.23 -9.62
N ALA B 46 -15.84 -15.75 -10.25
CA ALA B 46 -17.22 -15.59 -9.72
C ALA B 46 -17.66 -16.86 -8.98
N SER B 47 -18.49 -16.71 -8.00
CA SER B 47 -18.96 -17.91 -7.22
C SER B 47 -20.48 -18.07 -7.37
N GLY B 48 -20.97 -19.27 -7.31
CA GLY B 48 -22.44 -19.51 -7.45
C GLY B 48 -23.17 -18.83 -6.28
N LEU B 49 -24.37 -18.38 -6.52
CA LEU B 49 -25.14 -17.71 -5.42
C LEU B 49 -26.23 -18.65 -4.89
N GLY B 50 -26.28 -18.84 -3.60
CA GLY B 50 -27.32 -19.73 -3.00
C GLY B 50 -27.29 -21.11 -3.69
N VAL B 51 -26.50 -22.02 -3.19
CA VAL B 51 -26.42 -23.37 -3.81
C VAL B 51 -27.81 -24.02 -3.83
N ASN B 52 -28.61 -23.77 -2.83
CA ASN B 52 -29.98 -24.37 -2.79
C ASN B 52 -31.04 -23.30 -3.08
N VAL B 53 -32.14 -23.68 -3.67
CA VAL B 53 -33.20 -22.69 -3.99
C VAL B 53 -34.45 -22.98 -3.14
N THR B 54 -35.08 -21.96 -2.60
CA THR B 54 -36.29 -22.18 -1.78
C THR B 54 -37.51 -21.53 -2.44
N SER B 55 -38.61 -22.23 -2.48
CA SER B 55 -39.83 -21.67 -3.13
C SER B 55 -40.28 -20.40 -2.40
N GLN B 56 -40.13 -20.37 -1.10
CA GLN B 56 -40.55 -19.16 -0.33
C GLN B 56 -39.46 -18.08 -0.36
N ASP B 57 -38.39 -18.31 -1.08
CA ASP B 57 -37.30 -17.28 -1.14
C ASP B 57 -36.84 -16.91 0.26
N GLY B 58 -36.61 -17.89 1.10
CA GLY B 58 -36.16 -17.61 2.50
C GLY B 58 -34.92 -16.72 2.48
N SER B 59 -34.16 -16.78 1.42
CA SER B 59 -32.91 -15.94 1.35
C SER B 59 -33.26 -14.46 1.52
N SER B 60 -32.32 -13.68 1.99
CA SER B 60 -32.59 -12.23 2.19
C SER B 60 -31.66 -11.39 1.32
N TRP B 61 -32.11 -10.24 0.88
CA TRP B 61 -31.25 -9.38 0.01
C TRP B 61 -30.27 -8.58 0.88
N GLY A 1 8.37 32.88 -18.73
CA GLY A 1 7.23 31.92 -18.63
C GLY A 1 6.43 32.22 -17.37
N SER A 2 6.73 31.55 -16.29
CA SER A 2 5.99 31.80 -15.02
C SER A 2 6.95 32.26 -13.93
N PRO A 3 6.41 32.87 -12.91
CA PRO A 3 7.26 33.36 -11.79
C PRO A 3 7.82 32.18 -11.00
N GLU A 4 7.12 31.08 -10.97
CA GLU A 4 7.61 29.89 -10.22
C GLU A 4 7.37 28.61 -11.03
N PHE A 5 8.42 27.98 -11.49
CA PHE A 5 8.26 26.73 -12.28
C PHE A 5 7.58 25.65 -11.44
N GLY A 6 7.95 25.55 -10.18
CA GLY A 6 7.35 24.51 -9.31
C GLY A 6 8.43 23.52 -8.87
N THR A 7 9.27 23.93 -7.96
CA THR A 7 10.36 23.02 -7.48
C THR A 7 9.79 21.85 -6.68
N ARG A 8 8.52 21.90 -6.35
CA ARG A 8 7.90 20.80 -5.57
C ARG A 8 8.15 19.45 -6.25
N ASP A 9 8.31 18.40 -5.48
CA ASP A 9 8.57 17.06 -6.08
C ASP A 9 7.56 16.03 -5.55
N ARG A 10 7.13 15.13 -6.38
CA ARG A 10 6.15 14.09 -5.94
C ARG A 10 6.80 13.11 -4.95
N MET A 11 6.04 12.61 -4.00
CA MET A 11 6.62 11.65 -3.02
C MET A 11 5.64 10.52 -2.72
N LEU A 12 6.13 9.31 -2.66
CA LEU A 12 5.23 8.14 -2.38
C LEU A 12 5.21 7.82 -0.88
N VAL A 13 4.04 7.64 -0.32
CA VAL A 13 3.95 7.33 1.14
C VAL A 13 3.30 5.96 1.36
N LEU A 14 3.81 5.19 2.28
CA LEU A 14 3.22 3.84 2.55
C LEU A 14 2.29 3.90 3.77
N VAL A 15 1.11 3.35 3.66
CA VAL A 15 0.17 3.36 4.81
C VAL A 15 -0.25 1.92 5.16
N LEU A 16 -0.13 1.56 6.41
CA LEU A 16 -0.53 0.18 6.84
C LEU A 16 -0.63 0.12 8.37
N GLY A 17 -0.88 -1.04 8.92
CA GLY A 17 -1.00 -1.15 10.40
C GLY A 17 -1.85 -2.37 10.77
N ASP A 18 -2.12 -2.53 12.04
CA ASP A 18 -2.93 -3.69 12.53
C ASP A 18 -2.23 -4.99 12.18
N LEU A 19 -0.93 -5.02 12.34
CA LEU A 19 -0.17 -6.26 12.06
C LEU A 19 -0.46 -7.23 13.20
N HIS A 20 -0.60 -6.71 14.39
CA HIS A 20 -0.90 -7.53 15.59
C HIS A 20 0.14 -8.64 15.78
N ILE A 21 1.39 -8.33 15.60
CA ILE A 21 2.45 -9.36 15.81
C ILE A 21 3.10 -9.14 17.19
N PRO A 22 3.33 -10.21 17.92
CA PRO A 22 2.99 -11.59 17.51
C PRO A 22 1.67 -12.01 18.16
N HIS A 23 0.82 -11.07 18.49
CA HIS A 23 -0.47 -11.42 19.15
C HIS A 23 -1.34 -12.32 18.27
N ARG A 24 -1.52 -11.98 17.02
CA ARG A 24 -2.39 -12.82 16.14
C ARG A 24 -1.63 -13.27 14.88
N CYS A 25 -0.59 -12.59 14.51
CA CYS A 25 0.18 -12.99 13.30
C CYS A 25 1.68 -12.98 13.59
N ASN A 26 2.45 -13.69 12.82
CA ASN A 26 3.93 -13.73 13.07
C ASN A 26 4.68 -12.83 12.08
N SER A 27 4.06 -12.48 10.98
CA SER A 27 4.74 -11.60 9.98
C SER A 27 3.79 -11.21 8.86
N LEU A 28 4.25 -10.42 7.93
CA LEU A 28 3.39 -10.02 6.79
C LEU A 28 3.30 -11.19 5.80
N PRO A 29 2.32 -11.15 4.93
CA PRO A 29 2.17 -12.26 3.94
C PRO A 29 3.39 -12.31 3.02
N ALA A 30 3.79 -13.51 2.65
CA ALA A 30 5.01 -13.69 1.79
C ALA A 30 5.05 -12.73 0.58
N LYS A 31 4.06 -12.76 -0.27
CA LYS A 31 4.11 -11.88 -1.48
C LYS A 31 4.26 -10.40 -1.10
N PHE A 32 3.63 -9.97 -0.04
CA PHE A 32 3.76 -8.53 0.36
C PHE A 32 5.19 -8.18 0.71
N LYS A 33 5.90 -9.04 1.39
CA LYS A 33 7.31 -8.72 1.73
C LYS A 33 8.08 -8.41 0.45
N LYS A 34 7.79 -9.15 -0.59
CA LYS A 34 8.47 -8.90 -1.90
C LYS A 34 8.01 -7.54 -2.46
N LEU A 35 6.75 -7.20 -2.25
CA LEU A 35 6.23 -5.90 -2.78
C LEU A 35 6.93 -4.71 -2.09
N LEU A 36 7.18 -4.82 -0.82
CA LEU A 36 7.84 -3.69 -0.08
C LEU A 36 9.35 -3.76 -0.21
N VAL A 37 9.98 -2.64 -0.52
CA VAL A 37 11.47 -2.61 -0.66
C VAL A 37 12.00 -1.23 -0.24
N PRO A 38 13.17 -1.23 0.35
CA PRO A 38 13.78 0.06 0.78
C PRO A 38 14.26 0.88 -0.42
N GLY A 39 14.23 2.17 -0.31
CA GLY A 39 14.69 3.03 -1.44
C GLY A 39 13.49 3.40 -2.34
N LYS A 40 12.35 2.82 -2.09
CA LYS A 40 11.16 3.13 -2.92
C LYS A 40 10.16 4.00 -2.16
N ILE A 41 10.18 3.93 -0.86
CA ILE A 41 9.22 4.75 -0.06
C ILE A 41 9.95 5.82 0.74
N GLN A 42 9.49 7.04 0.66
CA GLN A 42 10.15 8.14 1.42
C GLN A 42 9.36 8.45 2.71
N HIS A 43 8.11 8.09 2.76
CA HIS A 43 7.29 8.36 3.99
C HIS A 43 6.43 7.14 4.35
N ILE A 44 6.35 6.82 5.61
CA ILE A 44 5.51 5.66 6.04
C ILE A 44 4.56 6.08 7.18
N LEU A 45 3.29 5.91 6.98
CA LEU A 45 2.31 6.24 8.06
C LEU A 45 1.72 4.94 8.62
N CYS A 46 1.75 4.76 9.91
CA CYS A 46 1.21 3.50 10.49
C CYS A 46 0.05 3.81 11.45
N THR A 47 -1.07 3.16 11.26
CA THR A 47 -2.24 3.40 12.15
C THR A 47 -2.38 2.28 13.17
N GLY A 48 -2.67 1.09 12.71
CA GLY A 48 -2.86 -0.06 13.63
C GLY A 48 -1.64 -0.22 14.56
N ASN A 49 -1.81 -0.93 15.65
CA ASN A 49 -0.69 -1.14 16.60
C ASN A 49 0.34 -2.11 16.01
N LEU A 50 1.59 -1.95 16.36
CA LEU A 50 2.65 -2.85 15.79
C LEU A 50 2.33 -4.34 16.07
N CYS A 51 2.28 -4.79 17.32
CA CYS A 51 2.53 -3.90 18.49
C CYS A 51 3.96 -4.10 19.00
N THR A 52 4.57 -5.21 18.68
CA THR A 52 5.96 -5.47 19.15
C THR A 52 6.96 -4.53 18.47
N LYS A 53 7.97 -4.10 19.19
CA LYS A 53 8.98 -3.18 18.59
C LYS A 53 9.66 -3.85 17.39
N GLU A 54 9.74 -5.16 17.39
CA GLU A 54 10.39 -5.87 16.25
C GLU A 54 9.79 -5.40 14.92
N SER A 55 8.50 -5.20 14.88
CA SER A 55 7.87 -4.73 13.62
C SER A 55 8.31 -3.30 13.32
N TYR A 56 8.52 -2.51 14.34
CA TYR A 56 8.96 -1.10 14.12
C TYR A 56 10.30 -1.09 13.36
N ASP A 57 11.21 -1.93 13.73
CA ASP A 57 12.53 -1.97 13.02
C ASP A 57 12.31 -2.30 11.55
N TYR A 58 11.41 -3.20 11.26
CA TYR A 58 11.13 -3.56 9.84
C TYR A 58 10.60 -2.34 9.09
N LEU A 59 9.68 -1.62 9.67
CA LEU A 59 9.13 -0.41 9.00
C LEU A 59 10.23 0.62 8.77
N LYS A 60 11.12 0.76 9.72
CA LYS A 60 12.22 1.75 9.57
C LYS A 60 13.09 1.37 8.37
N THR A 61 13.24 0.09 8.10
CA THR A 61 14.07 -0.35 6.95
C THR A 61 13.48 0.15 5.61
N LEU A 62 12.19 0.06 5.45
CA LEU A 62 11.57 0.53 4.18
C LEU A 62 11.80 2.03 3.98
N ALA A 63 11.76 2.79 5.04
CA ALA A 63 11.97 4.26 4.91
C ALA A 63 12.56 4.84 6.21
N GLY A 64 13.27 5.93 6.11
CA GLY A 64 13.87 6.54 7.33
C GLY A 64 12.80 7.31 8.11
N ASP A 65 11.98 8.06 7.43
CA ASP A 65 10.92 8.84 8.13
C ASP A 65 9.66 7.99 8.32
N VAL A 66 9.38 7.59 9.54
CA VAL A 66 8.17 6.75 9.79
C VAL A 66 7.28 7.41 10.86
N HIS A 67 6.01 7.48 10.62
CA HIS A 67 5.09 8.09 11.62
C HIS A 67 4.12 7.03 12.15
N ILE A 68 4.07 6.84 13.44
CA ILE A 68 3.16 5.80 14.01
C ILE A 68 2.31 6.37 15.15
N VAL A 69 1.11 5.85 15.30
CA VAL A 69 0.23 6.31 16.42
C VAL A 69 -0.02 5.14 17.36
N ARG A 70 -0.24 5.39 18.62
CA ARG A 70 -0.46 4.24 19.55
C ARG A 70 -1.79 3.55 19.28
N GLY A 71 -1.77 2.25 19.16
CA GLY A 71 -3.03 1.49 18.92
C GLY A 71 -3.58 1.03 20.28
N ASP A 72 -4.64 0.27 20.28
CA ASP A 72 -5.20 -0.20 21.58
C ASP A 72 -4.43 -1.42 22.09
N PHE A 73 -3.42 -1.86 21.39
CA PHE A 73 -2.65 -3.05 21.85
C PHE A 73 -1.14 -2.82 21.67
N ASP A 74 -0.70 -1.60 21.65
CA ASP A 74 0.76 -1.33 21.50
C ASP A 74 1.48 -1.47 22.84
N GLU A 75 2.60 -2.17 22.86
CA GLU A 75 3.34 -2.34 24.15
C GLU A 75 3.95 -0.99 24.56
N ASN A 76 4.57 -0.31 23.64
CA ASN A 76 5.20 1.00 23.96
C ASN A 76 4.12 2.08 24.10
N LEU A 77 4.03 2.68 25.26
CA LEU A 77 3.01 3.75 25.48
C LEU A 77 3.54 5.11 25.04
N ASN A 78 4.76 5.16 24.56
CA ASN A 78 5.34 6.47 24.14
C ASN A 78 4.75 6.92 22.79
N TYR A 79 3.94 6.11 22.17
CA TYR A 79 3.34 6.53 20.87
C TYR A 79 2.23 7.56 21.12
N PRO A 80 2.07 8.47 20.19
CA PRO A 80 1.05 9.53 20.32
C PRO A 80 -0.35 8.99 20.03
N GLU A 81 -1.33 9.41 20.77
CA GLU A 81 -2.73 8.91 20.51
C GLU A 81 -3.12 9.28 19.08
N GLN A 82 -2.75 10.45 18.64
CA GLN A 82 -3.06 10.89 17.25
C GLN A 82 -1.99 11.89 16.79
N LYS A 83 -1.70 11.95 15.52
CA LYS A 83 -0.66 12.91 15.05
C LYS A 83 -1.02 13.51 13.69
N VAL A 84 -0.62 14.74 13.47
CA VAL A 84 -0.90 15.40 12.16
C VAL A 84 0.42 15.65 11.42
N VAL A 85 0.62 14.98 10.32
CA VAL A 85 1.88 15.17 9.56
C VAL A 85 1.60 15.79 8.19
N THR A 86 2.32 16.81 7.82
CA THR A 86 2.08 17.45 6.50
C THR A 86 2.98 16.81 5.44
N VAL A 87 2.42 16.42 4.33
CA VAL A 87 3.24 15.80 3.25
C VAL A 87 3.10 16.63 1.97
N GLY A 88 3.91 17.64 1.82
CA GLY A 88 3.81 18.50 0.59
C GLY A 88 2.64 19.47 0.76
N GLN A 89 1.67 19.40 -0.10
CA GLN A 89 0.50 20.32 0.02
C GLN A 89 -0.62 19.67 0.84
N PHE A 90 -0.48 18.44 1.21
CA PHE A 90 -1.56 17.75 1.97
C PHE A 90 -1.33 17.74 3.48
N LYS A 91 -2.37 17.99 4.23
CA LYS A 91 -2.28 17.94 5.72
C LYS A 91 -2.99 16.67 6.16
N ILE A 92 -2.25 15.69 6.59
CA ILE A 92 -2.88 14.38 6.96
C ILE A 92 -2.89 14.15 8.46
N GLY A 93 -3.97 13.61 8.97
CA GLY A 93 -4.07 13.32 10.43
C GLY A 93 -3.89 11.81 10.63
N LEU A 94 -3.53 11.38 11.81
CA LEU A 94 -3.34 9.92 12.01
C LEU A 94 -3.89 9.45 13.37
N ILE A 95 -4.66 8.39 13.37
CA ILE A 95 -5.19 7.85 14.66
C ILE A 95 -5.53 6.36 14.48
N HIS A 96 -5.43 5.57 15.53
CA HIS A 96 -5.75 4.13 15.37
C HIS A 96 -7.21 3.94 14.95
N GLY A 97 -8.13 4.41 15.75
CA GLY A 97 -9.57 4.26 15.39
C GLY A 97 -10.38 3.76 16.60
N HIS A 98 -9.75 3.05 17.51
CA HIS A 98 -10.52 2.55 18.69
C HIS A 98 -11.07 3.72 19.51
N GLN A 99 -10.54 4.90 19.29
CA GLN A 99 -11.05 6.09 20.04
C GLN A 99 -12.25 6.70 19.31
N VAL A 100 -12.57 6.19 18.13
CA VAL A 100 -13.73 6.75 17.38
C VAL A 100 -14.96 5.86 17.60
N ILE A 101 -15.96 6.38 18.26
CA ILE A 101 -17.19 5.57 18.51
C ILE A 101 -18.39 6.16 17.74
N PRO A 102 -19.08 5.32 17.01
CA PRO A 102 -18.72 3.87 16.93
C PRO A 102 -17.44 3.65 16.12
N TRP A 103 -16.78 2.56 16.41
CA TRP A 103 -15.47 2.21 15.77
C TRP A 103 -15.38 2.57 14.28
N GLY A 104 -16.23 2.07 13.44
CA GLY A 104 -16.09 2.38 11.98
C GLY A 104 -17.20 3.31 11.46
N ASP A 105 -17.66 4.23 12.26
CA ASP A 105 -18.72 5.16 11.78
C ASP A 105 -18.11 6.26 10.92
N MET A 106 -18.71 6.56 9.79
CA MET A 106 -18.16 7.65 8.93
C MET A 106 -18.46 9.00 9.56
N ALA A 107 -19.64 9.16 10.11
CA ALA A 107 -20.00 10.45 10.75
C ALA A 107 -19.04 10.74 11.91
N SER A 108 -18.68 9.72 12.65
CA SER A 108 -17.72 9.93 13.77
C SER A 108 -16.35 10.32 13.21
N LEU A 109 -15.94 9.66 12.15
CA LEU A 109 -14.62 10.00 11.54
C LEU A 109 -14.67 11.43 11.00
N ALA A 110 -15.76 11.80 10.37
CA ALA A 110 -15.88 13.18 9.83
C ALA A 110 -15.81 14.18 10.99
N LEU A 111 -16.52 13.92 12.05
CA LEU A 111 -16.48 14.84 13.22
C LEU A 111 -15.03 15.00 13.69
N LEU A 112 -14.27 13.95 13.59
CA LEU A 112 -12.83 14.04 14.01
C LEU A 112 -12.04 14.86 12.99
N GLN A 113 -12.40 14.74 11.73
CA GLN A 113 -11.67 15.53 10.68
C GLN A 113 -11.77 17.02 10.99
N ARG A 114 -12.93 17.49 11.34
CA ARG A 114 -13.09 18.95 11.66
C ARG A 114 -12.08 19.35 12.74
N GLN A 115 -12.11 18.69 13.87
CA GLN A 115 -11.17 19.02 14.97
C GLN A 115 -9.71 18.98 14.48
N PHE A 116 -9.36 17.97 13.73
CA PHE A 116 -7.96 17.87 13.21
C PHE A 116 -7.70 18.89 12.10
N ASP A 117 -8.71 19.27 11.36
CA ASP A 117 -8.51 20.25 10.25
C ASP A 117 -7.51 19.69 9.24
N VAL A 118 -7.68 18.46 8.83
CA VAL A 118 -6.74 17.84 7.85
C VAL A 118 -7.47 17.56 6.53
N ASP A 119 -6.74 17.48 5.45
CA ASP A 119 -7.38 17.19 4.13
C ASP A 119 -7.61 15.69 4.01
N ILE A 120 -6.75 14.90 4.60
CA ILE A 120 -6.90 13.42 4.55
C ILE A 120 -6.82 12.83 5.96
N LEU A 121 -7.63 11.85 6.26
CA LEU A 121 -7.57 11.23 7.61
C LEU A 121 -7.25 9.73 7.50
N ILE A 122 -6.20 9.28 8.14
CA ILE A 122 -5.84 7.83 8.06
C ILE A 122 -6.19 7.14 9.38
N SER A 123 -6.85 6.01 9.30
CA SER A 123 -7.23 5.29 10.55
C SER A 123 -7.48 3.80 10.24
N GLY A 124 -7.43 2.96 11.23
CA GLY A 124 -7.67 1.50 10.98
C GLY A 124 -8.58 0.93 12.08
N HIS A 125 -8.09 -0.06 12.81
CA HIS A 125 -8.89 -0.71 13.91
C HIS A 125 -9.98 -1.65 13.36
N THR A 126 -10.56 -1.33 12.22
CA THR A 126 -11.62 -2.21 11.66
C THR A 126 -11.03 -3.30 10.76
N HIS A 127 -9.76 -3.23 10.45
CA HIS A 127 -9.13 -4.26 9.58
C HIS A 127 -9.88 -4.38 8.23
N LYS A 128 -10.56 -3.33 7.84
CA LYS A 128 -11.29 -3.36 6.53
C LYS A 128 -10.81 -2.21 5.66
N PHE A 129 -10.17 -2.50 4.55
CA PHE A 129 -9.69 -1.40 3.67
C PHE A 129 -10.85 -0.45 3.32
N GLU A 130 -10.61 0.82 3.33
CA GLU A 130 -11.69 1.79 2.98
C GLU A 130 -11.08 3.07 2.40
N ALA A 131 -11.47 3.44 1.21
CA ALA A 131 -10.93 4.67 0.59
C ALA A 131 -12.05 5.44 -0.11
N PHE A 132 -12.61 6.44 0.54
CA PHE A 132 -13.73 7.21 -0.08
C PHE A 132 -13.60 8.71 0.23
N GLU A 133 -14.36 9.53 -0.45
CA GLU A 133 -14.30 11.01 -0.21
C GLU A 133 -15.59 11.48 0.46
N HIS A 134 -15.51 12.46 1.32
CA HIS A 134 -16.74 12.96 2.01
C HIS A 134 -16.64 14.47 2.28
N GLU A 135 -17.51 15.24 1.70
CA GLU A 135 -17.51 16.72 1.92
C GLU A 135 -16.12 17.31 1.64
N ASN A 136 -15.63 17.12 0.43
CA ASN A 136 -14.30 17.69 0.04
C ASN A 136 -13.15 17.14 0.89
N LYS A 137 -13.36 16.08 1.62
CA LYS A 137 -12.26 15.52 2.45
C LYS A 137 -12.03 14.05 2.09
N PHE A 138 -10.86 13.54 2.31
CA PHE A 138 -10.57 12.12 1.95
C PHE A 138 -10.32 11.28 3.20
N TYR A 139 -10.82 10.06 3.21
CA TYR A 139 -10.61 9.16 4.37
C TYR A 139 -9.97 7.86 3.87
N ILE A 140 -8.96 7.38 4.54
CA ILE A 140 -8.29 6.14 4.06
C ILE A 140 -8.04 5.16 5.21
N ASN A 141 -8.32 3.90 4.97
CA ASN A 141 -8.07 2.86 5.98
C ASN A 141 -7.31 1.69 5.31
N PRO A 142 -6.06 1.55 5.64
CA PRO A 142 -5.24 0.49 5.02
C PRO A 142 -5.72 -0.91 5.42
N GLY A 143 -6.29 -1.05 6.59
CA GLY A 143 -6.77 -2.39 7.03
C GLY A 143 -5.67 -3.12 7.79
N SER A 144 -5.53 -4.40 7.56
CA SER A 144 -4.47 -5.17 8.28
C SER A 144 -3.46 -5.75 7.28
N ALA A 145 -2.25 -5.26 7.30
CA ALA A 145 -1.21 -5.78 6.36
C ALA A 145 -1.01 -7.28 6.57
N THR A 146 -1.39 -7.80 7.71
CA THR A 146 -1.22 -9.26 7.95
C THR A 146 -2.59 -9.95 8.07
N GLY A 147 -3.64 -9.29 7.67
CA GLY A 147 -4.99 -9.93 7.77
C GLY A 147 -5.23 -10.37 9.21
N ALA A 148 -4.75 -9.59 10.16
CA ALA A 148 -4.92 -9.96 11.60
C ALA A 148 -6.38 -10.31 11.90
N TYR A 149 -6.59 -11.22 12.80
CA TYR A 149 -7.98 -11.65 13.15
C TYR A 149 -8.77 -10.50 13.80
N ASN A 150 -10.07 -10.52 13.63
CA ASN A 150 -10.94 -9.46 14.22
C ASN A 150 -12.32 -10.08 14.53
N ALA A 151 -12.68 -10.13 15.77
CA ALA A 151 -13.98 -10.75 16.17
C ALA A 151 -15.18 -10.19 15.39
N LEU A 152 -15.13 -8.96 14.93
CA LEU A 152 -16.31 -8.41 14.19
C LEU A 152 -16.36 -8.91 12.74
N GLU A 153 -15.25 -9.22 12.15
CA GLU A 153 -15.28 -9.71 10.73
C GLU A 153 -14.59 -11.07 10.63
N THR A 154 -15.32 -12.08 10.28
CA THR A 154 -14.73 -13.46 10.18
C THR A 154 -13.89 -13.60 8.91
N ASN A 155 -14.04 -12.72 7.97
CA ASN A 155 -13.25 -12.82 6.71
C ASN A 155 -12.38 -11.57 6.54
N ILE A 156 -11.15 -11.61 6.98
CA ILE A 156 -10.26 -10.41 6.84
C ILE A 156 -9.30 -10.61 5.66
N ILE A 157 -9.07 -9.57 4.91
CA ILE A 157 -8.12 -9.68 3.77
C ILE A 157 -6.90 -8.80 4.08
N PRO A 158 -5.75 -9.41 4.10
CA PRO A 158 -4.50 -8.64 4.40
C PRO A 158 -4.23 -7.64 3.28
N SER A 159 -3.92 -6.41 3.61
CA SER A 159 -3.66 -5.41 2.52
C SER A 159 -3.03 -4.12 3.05
N PHE A 160 -2.31 -3.42 2.22
CA PHE A 160 -1.70 -2.13 2.63
C PHE A 160 -1.88 -1.12 1.48
N VAL A 161 -1.77 0.15 1.76
CA VAL A 161 -2.01 1.15 0.67
C VAL A 161 -0.85 2.13 0.48
N LEU A 162 -0.52 2.40 -0.76
CA LEU A 162 0.56 3.38 -1.08
C LEU A 162 -0.09 4.65 -1.64
N MET A 163 0.36 5.80 -1.25
CA MET A 163 -0.26 7.05 -1.79
C MET A 163 0.77 7.85 -2.58
N ASP A 164 0.49 8.10 -3.84
CA ASP A 164 1.45 8.89 -4.68
C ASP A 164 0.99 10.36 -4.72
N ILE A 165 1.80 11.26 -4.23
CA ILE A 165 1.40 12.70 -4.25
C ILE A 165 2.34 13.52 -5.14
N GLN A 166 1.79 14.19 -6.11
CA GLN A 166 2.62 15.03 -7.02
C GLN A 166 2.49 16.50 -6.60
N ALA A 167 1.29 16.99 -6.54
CA ALA A 167 1.04 18.40 -6.14
C ALA A 167 -0.47 18.67 -6.07
N SER A 168 -1.01 18.79 -4.89
CA SER A 168 -2.48 19.02 -4.74
C SER A 168 -3.27 17.86 -5.37
N THR A 169 -2.60 16.79 -5.72
CA THR A 169 -3.30 15.62 -6.32
C THR A 169 -2.68 14.34 -5.75
N VAL A 170 -3.49 13.40 -5.33
CA VAL A 170 -2.91 12.15 -4.76
C VAL A 170 -3.57 10.91 -5.34
N VAL A 171 -2.78 9.91 -5.62
CA VAL A 171 -3.35 8.64 -6.16
C VAL A 171 -3.05 7.55 -5.14
N THR A 172 -4.05 6.83 -4.70
CA THR A 172 -3.80 5.78 -3.69
C THR A 172 -3.90 4.40 -4.31
N TYR A 173 -2.99 3.54 -3.96
CA TYR A 173 -3.02 2.16 -4.49
C TYR A 173 -3.28 1.20 -3.35
N VAL A 174 -4.27 0.36 -3.48
CA VAL A 174 -4.56 -0.61 -2.40
C VAL A 174 -4.20 -2.02 -2.86
N TYR A 175 -3.49 -2.75 -2.04
CA TYR A 175 -3.10 -4.12 -2.44
C TYR A 175 -3.85 -5.14 -1.60
N GLN A 176 -4.72 -5.89 -2.20
CA GLN A 176 -5.47 -6.92 -1.44
C GLN A 176 -4.96 -8.30 -1.80
N LEU A 177 -4.78 -9.15 -0.83
CA LEU A 177 -4.28 -10.51 -1.13
C LEU A 177 -5.46 -11.46 -1.30
N ILE A 178 -6.03 -11.51 -2.47
CA ILE A 178 -7.17 -12.43 -2.72
C ILE A 178 -6.66 -13.65 -3.47
N GLY A 179 -6.78 -14.80 -2.90
CA GLY A 179 -6.27 -16.02 -3.58
C GLY A 179 -4.75 -15.96 -3.56
N ASP A 180 -4.09 -16.70 -4.41
CA ASP A 180 -2.59 -16.67 -4.43
C ASP A 180 -2.09 -15.35 -5.03
N ASP A 181 -2.68 -14.91 -6.12
CA ASP A 181 -2.22 -13.64 -6.77
C ASP A 181 -2.71 -12.42 -5.97
N VAL A 182 -2.05 -11.30 -6.14
CA VAL A 182 -2.47 -10.08 -5.40
C VAL A 182 -3.19 -9.13 -6.37
N LYS A 183 -4.36 -8.67 -6.00
CA LYS A 183 -5.11 -7.74 -6.89
C LYS A 183 -4.87 -6.29 -6.45
N VAL A 184 -4.86 -5.37 -7.37
CA VAL A 184 -4.61 -3.95 -6.98
C VAL A 184 -5.66 -3.02 -7.62
N GLU A 185 -6.09 -2.02 -6.90
CA GLU A 185 -7.09 -1.07 -7.44
C GLU A 185 -6.52 0.36 -7.39
N ARG A 186 -6.91 1.22 -8.28
CA ARG A 186 -6.36 2.60 -8.28
C ARG A 186 -7.43 3.65 -7.99
N ILE A 187 -7.20 4.50 -7.02
CA ILE A 187 -8.17 5.57 -6.69
C ILE A 187 -7.45 6.92 -6.70
N GLU A 188 -8.01 7.92 -7.34
CA GLU A 188 -7.33 9.25 -7.38
C GLU A 188 -8.13 10.32 -6.63
N TYR A 189 -7.45 11.18 -5.94
CA TYR A 189 -8.14 12.28 -5.18
C TYR A 189 -7.35 13.59 -5.32
N LYS A 190 -8.03 14.69 -5.45
CA LYS A 190 -7.32 16.00 -5.57
C LYS A 190 -8.04 17.08 -4.75
N LYS A 191 -7.30 18.01 -4.20
CA LYS A 191 -7.94 19.09 -3.39
C LYS A 191 -9.08 19.74 -4.17
N SER A 192 -10.16 20.07 -3.50
CA SER A 192 -11.32 20.71 -4.20
C SER A 192 -11.74 19.89 -5.42
N GLY B 1 26.97 -11.32 5.29
CA GLY B 1 26.79 -12.31 6.40
C GLY B 1 26.23 -13.62 5.84
N PRO B 2 24.93 -13.68 5.73
CA PRO B 2 24.27 -14.90 5.20
C PRO B 2 24.54 -15.05 3.70
N LEU B 3 24.78 -16.26 3.26
CA LEU B 3 25.06 -16.48 1.81
C LEU B 3 23.85 -17.12 1.13
N GLY B 4 23.43 -16.59 0.01
CA GLY B 4 22.26 -17.18 -0.70
C GLY B 4 22.60 -18.57 -1.21
N SER B 5 23.18 -18.66 -2.38
CA SER B 5 23.54 -19.99 -2.94
C SER B 5 25.05 -20.04 -3.26
N THR B 6 25.65 -21.19 -3.14
CA THR B 6 27.11 -21.30 -3.43
C THR B 6 27.36 -21.20 -4.94
N GLU B 7 26.34 -21.35 -5.73
CA GLU B 7 26.52 -21.26 -7.21
C GLU B 7 27.06 -19.89 -7.60
N GLU B 8 26.70 -18.87 -6.87
CA GLU B 8 27.19 -17.49 -7.20
C GLU B 8 28.72 -17.44 -7.09
N ASP B 9 29.30 -18.30 -6.30
CA ASP B 9 30.78 -18.30 -6.15
C ASP B 9 31.46 -18.52 -7.50
N LEU B 10 30.85 -19.28 -8.37
CA LEU B 10 31.45 -19.54 -9.70
C LEU B 10 31.23 -18.33 -10.62
N GLU B 11 32.15 -18.07 -11.51
CA GLU B 11 32.00 -16.90 -12.44
C GLU B 11 31.65 -17.38 -13.84
N ASP B 12 30.99 -16.55 -14.62
CA ASP B 12 30.62 -16.95 -16.00
C ASP B 12 30.60 -15.73 -16.92
N ALA B 13 30.38 -15.94 -18.20
CA ALA B 13 30.36 -14.79 -19.16
C ALA B 13 29.21 -13.85 -18.81
N GLU B 14 29.39 -12.57 -19.04
CA GLU B 14 28.30 -11.59 -18.71
C GLU B 14 27.71 -11.01 -20.01
N ASP B 15 26.47 -10.61 -19.97
CA ASP B 15 25.83 -10.04 -21.18
C ASP B 15 25.59 -8.53 -20.99
N THR B 16 25.18 -7.85 -22.04
CA THR B 16 24.91 -6.39 -21.92
C THR B 16 23.54 -6.15 -21.29
N VAL B 17 23.30 -4.96 -20.79
CA VAL B 17 21.98 -4.67 -20.16
C VAL B 17 21.19 -3.68 -21.01
N SER B 18 19.94 -3.96 -21.27
CA SER B 18 19.12 -3.03 -22.08
C SER B 18 17.72 -2.90 -21.47
N ALA B 19 17.03 -1.81 -21.73
CA ALA B 19 15.67 -1.64 -21.17
C ALA B 19 14.61 -2.04 -22.19
N ALA B 20 13.93 -3.13 -21.97
CA ALA B 20 12.87 -3.56 -22.93
C ALA B 20 11.50 -3.07 -22.44
N ASP B 21 11.05 -3.59 -21.33
CA ASP B 21 9.74 -3.15 -20.79
C ASP B 21 9.89 -2.81 -19.29
N PRO B 22 10.74 -1.87 -19.02
CA PRO B 22 10.98 -1.44 -17.62
C PRO B 22 9.81 -0.61 -17.10
N GLU B 23 8.65 -1.20 -17.03
CA GLU B 23 7.46 -0.43 -16.53
C GLU B 23 7.02 -0.97 -15.17
N PHE B 24 6.48 -0.13 -14.34
CA PHE B 24 6.02 -0.58 -12.99
C PHE B 24 4.50 -0.68 -12.93
N CYS B 25 4.01 -1.74 -12.34
CA CYS B 25 2.53 -1.89 -12.20
C CYS B 25 2.04 -0.81 -11.24
N HIS B 26 2.83 -0.53 -10.25
CA HIS B 26 2.49 0.50 -9.24
C HIS B 26 3.68 0.64 -8.27
N PRO B 27 3.56 1.48 -7.28
CA PRO B 27 4.69 1.64 -6.32
C PRO B 27 5.01 0.30 -5.64
N LEU B 28 6.26 0.04 -5.37
CA LEU B 28 6.68 -1.24 -4.73
C LEU B 28 6.45 -2.47 -5.61
N CYS B 29 6.73 -2.40 -6.88
CA CYS B 29 6.53 -3.63 -7.71
C CYS B 29 7.72 -3.78 -8.65
N GLN B 30 8.83 -4.22 -8.12
CA GLN B 30 10.04 -4.44 -8.96
C GLN B 30 9.93 -5.81 -9.64
N CYS B 31 8.74 -6.32 -9.68
CA CYS B 31 8.47 -7.64 -10.30
C CYS B 31 9.18 -7.84 -11.63
N PRO B 32 9.17 -9.07 -12.06
CA PRO B 32 9.73 -9.42 -13.38
C PRO B 32 8.78 -8.95 -14.47
N LYS B 33 7.55 -9.36 -14.36
CA LYS B 33 6.50 -8.98 -15.34
C LYS B 33 5.12 -9.14 -14.70
N CYS B 34 5.05 -9.81 -13.57
CA CYS B 34 3.72 -10.10 -12.94
C CYS B 34 2.92 -10.95 -13.91
N ALA B 35 3.61 -11.72 -14.71
CA ALA B 35 2.96 -12.60 -15.70
C ALA B 35 2.67 -13.97 -15.05
N PRO B 36 1.93 -14.79 -15.76
CA PRO B 36 1.60 -16.14 -15.22
C PRO B 36 2.86 -17.01 -15.13
N ALA B 37 3.08 -17.62 -14.00
CA ALA B 37 4.28 -18.49 -13.85
C ALA B 37 4.04 -19.55 -12.77
N GLN B 38 4.81 -20.60 -12.78
CA GLN B 38 4.63 -21.68 -11.77
C GLN B 38 5.50 -21.39 -10.54
N LYS B 39 4.95 -21.59 -9.36
CA LYS B 39 5.74 -21.32 -8.12
C LYS B 39 6.59 -22.55 -7.77
N ARG B 40 7.71 -22.34 -7.12
CA ARG B 40 8.59 -23.49 -6.76
C ARG B 40 8.68 -23.61 -5.23
N LEU B 41 8.93 -24.79 -4.74
CA LEU B 41 9.02 -24.99 -3.27
C LEU B 41 10.48 -24.86 -2.81
N ALA B 42 10.72 -24.12 -1.76
CA ALA B 42 12.11 -23.94 -1.25
C ALA B 42 12.68 -25.30 -0.81
N LYS B 43 13.97 -25.46 -0.90
CA LYS B 43 14.60 -26.75 -0.48
C LYS B 43 14.75 -26.80 1.03
N VAL B 44 14.66 -27.96 1.62
CA VAL B 44 14.80 -28.06 3.10
C VAL B 44 16.23 -27.69 3.53
N PRO B 45 16.35 -26.59 4.23
CA PRO B 45 17.69 -26.14 4.70
C PRO B 45 18.23 -27.07 5.79
N ALA B 46 17.37 -27.77 6.47
CA ALA B 46 17.82 -28.70 7.55
C ALA B 46 17.80 -30.15 7.04
N SER B 47 18.65 -30.98 7.58
CA SER B 47 18.69 -32.41 7.13
C SER B 47 17.38 -33.11 7.51
N GLY B 48 17.10 -34.23 6.90
CA GLY B 48 15.85 -34.97 7.21
C GLY B 48 15.97 -36.41 6.71
N LEU B 49 14.89 -37.15 6.75
CA LEU B 49 14.94 -38.57 6.28
C LEU B 49 14.48 -38.66 4.83
N GLY B 50 15.25 -39.30 3.99
CA GLY B 50 14.86 -39.43 2.56
C GLY B 50 16.11 -39.38 1.68
N VAL B 51 16.00 -39.79 0.44
CA VAL B 51 17.18 -39.77 -0.47
C VAL B 51 16.88 -38.90 -1.69
N ASN B 52 17.81 -38.09 -2.10
CA ASN B 52 17.57 -37.22 -3.29
C ASN B 52 18.26 -37.81 -4.53
N VAL B 53 17.50 -38.27 -5.48
CA VAL B 53 18.11 -38.86 -6.71
C VAL B 53 17.56 -38.16 -7.96
N THR B 54 18.43 -37.77 -8.85
CA THR B 54 17.96 -37.07 -10.10
C THR B 54 18.10 -38.00 -11.31
N SER B 55 18.77 -39.12 -11.16
CA SER B 55 18.93 -40.06 -12.30
C SER B 55 17.75 -41.02 -12.38
N GLN B 56 17.51 -41.60 -13.53
CA GLN B 56 16.39 -42.55 -13.67
C GLN B 56 16.92 -43.98 -13.80
N ASP B 57 16.29 -44.92 -13.14
CA ASP B 57 16.78 -46.34 -13.22
C ASP B 57 16.12 -47.09 -14.38
N GLY B 58 15.50 -46.38 -15.29
CA GLY B 58 14.84 -47.06 -16.44
C GLY B 58 15.89 -47.45 -17.48
N SER B 59 15.46 -48.01 -18.59
CA SER B 59 16.44 -48.41 -19.65
C SER B 59 16.25 -47.54 -20.89
N SER B 60 17.31 -47.28 -21.61
CA SER B 60 17.20 -46.44 -22.84
C SER B 60 16.20 -47.06 -23.81
N TRP B 61 16.12 -48.36 -23.86
CA TRP B 61 15.15 -49.02 -24.79
C TRP B 61 13.74 -49.02 -24.17
N GLY A 1 8.69 22.62 11.64
CA GLY A 1 8.16 22.48 10.25
C GLY A 1 9.31 22.52 9.26
N SER A 2 9.02 22.70 7.99
CA SER A 2 10.11 22.74 6.98
C SER A 2 10.00 24.01 6.12
N PRO A 3 10.29 25.13 6.72
CA PRO A 3 10.23 26.42 5.99
C PRO A 3 11.34 26.49 4.95
N GLU A 4 12.41 25.77 5.15
CA GLU A 4 13.54 25.79 4.19
C GLU A 4 13.08 25.29 2.81
N PHE A 5 13.66 25.79 1.77
CA PHE A 5 13.26 25.35 0.40
C PHE A 5 14.18 24.22 -0.08
N GLY A 6 13.61 23.19 -0.64
CA GLY A 6 14.44 22.04 -1.12
C GLY A 6 13.70 20.73 -0.86
N THR A 7 12.52 20.58 -1.40
CA THR A 7 11.73 19.34 -1.20
C THR A 7 11.22 18.81 -2.54
N ARG A 8 10.82 17.56 -2.60
CA ARG A 8 10.32 17.00 -3.89
C ARG A 8 8.79 17.12 -3.95
N ASP A 9 8.29 17.71 -5.00
CA ASP A 9 6.82 17.88 -5.14
C ASP A 9 6.13 16.51 -5.19
N ARG A 10 6.75 15.54 -5.81
CA ARG A 10 6.12 14.19 -5.90
C ARG A 10 6.74 13.23 -4.89
N MET A 11 5.95 12.62 -4.04
CA MET A 11 6.55 11.68 -3.06
C MET A 11 5.56 10.54 -2.75
N LEU A 12 6.05 9.32 -2.68
CA LEU A 12 5.17 8.17 -2.39
C LEU A 12 5.16 7.85 -0.89
N VAL A 13 4.02 7.63 -0.31
CA VAL A 13 3.95 7.31 1.16
C VAL A 13 3.31 5.94 1.38
N LEU A 14 3.85 5.17 2.28
CA LEU A 14 3.26 3.82 2.56
C LEU A 14 2.35 3.87 3.80
N VAL A 15 1.16 3.34 3.70
CA VAL A 15 0.23 3.35 4.86
C VAL A 15 -0.19 1.92 5.20
N LEU A 16 -0.08 1.55 6.45
CA LEU A 16 -0.48 0.18 6.87
C LEU A 16 -0.60 0.11 8.40
N GLY A 17 -0.90 -1.04 8.93
CA GLY A 17 -1.04 -1.15 10.41
C GLY A 17 -1.89 -2.37 10.77
N ASP A 18 -2.18 -2.53 12.04
CA ASP A 18 -3.01 -3.68 12.51
C ASP A 18 -2.29 -4.99 12.17
N LEU A 19 -1.00 -5.02 12.35
CA LEU A 19 -0.23 -6.26 12.08
C LEU A 19 -0.53 -7.24 13.22
N HIS A 20 -0.69 -6.71 14.41
CA HIS A 20 -1.00 -7.54 15.60
C HIS A 20 0.03 -8.66 15.80
N ILE A 21 1.29 -8.34 15.62
CA ILE A 21 2.34 -9.38 15.84
C ILE A 21 2.98 -9.16 17.22
N PRO A 22 3.20 -10.23 17.96
CA PRO A 22 2.86 -11.60 17.55
C PRO A 22 1.53 -12.04 18.17
N HIS A 23 0.68 -11.09 18.50
CA HIS A 23 -0.61 -11.44 19.15
C HIS A 23 -1.48 -12.33 18.26
N ARG A 24 -1.64 -11.99 17.01
CA ARG A 24 -2.50 -12.83 16.12
C ARG A 24 -1.74 -13.28 14.87
N CYS A 25 -0.69 -12.59 14.51
CA CYS A 25 0.10 -13.00 13.30
C CYS A 25 1.59 -12.99 13.61
N ASN A 26 2.37 -13.71 12.84
CA ASN A 26 3.83 -13.74 13.11
C ASN A 26 4.60 -12.84 12.12
N SER A 27 4.00 -12.49 11.02
CA SER A 27 4.69 -11.62 10.03
C SER A 27 3.74 -11.21 8.90
N LEU A 28 4.21 -10.43 7.98
CA LEU A 28 3.37 -10.02 6.82
C LEU A 28 3.29 -11.19 5.84
N PRO A 29 2.32 -11.15 4.96
CA PRO A 29 2.17 -12.24 3.97
C PRO A 29 3.40 -12.30 3.04
N ALA A 30 3.80 -13.49 2.67
CA ALA A 30 5.03 -13.66 1.83
C ALA A 30 5.07 -12.73 0.61
N LYS A 31 4.07 -12.76 -0.23
CA LYS A 31 4.11 -11.89 -1.45
C LYS A 31 4.27 -10.41 -1.09
N PHE A 32 3.66 -9.97 -0.02
CA PHE A 32 3.79 -8.53 0.36
C PHE A 32 5.23 -8.16 0.68
N LYS A 33 5.95 -9.03 1.35
CA LYS A 33 7.37 -8.71 1.67
C LYS A 33 8.11 -8.41 0.37
N LYS A 34 7.80 -9.14 -0.68
CA LYS A 34 8.46 -8.89 -1.99
C LYS A 34 7.99 -7.53 -2.55
N LEU A 35 6.75 -7.18 -2.32
CA LEU A 35 6.22 -5.88 -2.83
C LEU A 35 6.93 -4.70 -2.16
N LEU A 36 7.19 -4.80 -0.88
CA LEU A 36 7.86 -3.67 -0.16
C LEU A 36 9.38 -3.74 -0.32
N VAL A 37 9.98 -2.61 -0.63
CA VAL A 37 11.47 -2.58 -0.81
C VAL A 37 12.01 -1.20 -0.41
N PRO A 38 13.19 -1.18 0.18
CA PRO A 38 13.80 0.09 0.61
C PRO A 38 14.26 0.91 -0.61
N GLY A 39 14.23 2.21 -0.51
CA GLY A 39 14.68 3.06 -1.65
C GLY A 39 13.46 3.41 -2.53
N LYS A 40 12.33 2.83 -2.25
CA LYS A 40 11.12 3.13 -3.07
C LYS A 40 10.14 4.00 -2.29
N ILE A 41 10.16 3.93 -1.00
CA ILE A 41 9.20 4.74 -0.19
C ILE A 41 9.94 5.82 0.60
N GLN A 42 9.48 7.03 0.55
CA GLN A 42 10.14 8.14 1.30
C GLN A 42 9.38 8.44 2.60
N HIS A 43 8.13 8.06 2.68
CA HIS A 43 7.35 8.34 3.92
C HIS A 43 6.49 7.12 4.31
N ILE A 44 6.43 6.81 5.58
CA ILE A 44 5.60 5.65 6.02
C ILE A 44 4.68 6.05 7.18
N LEU A 45 3.40 5.87 7.02
CA LEU A 45 2.45 6.20 8.11
C LEU A 45 1.87 4.91 8.69
N CYS A 46 1.91 4.75 9.99
CA CYS A 46 1.37 3.50 10.60
C CYS A 46 0.22 3.84 11.55
N THR A 47 -0.90 3.17 11.40
CA THR A 47 -2.07 3.45 12.28
C THR A 47 -2.22 2.37 13.35
N GLY A 48 -2.33 1.13 12.95
CA GLY A 48 -2.52 0.03 13.93
C GLY A 48 -1.28 -0.15 14.80
N ASN A 49 -1.43 -0.88 15.88
CA ASN A 49 -0.28 -1.11 16.80
C ASN A 49 0.72 -2.10 16.17
N LEU A 50 1.99 -1.94 16.46
CA LEU A 50 3.00 -2.85 15.86
C LEU A 50 2.68 -4.33 16.16
N CYS A 51 2.64 -4.76 17.40
CA CYS A 51 2.92 -3.87 18.57
C CYS A 51 4.37 -4.07 19.04
N THR A 52 4.97 -5.19 18.69
CA THR A 52 6.38 -5.45 19.13
C THR A 52 7.35 -4.50 18.42
N LYS A 53 8.37 -4.07 19.12
CA LYS A 53 9.37 -3.15 18.50
C LYS A 53 10.03 -3.81 17.28
N GLU A 54 10.12 -5.12 17.29
CA GLU A 54 10.75 -5.83 16.14
C GLU A 54 10.12 -5.37 14.81
N SER A 55 8.82 -5.19 14.80
CA SER A 55 8.16 -4.73 13.55
C SER A 55 8.59 -3.29 13.24
N TYR A 56 8.81 -2.49 14.25
CA TYR A 56 9.25 -1.08 14.01
C TYR A 56 10.56 -1.06 13.23
N ASP A 57 11.49 -1.91 13.59
CA ASP A 57 12.79 -1.94 12.85
C ASP A 57 12.54 -2.27 11.38
N TYR A 58 11.64 -3.17 11.12
CA TYR A 58 11.34 -3.53 9.70
C TYR A 58 10.78 -2.31 8.96
N LEU A 59 9.88 -1.59 9.56
CA LEU A 59 9.31 -0.39 8.89
C LEU A 59 10.41 0.65 8.64
N LYS A 60 11.31 0.79 9.58
CA LYS A 60 12.41 1.78 9.41
C LYS A 60 13.26 1.40 8.19
N THR A 61 13.39 0.14 7.92
CA THR A 61 14.21 -0.31 6.75
C THR A 61 13.59 0.19 5.44
N LEU A 62 12.30 0.09 5.29
CA LEU A 62 11.65 0.55 4.02
C LEU A 62 11.87 2.05 3.83
N ALA A 63 11.85 2.82 4.89
CA ALA A 63 12.05 4.29 4.75
C ALA A 63 12.65 4.86 6.04
N GLY A 64 13.35 5.97 5.94
CA GLY A 64 13.96 6.58 7.16
C GLY A 64 12.90 7.34 7.96
N ASP A 65 12.05 8.08 7.29
CA ASP A 65 11.00 8.85 8.03
C ASP A 65 9.75 7.98 8.24
N VAL A 66 9.50 7.61 9.47
CA VAL A 66 8.30 6.76 9.76
C VAL A 66 7.44 7.41 10.84
N HIS A 67 6.14 7.45 10.64
CA HIS A 67 5.25 8.06 11.66
C HIS A 67 4.28 6.99 12.21
N ILE A 68 4.22 6.84 13.50
CA ILE A 68 3.31 5.79 14.07
C ILE A 68 2.44 6.37 15.20
N VAL A 69 1.28 5.81 15.40
CA VAL A 69 0.38 6.28 16.49
C VAL A 69 0.08 5.10 17.43
N ARG A 70 -0.30 5.35 18.66
CA ARG A 70 -0.56 4.21 19.59
C ARG A 70 -1.90 3.53 19.29
N GLY A 71 -1.89 2.23 19.18
CA GLY A 71 -3.15 1.47 18.93
C GLY A 71 -3.72 1.01 20.27
N ASP A 72 -4.77 0.25 20.26
CA ASP A 72 -5.35 -0.22 21.55
C ASP A 72 -4.58 -1.44 22.08
N PHE A 73 -3.58 -1.88 21.37
CA PHE A 73 -2.80 -3.07 21.85
C PHE A 73 -1.29 -2.85 21.68
N ASP A 74 -0.85 -1.62 21.67
CA ASP A 74 0.61 -1.36 21.53
C ASP A 74 1.32 -1.50 22.88
N GLU A 75 2.42 -2.20 22.91
CA GLU A 75 3.16 -2.37 24.20
C GLU A 75 3.77 -1.03 24.63
N ASN A 76 4.40 -0.35 23.71
CA ASN A 76 5.02 0.96 24.04
C ASN A 76 3.94 2.04 24.17
N LEU A 77 3.85 2.64 25.33
CA LEU A 77 2.83 3.71 25.55
C LEU A 77 3.37 5.07 25.12
N ASN A 78 4.59 5.12 24.66
CA ASN A 78 5.18 6.43 24.23
C ASN A 78 4.61 6.88 22.88
N TYR A 79 3.79 6.08 22.25
CA TYR A 79 3.21 6.50 20.94
C TYR A 79 2.10 7.52 21.19
N PRO A 80 1.95 8.44 20.26
CA PRO A 80 0.93 9.50 20.38
C PRO A 80 -0.47 8.96 20.07
N GLU A 81 -1.47 9.38 20.81
CA GLU A 81 -2.85 8.90 20.53
C GLU A 81 -3.23 9.26 19.09
N GLN A 82 -2.85 10.44 18.67
CA GLN A 82 -3.14 10.88 17.27
C GLN A 82 -2.07 11.87 16.83
N LYS A 83 -1.77 11.94 15.55
CA LYS A 83 -0.72 12.90 15.11
C LYS A 83 -1.06 13.51 13.74
N VAL A 84 -0.66 14.73 13.52
CA VAL A 84 -0.93 15.40 12.22
C VAL A 84 0.39 15.64 11.49
N VAL A 85 0.61 14.97 10.39
CA VAL A 85 1.88 15.17 9.64
C VAL A 85 1.60 15.78 8.26
N THR A 86 2.33 16.81 7.91
CA THR A 86 2.11 17.45 6.59
C THR A 86 3.02 16.81 5.54
N VAL A 87 2.47 16.43 4.42
CA VAL A 87 3.29 15.81 3.34
C VAL A 87 3.17 16.64 2.07
N GLY A 88 3.99 17.65 1.92
CA GLY A 88 3.90 18.50 0.71
C GLY A 88 2.73 19.49 0.87
N GLN A 89 1.76 19.42 -0.01
CA GLN A 89 0.59 20.34 0.10
C GLN A 89 -0.54 19.70 0.91
N PHE A 90 -0.40 18.45 1.28
CA PHE A 90 -1.49 17.77 2.03
C PHE A 90 -1.27 17.75 3.54
N LYS A 91 -2.32 18.02 4.28
CA LYS A 91 -2.24 17.95 5.76
C LYS A 91 -2.95 16.68 6.20
N ILE A 92 -2.22 15.69 6.63
CA ILE A 92 -2.86 14.39 6.99
C ILE A 92 -2.89 14.16 8.50
N GLY A 93 -3.97 13.61 9.00
CA GLY A 93 -4.09 13.32 10.45
C GLY A 93 -3.91 11.82 10.64
N LEU A 94 -3.57 11.38 11.83
CA LEU A 94 -3.38 9.91 12.03
C LEU A 94 -3.94 9.44 13.38
N ILE A 95 -4.70 8.39 13.38
CA ILE A 95 -5.26 7.85 14.65
C ILE A 95 -5.61 6.36 14.48
N HIS A 96 -5.51 5.57 15.51
CA HIS A 96 -5.84 4.12 15.36
C HIS A 96 -7.29 3.94 14.92
N GLY A 97 -8.22 4.40 15.71
CA GLY A 97 -9.65 4.26 15.33
C GLY A 97 -10.47 3.77 16.53
N HIS A 98 -9.86 3.05 17.44
CA HIS A 98 -10.63 2.54 18.62
C HIS A 98 -11.19 3.72 19.43
N GLN A 99 -10.66 4.90 19.24
CA GLN A 99 -11.16 6.09 19.97
C GLN A 99 -12.37 6.69 19.23
N VAL A 100 -12.67 6.19 18.05
CA VAL A 100 -13.83 6.75 17.29
C VAL A 100 -15.06 5.87 17.49
N ILE A 101 -16.06 6.39 18.14
CA ILE A 101 -17.30 5.58 18.38
C ILE A 101 -18.49 6.17 17.61
N PRO A 102 -19.18 5.32 16.86
CA PRO A 102 -18.82 3.89 16.78
C PRO A 102 -17.52 3.66 16.00
N TRP A 103 -16.88 2.57 16.28
CA TRP A 103 -15.56 2.24 15.66
C TRP A 103 -15.44 2.58 14.17
N GLY A 104 -16.30 2.09 13.32
CA GLY A 104 -16.14 2.40 11.85
C GLY A 104 -17.24 3.34 11.34
N ASP A 105 -17.71 4.26 12.14
CA ASP A 105 -18.77 5.19 11.63
C ASP A 105 -18.14 6.29 10.78
N MET A 106 -18.72 6.59 9.65
CA MET A 106 -18.16 7.67 8.80
C MET A 106 -18.47 9.03 9.43
N ALA A 107 -19.66 9.19 9.96
CA ALA A 107 -20.02 10.49 10.61
C ALA A 107 -19.08 10.77 11.77
N SER A 108 -18.72 9.74 12.52
CA SER A 108 -17.78 9.96 13.65
C SER A 108 -16.40 10.34 13.10
N LEU A 109 -15.98 9.68 12.06
CA LEU A 109 -14.66 10.02 11.45
C LEU A 109 -14.70 11.44 10.91
N ALA A 110 -15.78 11.81 10.27
CA ALA A 110 -15.88 13.20 9.73
C ALA A 110 -15.82 14.21 10.89
N LEU A 111 -16.55 13.94 11.94
CA LEU A 111 -16.53 14.86 13.12
C LEU A 111 -15.07 15.01 13.60
N LEU A 112 -14.31 13.96 13.52
CA LEU A 112 -12.88 14.04 13.94
C LEU A 112 -12.08 14.86 12.93
N GLN A 113 -12.43 14.76 11.67
CA GLN A 113 -11.70 15.54 10.63
C GLN A 113 -11.78 17.03 10.94
N ARG A 114 -12.95 17.50 11.28
CA ARG A 114 -13.10 18.96 11.61
C ARG A 114 -12.11 19.36 12.70
N GLN A 115 -12.15 18.69 13.82
CA GLN A 115 -11.22 19.03 14.93
C GLN A 115 -9.77 18.99 14.45
N PHE A 116 -9.40 17.97 13.71
CA PHE A 116 -7.99 17.88 13.21
C PHE A 116 -7.72 18.90 12.10
N ASP A 117 -8.73 19.28 11.35
CA ASP A 117 -8.51 20.26 10.24
C ASP A 117 -7.49 19.70 9.24
N VAL A 118 -7.67 18.47 8.83
CA VAL A 118 -6.73 17.85 7.85
C VAL A 118 -7.44 17.58 6.53
N ASP A 119 -6.69 17.50 5.45
CA ASP A 119 -7.33 17.22 4.13
C ASP A 119 -7.56 15.71 4.00
N ILE A 120 -6.71 14.93 4.60
CA ILE A 120 -6.86 13.44 4.54
C ILE A 120 -6.79 12.84 5.95
N LEU A 121 -7.60 11.86 6.24
CA LEU A 121 -7.57 11.24 7.60
C LEU A 121 -7.25 9.75 7.48
N ILE A 122 -6.20 9.30 8.13
CA ILE A 122 -5.84 7.85 8.05
C ILE A 122 -6.21 7.14 9.36
N SER A 123 -6.87 6.03 9.27
CA SER A 123 -7.25 5.29 10.52
C SER A 123 -7.51 3.81 10.19
N GLY A 124 -7.48 2.97 11.19
CA GLY A 124 -7.71 1.51 10.95
C GLY A 124 -8.63 0.94 12.03
N HIS A 125 -8.16 -0.06 12.75
CA HIS A 125 -8.97 -0.70 13.85
C HIS A 125 -10.04 -1.64 13.28
N THR A 126 -10.62 -1.31 12.14
CA THR A 126 -11.67 -2.20 11.56
C THR A 126 -11.08 -3.29 10.67
N HIS A 127 -9.80 -3.21 10.38
CA HIS A 127 -9.17 -4.24 9.50
C HIS A 127 -9.90 -4.36 8.16
N LYS A 128 -10.58 -3.31 7.76
CA LYS A 128 -11.30 -3.34 6.45
C LYS A 128 -10.81 -2.18 5.58
N PHE A 129 -10.16 -2.47 4.48
CA PHE A 129 -9.67 -1.36 3.61
C PHE A 129 -10.82 -0.43 3.23
N GLU A 130 -10.58 0.86 3.26
CA GLU A 130 -11.65 1.83 2.90
C GLU A 130 -11.03 3.11 2.34
N ALA A 131 -11.41 3.47 1.13
CA ALA A 131 -10.87 4.71 0.52
C ALA A 131 -11.99 5.48 -0.19
N PHE A 132 -12.54 6.48 0.46
CA PHE A 132 -13.64 7.25 -0.17
C PHE A 132 -13.51 8.75 0.15
N GLU A 133 -14.26 9.58 -0.55
CA GLU A 133 -14.21 11.05 -0.29
C GLU A 133 -15.52 11.52 0.36
N HIS A 134 -15.44 12.50 1.23
CA HIS A 134 -16.67 13.00 1.91
C HIS A 134 -16.57 14.51 2.18
N GLU A 135 -17.44 15.29 1.59
CA GLU A 135 -17.44 16.76 1.81
C GLU A 135 -16.05 17.35 1.54
N ASN A 136 -15.54 17.17 0.35
CA ASN A 136 -14.20 17.73 -0.03
C ASN A 136 -13.07 17.18 0.83
N LYS A 137 -13.29 16.12 1.56
CA LYS A 137 -12.19 15.55 2.40
C LYS A 137 -11.97 14.08 2.03
N PHE A 138 -10.79 13.57 2.27
CA PHE A 138 -10.51 12.15 1.91
C PHE A 138 -10.27 11.30 3.16
N TYR A 139 -10.78 10.10 3.16
CA TYR A 139 -10.57 9.19 4.32
C TYR A 139 -9.92 7.90 3.82
N ILE A 140 -8.93 7.40 4.49
CA ILE A 140 -8.25 6.16 4.02
C ILE A 140 -8.02 5.17 5.16
N ASN A 141 -8.30 3.93 4.92
CA ASN A 141 -8.06 2.87 5.94
C ASN A 141 -7.31 1.72 5.27
N PRO A 142 -6.06 1.57 5.62
CA PRO A 142 -5.21 0.50 5.00
C PRO A 142 -5.70 -0.89 5.39
N GLY A 143 -6.29 -1.03 6.55
CA GLY A 143 -6.78 -2.37 6.99
C GLY A 143 -5.68 -3.10 7.76
N SER A 144 -5.54 -4.38 7.53
CA SER A 144 -4.49 -5.17 8.26
C SER A 144 -3.48 -5.73 7.27
N ALA A 145 -2.26 -5.25 7.30
CA ALA A 145 -1.22 -5.77 6.37
C ALA A 145 -1.02 -7.28 6.57
N THR A 146 -1.42 -7.80 7.70
CA THR A 146 -1.25 -9.26 7.96
C THR A 146 -2.61 -9.95 8.05
N GLY A 147 -3.67 -9.28 7.64
CA GLY A 147 -5.02 -9.92 7.73
C GLY A 147 -5.27 -10.36 9.17
N ALA A 148 -4.81 -9.59 10.13
CA ALA A 148 -4.98 -9.96 11.56
C ALA A 148 -6.45 -10.31 11.84
N TYR A 149 -6.67 -11.22 12.74
CA TYR A 149 -8.06 -11.64 13.08
C TYR A 149 -8.86 -10.50 13.72
N ASN A 150 -10.16 -10.51 13.53
CA ASN A 150 -11.03 -9.46 14.12
C ASN A 150 -12.41 -10.06 14.41
N ALA A 151 -12.78 -10.13 15.66
CA ALA A 151 -14.09 -10.73 16.04
C ALA A 151 -15.28 -10.17 15.24
N LEU A 152 -15.22 -8.95 14.80
CA LEU A 152 -16.39 -8.39 14.05
C LEU A 152 -16.44 -8.89 12.59
N GLU A 153 -15.32 -9.19 12.00
CA GLU A 153 -15.34 -9.68 10.59
C GLU A 153 -14.65 -11.05 10.49
N THR A 154 -15.39 -12.07 10.14
CA THR A 154 -14.78 -13.43 10.04
C THR A 154 -13.94 -13.57 8.77
N ASN A 155 -14.08 -12.69 7.83
CA ASN A 155 -13.27 -12.79 6.58
C ASN A 155 -12.40 -11.54 6.42
N ILE A 156 -11.17 -11.59 6.87
CA ILE A 156 -10.28 -10.40 6.74
C ILE A 156 -9.31 -10.59 5.58
N ILE A 157 -9.07 -9.55 4.83
CA ILE A 157 -8.11 -9.65 3.70
C ILE A 157 -6.89 -8.78 4.02
N PRO A 158 -5.73 -9.38 4.05
CA PRO A 158 -4.49 -8.63 4.38
C PRO A 158 -4.20 -7.62 3.27
N SER A 159 -3.87 -6.40 3.61
CA SER A 159 -3.60 -5.39 2.53
C SER A 159 -2.94 -4.13 3.09
N PHE A 160 -2.21 -3.44 2.25
CA PHE A 160 -1.57 -2.16 2.66
C PHE A 160 -1.79 -1.14 1.54
N VAL A 161 -1.65 0.13 1.83
CA VAL A 161 -1.93 1.14 0.76
C VAL A 161 -0.78 2.14 0.56
N LEU A 162 -0.49 2.43 -0.69
CA LEU A 162 0.57 3.41 -1.03
C LEU A 162 -0.10 4.68 -1.57
N MET A 163 0.34 5.84 -1.18
CA MET A 163 -0.30 7.08 -1.69
C MET A 163 0.71 7.89 -2.50
N ASP A 164 0.44 8.09 -3.76
CA ASP A 164 1.38 8.89 -4.61
C ASP A 164 0.91 10.35 -4.67
N ILE A 165 1.69 11.27 -4.17
CA ILE A 165 1.27 12.69 -4.19
C ILE A 165 2.19 13.53 -5.08
N GLN A 166 1.67 13.99 -6.20
CA GLN A 166 2.49 14.85 -7.10
C GLN A 166 2.47 16.29 -6.57
N ALA A 167 1.32 16.72 -6.13
CA ALA A 167 1.17 18.10 -5.59
C ALA A 167 -0.19 18.23 -4.91
N SER A 168 -1.13 18.91 -5.51
CA SER A 168 -2.49 19.03 -4.89
C SER A 168 -3.35 17.81 -5.26
N THR A 169 -2.77 16.83 -5.88
CA THR A 169 -3.53 15.60 -6.29
C THR A 169 -2.88 14.35 -5.69
N VAL A 170 -3.65 13.42 -5.23
CA VAL A 170 -3.03 12.19 -4.65
C VAL A 170 -3.70 10.92 -5.20
N VAL A 171 -2.91 9.92 -5.50
CA VAL A 171 -3.47 8.64 -6.00
C VAL A 171 -3.16 7.56 -4.97
N THR A 172 -4.14 6.83 -4.54
CA THR A 172 -3.87 5.77 -3.52
C THR A 172 -3.97 4.39 -4.15
N TYR A 173 -3.05 3.53 -3.81
CA TYR A 173 -3.09 2.16 -4.35
C TYR A 173 -3.32 1.18 -3.20
N VAL A 174 -4.30 0.34 -3.33
CA VAL A 174 -4.58 -0.63 -2.26
C VAL A 174 -4.20 -2.03 -2.73
N TYR A 175 -3.48 -2.76 -1.93
CA TYR A 175 -3.07 -4.13 -2.34
C TYR A 175 -3.79 -5.16 -1.48
N GLN A 176 -4.68 -5.89 -2.05
CA GLN A 176 -5.39 -6.93 -1.26
C GLN A 176 -4.90 -8.31 -1.66
N LEU A 177 -4.72 -9.18 -0.71
CA LEU A 177 -4.25 -10.55 -1.03
C LEU A 177 -5.44 -11.49 -1.14
N ILE A 178 -5.94 -11.69 -2.32
CA ILE A 178 -7.10 -12.60 -2.49
C ILE A 178 -6.62 -13.87 -3.19
N GLY A 179 -6.87 -15.01 -2.62
CA GLY A 179 -6.40 -16.27 -3.24
C GLY A 179 -4.87 -16.28 -3.20
N ASP A 180 -4.23 -16.58 -4.29
CA ASP A 180 -2.74 -16.59 -4.31
C ASP A 180 -2.21 -15.28 -4.91
N ASP A 181 -2.72 -14.89 -6.04
CA ASP A 181 -2.25 -13.63 -6.68
C ASP A 181 -2.75 -12.41 -5.89
N VAL A 182 -2.06 -11.31 -5.99
CA VAL A 182 -2.49 -10.09 -5.25
C VAL A 182 -3.22 -9.13 -6.20
N LYS A 183 -4.40 -8.70 -5.84
CA LYS A 183 -5.15 -7.76 -6.71
C LYS A 183 -4.92 -6.33 -6.26
N VAL A 184 -4.91 -5.40 -7.19
CA VAL A 184 -4.68 -3.97 -6.79
C VAL A 184 -5.72 -3.06 -7.43
N GLU A 185 -6.18 -2.08 -6.68
CA GLU A 185 -7.20 -1.13 -7.21
C GLU A 185 -6.63 0.30 -7.16
N ARG A 186 -7.05 1.15 -8.07
CA ARG A 186 -6.51 2.54 -8.07
C ARG A 186 -7.59 3.59 -7.76
N ILE A 187 -7.33 4.43 -6.80
CA ILE A 187 -8.31 5.50 -6.43
C ILE A 187 -7.60 6.86 -6.45
N GLU A 188 -8.18 7.85 -7.07
CA GLU A 188 -7.50 9.18 -7.13
C GLU A 188 -8.31 10.26 -6.38
N TYR A 189 -7.62 11.13 -5.71
CA TYR A 189 -8.30 12.23 -4.96
C TYR A 189 -7.53 13.54 -5.12
N LYS A 190 -8.20 14.64 -5.22
CA LYS A 190 -7.49 15.95 -5.36
C LYS A 190 -8.20 17.03 -4.53
N LYS A 191 -7.44 17.95 -3.98
CA LYS A 191 -8.06 19.03 -3.16
C LYS A 191 -9.21 19.69 -3.93
N SER A 192 -9.10 19.80 -5.22
CA SER A 192 -10.19 20.43 -6.03
C SER A 192 -10.15 19.91 -7.47
N GLY B 1 16.53 -0.81 -32.56
CA GLY B 1 15.16 -0.95 -33.09
C GLY B 1 14.35 -1.89 -32.19
N PRO B 2 13.06 -1.70 -32.16
CA PRO B 2 12.19 -2.56 -31.32
C PRO B 2 12.12 -3.99 -31.88
N LEU B 3 12.13 -4.97 -31.02
CA LEU B 3 12.06 -6.38 -31.50
C LEU B 3 10.73 -6.64 -32.21
N GLY B 4 9.68 -5.97 -31.80
CA GLY B 4 8.35 -6.19 -32.45
C GLY B 4 8.48 -6.03 -33.97
N SER B 5 7.73 -6.79 -34.72
CA SER B 5 7.79 -6.69 -36.21
C SER B 5 6.40 -6.87 -36.81
N THR B 6 6.20 -6.46 -38.03
CA THR B 6 4.86 -6.62 -38.66
C THR B 6 4.98 -7.31 -40.03
N GLU B 7 3.95 -8.00 -40.45
CA GLU B 7 4.01 -8.70 -41.77
C GLU B 7 4.17 -7.67 -42.90
N GLU B 8 5.01 -7.96 -43.86
CA GLU B 8 5.20 -7.01 -44.99
C GLU B 8 4.02 -7.09 -45.96
N ASP B 9 3.43 -8.25 -46.12
CA ASP B 9 2.29 -8.40 -47.06
C ASP B 9 1.13 -7.48 -46.66
N LEU B 10 0.84 -7.38 -45.39
CA LEU B 10 -0.27 -6.49 -44.95
C LEU B 10 0.28 -5.31 -44.12
N GLU B 11 -0.31 -4.15 -44.28
CA GLU B 11 0.16 -2.97 -43.52
C GLU B 11 -0.91 -2.52 -42.52
N ASP B 12 -0.54 -1.75 -41.53
CA ASP B 12 -1.53 -1.28 -40.53
C ASP B 12 -1.30 0.20 -40.22
N ALA B 13 -2.19 0.81 -39.48
CA ALA B 13 -2.03 2.26 -39.15
C ALA B 13 -0.62 2.53 -38.61
N GLU B 14 -0.08 3.67 -38.91
CA GLU B 14 1.29 4.01 -38.43
C GLU B 14 1.37 3.91 -36.89
N ASP B 15 2.46 3.41 -36.38
CA ASP B 15 2.61 3.29 -34.90
C ASP B 15 3.55 4.37 -34.36
N THR B 16 3.68 4.47 -33.07
CA THR B 16 4.56 5.51 -32.49
C THR B 16 5.74 4.85 -31.75
N VAL B 17 6.73 5.63 -31.40
CA VAL B 17 7.91 5.06 -30.67
C VAL B 17 7.53 4.71 -29.22
N SER B 18 8.06 3.65 -28.70
CA SER B 18 7.73 3.25 -27.31
C SER B 18 8.97 3.42 -26.42
N ALA B 19 8.77 3.70 -25.16
CA ALA B 19 9.93 3.89 -24.24
C ALA B 19 10.56 2.53 -23.90
N ALA B 20 11.85 2.40 -24.10
CA ALA B 20 12.54 1.11 -23.80
C ALA B 20 12.55 0.87 -22.28
N ASP B 21 12.50 1.92 -21.50
CA ASP B 21 12.52 1.76 -20.01
C ASP B 21 11.43 0.77 -19.56
N PRO B 22 11.68 0.15 -18.43
CA PRO B 22 10.70 -0.84 -17.89
C PRO B 22 9.43 -0.13 -17.43
N GLU B 23 8.32 -0.83 -17.41
CA GLU B 23 7.04 -0.19 -16.98
C GLU B 23 6.67 -0.64 -15.56
N PHE B 24 6.03 0.21 -14.81
CA PHE B 24 5.63 -0.15 -13.43
C PHE B 24 4.11 -0.31 -13.29
N CYS B 25 3.69 -1.33 -12.58
CA CYS B 25 2.23 -1.55 -12.37
C CYS B 25 1.76 -0.53 -11.33
N HIS B 26 2.59 -0.27 -10.37
CA HIS B 26 2.26 0.70 -9.29
C HIS B 26 3.48 0.83 -8.38
N PRO B 27 3.39 1.62 -7.34
CA PRO B 27 4.55 1.78 -6.42
C PRO B 27 4.92 0.42 -5.82
N LEU B 28 6.19 0.20 -5.56
CA LEU B 28 6.66 -1.11 -4.99
C LEU B 28 6.49 -2.28 -5.96
N CYS B 29 6.69 -2.07 -7.23
CA CYS B 29 6.56 -3.23 -8.17
C CYS B 29 7.69 -3.14 -9.20
N GLN B 30 8.88 -3.47 -8.77
CA GLN B 30 10.05 -3.42 -9.70
C GLN B 30 10.07 -4.66 -10.58
N CYS B 31 8.96 -5.33 -10.65
CA CYS B 31 8.83 -6.56 -11.46
C CYS B 31 9.38 -6.38 -12.88
N PRO B 32 9.48 -7.48 -13.57
CA PRO B 32 9.91 -7.45 -14.98
C PRO B 32 8.77 -6.89 -15.81
N LYS B 33 7.62 -7.50 -15.69
CA LYS B 33 6.40 -7.06 -16.44
C LYS B 33 5.16 -7.60 -15.74
N CYS B 34 5.33 -8.52 -14.82
CA CYS B 34 4.13 -9.16 -14.17
C CYS B 34 3.33 -9.88 -15.26
N ALA B 35 4.02 -10.30 -16.28
CA ALA B 35 3.36 -11.00 -17.41
C ALA B 35 3.50 -12.52 -17.24
N PRO B 36 2.40 -13.19 -17.20
CA PRO B 36 2.41 -14.67 -17.04
C PRO B 36 2.96 -15.35 -18.30
N ALA B 37 2.59 -14.86 -19.45
CA ALA B 37 3.07 -15.46 -20.72
C ALA B 37 2.54 -14.67 -21.92
N GLN B 38 1.37 -14.12 -21.81
CA GLN B 38 0.79 -13.34 -22.95
C GLN B 38 1.07 -11.85 -22.76
N LYS B 39 1.11 -11.12 -23.84
CA LYS B 39 1.37 -9.64 -23.75
C LYS B 39 0.34 -8.96 -22.86
N ARG B 40 -0.81 -9.57 -22.68
CA ARG B 40 -1.88 -8.96 -21.83
C ARG B 40 -1.30 -8.26 -20.59
N LEU B 41 -1.31 -6.95 -20.59
CA LEU B 41 -0.77 -6.20 -19.43
C LEU B 41 -1.93 -5.62 -18.61
N ALA B 42 -1.77 -5.52 -17.31
CA ALA B 42 -2.87 -4.98 -16.46
C ALA B 42 -3.36 -3.64 -17.02
N LYS B 43 -4.64 -3.41 -16.98
CA LYS B 43 -5.19 -2.12 -17.54
C LYS B 43 -5.26 -1.06 -16.45
N VAL B 44 -4.74 0.11 -16.72
CA VAL B 44 -4.77 1.21 -15.72
C VAL B 44 -5.32 2.48 -16.37
N PRO B 45 -6.63 2.61 -16.34
CA PRO B 45 -7.28 3.80 -16.95
C PRO B 45 -6.95 5.06 -16.15
N ALA B 46 -6.25 5.98 -16.77
CA ALA B 46 -5.88 7.24 -16.06
C ALA B 46 -5.51 8.32 -17.09
N SER B 47 -5.65 9.57 -16.73
CA SER B 47 -5.31 10.66 -17.68
C SER B 47 -4.21 11.55 -17.09
N GLY B 48 -3.35 12.07 -17.92
CA GLY B 48 -2.25 12.94 -17.41
C GLY B 48 -2.54 14.40 -17.79
N LEU B 49 -2.26 15.32 -16.90
CA LEU B 49 -2.51 16.75 -17.22
C LEU B 49 -1.68 17.20 -18.43
N GLY B 50 -0.49 16.68 -18.55
CA GLY B 50 0.37 17.07 -19.71
C GLY B 50 1.81 17.28 -19.23
N VAL B 51 2.63 17.87 -20.05
CA VAL B 51 4.05 18.10 -19.64
C VAL B 51 4.31 19.60 -19.47
N ASN B 52 4.95 19.98 -18.40
CA ASN B 52 5.23 21.43 -18.17
C ASN B 52 6.53 21.60 -17.39
N VAL B 53 6.69 22.68 -16.68
CA VAL B 53 7.94 22.90 -15.91
C VAL B 53 7.62 23.11 -14.42
N THR B 54 8.54 22.79 -13.55
CA THR B 54 8.29 22.97 -12.09
C THR B 54 8.87 24.31 -11.60
N SER B 55 9.45 25.08 -12.48
CA SER B 55 10.03 26.39 -12.04
C SER B 55 8.91 27.35 -11.63
N GLN B 56 9.20 28.27 -10.74
CA GLN B 56 8.15 29.23 -10.31
C GLN B 56 8.46 30.64 -10.83
N ASP B 57 9.53 31.23 -10.36
CA ASP B 57 9.89 32.61 -10.83
C ASP B 57 10.04 32.64 -12.35
N GLY B 58 10.65 31.63 -12.92
CA GLY B 58 10.83 31.60 -14.40
C GLY B 58 11.87 32.65 -14.80
N SER B 59 12.82 32.92 -13.95
CA SER B 59 13.86 33.94 -14.28
C SER B 59 14.74 33.45 -15.44
N SER B 60 15.39 34.36 -16.11
CA SER B 60 16.27 33.96 -17.25
C SER B 60 17.40 33.06 -16.77
N TRP B 61 17.80 33.20 -15.52
CA TRP B 61 18.90 32.35 -14.99
C TRP B 61 18.76 32.18 -13.48
N GLY A 1 7.27 40.42 -17.27
CA GLY A 1 7.63 39.10 -17.84
C GLY A 1 6.58 38.06 -17.42
N SER A 2 6.60 36.90 -18.01
CA SER A 2 5.62 35.85 -17.64
C SER A 2 5.86 35.38 -16.20
N PRO A 3 4.78 35.04 -15.52
CA PRO A 3 4.88 34.56 -14.12
C PRO A 3 5.55 33.18 -14.07
N GLU A 4 6.28 32.91 -13.02
CA GLU A 4 6.94 31.58 -12.91
C GLU A 4 6.16 30.67 -11.96
N PHE A 5 6.09 29.41 -12.26
CA PHE A 5 5.34 28.47 -11.38
C PHE A 5 6.28 27.78 -10.39
N GLY A 6 7.56 27.98 -10.53
CA GLY A 6 8.52 27.33 -9.58
C GLY A 6 8.67 25.86 -9.96
N THR A 7 9.17 25.05 -9.05
CA THR A 7 9.33 23.60 -9.36
C THR A 7 8.53 22.76 -8.36
N ARG A 8 8.14 21.57 -8.75
CA ARG A 8 7.35 20.71 -7.83
C ARG A 8 7.90 19.28 -7.85
N ASP A 9 7.67 18.54 -6.80
CA ASP A 9 8.17 17.14 -6.75
C ASP A 9 7.08 16.20 -6.24
N ARG A 10 7.18 14.93 -6.55
CA ARG A 10 6.14 13.96 -6.09
C ARG A 10 6.77 12.98 -5.08
N MET A 11 6.02 12.57 -4.09
CA MET A 11 6.60 11.61 -3.10
C MET A 11 5.59 10.48 -2.81
N LEU A 12 6.07 9.26 -2.78
CA LEU A 12 5.16 8.10 -2.51
C LEU A 12 5.17 7.77 -1.01
N VAL A 13 4.02 7.62 -0.41
CA VAL A 13 3.97 7.30 1.05
C VAL A 13 3.32 5.93 1.29
N LEU A 14 3.83 5.19 2.23
CA LEU A 14 3.25 3.85 2.54
C LEU A 14 2.32 3.90 3.76
N VAL A 15 1.16 3.33 3.65
CA VAL A 15 0.21 3.34 4.81
C VAL A 15 -0.20 1.91 5.18
N LEU A 16 -0.11 1.56 6.43
CA LEU A 16 -0.50 0.19 6.87
C LEU A 16 -0.61 0.13 8.39
N GLY A 17 -0.89 -1.03 8.95
CA GLY A 17 -1.01 -1.14 10.43
C GLY A 17 -1.87 -2.36 10.79
N ASP A 18 -2.15 -2.52 12.06
CA ASP A 18 -2.97 -3.68 12.53
C ASP A 18 -2.26 -4.98 12.19
N LEU A 19 -0.96 -5.01 12.36
CA LEU A 19 -0.19 -6.25 12.09
C LEU A 19 -0.49 -7.24 13.22
N HIS A 20 -0.64 -6.70 14.41
CA HIS A 20 -0.94 -7.55 15.60
C HIS A 20 0.10 -8.65 15.80
N ILE A 21 1.35 -8.34 15.61
CA ILE A 21 2.42 -9.37 15.83
C ILE A 21 3.05 -9.15 17.21
N PRO A 22 3.29 -10.22 17.94
CA PRO A 22 2.94 -11.60 17.53
C PRO A 22 1.61 -12.03 18.16
N HIS A 23 0.77 -11.09 18.50
CA HIS A 23 -0.53 -11.44 19.15
C HIS A 23 -1.40 -12.34 18.26
N ARG A 24 -1.57 -11.98 17.01
CA ARG A 24 -2.43 -12.82 16.13
C ARG A 24 -1.68 -13.28 14.87
N CYS A 25 -0.62 -12.58 14.51
CA CYS A 25 0.15 -12.99 13.29
C CYS A 25 1.65 -12.98 13.60
N ASN A 26 2.42 -13.70 12.83
CA ASN A 26 3.90 -13.74 13.08
C ASN A 26 4.65 -12.82 12.10
N SER A 27 4.04 -12.47 11.00
CA SER A 27 4.72 -11.59 10.00
C SER A 27 3.77 -11.19 8.88
N LEU A 28 4.24 -10.41 7.95
CA LEU A 28 3.38 -10.00 6.81
C LEU A 28 3.30 -11.16 5.82
N PRO A 29 2.33 -11.13 4.94
CA PRO A 29 2.17 -12.22 3.95
C PRO A 29 3.41 -12.28 3.03
N ALA A 30 3.81 -13.47 2.67
CA ALA A 30 5.03 -13.65 1.82
C ALA A 30 5.07 -12.72 0.60
N LYS A 31 4.08 -12.75 -0.24
CA LYS A 31 4.13 -11.87 -1.45
C LYS A 31 4.27 -10.40 -1.09
N PHE A 32 3.66 -9.95 -0.04
CA PHE A 32 3.78 -8.51 0.34
C PHE A 32 5.23 -8.14 0.69
N LYS A 33 5.92 -9.00 1.38
CA LYS A 33 7.34 -8.67 1.73
C LYS A 33 8.11 -8.39 0.44
N LYS A 34 7.83 -9.14 -0.60
CA LYS A 34 8.51 -8.91 -1.90
C LYS A 34 8.04 -7.58 -2.50
N LEU A 35 6.80 -7.23 -2.30
CA LEU A 35 6.27 -5.95 -2.86
C LEU A 35 6.96 -4.74 -2.21
N LEU A 36 7.22 -4.81 -0.93
CA LEU A 36 7.88 -3.65 -0.24
C LEU A 36 9.40 -3.74 -0.32
N VAL A 37 10.04 -2.65 -0.64
CA VAL A 37 11.53 -2.63 -0.72
C VAL A 37 12.07 -1.25 -0.31
N PRO A 38 13.24 -1.23 0.28
CA PRO A 38 13.84 0.05 0.71
C PRO A 38 14.33 0.87 -0.50
N GLY A 39 14.30 2.17 -0.39
CA GLY A 39 14.76 3.03 -1.52
C GLY A 39 13.57 3.37 -2.42
N LYS A 40 12.43 2.80 -2.16
CA LYS A 40 11.24 3.10 -3.01
C LYS A 40 10.24 3.96 -2.26
N ILE A 41 10.22 3.90 -0.96
CA ILE A 41 9.26 4.72 -0.18
C ILE A 41 9.97 5.80 0.63
N GLN A 42 9.50 7.01 0.57
CA GLN A 42 10.15 8.11 1.33
C GLN A 42 9.38 8.41 2.62
N HIS A 43 8.11 8.05 2.68
CA HIS A 43 7.32 8.32 3.91
C HIS A 43 6.46 7.11 4.28
N ILE A 44 6.37 6.80 5.55
CA ILE A 44 5.54 5.64 6.00
C ILE A 44 4.60 6.06 7.13
N LEU A 45 3.31 5.89 6.95
CA LEU A 45 2.35 6.23 8.03
C LEU A 45 1.75 4.93 8.59
N CYS A 46 1.78 4.77 9.88
CA CYS A 46 1.23 3.52 10.48
C CYS A 46 0.08 3.83 11.44
N THR A 47 -1.03 3.17 11.27
CA THR A 47 -2.20 3.43 12.16
C THR A 47 -2.34 2.33 13.20
N GLY A 48 -2.59 1.12 12.76
CA GLY A 48 -2.77 -0.02 13.69
C GLY A 48 -1.55 -0.17 14.61
N ASN A 49 -1.71 -0.87 15.70
CA ASN A 49 -0.56 -1.08 16.64
C ASN A 49 0.46 -2.04 16.03
N LEU A 50 1.71 -1.89 16.36
CA LEU A 50 2.76 -2.79 15.79
C LEU A 50 2.45 -4.27 16.06
N CYS A 51 2.39 -4.73 17.30
CA CYS A 51 2.64 -3.85 18.48
C CYS A 51 4.08 -4.04 18.99
N THR A 52 4.69 -5.16 18.68
CA THR A 52 6.08 -5.41 19.15
C THR A 52 7.08 -4.47 18.46
N LYS A 53 8.08 -4.03 19.17
CA LYS A 53 9.09 -3.11 18.57
C LYS A 53 9.77 -3.78 17.37
N GLU A 54 9.86 -5.09 17.39
CA GLU A 54 10.51 -5.80 16.25
C GLU A 54 9.90 -5.34 14.91
N SER A 55 8.61 -5.17 14.88
CA SER A 55 7.96 -4.71 13.63
C SER A 55 8.40 -3.28 13.30
N TYR A 56 8.61 -2.47 14.31
CA TYR A 56 9.05 -1.06 14.07
C TYR A 56 10.38 -1.05 13.30
N ASP A 57 11.30 -1.90 13.67
CA ASP A 57 12.60 -1.93 12.96
C ASP A 57 12.38 -2.27 11.48
N TYR A 58 11.48 -3.17 11.20
CA TYR A 58 11.19 -3.53 9.78
C TYR A 58 10.65 -2.31 9.04
N LEU A 59 9.74 -1.59 9.63
CA LEU A 59 9.18 -0.39 8.94
C LEU A 59 10.28 0.64 8.70
N LYS A 60 11.17 0.78 9.65
CA LYS A 60 12.27 1.77 9.49
C LYS A 60 13.14 1.39 8.29
N THR A 61 13.27 0.12 8.02
CA THR A 61 14.11 -0.32 6.86
C THR A 61 13.51 0.18 5.54
N LEU A 62 12.23 0.08 5.37
CA LEU A 62 11.60 0.55 4.09
C LEU A 62 11.82 2.05 3.90
N ALA A 63 11.79 2.81 4.96
CA ALA A 63 11.99 4.28 4.83
C ALA A 63 12.58 4.86 6.13
N GLY A 64 13.27 5.96 6.03
CA GLY A 64 13.87 6.58 7.25
C GLY A 64 12.79 7.35 8.03
N ASP A 65 11.96 8.09 7.34
CA ASP A 65 10.90 8.86 8.04
C ASP A 65 9.67 7.99 8.26
N VAL A 66 9.39 7.62 9.49
CA VAL A 66 8.19 6.78 9.76
C VAL A 66 7.31 7.43 10.83
N HIS A 67 6.03 7.48 10.62
CA HIS A 67 5.11 8.10 11.63
C HIS A 67 4.16 7.03 12.16
N ILE A 68 4.09 6.86 13.46
CA ILE A 68 3.18 5.82 14.03
C ILE A 68 2.32 6.39 15.17
N VAL A 69 1.16 5.83 15.37
CA VAL A 69 0.26 6.30 16.47
C VAL A 69 -0.01 5.12 17.41
N ARG A 70 -0.28 5.37 18.67
CA ARG A 70 -0.51 4.22 19.60
C ARG A 70 -1.85 3.53 19.31
N GLY A 71 -1.83 2.23 19.20
CA GLY A 71 -3.09 1.48 18.95
C GLY A 71 -3.64 1.01 20.30
N ASP A 72 -4.70 0.25 20.30
CA ASP A 72 -5.26 -0.22 21.59
C ASP A 72 -4.50 -1.44 22.11
N PHE A 73 -3.49 -1.88 21.40
CA PHE A 73 -2.72 -3.07 21.87
C PHE A 73 -1.21 -2.85 21.69
N ASP A 74 -0.77 -1.61 21.69
CA ASP A 74 0.69 -1.35 21.54
C ASP A 74 1.41 -1.49 22.87
N GLU A 75 2.52 -2.20 22.90
CA GLU A 75 3.26 -2.36 24.18
C GLU A 75 3.87 -1.03 24.61
N ASN A 76 4.49 -0.35 23.70
CA ASN A 76 5.11 0.97 24.03
C ASN A 76 4.04 2.04 24.17
N LEU A 77 3.95 2.65 25.33
CA LEU A 77 2.92 3.70 25.55
C LEU A 77 3.46 5.07 25.11
N ASN A 78 4.69 5.12 24.64
CA ASN A 78 5.26 6.43 24.22
C ASN A 78 4.69 6.89 22.87
N TYR A 79 3.87 6.08 22.24
CA TYR A 79 3.28 6.51 20.94
C TYR A 79 2.16 7.53 21.19
N PRO A 80 2.01 8.45 20.26
CA PRO A 80 0.99 9.51 20.40
C PRO A 80 -0.40 8.97 20.09
N GLU A 81 -1.40 9.38 20.83
CA GLU A 81 -2.79 8.89 20.57
C GLU A 81 -3.18 9.27 19.13
N GLN A 82 -2.80 10.44 18.70
CA GLN A 82 -3.11 10.88 17.31
C GLN A 82 -2.03 11.88 16.86
N LYS A 83 -1.74 11.95 15.58
CA LYS A 83 -0.69 12.90 15.12
C LYS A 83 -1.04 13.52 13.77
N VAL A 84 -0.64 14.74 13.56
CA VAL A 84 -0.92 15.41 12.25
C VAL A 84 0.39 15.65 11.51
N VAL A 85 0.61 14.99 10.41
CA VAL A 85 1.88 15.18 9.65
C VAL A 85 1.59 15.80 8.28
N THR A 86 2.32 16.82 7.92
CA THR A 86 2.08 17.47 6.60
C THR A 86 2.99 16.84 5.54
N VAL A 87 2.43 16.45 4.42
CA VAL A 87 3.26 15.83 3.35
C VAL A 87 3.12 16.66 2.07
N GLY A 88 3.94 17.68 1.93
CA GLY A 88 3.84 18.54 0.71
C GLY A 88 2.67 19.51 0.88
N GLN A 89 1.70 19.44 0.01
CA GLN A 89 0.53 20.37 0.12
C GLN A 89 -0.60 19.71 0.94
N PHE A 90 -0.45 18.47 1.31
CA PHE A 90 -1.54 17.78 2.06
C PHE A 90 -1.31 17.77 3.56
N LYS A 91 -2.35 18.03 4.31
CA LYS A 91 -2.27 17.97 5.80
C LYS A 91 -2.98 16.69 6.23
N ILE A 92 -2.24 15.71 6.67
CA ILE A 92 -2.87 14.40 7.02
C ILE A 92 -2.89 14.16 8.54
N GLY A 93 -3.97 13.63 9.03
CA GLY A 93 -4.09 13.33 10.49
C GLY A 93 -3.91 11.82 10.69
N LEU A 94 -3.55 11.38 11.87
CA LEU A 94 -3.36 9.92 12.06
C LEU A 94 -3.91 9.45 13.42
N ILE A 95 -4.68 8.39 13.41
CA ILE A 95 -5.23 7.84 14.70
C ILE A 95 -5.57 6.36 14.52
N HIS A 96 -5.47 5.57 15.55
CA HIS A 96 -5.79 4.12 15.40
C HIS A 96 -7.25 3.94 14.96
N GLY A 97 -8.17 4.40 15.77
CA GLY A 97 -9.61 4.26 15.41
C GLY A 97 -10.42 3.75 16.60
N HIS A 98 -9.80 3.04 17.51
CA HIS A 98 -10.57 2.53 18.68
C HIS A 98 -11.12 3.70 19.50
N GLN A 99 -10.59 4.88 19.30
CA GLN A 99 -11.10 6.07 20.04
C GLN A 99 -12.30 6.68 19.31
N VAL A 100 -12.61 6.18 18.14
CA VAL A 100 -13.77 6.74 17.37
C VAL A 100 -15.01 5.85 17.58
N ILE A 101 -16.01 6.37 18.25
CA ILE A 101 -17.24 5.56 18.49
C ILE A 101 -18.44 6.15 17.71
N PRO A 102 -19.12 5.30 16.98
CA PRO A 102 -18.77 3.87 16.89
C PRO A 102 -17.48 3.64 16.10
N TRP A 103 -16.82 2.55 16.38
CA TRP A 103 -15.51 2.21 15.76
C TRP A 103 -15.40 2.57 14.26
N GLY A 104 -16.27 2.07 13.41
CA GLY A 104 -16.12 2.38 11.95
C GLY A 104 -17.22 3.33 11.43
N ASP A 105 -17.69 4.24 12.23
CA ASP A 105 -18.74 5.18 11.74
C ASP A 105 -18.13 6.28 10.89
N MET A 106 -18.72 6.57 9.76
CA MET A 106 -18.16 7.67 8.91
C MET A 106 -18.46 9.02 9.55
N ALA A 107 -19.66 9.17 10.08
CA ALA A 107 -20.01 10.47 10.73
C ALA A 107 -19.06 10.74 11.90
N SER A 108 -18.70 9.73 12.64
CA SER A 108 -17.75 9.94 13.77
C SER A 108 -16.38 10.33 13.21
N LEU A 109 -15.96 9.67 12.16
CA LEU A 109 -14.65 10.01 11.54
C LEU A 109 -14.69 11.44 11.01
N ALA A 110 -15.77 11.81 10.38
CA ALA A 110 -15.88 13.19 9.84
C ALA A 110 -15.82 14.20 10.99
N LEU A 111 -16.55 13.93 12.05
CA LEU A 111 -16.51 14.85 13.23
C LEU A 111 -15.06 15.01 13.70
N LEU A 112 -14.29 13.96 13.61
CA LEU A 112 -12.87 14.03 14.03
C LEU A 112 -12.07 14.86 13.02
N GLN A 113 -12.42 14.75 11.76
CA GLN A 113 -11.69 15.53 10.71
C GLN A 113 -11.78 17.03 11.03
N ARG A 114 -12.95 17.51 11.37
CA ARG A 114 -13.10 18.95 11.70
C ARG A 114 -12.10 19.35 12.78
N GLN A 115 -12.14 18.69 13.91
CA GLN A 115 -11.20 19.01 15.02
C GLN A 115 -9.75 18.98 14.53
N PHE A 116 -9.39 17.97 13.78
CA PHE A 116 -7.98 17.88 13.27
C PHE A 116 -7.71 18.90 12.16
N ASP A 117 -8.73 19.29 11.42
CA ASP A 117 -8.52 20.27 10.31
C ASP A 117 -7.51 19.70 9.31
N VAL A 118 -7.68 18.48 8.90
CA VAL A 118 -6.74 17.86 7.91
C VAL A 118 -7.46 17.59 6.59
N ASP A 119 -6.73 17.50 5.51
CA ASP A 119 -7.36 17.22 4.19
C ASP A 119 -7.61 15.72 4.06
N ILE A 120 -6.74 14.93 4.66
CA ILE A 120 -6.89 13.45 4.60
C ILE A 120 -6.81 12.86 6.01
N LEU A 121 -7.62 11.86 6.30
CA LEU A 121 -7.57 11.25 7.66
C LEU A 121 -7.25 9.75 7.53
N ILE A 122 -6.21 9.31 8.18
CA ILE A 122 -5.84 7.86 8.10
C ILE A 122 -6.20 7.15 9.40
N SER A 123 -6.87 6.03 9.33
CA SER A 123 -7.24 5.30 10.57
C SER A 123 -7.49 3.82 10.25
N GLY A 124 -7.46 2.96 11.24
CA GLY A 124 -7.69 1.51 10.99
C GLY A 124 -8.60 0.93 12.09
N HIS A 125 -8.12 -0.06 12.80
CA HIS A 125 -8.92 -0.71 13.90
C HIS A 125 -10.00 -1.64 13.34
N THR A 126 -10.58 -1.32 12.21
CA THR A 126 -11.65 -2.21 11.64
C THR A 126 -11.05 -3.29 10.73
N HIS A 127 -9.78 -3.21 10.44
CA HIS A 127 -9.14 -4.24 9.56
C HIS A 127 -9.89 -4.36 8.22
N LYS A 128 -10.56 -3.31 7.82
CA LYS A 128 -11.29 -3.34 6.52
C LYS A 128 -10.81 -2.19 5.65
N PHE A 129 -10.17 -2.47 4.55
CA PHE A 129 -9.68 -1.35 3.67
C PHE A 129 -10.83 -0.42 3.30
N GLU A 130 -10.59 0.85 3.33
CA GLU A 130 -11.67 1.83 2.98
C GLU A 130 -11.06 3.12 2.41
N ALA A 131 -11.45 3.47 1.21
CA ALA A 131 -10.90 4.72 0.59
C ALA A 131 -12.03 5.48 -0.11
N PHE A 132 -12.58 6.48 0.54
CA PHE A 132 -13.69 7.26 -0.08
C PHE A 132 -13.57 8.75 0.23
N GLU A 133 -14.32 9.58 -0.45
CA GLU A 133 -14.27 11.06 -0.21
C GLU A 133 -15.57 11.53 0.46
N HIS A 134 -15.48 12.50 1.33
CA HIS A 134 -16.72 13.00 2.01
C HIS A 134 -16.62 14.50 2.29
N GLU A 135 -17.49 15.28 1.70
CA GLU A 135 -17.49 16.76 1.92
C GLU A 135 -16.10 17.36 1.65
N ASN A 136 -15.59 17.16 0.46
CA ASN A 136 -14.26 17.73 0.06
C ASN A 136 -13.11 17.18 0.92
N LYS A 137 -13.34 16.12 1.65
CA LYS A 137 -12.23 15.55 2.48
C LYS A 137 -12.01 14.09 2.11
N PHE A 138 -10.82 13.57 2.34
CA PHE A 138 -10.55 12.15 1.98
C PHE A 138 -10.30 11.30 3.23
N TYR A 139 -10.80 10.10 3.22
CA TYR A 139 -10.60 9.19 4.38
C TYR A 139 -9.95 7.90 3.88
N ILE A 140 -8.95 7.41 4.56
CA ILE A 140 -8.27 6.17 4.08
C ILE A 140 -8.03 5.18 5.22
N ASN A 141 -8.31 3.93 4.98
CA ASN A 141 -8.07 2.88 6.00
C ASN A 141 -7.31 1.73 5.31
N PRO A 142 -6.06 1.57 5.65
CA PRO A 142 -5.22 0.51 5.04
C PRO A 142 -5.71 -0.89 5.44
N GLY A 143 -6.28 -1.02 6.60
CA GLY A 143 -6.78 -2.37 7.03
C GLY A 143 -5.67 -3.10 7.79
N SER A 144 -5.53 -4.38 7.56
CA SER A 144 -4.48 -5.15 8.28
C SER A 144 -3.46 -5.73 7.29
N ALA A 145 -2.25 -5.24 7.32
CA ALA A 145 -1.21 -5.76 6.38
C ALA A 145 -1.01 -7.26 6.58
N THR A 146 -1.41 -7.78 7.71
CA THR A 146 -1.23 -9.25 7.96
C THR A 146 -2.59 -9.94 8.06
N GLY A 147 -3.65 -9.27 7.66
CA GLY A 147 -5.00 -9.91 7.76
C GLY A 147 -5.24 -10.36 9.19
N ALA A 148 -4.77 -9.58 10.15
CA ALA A 148 -4.94 -9.96 11.58
C ALA A 148 -6.41 -10.31 11.88
N TYR A 149 -6.62 -11.22 12.77
CA TYR A 149 -8.01 -11.65 13.12
C TYR A 149 -8.81 -10.50 13.76
N ASN A 150 -10.10 -10.51 13.58
CA ASN A 150 -10.97 -9.46 14.19
C ASN A 150 -12.35 -10.07 14.47
N ALA A 151 -12.72 -10.13 15.73
CA ALA A 151 -14.03 -10.75 16.12
C ALA A 151 -15.22 -10.20 15.33
N LEU A 152 -15.17 -8.97 14.88
CA LEU A 152 -16.35 -8.41 14.13
C LEU A 152 -16.39 -8.90 12.68
N GLU A 153 -15.28 -9.21 12.09
CA GLU A 153 -15.31 -9.69 10.67
C GLU A 153 -14.62 -11.06 10.57
N THR A 154 -15.35 -12.08 10.21
CA THR A 154 -14.75 -13.44 10.11
C THR A 154 -13.90 -13.58 8.85
N ASN A 155 -14.05 -12.69 7.90
CA ASN A 155 -13.24 -12.79 6.65
C ASN A 155 -12.39 -11.54 6.48
N ILE A 156 -11.16 -11.59 6.93
CA ILE A 156 -10.27 -10.40 6.80
C ILE A 156 -9.30 -10.59 5.63
N ILE A 157 -9.07 -9.55 4.88
CA ILE A 157 -8.11 -9.64 3.74
C ILE A 157 -6.89 -8.77 4.05
N PRO A 158 -5.73 -9.38 4.09
CA PRO A 158 -4.50 -8.62 4.39
C PRO A 158 -4.22 -7.62 3.28
N SER A 159 -3.91 -6.39 3.61
CA SER A 159 -3.66 -5.39 2.53
C SER A 159 -3.03 -4.11 3.06
N PHE A 160 -2.31 -3.42 2.22
CA PHE A 160 -1.68 -2.13 2.63
C PHE A 160 -1.85 -1.14 1.47
N VAL A 161 -1.70 0.13 1.72
CA VAL A 161 -1.96 1.12 0.61
C VAL A 161 -0.77 2.05 0.34
N LEU A 162 -0.53 2.32 -0.92
CA LEU A 162 0.55 3.25 -1.35
C LEU A 162 -0.09 4.55 -1.84
N MET A 163 0.37 5.69 -1.41
CA MET A 163 -0.25 6.96 -1.88
C MET A 163 0.75 7.77 -2.70
N ASP A 164 0.41 8.11 -3.92
CA ASP A 164 1.33 8.91 -4.77
C ASP A 164 0.90 10.38 -4.79
N ILE A 165 1.72 11.27 -4.29
CA ILE A 165 1.33 12.70 -4.28
C ILE A 165 2.27 13.54 -5.16
N GLN A 166 1.79 13.99 -6.29
CA GLN A 166 2.63 14.83 -7.18
C GLN A 166 2.60 16.28 -6.66
N ALA A 167 1.45 16.72 -6.24
CA ALA A 167 1.31 18.10 -5.71
C ALA A 167 -0.08 18.24 -5.06
N SER A 168 -1.01 18.92 -5.69
CA SER A 168 -2.37 19.04 -5.10
C SER A 168 -3.23 17.84 -5.48
N THR A 169 -2.64 16.83 -6.08
CA THR A 169 -3.41 15.63 -6.49
C THR A 169 -2.77 14.38 -5.90
N VAL A 170 -3.55 13.45 -5.41
CA VAL A 170 -2.95 12.21 -4.83
C VAL A 170 -3.65 10.96 -5.36
N VAL A 171 -2.88 9.95 -5.65
CA VAL A 171 -3.47 8.67 -6.14
C VAL A 171 -3.16 7.58 -5.13
N THR A 172 -4.14 6.85 -4.68
CA THR A 172 -3.86 5.81 -3.67
C THR A 172 -3.93 4.41 -4.29
N TYR A 173 -3.03 3.56 -3.93
CA TYR A 173 -3.03 2.18 -4.46
C TYR A 173 -3.29 1.21 -3.32
N VAL A 174 -4.23 0.33 -3.47
CA VAL A 174 -4.52 -0.63 -2.38
C VAL A 174 -4.15 -2.05 -2.84
N TYR A 175 -3.45 -2.77 -2.03
CA TYR A 175 -3.06 -4.16 -2.43
C TYR A 175 -3.82 -5.16 -1.59
N GLN A 176 -4.69 -5.91 -2.19
CA GLN A 176 -5.44 -6.93 -1.42
C GLN A 176 -4.94 -8.32 -1.79
N LEU A 177 -4.74 -9.16 -0.82
CA LEU A 177 -4.26 -10.53 -1.13
C LEU A 177 -5.45 -11.47 -1.24
N ILE A 178 -5.94 -11.67 -2.43
CA ILE A 178 -7.09 -12.59 -2.62
C ILE A 178 -6.61 -13.85 -3.33
N GLY A 179 -6.87 -14.99 -2.75
CA GLY A 179 -6.39 -16.26 -3.38
C GLY A 179 -4.86 -16.27 -3.32
N ASP A 180 -4.21 -16.58 -4.41
CA ASP A 180 -2.72 -16.59 -4.40
C ASP A 180 -2.17 -15.29 -4.99
N ASP A 181 -2.67 -14.89 -6.13
CA ASP A 181 -2.18 -13.64 -6.77
C ASP A 181 -2.67 -12.42 -5.99
N VAL A 182 -1.98 -11.32 -6.11
CA VAL A 182 -2.40 -10.10 -5.37
C VAL A 182 -3.13 -9.13 -6.32
N LYS A 183 -4.30 -8.70 -5.95
CA LYS A 183 -5.06 -7.76 -6.83
C LYS A 183 -4.84 -6.33 -6.36
N VAL A 184 -4.82 -5.39 -7.28
CA VAL A 184 -4.61 -3.97 -6.88
C VAL A 184 -5.63 -3.05 -7.54
N GLU A 185 -6.10 -2.08 -6.81
CA GLU A 185 -7.10 -1.12 -7.37
C GLU A 185 -6.53 0.30 -7.33
N ARG A 186 -6.93 1.15 -8.23
CA ARG A 186 -6.37 2.54 -8.26
C ARG A 186 -7.46 3.59 -7.96
N ILE A 187 -7.21 4.43 -7.00
CA ILE A 187 -8.20 5.51 -6.66
C ILE A 187 -7.48 6.86 -6.68
N GLU A 188 -8.06 7.85 -7.32
CA GLU A 188 -7.38 9.19 -7.37
C GLU A 188 -8.18 10.26 -6.62
N TYR A 189 -7.50 11.13 -5.93
CA TYR A 189 -8.19 12.22 -5.18
C TYR A 189 -7.40 13.53 -5.33
N LYS A 190 -8.09 14.64 -5.45
CA LYS A 190 -7.37 15.94 -5.59
C LYS A 190 -8.08 17.03 -4.77
N LYS A 191 -7.34 17.95 -4.22
CA LYS A 191 -7.97 19.04 -3.42
C LYS A 191 -9.11 19.70 -4.21
N SER A 192 -10.15 20.11 -3.53
CA SER A 192 -11.31 20.75 -4.23
C SER A 192 -11.79 19.88 -5.39
N GLY B 1 37.99 -0.13 4.18
CA GLY B 1 38.22 1.03 5.09
C GLY B 1 37.60 2.29 4.45
N PRO B 2 38.31 2.87 3.52
CA PRO B 2 37.83 4.10 2.84
C PRO B 2 36.63 3.78 1.95
N LEU B 3 35.72 4.71 1.80
CA LEU B 3 34.52 4.46 0.94
C LEU B 3 34.96 4.15 -0.49
N GLY B 4 36.03 4.74 -0.95
CA GLY B 4 36.49 4.48 -2.34
C GLY B 4 35.85 5.49 -3.29
N SER B 5 35.88 5.22 -4.57
CA SER B 5 35.27 6.17 -5.54
C SER B 5 33.78 6.35 -5.26
N THR B 6 33.25 7.50 -5.59
CA THR B 6 31.80 7.75 -5.34
C THR B 6 30.94 6.75 -6.11
N GLU B 7 31.33 6.44 -7.32
CA GLU B 7 30.53 5.47 -8.14
C GLU B 7 31.33 4.20 -8.39
N GLU B 8 30.68 3.08 -8.49
CA GLU B 8 31.40 1.80 -8.74
C GLU B 8 31.28 1.41 -10.22
N ASP B 9 30.07 1.17 -10.67
CA ASP B 9 29.87 0.78 -12.10
C ASP B 9 28.71 1.59 -12.69
N LEU B 10 28.60 1.63 -13.99
CA LEU B 10 27.48 2.41 -14.61
C LEU B 10 26.36 1.46 -15.04
N GLU B 11 25.23 1.54 -14.38
CA GLU B 11 24.08 0.66 -14.74
C GLU B 11 23.43 1.14 -16.05
N ASP B 12 23.49 2.41 -16.31
CA ASP B 12 22.86 2.95 -17.55
C ASP B 12 23.55 2.39 -18.80
N ALA B 13 22.79 2.09 -19.82
CA ALA B 13 23.39 1.55 -21.08
C ALA B 13 22.56 2.01 -22.27
N GLU B 14 23.12 1.98 -23.45
CA GLU B 14 22.37 2.44 -24.66
C GLU B 14 21.61 1.27 -25.28
N ASP B 15 20.33 1.45 -25.52
CA ASP B 15 19.53 0.35 -26.12
C ASP B 15 18.12 0.84 -26.46
N THR B 16 17.36 0.06 -27.18
CA THR B 16 15.97 0.49 -27.54
C THR B 16 14.97 -0.26 -26.66
N VAL B 17 13.92 0.39 -26.25
CA VAL B 17 12.91 -0.29 -25.37
C VAL B 17 11.70 -0.73 -26.19
N SER B 18 11.23 -1.93 -25.95
CA SER B 18 10.04 -2.43 -26.70
C SER B 18 8.91 -2.74 -25.72
N ALA B 19 7.68 -2.68 -26.17
CA ALA B 19 6.53 -2.97 -25.26
C ALA B 19 6.68 -4.36 -24.63
N ALA B 20 7.35 -5.25 -25.30
CA ALA B 20 7.54 -6.62 -24.74
C ALA B 20 8.30 -6.55 -23.42
N ASP B 21 9.11 -5.54 -23.24
CA ASP B 21 9.89 -5.42 -21.96
C ASP B 21 8.93 -5.35 -20.76
N PRO B 22 9.42 -5.77 -19.63
CA PRO B 22 8.59 -5.77 -18.39
C PRO B 22 8.32 -4.33 -17.93
N GLU B 23 7.12 -4.06 -17.48
CA GLU B 23 6.77 -2.69 -17.01
C GLU B 23 6.29 -2.72 -15.57
N PHE B 24 6.36 -1.62 -14.88
CA PHE B 24 5.90 -1.58 -13.46
C PHE B 24 4.37 -1.59 -13.37
N CYS B 25 3.84 -2.35 -12.46
CA CYS B 25 2.36 -2.39 -12.30
C CYS B 25 1.92 -1.23 -11.42
N HIS B 26 2.71 -0.91 -10.44
CA HIS B 26 2.38 0.22 -9.51
C HIS B 26 3.56 0.44 -8.56
N PRO B 27 3.43 1.34 -7.61
CA PRO B 27 4.55 1.59 -6.67
C PRO B 27 4.92 0.31 -5.91
N LEU B 28 6.20 0.10 -5.75
CA LEU B 28 6.73 -1.12 -5.04
C LEU B 28 6.52 -2.41 -5.84
N CYS B 29 6.72 -2.41 -7.13
CA CYS B 29 6.53 -3.70 -7.86
C CYS B 29 7.66 -3.88 -8.87
N GLN B 30 8.81 -4.30 -8.38
CA GLN B 30 9.97 -4.52 -9.29
C GLN B 30 9.87 -5.92 -9.90
N CYS B 31 8.70 -6.47 -9.85
CA CYS B 31 8.42 -7.83 -10.40
C CYS B 31 9.01 -8.03 -11.79
N PRO B 32 9.00 -9.26 -12.20
CA PRO B 32 9.44 -9.61 -13.57
C PRO B 32 8.35 -9.19 -14.56
N LYS B 33 7.16 -9.66 -14.30
CA LYS B 33 6.00 -9.32 -15.17
C LYS B 33 4.69 -9.55 -14.40
N CYS B 34 4.78 -10.21 -13.26
CA CYS B 34 3.54 -10.55 -12.50
C CYS B 34 2.70 -11.48 -13.37
N ALA B 35 3.36 -12.21 -14.21
CA ALA B 35 2.66 -13.16 -15.12
C ALA B 35 2.72 -14.58 -14.52
N PRO B 36 1.61 -15.28 -14.62
CA PRO B 36 1.56 -16.66 -14.06
C PRO B 36 2.42 -17.61 -14.88
N ALA B 37 3.41 -18.21 -14.27
CA ALA B 37 4.30 -19.17 -15.01
C ALA B 37 5.43 -19.66 -14.10
N GLN B 38 5.78 -20.92 -14.19
CA GLN B 38 6.87 -21.47 -13.33
C GLN B 38 6.56 -21.22 -11.85
N LYS B 39 5.40 -21.58 -11.40
CA LYS B 39 5.04 -21.36 -9.97
C LYS B 39 5.99 -22.16 -9.07
N ARG B 40 6.37 -21.59 -7.95
CA ARG B 40 7.30 -22.31 -7.02
C ARG B 40 6.76 -23.70 -6.67
N LEU B 41 5.47 -23.83 -6.51
CA LEU B 41 4.90 -25.16 -6.16
C LEU B 41 4.63 -25.99 -7.43
N ALA B 42 4.88 -27.27 -7.38
CA ALA B 42 4.65 -28.13 -8.56
C ALA B 42 4.73 -29.60 -8.16
N LYS B 43 3.79 -30.07 -7.39
CA LYS B 43 3.80 -31.49 -6.95
C LYS B 43 3.77 -32.43 -8.16
N VAL B 44 3.13 -32.04 -9.23
CA VAL B 44 3.07 -32.90 -10.44
C VAL B 44 4.49 -33.13 -10.99
N PRO B 45 4.75 -34.33 -11.44
CA PRO B 45 6.08 -34.66 -11.99
C PRO B 45 6.24 -34.09 -13.41
N ALA B 46 6.10 -32.80 -13.54
CA ALA B 46 6.23 -32.17 -14.90
C ALA B 46 7.66 -32.32 -15.44
N SER B 47 8.65 -32.19 -14.60
CA SER B 47 10.05 -32.33 -15.09
C SER B 47 10.91 -33.11 -14.07
N GLY B 48 11.89 -33.84 -14.55
CA GLY B 48 12.77 -34.62 -13.62
C GLY B 48 14.02 -33.82 -13.29
N LEU B 49 14.93 -34.40 -12.55
CA LEU B 49 16.19 -33.67 -12.18
C LEU B 49 17.38 -34.23 -12.98
N GLY B 50 18.29 -33.37 -13.36
CA GLY B 50 19.48 -33.84 -14.13
C GLY B 50 19.24 -33.66 -15.63
N VAL B 51 20.30 -33.59 -16.40
CA VAL B 51 20.16 -33.41 -17.88
C VAL B 51 21.07 -34.39 -18.63
N ASN B 52 20.78 -34.65 -19.87
CA ASN B 52 21.64 -35.58 -20.65
C ASN B 52 22.49 -34.80 -21.66
N VAL B 53 23.71 -35.24 -21.90
CA VAL B 53 24.58 -34.52 -22.86
C VAL B 53 24.68 -35.28 -24.19
N THR B 54 23.94 -36.36 -24.33
CA THR B 54 23.96 -37.15 -25.60
C THR B 54 25.38 -37.61 -25.94
N SER B 55 25.63 -38.90 -25.85
CA SER B 55 26.98 -39.43 -26.18
C SER B 55 26.86 -40.49 -27.27
N GLN B 56 27.89 -40.67 -28.07
CA GLN B 56 27.83 -41.69 -29.16
C GLN B 56 26.67 -41.39 -30.11
N ASP B 57 26.63 -40.20 -30.63
CA ASP B 57 25.52 -39.82 -31.57
C ASP B 57 25.42 -40.82 -32.72
N GLY B 58 26.53 -41.34 -33.16
CA GLY B 58 26.51 -42.32 -34.29
C GLY B 58 26.12 -43.69 -33.75
N SER B 59 26.11 -44.68 -34.60
CA SER B 59 25.74 -46.06 -34.14
C SER B 59 26.95 -46.99 -34.21
N SER B 60 27.10 -47.86 -33.25
CA SER B 60 28.27 -48.79 -33.26
C SER B 60 27.79 -50.24 -33.20
N TRP B 61 28.47 -51.13 -33.86
CA TRP B 61 28.06 -52.56 -33.84
C TRP B 61 29.28 -53.47 -33.62
N GLY A 1 28.74 14.23 0.69
CA GLY A 1 27.30 13.93 0.41
C GLY A 1 26.42 14.73 1.39
N SER A 2 25.19 14.94 1.04
CA SER A 2 24.28 15.71 1.95
C SER A 2 22.83 15.64 1.43
N PRO A 3 22.60 16.15 0.24
CA PRO A 3 21.24 16.14 -0.34
C PRO A 3 20.82 14.71 -0.69
N GLU A 4 19.54 14.44 -0.70
CA GLU A 4 19.06 13.07 -1.03
C GLU A 4 18.89 12.91 -2.53
N PHE A 5 19.17 11.75 -3.06
CA PHE A 5 19.03 11.53 -4.53
C PHE A 5 17.55 11.44 -4.92
N GLY A 6 17.23 11.74 -6.15
CA GLY A 6 15.80 11.69 -6.60
C GLY A 6 15.20 13.09 -6.55
N THR A 7 13.92 13.21 -6.80
CA THR A 7 13.27 14.55 -6.78
C THR A 7 12.18 14.58 -5.71
N ARG A 8 11.79 15.76 -5.28
CA ARG A 8 10.74 15.87 -4.23
C ARG A 8 9.42 16.38 -4.83
N ASP A 9 9.37 16.59 -6.12
CA ASP A 9 8.10 17.09 -6.74
C ASP A 9 6.96 16.11 -6.42
N ARG A 10 7.25 14.84 -6.44
CA ARG A 10 6.21 13.82 -6.11
C ARG A 10 6.80 12.84 -5.10
N MET A 11 6.10 12.53 -4.04
CA MET A 11 6.68 11.58 -3.05
C MET A 11 5.70 10.43 -2.74
N LEU A 12 6.18 9.22 -2.68
CA LEU A 12 5.30 8.06 -2.40
C LEU A 12 5.27 7.76 -0.89
N VAL A 13 4.10 7.58 -0.33
CA VAL A 13 4.01 7.28 1.13
C VAL A 13 3.35 5.92 1.36
N LEU A 14 3.86 5.15 2.28
CA LEU A 14 3.27 3.80 2.56
C LEU A 14 2.35 3.86 3.78
N VAL A 15 1.17 3.34 3.67
CA VAL A 15 0.23 3.35 4.83
C VAL A 15 -0.21 1.92 5.19
N LEU A 16 -0.08 1.55 6.43
CA LEU A 16 -0.50 0.19 6.85
C LEU A 16 -0.61 0.12 8.38
N GLY A 17 -0.89 -1.03 8.92
CA GLY A 17 -1.02 -1.13 10.41
C GLY A 17 -1.87 -2.35 10.78
N ASP A 18 -2.15 -2.52 12.05
CA ASP A 18 -2.96 -3.67 12.53
C ASP A 18 -2.26 -4.98 12.18
N LEU A 19 -0.97 -5.00 12.35
CA LEU A 19 -0.19 -6.25 12.07
C LEU A 19 -0.49 -7.23 13.22
N HIS A 20 -0.64 -6.69 14.40
CA HIS A 20 -0.93 -7.52 15.60
C HIS A 20 0.10 -8.63 15.79
N ILE A 21 1.35 -8.31 15.62
CA ILE A 21 2.41 -9.35 15.82
C ILE A 21 3.06 -9.13 17.20
N PRO A 22 3.30 -10.19 17.94
CA PRO A 22 2.95 -11.57 17.53
C PRO A 22 1.63 -12.00 18.17
N HIS A 23 0.78 -11.06 18.50
CA HIS A 23 -0.52 -11.41 19.16
C HIS A 23 -1.39 -12.32 18.26
N ARG A 24 -1.55 -11.97 17.02
CA ARG A 24 -2.42 -12.81 16.13
C ARG A 24 -1.67 -13.27 14.89
N CYS A 25 -0.62 -12.57 14.52
CA CYS A 25 0.16 -12.98 13.31
C CYS A 25 1.66 -12.96 13.60
N ASN A 26 2.44 -13.67 12.84
CA ASN A 26 3.91 -13.71 13.09
C ASN A 26 4.66 -12.80 12.10
N SER A 27 4.04 -12.45 11.00
CA SER A 27 4.73 -11.58 10.01
C SER A 27 3.78 -11.18 8.89
N LEU A 28 4.24 -10.40 7.95
CA LEU A 28 3.39 -9.99 6.80
C LEU A 28 3.30 -11.16 5.82
N PRO A 29 2.33 -11.13 4.94
CA PRO A 29 2.18 -12.22 3.96
C PRO A 29 3.40 -12.29 3.03
N ALA A 30 3.79 -13.47 2.66
CA ALA A 30 5.01 -13.66 1.79
C ALA A 30 5.05 -12.72 0.58
N LYS A 31 4.06 -12.76 -0.27
CA LYS A 31 4.10 -11.89 -1.48
C LYS A 31 4.25 -10.41 -1.12
N PHE A 32 3.64 -9.97 -0.05
CA PHE A 32 3.77 -8.53 0.33
C PHE A 32 5.21 -8.18 0.68
N LYS A 33 5.91 -9.04 1.35
CA LYS A 33 7.33 -8.73 1.69
C LYS A 33 8.09 -8.44 0.39
N LYS A 34 7.77 -9.16 -0.65
CA LYS A 34 8.44 -8.92 -1.96
C LYS A 34 8.00 -7.57 -2.54
N LEU A 35 6.75 -7.20 -2.33
CA LEU A 35 6.25 -5.89 -2.85
C LEU A 35 6.97 -4.73 -2.17
N LEU A 36 7.17 -4.81 -0.88
CA LEU A 36 7.87 -3.70 -0.15
C LEU A 36 9.39 -3.80 -0.27
N VAL A 37 10.03 -2.69 -0.56
CA VAL A 37 11.52 -2.68 -0.70
C VAL A 37 12.06 -1.30 -0.31
N PRO A 38 13.23 -1.28 0.30
CA PRO A 38 13.84 0.01 0.71
C PRO A 38 14.31 0.80 -0.51
N GLY A 39 14.30 2.11 -0.41
CA GLY A 39 14.75 2.95 -1.55
C GLY A 39 13.56 3.30 -2.44
N LYS A 40 12.40 2.75 -2.16
CA LYS A 40 11.21 3.03 -2.99
C LYS A 40 10.21 3.91 -2.25
N ILE A 41 10.22 3.85 -0.94
CA ILE A 41 9.25 4.68 -0.16
C ILE A 41 9.99 5.76 0.65
N GLN A 42 9.52 6.98 0.57
CA GLN A 42 10.18 8.09 1.32
C GLN A 42 9.42 8.39 2.62
N HIS A 43 8.16 8.05 2.69
CA HIS A 43 7.36 8.32 3.92
C HIS A 43 6.51 7.11 4.30
N ILE A 44 6.42 6.80 5.57
CA ILE A 44 5.58 5.65 6.01
C ILE A 44 4.64 6.05 7.14
N LEU A 45 3.36 5.89 6.96
CA LEU A 45 2.39 6.23 8.04
C LEU A 45 1.81 4.93 8.61
N CYS A 46 1.84 4.76 9.91
CA CYS A 46 1.28 3.51 10.50
C CYS A 46 0.12 3.84 11.45
N THR A 47 -0.99 3.17 11.29
CA THR A 47 -2.16 3.44 12.18
C THR A 47 -2.30 2.34 13.23
N GLY A 48 -2.54 1.13 12.79
CA GLY A 48 -2.71 -0.01 13.74
C GLY A 48 -1.49 -0.17 14.64
N ASN A 49 -1.64 -0.88 15.72
CA ASN A 49 -0.50 -1.10 16.66
C ASN A 49 0.50 -2.07 16.05
N LEU A 50 1.77 -1.92 16.37
CA LEU A 50 2.81 -2.83 15.79
C LEU A 50 2.48 -4.31 16.08
N CYS A 51 2.43 -4.76 17.32
CA CYS A 51 2.70 -3.88 18.49
C CYS A 51 4.14 -4.08 18.99
N THR A 52 4.74 -5.20 18.66
CA THR A 52 6.14 -5.47 19.12
C THR A 52 7.13 -4.52 18.42
N LYS A 53 8.14 -4.10 19.14
CA LYS A 53 9.15 -3.18 18.53
C LYS A 53 9.82 -3.85 17.33
N GLU A 54 9.90 -5.16 17.33
CA GLU A 54 10.54 -5.87 16.18
C GLU A 54 9.93 -5.39 14.86
N SER A 55 8.64 -5.22 14.83
CA SER A 55 7.99 -4.74 13.58
C SER A 55 8.43 -3.31 13.26
N TYR A 56 8.65 -2.51 14.28
CA TYR A 56 9.10 -1.11 14.04
C TYR A 56 10.42 -1.10 13.28
N ASP A 57 11.34 -1.94 13.65
CA ASP A 57 12.64 -1.99 12.94
C ASP A 57 12.42 -2.32 11.46
N TYR A 58 11.51 -3.22 11.18
CA TYR A 58 11.22 -3.58 9.76
C TYR A 58 10.68 -2.36 9.01
N LEU A 59 9.77 -1.63 9.61
CA LEU A 59 9.23 -0.43 8.93
C LEU A 59 10.33 0.60 8.70
N LYS A 60 11.22 0.74 9.65
CA LYS A 60 12.33 1.73 9.49
C LYS A 60 13.19 1.34 8.28
N THR A 61 13.32 0.07 8.02
CA THR A 61 14.14 -0.39 6.85
C THR A 61 13.56 0.12 5.52
N LEU A 62 12.26 0.04 5.37
CA LEU A 62 11.63 0.50 4.10
C LEU A 62 11.87 2.00 3.91
N ALA A 63 11.83 2.76 4.96
CA ALA A 63 12.05 4.23 4.84
C ALA A 63 12.63 4.80 6.13
N GLY A 64 13.34 5.90 6.04
CA GLY A 64 13.95 6.50 7.26
C GLY A 64 12.88 7.27 8.04
N ASP A 65 12.05 8.02 7.37
CA ASP A 65 10.99 8.81 8.08
C ASP A 65 9.74 7.94 8.28
N VAL A 66 9.46 7.57 9.50
CA VAL A 66 8.26 6.73 9.77
C VAL A 66 7.38 7.39 10.84
N HIS A 67 6.09 7.44 10.62
CA HIS A 67 5.19 8.06 11.64
C HIS A 67 4.22 7.00 12.16
N ILE A 68 4.15 6.84 13.46
CA ILE A 68 3.23 5.80 14.03
C ILE A 68 2.38 6.38 15.17
N VAL A 69 1.21 5.83 15.36
CA VAL A 69 0.31 6.31 16.45
C VAL A 69 0.03 5.13 17.40
N ARG A 70 -0.27 5.39 18.65
CA ARG A 70 -0.51 4.23 19.58
C ARG A 70 -1.85 3.56 19.29
N GLY A 71 -1.83 2.25 19.18
CA GLY A 71 -3.09 1.50 18.93
C GLY A 71 -3.64 1.03 20.28
N ASP A 72 -4.70 0.27 20.28
CA ASP A 72 -5.27 -0.20 21.58
C ASP A 72 -4.50 -1.42 22.10
N PHE A 73 -3.49 -1.86 21.39
CA PHE A 73 -2.71 -3.05 21.86
C PHE A 73 -1.21 -2.82 21.68
N ASP A 74 -0.77 -1.59 21.68
CA ASP A 74 0.70 -1.32 21.51
C ASP A 74 1.41 -1.47 22.86
N GLU A 75 2.52 -2.16 22.89
CA GLU A 75 3.26 -2.32 24.17
C GLU A 75 3.88 -0.99 24.60
N ASN A 76 4.49 -0.30 23.67
CA ASN A 76 5.12 1.02 24.00
C ASN A 76 4.03 2.09 24.14
N LEU A 77 3.94 2.68 25.29
CA LEU A 77 2.93 3.75 25.53
C LEU A 77 3.46 5.12 25.08
N ASN A 78 4.68 5.17 24.61
CA ASN A 78 5.25 6.48 24.19
C ASN A 78 4.68 6.93 22.84
N TYR A 79 3.86 6.12 22.21
CA TYR A 79 3.27 6.55 20.90
C TYR A 79 2.15 7.57 21.16
N PRO A 80 2.00 8.47 20.23
CA PRO A 80 0.98 9.54 20.36
C PRO A 80 -0.42 8.99 20.05
N GLU A 81 -1.41 9.41 20.80
CA GLU A 81 -2.80 8.93 20.53
C GLU A 81 -3.19 9.29 19.10
N GLN A 82 -2.82 10.45 18.67
CA GLN A 82 -3.13 10.90 17.28
C GLN A 82 -2.05 11.90 16.82
N LYS A 83 -1.76 11.96 15.55
CA LYS A 83 -0.72 12.92 15.09
C LYS A 83 -1.07 13.53 13.73
N VAL A 84 -0.67 14.76 13.51
CA VAL A 84 -0.95 15.42 12.21
C VAL A 84 0.36 15.66 11.47
N VAL A 85 0.58 15.00 10.37
CA VAL A 85 1.85 15.19 9.61
C VAL A 85 1.56 15.81 8.24
N THR A 86 2.28 16.83 7.87
CA THR A 86 2.05 17.48 6.55
C THR A 86 2.95 16.84 5.49
N VAL A 87 2.40 16.46 4.38
CA VAL A 87 3.22 15.84 3.30
C VAL A 87 3.08 16.66 2.02
N GLY A 88 3.89 17.67 1.87
CA GLY A 88 3.80 18.53 0.65
C GLY A 88 2.63 19.51 0.82
N GLN A 89 1.66 19.44 -0.04
CA GLN A 89 0.48 20.35 0.07
C GLN A 89 -0.64 19.71 0.88
N PHE A 90 -0.50 18.46 1.25
CA PHE A 90 -1.59 17.78 2.01
C PHE A 90 -1.35 17.77 3.52
N LYS A 91 -2.39 18.02 4.27
CA LYS A 91 -2.30 17.97 5.75
C LYS A 91 -3.01 16.69 6.20
N ILE A 92 -2.28 15.70 6.62
CA ILE A 92 -2.91 14.40 6.99
C ILE A 92 -2.93 14.17 8.50
N GLY A 93 -4.01 13.63 8.99
CA GLY A 93 -4.11 13.33 10.46
C GLY A 93 -3.93 11.83 10.65
N LEU A 94 -3.58 11.40 11.83
CA LEU A 94 -3.39 9.92 12.03
C LEU A 94 -3.93 9.45 13.39
N ILE A 95 -4.70 8.39 13.38
CA ILE A 95 -5.25 7.86 14.67
C ILE A 95 -5.59 6.37 14.49
N HIS A 96 -5.48 5.58 15.54
CA HIS A 96 -5.81 4.13 15.38
C HIS A 96 -7.26 3.95 14.94
N GLY A 97 -8.18 4.41 15.75
CA GLY A 97 -9.62 4.27 15.38
C GLY A 97 -10.43 3.76 16.59
N HIS A 98 -9.81 3.05 17.49
CA HIS A 98 -10.58 2.54 18.68
C HIS A 98 -11.13 3.72 19.49
N GLN A 99 -10.60 4.90 19.29
CA GLN A 99 -11.12 6.09 20.03
C GLN A 99 -12.31 6.69 19.29
N VAL A 100 -12.63 6.19 18.11
CA VAL A 100 -13.79 6.74 17.36
C VAL A 100 -15.02 5.86 17.57
N ILE A 101 -16.03 6.38 18.23
CA ILE A 101 -17.25 5.55 18.48
C ILE A 101 -18.44 6.14 17.71
N PRO A 102 -19.14 5.30 16.97
CA PRO A 102 -18.79 3.86 16.89
C PRO A 102 -17.49 3.64 16.09
N TRP A 103 -16.84 2.54 16.38
CA TRP A 103 -15.52 2.21 15.75
C TRP A 103 -15.41 2.57 14.25
N GLY A 104 -16.28 2.06 13.41
CA GLY A 104 -16.13 2.37 11.95
C GLY A 104 -17.23 3.31 11.43
N ASP A 105 -17.70 4.23 12.22
CA ASP A 105 -18.76 5.16 11.73
C ASP A 105 -18.15 6.26 10.87
N MET A 106 -18.74 6.56 9.75
CA MET A 106 -18.18 7.65 8.90
C MET A 106 -18.49 9.00 9.53
N ALA A 107 -19.68 9.16 10.06
CA ALA A 107 -20.04 10.45 10.71
C ALA A 107 -19.08 10.74 11.87
N SER A 108 -18.72 9.71 12.62
CA SER A 108 -17.77 9.93 13.75
C SER A 108 -16.41 10.32 13.18
N LEU A 109 -15.98 9.66 12.14
CA LEU A 109 -14.67 10.00 11.53
C LEU A 109 -14.71 11.43 10.99
N ALA A 110 -15.80 11.80 10.35
CA ALA A 110 -15.91 13.19 9.82
C ALA A 110 -15.85 14.18 10.96
N LEU A 111 -16.57 13.92 12.02
CA LEU A 111 -16.54 14.84 13.19
C LEU A 111 -15.09 15.00 13.67
N LEU A 112 -14.32 13.95 13.58
CA LEU A 112 -12.89 14.04 14.00
C LEU A 112 -12.09 14.86 12.98
N GLN A 113 -12.44 14.74 11.72
CA GLN A 113 -11.72 15.53 10.67
C GLN A 113 -11.81 17.02 10.99
N ARG A 114 -12.98 17.50 11.34
CA ARG A 114 -13.14 18.95 11.66
C ARG A 114 -12.13 19.35 12.74
N GLN A 115 -12.17 18.68 13.86
CA GLN A 115 -11.23 19.02 14.98
C GLN A 115 -9.78 18.98 14.48
N PHE A 116 -9.41 17.97 13.74
CA PHE A 116 -8.02 17.87 13.22
C PHE A 116 -7.75 18.91 12.12
N ASP A 117 -8.76 19.28 11.37
CA ASP A 117 -8.55 20.27 10.26
C ASP A 117 -7.54 19.70 9.26
N VAL A 118 -7.73 18.47 8.85
CA VAL A 118 -6.78 17.85 7.87
C VAL A 118 -7.50 17.57 6.54
N ASP A 119 -6.76 17.50 5.47
CA ASP A 119 -7.40 17.21 4.15
C ASP A 119 -7.64 15.71 4.03
N ILE A 120 -6.77 14.92 4.62
CA ILE A 120 -6.93 13.44 4.56
C ILE A 120 -6.84 12.85 5.96
N LEU A 121 -7.64 11.85 6.27
CA LEU A 121 -7.59 11.24 7.63
C LEU A 121 -7.27 9.75 7.51
N ILE A 122 -6.22 9.30 8.15
CA ILE A 122 -5.87 7.85 8.08
C ILE A 122 -6.22 7.14 9.38
N SER A 123 -6.89 6.03 9.31
CA SER A 123 -7.26 5.29 10.55
C SER A 123 -7.51 3.81 10.23
N GLY A 124 -7.47 2.96 11.23
CA GLY A 124 -7.70 1.51 10.98
C GLY A 124 -8.61 0.94 12.07
N HIS A 125 -8.13 -0.05 12.79
CA HIS A 125 -8.93 -0.70 13.89
C HIS A 125 -10.01 -1.65 13.33
N THR A 126 -10.59 -1.32 12.20
CA THR A 126 -11.66 -2.21 11.63
C THR A 126 -11.05 -3.30 10.73
N HIS A 127 -9.78 -3.21 10.43
CA HIS A 127 -9.14 -4.25 9.55
C HIS A 127 -9.89 -4.37 8.22
N LYS A 128 -10.57 -3.33 7.82
CA LYS A 128 -11.30 -3.36 6.52
C LYS A 128 -10.82 -2.20 5.64
N PHE A 129 -10.17 -2.48 4.54
CA PHE A 129 -9.69 -1.38 3.66
C PHE A 129 -10.85 -0.45 3.29
N GLU A 130 -10.61 0.84 3.32
CA GLU A 130 -11.69 1.81 2.97
C GLU A 130 -11.08 3.09 2.39
N ALA A 131 -11.47 3.45 1.20
CA ALA A 131 -10.93 4.69 0.57
C ALA A 131 -12.05 5.46 -0.13
N PHE A 132 -12.60 6.45 0.52
CA PHE A 132 -13.72 7.23 -0.11
C PHE A 132 -13.59 8.72 0.20
N GLU A 133 -14.35 9.55 -0.47
CA GLU A 133 -14.30 11.02 -0.23
C GLU A 133 -15.60 11.50 0.43
N HIS A 134 -15.52 12.47 1.31
CA HIS A 134 -16.75 12.98 1.98
C HIS A 134 -16.65 14.49 2.26
N GLU A 135 -17.53 15.25 1.67
CA GLU A 135 -17.52 16.73 1.89
C GLU A 135 -16.14 17.33 1.62
N ASN A 136 -15.64 17.14 0.42
CA ASN A 136 -14.30 17.70 0.03
C ASN A 136 -13.16 17.16 0.88
N LYS A 137 -13.38 16.10 1.62
CA LYS A 137 -12.28 15.53 2.45
C LYS A 137 -12.04 14.06 2.08
N PHE A 138 -10.86 13.55 2.31
CA PHE A 138 -10.58 12.14 1.95
C PHE A 138 -10.34 11.28 3.20
N TYR A 139 -10.83 10.08 3.20
CA TYR A 139 -10.63 9.17 4.36
C TYR A 139 -9.98 7.88 3.86
N ILE A 140 -8.97 7.40 4.53
CA ILE A 140 -8.30 6.15 4.07
C ILE A 140 -8.05 5.16 5.20
N ASN A 141 -8.33 3.92 4.96
CA ASN A 141 -8.08 2.86 5.97
C ASN A 141 -7.33 1.71 5.30
N PRO A 142 -6.07 1.57 5.64
CA PRO A 142 -5.23 0.51 5.02
C PRO A 142 -5.72 -0.89 5.42
N GLY A 143 -6.29 -1.03 6.58
CA GLY A 143 -6.78 -2.37 7.02
C GLY A 143 -5.68 -3.10 7.78
N SER A 144 -5.53 -4.38 7.56
CA SER A 144 -4.48 -5.15 8.27
C SER A 144 -3.47 -5.73 7.29
N ALA A 145 -2.25 -5.23 7.31
CA ALA A 145 -1.22 -5.75 6.37
C ALA A 145 -1.02 -7.26 6.57
N THR A 146 -1.41 -7.78 7.71
CA THR A 146 -1.23 -9.24 7.96
C THR A 146 -2.59 -9.93 8.06
N GLY A 147 -3.65 -9.27 7.66
CA GLY A 147 -5.00 -9.91 7.76
C GLY A 147 -5.23 -10.35 9.20
N ALA A 148 -4.77 -9.58 10.15
CA ALA A 148 -4.94 -9.95 11.58
C ALA A 148 -6.40 -10.30 11.88
N TYR A 149 -6.61 -11.22 12.79
CA TYR A 149 -8.00 -11.65 13.13
C TYR A 149 -8.79 -10.49 13.78
N ASN A 150 -10.09 -10.51 13.60
CA ASN A 150 -10.97 -9.46 14.20
C ASN A 150 -12.34 -10.07 14.49
N ALA A 151 -12.71 -10.14 15.74
CA ALA A 151 -14.02 -10.75 16.13
C ALA A 151 -15.22 -10.19 15.34
N LEU A 152 -15.16 -8.97 14.89
CA LEU A 152 -16.34 -8.41 14.14
C LEU A 152 -16.39 -8.91 12.69
N GLU A 153 -15.27 -9.22 12.10
CA GLU A 153 -15.31 -9.71 10.68
C GLU A 153 -14.60 -11.06 10.59
N THR A 154 -15.33 -12.08 10.23
CA THR A 154 -14.73 -13.45 10.13
C THR A 154 -13.89 -13.59 8.86
N ASN A 155 -14.04 -12.70 7.91
CA ASN A 155 -13.24 -12.81 6.67
C ASN A 155 -12.38 -11.56 6.49
N ILE A 156 -11.16 -11.61 6.95
CA ILE A 156 -10.27 -10.41 6.80
C ILE A 156 -9.29 -10.59 5.64
N ILE A 157 -9.06 -9.57 4.88
CA ILE A 157 -8.11 -9.66 3.75
C ILE A 157 -6.89 -8.78 4.05
N PRO A 158 -5.73 -9.39 4.09
CA PRO A 158 -4.51 -8.63 4.40
C PRO A 158 -4.22 -7.62 3.28
N SER A 159 -3.90 -6.39 3.62
CA SER A 159 -3.65 -5.39 2.53
C SER A 159 -2.99 -4.12 3.08
N PHE A 160 -2.28 -3.42 2.23
CA PHE A 160 -1.65 -2.14 2.64
C PHE A 160 -1.85 -1.13 1.51
N VAL A 161 -1.73 0.14 1.79
CA VAL A 161 -1.98 1.15 0.72
C VAL A 161 -0.82 2.14 0.53
N LEU A 162 -0.49 2.41 -0.71
CA LEU A 162 0.58 3.40 -1.03
C LEU A 162 -0.07 4.66 -1.61
N MET A 163 0.38 5.82 -1.22
CA MET A 163 -0.25 7.06 -1.76
C MET A 163 0.79 7.87 -2.55
N ASP A 164 0.53 8.09 -3.82
CA ASP A 164 1.48 8.88 -4.64
C ASP A 164 1.02 10.34 -4.72
N ILE A 165 1.82 11.25 -4.22
CA ILE A 165 1.42 12.68 -4.25
C ILE A 165 2.34 13.50 -5.15
N GLN A 166 1.78 14.17 -6.13
CA GLN A 166 2.60 15.01 -7.04
C GLN A 166 2.48 16.48 -6.62
N ALA A 167 1.28 16.96 -6.54
CA ALA A 167 1.05 18.38 -6.14
C ALA A 167 -0.46 18.65 -6.06
N SER A 168 -1.00 18.77 -4.87
CA SER A 168 -2.47 19.00 -4.71
C SER A 168 -3.26 17.84 -5.33
N THR A 169 -2.60 16.77 -5.70
CA THR A 169 -3.31 15.61 -6.29
C THR A 169 -2.70 14.33 -5.72
N VAL A 170 -3.50 13.39 -5.28
CA VAL A 170 -2.91 12.14 -4.72
C VAL A 170 -3.58 10.90 -5.30
N VAL A 171 -2.80 9.90 -5.60
CA VAL A 171 -3.37 8.63 -6.13
C VAL A 171 -3.08 7.54 -5.10
N THR A 172 -4.08 6.85 -4.64
CA THR A 172 -3.83 5.80 -3.61
C THR A 172 -3.93 4.41 -4.23
N TYR A 173 -3.01 3.56 -3.91
CA TYR A 173 -3.04 2.18 -4.44
C TYR A 173 -3.29 1.22 -3.30
N VAL A 174 -4.28 0.39 -3.43
CA VAL A 174 -4.58 -0.58 -2.35
C VAL A 174 -4.20 -1.99 -2.80
N TYR A 175 -3.49 -2.72 -2.00
CA TYR A 175 -3.08 -4.08 -2.40
C TYR A 175 -3.81 -5.11 -1.54
N GLN A 176 -4.67 -5.87 -2.14
CA GLN A 176 -5.41 -6.91 -1.37
C GLN A 176 -4.89 -8.29 -1.76
N LEU A 177 -4.74 -9.15 -0.79
CA LEU A 177 -4.25 -10.52 -1.11
C LEU A 177 -5.43 -11.47 -1.26
N ILE A 178 -6.03 -11.49 -2.41
CA ILE A 178 -7.19 -12.41 -2.64
C ILE A 178 -6.69 -13.63 -3.40
N GLY A 179 -6.81 -14.80 -2.82
CA GLY A 179 -6.31 -16.01 -3.51
C GLY A 179 -4.78 -15.97 -3.50
N ASP A 180 -4.14 -16.71 -4.35
CA ASP A 180 -2.64 -16.69 -4.39
C ASP A 180 -2.14 -15.37 -4.98
N ASP A 181 -2.73 -14.94 -6.07
CA ASP A 181 -2.28 -13.67 -6.71
C ASP A 181 -2.76 -12.45 -5.92
N VAL A 182 -2.10 -11.34 -6.07
CA VAL A 182 -2.51 -10.11 -5.34
C VAL A 182 -3.22 -9.15 -6.29
N LYS A 183 -4.39 -8.69 -5.93
CA LYS A 183 -5.14 -7.74 -6.81
C LYS A 183 -4.90 -6.30 -6.36
N VAL A 184 -4.88 -5.37 -7.27
CA VAL A 184 -4.63 -3.96 -6.88
C VAL A 184 -5.67 -3.02 -7.53
N GLU A 185 -6.12 -2.04 -6.80
CA GLU A 185 -7.12 -1.07 -7.36
C GLU A 185 -6.54 0.34 -7.31
N ARG A 186 -6.95 1.20 -8.21
CA ARG A 186 -6.38 2.59 -8.21
C ARG A 186 -7.46 3.64 -7.92
N ILE A 187 -7.22 4.48 -6.95
CA ILE A 187 -8.19 5.56 -6.61
C ILE A 187 -7.47 6.91 -6.63
N GLU A 188 -8.03 7.91 -7.26
CA GLU A 188 -7.35 9.23 -7.30
C GLU A 188 -8.15 10.31 -6.56
N TYR A 189 -7.47 11.18 -5.87
CA TYR A 189 -8.15 12.27 -5.12
C TYR A 189 -7.35 13.58 -5.25
N LYS A 190 -8.04 14.69 -5.38
CA LYS A 190 -7.31 15.99 -5.51
C LYS A 190 -8.03 17.07 -4.69
N LYS A 191 -7.29 18.00 -4.14
CA LYS A 191 -7.92 19.08 -3.34
C LYS A 191 -9.08 19.73 -4.11
N SER A 192 -10.12 20.12 -3.42
CA SER A 192 -11.28 20.76 -4.12
C SER A 192 -11.46 22.20 -3.63
N GLY B 1 0.08 -34.52 -37.79
CA GLY B 1 -0.26 -34.95 -39.18
C GLY B 1 0.24 -33.91 -40.18
N PRO B 2 0.00 -34.16 -41.44
CA PRO B 2 0.43 -33.22 -42.50
C PRO B 2 -0.39 -31.93 -42.45
N LEU B 3 0.19 -30.83 -42.84
CA LEU B 3 -0.55 -29.53 -42.82
C LEU B 3 -1.17 -29.30 -41.44
N GLY B 4 -0.40 -28.84 -40.49
CA GLY B 4 -0.95 -28.61 -39.12
C GLY B 4 -0.25 -27.40 -38.49
N SER B 5 -0.86 -26.24 -38.60
CA SER B 5 -0.24 -25.02 -38.00
C SER B 5 -1.20 -24.40 -36.99
N THR B 6 -0.69 -23.79 -35.96
CA THR B 6 -1.58 -23.16 -34.93
C THR B 6 -1.11 -21.75 -34.57
N GLU B 7 -2.02 -20.91 -34.16
CA GLU B 7 -1.64 -19.51 -33.79
C GLU B 7 -1.34 -19.42 -32.29
N GLU B 8 -1.38 -20.53 -31.60
CA GLU B 8 -1.10 -20.50 -30.13
C GLU B 8 0.30 -19.95 -29.85
N ASP B 9 0.49 -19.30 -28.73
CA ASP B 9 1.83 -18.74 -28.37
C ASP B 9 2.32 -17.79 -29.46
N LEU B 10 1.51 -16.83 -29.85
CA LEU B 10 1.94 -15.87 -30.90
C LEU B 10 3.23 -15.16 -30.47
N GLU B 11 3.36 -14.85 -29.20
CA GLU B 11 4.59 -14.17 -28.72
C GLU B 11 5.46 -15.13 -27.91
N ASP B 12 6.74 -15.14 -28.16
CA ASP B 12 7.64 -16.07 -27.40
C ASP B 12 8.58 -15.25 -26.50
N ALA B 13 9.26 -15.90 -25.61
CA ALA B 13 10.20 -15.16 -24.71
C ALA B 13 11.52 -14.90 -25.43
N GLU B 14 11.78 -13.68 -25.79
CA GLU B 14 13.05 -13.36 -26.51
C GLU B 14 14.25 -13.62 -25.59
N ASP B 15 14.11 -13.35 -24.32
CA ASP B 15 15.25 -13.58 -23.38
C ASP B 15 14.77 -13.44 -21.94
N THR B 16 15.67 -13.58 -21.00
CA THR B 16 15.29 -13.43 -19.56
C THR B 16 15.36 -11.97 -19.15
N VAL B 17 15.04 -11.67 -17.92
CA VAL B 17 15.09 -10.24 -17.47
C VAL B 17 16.07 -10.08 -16.31
N SER B 18 16.86 -9.05 -16.34
CA SER B 18 17.85 -8.82 -15.24
C SER B 18 18.48 -7.44 -15.38
N ALA B 19 19.37 -7.26 -16.32
CA ALA B 19 20.01 -5.94 -16.51
C ALA B 19 18.97 -4.92 -16.95
N ALA B 20 18.02 -5.33 -17.76
CA ALA B 20 16.96 -4.39 -18.22
C ALA B 20 16.04 -4.03 -17.07
N ASP B 21 15.52 -2.82 -17.05
CA ASP B 21 14.61 -2.41 -15.95
C ASP B 21 13.31 -3.21 -16.01
N PRO B 22 12.90 -3.71 -14.87
CA PRO B 22 11.64 -4.51 -14.80
C PRO B 22 10.43 -3.61 -15.01
N GLU B 23 9.40 -4.12 -15.64
CA GLU B 23 8.18 -3.29 -15.88
C GLU B 23 7.57 -2.85 -14.54
N PHE B 24 7.02 -1.67 -14.50
CA PHE B 24 6.42 -1.18 -13.22
C PHE B 24 4.90 -1.04 -13.34
N CYS B 25 4.19 -1.54 -12.37
CA CYS B 25 2.70 -1.42 -12.38
C CYS B 25 2.28 -0.30 -11.43
N HIS B 26 2.70 -0.44 -10.21
CA HIS B 26 2.40 0.58 -9.17
C HIS B 26 3.61 0.68 -8.25
N PRO B 27 3.54 1.51 -7.23
CA PRO B 27 4.71 1.64 -6.32
C PRO B 27 5.04 0.28 -5.70
N LEU B 28 6.32 -0.03 -5.64
CA LEU B 28 6.80 -1.32 -5.06
C LEU B 28 6.50 -2.52 -5.96
N CYS B 29 6.68 -2.42 -7.25
CA CYS B 29 6.41 -3.61 -8.11
C CYS B 29 7.54 -3.77 -9.13
N GLN B 30 8.64 -4.34 -8.70
CA GLN B 30 9.79 -4.55 -9.62
C GLN B 30 9.58 -5.85 -10.40
N CYS B 31 8.37 -6.31 -10.42
CA CYS B 31 8.02 -7.57 -11.15
C CYS B 31 8.64 -7.66 -12.54
N PRO B 32 8.49 -8.81 -13.13
CA PRO B 32 8.97 -9.02 -14.51
C PRO B 32 8.07 -8.26 -15.47
N LYS B 33 6.80 -8.54 -15.40
CA LYS B 33 5.80 -7.86 -16.28
C LYS B 33 4.40 -8.00 -15.68
N CYS B 34 4.24 -8.89 -14.71
CA CYS B 34 2.87 -9.13 -14.16
C CYS B 34 1.95 -9.49 -15.33
N ALA B 35 2.53 -10.04 -16.36
CA ALA B 35 1.76 -10.42 -17.57
C ALA B 35 1.21 -11.85 -17.44
N PRO B 36 0.19 -12.13 -18.22
CA PRO B 36 -0.43 -13.48 -18.19
C PRO B 36 0.52 -14.52 -18.78
N ALA B 37 0.52 -15.72 -18.24
CA ALA B 37 1.44 -16.78 -18.77
C ALA B 37 1.01 -17.21 -20.18
N GLN B 38 -0.27 -17.29 -20.44
CA GLN B 38 -0.73 -17.73 -21.80
C GLN B 38 -1.71 -16.71 -22.39
N LYS B 39 -1.82 -16.68 -23.69
CA LYS B 39 -2.77 -15.72 -24.34
C LYS B 39 -3.78 -16.49 -25.21
N ARG B 40 -5.05 -16.20 -25.05
CA ARG B 40 -6.07 -16.91 -25.89
C ARG B 40 -7.06 -15.91 -26.47
N LEU B 41 -7.49 -16.12 -27.69
CA LEU B 41 -8.45 -15.18 -28.33
C LEU B 41 -9.53 -15.96 -29.09
N ALA B 42 -10.43 -16.60 -28.38
CA ALA B 42 -11.51 -17.38 -29.06
C ALA B 42 -12.76 -17.43 -28.18
N LYS B 43 -13.91 -17.66 -28.76
CA LYS B 43 -15.15 -17.73 -27.95
C LYS B 43 -15.79 -19.11 -28.07
N VAL B 44 -16.01 -19.78 -26.97
CA VAL B 44 -16.62 -21.14 -27.02
C VAL B 44 -17.64 -21.30 -25.87
N PRO B 45 -18.87 -20.94 -26.15
CA PRO B 45 -19.93 -21.05 -25.12
C PRO B 45 -20.23 -22.52 -24.81
N ALA B 46 -19.97 -23.41 -25.74
CA ALA B 46 -20.24 -24.85 -25.49
C ALA B 46 -19.18 -25.43 -24.54
N SER B 47 -19.61 -26.18 -23.57
CA SER B 47 -18.64 -26.77 -22.60
C SER B 47 -18.83 -28.29 -22.50
N GLY B 48 -17.78 -29.00 -22.21
CA GLY B 48 -17.89 -30.49 -22.09
C GLY B 48 -17.58 -31.15 -23.44
N LEU B 49 -17.08 -30.40 -24.39
CA LEU B 49 -16.76 -31.00 -25.72
C LEU B 49 -15.28 -31.36 -25.79
N GLY B 50 -14.98 -32.55 -26.26
CA GLY B 50 -13.55 -32.97 -26.36
C GLY B 50 -13.07 -33.45 -24.99
N VAL B 51 -11.83 -33.85 -24.89
CA VAL B 51 -11.30 -34.34 -23.57
C VAL B 51 -10.03 -33.57 -23.21
N ASN B 52 -9.92 -33.17 -21.97
CA ASN B 52 -8.70 -32.42 -21.53
C ASN B 52 -8.14 -33.04 -20.25
N VAL B 53 -7.31 -32.32 -19.54
CA VAL B 53 -6.73 -32.88 -18.29
C VAL B 53 -7.44 -32.30 -17.07
N THR B 54 -7.74 -33.12 -16.09
CA THR B 54 -8.43 -32.63 -14.87
C THR B 54 -7.49 -32.73 -13.66
N SER B 55 -7.51 -31.74 -12.80
CA SER B 55 -6.62 -31.78 -11.59
C SER B 55 -7.01 -32.94 -10.68
N GLN B 56 -6.07 -33.44 -9.92
CA GLN B 56 -6.37 -34.58 -9.00
C GLN B 56 -5.93 -34.22 -7.57
N ASP B 57 -6.44 -34.93 -6.59
CA ASP B 57 -6.05 -34.64 -5.18
C ASP B 57 -4.53 -34.66 -5.02
N GLY B 58 -3.86 -35.57 -5.69
CA GLY B 58 -2.38 -35.63 -5.58
C GLY B 58 -1.98 -35.91 -4.13
N SER B 59 -1.18 -35.06 -3.55
CA SER B 59 -0.76 -35.27 -2.14
C SER B 59 -1.19 -34.08 -1.28
N SER B 60 -1.62 -34.32 -0.08
CA SER B 60 -2.05 -33.19 0.81
C SER B 60 -1.53 -33.40 2.22
N TRP B 61 -1.45 -32.36 3.01
CA TRP B 61 -0.96 -32.50 4.42
C TRP B 61 0.40 -33.21 4.43
N GLY A 1 26.61 29.29 -13.22
CA GLY A 1 25.69 29.21 -14.41
C GLY A 1 24.25 29.09 -13.91
N SER A 2 23.45 28.34 -14.62
CA SER A 2 22.02 28.17 -14.20
C SER A 2 21.69 26.69 -14.01
N PRO A 3 22.02 26.16 -12.86
CA PRO A 3 21.75 24.74 -12.56
C PRO A 3 20.25 24.48 -12.43
N GLU A 4 19.79 23.34 -12.87
CA GLU A 4 18.33 23.05 -12.78
C GLU A 4 18.03 22.22 -11.53
N PHE A 5 17.34 22.79 -10.58
CA PHE A 5 17.01 22.05 -9.33
C PHE A 5 15.90 21.02 -9.61
N GLY A 6 15.02 21.33 -10.51
CA GLY A 6 13.90 20.40 -10.83
C GLY A 6 12.56 21.12 -10.60
N THR A 7 11.66 21.03 -11.55
CA THR A 7 10.35 21.73 -11.39
C THR A 7 9.26 20.75 -10.90
N ARG A 8 9.52 19.47 -10.93
CA ARG A 8 8.50 18.50 -10.45
C ARG A 8 8.95 17.86 -9.15
N ASP A 9 8.04 17.68 -8.22
CA ASP A 9 8.42 17.05 -6.92
C ASP A 9 7.26 16.21 -6.38
N ARG A 10 7.36 14.91 -6.50
CA ARG A 10 6.28 14.03 -5.97
C ARG A 10 6.87 13.04 -4.96
N MET A 11 6.10 12.57 -4.01
CA MET A 11 6.68 11.61 -3.02
C MET A 11 5.70 10.48 -2.72
N LEU A 12 6.18 9.27 -2.64
CA LEU A 12 5.30 8.10 -2.34
C LEU A 12 5.27 7.81 -0.84
N VAL A 13 4.10 7.62 -0.29
CA VAL A 13 4.02 7.32 1.18
C VAL A 13 3.35 5.95 1.39
N LEU A 14 3.87 5.17 2.31
CA LEU A 14 3.27 3.83 2.58
C LEU A 14 2.35 3.88 3.79
N VAL A 15 1.17 3.35 3.68
CA VAL A 15 0.23 3.36 4.83
C VAL A 15 -0.21 1.93 5.19
N LEU A 16 -0.10 1.56 6.43
CA LEU A 16 -0.51 0.20 6.85
C LEU A 16 -0.62 0.13 8.37
N GLY A 17 -0.89 -1.02 8.92
CA GLY A 17 -1.03 -1.13 10.40
C GLY A 17 -1.88 -2.35 10.77
N ASP A 18 -2.15 -2.51 12.04
CA ASP A 18 -2.96 -3.66 12.53
C ASP A 18 -2.27 -4.97 12.18
N LEU A 19 -0.97 -4.99 12.34
CA LEU A 19 -0.19 -6.23 12.08
C LEU A 19 -0.48 -7.22 13.21
N HIS A 20 -0.63 -6.68 14.40
CA HIS A 20 -0.94 -7.51 15.60
C HIS A 20 0.11 -8.62 15.80
N ILE A 21 1.37 -8.30 15.62
CA ILE A 21 2.42 -9.33 15.82
C ILE A 21 3.07 -9.11 17.20
N PRO A 22 3.31 -10.17 17.94
CA PRO A 22 2.96 -11.55 17.53
C PRO A 22 1.64 -11.98 18.17
N HIS A 23 0.79 -11.05 18.50
CA HIS A 23 -0.50 -11.39 19.16
C HIS A 23 -1.37 -12.29 18.27
N ARG A 24 -1.54 -11.95 17.02
CA ARG A 24 -2.41 -12.80 16.15
C ARG A 24 -1.65 -13.25 14.90
N CYS A 25 -0.60 -12.56 14.52
CA CYS A 25 0.17 -12.97 13.31
C CYS A 25 1.67 -12.95 13.61
N ASN A 26 2.45 -13.66 12.84
CA ASN A 26 3.92 -13.69 13.09
C ASN A 26 4.66 -12.79 12.10
N SER A 27 4.05 -12.44 11.00
CA SER A 27 4.75 -11.57 10.01
C SER A 27 3.78 -11.17 8.88
N LEU A 28 4.25 -10.39 7.95
CA LEU A 28 3.38 -9.98 6.80
C LEU A 28 3.31 -11.15 5.82
N PRO A 29 2.33 -11.12 4.95
CA PRO A 29 2.18 -12.22 3.96
C PRO A 29 3.40 -12.28 3.03
N ALA A 30 3.79 -13.48 2.65
CA ALA A 30 5.01 -13.66 1.78
C ALA A 30 5.04 -12.73 0.56
N LYS A 31 4.04 -12.76 -0.28
CA LYS A 31 4.08 -11.89 -1.49
C LYS A 31 4.23 -10.41 -1.13
N PHE A 32 3.62 -9.96 -0.07
CA PHE A 32 3.75 -8.52 0.31
C PHE A 32 5.19 -8.17 0.66
N LYS A 33 5.90 -9.04 1.33
CA LYS A 33 7.31 -8.73 1.66
C LYS A 33 8.07 -8.44 0.37
N LYS A 34 7.75 -9.15 -0.67
CA LYS A 34 8.42 -8.93 -1.98
C LYS A 34 7.96 -7.57 -2.56
N LEU A 35 6.72 -7.21 -2.38
CA LEU A 35 6.22 -5.91 -2.91
C LEU A 35 6.94 -4.74 -2.24
N LEU A 36 7.18 -4.83 -0.95
CA LEU A 36 7.86 -3.71 -0.23
C LEU A 36 9.38 -3.81 -0.35
N VAL A 37 10.02 -2.71 -0.63
CA VAL A 37 11.51 -2.70 -0.76
C VAL A 37 12.05 -1.32 -0.38
N PRO A 38 13.20 -1.30 0.25
CA PRO A 38 13.83 -0.02 0.66
C PRO A 38 14.31 0.79 -0.55
N GLY A 39 14.32 2.09 -0.44
CA GLY A 39 14.77 2.93 -1.58
C GLY A 39 13.58 3.30 -2.47
N LYS A 40 12.43 2.77 -2.18
CA LYS A 40 11.24 3.08 -3.01
C LYS A 40 10.24 3.96 -2.25
N ILE A 41 10.24 3.88 -0.96
CA ILE A 41 9.28 4.69 -0.17
C ILE A 41 10.02 5.77 0.64
N GLN A 42 9.55 6.99 0.59
CA GLN A 42 10.21 8.09 1.35
C GLN A 42 9.45 8.38 2.65
N HIS A 43 8.19 8.03 2.71
CA HIS A 43 7.39 8.31 3.95
C HIS A 43 6.53 7.10 4.32
N ILE A 44 6.45 6.78 5.59
CA ILE A 44 5.61 5.64 6.02
C ILE A 44 4.67 6.04 7.17
N LEU A 45 3.39 5.86 6.99
CA LEU A 45 2.43 6.21 8.08
C LEU A 45 1.84 4.91 8.64
N CYS A 46 1.87 4.75 9.94
CA CYS A 46 1.32 3.50 10.54
C CYS A 46 0.16 3.83 11.49
N THR A 47 -0.95 3.16 11.33
CA THR A 47 -2.11 3.44 12.21
C THR A 47 -2.27 2.34 13.27
N GLY A 48 -2.49 1.13 12.83
CA GLY A 48 -2.67 0.00 13.78
C GLY A 48 -1.44 -0.17 14.68
N ASN A 49 -1.60 -0.88 15.76
CA ASN A 49 -0.45 -1.10 16.70
C ASN A 49 0.54 -2.09 16.09
N LEU A 50 1.80 -1.94 16.40
CA LEU A 50 2.84 -2.87 15.82
C LEU A 50 2.50 -4.35 16.11
N CYS A 51 2.45 -4.79 17.35
CA CYS A 51 2.72 -3.90 18.53
C CYS A 51 4.17 -4.11 19.01
N THR A 52 4.75 -5.24 18.69
CA THR A 52 6.15 -5.52 19.15
C THR A 52 7.15 -4.59 18.44
N LYS A 53 8.16 -4.15 19.15
CA LYS A 53 9.16 -3.23 18.54
C LYS A 53 9.84 -3.90 17.33
N GLU A 54 9.91 -5.21 17.32
CA GLU A 54 10.55 -5.91 16.18
C GLU A 54 9.95 -5.43 14.86
N SER A 55 8.65 -5.25 14.82
CA SER A 55 8.00 -4.77 13.57
C SER A 55 8.45 -3.34 13.26
N TYR A 56 8.68 -2.54 14.28
CA TYR A 56 9.12 -1.14 14.05
C TYR A 56 10.44 -1.13 13.27
N ASP A 57 11.36 -1.98 13.64
CA ASP A 57 12.67 -2.02 12.92
C ASP A 57 12.44 -2.35 11.45
N TYR A 58 11.53 -3.24 11.16
CA TYR A 58 11.23 -3.59 9.75
C TYR A 58 10.70 -2.37 9.00
N LEU A 59 9.79 -1.65 9.61
CA LEU A 59 9.24 -0.43 8.93
C LEU A 59 10.35 0.59 8.69
N LYS A 60 11.24 0.72 9.64
CA LYS A 60 12.35 1.71 9.48
C LYS A 60 13.21 1.32 8.27
N THR A 61 13.34 0.06 8.00
CA THR A 61 14.15 -0.39 6.83
C THR A 61 13.56 0.11 5.51
N LEU A 62 12.27 0.03 5.36
CA LEU A 62 11.64 0.49 4.08
C LEU A 62 11.86 2.00 3.89
N ALA A 63 11.84 2.75 4.96
CA ALA A 63 12.05 4.22 4.83
C ALA A 63 12.64 4.79 6.13
N GLY A 64 13.36 5.88 6.02
CA GLY A 64 13.96 6.49 7.25
C GLY A 64 12.90 7.26 8.03
N ASP A 65 12.07 8.02 7.35
CA ASP A 65 11.01 8.79 8.07
C ASP A 65 9.77 7.92 8.28
N VAL A 66 9.50 7.55 9.50
CA VAL A 66 8.29 6.71 9.78
C VAL A 66 7.42 7.37 10.86
N HIS A 67 6.14 7.43 10.63
CA HIS A 67 5.23 8.05 11.65
C HIS A 67 4.26 6.98 12.18
N ILE A 68 4.19 6.81 13.48
CA ILE A 68 3.28 5.78 14.04
C ILE A 68 2.43 6.36 15.18
N VAL A 69 1.24 5.84 15.35
CA VAL A 69 0.34 6.31 16.44
C VAL A 69 0.05 5.14 17.39
N ARG A 70 -0.27 5.39 18.63
CA ARG A 70 -0.51 4.25 19.56
C ARG A 70 -1.85 3.57 19.28
N GLY A 71 -1.83 2.27 19.16
CA GLY A 71 -3.09 1.51 18.93
C GLY A 71 -3.64 1.05 20.28
N ASP A 72 -4.70 0.28 20.28
CA ASP A 72 -5.27 -0.18 21.57
C ASP A 72 -4.49 -1.40 22.09
N PHE A 73 -3.48 -1.84 21.39
CA PHE A 73 -2.71 -3.03 21.85
C PHE A 73 -1.20 -2.80 21.67
N ASP A 74 -0.76 -1.57 21.67
CA ASP A 74 0.70 -1.29 21.51
C ASP A 74 1.41 -1.44 22.85
N GLU A 75 2.53 -2.14 22.87
CA GLU A 75 3.28 -2.29 24.16
C GLU A 75 3.88 -0.96 24.58
N ASN A 76 4.50 -0.27 23.66
CA ASN A 76 5.11 1.04 23.98
C ASN A 76 4.04 2.12 24.13
N LEU A 77 3.95 2.72 25.28
CA LEU A 77 2.92 3.78 25.51
C LEU A 77 3.45 5.15 25.06
N ASN A 78 4.67 5.21 24.60
CA ASN A 78 5.25 6.51 24.17
C ASN A 78 4.67 6.95 22.81
N TYR A 79 3.86 6.14 22.19
CA TYR A 79 3.26 6.57 20.88
C TYR A 79 2.14 7.60 21.14
N PRO A 80 1.99 8.50 20.20
CA PRO A 80 0.97 9.56 20.33
C PRO A 80 -0.43 9.01 20.04
N GLU A 81 -1.43 9.42 20.78
CA GLU A 81 -2.82 8.94 20.51
C GLU A 81 -3.21 9.30 19.08
N GLN A 82 -2.83 10.47 18.64
CA GLN A 82 -3.14 10.90 17.25
C GLN A 82 -2.07 11.91 16.79
N LYS A 83 -1.78 11.98 15.52
CA LYS A 83 -0.73 12.94 15.06
C LYS A 83 -1.09 13.54 13.70
N VAL A 84 -0.70 14.76 13.48
CA VAL A 84 -0.98 15.43 12.17
C VAL A 84 0.34 15.68 11.43
N VAL A 85 0.56 15.01 10.33
CA VAL A 85 1.82 15.20 9.57
C VAL A 85 1.53 15.81 8.20
N THR A 86 2.26 16.84 7.84
CA THR A 86 2.01 17.48 6.51
C THR A 86 2.92 16.85 5.46
N VAL A 87 2.37 16.46 4.34
CA VAL A 87 3.19 15.84 3.27
C VAL A 87 3.05 16.66 1.99
N GLY A 88 3.85 17.67 1.84
CA GLY A 88 3.76 18.53 0.62
C GLY A 88 2.59 19.50 0.78
N GLN A 89 1.61 19.44 -0.09
CA GLN A 89 0.44 20.35 0.02
C GLN A 89 -0.68 19.70 0.85
N PHE A 90 -0.53 18.46 1.21
CA PHE A 90 -1.62 17.77 1.98
C PHE A 90 -1.38 17.76 3.49
N LYS A 91 -2.43 18.01 4.23
CA LYS A 91 -2.34 17.96 5.72
C LYS A 91 -3.04 16.68 6.16
N ILE A 92 -2.31 15.71 6.59
CA ILE A 92 -2.93 14.40 6.95
C ILE A 92 -2.95 14.17 8.47
N GLY A 93 -4.03 13.62 8.97
CA GLY A 93 -4.13 13.33 10.42
C GLY A 93 -3.96 11.83 10.63
N LEU A 94 -3.60 11.40 11.81
CA LEU A 94 -3.40 9.93 12.01
C LEU A 94 -3.95 9.46 13.37
N ILE A 95 -4.71 8.40 13.37
CA ILE A 95 -5.26 7.86 14.65
C ILE A 95 -5.60 6.38 14.48
N HIS A 96 -5.49 5.58 15.52
CA HIS A 96 -5.82 4.13 15.37
C HIS A 96 -7.27 3.95 14.94
N GLY A 97 -8.19 4.41 15.74
CA GLY A 97 -9.63 4.26 15.37
C GLY A 97 -10.44 3.77 16.58
N HIS A 98 -9.82 3.05 17.49
CA HIS A 98 -10.59 2.54 18.67
C HIS A 98 -11.14 3.73 19.48
N GLN A 99 -10.61 4.90 19.28
CA GLN A 99 -11.12 6.10 20.02
C GLN A 99 -12.32 6.69 19.28
N VAL A 100 -12.64 6.18 18.11
CA VAL A 100 -13.80 6.74 17.34
C VAL A 100 -15.03 5.85 17.56
N ILE A 101 -16.03 6.37 18.22
CA ILE A 101 -17.26 5.55 18.47
C ILE A 101 -18.46 6.14 17.70
N PRO A 102 -19.15 5.29 16.96
CA PRO A 102 -18.79 3.86 16.88
C PRO A 102 -17.50 3.63 16.08
N TRP A 103 -16.84 2.54 16.37
CA TRP A 103 -15.52 2.21 15.74
C TRP A 103 -15.43 2.57 14.24
N GLY A 104 -16.28 2.05 13.40
CA GLY A 104 -16.14 2.37 11.94
C GLY A 104 -17.25 3.30 11.42
N ASP A 105 -17.71 4.22 12.23
CA ASP A 105 -18.77 5.15 11.73
C ASP A 105 -18.16 6.25 10.87
N MET A 106 -18.75 6.55 9.74
CA MET A 106 -18.20 7.63 8.89
C MET A 106 -18.51 8.99 9.52
N ALA A 107 -19.70 9.14 10.05
CA ALA A 107 -20.05 10.44 10.70
C ALA A 107 -19.10 10.72 11.86
N SER A 108 -18.74 9.71 12.61
CA SER A 108 -17.79 9.92 13.74
C SER A 108 -16.43 10.30 13.17
N LEU A 109 -15.99 9.65 12.12
CA LEU A 109 -14.68 9.99 11.51
C LEU A 109 -14.74 11.41 10.97
N ALA A 110 -15.82 11.79 10.34
CA ALA A 110 -15.94 13.17 9.80
C ALA A 110 -15.87 14.18 10.94
N LEU A 111 -16.59 13.91 12.00
CA LEU A 111 -16.55 14.82 13.18
C LEU A 111 -15.11 14.99 13.66
N LEU A 112 -14.34 13.94 13.56
CA LEU A 112 -12.92 14.03 13.98
C LEU A 112 -12.12 14.85 12.96
N GLN A 113 -12.46 14.74 11.71
CA GLN A 113 -11.75 15.52 10.66
C GLN A 113 -11.84 17.01 10.96
N ARG A 114 -13.01 17.49 11.31
CA ARG A 114 -13.16 18.94 11.64
C ARG A 114 -12.16 19.34 12.72
N GLN A 115 -12.20 18.69 13.84
CA GLN A 115 -11.26 19.01 14.95
C GLN A 115 -9.80 18.99 14.45
N PHE A 116 -9.45 17.98 13.71
CA PHE A 116 -8.04 17.88 13.20
C PHE A 116 -7.77 18.90 12.09
N ASP A 117 -8.79 19.28 11.34
CA ASP A 117 -8.58 20.26 10.23
C ASP A 117 -7.58 19.70 9.22
N VAL A 118 -7.76 18.47 8.82
CA VAL A 118 -6.82 17.85 7.83
C VAL A 118 -7.53 17.57 6.52
N ASP A 119 -6.80 17.49 5.43
CA ASP A 119 -7.44 17.20 4.12
C ASP A 119 -7.67 15.69 4.00
N ILE A 120 -6.80 14.91 4.59
CA ILE A 120 -6.95 13.42 4.53
C ILE A 120 -6.86 12.84 5.95
N LEU A 121 -7.67 11.85 6.25
CA LEU A 121 -7.62 11.23 7.61
C LEU A 121 -7.30 9.74 7.49
N ILE A 122 -6.25 9.30 8.13
CA ILE A 122 -5.88 7.85 8.05
C ILE A 122 -6.23 7.15 9.37
N SER A 123 -6.90 6.02 9.29
CA SER A 123 -7.28 5.29 10.54
C SER A 123 -7.52 3.81 10.22
N GLY A 124 -7.48 2.97 11.22
CA GLY A 124 -7.71 1.50 10.97
C GLY A 124 -8.62 0.94 12.06
N HIS A 125 -8.13 -0.05 12.79
CA HIS A 125 -8.93 -0.70 13.89
C HIS A 125 -10.02 -1.65 13.33
N THR A 126 -10.60 -1.32 12.21
CA THR A 126 -11.66 -2.21 11.63
C THR A 126 -11.05 -3.31 10.74
N HIS A 127 -9.78 -3.22 10.43
CA HIS A 127 -9.14 -4.25 9.55
C HIS A 127 -9.90 -4.37 8.22
N LYS A 128 -10.57 -3.34 7.82
CA LYS A 128 -11.30 -3.37 6.52
C LYS A 128 -10.83 -2.21 5.64
N PHE A 129 -10.18 -2.49 4.54
CA PHE A 129 -9.70 -1.39 3.66
C PHE A 129 -10.86 -0.46 3.29
N GLU A 130 -10.62 0.83 3.32
CA GLU A 130 -11.70 1.79 2.97
C GLU A 130 -11.09 3.08 2.39
N ALA A 131 -11.48 3.43 1.19
CA ALA A 131 -10.94 4.67 0.56
C ALA A 131 -12.07 5.44 -0.14
N PHE A 132 -12.63 6.43 0.52
CA PHE A 132 -13.75 7.20 -0.12
C PHE A 132 -13.62 8.70 0.20
N GLU A 133 -14.38 9.53 -0.48
CA GLU A 133 -14.33 11.00 -0.24
C GLU A 133 -15.63 11.47 0.42
N HIS A 134 -15.54 12.45 1.29
CA HIS A 134 -16.78 12.95 1.97
C HIS A 134 -16.68 14.46 2.24
N GLU A 135 -17.57 15.22 1.65
CA GLU A 135 -17.55 16.70 1.87
C GLU A 135 -16.16 17.30 1.60
N ASN A 136 -15.67 17.11 0.40
CA ASN A 136 -14.35 17.68 0.00
C ASN A 136 -13.20 17.13 0.86
N LYS A 137 -13.41 16.07 1.60
CA LYS A 137 -12.30 15.51 2.42
C LYS A 137 -12.08 14.04 2.06
N PHE A 138 -10.89 13.53 2.29
CA PHE A 138 -10.61 12.12 1.93
C PHE A 138 -10.36 11.27 3.18
N TYR A 139 -10.86 10.07 3.19
CA TYR A 139 -10.65 9.16 4.35
C TYR A 139 -10.00 7.87 3.85
N ILE A 140 -8.99 7.39 4.52
CA ILE A 140 -8.32 6.14 4.05
C ILE A 140 -8.07 5.16 5.19
N ASN A 141 -8.34 3.91 4.95
CA ASN A 141 -8.10 2.86 5.97
C ASN A 141 -7.34 1.70 5.30
N PRO A 142 -6.08 1.57 5.63
CA PRO A 142 -5.25 0.49 5.01
C PRO A 142 -5.74 -0.90 5.42
N GLY A 143 -6.31 -1.04 6.58
CA GLY A 143 -6.79 -2.38 7.02
C GLY A 143 -5.69 -3.11 7.79
N SER A 144 -5.54 -4.39 7.55
CA SER A 144 -4.48 -5.15 8.27
C SER A 144 -3.47 -5.73 7.29
N ALA A 145 -2.26 -5.24 7.31
CA ALA A 145 -1.22 -5.75 6.37
C ALA A 145 -1.02 -7.26 6.57
N THR A 146 -1.41 -7.78 7.71
CA THR A 146 -1.23 -9.24 7.96
C THR A 146 -2.59 -9.94 8.06
N GLY A 147 -3.65 -9.27 7.67
CA GLY A 147 -5.00 -9.91 7.76
C GLY A 147 -5.23 -10.35 9.21
N ALA A 148 -4.76 -9.58 10.15
CA ALA A 148 -4.93 -9.95 11.59
C ALA A 148 -6.40 -10.30 11.89
N TYR A 149 -6.60 -11.22 12.79
CA TYR A 149 -7.99 -11.64 13.15
C TYR A 149 -8.79 -10.49 13.79
N ASN A 150 -10.08 -10.52 13.61
CA ASN A 150 -10.96 -9.47 14.20
C ASN A 150 -12.33 -10.07 14.50
N ALA A 151 -12.70 -10.13 15.76
CA ALA A 151 -14.01 -10.76 16.15
C ALA A 151 -15.20 -10.20 15.36
N LEU A 152 -15.15 -8.97 14.90
CA LEU A 152 -16.33 -8.42 14.16
C LEU A 152 -16.38 -8.91 12.71
N GLU A 153 -15.27 -9.22 12.11
CA GLU A 153 -15.30 -9.71 10.69
C GLU A 153 -14.60 -11.07 10.60
N THR A 154 -15.33 -12.10 10.25
CA THR A 154 -14.72 -13.46 10.15
C THR A 154 -13.89 -13.61 8.88
N ASN A 155 -14.04 -12.72 7.94
CA ASN A 155 -13.23 -12.82 6.69
C ASN A 155 -12.37 -11.57 6.51
N ILE A 156 -11.15 -11.61 6.96
CA ILE A 156 -10.27 -10.42 6.81
C ILE A 156 -9.29 -10.61 5.66
N ILE A 157 -9.07 -9.58 4.90
CA ILE A 157 -8.11 -9.67 3.75
C ILE A 157 -6.90 -8.79 4.06
N PRO A 158 -5.74 -9.40 4.09
CA PRO A 158 -4.50 -8.63 4.41
C PRO A 158 -4.23 -7.63 3.28
N SER A 159 -3.92 -6.40 3.62
CA SER A 159 -3.66 -5.39 2.54
C SER A 159 -3.01 -4.12 3.09
N PHE A 160 -2.29 -3.42 2.25
CA PHE A 160 -1.66 -2.14 2.67
C PHE A 160 -1.85 -1.12 1.53
N VAL A 161 -1.73 0.14 1.82
CA VAL A 161 -1.97 1.15 0.75
C VAL A 161 -0.80 2.15 0.57
N LEU A 162 -0.47 2.43 -0.66
CA LEU A 162 0.59 3.41 -0.97
C LEU A 162 -0.05 4.68 -1.56
N MET A 163 0.41 5.84 -1.17
CA MET A 163 -0.21 7.07 -1.73
C MET A 163 0.82 7.89 -2.50
N ASP A 164 0.58 8.09 -3.77
CA ASP A 164 1.55 8.89 -4.59
C ASP A 164 1.07 10.34 -4.68
N ILE A 165 1.84 11.27 -4.17
CA ILE A 165 1.41 12.69 -4.21
C ILE A 165 2.34 13.53 -5.10
N GLN A 166 1.84 14.00 -6.20
CA GLN A 166 2.67 14.86 -7.10
C GLN A 166 2.66 16.30 -6.57
N ALA A 167 1.50 16.74 -6.14
CA ALA A 167 1.37 18.11 -5.60
C ALA A 167 -0.01 18.24 -4.93
N SER A 168 -0.93 18.94 -5.53
CA SER A 168 -2.29 19.07 -4.91
C SER A 168 -3.16 17.86 -5.30
N THR A 169 -2.58 16.87 -5.92
CA THR A 169 -3.36 15.67 -6.33
C THR A 169 -2.72 14.41 -5.74
N VAL A 170 -3.50 13.48 -5.27
CA VAL A 170 -2.90 12.24 -4.69
C VAL A 170 -3.55 10.98 -5.27
N VAL A 171 -2.76 9.98 -5.53
CA VAL A 171 -3.32 8.71 -6.06
C VAL A 171 -3.03 7.61 -5.03
N THR A 172 -4.03 6.88 -4.62
CA THR A 172 -3.79 5.83 -3.60
C THR A 172 -3.89 4.44 -4.23
N TYR A 173 -2.98 3.57 -3.88
CA TYR A 173 -3.03 2.19 -4.42
C TYR A 173 -3.28 1.22 -3.28
N VAL A 174 -4.26 0.38 -3.42
CA VAL A 174 -4.56 -0.58 -2.33
C VAL A 174 -4.20 -1.99 -2.81
N TYR A 175 -3.49 -2.73 -2.00
CA TYR A 175 -3.11 -4.10 -2.43
C TYR A 175 -3.83 -5.13 -1.56
N GLN A 176 -4.72 -5.87 -2.15
CA GLN A 176 -5.45 -6.91 -1.37
C GLN A 176 -4.94 -8.29 -1.75
N LEU A 177 -4.77 -9.14 -0.79
CA LEU A 177 -4.27 -10.51 -1.10
C LEU A 177 -5.45 -11.46 -1.26
N ILE A 178 -6.07 -11.47 -2.41
CA ILE A 178 -7.22 -12.37 -2.63
C ILE A 178 -6.73 -13.60 -3.39
N GLY A 179 -6.85 -14.76 -2.81
CA GLY A 179 -6.35 -15.98 -3.50
C GLY A 179 -4.81 -15.93 -3.50
N ASP A 180 -4.18 -16.68 -4.35
CA ASP A 180 -2.69 -16.66 -4.39
C ASP A 180 -2.18 -15.34 -4.99
N ASP A 181 -2.78 -14.90 -6.07
CA ASP A 181 -2.32 -13.63 -6.72
C ASP A 181 -2.80 -12.42 -5.91
N VAL A 182 -2.13 -11.31 -6.07
CA VAL A 182 -2.54 -10.08 -5.33
C VAL A 182 -3.25 -9.12 -6.29
N LYS A 183 -4.41 -8.65 -5.92
CA LYS A 183 -5.15 -7.71 -6.81
C LYS A 183 -4.90 -6.26 -6.37
N VAL A 184 -4.89 -5.33 -7.29
CA VAL A 184 -4.63 -3.92 -6.90
C VAL A 184 -5.68 -2.98 -7.53
N GLU A 185 -6.12 -2.00 -6.79
CA GLU A 185 -7.13 -1.04 -7.33
C GLU A 185 -6.55 0.38 -7.27
N ARG A 186 -6.95 1.23 -8.18
CA ARG A 186 -6.39 2.62 -8.18
C ARG A 186 -7.48 3.67 -7.87
N ILE A 187 -7.22 4.51 -6.90
CA ILE A 187 -8.19 5.58 -6.56
C ILE A 187 -7.48 6.94 -6.57
N GLU A 188 -8.04 7.94 -7.20
CA GLU A 188 -7.36 9.27 -7.25
C GLU A 188 -8.15 10.34 -6.50
N TYR A 189 -7.48 11.21 -5.80
CA TYR A 189 -8.16 12.30 -5.06
C TYR A 189 -7.36 13.60 -5.19
N LYS A 190 -8.04 14.71 -5.31
CA LYS A 190 -7.33 16.02 -5.44
C LYS A 190 -8.04 17.09 -4.62
N LYS A 191 -7.30 18.02 -4.08
CA LYS A 191 -7.94 19.11 -3.26
C LYS A 191 -9.10 19.75 -4.03
N SER A 192 -8.98 19.85 -5.32
CA SER A 192 -10.08 20.46 -6.12
C SER A 192 -10.23 19.72 -7.47
N GLY B 1 32.19 16.97 3.87
CA GLY B 1 33.56 16.52 4.25
C GLY B 1 34.48 16.61 3.04
N PRO B 2 34.48 15.56 2.25
CA PRO B 2 35.33 15.53 1.03
C PRO B 2 34.83 16.53 -0.01
N LEU B 3 33.60 16.98 0.11
CA LEU B 3 33.05 17.95 -0.87
C LEU B 3 33.90 19.23 -0.89
N GLY B 4 34.37 19.66 0.26
CA GLY B 4 35.21 20.89 0.31
C GLY B 4 34.30 22.12 0.28
N SER B 5 34.87 23.29 0.13
CA SER B 5 34.04 24.53 0.09
C SER B 5 33.14 24.52 -1.14
N THR B 6 33.58 23.89 -2.21
CA THR B 6 32.74 23.84 -3.44
C THR B 6 32.52 22.39 -3.86
N GLU B 7 31.49 22.13 -4.63
CA GLU B 7 31.23 20.73 -5.09
C GLU B 7 32.34 20.27 -6.04
N GLU B 8 32.72 19.02 -5.96
CA GLU B 8 33.78 18.50 -6.87
C GLU B 8 33.18 17.56 -7.91
N ASP B 9 33.67 17.60 -9.13
CA ASP B 9 33.12 16.71 -10.19
C ASP B 9 33.86 15.38 -10.18
N LEU B 10 33.19 14.30 -9.86
CA LEU B 10 33.85 12.97 -9.85
C LEU B 10 32.80 11.86 -9.62
N GLU B 11 32.67 11.37 -8.40
CA GLU B 11 31.66 10.30 -8.12
C GLU B 11 31.81 9.15 -9.13
N ASP B 12 32.99 8.97 -9.67
CA ASP B 12 33.19 7.86 -10.66
C ASP B 12 33.48 6.54 -9.94
N ALA B 13 33.53 6.54 -8.63
CA ALA B 13 33.81 5.28 -7.90
C ALA B 13 32.72 4.24 -8.19
N GLU B 14 31.49 4.68 -8.31
CA GLU B 14 30.39 3.71 -8.59
C GLU B 14 30.50 3.19 -10.03
N ASP B 15 30.18 1.94 -10.24
CA ASP B 15 30.27 1.36 -11.61
C ASP B 15 28.88 1.31 -12.25
N THR B 16 28.80 1.03 -13.52
CA THR B 16 27.47 0.96 -14.19
C THR B 16 27.20 -0.45 -14.72
N VAL B 17 26.00 -0.92 -14.57
CA VAL B 17 25.66 -2.29 -15.06
C VAL B 17 24.58 -2.21 -16.14
N SER B 18 24.66 -3.01 -17.17
CA SER B 18 23.64 -2.96 -18.25
C SER B 18 22.63 -4.10 -18.09
N ALA B 19 21.38 -3.83 -18.32
CA ALA B 19 20.35 -4.89 -18.18
C ALA B 19 19.04 -4.43 -18.84
N ALA B 20 18.14 -5.33 -19.09
CA ALA B 20 16.84 -4.93 -19.73
C ALA B 20 16.11 -3.91 -18.83
N ASP B 21 15.46 -2.95 -19.44
CA ASP B 21 14.74 -1.93 -18.63
C ASP B 21 13.51 -2.55 -17.94
N PRO B 22 13.55 -2.61 -16.63
CA PRO B 22 12.42 -3.19 -15.87
C PRO B 22 11.21 -2.25 -15.90
N GLU B 23 10.02 -2.80 -15.92
CA GLU B 23 8.81 -1.95 -15.95
C GLU B 23 8.08 -2.01 -14.61
N PHE B 24 7.41 -0.95 -14.23
CA PHE B 24 6.69 -0.95 -12.92
C PHE B 24 5.18 -0.81 -13.12
N CYS B 25 4.42 -1.46 -12.28
CA CYS B 25 2.93 -1.35 -12.37
C CYS B 25 2.48 -0.26 -11.42
N HIS B 26 2.80 -0.42 -10.18
CA HIS B 26 2.45 0.59 -9.14
C HIS B 26 3.64 0.69 -8.19
N PRO B 27 3.55 1.51 -7.18
CA PRO B 27 4.69 1.65 -6.24
C PRO B 27 5.02 0.30 -5.60
N LEU B 28 6.30 -0.01 -5.54
CA LEU B 28 6.78 -1.29 -4.93
C LEU B 28 6.43 -2.51 -5.78
N CYS B 29 6.65 -2.49 -7.07
CA CYS B 29 6.33 -3.72 -7.87
C CYS B 29 7.52 -4.07 -8.76
N GLN B 30 8.48 -4.76 -8.19
CA GLN B 30 9.68 -5.17 -8.97
C GLN B 30 9.38 -6.48 -9.70
N CYS B 31 8.12 -6.79 -9.83
CA CYS B 31 7.67 -8.04 -10.50
C CYS B 31 8.43 -8.31 -11.80
N PRO B 32 8.17 -9.48 -12.34
CA PRO B 32 8.76 -9.84 -13.64
C PRO B 32 8.11 -9.00 -14.74
N LYS B 33 6.82 -9.08 -14.82
CA LYS B 33 6.06 -8.29 -15.84
C LYS B 33 4.60 -8.17 -15.40
N CYS B 34 4.17 -8.98 -14.47
CA CYS B 34 2.72 -8.97 -14.07
C CYS B 34 1.90 -9.16 -15.36
N ALA B 35 2.50 -9.83 -16.31
CA ALA B 35 1.82 -10.06 -17.62
C ALA B 35 0.71 -11.10 -17.48
N PRO B 36 -0.49 -10.70 -17.84
CA PRO B 36 -1.65 -11.62 -17.76
C PRO B 36 -1.62 -12.62 -18.92
N ALA B 37 -2.22 -13.76 -18.74
CA ALA B 37 -2.23 -14.78 -19.84
C ALA B 37 -3.55 -14.68 -20.62
N GLN B 38 -3.48 -14.66 -21.92
CA GLN B 38 -4.73 -14.57 -22.74
C GLN B 38 -5.01 -15.91 -23.41
N LYS B 39 -6.16 -16.49 -23.14
CA LYS B 39 -6.50 -17.80 -23.76
C LYS B 39 -7.95 -17.81 -24.24
N ARG B 40 -8.19 -18.31 -25.43
CA ARG B 40 -9.58 -18.35 -25.95
C ARG B 40 -10.41 -19.37 -25.17
N LEU B 41 -11.69 -19.20 -25.12
CA LEU B 41 -12.56 -20.15 -24.36
C LEU B 41 -12.73 -21.45 -25.15
N ALA B 42 -12.76 -22.57 -24.48
CA ALA B 42 -12.93 -23.86 -25.20
C ALA B 42 -14.35 -24.40 -25.00
N LYS B 43 -14.88 -25.07 -25.99
CA LYS B 43 -16.27 -25.62 -25.87
C LYS B 43 -16.36 -26.59 -24.69
N VAL B 44 -15.31 -27.32 -24.42
CA VAL B 44 -15.35 -28.29 -23.29
C VAL B 44 -14.44 -27.82 -22.14
N PRO B 45 -15.05 -27.35 -21.07
CA PRO B 45 -14.28 -26.87 -19.90
C PRO B 45 -13.61 -28.05 -19.18
N ALA B 46 -12.60 -27.77 -18.39
CA ALA B 46 -11.90 -28.86 -17.66
C ALA B 46 -12.89 -29.68 -16.81
N SER B 47 -12.60 -30.93 -16.58
CA SER B 47 -13.52 -31.77 -15.77
C SER B 47 -12.74 -32.49 -14.65
N GLY B 48 -13.33 -33.51 -14.07
CA GLY B 48 -12.64 -34.24 -12.97
C GLY B 48 -11.24 -34.66 -13.42
N LEU B 49 -10.39 -35.04 -12.50
CA LEU B 49 -9.01 -35.46 -12.86
C LEU B 49 -9.04 -36.61 -13.88
N GLY B 50 -9.94 -37.54 -13.71
CA GLY B 50 -10.02 -38.69 -14.68
C GLY B 50 -8.65 -39.32 -14.85
N VAL B 51 -8.33 -40.32 -14.07
CA VAL B 51 -6.99 -40.97 -14.19
C VAL B 51 -7.15 -42.39 -14.75
N ASN B 52 -6.37 -42.72 -15.75
CA ASN B 52 -6.45 -44.08 -16.35
C ASN B 52 -5.47 -45.02 -15.64
N VAL B 53 -4.21 -44.69 -15.64
CA VAL B 53 -3.19 -45.55 -14.97
C VAL B 53 -2.34 -44.72 -14.01
N THR B 54 -1.97 -45.28 -12.88
CA THR B 54 -1.15 -44.52 -11.90
C THR B 54 0.34 -44.77 -12.14
N SER B 55 1.14 -43.75 -12.07
CA SER B 55 2.60 -43.92 -12.29
C SER B 55 3.38 -42.89 -11.45
N GLN B 56 3.08 -41.62 -11.62
CA GLN B 56 3.79 -40.55 -10.86
C GLN B 56 5.29 -40.54 -11.17
N ASP B 57 6.02 -41.52 -10.70
CA ASP B 57 7.49 -41.55 -10.96
C ASP B 57 7.76 -41.50 -12.47
N GLY B 58 6.94 -42.14 -13.25
CA GLY B 58 7.14 -42.13 -14.73
C GLY B 58 5.78 -41.96 -15.42
N SER B 59 5.77 -41.82 -16.72
CA SER B 59 4.48 -41.65 -17.43
C SER B 59 4.33 -42.72 -18.52
N SER B 60 3.23 -43.43 -18.51
CA SER B 60 3.01 -44.49 -19.55
C SER B 60 2.95 -43.84 -20.94
N TRP B 61 2.40 -42.65 -21.02
CA TRP B 61 2.30 -41.97 -22.34
C TRP B 61 3.40 -40.90 -22.46
N GLY A 1 7.12 33.41 8.21
CA GLY A 1 8.30 32.54 8.44
C GLY A 1 8.19 31.29 7.55
N SER A 2 7.01 30.76 7.41
CA SER A 2 6.83 29.55 6.57
C SER A 2 5.82 29.83 5.43
N PRO A 3 6.34 30.17 4.29
CA PRO A 3 5.47 30.48 3.12
C PRO A 3 4.74 29.22 2.66
N GLU A 4 3.47 29.33 2.37
CA GLU A 4 2.69 28.14 1.91
C GLU A 4 3.22 27.63 0.57
N PHE A 5 3.80 28.50 -0.22
CA PHE A 5 4.34 28.06 -1.54
C PHE A 5 5.84 27.78 -1.46
N GLY A 6 6.27 26.69 -2.03
CA GLY A 6 7.73 26.35 -1.99
C GLY A 6 8.15 25.78 -3.35
N THR A 7 8.58 24.55 -3.39
CA THR A 7 8.99 23.93 -4.68
C THR A 7 8.10 22.73 -5.00
N ARG A 8 7.70 22.58 -6.23
CA ARG A 8 6.84 21.43 -6.60
C ARG A 8 7.64 20.12 -6.58
N ASP A 9 7.05 19.06 -6.10
CA ASP A 9 7.77 17.76 -6.05
C ASP A 9 6.78 16.62 -5.81
N ARG A 10 7.19 15.40 -6.05
CA ARG A 10 6.26 14.24 -5.83
C ARG A 10 6.88 13.26 -4.83
N MET A 11 6.07 12.60 -4.04
CA MET A 11 6.63 11.65 -3.05
C MET A 11 5.62 10.54 -2.73
N LEU A 12 6.06 9.32 -2.64
CA LEU A 12 5.15 8.19 -2.35
C LEU A 12 5.16 7.86 -0.86
N VAL A 13 4.01 7.67 -0.25
CA VAL A 13 3.97 7.35 1.20
C VAL A 13 3.32 5.98 1.42
N LEU A 14 3.86 5.21 2.33
CA LEU A 14 3.29 3.85 2.61
C LEU A 14 2.37 3.91 3.82
N VAL A 15 1.19 3.36 3.71
CA VAL A 15 0.24 3.36 4.87
C VAL A 15 -0.19 1.93 5.21
N LEU A 16 -0.07 1.56 6.45
CA LEU A 16 -0.49 0.18 6.87
C LEU A 16 -0.59 0.11 8.39
N GLY A 17 -0.89 -1.04 8.94
CA GLY A 17 -1.02 -1.15 10.42
C GLY A 17 -1.87 -2.37 10.78
N ASP A 18 -2.16 -2.53 12.06
CA ASP A 18 -2.97 -3.68 12.53
C ASP A 18 -2.27 -4.99 12.19
N LEU A 19 -0.97 -5.01 12.36
CA LEU A 19 -0.20 -6.26 12.09
C LEU A 19 -0.49 -7.23 13.23
N HIS A 20 -0.65 -6.69 14.41
CA HIS A 20 -0.96 -7.52 15.62
C HIS A 20 0.09 -8.63 15.81
N ILE A 21 1.34 -8.32 15.64
CA ILE A 21 2.39 -9.35 15.85
C ILE A 21 3.03 -9.13 17.23
N PRO A 22 3.27 -10.19 17.97
CA PRO A 22 2.93 -11.57 17.56
C PRO A 22 1.60 -12.00 18.19
N HIS A 23 0.76 -11.06 18.52
CA HIS A 23 -0.54 -11.42 19.17
C HIS A 23 -1.40 -12.32 18.29
N ARG A 24 -1.58 -11.97 17.03
CA ARG A 24 -2.44 -12.81 16.16
C ARG A 24 -1.68 -13.27 14.91
N CYS A 25 -0.63 -12.58 14.54
CA CYS A 25 0.15 -12.98 13.32
C CYS A 25 1.64 -12.96 13.63
N ASN A 26 2.43 -13.68 12.86
CA ASN A 26 3.90 -13.72 13.12
C ASN A 26 4.65 -12.82 12.13
N SER A 27 4.04 -12.47 11.04
CA SER A 27 4.73 -11.59 10.04
C SER A 27 3.77 -11.20 8.92
N LEU A 28 4.25 -10.41 7.99
CA LEU A 28 3.40 -10.01 6.84
C LEU A 28 3.32 -11.18 5.85
N PRO A 29 2.34 -11.15 4.98
CA PRO A 29 2.19 -12.24 3.98
C PRO A 29 3.41 -12.30 3.06
N ALA A 30 3.80 -13.49 2.66
CA ALA A 30 5.02 -13.66 1.80
C ALA A 30 5.04 -12.73 0.59
N LYS A 31 4.04 -12.75 -0.24
CA LYS A 31 4.07 -11.88 -1.46
C LYS A 31 4.21 -10.40 -1.10
N PHE A 32 3.60 -9.96 -0.03
CA PHE A 32 3.73 -8.52 0.35
C PHE A 32 5.18 -8.15 0.67
N LYS A 33 5.89 -9.02 1.33
CA LYS A 33 7.31 -8.70 1.65
C LYS A 33 8.05 -8.39 0.34
N LYS A 34 7.73 -9.11 -0.70
CA LYS A 34 8.37 -8.86 -2.01
C LYS A 34 7.87 -7.50 -2.57
N LEU A 35 6.62 -7.18 -2.32
CA LEU A 35 6.06 -5.88 -2.82
C LEU A 35 6.74 -4.69 -2.12
N LEU A 36 7.12 -4.84 -0.89
CA LEU A 36 7.77 -3.71 -0.14
C LEU A 36 9.30 -3.79 -0.24
N VAL A 37 9.93 -2.70 -0.58
CA VAL A 37 11.42 -2.69 -0.69
C VAL A 37 11.96 -1.30 -0.32
N PRO A 38 13.16 -1.28 0.24
CA PRO A 38 13.78 0.00 0.64
C PRO A 38 14.22 0.80 -0.59
N GLY A 39 14.21 2.11 -0.49
CA GLY A 39 14.63 2.95 -1.65
C GLY A 39 13.42 3.30 -2.51
N LYS A 40 12.29 2.70 -2.23
CA LYS A 40 11.07 2.98 -3.04
C LYS A 40 10.10 3.88 -2.28
N ILE A 41 10.15 3.84 -0.97
CA ILE A 41 9.21 4.68 -0.17
C ILE A 41 9.97 5.74 0.62
N GLN A 42 9.50 6.97 0.56
CA GLN A 42 10.19 8.07 1.31
C GLN A 42 9.44 8.38 2.61
N HIS A 43 8.17 8.03 2.69
CA HIS A 43 7.39 8.31 3.93
C HIS A 43 6.53 7.10 4.32
N ILE A 44 6.46 6.79 5.59
CA ILE A 44 5.62 5.64 6.03
C ILE A 44 4.69 6.06 7.18
N LEU A 45 3.40 5.88 7.01
CA LEU A 45 2.46 6.22 8.10
C LEU A 45 1.86 4.93 8.68
N CYS A 46 1.90 4.77 9.97
CA CYS A 46 1.34 3.51 10.57
C CYS A 46 0.19 3.84 11.52
N THR A 47 -0.93 3.18 11.36
CA THR A 47 -2.10 3.45 12.23
C THR A 47 -2.25 2.36 13.30
N GLY A 48 -2.42 1.14 12.87
CA GLY A 48 -2.60 0.02 13.83
C GLY A 48 -1.37 -0.15 14.72
N ASN A 49 -1.53 -0.86 15.81
CA ASN A 49 -0.38 -1.08 16.74
C ASN A 49 0.61 -2.07 16.12
N LEU A 50 1.88 -1.92 16.42
CA LEU A 50 2.90 -2.83 15.83
C LEU A 50 2.57 -4.31 16.12
N CYS A 51 2.53 -4.76 17.36
CA CYS A 51 2.81 -3.87 18.54
C CYS A 51 4.25 -4.08 19.01
N THR A 52 4.85 -5.20 18.68
CA THR A 52 6.25 -5.47 19.12
C THR A 52 7.24 -4.52 18.43
N LYS A 53 8.25 -4.09 19.14
CA LYS A 53 9.26 -3.18 18.53
C LYS A 53 9.93 -3.85 17.33
N GLU A 54 10.01 -5.15 17.33
CA GLU A 54 10.64 -5.87 16.18
C GLU A 54 10.02 -5.41 14.86
N SER A 55 8.73 -5.23 14.84
CA SER A 55 8.06 -4.77 13.59
C SER A 55 8.50 -3.34 13.27
N TYR A 56 8.73 -2.54 14.28
CA TYR A 56 9.17 -1.13 14.04
C TYR A 56 10.49 -1.11 13.25
N ASP A 57 11.41 -1.96 13.63
CA ASP A 57 12.71 -2.00 12.89
C ASP A 57 12.47 -2.33 11.42
N TYR A 58 11.56 -3.23 11.15
CA TYR A 58 11.26 -3.58 9.74
C TYR A 58 10.72 -2.36 8.99
N LEU A 59 9.81 -1.64 9.59
CA LEU A 59 9.25 -0.43 8.92
C LEU A 59 10.35 0.59 8.68
N LYS A 60 11.25 0.74 9.61
CA LYS A 60 12.35 1.72 9.45
C LYS A 60 13.21 1.34 8.23
N THR A 61 13.32 0.06 7.97
CA THR A 61 14.15 -0.40 6.81
C THR A 61 13.56 0.11 5.49
N LEU A 62 12.26 0.04 5.33
CA LEU A 62 11.64 0.51 4.05
C LEU A 62 11.86 2.02 3.87
N ALA A 63 11.83 2.77 4.94
CA ALA A 63 12.05 4.24 4.80
C ALA A 63 12.65 4.81 6.09
N GLY A 64 13.36 5.91 5.99
CA GLY A 64 13.98 6.51 7.21
C GLY A 64 12.91 7.28 8.00
N ASP A 65 12.07 8.03 7.33
CA ASP A 65 11.03 8.81 8.04
C ASP A 65 9.77 7.95 8.27
N VAL A 66 9.52 7.58 9.50
CA VAL A 66 8.31 6.74 9.77
C VAL A 66 7.44 7.39 10.86
N HIS A 67 6.16 7.44 10.64
CA HIS A 67 5.25 8.05 11.66
C HIS A 67 4.28 6.99 12.20
N ILE A 68 4.21 6.83 13.50
CA ILE A 68 3.30 5.79 14.06
C ILE A 68 2.44 6.37 15.19
N VAL A 69 1.26 5.82 15.38
CA VAL A 69 0.37 6.30 16.47
C VAL A 69 0.07 5.13 17.41
N ARG A 70 -0.28 5.38 18.64
CA ARG A 70 -0.54 4.24 19.58
C ARG A 70 -1.88 3.55 19.29
N GLY A 71 -1.86 2.25 19.18
CA GLY A 71 -3.11 1.50 18.93
C GLY A 71 -3.68 1.03 20.28
N ASP A 72 -4.73 0.27 20.28
CA ASP A 72 -5.30 -0.20 21.58
C ASP A 72 -4.53 -1.42 22.10
N PHE A 73 -3.53 -1.86 21.39
CA PHE A 73 -2.75 -3.04 21.87
C PHE A 73 -1.24 -2.82 21.69
N ASP A 74 -0.80 -1.59 21.68
CA ASP A 74 0.66 -1.32 21.53
C ASP A 74 1.38 -1.46 22.88
N GLU A 75 2.48 -2.16 22.91
CA GLU A 75 3.23 -2.32 24.19
C GLU A 75 3.83 -0.99 24.62
N ASN A 76 4.46 -0.30 23.69
CA ASN A 76 5.08 1.02 24.02
C ASN A 76 4.00 2.10 24.16
N LEU A 77 3.90 2.69 25.31
CA LEU A 77 2.87 3.75 25.54
C LEU A 77 3.42 5.12 25.09
N ASN A 78 4.64 5.17 24.63
CA ASN A 78 5.21 6.48 24.21
C ASN A 78 4.64 6.93 22.85
N TYR A 79 3.83 6.12 22.22
CA TYR A 79 3.24 6.54 20.91
C TYR A 79 2.12 7.56 21.16
N PRO A 80 1.97 8.48 20.24
CA PRO A 80 0.94 9.54 20.37
C PRO A 80 -0.45 8.99 20.05
N GLU A 81 -1.44 9.41 20.79
CA GLU A 81 -2.83 8.92 20.52
C GLU A 81 -3.23 9.28 19.08
N GLN A 82 -2.84 10.46 18.65
CA GLN A 82 -3.14 10.90 17.26
C GLN A 82 -2.07 11.90 16.81
N LYS A 83 -1.77 11.96 15.54
CA LYS A 83 -0.73 12.92 15.07
C LYS A 83 -1.08 13.53 13.71
N VAL A 84 -0.68 14.75 13.50
CA VAL A 84 -0.96 15.40 12.19
C VAL A 84 0.36 15.65 11.46
N VAL A 85 0.58 14.98 10.36
CA VAL A 85 1.85 15.18 9.60
C VAL A 85 1.56 15.79 8.23
N THR A 86 2.29 16.82 7.87
CA THR A 86 2.05 17.46 6.54
C THR A 86 2.97 16.83 5.49
N VAL A 87 2.42 16.44 4.38
CA VAL A 87 3.24 15.81 3.30
C VAL A 87 3.11 16.65 2.02
N GLY A 88 3.92 17.66 1.87
CA GLY A 88 3.82 18.52 0.65
C GLY A 88 2.65 19.49 0.81
N GLN A 89 1.69 19.41 -0.06
CA GLN A 89 0.51 20.34 0.05
C GLN A 89 -0.61 19.69 0.87
N PHE A 90 -0.47 18.44 1.24
CA PHE A 90 -1.56 17.76 1.99
C PHE A 90 -1.33 17.75 3.51
N LYS A 91 -2.38 18.00 4.25
CA LYS A 91 -2.29 17.95 5.74
C LYS A 91 -3.01 16.66 6.17
N ILE A 92 -2.26 15.68 6.60
CA ILE A 92 -2.90 14.39 6.97
C ILE A 92 -2.92 14.16 8.49
N GLY A 93 -4.00 13.62 8.97
CA GLY A 93 -4.11 13.33 10.43
C GLY A 93 -3.93 11.82 10.63
N LEU A 94 -3.59 11.38 11.82
CA LEU A 94 -3.39 9.92 12.02
C LEU A 94 -3.94 9.45 13.38
N ILE A 95 -4.71 8.39 13.37
CA ILE A 95 -5.26 7.85 14.65
C ILE A 95 -5.60 6.37 14.47
N HIS A 96 -5.49 5.57 15.52
CA HIS A 96 -5.82 4.12 15.37
C HIS A 96 -7.27 3.95 14.93
N GLY A 97 -8.21 4.40 15.73
CA GLY A 97 -9.64 4.26 15.37
C GLY A 97 -10.45 3.76 16.56
N HIS A 98 -9.83 3.04 17.47
CA HIS A 98 -10.60 2.54 18.65
C HIS A 98 -11.16 3.72 19.46
N GLN A 99 -10.63 4.89 19.26
CA GLN A 99 -11.15 6.09 20.00
C GLN A 99 -12.34 6.69 19.26
N VAL A 100 -12.65 6.18 18.08
CA VAL A 100 -13.81 6.74 17.31
C VAL A 100 -15.04 5.86 17.53
N ILE A 101 -16.05 6.38 18.18
CA ILE A 101 -17.28 5.55 18.43
C ILE A 101 -18.47 6.14 17.65
N PRO A 102 -19.16 5.30 16.91
CA PRO A 102 -18.81 3.86 16.84
C PRO A 102 -17.51 3.64 16.04
N TRP A 103 -16.86 2.54 16.33
CA TRP A 103 -15.53 2.21 15.71
C TRP A 103 -15.43 2.56 14.21
N GLY A 104 -16.28 2.06 13.36
CA GLY A 104 -16.13 2.36 11.90
C GLY A 104 -17.24 3.31 11.38
N ASP A 105 -17.71 4.22 12.18
CA ASP A 105 -18.77 5.15 11.68
C ASP A 105 -18.15 6.25 10.82
N MET A 106 -18.74 6.55 9.69
CA MET A 106 -18.18 7.63 8.84
C MET A 106 -18.49 8.99 9.48
N ALA A 107 -19.68 9.15 10.01
CA ALA A 107 -20.04 10.44 10.64
C ALA A 107 -19.09 10.73 11.82
N SER A 108 -18.72 9.72 12.56
CA SER A 108 -17.78 9.92 13.70
C SER A 108 -16.41 10.31 13.14
N LEU A 109 -15.99 9.65 12.08
CA LEU A 109 -14.67 10.00 11.48
C LEU A 109 -14.71 11.42 10.94
N ALA A 110 -15.80 11.78 10.30
CA ALA A 110 -15.91 13.17 9.76
C ALA A 110 -15.86 14.17 10.91
N LEU A 111 -16.58 13.91 11.97
CA LEU A 111 -16.55 14.83 13.14
C LEU A 111 -15.10 14.99 13.62
N LEU A 112 -14.33 13.94 13.54
CA LEU A 112 -12.90 14.03 13.96
C LEU A 112 -12.11 14.85 12.94
N GLN A 113 -12.45 14.74 11.69
CA GLN A 113 -11.73 15.51 10.63
C GLN A 113 -11.82 17.02 10.95
N ARG A 114 -12.98 17.49 11.29
CA ARG A 114 -13.14 18.94 11.61
C ARG A 114 -12.14 19.34 12.69
N GLN A 115 -12.19 18.69 13.82
CA GLN A 115 -11.25 19.01 14.93
C GLN A 115 -9.80 18.99 14.44
N PHE A 116 -9.43 17.97 13.70
CA PHE A 116 -8.02 17.87 13.19
C PHE A 116 -7.75 18.89 12.09
N ASP A 117 -8.77 19.27 11.34
CA ASP A 117 -8.55 20.25 10.22
C ASP A 117 -7.54 19.69 9.22
N VAL A 118 -7.72 18.46 8.81
CA VAL A 118 -6.78 17.84 7.84
C VAL A 118 -7.49 17.56 6.52
N ASP A 119 -6.75 17.48 5.43
CA ASP A 119 -7.39 17.20 4.12
C ASP A 119 -7.62 15.69 3.99
N ILE A 120 -6.76 14.91 4.59
CA ILE A 120 -6.91 13.42 4.53
C ILE A 120 -6.83 12.83 5.95
N LEU A 121 -7.64 11.84 6.24
CA LEU A 121 -7.59 11.23 7.60
C LEU A 121 -7.27 9.74 7.49
N ILE A 122 -6.23 9.29 8.13
CA ILE A 122 -5.86 7.84 8.05
C ILE A 122 -6.22 7.13 9.36
N SER A 123 -6.89 6.02 9.28
CA SER A 123 -7.27 5.29 10.53
C SER A 123 -7.51 3.80 10.22
N GLY A 124 -7.47 2.96 11.21
CA GLY A 124 -7.70 1.50 10.96
C GLY A 124 -8.62 0.93 12.05
N HIS A 125 -8.14 -0.06 12.78
CA HIS A 125 -8.94 -0.71 13.88
C HIS A 125 -10.02 -1.65 13.31
N THR A 126 -10.60 -1.33 12.18
CA THR A 126 -11.66 -2.21 11.61
C THR A 126 -11.06 -3.31 10.72
N HIS A 127 -9.78 -3.22 10.41
CA HIS A 127 -9.14 -4.26 9.54
C HIS A 127 -9.89 -4.37 8.20
N LYS A 128 -10.56 -3.34 7.79
CA LYS A 128 -11.29 -3.37 6.50
C LYS A 128 -10.81 -2.21 5.61
N PHE A 129 -10.16 -2.49 4.52
CA PHE A 129 -9.67 -1.40 3.65
C PHE A 129 -10.83 -0.46 3.27
N GLU A 130 -10.59 0.82 3.30
CA GLU A 130 -11.67 1.79 2.94
C GLU A 130 -11.06 3.07 2.37
N ALA A 131 -11.44 3.44 1.17
CA ALA A 131 -10.90 4.67 0.54
C ALA A 131 -12.02 5.44 -0.16
N PHE A 132 -12.58 6.43 0.48
CA PHE A 132 -13.69 7.21 -0.14
C PHE A 132 -13.57 8.70 0.17
N GLU A 133 -14.33 9.53 -0.52
CA GLU A 133 -14.27 11.01 -0.27
C GLU A 133 -15.58 11.48 0.39
N HIS A 134 -15.49 12.45 1.26
CA HIS A 134 -16.73 12.95 1.93
C HIS A 134 -16.63 14.46 2.21
N GLU A 135 -17.51 15.23 1.61
CA GLU A 135 -17.50 16.71 1.83
C GLU A 135 -16.11 17.30 1.56
N ASN A 136 -15.61 17.12 0.37
CA ASN A 136 -14.28 17.69 -0.02
C ASN A 136 -13.13 17.14 0.83
N LYS A 137 -13.35 16.08 1.57
CA LYS A 137 -12.26 15.51 2.40
C LYS A 137 -12.02 14.04 2.04
N PHE A 138 -10.84 13.54 2.27
CA PHE A 138 -10.56 12.11 1.91
C PHE A 138 -10.32 11.27 3.17
N TYR A 139 -10.82 10.07 3.17
CA TYR A 139 -10.61 9.16 4.32
C TYR A 139 -9.96 7.86 3.83
N ILE A 140 -8.96 7.38 4.50
CA ILE A 140 -8.28 6.14 4.03
C ILE A 140 -8.04 5.15 5.18
N ASN A 141 -8.31 3.91 4.94
CA ASN A 141 -8.07 2.85 5.96
C ASN A 141 -7.31 1.70 5.29
N PRO A 142 -6.06 1.55 5.63
CA PRO A 142 -5.23 0.49 5.01
C PRO A 142 -5.71 -0.91 5.42
N GLY A 143 -6.28 -1.05 6.58
CA GLY A 143 -6.78 -2.38 7.01
C GLY A 143 -5.68 -3.12 7.78
N SER A 144 -5.53 -4.40 7.56
CA SER A 144 -4.48 -5.17 8.27
C SER A 144 -3.47 -5.74 7.29
N ALA A 145 -2.25 -5.25 7.32
CA ALA A 145 -1.21 -5.77 6.38
C ALA A 145 -1.01 -7.28 6.59
N THR A 146 -1.40 -7.80 7.72
CA THR A 146 -1.23 -9.26 7.98
C THR A 146 -2.59 -9.95 8.07
N GLY A 147 -3.65 -9.28 7.67
CA GLY A 147 -4.99 -9.92 7.77
C GLY A 147 -5.23 -10.36 9.20
N ALA A 148 -4.77 -9.59 10.16
CA ALA A 148 -4.95 -9.96 11.59
C ALA A 148 -6.41 -10.31 11.89
N TYR A 149 -6.62 -11.23 12.79
CA TYR A 149 -8.01 -11.65 13.14
C TYR A 149 -8.80 -10.51 13.77
N ASN A 150 -10.11 -10.53 13.59
CA ASN A 150 -10.98 -9.46 14.18
C ASN A 150 -12.36 -10.08 14.47
N ALA A 151 -12.73 -10.13 15.72
CA ALA A 151 -14.03 -10.76 16.11
C ALA A 151 -15.23 -10.20 15.31
N LEU A 152 -15.18 -8.97 14.86
CA LEU A 152 -16.35 -8.41 14.11
C LEU A 152 -16.40 -8.91 12.66
N GLU A 153 -15.28 -9.22 12.07
CA GLU A 153 -15.31 -9.71 10.66
C GLU A 153 -14.61 -11.08 10.57
N THR A 154 -15.34 -12.09 10.21
CA THR A 154 -14.74 -13.46 10.11
C THR A 154 -13.89 -13.60 8.84
N ASN A 155 -14.04 -12.71 7.90
CA ASN A 155 -13.23 -12.82 6.65
C ASN A 155 -12.37 -11.57 6.48
N ILE A 156 -11.15 -11.62 6.94
CA ILE A 156 -10.26 -10.42 6.79
C ILE A 156 -9.28 -10.61 5.64
N ILE A 157 -9.05 -9.58 4.88
CA ILE A 157 -8.10 -9.67 3.74
C ILE A 157 -6.88 -8.79 4.06
N PRO A 158 -5.72 -9.39 4.09
CA PRO A 158 -4.48 -8.64 4.40
C PRO A 158 -4.20 -7.62 3.28
N SER A 159 -3.85 -6.41 3.60
CA SER A 159 -3.59 -5.41 2.51
C SER A 159 -2.91 -4.14 3.04
N PHE A 160 -2.19 -3.46 2.17
CA PHE A 160 -1.53 -2.19 2.56
C PHE A 160 -1.73 -1.17 1.45
N VAL A 161 -1.59 0.09 1.72
CA VAL A 161 -1.85 1.11 0.67
C VAL A 161 -0.70 2.11 0.47
N LEU A 162 -0.37 2.38 -0.77
CA LEU A 162 0.69 3.39 -1.08
C LEU A 162 0.03 4.65 -1.62
N MET A 163 0.45 5.80 -1.17
CA MET A 163 -0.18 7.06 -1.68
C MET A 163 0.84 7.88 -2.47
N ASP A 164 0.62 8.05 -3.75
CA ASP A 164 1.57 8.85 -4.57
C ASP A 164 1.07 10.30 -4.67
N ILE A 165 1.84 11.23 -4.17
CA ILE A 165 1.41 12.65 -4.23
C ILE A 165 2.33 13.48 -5.13
N GLN A 166 1.76 14.15 -6.10
CA GLN A 166 2.57 14.99 -7.02
C GLN A 166 2.46 16.46 -6.58
N ALA A 167 1.26 16.95 -6.50
CA ALA A 167 1.03 18.38 -6.09
C ALA A 167 -0.47 18.64 -6.00
N SER A 168 -0.99 18.78 -4.81
CA SER A 168 -2.47 19.03 -4.66
C SER A 168 -3.28 17.88 -5.26
N THR A 169 -2.62 16.81 -5.63
CA THR A 169 -3.34 15.63 -6.21
C THR A 169 -2.72 14.35 -5.65
N VAL A 170 -3.53 13.43 -5.20
CA VAL A 170 -2.95 12.17 -4.63
C VAL A 170 -3.61 10.94 -5.22
N VAL A 171 -2.83 9.94 -5.50
CA VAL A 171 -3.39 8.66 -6.04
C VAL A 171 -3.09 7.56 -5.01
N THR A 172 -4.09 6.87 -4.56
CA THR A 172 -3.84 5.81 -3.55
C THR A 172 -3.94 4.43 -4.18
N TYR A 173 -3.01 3.58 -3.88
CA TYR A 173 -3.03 2.21 -4.42
C TYR A 173 -3.26 1.23 -3.28
N VAL A 174 -4.22 0.37 -3.42
CA VAL A 174 -4.49 -0.61 -2.34
C VAL A 174 -4.17 -2.02 -2.82
N TYR A 175 -3.47 -2.78 -2.04
CA TYR A 175 -3.13 -4.16 -2.48
C TYR A 175 -3.86 -5.17 -1.61
N GLN A 176 -4.73 -5.94 -2.19
CA GLN A 176 -5.46 -6.96 -1.40
C GLN A 176 -4.95 -8.35 -1.76
N LEU A 177 -4.74 -9.18 -0.79
CA LEU A 177 -4.24 -10.55 -1.08
C LEU A 177 -5.41 -11.51 -1.25
N ILE A 178 -6.12 -11.41 -2.34
CA ILE A 178 -7.27 -12.32 -2.57
C ILE A 178 -6.77 -13.55 -3.34
N GLY A 179 -6.86 -14.71 -2.75
CA GLY A 179 -6.37 -15.92 -3.43
C GLY A 179 -4.84 -15.88 -3.44
N ASP A 180 -4.20 -16.64 -4.27
CA ASP A 180 -2.71 -16.63 -4.31
C ASP A 180 -2.20 -15.31 -4.92
N ASP A 181 -2.79 -14.87 -6.00
CA ASP A 181 -2.33 -13.60 -6.65
C ASP A 181 -2.80 -12.38 -5.86
N VAL A 182 -2.12 -11.27 -6.03
CA VAL A 182 -2.54 -10.04 -5.30
C VAL A 182 -3.24 -9.09 -6.27
N LYS A 183 -4.41 -8.61 -5.90
CA LYS A 183 -5.15 -7.67 -6.79
C LYS A 183 -4.89 -6.23 -6.35
N VAL A 184 -4.88 -5.31 -7.29
CA VAL A 184 -4.63 -3.89 -6.91
C VAL A 184 -5.69 -2.96 -7.52
N GLU A 185 -6.13 -1.99 -6.78
CA GLU A 185 -7.15 -1.03 -7.29
C GLU A 185 -6.59 0.38 -7.25
N ARG A 186 -7.00 1.24 -8.14
CA ARG A 186 -6.44 2.64 -8.15
C ARG A 186 -7.53 3.68 -7.84
N ILE A 187 -7.28 4.51 -6.87
CA ILE A 187 -8.25 5.59 -6.51
C ILE A 187 -7.52 6.94 -6.53
N GLU A 188 -8.09 7.94 -7.16
CA GLU A 188 -7.40 9.26 -7.22
C GLU A 188 -8.20 10.34 -6.46
N TYR A 189 -7.51 11.21 -5.77
CA TYR A 189 -8.19 12.30 -5.02
C TYR A 189 -7.39 13.60 -5.16
N LYS A 190 -8.07 14.71 -5.28
CA LYS A 190 -7.36 16.02 -5.41
C LYS A 190 -8.06 17.09 -4.59
N LYS A 191 -7.32 18.02 -4.04
CA LYS A 191 -7.95 19.11 -3.23
C LYS A 191 -9.11 19.76 -4.00
N SER A 192 -10.14 20.14 -3.31
CA SER A 192 -11.31 20.78 -3.99
C SER A 192 -12.04 21.71 -3.02
N GLY B 1 -2.43 8.69 -28.56
CA GLY B 1 -3.37 9.53 -27.76
C GLY B 1 -4.37 8.64 -27.03
N PRO B 2 -5.46 8.34 -27.70
CA PRO B 2 -6.50 7.48 -27.10
C PRO B 2 -5.99 6.04 -26.92
N LEU B 3 -5.11 5.62 -27.80
CA LEU B 3 -4.56 4.24 -27.70
C LEU B 3 -3.84 4.05 -26.36
N GLY B 4 -3.25 5.10 -25.85
CA GLY B 4 -2.52 4.98 -24.55
C GLY B 4 -1.02 5.16 -24.79
N SER B 5 -0.63 5.43 -26.01
CA SER B 5 0.82 5.62 -26.31
C SER B 5 1.06 7.05 -26.81
N THR B 6 2.22 7.59 -26.56
CA THR B 6 2.49 8.99 -27.02
C THR B 6 3.48 9.00 -28.19
N GLU B 7 3.16 9.73 -29.22
CA GLU B 7 4.08 9.80 -30.41
C GLU B 7 5.36 10.54 -30.05
N GLU B 8 5.35 11.30 -28.98
CA GLU B 8 6.58 12.07 -28.59
C GLU B 8 7.78 11.13 -28.46
N ASP B 9 7.55 9.90 -28.08
CA ASP B 9 8.70 8.95 -27.94
C ASP B 9 9.38 8.75 -29.30
N LEU B 10 10.68 8.77 -29.33
CA LEU B 10 11.39 8.59 -30.62
C LEU B 10 12.02 7.19 -30.71
N GLU B 11 11.80 6.49 -31.78
CA GLU B 11 12.38 5.12 -31.92
C GLU B 11 13.91 5.20 -31.89
N ASP B 12 14.55 4.22 -31.29
CA ASP B 12 16.04 4.24 -31.23
C ASP B 12 16.64 3.84 -32.58
N ALA B 13 17.94 3.88 -32.70
CA ALA B 13 18.59 3.51 -33.99
C ALA B 13 18.28 2.05 -34.34
N GLU B 14 18.33 1.71 -35.60
CA GLU B 14 18.03 0.29 -36.01
C GLU B 14 18.90 -0.67 -35.20
N ASP B 15 20.10 -0.29 -34.88
CA ASP B 15 20.99 -1.18 -34.09
C ASP B 15 20.84 -0.89 -32.59
N THR B 16 21.41 -1.73 -31.75
CA THR B 16 21.30 -1.50 -30.28
C THR B 16 19.84 -1.26 -29.89
N VAL B 17 18.98 -2.21 -30.14
CA VAL B 17 17.53 -2.05 -29.79
C VAL B 17 17.06 -3.23 -28.93
N SER B 18 16.15 -2.99 -28.02
CA SER B 18 15.66 -4.09 -27.16
C SER B 18 14.21 -4.45 -27.53
N ALA B 19 13.86 -5.69 -27.41
CA ALA B 19 12.47 -6.12 -27.77
C ALA B 19 11.44 -5.50 -26.83
N ALA B 20 11.79 -5.30 -25.58
CA ALA B 20 10.81 -4.70 -24.62
C ALA B 20 11.53 -3.84 -23.59
N ASP B 21 10.80 -2.94 -22.96
CA ASP B 21 11.43 -2.05 -21.93
C ASP B 21 10.74 -2.29 -20.57
N PRO B 22 11.33 -1.73 -19.53
CA PRO B 22 10.76 -1.89 -18.17
C PRO B 22 9.57 -0.95 -17.96
N GLU B 23 8.48 -1.46 -17.43
CA GLU B 23 7.29 -0.58 -17.17
C GLU B 23 6.84 -0.73 -15.71
N PHE B 24 6.24 0.29 -15.16
CA PHE B 24 5.76 0.20 -13.75
C PHE B 24 4.24 0.04 -13.68
N CYS B 25 3.79 -0.89 -12.88
CA CYS B 25 2.32 -1.11 -12.72
C CYS B 25 1.76 -0.10 -11.74
N HIS B 26 2.49 0.11 -10.68
CA HIS B 26 2.07 1.06 -9.62
C HIS B 26 3.24 1.20 -8.64
N PRO B 27 3.05 1.89 -7.56
CA PRO B 27 4.16 1.99 -6.58
C PRO B 27 4.52 0.57 -6.12
N LEU B 28 5.79 0.29 -5.99
CA LEU B 28 6.23 -1.09 -5.58
C LEU B 28 5.88 -2.13 -6.66
N CYS B 29 6.45 -2.00 -7.84
CA CYS B 29 6.19 -3.00 -8.91
C CYS B 29 7.30 -4.03 -8.94
N GLN B 30 7.19 -5.05 -8.13
CA GLN B 30 8.24 -6.09 -8.12
C GLN B 30 7.83 -7.26 -9.02
N CYS B 31 6.77 -7.09 -9.76
CA CYS B 31 6.34 -8.19 -10.66
C CYS B 31 7.13 -8.22 -11.97
N PRO B 32 7.35 -9.43 -12.41
CA PRO B 32 8.12 -9.70 -13.65
C PRO B 32 7.31 -9.49 -14.93
N LYS B 33 6.20 -10.15 -15.02
CA LYS B 33 5.36 -10.01 -16.25
C LYS B 33 4.46 -8.85 -16.05
N CYS B 34 4.43 -8.38 -14.84
CA CYS B 34 3.52 -7.25 -14.53
C CYS B 34 2.14 -7.60 -15.09
N ALA B 35 1.85 -8.88 -15.15
CA ALA B 35 0.57 -9.35 -15.71
C ALA B 35 -0.28 -10.08 -14.67
N PRO B 36 -1.58 -10.04 -14.85
CA PRO B 36 -2.50 -10.72 -13.91
C PRO B 36 -2.49 -12.23 -14.16
N ALA B 37 -2.68 -13.01 -13.14
CA ALA B 37 -2.68 -14.49 -13.31
C ALA B 37 -4.08 -15.07 -13.03
N GLN B 38 -5.10 -14.27 -13.10
CA GLN B 38 -6.48 -14.78 -12.84
C GLN B 38 -7.40 -14.51 -14.02
N LYS B 39 -8.45 -15.27 -14.16
CA LYS B 39 -9.40 -15.07 -15.28
C LYS B 39 -10.43 -13.99 -14.92
N ARG B 40 -10.98 -13.33 -15.91
CA ARG B 40 -11.98 -12.27 -15.62
C ARG B 40 -13.19 -12.85 -14.89
N LEU B 41 -13.75 -12.12 -13.96
CA LEU B 41 -14.93 -12.64 -13.21
C LEU B 41 -16.21 -11.90 -13.65
N ALA B 42 -17.29 -12.60 -13.78
CA ALA B 42 -18.57 -11.95 -14.20
C ALA B 42 -19.52 -11.83 -13.01
N LYS B 43 -20.03 -12.93 -12.53
CA LYS B 43 -20.96 -12.90 -11.37
C LYS B 43 -20.49 -13.91 -10.31
N VAL B 44 -20.41 -13.50 -9.07
CA VAL B 44 -19.95 -14.44 -8.00
C VAL B 44 -20.94 -14.48 -6.83
N PRO B 45 -22.01 -15.20 -7.01
CA PRO B 45 -23.04 -15.33 -5.94
C PRO B 45 -22.49 -16.21 -4.80
N ALA B 46 -22.89 -15.93 -3.59
CA ALA B 46 -22.41 -16.76 -2.44
C ALA B 46 -23.29 -17.99 -2.25
N SER B 47 -23.20 -18.94 -3.14
CA SER B 47 -24.04 -20.17 -3.03
C SER B 47 -23.75 -20.91 -1.71
N GLY B 48 -22.53 -20.92 -1.27
CA GLY B 48 -22.19 -21.63 0.00
C GLY B 48 -22.01 -20.64 1.14
N LEU B 49 -22.82 -20.73 2.16
CA LEU B 49 -22.69 -19.81 3.32
C LEU B 49 -22.29 -20.59 4.58
N GLY B 50 -21.27 -20.16 5.26
CA GLY B 50 -20.84 -20.88 6.49
C GLY B 50 -20.11 -22.18 6.09
N VAL B 51 -19.15 -22.08 5.21
CA VAL B 51 -18.40 -23.29 4.78
C VAL B 51 -17.75 -23.98 5.97
N ASN B 52 -17.23 -23.22 6.90
CA ASN B 52 -16.56 -23.84 8.09
C ASN B 52 -17.58 -24.04 9.22
N VAL B 53 -17.75 -25.26 9.66
CA VAL B 53 -18.72 -25.53 10.77
C VAL B 53 -18.00 -26.11 11.98
N THR B 54 -18.31 -25.63 13.15
CA THR B 54 -17.66 -26.15 14.38
C THR B 54 -18.71 -26.68 15.36
N SER B 55 -18.32 -27.43 16.35
CA SER B 55 -19.31 -27.96 17.32
C SER B 55 -19.23 -27.21 18.65
N GLN B 56 -20.32 -26.66 19.10
CA GLN B 56 -20.31 -25.90 20.38
C GLN B 56 -20.11 -26.84 21.57
N ASP B 57 -20.64 -28.04 21.49
CA ASP B 57 -20.49 -29.01 22.61
C ASP B 57 -19.16 -29.75 22.53
N GLY B 58 -18.35 -29.64 23.54
CA GLY B 58 -17.03 -30.34 23.53
C GLY B 58 -17.20 -31.74 24.15
N SER B 59 -16.20 -32.23 24.83
CA SER B 59 -16.32 -33.58 25.45
C SER B 59 -16.29 -33.46 26.98
N SER B 60 -17.00 -34.31 27.66
CA SER B 60 -17.02 -34.25 29.16
C SER B 60 -15.60 -34.45 29.71
N TRP B 61 -14.83 -35.30 29.09
CA TRP B 61 -13.45 -35.54 29.59
C TRP B 61 -12.55 -36.00 28.43
N GLY A 1 18.63 28.48 -8.85
CA GLY A 1 18.10 29.45 -7.86
C GLY A 1 16.57 29.50 -7.96
N SER A 2 15.92 28.41 -7.71
CA SER A 2 14.43 28.39 -7.79
C SER A 2 13.81 28.42 -6.38
N PRO A 3 13.14 29.50 -6.07
CA PRO A 3 12.52 29.64 -4.73
C PRO A 3 11.24 28.78 -4.63
N GLU A 4 11.35 27.51 -4.91
CA GLU A 4 10.14 26.62 -4.81
C GLU A 4 10.42 25.43 -3.90
N PHE A 5 9.45 25.03 -3.12
CA PHE A 5 9.67 23.87 -2.21
C PHE A 5 9.95 22.61 -3.02
N GLY A 6 9.39 22.51 -4.19
CA GLY A 6 9.63 21.29 -5.03
C GLY A 6 8.29 20.66 -5.41
N THR A 7 7.30 21.47 -5.73
CA THR A 7 5.97 20.91 -6.10
C THR A 7 6.11 19.97 -7.29
N ARG A 8 6.97 20.30 -8.22
CA ARG A 8 7.16 19.42 -9.42
C ARG A 8 7.51 17.98 -8.99
N ASP A 9 8.23 17.83 -7.91
CA ASP A 9 8.60 16.47 -7.45
C ASP A 9 7.43 15.82 -6.70
N ARG A 10 7.30 14.52 -6.79
CA ARG A 10 6.20 13.82 -6.08
C ARG A 10 6.79 12.83 -5.07
N MET A 11 6.10 12.54 -4.00
CA MET A 11 6.68 11.58 -3.02
C MET A 11 5.69 10.45 -2.72
N LEU A 12 6.19 9.23 -2.67
CA LEU A 12 5.30 8.05 -2.39
C LEU A 12 5.26 7.75 -0.88
N VAL A 13 4.09 7.59 -0.32
CA VAL A 13 4.00 7.29 1.13
C VAL A 13 3.34 5.92 1.37
N LEU A 14 3.84 5.16 2.29
CA LEU A 14 3.25 3.82 2.56
C LEU A 14 2.33 3.88 3.78
N VAL A 15 1.14 3.34 3.66
CA VAL A 15 0.19 3.35 4.82
C VAL A 15 -0.24 1.93 5.17
N LEU A 16 -0.12 1.55 6.42
CA LEU A 16 -0.53 0.19 6.84
C LEU A 16 -0.63 0.13 8.38
N GLY A 17 -0.88 -1.03 8.93
CA GLY A 17 -1.00 -1.14 10.41
C GLY A 17 -1.85 -2.35 10.78
N ASP A 18 -2.11 -2.52 12.05
CA ASP A 18 -2.93 -3.68 12.53
C ASP A 18 -2.22 -4.98 12.19
N LEU A 19 -0.93 -4.99 12.36
CA LEU A 19 -0.16 -6.25 12.09
C LEU A 19 -0.45 -7.22 13.23
N HIS A 20 -0.60 -6.68 14.41
CA HIS A 20 -0.89 -7.52 15.61
C HIS A 20 0.14 -8.62 15.81
N ILE A 21 1.40 -8.31 15.62
CA ILE A 21 2.47 -9.33 15.83
C ILE A 21 3.11 -9.11 17.21
N PRO A 22 3.35 -10.18 17.95
CA PRO A 22 3.00 -11.56 17.54
C PRO A 22 1.68 -11.98 18.18
N HIS A 23 0.83 -11.05 18.51
CA HIS A 23 -0.46 -11.40 19.17
C HIS A 23 -1.33 -12.30 18.29
N ARG A 24 -1.50 -11.96 17.04
CA ARG A 24 -2.38 -12.80 16.16
C ARG A 24 -1.61 -13.26 14.91
N CYS A 25 -0.57 -12.57 14.54
CA CYS A 25 0.20 -12.97 13.33
C CYS A 25 1.70 -12.95 13.62
N ASN A 26 2.48 -13.68 12.85
CA ASN A 26 3.95 -13.70 13.10
C ASN A 26 4.69 -12.80 12.11
N SER A 27 4.08 -12.45 11.01
CA SER A 27 4.76 -11.58 10.01
C SER A 27 3.80 -11.18 8.89
N LEU A 28 4.27 -10.40 7.96
CA LEU A 28 3.41 -10.01 6.82
C LEU A 28 3.32 -11.18 5.84
N PRO A 29 2.35 -11.14 4.96
CA PRO A 29 2.19 -12.24 3.97
C PRO A 29 3.41 -12.30 3.04
N ALA A 30 3.78 -13.49 2.64
CA ALA A 30 5.00 -13.67 1.77
C ALA A 30 5.03 -12.73 0.56
N LYS A 31 4.03 -12.75 -0.28
CA LYS A 31 4.07 -11.87 -1.49
C LYS A 31 4.22 -10.39 -1.12
N PHE A 32 3.61 -9.95 -0.06
CA PHE A 32 3.73 -8.52 0.33
C PHE A 32 5.17 -8.16 0.67
N LYS A 33 5.87 -9.03 1.35
CA LYS A 33 7.29 -8.71 1.68
C LYS A 33 8.05 -8.41 0.40
N LYS A 34 7.73 -9.12 -0.66
CA LYS A 34 8.40 -8.88 -1.96
C LYS A 34 7.95 -7.52 -2.53
N LEU A 35 6.69 -7.16 -2.32
CA LEU A 35 6.18 -5.84 -2.84
C LEU A 35 6.90 -4.68 -2.14
N LEU A 36 7.12 -4.79 -0.85
CA LEU A 36 7.79 -3.67 -0.12
C LEU A 36 9.31 -3.76 -0.24
N VAL A 37 9.94 -2.65 -0.53
CA VAL A 37 11.43 -2.63 -0.67
C VAL A 37 11.99 -1.26 -0.26
N PRO A 38 13.16 -1.25 0.32
CA PRO A 38 13.79 0.02 0.75
C PRO A 38 14.25 0.83 -0.45
N GLY A 39 14.22 2.13 -0.35
CA GLY A 39 14.67 2.99 -1.50
C GLY A 39 13.46 3.36 -2.37
N LYS A 40 12.34 2.74 -2.15
CA LYS A 40 11.14 3.04 -2.97
C LYS A 40 10.16 3.93 -2.20
N ILE A 41 10.18 3.87 -0.90
CA ILE A 41 9.23 4.69 -0.10
C ILE A 41 9.97 5.76 0.69
N GLN A 42 9.51 6.99 0.64
CA GLN A 42 10.18 8.09 1.40
C GLN A 42 9.40 8.39 2.69
N HIS A 43 8.15 8.04 2.74
CA HIS A 43 7.34 8.32 3.98
C HIS A 43 6.47 7.12 4.34
N ILE A 44 6.39 6.80 5.62
CA ILE A 44 5.55 5.64 6.04
C ILE A 44 4.60 6.05 7.18
N LEU A 45 3.33 5.88 6.99
CA LEU A 45 2.35 6.22 8.07
C LEU A 45 1.75 4.93 8.63
N CYS A 46 1.78 4.75 9.91
CA CYS A 46 1.23 3.50 10.50
C CYS A 46 0.08 3.81 11.45
N THR A 47 -1.04 3.16 11.28
CA THR A 47 -2.21 3.41 12.16
C THR A 47 -2.35 2.29 13.19
N GLY A 48 -2.64 1.10 12.73
CA GLY A 48 -2.82 -0.04 13.66
C GLY A 48 -1.60 -0.21 14.58
N ASN A 49 -1.77 -0.92 15.67
CA ASN A 49 -0.64 -1.14 16.62
C ASN A 49 0.38 -2.11 16.02
N LEU A 50 1.64 -1.96 16.36
CA LEU A 50 2.68 -2.86 15.80
C LEU A 50 2.35 -4.34 16.08
N CYS A 51 2.30 -4.79 17.33
CA CYS A 51 2.56 -3.91 18.50
C CYS A 51 4.00 -4.10 19.00
N THR A 52 4.61 -5.22 18.67
CA THR A 52 6.00 -5.49 19.14
C THR A 52 6.99 -4.55 18.45
N LYS A 53 8.01 -4.13 19.17
CA LYS A 53 9.02 -3.21 18.57
C LYS A 53 9.70 -3.89 17.36
N GLU A 54 9.77 -5.19 17.36
CA GLU A 54 10.42 -5.91 16.22
C GLU A 54 9.81 -5.43 14.89
N SER A 55 8.52 -5.25 14.85
CA SER A 55 7.88 -4.77 13.59
C SER A 55 8.33 -3.33 13.30
N TYR A 56 8.55 -2.54 14.32
CA TYR A 56 8.99 -1.13 14.08
C TYR A 56 10.32 -1.12 13.33
N ASP A 57 11.23 -1.99 13.70
CA ASP A 57 12.55 -2.02 12.99
C ASP A 57 12.32 -2.35 11.51
N TYR A 58 11.42 -3.24 11.23
CA TYR A 58 11.14 -3.59 9.81
C TYR A 58 10.61 -2.37 9.06
N LEU A 59 9.70 -1.65 9.66
CA LEU A 59 9.15 -0.43 8.97
C LEU A 59 10.25 0.59 8.75
N LYS A 60 11.15 0.72 9.69
CA LYS A 60 12.25 1.71 9.54
C LYS A 60 13.13 1.33 8.35
N THR A 61 13.26 0.05 8.08
CA THR A 61 14.08 -0.39 6.92
C THR A 61 13.50 0.11 5.59
N LEU A 62 12.20 0.02 5.42
CA LEU A 62 11.59 0.49 4.15
C LEU A 62 11.81 2.00 3.95
N ALA A 63 11.78 2.75 5.02
CA ALA A 63 12.00 4.22 4.90
C ALA A 63 12.59 4.79 6.19
N GLY A 64 13.30 5.89 6.09
CA GLY A 64 13.90 6.49 7.31
C GLY A 64 12.83 7.27 8.10
N ASP A 65 12.01 8.02 7.42
CA ASP A 65 10.95 8.79 8.12
C ASP A 65 9.70 7.93 8.32
N VAL A 66 9.42 7.56 9.54
CA VAL A 66 8.21 6.72 9.81
C VAL A 66 7.33 7.38 10.87
N HIS A 67 6.05 7.45 10.64
CA HIS A 67 5.13 8.06 11.64
C HIS A 67 4.16 7.00 12.16
N ILE A 68 4.11 6.82 13.46
CA ILE A 68 3.19 5.79 14.02
C ILE A 68 2.34 6.36 15.15
N VAL A 69 1.15 5.85 15.32
CA VAL A 69 0.26 6.32 16.42
C VAL A 69 0.00 5.14 17.37
N ARG A 70 -0.25 5.40 18.63
CA ARG A 70 -0.48 4.26 19.56
C ARG A 70 -1.81 3.57 19.28
N GLY A 71 -1.79 2.26 19.17
CA GLY A 71 -3.05 1.51 18.93
C GLY A 71 -3.60 1.04 20.28
N ASP A 72 -4.65 0.28 20.28
CA ASP A 72 -5.22 -0.18 21.59
C ASP A 72 -4.44 -1.40 22.11
N PHE A 73 -3.44 -1.85 21.39
CA PHE A 73 -2.65 -3.02 21.86
C PHE A 73 -1.15 -2.80 21.69
N ASP A 74 -0.71 -1.57 21.67
CA ASP A 74 0.75 -1.30 21.51
C ASP A 74 1.47 -1.44 22.85
N GLU A 75 2.58 -2.13 22.87
CA GLU A 75 3.33 -2.30 24.16
C GLU A 75 3.94 -0.95 24.58
N ASN A 76 4.55 -0.27 23.65
CA ASN A 76 5.17 1.04 23.98
C ASN A 76 4.09 2.12 24.12
N LEU A 77 4.00 2.72 25.27
CA LEU A 77 2.98 3.78 25.50
C LEU A 77 3.51 5.15 25.06
N ASN A 78 4.73 5.21 24.58
CA ASN A 78 5.31 6.51 24.15
C ASN A 78 4.73 6.96 22.80
N TYR A 79 3.91 6.15 22.18
CA TYR A 79 3.31 6.57 20.87
C TYR A 79 2.20 7.59 21.13
N PRO A 80 2.05 8.50 20.19
CA PRO A 80 1.01 9.56 20.33
C PRO A 80 -0.38 9.01 20.03
N GLU A 81 -1.37 9.43 20.77
CA GLU A 81 -2.76 8.94 20.51
C GLU A 81 -3.16 9.29 19.08
N GLN A 82 -2.78 10.47 18.64
CA GLN A 82 -3.09 10.91 17.25
C GLN A 82 -2.03 11.91 16.79
N LYS A 83 -1.74 11.97 15.51
CA LYS A 83 -0.69 12.92 15.04
C LYS A 83 -1.04 13.53 13.69
N VAL A 84 -0.65 14.76 13.46
CA VAL A 84 -0.94 15.41 12.16
C VAL A 84 0.38 15.66 11.42
N VAL A 85 0.58 14.99 10.32
CA VAL A 85 1.86 15.19 9.56
C VAL A 85 1.56 15.80 8.19
N THR A 86 2.28 16.82 7.81
CA THR A 86 2.05 17.46 6.49
C THR A 86 2.95 16.83 5.43
N VAL A 87 2.39 16.44 4.32
CA VAL A 87 3.22 15.81 3.25
C VAL A 87 3.07 16.64 1.96
N GLY A 88 3.88 17.65 1.81
CA GLY A 88 3.78 18.50 0.60
C GLY A 88 2.61 19.47 0.76
N GLN A 89 1.64 19.41 -0.11
CA GLN A 89 0.47 20.32 0.00
C GLN A 89 -0.65 19.68 0.83
N PHE A 90 -0.51 18.43 1.20
CA PHE A 90 -1.59 17.75 1.96
C PHE A 90 -1.36 17.74 3.47
N LYS A 91 -2.40 18.00 4.23
CA LYS A 91 -2.31 17.95 5.71
C LYS A 91 -3.02 16.67 6.15
N ILE A 92 -2.27 15.69 6.58
CA ILE A 92 -2.91 14.39 6.95
C ILE A 92 -2.92 14.16 8.46
N GLY A 93 -3.99 13.62 8.96
CA GLY A 93 -4.10 13.33 10.42
C GLY A 93 -3.92 11.82 10.62
N LEU A 94 -3.56 11.39 11.80
CA LEU A 94 -3.37 9.92 12.01
C LEU A 94 -3.91 9.46 13.37
N ILE A 95 -4.67 8.39 13.37
CA ILE A 95 -5.21 7.86 14.65
C ILE A 95 -5.56 6.38 14.48
N HIS A 96 -5.45 5.58 15.53
CA HIS A 96 -5.78 4.13 15.38
C HIS A 96 -7.23 3.95 14.95
N GLY A 97 -8.15 4.40 15.76
CA GLY A 97 -9.59 4.26 15.39
C GLY A 97 -10.39 3.77 16.59
N HIS A 98 -9.78 3.05 17.51
CA HIS A 98 -10.54 2.54 18.68
C HIS A 98 -11.09 3.73 19.50
N GLN A 99 -10.56 4.91 19.29
CA GLN A 99 -11.07 6.10 20.03
C GLN A 99 -12.27 6.69 19.30
N VAL A 100 -12.60 6.18 18.13
CA VAL A 100 -13.75 6.74 17.37
C VAL A 100 -14.98 5.86 17.59
N ILE A 101 -15.99 6.37 18.25
CA ILE A 101 -17.22 5.56 18.50
C ILE A 101 -18.40 6.14 17.73
N PRO A 102 -19.10 5.30 16.99
CA PRO A 102 -18.75 3.86 16.91
C PRO A 102 -17.45 3.64 16.11
N TRP A 103 -16.80 2.54 16.40
CA TRP A 103 -15.48 2.21 15.77
C TRP A 103 -15.38 2.57 14.27
N GLY A 104 -16.25 2.05 13.44
CA GLY A 104 -16.11 2.36 11.97
C GLY A 104 -17.21 3.29 11.46
N ASP A 105 -17.68 4.22 12.25
CA ASP A 105 -18.74 5.14 11.76
C ASP A 105 -18.13 6.25 10.90
N MET A 106 -18.72 6.53 9.77
CA MET A 106 -18.16 7.62 8.92
C MET A 106 -18.48 8.97 9.55
N ALA A 107 -19.66 9.13 10.09
CA ALA A 107 -20.02 10.44 10.73
C ALA A 107 -19.07 10.72 11.89
N SER A 108 -18.70 9.70 12.63
CA SER A 108 -17.75 9.92 13.76
C SER A 108 -16.39 10.30 13.19
N LEU A 109 -15.96 9.64 12.15
CA LEU A 109 -14.65 9.99 11.52
C LEU A 109 -14.70 11.41 10.99
N ALA A 110 -15.79 11.78 10.36
CA ALA A 110 -15.90 13.16 9.82
C ALA A 110 -15.84 14.16 10.96
N LEU A 111 -16.55 13.91 12.02
CA LEU A 111 -16.52 14.82 13.20
C LEU A 111 -15.07 14.99 13.66
N LEU A 112 -14.29 13.94 13.58
CA LEU A 112 -12.87 14.03 13.99
C LEU A 112 -12.08 14.85 12.96
N GLN A 113 -12.43 14.73 11.71
CA GLN A 113 -11.71 15.51 10.66
C GLN A 113 -11.80 17.01 10.97
N ARG A 114 -12.97 17.49 11.32
CA ARG A 114 -13.13 18.94 11.64
C ARG A 114 -12.12 19.34 12.71
N GLN A 115 -12.16 18.68 13.84
CA GLN A 115 -11.21 19.01 14.95
C GLN A 115 -9.77 18.98 14.45
N PHE A 116 -9.40 17.97 13.71
CA PHE A 116 -8.00 17.87 13.20
C PHE A 116 -7.74 18.89 12.09
N ASP A 117 -8.76 19.27 11.35
CA ASP A 117 -8.55 20.24 10.23
C ASP A 117 -7.54 19.68 9.22
N VAL A 118 -7.72 18.45 8.82
CA VAL A 118 -6.78 17.84 7.84
C VAL A 118 -7.50 17.55 6.51
N ASP A 119 -6.77 17.48 5.43
CA ASP A 119 -7.41 17.18 4.11
C ASP A 119 -7.64 15.67 4.00
N ILE A 120 -6.77 14.90 4.59
CA ILE A 120 -6.93 13.42 4.54
C ILE A 120 -6.84 12.82 5.94
N LEU A 121 -7.65 11.84 6.25
CA LEU A 121 -7.60 11.23 7.61
C LEU A 121 -7.27 9.74 7.50
N ILE A 122 -6.22 9.28 8.14
CA ILE A 122 -5.86 7.84 8.06
C ILE A 122 -6.20 7.14 9.37
N SER A 123 -6.87 6.01 9.30
CA SER A 123 -7.24 5.28 10.55
C SER A 123 -7.49 3.80 10.23
N GLY A 124 -7.44 2.96 11.23
CA GLY A 124 -7.68 1.50 10.99
C GLY A 124 -8.58 0.93 12.09
N HIS A 125 -8.10 -0.06 12.81
CA HIS A 125 -8.89 -0.71 13.91
C HIS A 125 -9.98 -1.65 13.36
N THR A 126 -10.56 -1.33 12.22
CA THR A 126 -11.62 -2.22 11.66
C THR A 126 -11.03 -3.31 10.76
N HIS A 127 -9.76 -3.23 10.45
CA HIS A 127 -9.12 -4.27 9.58
C HIS A 127 -9.87 -4.39 8.24
N LYS A 128 -10.55 -3.34 7.85
CA LYS A 128 -11.28 -3.38 6.54
C LYS A 128 -10.81 -2.23 5.67
N PHE A 129 -10.16 -2.51 4.56
CA PHE A 129 -9.69 -1.41 3.68
C PHE A 129 -10.84 -0.47 3.32
N GLU A 130 -10.61 0.81 3.34
CA GLU A 130 -11.68 1.78 2.98
C GLU A 130 -11.08 3.06 2.41
N ALA A 131 -11.47 3.42 1.21
CA ALA A 131 -10.93 4.65 0.58
C ALA A 131 -12.05 5.42 -0.12
N PHE A 132 -12.61 6.41 0.54
CA PHE A 132 -13.73 7.19 -0.10
C PHE A 132 -13.60 8.68 0.22
N GLU A 133 -14.36 9.51 -0.47
CA GLU A 133 -14.31 10.99 -0.23
C GLU A 133 -15.61 11.46 0.44
N HIS A 134 -15.53 12.43 1.31
CA HIS A 134 -16.76 12.94 1.99
C HIS A 134 -16.67 14.44 2.26
N GLU A 135 -17.54 15.21 1.67
CA GLU A 135 -17.54 16.68 1.88
C GLU A 135 -16.15 17.28 1.61
N ASN A 136 -15.66 17.10 0.41
CA ASN A 136 -14.32 17.66 0.01
C ASN A 136 -13.17 17.12 0.88
N LYS A 137 -13.39 16.06 1.60
CA LYS A 137 -12.28 15.50 2.44
C LYS A 137 -12.06 14.02 2.07
N PHE A 138 -10.87 13.53 2.30
CA PHE A 138 -10.59 12.10 1.94
C PHE A 138 -10.34 11.26 3.19
N TYR A 139 -10.83 10.05 3.19
CA TYR A 139 -10.63 9.14 4.36
C TYR A 139 -9.98 7.85 3.86
N ILE A 140 -8.97 7.37 4.52
CA ILE A 140 -8.30 6.13 4.06
C ILE A 140 -8.05 5.14 5.20
N ASN A 141 -8.33 3.90 4.96
CA ASN A 141 -8.07 2.85 5.98
C ASN A 141 -7.32 1.69 5.31
N PRO A 142 -6.06 1.55 5.65
CA PRO A 142 -5.23 0.48 5.03
C PRO A 142 -5.71 -0.92 5.43
N GLY A 143 -6.28 -1.04 6.60
CA GLY A 143 -6.77 -2.39 7.03
C GLY A 143 -5.66 -3.13 7.80
N SER A 144 -5.52 -4.40 7.58
CA SER A 144 -4.46 -5.17 8.30
C SER A 144 -3.45 -5.74 7.30
N ALA A 145 -2.24 -5.25 7.32
CA ALA A 145 -1.19 -5.77 6.38
C ALA A 145 -1.00 -7.28 6.59
N THR A 146 -1.38 -7.80 7.72
CA THR A 146 -1.20 -9.26 7.97
C THR A 146 -2.56 -9.94 8.09
N GLY A 147 -3.62 -9.29 7.68
CA GLY A 147 -4.97 -9.92 7.79
C GLY A 147 -5.21 -10.37 9.24
N ALA A 148 -4.74 -9.59 10.18
CA ALA A 148 -4.91 -9.96 11.61
C ALA A 148 -6.37 -10.32 11.91
N TYR A 149 -6.58 -11.22 12.82
CA TYR A 149 -7.96 -11.65 13.18
C TYR A 149 -8.76 -10.50 13.82
N ASN A 150 -10.05 -10.52 13.64
CA ASN A 150 -10.92 -9.47 14.24
C ASN A 150 -12.30 -10.07 14.54
N ALA A 151 -12.67 -10.13 15.79
CA ALA A 151 -13.97 -10.76 16.18
C ALA A 151 -15.17 -10.20 15.39
N LEU A 152 -15.12 -8.98 14.94
CA LEU A 152 -16.30 -8.42 14.20
C LEU A 152 -16.35 -8.91 12.75
N GLU A 153 -15.24 -9.22 12.15
CA GLU A 153 -15.27 -9.71 10.73
C GLU A 153 -14.58 -11.08 10.65
N THR A 154 -15.30 -12.11 10.29
CA THR A 154 -14.70 -13.47 10.19
C THR A 154 -13.86 -13.61 8.92
N ASN A 155 -14.02 -12.72 7.98
CA ASN A 155 -13.22 -12.83 6.72
C ASN A 155 -12.36 -11.58 6.55
N ILE A 156 -11.12 -11.63 6.99
CA ILE A 156 -10.24 -10.43 6.85
C ILE A 156 -9.27 -10.62 5.68
N ILE A 157 -9.05 -9.59 4.93
CA ILE A 157 -8.10 -9.68 3.79
C ILE A 157 -6.88 -8.80 4.09
N PRO A 158 -5.72 -9.41 4.12
CA PRO A 158 -4.48 -8.64 4.42
C PRO A 158 -4.22 -7.64 3.29
N SER A 159 -3.90 -6.40 3.61
CA SER A 159 -3.65 -5.41 2.52
C SER A 159 -2.99 -4.13 3.04
N PHE A 160 -2.29 -3.44 2.19
CA PHE A 160 -1.65 -2.15 2.59
C PHE A 160 -1.84 -1.14 1.45
N VAL A 161 -1.69 0.12 1.72
CA VAL A 161 -1.93 1.14 0.64
C VAL A 161 -0.77 2.12 0.46
N LEU A 162 -0.42 2.37 -0.79
CA LEU A 162 0.65 3.35 -1.11
C LEU A 162 0.01 4.62 -1.67
N MET A 163 0.42 5.77 -1.23
CA MET A 163 -0.20 7.02 -1.75
C MET A 163 0.83 7.83 -2.55
N ASP A 164 0.57 8.08 -3.80
CA ASP A 164 1.52 8.87 -4.62
C ASP A 164 1.05 10.32 -4.69
N ILE A 165 1.83 11.24 -4.20
CA ILE A 165 1.43 12.68 -4.23
C ILE A 165 2.36 13.50 -5.13
N GLN A 166 1.81 14.17 -6.10
CA GLN A 166 2.65 15.02 -7.00
C GLN A 166 2.53 16.49 -6.57
N ALA A 167 1.32 16.99 -6.50
CA ALA A 167 1.10 18.40 -6.09
C ALA A 167 -0.41 18.67 -6.02
N SER A 168 -0.95 18.80 -4.84
CA SER A 168 -2.42 19.05 -4.68
C SER A 168 -3.22 17.89 -5.31
N THR A 169 -2.56 16.82 -5.68
CA THR A 169 -3.27 15.66 -6.28
C THR A 169 -2.66 14.37 -5.72
N VAL A 170 -3.47 13.44 -5.27
CA VAL A 170 -2.90 12.19 -4.71
C VAL A 170 -3.57 10.95 -5.30
N VAL A 171 -2.78 9.95 -5.60
CA VAL A 171 -3.35 8.69 -6.13
C VAL A 171 -3.07 7.59 -5.12
N THR A 172 -4.07 6.90 -4.66
CA THR A 172 -3.82 5.84 -3.64
C THR A 172 -3.91 4.45 -4.28
N TYR A 173 -2.98 3.60 -3.95
CA TYR A 173 -3.01 2.23 -4.50
C TYR A 173 -3.25 1.25 -3.36
N VAL A 174 -4.25 0.43 -3.48
CA VAL A 174 -4.53 -0.55 -2.41
C VAL A 174 -4.17 -1.95 -2.89
N TYR A 175 -3.47 -2.69 -2.07
CA TYR A 175 -3.08 -4.06 -2.48
C TYR A 175 -3.82 -5.08 -1.62
N GLN A 176 -4.70 -5.83 -2.21
CA GLN A 176 -5.44 -6.85 -1.43
C GLN A 176 -4.94 -8.24 -1.80
N LEU A 177 -4.78 -9.10 -0.83
CA LEU A 177 -4.31 -10.47 -1.15
C LEU A 177 -5.50 -11.40 -1.27
N ILE A 178 -5.98 -11.59 -2.47
CA ILE A 178 -7.15 -12.50 -2.67
C ILE A 178 -6.66 -13.77 -3.37
N GLY A 179 -6.94 -14.91 -2.81
CA GLY A 179 -6.47 -16.17 -3.43
C GLY A 179 -4.93 -16.20 -3.36
N ASP A 180 -4.28 -16.49 -4.46
CA ASP A 180 -2.79 -16.52 -4.46
C ASP A 180 -2.23 -15.21 -5.05
N ASP A 181 -2.73 -14.82 -6.19
CA ASP A 181 -2.24 -13.56 -6.84
C ASP A 181 -2.72 -12.33 -6.06
N VAL A 182 -2.04 -11.24 -6.18
CA VAL A 182 -2.45 -10.00 -5.46
C VAL A 182 -3.17 -9.05 -6.41
N LYS A 183 -4.35 -8.60 -6.04
CA LYS A 183 -5.10 -7.67 -6.91
C LYS A 183 -4.86 -6.22 -6.46
N VAL A 184 -4.84 -5.30 -7.38
CA VAL A 184 -4.60 -3.87 -6.98
C VAL A 184 -5.64 -2.94 -7.61
N GLU A 185 -6.10 -1.97 -6.88
CA GLU A 185 -7.10 -1.00 -7.41
C GLU A 185 -6.52 0.41 -7.37
N ARG A 186 -6.92 1.27 -8.27
CA ARG A 186 -6.36 2.66 -8.26
C ARG A 186 -7.43 3.70 -7.97
N ILE A 187 -7.19 4.54 -6.99
CA ILE A 187 -8.17 5.62 -6.64
C ILE A 187 -7.44 6.97 -6.66
N GLU A 188 -8.00 7.96 -7.29
CA GLU A 188 -7.31 9.30 -7.33
C GLU A 188 -8.12 10.37 -6.59
N TYR A 189 -7.43 11.22 -5.88
CA TYR A 189 -8.13 12.31 -5.14
C TYR A 189 -7.33 13.62 -5.27
N LYS A 190 -8.01 14.73 -5.40
CA LYS A 190 -7.29 16.04 -5.52
C LYS A 190 -8.01 17.12 -4.70
N LYS A 191 -7.27 18.04 -4.14
CA LYS A 191 -7.91 19.13 -3.33
C LYS A 191 -9.06 19.77 -4.11
N SER A 192 -8.93 19.87 -5.41
CA SER A 192 -10.02 20.49 -6.22
C SER A 192 -10.62 19.46 -7.18
N GLY B 1 19.32 -25.81 -34.79
CA GLY B 1 19.65 -24.59 -35.57
C GLY B 1 18.38 -23.77 -35.81
N PRO B 2 18.40 -23.01 -36.87
CA PRO B 2 17.22 -22.17 -37.23
C PRO B 2 16.04 -23.05 -37.65
N LEU B 3 14.83 -22.58 -37.43
CA LEU B 3 13.65 -23.39 -37.83
C LEU B 3 13.66 -23.64 -39.34
N GLY B 4 14.13 -22.70 -40.11
CA GLY B 4 14.18 -22.89 -41.58
C GLY B 4 15.52 -22.41 -42.11
N SER B 5 15.91 -22.87 -43.27
CA SER B 5 17.21 -22.43 -43.85
C SER B 5 17.20 -20.92 -44.14
N THR B 6 16.06 -20.38 -44.46
CA THR B 6 15.98 -18.92 -44.75
C THR B 6 14.88 -18.27 -43.88
N GLU B 7 15.16 -17.11 -43.35
CA GLU B 7 14.15 -16.42 -42.50
C GLU B 7 12.91 -16.08 -43.34
N GLU B 8 11.74 -16.23 -42.79
CA GLU B 8 10.49 -15.91 -43.57
C GLU B 8 10.00 -14.50 -43.22
N ASP B 9 9.17 -14.37 -42.21
CA ASP B 9 8.64 -13.04 -41.84
C ASP B 9 9.31 -12.53 -40.56
N LEU B 10 10.44 -13.10 -40.20
CA LEU B 10 11.13 -12.65 -38.95
C LEU B 10 11.42 -11.14 -39.01
N GLU B 11 11.75 -10.64 -40.16
CA GLU B 11 12.04 -9.18 -40.28
C GLU B 11 10.81 -8.36 -39.89
N ASP B 12 10.99 -7.24 -39.23
CA ASP B 12 9.82 -6.41 -38.82
C ASP B 12 10.29 -5.02 -38.38
N ALA B 13 9.55 -4.39 -37.50
CA ALA B 13 9.94 -3.03 -37.03
C ALA B 13 11.39 -3.04 -36.48
N GLU B 14 11.95 -1.88 -36.26
CA GLU B 14 13.35 -1.82 -35.75
C GLU B 14 13.48 -2.63 -34.46
N ASP B 15 14.55 -3.37 -34.31
CA ASP B 15 14.74 -4.19 -33.08
C ASP B 15 14.85 -3.31 -31.83
N THR B 16 15.46 -2.16 -31.97
CA THR B 16 15.62 -1.26 -30.79
C THR B 16 14.43 -0.29 -30.70
N VAL B 17 14.00 0.02 -29.49
CA VAL B 17 12.85 0.95 -29.33
C VAL B 17 13.24 2.10 -28.40
N SER B 18 12.59 3.23 -28.54
CA SER B 18 12.93 4.41 -27.68
C SER B 18 12.73 4.07 -26.19
N ALA B 19 11.73 3.28 -25.87
CA ALA B 19 11.50 2.93 -24.43
C ALA B 19 12.70 2.16 -23.86
N ALA B 20 13.04 1.06 -24.47
CA ALA B 20 14.21 0.25 -23.98
C ALA B 20 14.15 0.07 -22.46
N ASP B 21 12.99 0.11 -21.87
CA ASP B 21 12.90 -0.06 -20.40
C ASP B 21 11.54 -0.66 -20.00
N PRO B 22 11.55 -1.43 -18.93
CA PRO B 22 10.30 -2.07 -18.44
C PRO B 22 9.40 -1.03 -17.76
N GLU B 23 8.13 -1.31 -17.67
CA GLU B 23 7.19 -0.35 -17.02
C GLU B 23 6.72 -0.89 -15.66
N PHE B 24 6.37 -0.01 -14.75
CA PHE B 24 5.89 -0.45 -13.41
C PHE B 24 4.37 -0.39 -13.30
N CYS B 25 3.80 -1.36 -12.64
CA CYS B 25 2.31 -1.37 -12.46
C CYS B 25 1.93 -0.32 -11.42
N HIS B 26 2.68 -0.26 -10.35
CA HIS B 26 2.42 0.71 -9.27
C HIS B 26 3.64 0.75 -8.36
N PRO B 27 3.61 1.55 -7.33
CA PRO B 27 4.76 1.61 -6.40
C PRO B 27 5.02 0.23 -5.79
N LEU B 28 6.27 -0.14 -5.63
CA LEU B 28 6.62 -1.49 -5.06
C LEU B 28 6.27 -2.66 -5.99
N CYS B 29 6.57 -2.58 -7.27
CA CYS B 29 6.25 -3.74 -8.14
C CYS B 29 7.40 -3.97 -9.11
N GLN B 30 8.44 -4.59 -8.64
CA GLN B 30 9.62 -4.88 -9.52
C GLN B 30 9.36 -6.17 -10.30
N CYS B 31 8.12 -6.55 -10.38
CA CYS B 31 7.70 -7.78 -11.10
C CYS B 31 8.40 -7.93 -12.45
N PRO B 32 8.20 -9.09 -13.03
CA PRO B 32 8.73 -9.35 -14.38
C PRO B 32 7.94 -8.52 -15.40
N LYS B 33 6.66 -8.70 -15.39
CA LYS B 33 5.77 -7.95 -16.33
C LYS B 33 4.33 -7.97 -15.80
N CYS B 34 4.04 -8.85 -14.86
CA CYS B 34 2.62 -8.97 -14.38
C CYS B 34 1.75 -9.21 -15.60
N ALA B 35 2.33 -9.79 -16.61
CA ALA B 35 1.58 -10.07 -17.88
C ALA B 35 0.88 -11.43 -17.80
N PRO B 36 -0.35 -11.47 -18.26
CA PRO B 36 -1.13 -12.73 -18.24
C PRO B 36 -0.57 -13.71 -19.29
N ALA B 37 -0.65 -14.98 -19.02
CA ALA B 37 -0.14 -15.99 -20.00
C ALA B 37 -1.19 -16.28 -21.06
N GLN B 38 -0.83 -16.21 -22.32
CA GLN B 38 -1.82 -16.49 -23.40
C GLN B 38 -1.32 -17.65 -24.28
N LYS B 39 -2.23 -18.48 -24.75
CA LYS B 39 -1.81 -19.62 -25.63
C LYS B 39 -2.69 -19.67 -26.87
N ARG B 40 -2.14 -19.39 -28.02
CA ARG B 40 -2.93 -19.42 -29.29
C ARG B 40 -4.20 -18.57 -29.16
N LEU B 41 -4.84 -18.29 -30.27
CA LEU B 41 -6.07 -17.45 -30.23
C LEU B 41 -7.19 -18.16 -29.45
N ALA B 42 -7.28 -19.45 -29.56
CA ALA B 42 -8.36 -20.19 -28.82
C ALA B 42 -7.87 -21.57 -28.39
N LYS B 43 -8.49 -22.13 -27.38
CA LYS B 43 -8.09 -23.49 -26.90
C LYS B 43 -9.25 -24.47 -27.10
N VAL B 44 -8.96 -25.63 -27.62
CA VAL B 44 -10.05 -26.63 -27.85
C VAL B 44 -10.70 -27.03 -26.52
N PRO B 45 -11.94 -26.64 -26.35
CA PRO B 45 -12.68 -26.96 -25.10
C PRO B 45 -13.10 -28.44 -25.10
N ALA B 46 -13.09 -29.08 -23.96
CA ALA B 46 -13.50 -30.50 -23.90
C ALA B 46 -14.98 -30.62 -24.28
N SER B 47 -15.78 -29.66 -23.87
CA SER B 47 -17.24 -29.71 -24.21
C SER B 47 -17.81 -28.29 -24.23
N GLY B 48 -18.86 -28.07 -25.00
CA GLY B 48 -19.47 -26.71 -25.06
C GLY B 48 -18.93 -25.97 -26.28
N LEU B 49 -19.53 -24.85 -26.61
CA LEU B 49 -19.07 -24.06 -27.79
C LEU B 49 -17.64 -23.55 -27.57
N GLY B 50 -17.31 -23.19 -26.35
CA GLY B 50 -15.94 -22.68 -26.07
C GLY B 50 -15.97 -21.16 -25.98
N VAL B 51 -16.42 -20.62 -24.88
CA VAL B 51 -16.48 -19.13 -24.74
C VAL B 51 -15.77 -18.70 -23.46
N ASN B 52 -15.43 -17.44 -23.35
CA ASN B 52 -14.73 -16.95 -22.12
C ASN B 52 -15.75 -16.66 -21.02
N VAL B 53 -15.53 -17.19 -19.85
CA VAL B 53 -16.49 -16.95 -18.72
C VAL B 53 -16.58 -15.45 -18.40
N THR B 54 -15.47 -14.76 -18.41
CA THR B 54 -15.49 -13.30 -18.11
C THR B 54 -14.73 -12.52 -19.18
N SER B 55 -15.27 -11.40 -19.61
CA SER B 55 -14.56 -10.60 -20.65
C SER B 55 -15.16 -9.18 -20.75
N GLN B 56 -15.77 -8.72 -19.69
CA GLN B 56 -16.36 -7.34 -19.73
C GLN B 56 -15.76 -6.47 -18.63
N ASP B 57 -15.52 -5.22 -18.92
CA ASP B 57 -14.95 -4.30 -17.89
C ASP B 57 -15.65 -2.94 -17.96
N GLY B 58 -15.56 -2.16 -16.91
CA GLY B 58 -16.22 -0.83 -16.91
C GLY B 58 -15.59 0.07 -15.84
N SER B 59 -14.30 0.22 -15.87
CA SER B 59 -13.62 1.08 -14.85
C SER B 59 -14.10 2.52 -14.98
N SER B 60 -14.52 2.93 -16.14
CA SER B 60 -15.00 4.34 -16.32
C SER B 60 -16.45 4.35 -16.81
N TRP B 61 -17.16 5.43 -16.58
CA TRP B 61 -18.57 5.51 -17.04
C TRP B 61 -18.67 5.19 -18.53
N GLY A 1 12.32 31.54 -11.16
CA GLY A 1 13.00 31.06 -12.41
C GLY A 1 14.23 30.24 -12.04
N SER A 2 15.38 30.87 -12.03
CA SER A 2 16.64 30.14 -11.68
C SER A 2 16.47 29.38 -10.35
N PRO A 3 16.10 30.11 -9.33
CA PRO A 3 15.92 29.47 -7.99
C PRO A 3 14.68 28.57 -7.99
N GLU A 4 14.73 27.48 -7.27
CA GLU A 4 13.57 26.55 -7.22
C GLU A 4 12.96 26.54 -5.81
N PHE A 5 11.80 25.97 -5.66
CA PHE A 5 11.16 25.91 -4.31
C PHE A 5 12.10 25.27 -3.29
N GLY A 6 12.86 24.29 -3.70
CA GLY A 6 13.81 23.63 -2.76
C GLY A 6 13.07 22.54 -1.97
N THR A 7 11.95 22.08 -2.48
CA THR A 7 11.19 21.01 -1.76
C THR A 7 11.06 19.78 -2.65
N ARG A 8 11.12 18.61 -2.07
CA ARG A 8 10.99 17.36 -2.89
C ARG A 8 9.64 17.34 -3.61
N ASP A 9 9.63 16.93 -4.85
CA ASP A 9 8.36 16.89 -5.61
C ASP A 9 7.91 15.43 -5.82
N ARG A 10 6.62 15.19 -5.89
CA ARG A 10 6.12 13.80 -6.10
C ARG A 10 6.76 12.82 -5.11
N MET A 11 6.11 12.54 -4.01
CA MET A 11 6.71 11.58 -3.04
C MET A 11 5.74 10.44 -2.72
N LEU A 12 6.23 9.23 -2.66
CA LEU A 12 5.35 8.07 -2.37
C LEU A 12 5.33 7.76 -0.86
N VAL A 13 4.16 7.60 -0.29
CA VAL A 13 4.08 7.31 1.18
C VAL A 13 3.42 5.94 1.40
N LEU A 14 3.93 5.16 2.31
CA LEU A 14 3.33 3.82 2.58
C LEU A 14 2.42 3.88 3.82
N VAL A 15 1.23 3.36 3.71
CA VAL A 15 0.30 3.36 4.87
C VAL A 15 -0.15 1.93 5.21
N LEU A 16 -0.01 1.55 6.45
CA LEU A 16 -0.44 0.19 6.85
C LEU A 16 -0.57 0.11 8.38
N GLY A 17 -0.90 -1.03 8.91
CA GLY A 17 -1.05 -1.14 10.39
C GLY A 17 -1.90 -2.35 10.76
N ASP A 18 -2.18 -2.50 12.03
CA ASP A 18 -3.00 -3.67 12.50
C ASP A 18 -2.29 -4.97 12.16
N LEU A 19 -1.00 -4.99 12.34
CA LEU A 19 -0.22 -6.24 12.06
C LEU A 19 -0.51 -7.21 13.20
N HIS A 20 -0.66 -6.68 14.39
CA HIS A 20 -0.97 -7.51 15.58
C HIS A 20 0.07 -8.61 15.79
N ILE A 21 1.32 -8.30 15.61
CA ILE A 21 2.39 -9.34 15.82
C ILE A 21 3.02 -9.11 17.21
N PRO A 22 3.26 -10.17 17.94
CA PRO A 22 2.92 -11.55 17.53
C PRO A 22 1.60 -11.99 18.17
N HIS A 23 0.75 -11.04 18.49
CA HIS A 23 -0.55 -11.40 19.15
C HIS A 23 -1.41 -12.30 18.26
N ARG A 24 -1.58 -11.96 17.01
CA ARG A 24 -2.45 -12.80 16.12
C ARG A 24 -1.68 -13.25 14.88
N CYS A 25 -0.63 -12.56 14.51
CA CYS A 25 0.14 -12.96 13.30
C CYS A 25 1.64 -12.95 13.60
N ASN A 26 2.42 -13.67 12.84
CA ASN A 26 3.89 -13.69 13.09
C ASN A 26 4.64 -12.79 12.11
N SER A 27 4.03 -12.44 11.01
CA SER A 27 4.72 -11.57 10.01
C SER A 27 3.76 -11.17 8.88
N LEU A 28 4.23 -10.39 7.96
CA LEU A 28 3.38 -9.98 6.81
C LEU A 28 3.30 -11.15 5.82
N PRO A 29 2.33 -11.12 4.94
CA PRO A 29 2.18 -12.22 3.96
C PRO A 29 3.39 -12.29 3.03
N ALA A 30 3.79 -13.48 2.65
CA ALA A 30 5.01 -13.66 1.78
C ALA A 30 5.03 -12.73 0.57
N LYS A 31 4.02 -12.75 -0.26
CA LYS A 31 4.05 -11.87 -1.48
C LYS A 31 4.21 -10.39 -1.11
N PHE A 32 3.62 -9.95 -0.04
CA PHE A 32 3.75 -8.52 0.35
C PHE A 32 5.21 -8.17 0.68
N LYS A 33 5.90 -9.04 1.35
CA LYS A 33 7.33 -8.73 1.67
C LYS A 33 8.08 -8.46 0.36
N LYS A 34 7.76 -9.19 -0.66
CA LYS A 34 8.41 -8.97 -1.98
C LYS A 34 7.96 -7.61 -2.56
N LEU A 35 6.71 -7.26 -2.34
CA LEU A 35 6.20 -5.96 -2.88
C LEU A 35 6.93 -4.78 -2.22
N LEU A 36 7.16 -4.85 -0.92
CA LEU A 36 7.85 -3.73 -0.22
C LEU A 36 9.37 -3.83 -0.34
N VAL A 37 10.02 -2.72 -0.63
CA VAL A 37 11.50 -2.72 -0.75
C VAL A 37 12.06 -1.34 -0.38
N PRO A 38 13.23 -1.33 0.20
CA PRO A 38 13.87 -0.04 0.61
C PRO A 38 14.33 0.76 -0.61
N GLY A 39 14.35 2.07 -0.50
CA GLY A 39 14.80 2.91 -1.65
C GLY A 39 13.61 3.27 -2.53
N LYS A 40 12.45 2.75 -2.23
CA LYS A 40 11.25 3.06 -3.07
C LYS A 40 10.26 3.94 -2.30
N ILE A 41 10.26 3.86 -1.00
CA ILE A 41 9.31 4.68 -0.21
C ILE A 41 10.06 5.75 0.61
N GLN A 42 9.58 6.97 0.56
CA GLN A 42 10.25 8.06 1.32
C GLN A 42 9.49 8.37 2.62
N HIS A 43 8.23 8.00 2.70
CA HIS A 43 7.45 8.28 3.94
C HIS A 43 6.59 7.07 4.33
N ILE A 44 6.53 6.76 5.60
CA ILE A 44 5.68 5.61 6.05
C ILE A 44 4.77 6.03 7.20
N LEU A 45 3.48 5.84 7.04
CA LEU A 45 2.53 6.20 8.14
C LEU A 45 1.94 4.91 8.72
N CYS A 46 1.98 4.74 10.01
CA CYS A 46 1.42 3.50 10.62
C CYS A 46 0.26 3.84 11.56
N THR A 47 -0.85 3.19 11.40
CA THR A 47 -2.03 3.48 12.27
C THR A 47 -2.19 2.41 13.36
N GLY A 48 -2.27 1.17 12.96
CA GLY A 48 -2.46 0.07 13.96
C GLY A 48 -1.23 -0.11 14.83
N ASN A 49 -1.37 -0.87 15.89
CA ASN A 49 -0.23 -1.11 16.82
C ASN A 49 0.75 -2.11 16.19
N LEU A 50 2.02 -1.96 16.46
CA LEU A 50 3.03 -2.89 15.87
C LEU A 50 2.68 -4.36 16.17
N CYS A 51 2.62 -4.79 17.42
CA CYS A 51 2.92 -3.90 18.58
C CYS A 51 4.36 -4.11 19.05
N THR A 52 4.95 -5.23 18.70
CA THR A 52 6.36 -5.50 19.14
C THR A 52 7.34 -4.57 18.43
N LYS A 53 8.36 -4.13 19.13
CA LYS A 53 9.37 -3.22 18.51
C LYS A 53 10.02 -3.90 17.30
N GLU A 54 10.09 -5.21 17.29
CA GLU A 54 10.72 -5.92 16.14
C GLU A 54 10.09 -5.44 14.82
N SER A 55 8.80 -5.26 14.80
CA SER A 55 8.15 -4.78 13.55
C SER A 55 8.60 -3.36 13.24
N TYR A 56 8.82 -2.56 14.25
CA TYR A 56 9.27 -1.15 14.01
C TYR A 56 10.59 -1.14 13.24
N ASP A 57 11.50 -1.99 13.60
CA ASP A 57 12.80 -2.05 12.87
C ASP A 57 12.56 -2.36 11.39
N TYR A 58 11.64 -3.27 11.13
CA TYR A 58 11.33 -3.62 9.71
C TYR A 58 10.79 -2.39 8.97
N LEU A 59 9.89 -1.67 9.58
CA LEU A 59 9.33 -0.45 8.91
C LEU A 59 10.44 0.57 8.66
N LYS A 60 11.34 0.70 9.60
CA LYS A 60 12.45 1.68 9.43
C LYS A 60 13.30 1.30 8.20
N THR A 61 13.42 0.02 7.94
CA THR A 61 14.23 -0.43 6.76
C THR A 61 13.62 0.08 5.45
N LEU A 62 12.33 0.00 5.31
CA LEU A 62 11.69 0.47 4.04
C LEU A 62 11.92 1.97 3.86
N ALA A 63 11.90 2.73 4.92
CA ALA A 63 12.12 4.21 4.79
C ALA A 63 12.72 4.77 6.08
N GLY A 64 13.43 5.86 5.97
CA GLY A 64 14.06 6.46 7.19
C GLY A 64 13.00 7.23 7.99
N ASP A 65 12.17 7.99 7.32
CA ASP A 65 11.13 8.78 8.05
C ASP A 65 9.88 7.91 8.27
N VAL A 66 9.62 7.54 9.49
CA VAL A 66 8.40 6.70 9.78
C VAL A 66 7.55 7.36 10.87
N HIS A 67 6.25 7.41 10.66
CA HIS A 67 5.36 8.03 11.68
C HIS A 67 4.39 6.97 12.22
N ILE A 68 4.31 6.82 13.52
CA ILE A 68 3.39 5.79 14.09
C ILE A 68 2.53 6.36 15.21
N VAL A 69 1.35 5.83 15.39
CA VAL A 69 0.44 6.31 16.47
C VAL A 69 0.12 5.14 17.41
N ARG A 70 -0.30 5.39 18.63
CA ARG A 70 -0.56 4.25 19.55
C ARG A 70 -1.90 3.57 19.26
N GLY A 71 -1.88 2.27 19.15
CA GLY A 71 -3.14 1.51 18.90
C GLY A 71 -3.70 1.04 20.25
N ASP A 72 -4.76 0.28 20.26
CA ASP A 72 -5.32 -0.19 21.55
C ASP A 72 -4.55 -1.40 22.07
N PHE A 73 -3.54 -1.85 21.37
CA PHE A 73 -2.76 -3.03 21.83
C PHE A 73 -1.26 -2.81 21.66
N ASP A 74 -0.82 -1.57 21.66
CA ASP A 74 0.65 -1.31 21.50
C ASP A 74 1.37 -1.44 22.85
N GLU A 75 2.47 -2.14 22.87
CA GLU A 75 3.21 -2.29 24.16
C GLU A 75 3.82 -0.96 24.58
N ASN A 76 4.44 -0.28 23.67
CA ASN A 76 5.06 1.04 23.98
C ASN A 76 3.98 2.11 24.12
N LEU A 77 3.88 2.71 25.28
CA LEU A 77 2.85 3.78 25.51
C LEU A 77 3.39 5.15 25.07
N ASN A 78 4.61 5.20 24.59
CA ASN A 78 5.19 6.50 24.17
C ASN A 78 4.61 6.95 22.82
N TYR A 79 3.80 6.14 22.19
CA TYR A 79 3.21 6.57 20.89
C TYR A 79 2.09 7.59 21.14
N PRO A 80 1.94 8.49 20.21
CA PRO A 80 0.92 9.55 20.33
C PRO A 80 -0.48 9.01 20.02
N GLU A 81 -1.47 9.42 20.76
CA GLU A 81 -2.86 8.93 20.50
C GLU A 81 -3.26 9.30 19.06
N GLN A 82 -2.87 10.47 18.62
CA GLN A 82 -3.18 10.91 17.24
C GLN A 82 -2.11 11.91 16.78
N LYS A 83 -1.82 11.97 15.51
CA LYS A 83 -0.77 12.93 15.05
C LYS A 83 -1.12 13.54 13.69
N VAL A 84 -0.73 14.77 13.47
CA VAL A 84 -1.01 15.42 12.16
C VAL A 84 0.31 15.67 11.43
N VAL A 85 0.53 15.00 10.33
CA VAL A 85 1.80 15.20 9.57
C VAL A 85 1.51 15.81 8.20
N THR A 86 2.23 16.84 7.84
CA THR A 86 2.00 17.48 6.51
C THR A 86 2.91 16.84 5.46
N VAL A 87 2.36 16.46 4.35
CA VAL A 87 3.18 15.83 3.27
C VAL A 87 3.05 16.66 1.99
N GLY A 88 3.86 17.67 1.84
CA GLY A 88 3.77 18.53 0.63
C GLY A 88 2.60 19.50 0.79
N GLN A 89 1.63 19.43 -0.08
CA GLN A 89 0.45 20.35 0.02
C GLN A 89 -0.67 19.70 0.84
N PHE A 90 -0.53 18.46 1.20
CA PHE A 90 -1.62 17.77 1.96
C PHE A 90 -1.39 17.75 3.48
N LYS A 91 -2.43 18.01 4.22
CA LYS A 91 -2.34 17.96 5.71
C LYS A 91 -3.05 16.68 6.14
N ILE A 92 -2.32 15.70 6.57
CA ILE A 92 -2.95 14.40 6.94
C ILE A 92 -2.97 14.17 8.45
N GLY A 93 -4.05 13.63 8.95
CA GLY A 93 -4.16 13.33 10.40
C GLY A 93 -3.97 11.83 10.61
N LEU A 94 -3.63 11.39 11.78
CA LEU A 94 -3.44 9.93 11.99
C LEU A 94 -3.99 9.46 13.34
N ILE A 95 -4.75 8.40 13.34
CA ILE A 95 -5.29 7.86 14.63
C ILE A 95 -5.63 6.37 14.45
N HIS A 96 -5.53 5.58 15.49
CA HIS A 96 -5.85 4.14 15.34
C HIS A 96 -7.31 3.95 14.91
N GLY A 97 -8.23 4.41 15.71
CA GLY A 97 -9.67 4.26 15.34
C GLY A 97 -10.48 3.76 16.54
N HIS A 98 -9.86 3.05 17.45
CA HIS A 98 -10.63 2.54 18.62
C HIS A 98 -11.19 3.71 19.44
N GLN A 99 -10.66 4.90 19.24
CA GLN A 99 -11.17 6.09 19.98
C GLN A 99 -12.38 6.69 19.23
N VAL A 100 -12.69 6.18 18.07
CA VAL A 100 -13.84 6.74 17.30
C VAL A 100 -15.07 5.85 17.50
N ILE A 101 -16.08 6.37 18.17
CA ILE A 101 -17.31 5.55 18.41
C ILE A 101 -18.50 6.14 17.64
N PRO A 102 -19.19 5.28 16.89
CA PRO A 102 -18.84 3.85 16.81
C PRO A 102 -17.54 3.63 16.02
N TRP A 103 -16.88 2.54 16.31
CA TRP A 103 -15.56 2.21 15.68
C TRP A 103 -15.46 2.56 14.19
N GLY A 104 -16.32 2.05 13.35
CA GLY A 104 -16.17 2.36 11.89
C GLY A 104 -17.27 3.29 11.37
N ASP A 105 -17.74 4.22 12.16
CA ASP A 105 -18.80 5.14 11.67
C ASP A 105 -18.18 6.25 10.80
N MET A 106 -18.77 6.54 9.68
CA MET A 106 -18.22 7.62 8.82
C MET A 106 -18.53 8.99 9.46
N ALA A 107 -19.71 9.13 9.99
CA ALA A 107 -20.08 10.44 10.64
C ALA A 107 -19.13 10.71 11.80
N SER A 108 -18.77 9.70 12.55
CA SER A 108 -17.82 9.91 13.68
C SER A 108 -16.45 10.30 13.11
N LEU A 109 -16.03 9.64 12.06
CA LEU A 109 -14.71 9.99 11.46
C LEU A 109 -14.76 11.42 10.92
N ALA A 110 -15.85 11.78 10.29
CA ALA A 110 -15.96 13.17 9.74
C ALA A 110 -15.90 14.16 10.89
N LEU A 111 -16.62 13.91 11.95
CA LEU A 111 -16.59 14.82 13.12
C LEU A 111 -15.15 14.99 13.60
N LEU A 112 -14.37 13.94 13.51
CA LEU A 112 -12.94 14.03 13.94
C LEU A 112 -12.15 14.85 12.91
N GLN A 113 -12.50 14.74 11.65
CA GLN A 113 -11.77 15.51 10.61
C GLN A 113 -11.86 17.01 10.92
N ARG A 114 -13.03 17.49 11.26
CA ARG A 114 -13.20 18.93 11.59
C ARG A 114 -12.19 19.35 12.68
N GLN A 115 -12.24 18.69 13.79
CA GLN A 115 -11.30 19.01 14.91
C GLN A 115 -9.84 18.99 14.41
N PHE A 116 -9.48 17.98 13.68
CA PHE A 116 -8.08 17.87 13.17
C PHE A 116 -7.81 18.90 12.06
N ASP A 117 -8.82 19.28 11.31
CA ASP A 117 -8.61 20.25 10.20
C ASP A 117 -7.59 19.69 9.20
N VAL A 118 -7.77 18.46 8.79
CA VAL A 118 -6.83 17.84 7.81
C VAL A 118 -7.54 17.56 6.49
N ASP A 119 -6.81 17.49 5.40
CA ASP A 119 -7.44 17.20 4.09
C ASP A 119 -7.67 15.69 3.97
N ILE A 120 -6.81 14.91 4.56
CA ILE A 120 -6.96 13.43 4.51
C ILE A 120 -6.87 12.84 5.91
N LEU A 121 -7.68 11.85 6.22
CA LEU A 121 -7.64 11.24 7.57
C LEU A 121 -7.31 9.74 7.46
N ILE A 122 -6.26 9.29 8.11
CA ILE A 122 -5.90 7.85 8.03
C ILE A 122 -6.26 7.14 9.35
N SER A 123 -6.93 6.02 9.26
CA SER A 123 -7.30 5.29 10.50
C SER A 123 -7.55 3.80 10.19
N GLY A 124 -7.51 2.96 11.19
CA GLY A 124 -7.74 1.51 10.94
C GLY A 124 -8.65 0.93 12.03
N HIS A 125 -8.16 -0.06 12.76
CA HIS A 125 -8.97 -0.71 13.86
C HIS A 125 -10.04 -1.65 13.29
N THR A 126 -10.63 -1.32 12.16
CA THR A 126 -11.68 -2.22 11.59
C THR A 126 -11.07 -3.31 10.69
N HIS A 127 -9.81 -3.22 10.39
CA HIS A 127 -9.17 -4.26 9.52
C HIS A 127 -9.91 -4.38 8.18
N LYS A 128 -10.59 -3.34 7.77
CA LYS A 128 -11.32 -3.38 6.47
C LYS A 128 -10.83 -2.21 5.59
N PHE A 129 -10.19 -2.50 4.49
CA PHE A 129 -9.71 -1.40 3.62
C PHE A 129 -10.86 -0.46 3.26
N GLU A 130 -10.63 0.82 3.27
CA GLU A 130 -11.70 1.79 2.92
C GLU A 130 -11.10 3.07 2.34
N ALA A 131 -11.48 3.43 1.15
CA ALA A 131 -10.94 4.67 0.52
C ALA A 131 -12.07 5.44 -0.19
N PHE A 132 -12.62 6.42 0.47
CA PHE A 132 -13.73 7.20 -0.16
C PHE A 132 -13.62 8.70 0.15
N GLU A 133 -14.37 9.52 -0.54
CA GLU A 133 -14.32 11.00 -0.30
C GLU A 133 -15.62 11.47 0.37
N HIS A 134 -15.54 12.44 1.24
CA HIS A 134 -16.79 12.94 1.91
C HIS A 134 -16.69 14.45 2.18
N GLU A 135 -17.56 15.22 1.59
CA GLU A 135 -17.56 16.70 1.81
C GLU A 135 -16.17 17.30 1.54
N ASN A 136 -15.67 17.11 0.34
CA ASN A 136 -14.33 17.67 -0.06
C ASN A 136 -13.19 17.14 0.81
N LYS A 137 -13.41 16.08 1.55
CA LYS A 137 -12.31 15.51 2.38
C LYS A 137 -12.07 14.05 2.02
N PHE A 138 -10.89 13.54 2.25
CA PHE A 138 -10.61 12.11 1.89
C PHE A 138 -10.36 11.27 3.14
N TYR A 139 -10.86 10.07 3.15
CA TYR A 139 -10.65 9.15 4.30
C TYR A 139 -10.01 7.86 3.81
N ILE A 140 -9.00 7.38 4.48
CA ILE A 140 -8.32 6.14 4.01
C ILE A 140 -8.08 5.15 5.16
N ASN A 141 -8.35 3.91 4.92
CA ASN A 141 -8.11 2.86 5.94
C ASN A 141 -7.34 1.70 5.26
N PRO A 142 -6.10 1.56 5.61
CA PRO A 142 -5.25 0.49 4.99
C PRO A 142 -5.74 -0.91 5.39
N GLY A 143 -6.32 -1.04 6.55
CA GLY A 143 -6.80 -2.38 6.99
C GLY A 143 -5.70 -3.11 7.76
N SER A 144 -5.55 -4.39 7.53
CA SER A 144 -4.50 -5.16 8.25
C SER A 144 -3.48 -5.73 7.26
N ALA A 145 -2.27 -5.24 7.29
CA ALA A 145 -1.23 -5.75 6.36
C ALA A 145 -1.02 -7.27 6.56
N THR A 146 -1.42 -7.79 7.69
CA THR A 146 -1.25 -9.25 7.95
C THR A 146 -2.60 -9.93 8.05
N GLY A 147 -3.66 -9.28 7.65
CA GLY A 147 -5.01 -9.91 7.74
C GLY A 147 -5.24 -10.36 9.19
N ALA A 148 -4.78 -9.59 10.13
CA ALA A 148 -4.96 -9.95 11.57
C ALA A 148 -6.42 -10.31 11.86
N TYR A 149 -6.63 -11.21 12.76
CA TYR A 149 -8.02 -11.64 13.11
C TYR A 149 -8.82 -10.50 13.75
N ASN A 150 -10.11 -10.52 13.57
CA ASN A 150 -10.99 -9.47 14.16
C ASN A 150 -12.38 -10.07 14.46
N ALA A 151 -12.74 -10.14 15.71
CA ALA A 151 -14.04 -10.76 16.10
C ALA A 151 -15.24 -10.20 15.30
N LEU A 152 -15.19 -8.98 14.85
CA LEU A 152 -16.37 -8.43 14.10
C LEU A 152 -16.41 -8.92 12.65
N GLU A 153 -15.29 -9.22 12.05
CA GLU A 153 -15.32 -9.72 10.64
C GLU A 153 -14.62 -11.08 10.55
N THR A 154 -15.35 -12.10 10.20
CA THR A 154 -14.75 -13.46 10.09
C THR A 154 -13.90 -13.61 8.83
N ASN A 155 -14.06 -12.72 7.88
CA ASN A 155 -13.25 -12.83 6.64
C ASN A 155 -12.38 -11.58 6.46
N ILE A 156 -11.16 -11.61 6.92
CA ILE A 156 -10.27 -10.42 6.77
C ILE A 156 -9.31 -10.61 5.62
N ILE A 157 -9.08 -9.57 4.86
CA ILE A 157 -8.12 -9.67 3.72
C ILE A 157 -6.90 -8.80 4.04
N PRO A 158 -5.74 -9.40 4.07
CA PRO A 158 -4.50 -8.63 4.39
C PRO A 158 -4.23 -7.62 3.28
N SER A 159 -3.90 -6.40 3.63
CA SER A 159 -3.64 -5.39 2.56
C SER A 159 -3.00 -4.11 3.13
N PHE A 160 -2.27 -3.40 2.30
CA PHE A 160 -1.65 -2.13 2.73
C PHE A 160 -1.83 -1.11 1.59
N VAL A 161 -1.70 0.15 1.88
CA VAL A 161 -1.94 1.17 0.81
C VAL A 161 -0.77 2.15 0.61
N LEU A 162 -0.45 2.41 -0.62
CA LEU A 162 0.63 3.39 -0.96
C LEU A 162 -0.01 4.65 -1.54
N MET A 163 0.42 5.81 -1.12
CA MET A 163 -0.20 7.05 -1.66
C MET A 163 0.81 7.84 -2.49
N ASP A 164 0.50 8.11 -3.73
CA ASP A 164 1.44 8.89 -4.58
C ASP A 164 0.99 10.35 -4.64
N ILE A 165 1.80 11.26 -4.15
CA ILE A 165 1.41 12.69 -4.17
C ILE A 165 2.34 13.51 -5.07
N GLN A 166 1.77 14.19 -6.03
CA GLN A 166 2.60 15.03 -6.95
C GLN A 166 2.49 16.49 -6.52
N ALA A 167 1.29 16.99 -6.43
CA ALA A 167 1.08 18.41 -6.02
C ALA A 167 -0.43 18.69 -5.93
N SER A 168 -0.95 18.81 -4.73
CA SER A 168 -2.42 19.05 -4.56
C SER A 168 -3.24 17.90 -5.16
N THR A 169 -2.57 16.84 -5.54
CA THR A 169 -3.29 15.66 -6.12
C THR A 169 -2.68 14.38 -5.56
N VAL A 170 -3.48 13.45 -5.12
CA VAL A 170 -2.90 12.19 -4.55
C VAL A 170 -3.56 10.95 -5.16
N VAL A 171 -2.76 9.95 -5.44
CA VAL A 171 -3.32 8.69 -5.98
C VAL A 171 -3.04 7.59 -4.95
N THR A 172 -4.05 6.89 -4.52
CA THR A 172 -3.81 5.83 -3.50
C THR A 172 -3.91 4.45 -4.13
N TYR A 173 -3.00 3.59 -3.82
CA TYR A 173 -3.04 2.21 -4.36
C TYR A 173 -3.28 1.24 -3.21
N VAL A 174 -4.26 0.41 -3.34
CA VAL A 174 -4.54 -0.57 -2.25
C VAL A 174 -4.19 -1.98 -2.73
N TYR A 175 -3.49 -2.72 -1.92
CA TYR A 175 -3.10 -4.09 -2.34
C TYR A 175 -3.83 -5.12 -1.48
N GLN A 176 -4.73 -5.84 -2.06
CA GLN A 176 -5.47 -6.87 -1.27
C GLN A 176 -4.98 -8.25 -1.67
N LEU A 177 -4.78 -9.11 -0.71
CA LEU A 177 -4.31 -10.48 -1.04
C LEU A 177 -5.50 -11.42 -1.16
N ILE A 178 -6.10 -11.45 -2.31
CA ILE A 178 -7.26 -12.36 -2.52
C ILE A 178 -6.79 -13.59 -3.29
N GLY A 179 -6.90 -14.74 -2.69
CA GLY A 179 -6.41 -15.97 -3.39
C GLY A 179 -4.88 -15.91 -3.41
N ASP A 180 -4.25 -16.68 -4.26
CA ASP A 180 -2.76 -16.67 -4.31
C ASP A 180 -2.26 -15.35 -4.91
N ASP A 181 -2.87 -14.90 -5.97
CA ASP A 181 -2.42 -13.63 -6.62
C ASP A 181 -2.89 -12.41 -5.82
N VAL A 182 -2.22 -11.30 -5.96
CA VAL A 182 -2.64 -10.08 -5.22
C VAL A 182 -3.34 -9.11 -6.17
N LYS A 183 -4.49 -8.63 -5.80
CA LYS A 183 -5.23 -7.68 -6.69
C LYS A 183 -4.97 -6.24 -6.24
N VAL A 184 -4.96 -5.31 -7.16
CA VAL A 184 -4.71 -3.90 -6.77
C VAL A 184 -5.75 -2.96 -7.40
N GLU A 185 -6.19 -1.98 -6.66
CA GLU A 185 -7.19 -1.01 -7.19
C GLU A 185 -6.61 0.41 -7.16
N ARG A 186 -7.03 1.27 -8.05
CA ARG A 186 -6.46 2.66 -8.06
C ARG A 186 -7.53 3.70 -7.75
N ILE A 187 -7.27 4.54 -6.78
CA ILE A 187 -8.24 5.62 -6.42
C ILE A 187 -7.51 6.97 -6.45
N GLU A 188 -8.07 7.97 -7.07
CA GLU A 188 -7.38 9.30 -7.11
C GLU A 188 -8.17 10.37 -6.36
N TYR A 189 -7.48 11.24 -5.67
CA TYR A 189 -8.16 12.33 -4.93
C TYR A 189 -7.37 13.64 -5.07
N LYS A 190 -8.05 14.75 -5.19
CA LYS A 190 -7.33 16.05 -5.32
C LYS A 190 -8.05 17.13 -4.49
N LYS A 191 -7.30 18.07 -3.96
CA LYS A 191 -7.94 19.15 -3.15
C LYS A 191 -9.12 19.78 -3.90
N SER A 192 -9.02 19.88 -5.19
CA SER A 192 -10.13 20.48 -5.99
C SER A 192 -10.92 19.39 -6.71
N GLY B 1 -19.54 6.95 -18.80
CA GLY B 1 -18.82 6.15 -17.77
C GLY B 1 -19.55 4.82 -17.55
N PRO B 2 -19.22 4.17 -16.47
CA PRO B 2 -19.85 2.86 -16.13
C PRO B 2 -21.32 3.06 -15.76
N LEU B 3 -21.71 4.25 -15.38
CA LEU B 3 -23.13 4.50 -15.00
C LEU B 3 -23.92 4.96 -16.23
N GLY B 4 -25.14 4.50 -16.35
CA GLY B 4 -25.98 4.91 -17.52
C GLY B 4 -26.86 3.73 -17.95
N SER B 5 -28.03 4.01 -18.47
CA SER B 5 -28.94 2.90 -18.90
C SER B 5 -28.28 2.10 -20.04
N THR B 6 -27.44 2.72 -20.81
CA THR B 6 -26.77 2.00 -21.92
C THR B 6 -25.27 2.34 -21.98
N GLU B 7 -24.48 1.48 -22.56
CA GLU B 7 -23.02 1.76 -22.63
C GLU B 7 -22.59 1.98 -24.09
N GLU B 8 -21.69 2.89 -24.32
CA GLU B 8 -21.22 3.16 -25.71
C GLU B 8 -19.69 3.18 -25.77
N ASP B 9 -19.13 3.20 -26.95
CA ASP B 9 -17.64 3.22 -27.07
C ASP B 9 -17.09 4.47 -26.35
N LEU B 10 -15.89 4.39 -25.83
CA LEU B 10 -15.32 5.56 -25.10
C LEU B 10 -14.68 6.53 -26.10
N GLU B 11 -15.09 7.78 -26.05
CA GLU B 11 -14.50 8.79 -26.98
C GLU B 11 -13.65 9.81 -26.20
N ASP B 12 -13.67 9.74 -24.89
CA ASP B 12 -12.88 10.70 -24.07
C ASP B 12 -11.40 10.67 -24.46
N ALA B 13 -10.87 9.50 -24.75
CA ALA B 13 -9.42 9.42 -25.10
C ALA B 13 -9.20 8.39 -26.21
N GLU B 14 -10.14 8.23 -27.10
CA GLU B 14 -9.96 7.25 -28.20
C GLU B 14 -9.53 7.96 -29.49
N ASP B 15 -8.46 7.52 -30.10
CA ASP B 15 -7.99 8.18 -31.36
C ASP B 15 -6.76 7.44 -31.91
N THR B 16 -5.81 7.14 -31.07
CA THR B 16 -4.58 6.43 -31.56
C THR B 16 -4.05 5.47 -30.49
N VAL B 17 -3.32 4.46 -30.90
CA VAL B 17 -2.75 3.50 -29.92
C VAL B 17 -1.25 3.36 -30.14
N SER B 18 -0.47 3.31 -29.08
CA SER B 18 1.01 3.18 -29.26
C SER B 18 1.49 1.82 -28.77
N ALA B 19 2.49 1.27 -29.41
CA ALA B 19 3.02 -0.06 -28.98
C ALA B 19 3.73 0.06 -27.62
N ALA B 20 4.29 1.19 -27.34
CA ALA B 20 5.01 1.37 -26.04
C ALA B 20 4.05 1.15 -24.86
N ASP B 21 4.53 0.60 -23.78
CA ASP B 21 3.65 0.36 -22.61
C ASP B 21 4.21 1.03 -21.35
N PRO B 22 3.37 1.24 -20.38
CA PRO B 22 3.79 1.87 -19.11
C PRO B 22 4.67 0.93 -18.29
N GLU B 23 5.48 1.46 -17.42
CA GLU B 23 6.37 0.59 -16.59
C GLU B 23 5.84 0.53 -15.16
N PHE B 24 6.19 -0.51 -14.44
CA PHE B 24 5.74 -0.67 -13.03
C PHE B 24 4.21 -0.57 -12.90
N CYS B 25 3.61 -1.59 -12.36
CA CYS B 25 2.13 -1.57 -12.17
C CYS B 25 1.77 -0.49 -11.16
N HIS B 26 2.57 -0.38 -10.14
CA HIS B 26 2.33 0.63 -9.08
C HIS B 26 3.58 0.69 -8.19
N PRO B 27 3.55 1.50 -7.15
CA PRO B 27 4.73 1.59 -6.26
C PRO B 27 5.07 0.22 -5.67
N LEU B 28 6.34 -0.08 -5.59
CA LEU B 28 6.83 -1.37 -5.01
C LEU B 28 6.44 -2.58 -5.87
N CYS B 29 6.61 -2.53 -7.17
CA CYS B 29 6.25 -3.73 -7.99
C CYS B 29 7.34 -3.98 -9.02
N GLN B 30 8.41 -4.60 -8.61
CA GLN B 30 9.52 -4.91 -9.55
C GLN B 30 9.22 -6.22 -10.28
N CYS B 31 7.99 -6.61 -10.24
CA CYS B 31 7.53 -7.88 -10.90
C CYS B 31 8.09 -8.03 -12.32
N PRO B 32 7.83 -9.20 -12.86
CA PRO B 32 8.21 -9.48 -14.26
C PRO B 32 7.25 -8.74 -15.19
N LYS B 33 5.98 -9.00 -15.02
CA LYS B 33 4.93 -8.34 -15.85
C LYS B 33 3.58 -8.40 -15.12
N CYS B 34 3.48 -9.22 -14.10
CA CYS B 34 2.17 -9.39 -13.41
C CYS B 34 1.15 -9.85 -14.45
N ALA B 35 1.63 -10.49 -15.49
CA ALA B 35 0.74 -10.96 -16.57
C ALA B 35 -0.04 -12.20 -16.09
N PRO B 36 -1.33 -12.18 -16.33
CA PRO B 36 -2.19 -13.32 -15.90
C PRO B 36 -1.89 -14.56 -16.74
N ALA B 37 -2.03 -15.72 -16.17
CA ALA B 37 -1.75 -16.97 -16.92
C ALA B 37 -3.05 -17.77 -17.11
N GLN B 38 -3.42 -18.58 -16.16
CA GLN B 38 -4.68 -19.38 -16.30
C GLN B 38 -5.63 -19.08 -15.15
N LYS B 39 -6.82 -18.62 -15.46
CA LYS B 39 -7.81 -18.33 -14.38
C LYS B 39 -8.18 -19.60 -13.63
N ARG B 40 -8.15 -20.73 -14.31
CA ARG B 40 -8.51 -22.02 -13.65
C ARG B 40 -7.60 -22.27 -12.44
N LEU B 41 -8.10 -22.94 -11.44
CA LEU B 41 -7.27 -23.22 -10.23
C LEU B 41 -6.59 -24.59 -10.37
N ALA B 42 -5.30 -24.63 -10.18
CA ALA B 42 -4.56 -25.92 -10.30
C ALA B 42 -4.88 -26.84 -9.13
N LYS B 43 -4.98 -28.12 -9.37
CA LYS B 43 -5.28 -29.08 -8.27
C LYS B 43 -4.00 -29.39 -7.49
N VAL B 44 -4.11 -29.60 -6.20
CA VAL B 44 -2.89 -29.90 -5.39
C VAL B 44 -2.74 -31.42 -5.20
N PRO B 45 -1.80 -32.00 -5.92
CA PRO B 45 -1.56 -33.46 -5.81
C PRO B 45 -0.91 -33.79 -4.47
N ALA B 46 -1.12 -34.97 -3.96
CA ALA B 46 -0.51 -35.36 -2.66
C ALA B 46 0.81 -36.07 -2.89
N SER B 47 1.85 -35.68 -2.19
CA SER B 47 3.17 -36.35 -2.37
C SER B 47 3.83 -36.58 -1.01
N GLY B 48 4.51 -37.68 -0.85
CA GLY B 48 5.19 -37.97 0.45
C GLY B 48 6.65 -37.55 0.36
N LEU B 49 7.15 -36.87 1.37
CA LEU B 49 8.57 -36.43 1.35
C LEU B 49 9.43 -37.34 2.23
N GLY B 50 10.61 -37.67 1.79
CA GLY B 50 11.50 -38.55 2.60
C GLY B 50 12.82 -37.84 2.87
N VAL B 51 12.82 -36.90 3.79
CA VAL B 51 14.07 -36.16 4.10
C VAL B 51 14.35 -36.19 5.60
N ASN B 52 15.57 -35.91 5.99
CA ASN B 52 15.92 -35.93 7.45
C ASN B 52 15.52 -34.60 8.09
N VAL B 53 14.87 -34.65 9.22
CA VAL B 53 14.45 -33.39 9.91
C VAL B 53 14.91 -33.41 11.36
N THR B 54 15.22 -32.25 11.91
CA THR B 54 15.67 -32.19 13.33
C THR B 54 14.82 -31.18 14.12
N SER B 55 14.80 -31.29 15.41
CA SER B 55 13.99 -30.35 16.24
C SER B 55 14.91 -29.46 17.10
N GLN B 56 14.46 -28.28 17.43
CA GLN B 56 15.31 -27.38 18.27
C GLN B 56 15.00 -27.60 19.75
N ASP B 57 16.00 -27.93 20.53
CA ASP B 57 15.78 -28.17 21.98
C ASP B 57 16.16 -26.92 22.79
N GLY B 58 15.69 -26.83 24.00
CA GLY B 58 16.03 -25.64 24.85
C GLY B 58 14.89 -24.62 24.80
N SER B 59 13.71 -25.03 24.39
CA SER B 59 12.56 -24.08 24.33
C SER B 59 12.04 -23.80 25.74
N SER B 60 11.74 -22.57 26.05
CA SER B 60 11.23 -22.23 27.40
C SER B 60 9.89 -21.49 27.30
N TRP B 61 9.05 -21.64 28.29
CA TRP B 61 7.72 -20.94 28.26
C TRP B 61 6.99 -21.25 26.95
N GLY A 1 14.23 26.85 -18.60
CA GLY A 1 15.63 26.71 -19.11
C GLY A 1 16.60 26.63 -17.93
N SER A 2 16.36 25.74 -17.01
CA SER A 2 17.27 25.60 -15.83
C SER A 2 17.74 24.15 -15.70
N PRO A 3 18.62 23.76 -16.58
CA PRO A 3 19.16 22.37 -16.56
C PRO A 3 20.04 22.15 -15.33
N GLU A 4 20.58 23.20 -14.78
CA GLU A 4 21.46 23.05 -13.57
C GLU A 4 20.65 22.48 -12.40
N PHE A 5 19.41 22.86 -12.28
CA PHE A 5 18.57 22.34 -11.16
C PHE A 5 17.32 21.64 -11.72
N GLY A 6 16.74 20.75 -10.95
CA GLY A 6 15.52 20.04 -11.44
C GLY A 6 14.26 20.83 -11.07
N THR A 7 13.12 20.37 -11.49
CA THR A 7 11.85 21.09 -11.17
C THR A 7 10.71 20.09 -10.93
N ARG A 8 10.97 19.04 -10.18
CA ARG A 8 9.90 18.04 -9.92
C ARG A 8 9.54 18.01 -8.43
N ASP A 9 8.32 17.69 -8.12
CA ASP A 9 7.90 17.65 -6.68
C ASP A 9 6.88 16.54 -6.45
N ARG A 10 7.30 15.40 -5.98
CA ARG A 10 6.33 14.29 -5.72
C ARG A 10 6.92 13.30 -4.71
N MET A 11 6.11 12.52 -4.05
CA MET A 11 6.70 11.57 -3.05
C MET A 11 5.72 10.43 -2.75
N LEU A 12 6.21 9.22 -2.69
CA LEU A 12 5.31 8.05 -2.40
C LEU A 12 5.29 7.75 -0.91
N VAL A 13 4.12 7.58 -0.33
CA VAL A 13 4.04 7.28 1.13
C VAL A 13 3.38 5.92 1.35
N LEU A 14 3.89 5.15 2.29
CA LEU A 14 3.30 3.81 2.56
C LEU A 14 2.38 3.88 3.79
N VAL A 15 1.19 3.34 3.67
CA VAL A 15 0.25 3.36 4.83
C VAL A 15 -0.18 1.93 5.18
N LEU A 16 -0.07 1.56 6.43
CA LEU A 16 -0.49 0.20 6.86
C LEU A 16 -0.61 0.14 8.39
N GLY A 17 -0.89 -1.01 8.93
CA GLY A 17 -1.03 -1.12 10.41
C GLY A 17 -1.88 -2.34 10.77
N ASP A 18 -2.15 -2.51 12.05
CA ASP A 18 -2.96 -3.66 12.53
C ASP A 18 -2.26 -4.97 12.18
N LEU A 19 -0.97 -4.98 12.34
CA LEU A 19 -0.20 -6.23 12.07
C LEU A 19 -0.48 -7.21 13.21
N HIS A 20 -0.63 -6.67 14.39
CA HIS A 20 -0.94 -7.50 15.60
C HIS A 20 0.10 -8.62 15.79
N ILE A 21 1.36 -8.30 15.61
CA ILE A 21 2.42 -9.33 15.82
C ILE A 21 3.06 -9.11 17.19
N PRO A 22 3.30 -10.18 17.94
CA PRO A 22 2.95 -11.55 17.53
C PRO A 22 1.63 -11.98 18.16
N HIS A 23 0.79 -11.05 18.50
CA HIS A 23 -0.51 -11.40 19.15
C HIS A 23 -1.38 -12.31 18.26
N ARG A 24 -1.55 -11.96 17.01
CA ARG A 24 -2.41 -12.80 16.13
C ARG A 24 -1.65 -13.26 14.87
N CYS A 25 -0.61 -12.56 14.51
CA CYS A 25 0.16 -12.96 13.30
C CYS A 25 1.67 -12.94 13.60
N ASN A 26 2.45 -13.66 12.83
CA ASN A 26 3.92 -13.69 13.08
C ASN A 26 4.67 -12.78 12.09
N SER A 27 4.05 -12.43 10.99
CA SER A 27 4.74 -11.56 10.00
C SER A 27 3.78 -11.16 8.88
N LEU A 28 4.25 -10.38 7.94
CA LEU A 28 3.38 -9.97 6.80
C LEU A 28 3.31 -11.14 5.81
N PRO A 29 2.34 -11.11 4.94
CA PRO A 29 2.18 -12.20 3.95
C PRO A 29 3.41 -12.27 3.03
N ALA A 30 3.80 -13.46 2.65
CA ALA A 30 5.02 -13.64 1.80
C ALA A 30 5.06 -12.72 0.57
N LYS A 31 4.05 -12.74 -0.26
CA LYS A 31 4.08 -11.88 -1.48
C LYS A 31 4.25 -10.41 -1.12
N PHE A 32 3.65 -9.96 -0.05
CA PHE A 32 3.78 -8.51 0.33
C PHE A 32 5.22 -8.18 0.67
N LYS A 33 5.93 -9.04 1.35
CA LYS A 33 7.34 -8.73 1.68
C LYS A 33 8.11 -8.45 0.39
N LYS A 34 7.81 -9.19 -0.64
CA LYS A 34 8.47 -8.96 -1.95
C LYS A 34 8.00 -7.61 -2.53
N LEU A 35 6.75 -7.27 -2.30
CA LEU A 35 6.20 -5.97 -2.83
C LEU A 35 6.90 -4.78 -2.14
N LEU A 36 7.18 -4.88 -0.87
CA LEU A 36 7.83 -3.75 -0.14
C LEU A 36 9.35 -3.82 -0.27
N VAL A 37 9.97 -2.70 -0.59
CA VAL A 37 11.46 -2.67 -0.73
C VAL A 37 11.99 -1.29 -0.33
N PRO A 38 13.18 -1.29 0.25
CA PRO A 38 13.80 0.00 0.68
C PRO A 38 14.26 0.80 -0.54
N GLY A 39 14.23 2.10 -0.44
CA GLY A 39 14.66 2.95 -1.59
C GLY A 39 13.46 3.33 -2.46
N LYS A 40 12.34 2.69 -2.24
CA LYS A 40 11.13 3.01 -3.05
C LYS A 40 10.16 3.89 -2.27
N ILE A 41 10.21 3.85 -0.98
CA ILE A 41 9.26 4.67 -0.16
C ILE A 41 10.02 5.74 0.63
N GLN A 42 9.54 6.96 0.59
CA GLN A 42 10.22 8.06 1.34
C GLN A 42 9.45 8.36 2.64
N HIS A 43 8.19 8.02 2.70
CA HIS A 43 7.40 8.30 3.94
C HIS A 43 6.53 7.09 4.31
N ILE A 44 6.47 6.77 5.58
CA ILE A 44 5.62 5.63 6.02
C ILE A 44 4.69 6.04 7.16
N LEU A 45 3.40 5.87 6.99
CA LEU A 45 2.45 6.22 8.07
C LEU A 45 1.85 4.94 8.64
N CYS A 46 1.89 4.76 9.94
CA CYS A 46 1.33 3.51 10.53
C CYS A 46 0.18 3.84 11.48
N THR A 47 -0.94 3.17 11.33
CA THR A 47 -2.11 3.45 12.20
C THR A 47 -2.26 2.36 13.26
N GLY A 48 -2.48 1.15 12.83
CA GLY A 48 -2.66 0.02 13.78
C GLY A 48 -1.44 -0.16 14.68
N ASN A 49 -1.59 -0.86 15.76
CA ASN A 49 -0.45 -1.08 16.71
C ASN A 49 0.55 -2.07 16.09
N LEU A 50 1.81 -1.93 16.41
CA LEU A 50 2.84 -2.84 15.84
C LEU A 50 2.50 -4.32 16.12
N CYS A 51 2.45 -4.76 17.36
CA CYS A 51 2.73 -3.88 18.53
C CYS A 51 4.17 -4.09 19.02
N THR A 52 4.77 -5.21 18.68
CA THR A 52 6.17 -5.48 19.14
C THR A 52 7.15 -4.54 18.44
N LYS A 53 8.17 -4.10 19.15
CA LYS A 53 9.18 -3.19 18.54
C LYS A 53 9.85 -3.86 17.34
N GLU A 54 9.94 -5.17 17.35
CA GLU A 54 10.58 -5.88 16.20
C GLU A 54 9.97 -5.43 14.88
N SER A 55 8.68 -5.25 14.84
CA SER A 55 8.02 -4.78 13.59
C SER A 55 8.46 -3.35 13.27
N TYR A 56 8.69 -2.54 14.27
CA TYR A 56 9.13 -1.14 14.03
C TYR A 56 10.45 -1.14 13.26
N ASP A 57 11.37 -1.97 13.64
CA ASP A 57 12.68 -2.02 12.92
C ASP A 57 12.45 -2.35 11.44
N TYR A 58 11.53 -3.24 11.16
CA TYR A 58 11.23 -3.59 9.75
C TYR A 58 10.69 -2.37 9.01
N LEU A 59 9.79 -1.65 9.61
CA LEU A 59 9.23 -0.44 8.93
C LEU A 59 10.34 0.58 8.70
N LYS A 60 11.24 0.72 9.64
CA LYS A 60 12.34 1.70 9.47
C LYS A 60 13.20 1.30 8.27
N THR A 61 13.31 0.03 8.01
CA THR A 61 14.14 -0.43 6.85
C THR A 61 13.56 0.08 5.52
N LEU A 62 12.26 0.00 5.36
CA LEU A 62 11.65 0.48 4.08
C LEU A 62 11.88 1.98 3.89
N ALA A 63 11.85 2.75 4.96
CA ALA A 63 12.08 4.22 4.83
C ALA A 63 12.67 4.78 6.11
N GLY A 64 13.37 5.87 6.02
CA GLY A 64 13.97 6.49 7.24
C GLY A 64 12.91 7.26 8.03
N ASP A 65 12.09 8.01 7.36
CA ASP A 65 11.04 8.78 8.08
C ASP A 65 9.78 7.93 8.28
N VAL A 66 9.50 7.55 9.50
CA VAL A 66 8.30 6.72 9.77
C VAL A 66 7.42 7.38 10.85
N HIS A 67 6.14 7.44 10.63
CA HIS A 67 5.23 8.06 11.64
C HIS A 67 4.27 7.00 12.18
N ILE A 68 4.19 6.83 13.48
CA ILE A 68 3.27 5.80 14.04
C ILE A 68 2.41 6.38 15.18
N VAL A 69 1.24 5.84 15.37
CA VAL A 69 0.34 6.31 16.46
C VAL A 69 0.06 5.14 17.40
N ARG A 70 -0.28 5.39 18.65
CA ARG A 70 -0.52 4.25 19.58
C ARG A 70 -1.86 3.56 19.29
N GLY A 71 -1.84 2.26 19.18
CA GLY A 71 -3.10 1.50 18.94
C GLY A 71 -3.65 1.04 20.28
N ASP A 72 -4.72 0.28 20.28
CA ASP A 72 -5.28 -0.20 21.57
C ASP A 72 -4.50 -1.41 22.09
N PHE A 73 -3.50 -1.86 21.38
CA PHE A 73 -2.72 -3.04 21.86
C PHE A 73 -1.21 -2.81 21.68
N ASP A 74 -0.77 -1.57 21.67
CA ASP A 74 0.69 -1.31 21.52
C ASP A 74 1.41 -1.46 22.86
N GLU A 75 2.51 -2.15 22.88
CA GLU A 75 3.26 -2.31 24.17
C GLU A 75 3.87 -0.97 24.59
N ASN A 76 4.49 -0.29 23.67
CA ASN A 76 5.10 1.03 23.99
C ASN A 76 4.02 2.10 24.14
N LEU A 77 3.93 2.70 25.30
CA LEU A 77 2.91 3.76 25.52
C LEU A 77 3.45 5.13 25.08
N ASN A 78 4.66 5.19 24.61
CA ASN A 78 5.24 6.49 24.19
C ASN A 78 4.66 6.94 22.83
N TYR A 79 3.84 6.13 22.20
CA TYR A 79 3.26 6.56 20.91
C TYR A 79 2.14 7.58 21.16
N PRO A 80 1.99 8.49 20.22
CA PRO A 80 0.96 9.56 20.37
C PRO A 80 -0.44 9.01 20.06
N GLU A 81 -1.44 9.41 20.80
CA GLU A 81 -2.83 8.93 20.53
C GLU A 81 -3.22 9.30 19.10
N GLN A 82 -2.83 10.47 18.67
CA GLN A 82 -3.14 10.91 17.27
C GLN A 82 -2.08 11.91 16.82
N LYS A 83 -1.78 11.98 15.55
CA LYS A 83 -0.73 12.93 15.08
C LYS A 83 -1.09 13.55 13.73
N VAL A 84 -0.70 14.77 13.51
CA VAL A 84 -0.98 15.43 12.21
C VAL A 84 0.34 15.68 11.47
N VAL A 85 0.56 15.01 10.37
CA VAL A 85 1.82 15.21 9.61
C VAL A 85 1.53 15.82 8.24
N THR A 86 2.25 16.85 7.87
CA THR A 86 2.01 17.49 6.56
C THR A 86 2.92 16.86 5.50
N VAL A 87 2.37 16.47 4.38
CA VAL A 87 3.19 15.85 3.30
C VAL A 87 3.05 16.69 2.03
N GLY A 88 3.86 17.70 1.87
CA GLY A 88 3.77 18.56 0.65
C GLY A 88 2.60 19.53 0.83
N GLN A 89 1.63 19.45 -0.04
CA GLN A 89 0.46 20.38 0.07
C GLN A 89 -0.67 19.72 0.88
N PHE A 90 -0.52 18.49 1.25
CA PHE A 90 -1.61 17.80 2.01
C PHE A 90 -1.38 17.78 3.52
N LYS A 91 -2.43 18.04 4.27
CA LYS A 91 -2.34 17.98 5.76
C LYS A 91 -3.04 16.70 6.20
N ILE A 92 -2.30 15.71 6.62
CA ILE A 92 -2.94 14.42 6.99
C ILE A 92 -2.95 14.18 8.50
N GLY A 93 -4.03 13.63 9.00
CA GLY A 93 -4.14 13.34 10.45
C GLY A 93 -3.95 11.84 10.65
N LEU A 94 -3.60 11.40 11.84
CA LEU A 94 -3.41 9.94 12.03
C LEU A 94 -3.95 9.46 13.38
N ILE A 95 -4.72 8.40 13.39
CA ILE A 95 -5.26 7.86 14.67
C ILE A 95 -5.60 6.38 14.49
N HIS A 96 -5.50 5.58 15.53
CA HIS A 96 -5.82 4.14 15.38
C HIS A 96 -7.27 3.95 14.95
N GLY A 97 -8.20 4.41 15.75
CA GLY A 97 -9.63 4.26 15.38
C GLY A 97 -10.45 3.76 16.58
N HIS A 98 -9.82 3.05 17.49
CA HIS A 98 -10.58 2.53 18.67
C HIS A 98 -11.14 3.72 19.49
N GLN A 99 -10.61 4.90 19.28
CA GLN A 99 -11.13 6.09 20.02
C GLN A 99 -12.33 6.68 19.29
N VAL A 100 -12.65 6.18 18.11
CA VAL A 100 -13.81 6.73 17.35
C VAL A 100 -15.03 5.84 17.56
N ILE A 101 -16.04 6.36 18.23
CA ILE A 101 -17.27 5.55 18.48
C ILE A 101 -18.46 6.13 17.70
N PRO A 102 -19.15 5.29 16.97
CA PRO A 102 -18.80 3.86 16.89
C PRO A 102 -17.51 3.63 16.09
N TRP A 103 -16.84 2.54 16.37
CA TRP A 103 -15.53 2.21 15.75
C TRP A 103 -15.43 2.57 14.24
N GLY A 104 -16.29 2.06 13.40
CA GLY A 104 -16.14 2.37 11.94
C GLY A 104 -17.25 3.30 11.42
N ASP A 105 -17.71 4.22 12.22
CA ASP A 105 -18.77 5.15 11.73
C ASP A 105 -18.16 6.26 10.87
N MET A 106 -18.75 6.55 9.75
CA MET A 106 -18.20 7.63 8.89
C MET A 106 -18.51 9.00 9.52
N ALA A 107 -19.69 9.15 10.06
CA ALA A 107 -20.06 10.44 10.71
C ALA A 107 -19.10 10.72 11.87
N SER A 108 -18.74 9.71 12.61
CA SER A 108 -17.80 9.93 13.74
C SER A 108 -16.43 10.30 13.18
N LEU A 109 -16.00 9.66 12.13
CA LEU A 109 -14.68 10.00 11.52
C LEU A 109 -14.74 11.43 10.99
N ALA A 110 -15.82 11.80 10.35
CA ALA A 110 -15.94 13.18 9.81
C ALA A 110 -15.88 14.18 10.96
N LEU A 111 -16.60 13.91 12.03
CA LEU A 111 -16.57 14.83 13.20
C LEU A 111 -15.11 14.99 13.67
N LEU A 112 -14.34 13.94 13.58
CA LEU A 112 -12.91 14.03 14.00
C LEU A 112 -12.13 14.85 12.98
N GLN A 113 -12.48 14.75 11.72
CA GLN A 113 -11.75 15.53 10.68
C GLN A 113 -11.84 17.03 10.98
N ARG A 114 -13.01 17.49 11.33
CA ARG A 114 -13.17 18.94 11.67
C ARG A 114 -12.17 19.35 12.75
N GLN A 115 -12.21 18.69 13.87
CA GLN A 115 -11.26 19.02 14.98
C GLN A 115 -9.82 18.99 14.48
N PHE A 116 -9.45 17.98 13.74
CA PHE A 116 -8.05 17.88 13.23
C PHE A 116 -7.78 18.91 12.12
N ASP A 117 -8.79 19.28 11.38
CA ASP A 117 -8.58 20.26 10.27
C ASP A 117 -7.58 19.70 9.26
N VAL A 118 -7.75 18.47 8.85
CA VAL A 118 -6.81 17.86 7.86
C VAL A 118 -7.53 17.58 6.55
N ASP A 119 -6.79 17.51 5.46
CA ASP A 119 -7.43 17.21 4.14
C ASP A 119 -7.67 15.71 4.03
N ILE A 120 -6.79 14.93 4.62
CA ILE A 120 -6.94 13.45 4.56
C ILE A 120 -6.86 12.85 5.97
N LEU A 121 -7.67 11.86 6.27
CA LEU A 121 -7.62 11.25 7.63
C LEU A 121 -7.29 9.76 7.51
N ILE A 122 -6.25 9.31 8.15
CA ILE A 122 -5.88 7.86 8.07
C ILE A 122 -6.24 7.16 9.38
N SER A 123 -6.90 6.04 9.30
CA SER A 123 -7.27 5.30 10.54
C SER A 123 -7.53 3.82 10.23
N GLY A 124 -7.48 2.97 11.23
CA GLY A 124 -7.71 1.52 10.98
C GLY A 124 -8.62 0.94 12.06
N HIS A 125 -8.14 -0.05 12.80
CA HIS A 125 -8.94 -0.70 13.90
C HIS A 125 -10.02 -1.64 13.32
N THR A 126 -10.61 -1.32 12.20
CA THR A 126 -11.66 -2.21 11.62
C THR A 126 -11.05 -3.30 10.72
N HIS A 127 -9.79 -3.21 10.42
CA HIS A 127 -9.15 -4.24 9.55
C HIS A 127 -9.89 -4.36 8.22
N LYS A 128 -10.58 -3.32 7.81
CA LYS A 128 -11.30 -3.36 6.50
C LYS A 128 -10.82 -2.19 5.63
N PHE A 129 -10.18 -2.47 4.53
CA PHE A 129 -9.69 -1.37 3.66
C PHE A 129 -10.86 -0.44 3.28
N GLU A 130 -10.62 0.85 3.31
CA GLU A 130 -11.69 1.80 2.96
C GLU A 130 -11.09 3.10 2.39
N ALA A 131 -11.47 3.45 1.19
CA ALA A 131 -10.94 4.70 0.57
C ALA A 131 -12.07 5.46 -0.13
N PHE A 132 -12.62 6.45 0.52
CA PHE A 132 -13.73 7.23 -0.11
C PHE A 132 -13.62 8.73 0.21
N GLU A 133 -14.37 9.55 -0.47
CA GLU A 133 -14.32 11.02 -0.23
C GLU A 133 -15.62 11.49 0.43
N HIS A 134 -15.54 12.47 1.31
CA HIS A 134 -16.78 12.97 1.98
C HIS A 134 -16.68 14.48 2.26
N GLU A 135 -17.55 15.25 1.67
CA GLU A 135 -17.55 16.72 1.89
C GLU A 135 -16.16 17.32 1.62
N ASN A 136 -15.67 17.14 0.42
CA ASN A 136 -14.33 17.70 0.02
C ASN A 136 -13.18 17.16 0.89
N LYS A 137 -13.40 16.10 1.61
CA LYS A 137 -12.30 15.53 2.45
C LYS A 137 -12.07 14.06 2.09
N PHE A 138 -10.88 13.56 2.31
CA PHE A 138 -10.61 12.14 1.95
C PHE A 138 -10.36 11.29 3.20
N TYR A 139 -10.86 10.09 3.20
CA TYR A 139 -10.65 9.18 4.35
C TYR A 139 -10.00 7.89 3.85
N ILE A 140 -8.99 7.41 4.53
CA ILE A 140 -8.31 6.16 4.06
C ILE A 140 -8.07 5.17 5.20
N ASN A 141 -8.34 3.92 4.95
CA ASN A 141 -8.09 2.87 5.98
C ASN A 141 -7.33 1.72 5.30
N PRO A 142 -6.08 1.58 5.64
CA PRO A 142 -5.24 0.52 5.01
C PRO A 142 -5.73 -0.88 5.42
N GLY A 143 -6.30 -1.02 6.59
CA GLY A 143 -6.79 -2.36 7.01
C GLY A 143 -5.68 -3.10 7.78
N SER A 144 -5.54 -4.38 7.55
CA SER A 144 -4.48 -5.14 8.27
C SER A 144 -3.46 -5.72 7.28
N ALA A 145 -2.26 -5.23 7.30
CA ALA A 145 -1.21 -5.74 6.36
C ALA A 145 -1.01 -7.24 6.56
N THR A 146 -1.40 -7.77 7.70
CA THR A 146 -1.22 -9.23 7.95
C THR A 146 -2.58 -9.92 8.06
N GLY A 147 -3.65 -9.26 7.66
CA GLY A 147 -4.99 -9.90 7.75
C GLY A 147 -5.23 -10.34 9.20
N ALA A 148 -4.76 -9.57 10.14
CA ALA A 148 -4.93 -9.95 11.58
C ALA A 148 -6.40 -10.29 11.88
N TYR A 149 -6.61 -11.21 12.77
CA TYR A 149 -8.00 -11.64 13.12
C TYR A 149 -8.79 -10.49 13.77
N ASN A 150 -10.09 -10.51 13.59
CA ASN A 150 -10.96 -9.46 14.19
C ASN A 150 -12.34 -10.08 14.48
N ALA A 151 -12.70 -10.14 15.73
CA ALA A 151 -14.01 -10.75 16.12
C ALA A 151 -15.21 -10.20 15.33
N LEU A 152 -15.16 -8.97 14.88
CA LEU A 152 -16.33 -8.42 14.13
C LEU A 152 -16.39 -8.91 12.68
N GLU A 153 -15.27 -9.22 12.08
CA GLU A 153 -15.30 -9.71 10.68
C GLU A 153 -14.60 -11.06 10.58
N THR A 154 -15.33 -12.09 10.22
CA THR A 154 -14.73 -13.46 10.12
C THR A 154 -13.88 -13.59 8.85
N ASN A 155 -14.04 -12.70 7.91
CA ASN A 155 -13.23 -12.81 6.66
C ASN A 155 -12.37 -11.55 6.48
N ILE A 156 -11.14 -11.59 6.94
CA ILE A 156 -10.26 -10.41 6.79
C ILE A 156 -9.30 -10.60 5.63
N ILE A 157 -9.07 -9.56 4.88
CA ILE A 157 -8.11 -9.65 3.75
C ILE A 157 -6.89 -8.77 4.05
N PRO A 158 -5.73 -9.38 4.08
CA PRO A 158 -4.49 -8.61 4.39
C PRO A 158 -4.21 -7.61 3.27
N SER A 159 -3.89 -6.38 3.59
CA SER A 159 -3.62 -5.39 2.51
C SER A 159 -2.98 -4.11 3.04
N PHE A 160 -2.25 -3.42 2.20
CA PHE A 160 -1.62 -2.13 2.61
C PHE A 160 -1.77 -1.12 1.46
N VAL A 161 -1.67 0.14 1.74
CA VAL A 161 -1.90 1.14 0.65
C VAL A 161 -0.73 2.13 0.48
N LEU A 162 -0.37 2.36 -0.76
CA LEU A 162 0.71 3.35 -1.07
C LEU A 162 0.06 4.61 -1.65
N MET A 163 0.46 5.77 -1.21
CA MET A 163 -0.17 7.01 -1.75
C MET A 163 0.85 7.82 -2.55
N ASP A 164 0.59 8.05 -3.80
CA ASP A 164 1.54 8.85 -4.63
C ASP A 164 1.07 10.30 -4.71
N ILE A 165 1.84 11.23 -4.20
CA ILE A 165 1.43 12.65 -4.24
C ILE A 165 2.36 13.47 -5.14
N GLN A 166 1.80 14.14 -6.12
CA GLN A 166 2.63 14.98 -7.03
C GLN A 166 2.52 16.44 -6.61
N ALA A 167 1.31 16.95 -6.54
CA ALA A 167 1.09 18.36 -6.13
C ALA A 167 -0.42 18.64 -6.05
N SER A 168 -0.94 18.78 -4.85
CA SER A 168 -2.41 19.03 -4.69
C SER A 168 -3.21 17.87 -5.31
N THR A 169 -2.56 16.80 -5.67
CA THR A 169 -3.28 15.63 -6.25
C THR A 169 -2.67 14.35 -5.68
N VAL A 170 -3.48 13.42 -5.23
CA VAL A 170 -2.91 12.18 -4.66
C VAL A 170 -3.57 10.94 -5.25
N VAL A 171 -2.80 9.94 -5.55
CA VAL A 171 -3.36 8.67 -6.08
C VAL A 171 -3.05 7.56 -5.08
N THR A 172 -4.05 6.85 -4.64
CA THR A 172 -3.78 5.78 -3.64
C THR A 172 -3.91 4.40 -4.27
N TYR A 173 -2.97 3.55 -3.96
CA TYR A 173 -3.01 2.17 -4.51
C TYR A 173 -3.23 1.19 -3.35
N VAL A 174 -4.22 0.35 -3.46
CA VAL A 174 -4.48 -0.62 -2.37
C VAL A 174 -4.17 -2.03 -2.84
N TYR A 175 -3.43 -2.78 -2.07
CA TYR A 175 -3.11 -4.17 -2.49
C TYR A 175 -3.84 -5.16 -1.60
N GLN A 176 -4.74 -5.92 -2.16
CA GLN A 176 -5.48 -6.92 -1.36
C GLN A 176 -4.98 -8.31 -1.73
N LEU A 177 -4.77 -9.15 -0.76
CA LEU A 177 -4.30 -10.52 -1.07
C LEU A 177 -5.50 -11.45 -1.19
N ILE A 178 -5.99 -11.63 -2.38
CA ILE A 178 -7.15 -12.54 -2.58
C ILE A 178 -6.68 -13.80 -3.28
N GLY A 179 -6.93 -14.95 -2.70
CA GLY A 179 -6.45 -16.21 -3.32
C GLY A 179 -4.92 -16.22 -3.28
N ASP A 180 -4.27 -16.53 -4.36
CA ASP A 180 -2.79 -16.55 -4.37
C ASP A 180 -2.24 -15.25 -4.98
N ASP A 181 -2.75 -14.86 -6.11
CA ASP A 181 -2.26 -13.60 -6.77
C ASP A 181 -2.74 -12.38 -5.98
N VAL A 182 -2.05 -11.27 -6.12
CA VAL A 182 -2.47 -10.05 -5.38
C VAL A 182 -3.20 -9.10 -6.34
N LYS A 183 -4.37 -8.65 -5.98
CA LYS A 183 -5.13 -7.72 -6.86
C LYS A 183 -4.88 -6.28 -6.42
N VAL A 184 -4.88 -5.35 -7.35
CA VAL A 184 -4.63 -3.94 -6.97
C VAL A 184 -5.70 -3.01 -7.58
N GLU A 185 -6.12 -2.02 -6.83
CA GLU A 185 -7.13 -1.06 -7.34
C GLU A 185 -6.56 0.36 -7.30
N ARG A 186 -6.98 1.22 -8.19
CA ARG A 186 -6.42 2.60 -8.20
C ARG A 186 -7.48 3.65 -7.90
N ILE A 187 -7.22 4.49 -6.93
CA ILE A 187 -8.19 5.57 -6.58
C ILE A 187 -7.47 6.92 -6.59
N GLU A 188 -8.03 7.93 -7.23
CA GLU A 188 -7.33 9.25 -7.28
C GLU A 188 -8.13 10.32 -6.54
N TYR A 189 -7.44 11.19 -5.83
CA TYR A 189 -8.13 12.28 -5.08
C TYR A 189 -7.33 13.59 -5.22
N LYS A 190 -8.01 14.69 -5.35
CA LYS A 190 -7.29 16.00 -5.48
C LYS A 190 -8.00 17.08 -4.66
N LYS A 191 -7.26 18.01 -4.12
CA LYS A 191 -7.90 19.10 -3.31
C LYS A 191 -9.06 19.74 -4.08
N SER A 192 -8.93 19.84 -5.38
CA SER A 192 -10.03 20.45 -6.18
C SER A 192 -11.14 19.43 -6.44
N GLY B 1 41.13 17.84 -45.91
CA GLY B 1 40.35 18.93 -45.25
C GLY B 1 38.87 18.82 -45.66
N PRO B 2 38.21 17.82 -45.15
CA PRO B 2 36.78 17.61 -45.46
C PRO B 2 35.92 18.71 -44.83
N LEU B 3 36.45 19.40 -43.84
CA LEU B 3 35.66 20.49 -43.18
C LEU B 3 34.26 19.99 -42.78
N GLY B 4 33.43 20.87 -42.32
CA GLY B 4 32.05 20.45 -41.91
C GLY B 4 31.11 20.53 -43.11
N SER B 5 31.49 19.97 -44.23
CA SER B 5 30.61 20.03 -45.43
C SER B 5 29.28 19.33 -45.14
N THR B 6 29.27 18.37 -44.26
CA THR B 6 28.01 17.66 -43.93
C THR B 6 27.23 18.42 -42.85
N GLU B 7 25.95 18.59 -43.02
CA GLU B 7 25.16 19.32 -42.00
C GLU B 7 23.82 18.62 -41.76
N GLU B 8 23.06 18.40 -42.80
CA GLU B 8 21.74 17.73 -42.64
C GLU B 8 21.92 16.31 -42.08
N ASP B 9 22.96 15.63 -42.49
CA ASP B 9 23.18 14.24 -41.99
C ASP B 9 24.09 14.24 -40.75
N LEU B 10 23.54 13.91 -39.61
CA LEU B 10 24.38 13.89 -38.36
C LEU B 10 24.39 12.47 -37.78
N GLU B 11 25.54 11.97 -37.44
CA GLU B 11 25.61 10.60 -36.86
C GLU B 11 26.46 10.59 -35.59
N ASP B 12 25.97 10.00 -34.53
CA ASP B 12 26.75 9.94 -33.27
C ASP B 12 27.09 8.50 -32.92
N ALA B 13 28.27 8.25 -32.41
CA ALA B 13 28.64 6.85 -32.05
C ALA B 13 28.68 6.69 -30.52
N GLU B 14 28.14 5.61 -30.02
CA GLU B 14 28.15 5.38 -28.55
C GLU B 14 28.81 4.03 -28.22
N ASP B 15 29.78 4.02 -27.35
CA ASP B 15 30.46 2.73 -27.01
C ASP B 15 29.98 2.21 -25.65
N THR B 16 28.98 2.83 -25.07
CA THR B 16 28.47 2.36 -23.75
C THR B 16 26.98 2.03 -23.84
N VAL B 17 26.56 0.97 -23.22
CA VAL B 17 25.12 0.59 -23.26
C VAL B 17 24.53 0.55 -21.85
N SER B 18 23.35 1.06 -21.67
CA SER B 18 22.72 1.06 -20.32
C SER B 18 21.48 0.16 -20.31
N ALA B 19 21.17 -0.43 -19.19
CA ALA B 19 19.97 -1.32 -19.11
C ALA B 19 18.70 -0.53 -19.40
N ALA B 20 17.73 -1.16 -20.03
CA ALA B 20 16.46 -0.44 -20.34
C ALA B 20 15.71 -0.11 -19.04
N ASP B 21 14.86 0.87 -19.08
CA ASP B 21 14.10 1.25 -17.85
C ASP B 21 12.65 0.74 -17.96
N PRO B 22 12.41 -0.40 -17.36
CA PRO B 22 11.05 -1.00 -17.39
C PRO B 22 10.08 -0.17 -16.52
N GLU B 23 8.81 -0.25 -16.80
CA GLU B 23 7.81 0.52 -16.00
C GLU B 23 7.19 -0.37 -14.93
N PHE B 24 6.73 0.22 -13.86
CA PHE B 24 6.11 -0.58 -12.76
C PHE B 24 4.58 -0.47 -12.79
N CYS B 25 3.91 -1.53 -12.41
CA CYS B 25 2.41 -1.49 -12.39
C CYS B 25 1.97 -0.41 -11.40
N HIS B 26 2.64 -0.33 -10.31
CA HIS B 26 2.34 0.68 -9.26
C HIS B 26 3.53 0.72 -8.30
N PRO B 27 3.44 1.53 -7.27
CA PRO B 27 4.58 1.59 -6.32
C PRO B 27 4.80 0.21 -5.69
N LEU B 28 6.03 -0.23 -5.64
CA LEU B 28 6.35 -1.58 -5.05
C LEU B 28 5.82 -2.74 -5.90
N CYS B 29 6.21 -2.88 -7.14
CA CYS B 29 5.70 -4.04 -7.92
C CYS B 29 6.84 -4.61 -8.76
N GLN B 30 7.72 -5.34 -8.11
CA GLN B 30 8.86 -5.97 -8.84
C GLN B 30 8.39 -7.30 -9.44
N CYS B 31 7.11 -7.43 -9.57
CA CYS B 31 6.49 -8.67 -10.14
C CYS B 31 7.23 -9.20 -11.37
N PRO B 32 6.80 -10.37 -11.78
CA PRO B 32 7.35 -10.98 -12.99
C PRO B 32 6.84 -10.22 -14.21
N LYS B 33 5.54 -10.14 -14.32
CA LYS B 33 4.91 -9.41 -15.45
C LYS B 33 3.48 -9.02 -15.07
N CYS B 34 2.94 -9.62 -14.02
CA CYS B 34 1.50 -9.34 -13.68
C CYS B 34 0.67 -9.66 -14.92
N ALA B 35 1.16 -10.55 -15.73
CA ALA B 35 0.45 -10.94 -16.98
C ALA B 35 -0.77 -11.81 -16.65
N PRO B 36 -1.77 -11.73 -17.49
CA PRO B 36 -3.01 -12.51 -17.29
C PRO B 36 -2.75 -14.01 -17.50
N ALA B 37 -1.66 -14.34 -18.15
CA ALA B 37 -1.35 -15.79 -18.40
C ALA B 37 -1.23 -16.53 -17.07
N GLN B 38 -1.63 -17.77 -17.05
CA GLN B 38 -1.53 -18.57 -15.79
C GLN B 38 -0.45 -19.64 -15.92
N LYS B 39 0.01 -20.15 -14.81
CA LYS B 39 1.08 -21.20 -14.86
C LYS B 39 0.50 -22.54 -15.33
N ARG B 40 1.28 -23.32 -16.02
CA ARG B 40 0.79 -24.64 -16.51
C ARG B 40 1.57 -25.77 -15.86
N LEU B 41 0.98 -26.93 -15.75
CA LEU B 41 1.69 -28.08 -15.13
C LEU B 41 2.41 -28.91 -16.21
N ALA B 42 3.70 -29.07 -16.10
CA ALA B 42 4.46 -29.85 -17.11
C ALA B 42 5.83 -30.22 -16.55
N LYS B 43 6.43 -31.27 -17.08
CA LYS B 43 7.78 -31.68 -16.58
C LYS B 43 8.75 -31.78 -17.75
N VAL B 44 9.81 -31.01 -17.75
CA VAL B 44 10.80 -31.06 -18.86
C VAL B 44 12.19 -30.65 -18.35
N PRO B 45 13.19 -31.41 -18.72
CA PRO B 45 14.58 -31.12 -18.29
C PRO B 45 15.10 -29.86 -18.99
N ALA B 46 15.93 -29.10 -18.32
CA ALA B 46 16.48 -27.86 -18.96
C ALA B 46 17.41 -28.24 -20.11
N SER B 47 17.33 -27.51 -21.19
CA SER B 47 18.21 -27.82 -22.36
C SER B 47 19.14 -26.64 -22.66
N GLY B 48 19.49 -25.88 -21.67
CA GLY B 48 20.39 -24.69 -21.90
C GLY B 48 21.63 -25.11 -22.69
N LEU B 49 22.07 -26.34 -22.55
CA LEU B 49 23.29 -26.79 -23.29
C LEU B 49 23.06 -26.71 -24.80
N GLY B 50 21.87 -26.99 -25.27
CA GLY B 50 21.63 -26.93 -26.74
C GLY B 50 20.24 -26.33 -27.00
N VAL B 51 19.98 -25.94 -28.22
CA VAL B 51 18.64 -25.34 -28.52
C VAL B 51 17.94 -26.13 -29.64
N ASN B 52 16.69 -26.46 -29.44
CA ASN B 52 15.94 -27.23 -30.48
C ASN B 52 14.54 -26.63 -30.66
N VAL B 53 14.44 -25.50 -31.30
CA VAL B 53 13.11 -24.86 -31.49
C VAL B 53 12.90 -24.50 -32.97
N THR B 54 11.68 -24.30 -33.37
CA THR B 54 11.39 -23.96 -34.79
C THR B 54 12.07 -24.95 -35.75
N SER B 55 12.31 -26.14 -35.28
CA SER B 55 12.97 -27.16 -36.15
C SER B 55 12.46 -28.55 -35.79
N GLN B 56 12.39 -29.45 -36.75
CA GLN B 56 11.89 -30.82 -36.46
C GLN B 56 13.08 -31.77 -36.29
N ASP B 57 13.39 -32.14 -35.08
CA ASP B 57 14.53 -33.07 -34.84
C ASP B 57 14.14 -34.15 -33.83
N GLY B 58 14.57 -35.36 -34.04
CA GLY B 58 14.23 -36.45 -33.08
C GLY B 58 15.31 -36.55 -32.02
N SER B 59 15.22 -37.52 -31.14
CA SER B 59 16.24 -37.66 -30.07
C SER B 59 17.59 -38.04 -30.70
N SER B 60 18.65 -37.94 -29.94
CA SER B 60 20.00 -38.27 -30.49
C SER B 60 19.98 -39.70 -31.06
N TRP B 61 19.23 -40.58 -30.47
CA TRP B 61 19.16 -41.98 -30.98
C TRP B 61 18.51 -42.01 -32.37
N GLY A 1 31.98 11.50 -3.22
CA GLY A 1 30.57 11.74 -2.79
C GLY A 1 29.61 11.12 -3.81
N SER A 2 28.34 11.38 -3.67
CA SER A 2 27.35 10.81 -4.63
C SER A 2 26.78 11.90 -5.53
N PRO A 3 27.07 11.82 -6.80
CA PRO A 3 26.57 12.82 -7.77
C PRO A 3 25.05 12.69 -7.92
N GLU A 4 24.34 13.79 -8.03
CA GLU A 4 22.86 13.71 -8.17
C GLU A 4 22.41 14.32 -9.50
N PHE A 5 21.64 13.59 -10.26
CA PHE A 5 21.16 14.13 -11.57
C PHE A 5 19.98 15.08 -11.36
N GLY A 6 19.04 14.71 -10.52
CA GLY A 6 17.86 15.59 -10.28
C GLY A 6 16.95 14.97 -9.22
N THR A 7 15.88 15.64 -8.88
CA THR A 7 14.93 15.09 -7.86
C THR A 7 13.49 15.14 -8.37
N ARG A 8 12.60 14.44 -7.71
CA ARG A 8 11.17 14.46 -8.15
C ARG A 8 10.30 15.13 -7.08
N ASP A 9 9.48 16.07 -7.46
CA ASP A 9 8.62 16.76 -6.46
C ASP A 9 7.60 15.80 -5.84
N ARG A 10 7.11 14.87 -6.61
CA ARG A 10 6.10 13.89 -6.07
C ARG A 10 6.76 12.93 -5.08
N MET A 11 6.04 12.50 -4.07
CA MET A 11 6.63 11.55 -3.09
C MET A 11 5.64 10.41 -2.77
N LEU A 12 6.13 9.20 -2.74
CA LEU A 12 5.24 8.03 -2.47
C LEU A 12 5.24 7.73 -0.96
N VAL A 13 4.07 7.57 -0.38
CA VAL A 13 4.00 7.26 1.09
C VAL A 13 3.34 5.90 1.32
N LEU A 14 3.85 5.13 2.25
CA LEU A 14 3.27 3.80 2.53
C LEU A 14 2.35 3.86 3.76
N VAL A 15 1.16 3.33 3.65
CA VAL A 15 0.22 3.34 4.81
C VAL A 15 -0.20 1.91 5.18
N LEU A 16 -0.08 1.55 6.43
CA LEU A 16 -0.48 0.19 6.86
C LEU A 16 -0.60 0.13 8.38
N GLY A 17 -0.89 -1.02 8.93
CA GLY A 17 -1.02 -1.13 10.42
C GLY A 17 -1.87 -2.35 10.78
N ASP A 18 -2.15 -2.52 12.05
CA ASP A 18 -2.96 -3.67 12.53
C ASP A 18 -2.26 -4.98 12.18
N LEU A 19 -0.97 -4.99 12.34
CA LEU A 19 -0.19 -6.24 12.07
C LEU A 19 -0.49 -7.22 13.21
N HIS A 20 -0.64 -6.69 14.39
CA HIS A 20 -0.95 -7.53 15.60
C HIS A 20 0.09 -8.63 15.79
N ILE A 21 1.35 -8.33 15.61
CA ILE A 21 2.41 -9.35 15.82
C ILE A 21 3.05 -9.13 17.20
N PRO A 22 3.28 -10.20 17.93
CA PRO A 22 2.94 -11.57 17.53
C PRO A 22 1.61 -12.01 18.16
N HIS A 23 0.77 -11.07 18.49
CA HIS A 23 -0.53 -11.42 19.14
C HIS A 23 -1.40 -12.32 18.25
N ARG A 24 -1.56 -11.98 17.00
CA ARG A 24 -2.43 -12.81 16.12
C ARG A 24 -1.67 -13.26 14.86
N CYS A 25 -0.62 -12.57 14.51
CA CYS A 25 0.15 -12.97 13.28
C CYS A 25 1.66 -12.97 13.59
N ASN A 26 2.43 -13.68 12.82
CA ASN A 26 3.91 -13.71 13.08
C ASN A 26 4.65 -12.80 12.09
N SER A 27 4.04 -12.45 10.99
CA SER A 27 4.73 -11.57 10.00
C SER A 27 3.78 -11.17 8.87
N LEU A 28 4.25 -10.39 7.95
CA LEU A 28 3.38 -9.98 6.80
C LEU A 28 3.31 -11.15 5.82
N PRO A 29 2.33 -11.11 4.94
CA PRO A 29 2.18 -12.21 3.95
C PRO A 29 3.41 -12.27 3.03
N ALA A 30 3.81 -13.46 2.66
CA ALA A 30 5.04 -13.65 1.81
C ALA A 30 5.07 -12.72 0.59
N LYS A 31 4.07 -12.75 -0.25
CA LYS A 31 4.11 -11.88 -1.46
C LYS A 31 4.26 -10.40 -1.10
N PHE A 32 3.66 -9.96 -0.04
CA PHE A 32 3.78 -8.52 0.34
C PHE A 32 5.22 -8.16 0.69
N LYS A 33 5.93 -9.04 1.36
CA LYS A 33 7.34 -8.72 1.70
C LYS A 33 8.10 -8.43 0.40
N LYS A 34 7.81 -9.17 -0.63
CA LYS A 34 8.48 -8.93 -1.93
C LYS A 34 8.00 -7.59 -2.52
N LEU A 35 6.75 -7.24 -2.28
CA LEU A 35 6.21 -5.95 -2.80
C LEU A 35 6.91 -4.76 -2.13
N LEU A 36 7.18 -4.86 -0.85
CA LEU A 36 7.83 -3.72 -0.13
C LEU A 36 9.36 -3.79 -0.26
N VAL A 37 9.97 -2.68 -0.59
CA VAL A 37 11.46 -2.66 -0.74
C VAL A 37 12.00 -1.27 -0.33
N PRO A 38 13.17 -1.26 0.26
CA PRO A 38 13.79 0.03 0.68
C PRO A 38 14.25 0.83 -0.54
N GLY A 39 14.21 2.13 -0.44
CA GLY A 39 14.65 2.98 -1.59
C GLY A 39 13.45 3.35 -2.46
N LYS A 40 12.33 2.74 -2.23
CA LYS A 40 11.12 3.05 -3.05
C LYS A 40 10.14 3.93 -2.26
N ILE A 41 10.19 3.88 -0.97
CA ILE A 41 9.24 4.69 -0.16
C ILE A 41 9.98 5.77 0.64
N GLN A 42 9.50 6.98 0.58
CA GLN A 42 10.17 8.09 1.33
C GLN A 42 9.41 8.39 2.63
N HIS A 43 8.15 8.05 2.69
CA HIS A 43 7.36 8.32 3.93
C HIS A 43 6.48 7.11 4.30
N ILE A 44 6.41 6.80 5.58
CA ILE A 44 5.57 5.64 6.00
C ILE A 44 4.63 6.05 7.15
N LEU A 45 3.35 5.88 6.97
CA LEU A 45 2.39 6.22 8.06
C LEU A 45 1.80 4.92 8.62
N CYS A 46 1.83 4.76 9.92
CA CYS A 46 1.28 3.51 10.51
C CYS A 46 0.14 3.83 11.47
N THR A 47 -0.98 3.17 11.31
CA THR A 47 -2.15 3.44 12.20
C THR A 47 -2.29 2.34 13.25
N GLY A 48 -2.53 1.14 12.81
CA GLY A 48 -2.70 0.00 13.76
C GLY A 48 -1.48 -0.17 14.66
N ASN A 49 -1.63 -0.88 15.74
CA ASN A 49 -0.49 -1.09 16.67
C ASN A 49 0.51 -2.07 16.07
N LEU A 50 1.77 -1.92 16.39
CA LEU A 50 2.82 -2.84 15.82
C LEU A 50 2.48 -4.32 16.10
N CYS A 51 2.43 -4.76 17.34
CA CYS A 51 2.70 -3.88 18.52
C CYS A 51 4.15 -4.07 19.00
N THR A 52 4.74 -5.18 18.68
CA THR A 52 6.15 -5.45 19.13
C THR A 52 7.14 -4.51 18.44
N LYS A 53 8.14 -4.07 19.15
CA LYS A 53 9.14 -3.15 18.54
C LYS A 53 9.83 -3.83 17.35
N GLU A 54 9.90 -5.13 17.35
CA GLU A 54 10.55 -5.85 16.21
C GLU A 54 9.95 -5.38 14.88
N SER A 55 8.66 -5.19 14.84
CA SER A 55 8.01 -4.73 13.58
C SER A 55 8.46 -3.29 13.27
N TYR A 56 8.67 -2.49 14.29
CA TYR A 56 9.10 -1.09 14.05
C TYR A 56 10.43 -1.07 13.28
N ASP A 57 11.35 -1.91 13.66
CA ASP A 57 12.65 -1.95 12.94
C ASP A 57 12.42 -2.29 11.47
N TYR A 58 11.52 -3.19 11.19
CA TYR A 58 11.23 -3.56 9.78
C TYR A 58 10.69 -2.34 9.02
N LEU A 59 9.78 -1.61 9.62
CA LEU A 59 9.22 -0.42 8.94
C LEU A 59 10.33 0.61 8.70
N LYS A 60 11.22 0.76 9.64
CA LYS A 60 12.33 1.74 9.48
C LYS A 60 13.19 1.36 8.27
N THR A 61 13.32 0.09 8.01
CA THR A 61 14.15 -0.37 6.86
C THR A 61 13.55 0.13 5.53
N LEU A 62 12.25 0.05 5.37
CA LEU A 62 11.63 0.51 4.10
C LEU A 62 11.85 2.01 3.90
N ALA A 63 11.81 2.77 4.96
CA ALA A 63 12.03 4.25 4.83
C ALA A 63 12.62 4.83 6.12
N GLY A 64 13.31 5.92 6.01
CA GLY A 64 13.92 6.54 7.23
C GLY A 64 12.86 7.31 8.02
N ASP A 65 12.02 8.05 7.35
CA ASP A 65 10.96 8.83 8.06
C ASP A 65 9.72 7.96 8.28
N VAL A 66 9.45 7.59 9.50
CA VAL A 66 8.25 6.74 9.78
C VAL A 66 7.38 7.40 10.86
N HIS A 67 6.09 7.45 10.64
CA HIS A 67 5.18 8.07 11.64
C HIS A 67 4.21 7.01 12.18
N ILE A 68 4.14 6.84 13.46
CA ILE A 68 3.24 5.81 14.04
C ILE A 68 2.37 6.39 15.17
N VAL A 69 1.21 5.83 15.37
CA VAL A 69 0.31 6.30 16.46
C VAL A 69 0.03 5.12 17.41
N ARG A 70 -0.28 5.37 18.66
CA ARG A 70 -0.52 4.23 19.58
C ARG A 70 -1.86 3.54 19.30
N GLY A 71 -1.84 2.25 19.18
CA GLY A 71 -3.10 1.49 18.94
C GLY A 71 -3.65 1.03 20.28
N ASP A 72 -4.71 0.26 20.28
CA ASP A 72 -5.29 -0.22 21.58
C ASP A 72 -4.51 -1.43 22.10
N PHE A 73 -3.50 -1.87 21.39
CA PHE A 73 -2.72 -3.05 21.85
C PHE A 73 -1.22 -2.83 21.68
N ASP A 74 -0.78 -1.61 21.67
CA ASP A 74 0.68 -1.34 21.52
C ASP A 74 1.40 -1.48 22.86
N GLU A 75 2.51 -2.18 22.89
CA GLU A 75 3.25 -2.35 24.17
C GLU A 75 3.86 -1.00 24.60
N ASN A 76 4.48 -0.32 23.69
CA ASN A 76 5.10 0.99 24.01
C ASN A 76 4.02 2.07 24.15
N LEU A 77 3.93 2.66 25.31
CA LEU A 77 2.91 3.73 25.54
C LEU A 77 3.44 5.10 25.10
N ASN A 78 4.66 5.15 24.63
CA ASN A 78 5.24 6.46 24.21
C ASN A 78 4.67 6.91 22.86
N TYR A 79 3.85 6.11 22.23
CA TYR A 79 3.26 6.53 20.93
C TYR A 79 2.15 7.55 21.18
N PRO A 80 1.99 8.46 20.25
CA PRO A 80 0.97 9.53 20.39
C PRO A 80 -0.43 8.98 20.08
N GLU A 81 -1.42 9.40 20.82
CA GLU A 81 -2.81 8.91 20.55
C GLU A 81 -3.20 9.28 19.12
N GLN A 82 -2.82 10.46 18.68
CA GLN A 82 -3.13 10.89 17.29
C GLN A 82 -2.05 11.90 16.84
N LYS A 83 -1.77 11.97 15.57
CA LYS A 83 -0.71 12.92 15.11
C LYS A 83 -1.06 13.53 13.75
N VAL A 84 -0.67 14.75 13.53
CA VAL A 84 -0.95 15.42 12.23
C VAL A 84 0.37 15.67 11.50
N VAL A 85 0.58 15.00 10.39
CA VAL A 85 1.85 15.20 9.64
C VAL A 85 1.57 15.81 8.27
N THR A 86 2.29 16.84 7.91
CA THR A 86 2.06 17.48 6.59
C THR A 86 2.97 16.85 5.53
N VAL A 87 2.41 16.46 4.41
CA VAL A 87 3.24 15.85 3.34
C VAL A 87 3.09 16.68 2.06
N GLY A 88 3.92 17.69 1.91
CA GLY A 88 3.82 18.55 0.69
C GLY A 88 2.65 19.52 0.87
N GLN A 89 1.68 19.46 0.00
CA GLN A 89 0.51 20.37 0.11
C GLN A 89 -0.62 19.73 0.92
N PHE A 90 -0.47 18.49 1.29
CA PHE A 90 -1.57 17.80 2.04
C PHE A 90 -1.33 17.78 3.55
N LYS A 91 -2.37 18.04 4.30
CA LYS A 91 -2.28 17.98 5.79
C LYS A 91 -3.00 16.70 6.22
N ILE A 92 -2.25 15.71 6.65
CA ILE A 92 -2.90 14.42 7.01
C ILE A 92 -2.91 14.18 8.52
N GLY A 93 -3.99 13.63 9.02
CA GLY A 93 -4.10 13.34 10.47
C GLY A 93 -3.93 11.83 10.67
N LEU A 94 -3.58 11.40 11.85
CA LEU A 94 -3.38 9.93 12.05
C LEU A 94 -3.93 9.46 13.41
N ILE A 95 -4.70 8.39 13.40
CA ILE A 95 -5.24 7.86 14.68
C ILE A 95 -5.58 6.37 14.50
N HIS A 96 -5.48 5.58 15.54
CA HIS A 96 -5.81 4.13 15.38
C HIS A 96 -7.26 3.95 14.95
N GLY A 97 -8.19 4.41 15.76
CA GLY A 97 -9.62 4.27 15.39
C GLY A 97 -10.43 3.76 16.59
N HIS A 98 -9.82 3.04 17.49
CA HIS A 98 -10.58 2.53 18.67
C HIS A 98 -11.13 3.72 19.48
N GLN A 99 -10.61 4.89 19.28
CA GLN A 99 -11.12 6.08 20.03
C GLN A 99 -12.33 6.68 19.29
N VAL A 100 -12.64 6.18 18.12
CA VAL A 100 -13.79 6.73 17.35
C VAL A 100 -15.02 5.86 17.57
N ILE A 101 -16.03 6.37 18.22
CA ILE A 101 -17.26 5.55 18.47
C ILE A 101 -18.45 6.14 17.70
N PRO A 102 -19.14 5.30 16.95
CA PRO A 102 -18.79 3.87 16.87
C PRO A 102 -17.49 3.64 16.08
N TRP A 103 -16.83 2.55 16.37
CA TRP A 103 -15.52 2.22 15.73
C TRP A 103 -15.42 2.58 14.24
N GLY A 104 -16.28 2.07 13.39
CA GLY A 104 -16.13 2.39 11.93
C GLY A 104 -17.23 3.32 11.42
N ASP A 105 -17.70 4.24 12.21
CA ASP A 105 -18.76 5.17 11.72
C ASP A 105 -18.14 6.27 10.86
N MET A 106 -18.73 6.57 9.75
CA MET A 106 -18.17 7.66 8.89
C MET A 106 -18.48 9.01 9.53
N ALA A 107 -19.67 9.17 10.06
CA ALA A 107 -20.03 10.46 10.70
C ALA A 107 -19.08 10.74 11.87
N SER A 108 -18.71 9.72 12.61
CA SER A 108 -17.76 9.94 13.74
C SER A 108 -16.40 10.32 13.19
N LEU A 109 -15.98 9.67 12.13
CA LEU A 109 -14.66 10.01 11.53
C LEU A 109 -14.70 11.44 10.99
N ALA A 110 -15.79 11.81 10.35
CA ALA A 110 -15.90 13.20 9.82
C ALA A 110 -15.84 14.19 10.97
N LEU A 111 -16.56 13.93 12.02
CA LEU A 111 -16.53 14.84 13.21
C LEU A 111 -15.08 15.00 13.68
N LEU A 112 -14.31 13.95 13.59
CA LEU A 112 -12.89 14.04 14.00
C LEU A 112 -12.10 14.86 13.00
N GLN A 113 -12.44 14.75 11.74
CA GLN A 113 -11.71 15.53 10.69
C GLN A 113 -11.80 17.04 11.01
N ARG A 114 -12.97 17.51 11.35
CA ARG A 114 -13.13 18.95 11.69
C ARG A 114 -12.12 19.36 12.76
N GLN A 115 -12.17 18.70 13.89
CA GLN A 115 -11.23 19.03 15.00
C GLN A 115 -9.78 18.99 14.51
N PHE A 116 -9.41 17.98 13.76
CA PHE A 116 -8.01 17.88 13.25
C PHE A 116 -7.74 18.91 12.15
N ASP A 117 -8.75 19.29 11.40
CA ASP A 117 -8.55 20.27 10.29
C ASP A 117 -7.53 19.71 9.29
N VAL A 118 -7.71 18.48 8.88
CA VAL A 118 -6.76 17.86 7.89
C VAL A 118 -7.48 17.59 6.57
N ASP A 119 -6.75 17.52 5.49
CA ASP A 119 -7.39 17.24 4.17
C ASP A 119 -7.62 15.72 4.05
N ILE A 120 -6.75 14.94 4.64
CA ILE A 120 -6.91 13.45 4.58
C ILE A 120 -6.83 12.86 5.99
N LEU A 121 -7.64 11.88 6.28
CA LEU A 121 -7.59 11.25 7.64
C LEU A 121 -7.27 9.76 7.52
N ILE A 122 -6.22 9.31 8.16
CA ILE A 122 -5.86 7.86 8.08
C ILE A 122 -6.22 7.16 9.39
N SER A 123 -6.88 6.04 9.31
CA SER A 123 -7.26 5.30 10.55
C SER A 123 -7.51 3.83 10.24
N GLY A 124 -7.47 2.97 11.23
CA GLY A 124 -7.70 1.52 10.98
C GLY A 124 -8.61 0.94 12.07
N HIS A 125 -8.13 -0.05 12.79
CA HIS A 125 -8.93 -0.70 13.89
C HIS A 125 -10.02 -1.64 13.32
N THR A 126 -10.60 -1.32 12.19
CA THR A 126 -11.65 -2.20 11.61
C THR A 126 -11.05 -3.29 10.72
N HIS A 127 -9.78 -3.20 10.41
CA HIS A 127 -9.14 -4.24 9.53
C HIS A 127 -9.89 -4.35 8.20
N LYS A 128 -10.56 -3.31 7.80
CA LYS A 128 -11.30 -3.34 6.49
C LYS A 128 -10.82 -2.18 5.62
N PHE A 129 -10.17 -2.46 4.53
CA PHE A 129 -9.67 -1.36 3.65
C PHE A 129 -10.84 -0.43 3.28
N GLU A 130 -10.60 0.86 3.31
CA GLU A 130 -11.67 1.83 2.96
C GLU A 130 -11.07 3.11 2.39
N ALA A 131 -11.45 3.48 1.19
CA ALA A 131 -10.91 4.71 0.57
C ALA A 131 -12.04 5.49 -0.13
N PHE A 132 -12.59 6.48 0.52
CA PHE A 132 -13.70 7.25 -0.11
C PHE A 132 -13.58 8.76 0.21
N GLU A 133 -14.34 9.57 -0.47
CA GLU A 133 -14.28 11.05 -0.23
C GLU A 133 -15.58 11.52 0.44
N HIS A 134 -15.50 12.50 1.31
CA HIS A 134 -16.74 13.00 1.99
C HIS A 134 -16.63 14.50 2.27
N GLU A 135 -17.52 15.27 1.68
CA GLU A 135 -17.50 16.75 1.90
C GLU A 135 -16.12 17.35 1.63
N ASN A 136 -15.62 17.17 0.44
CA ASN A 136 -14.28 17.73 0.04
C ASN A 136 -13.14 17.19 0.90
N LYS A 137 -13.36 16.12 1.63
CA LYS A 137 -12.25 15.55 2.47
C LYS A 137 -12.02 14.08 2.10
N PHE A 138 -10.85 13.58 2.32
CA PHE A 138 -10.56 12.16 1.97
C PHE A 138 -10.32 11.31 3.21
N TYR A 139 -10.82 10.11 3.21
CA TYR A 139 -10.61 9.20 4.36
C TYR A 139 -9.96 7.90 3.87
N ILE A 140 -8.96 7.42 4.54
CA ILE A 140 -8.29 6.17 4.07
C ILE A 140 -8.04 5.18 5.20
N ASN A 141 -8.32 3.94 4.96
CA ASN A 141 -8.07 2.89 5.97
C ASN A 141 -7.32 1.73 5.30
N PRO A 142 -6.06 1.58 5.64
CA PRO A 142 -5.22 0.52 5.03
C PRO A 142 -5.72 -0.88 5.41
N GLY A 143 -6.28 -1.02 6.58
CA GLY A 143 -6.78 -2.36 7.01
C GLY A 143 -5.68 -3.09 7.78
N SER A 144 -5.53 -4.37 7.54
CA SER A 144 -4.48 -5.14 8.27
C SER A 144 -3.46 -5.72 7.28
N ALA A 145 -2.25 -5.22 7.31
CA ALA A 145 -1.21 -5.74 6.36
C ALA A 145 -1.01 -7.25 6.57
N THR A 146 -1.40 -7.77 7.70
CA THR A 146 -1.23 -9.23 7.95
C THR A 146 -2.59 -9.92 8.05
N GLY A 147 -3.65 -9.26 7.66
CA GLY A 147 -4.99 -9.90 7.75
C GLY A 147 -5.23 -10.35 9.19
N ALA A 148 -4.77 -9.58 10.13
CA ALA A 148 -4.94 -9.95 11.57
C ALA A 148 -6.41 -10.30 11.86
N TYR A 149 -6.62 -11.21 12.77
CA TYR A 149 -8.01 -11.64 13.11
C TYR A 149 -8.80 -10.50 13.76
N ASN A 150 -10.10 -10.51 13.57
CA ASN A 150 -10.97 -9.46 14.17
C ASN A 150 -12.35 -10.07 14.46
N ALA A 151 -12.72 -10.13 15.72
CA ALA A 151 -14.02 -10.75 16.11
C ALA A 151 -15.22 -10.19 15.30
N LEU A 152 -15.17 -8.97 14.86
CA LEU A 152 -16.33 -8.41 14.11
C LEU A 152 -16.39 -8.90 12.66
N GLU A 153 -15.27 -9.21 12.06
CA GLU A 153 -15.30 -9.69 10.65
C GLU A 153 -14.61 -11.06 10.55
N THR A 154 -15.34 -12.08 10.20
CA THR A 154 -14.74 -13.44 10.10
C THR A 154 -13.89 -13.58 8.83
N ASN A 155 -14.04 -12.69 7.89
CA ASN A 155 -13.24 -12.80 6.64
C ASN A 155 -12.37 -11.54 6.47
N ILE A 156 -11.15 -11.59 6.92
CA ILE A 156 -10.27 -10.39 6.78
C ILE A 156 -9.30 -10.59 5.62
N ILE A 157 -9.06 -9.55 4.86
CA ILE A 157 -8.11 -9.64 3.73
C ILE A 157 -6.89 -8.77 4.04
N PRO A 158 -5.73 -9.37 4.07
CA PRO A 158 -4.49 -8.61 4.39
C PRO A 158 -4.21 -7.61 3.26
N SER A 159 -3.88 -6.38 3.59
CA SER A 159 -3.62 -5.39 2.51
C SER A 159 -2.98 -4.10 3.04
N PHE A 160 -2.25 -3.42 2.21
CA PHE A 160 -1.62 -2.12 2.61
C PHE A 160 -1.79 -1.14 1.46
N VAL A 161 -1.69 0.13 1.73
CA VAL A 161 -1.92 1.13 0.64
C VAL A 161 -0.76 2.12 0.45
N LEU A 162 -0.42 2.38 -0.78
CA LEU A 162 0.65 3.37 -1.10
C LEU A 162 0.00 4.62 -1.66
N MET A 163 0.41 5.78 -1.23
CA MET A 163 -0.22 7.02 -1.77
C MET A 163 0.79 7.83 -2.57
N ASP A 164 0.53 8.07 -3.83
CA ASP A 164 1.47 8.86 -4.66
C ASP A 164 1.01 10.31 -4.72
N ILE A 165 1.80 11.23 -4.23
CA ILE A 165 1.39 12.67 -4.25
C ILE A 165 2.31 13.48 -5.15
N GLN A 166 1.75 14.14 -6.14
CA GLN A 166 2.58 14.98 -7.06
C GLN A 166 2.46 16.45 -6.63
N ALA A 167 1.25 16.94 -6.55
CA ALA A 167 1.02 18.36 -6.15
C ALA A 167 -0.49 18.62 -6.07
N SER A 168 -1.02 18.74 -4.87
CA SER A 168 -2.49 18.98 -4.72
C SER A 168 -3.29 17.82 -5.33
N THR A 169 -2.62 16.76 -5.70
CA THR A 169 -3.34 15.58 -6.29
C THR A 169 -2.72 14.30 -5.71
N VAL A 170 -3.53 13.37 -5.27
CA VAL A 170 -2.95 12.12 -4.70
C VAL A 170 -3.60 10.88 -5.29
N VAL A 171 -2.82 9.89 -5.58
CA VAL A 171 -3.37 8.61 -6.11
C VAL A 171 -3.07 7.52 -5.10
N THR A 172 -4.07 6.79 -4.67
CA THR A 172 -3.80 5.74 -3.65
C THR A 172 -3.89 4.35 -4.29
N TYR A 173 -2.96 3.50 -3.98
CA TYR A 173 -2.98 2.12 -4.52
C TYR A 173 -3.22 1.15 -3.38
N VAL A 174 -4.22 0.32 -3.48
CA VAL A 174 -4.50 -0.64 -2.39
C VAL A 174 -4.17 -2.06 -2.85
N TYR A 175 -3.42 -2.79 -2.07
CA TYR A 175 -3.07 -4.17 -2.47
C TYR A 175 -3.82 -5.17 -1.60
N GLN A 176 -4.70 -5.92 -2.17
CA GLN A 176 -5.45 -6.93 -1.37
C GLN A 176 -4.96 -8.32 -1.74
N LEU A 177 -4.75 -9.16 -0.77
CA LEU A 177 -4.28 -10.53 -1.09
C LEU A 177 -5.48 -11.47 -1.20
N ILE A 178 -5.94 -11.69 -2.39
CA ILE A 178 -7.11 -12.59 -2.58
C ILE A 178 -6.63 -13.87 -3.27
N GLY A 179 -6.90 -15.01 -2.69
CA GLY A 179 -6.42 -16.27 -3.30
C GLY A 179 -4.89 -16.29 -3.26
N ASP A 180 -4.25 -16.57 -4.36
CA ASP A 180 -2.75 -16.58 -4.37
C ASP A 180 -2.21 -15.28 -4.96
N ASP A 181 -2.69 -14.89 -6.10
CA ASP A 181 -2.21 -13.63 -6.74
C ASP A 181 -2.71 -12.42 -5.96
N VAL A 182 -2.03 -11.30 -6.07
CA VAL A 182 -2.48 -10.08 -5.34
C VAL A 182 -3.17 -9.13 -6.30
N LYS A 183 -4.35 -8.68 -5.96
CA LYS A 183 -5.09 -7.74 -6.85
C LYS A 183 -4.85 -6.29 -6.41
N VAL A 184 -4.84 -5.37 -7.32
CA VAL A 184 -4.60 -3.95 -6.94
C VAL A 184 -5.65 -3.02 -7.57
N GLU A 185 -6.10 -2.05 -6.82
CA GLU A 185 -7.12 -1.09 -7.36
C GLU A 185 -6.54 0.33 -7.32
N ARG A 186 -6.94 1.18 -8.22
CA ARG A 186 -6.39 2.57 -8.23
C ARG A 186 -7.46 3.62 -7.93
N ILE A 187 -7.23 4.45 -6.96
CA ILE A 187 -8.20 5.53 -6.61
C ILE A 187 -7.48 6.88 -6.62
N GLU A 188 -8.06 7.88 -7.26
CA GLU A 188 -7.36 9.21 -7.31
C GLU A 188 -8.17 10.28 -6.56
N TYR A 189 -7.48 11.15 -5.86
CA TYR A 189 -8.17 12.24 -5.12
C TYR A 189 -7.38 13.54 -5.26
N LYS A 190 -8.06 14.65 -5.38
CA LYS A 190 -7.35 15.96 -5.51
C LYS A 190 -8.06 17.04 -4.70
N LYS A 191 -7.31 17.96 -4.14
CA LYS A 191 -7.94 19.06 -3.34
C LYS A 191 -9.09 19.71 -4.11
N SER A 192 -8.96 19.81 -5.41
CA SER A 192 -10.04 20.43 -6.24
C SER A 192 -10.39 21.82 -5.68
N GLY B 1 15.60 -40.20 -22.41
CA GLY B 1 15.24 -40.45 -23.83
C GLY B 1 14.00 -39.63 -24.20
N PRO B 2 12.85 -40.20 -23.91
CA PRO B 2 11.57 -39.51 -24.21
C PRO B 2 11.39 -38.28 -23.32
N LEU B 3 10.74 -37.26 -23.81
CA LEU B 3 10.53 -36.03 -22.99
C LEU B 3 9.80 -36.37 -21.69
N GLY B 4 8.87 -37.29 -21.75
CA GLY B 4 8.12 -37.67 -20.51
C GLY B 4 9.09 -38.29 -19.51
N SER B 5 9.10 -37.78 -18.31
CA SER B 5 10.02 -38.34 -17.26
C SER B 5 9.41 -38.16 -15.88
N THR B 6 9.95 -38.81 -14.88
CA THR B 6 9.39 -38.68 -13.51
C THR B 6 9.77 -37.32 -12.92
N GLU B 7 9.00 -36.82 -12.00
CA GLU B 7 9.32 -35.50 -11.38
C GLU B 7 10.55 -35.63 -10.48
N GLU B 8 11.47 -34.69 -10.59
CA GLU B 8 12.69 -34.75 -9.73
C GLU B 8 12.61 -33.69 -8.63
N ASP B 9 12.78 -32.44 -8.99
CA ASP B 9 12.71 -31.36 -7.96
C ASP B 9 12.28 -30.04 -8.62
N LEU B 10 13.07 -29.55 -9.54
CA LEU B 10 12.73 -28.26 -10.23
C LEU B 10 12.44 -27.15 -9.21
N GLU B 11 12.91 -27.30 -8.00
CA GLU B 11 12.67 -26.24 -6.97
C GLU B 11 13.40 -24.96 -7.37
N ASP B 12 14.56 -25.08 -7.98
CA ASP B 12 15.31 -23.86 -8.40
C ASP B 12 14.71 -23.29 -9.69
N ALA B 13 14.61 -21.99 -9.78
CA ALA B 13 14.03 -21.38 -11.01
C ALA B 13 15.14 -20.71 -11.84
N GLU B 14 15.06 -20.81 -13.14
CA GLU B 14 16.10 -20.19 -14.01
C GLU B 14 15.49 -19.08 -14.86
N ASP B 15 16.24 -18.05 -15.14
CA ASP B 15 15.70 -16.94 -15.97
C ASP B 15 16.72 -16.50 -17.03
N THR B 16 16.36 -15.57 -17.87
CA THR B 16 17.31 -15.10 -18.92
C THR B 16 18.30 -14.09 -18.34
N VAL B 17 19.38 -13.83 -19.04
CA VAL B 17 20.38 -12.85 -18.52
C VAL B 17 19.73 -11.48 -18.32
N SER B 18 18.91 -11.07 -19.24
CA SER B 18 18.24 -9.73 -19.11
C SER B 18 16.81 -9.81 -19.62
N ALA B 19 15.96 -8.91 -19.17
CA ALA B 19 14.54 -8.92 -19.64
C ALA B 19 14.17 -7.57 -20.24
N ALA B 20 15.04 -6.99 -21.02
CA ALA B 20 14.75 -5.66 -21.63
C ALA B 20 14.36 -4.65 -20.55
N ASP B 21 13.95 -3.47 -20.94
CA ASP B 21 13.57 -2.44 -19.93
C ASP B 21 12.38 -2.95 -19.10
N PRO B 22 12.63 -3.19 -17.83
CA PRO B 22 11.56 -3.68 -16.93
C PRO B 22 10.55 -2.57 -16.64
N GLU B 23 9.29 -2.91 -16.53
CA GLU B 23 8.26 -1.88 -16.24
C GLU B 23 7.61 -2.16 -14.88
N PHE B 24 7.14 -1.14 -14.22
CA PHE B 24 6.50 -1.34 -12.89
C PHE B 24 4.97 -1.20 -12.99
N CYS B 25 4.26 -2.13 -12.42
CA CYS B 25 2.77 -2.07 -12.46
C CYS B 25 2.30 -0.92 -11.58
N HIS B 26 2.90 -0.80 -10.44
CA HIS B 26 2.55 0.29 -9.48
C HIS B 26 3.68 0.40 -8.46
N PRO B 27 3.55 1.27 -7.49
CA PRO B 27 4.63 1.40 -6.48
C PRO B 27 4.85 0.07 -5.77
N LEU B 28 6.10 -0.34 -5.64
CA LEU B 28 6.46 -1.64 -4.96
C LEU B 28 6.07 -2.88 -5.79
N CYS B 29 6.40 -2.95 -7.05
CA CYS B 29 6.05 -4.19 -7.81
C CYS B 29 7.28 -4.61 -8.63
N GLN B 30 8.23 -5.21 -7.97
CA GLN B 30 9.46 -5.68 -8.68
C GLN B 30 9.19 -7.04 -9.32
N CYS B 31 7.93 -7.35 -9.48
CA CYS B 31 7.49 -8.64 -10.09
C CYS B 31 8.31 -9.02 -11.32
N PRO B 32 8.11 -10.23 -11.75
CA PRO B 32 8.75 -10.71 -12.98
C PRO B 32 8.12 -10.02 -14.18
N LYS B 33 6.83 -10.14 -14.29
CA LYS B 33 6.07 -9.51 -15.41
C LYS B 33 4.60 -9.39 -15.03
N CYS B 34 4.17 -10.08 -13.99
CA CYS B 34 2.71 -10.05 -13.65
C CYS B 34 1.93 -10.48 -14.90
N ALA B 35 2.57 -11.26 -15.72
CA ALA B 35 1.95 -11.74 -16.98
C ALA B 35 1.23 -13.07 -16.76
N PRO B 36 0.24 -13.33 -17.58
CA PRO B 36 -0.54 -14.59 -17.47
C PRO B 36 0.31 -15.80 -17.92
N ALA B 37 1.39 -15.56 -18.61
CA ALA B 37 2.24 -16.71 -19.08
C ALA B 37 2.71 -17.54 -17.89
N GLN B 38 2.72 -18.85 -18.02
CA GLN B 38 3.16 -19.71 -16.90
C GLN B 38 4.68 -19.90 -16.93
N LYS B 39 5.18 -20.75 -17.80
CA LYS B 39 6.67 -20.97 -17.88
C LYS B 39 6.98 -22.05 -18.92
N ARG B 40 6.17 -22.20 -19.93
CA ARG B 40 6.45 -23.24 -20.96
C ARG B 40 7.78 -22.96 -21.67
N LEU B 41 8.13 -21.71 -21.83
CA LEU B 41 9.42 -21.40 -22.51
C LEU B 41 10.52 -21.17 -21.46
N ALA B 42 11.60 -21.89 -21.56
CA ALA B 42 12.71 -21.72 -20.58
C ALA B 42 14.02 -22.26 -21.16
N LYS B 43 15.14 -21.82 -20.64
CA LYS B 43 16.44 -22.33 -21.16
C LYS B 43 16.80 -23.66 -20.49
N VAL B 44 17.47 -24.52 -21.20
CA VAL B 44 17.84 -25.84 -20.60
C VAL B 44 19.37 -25.95 -20.48
N PRO B 45 19.88 -25.67 -19.30
CA PRO B 45 21.34 -25.75 -19.06
C PRO B 45 21.79 -27.21 -19.07
N ALA B 46 23.03 -27.46 -19.43
CA ALA B 46 23.53 -28.87 -19.45
C ALA B 46 23.44 -29.48 -18.06
N SER B 47 22.34 -30.09 -17.72
CA SER B 47 22.20 -30.70 -16.37
C SER B 47 23.28 -31.77 -16.16
N GLY B 48 23.64 -32.48 -17.20
CA GLY B 48 24.68 -33.53 -17.06
C GLY B 48 25.97 -32.91 -16.52
N LEU B 49 26.24 -31.68 -16.87
CA LEU B 49 27.48 -31.02 -16.37
C LEU B 49 27.14 -30.08 -15.21
N GLY B 50 27.84 -30.21 -14.11
CA GLY B 50 27.57 -29.33 -12.94
C GLY B 50 26.16 -29.62 -12.39
N VAL B 51 26.07 -29.95 -11.13
CA VAL B 51 24.74 -30.24 -10.52
C VAL B 51 24.43 -29.23 -9.42
N ASN B 52 23.21 -28.75 -9.36
CA ASN B 52 22.85 -27.76 -8.30
C ASN B 52 22.10 -28.46 -7.16
N VAL B 53 22.36 -28.07 -5.94
CA VAL B 53 21.67 -28.70 -4.79
C VAL B 53 21.09 -27.63 -3.86
N THR B 54 19.94 -27.88 -3.29
CA THR B 54 19.32 -26.86 -2.38
C THR B 54 19.11 -27.44 -0.98
N SER B 55 19.42 -26.67 0.03
CA SER B 55 19.25 -27.17 1.43
C SER B 55 18.55 -26.10 2.28
N GLN B 56 17.91 -26.49 3.34
CA GLN B 56 17.22 -25.49 4.21
C GLN B 56 17.86 -25.44 5.59
N ASP B 57 18.03 -24.27 6.13
CA ASP B 57 18.66 -24.14 7.49
C ASP B 57 17.57 -23.87 8.54
N GLY B 58 16.33 -24.01 8.19
CA GLY B 58 15.23 -23.75 9.16
C GLY B 58 14.38 -22.58 8.66
N SER B 59 14.89 -21.38 8.76
CA SER B 59 14.11 -20.20 8.29
C SER B 59 14.93 -19.40 7.26
N SER B 60 14.29 -18.94 6.22
CA SER B 60 15.01 -18.15 5.19
C SER B 60 15.67 -16.92 5.80
N TRP B 61 15.03 -16.32 6.77
CA TRP B 61 15.60 -15.11 7.42
C TRP B 61 16.75 -15.51 8.36
N GLY A 1 13.35 27.83 11.29
CA GLY A 1 11.89 27.73 11.03
C GLY A 1 11.62 26.55 10.09
N SER A 2 11.89 26.71 8.83
CA SER A 2 11.64 25.59 7.86
C SER A 2 12.58 24.43 8.15
N PRO A 3 12.16 23.25 7.74
CA PRO A 3 12.99 22.03 7.96
C PRO A 3 14.25 22.09 7.10
N GLU A 4 15.38 21.67 7.64
CA GLU A 4 16.65 21.71 6.86
C GLU A 4 16.55 20.78 5.65
N PHE A 5 15.88 19.67 5.80
CA PHE A 5 15.75 18.71 4.66
C PHE A 5 14.29 18.68 4.17
N GLY A 6 14.08 18.74 2.88
CA GLY A 6 12.68 18.70 2.37
C GLY A 6 12.68 18.96 0.86
N THR A 7 11.74 18.40 0.15
CA THR A 7 11.68 18.62 -1.33
C THR A 7 10.22 18.78 -1.78
N ARG A 8 10.01 19.43 -2.90
CA ARG A 8 8.62 19.61 -3.41
C ARG A 8 8.31 18.60 -4.53
N ASP A 9 9.21 17.68 -4.78
CA ASP A 9 8.98 16.67 -5.86
C ASP A 9 7.94 15.64 -5.41
N ARG A 10 7.27 15.00 -6.33
CA ARG A 10 6.25 13.96 -5.94
C ARG A 10 6.87 12.97 -4.97
N MET A 11 6.11 12.39 -4.07
CA MET A 11 6.71 11.44 -3.09
C MET A 11 5.74 10.29 -2.79
N LEU A 12 6.25 9.08 -2.76
CA LEU A 12 5.38 7.90 -2.47
C LEU A 12 5.35 7.62 -0.96
N VAL A 13 4.18 7.52 -0.38
CA VAL A 13 4.08 7.25 1.09
C VAL A 13 3.41 5.89 1.33
N LEU A 14 3.92 5.14 2.27
CA LEU A 14 3.32 3.80 2.57
C LEU A 14 2.40 3.88 3.81
N VAL A 15 1.21 3.35 3.70
CA VAL A 15 0.28 3.38 4.86
C VAL A 15 -0.16 1.95 5.20
N LEU A 16 -0.05 1.57 6.44
CA LEU A 16 -0.47 0.20 6.86
C LEU A 16 -0.59 0.13 8.39
N GLY A 17 -0.89 -1.01 8.93
CA GLY A 17 -1.03 -1.12 10.41
C GLY A 17 -1.88 -2.34 10.77
N ASP A 18 -2.16 -2.51 12.04
CA ASP A 18 -2.97 -3.66 12.52
C ASP A 18 -2.26 -4.97 12.17
N LEU A 19 -0.96 -4.98 12.34
CA LEU A 19 -0.19 -6.23 12.06
C LEU A 19 -0.48 -7.21 13.21
N HIS A 20 -0.63 -6.67 14.39
CA HIS A 20 -0.93 -7.50 15.58
C HIS A 20 0.10 -8.62 15.79
N ILE A 21 1.36 -8.29 15.61
CA ILE A 21 2.42 -9.32 15.82
C ILE A 21 3.06 -9.10 17.21
N PRO A 22 3.29 -10.17 17.94
CA PRO A 22 2.95 -11.55 17.53
C PRO A 22 1.63 -11.98 18.16
N HIS A 23 0.79 -11.04 18.49
CA HIS A 23 -0.51 -11.40 19.15
C HIS A 23 -1.38 -12.31 18.26
N ARG A 24 -1.55 -11.95 17.01
CA ARG A 24 -2.41 -12.80 16.12
C ARG A 24 -1.64 -13.25 14.87
N CYS A 25 -0.60 -12.56 14.51
CA CYS A 25 0.18 -12.96 13.29
C CYS A 25 1.68 -12.94 13.60
N ASN A 26 2.46 -13.65 12.83
CA ASN A 26 3.94 -13.68 13.09
C ASN A 26 4.68 -12.78 12.10
N SER A 27 4.07 -12.43 11.00
CA SER A 27 4.76 -11.55 10.01
C SER A 27 3.79 -11.16 8.88
N LEU A 28 4.27 -10.36 7.95
CA LEU A 28 3.41 -9.97 6.81
C LEU A 28 3.33 -11.14 5.82
N PRO A 29 2.36 -11.11 4.94
CA PRO A 29 2.20 -12.20 3.95
C PRO A 29 3.43 -12.26 3.03
N ALA A 30 3.82 -13.45 2.64
CA ALA A 30 5.03 -13.64 1.79
C ALA A 30 5.05 -12.72 0.56
N LYS A 31 4.03 -12.74 -0.25
CA LYS A 31 4.04 -11.87 -1.47
C LYS A 31 4.20 -10.38 -1.11
N PHE A 32 3.61 -9.94 -0.04
CA PHE A 32 3.75 -8.50 0.34
C PHE A 32 5.20 -8.16 0.67
N LYS A 33 5.90 -9.03 1.35
CA LYS A 33 7.32 -8.73 1.68
C LYS A 33 8.07 -8.44 0.38
N LYS A 34 7.78 -9.19 -0.65
CA LYS A 34 8.44 -8.95 -1.97
C LYS A 34 7.95 -7.61 -2.53
N LEU A 35 6.69 -7.30 -2.35
CA LEU A 35 6.12 -6.02 -2.86
C LEU A 35 6.79 -4.82 -2.17
N LEU A 36 7.11 -4.92 -0.91
CA LEU A 36 7.76 -3.75 -0.21
C LEU A 36 9.29 -3.81 -0.34
N VAL A 37 9.91 -2.71 -0.67
CA VAL A 37 11.39 -2.69 -0.81
C VAL A 37 11.95 -1.32 -0.40
N PRO A 38 13.13 -1.33 0.19
CA PRO A 38 13.78 -0.06 0.63
C PRO A 38 14.32 0.73 -0.57
N GLY A 39 14.49 2.01 -0.41
CA GLY A 39 15.01 2.84 -1.54
C GLY A 39 13.85 3.31 -2.42
N LYS A 40 12.65 2.92 -2.09
CA LYS A 40 11.48 3.31 -2.90
C LYS A 40 10.58 4.29 -2.14
N ILE A 41 10.16 3.89 -0.98
CA ILE A 41 9.22 4.75 -0.20
C ILE A 41 9.99 5.76 0.65
N GLN A 42 9.58 7.00 0.57
CA GLN A 42 10.27 8.07 1.36
C GLN A 42 9.50 8.36 2.66
N HIS A 43 8.24 8.03 2.71
CA HIS A 43 7.44 8.30 3.94
C HIS A 43 6.58 7.10 4.32
N ILE A 44 6.50 6.78 5.58
CA ILE A 44 5.66 5.63 6.03
C ILE A 44 4.73 6.04 7.17
N LEU A 45 3.46 5.88 7.00
CA LEU A 45 2.49 6.23 8.09
C LEU A 45 1.90 4.94 8.66
N CYS A 46 1.93 4.77 9.96
CA CYS A 46 1.36 3.53 10.56
C CYS A 46 0.21 3.86 11.51
N THR A 47 -0.89 3.19 11.36
CA THR A 47 -2.07 3.47 12.24
C THR A 47 -2.22 2.39 13.30
N GLY A 48 -2.40 1.17 12.88
CA GLY A 48 -2.57 0.04 13.84
C GLY A 48 -1.35 -0.12 14.73
N ASN A 49 -1.50 -0.82 15.83
CA ASN A 49 -0.35 -1.05 16.76
C ASN A 49 0.63 -2.04 16.14
N LEU A 50 1.90 -1.89 16.43
CA LEU A 50 2.92 -2.82 15.85
C LEU A 50 2.58 -4.30 16.13
N CYS A 51 2.53 -4.74 17.38
CA CYS A 51 2.82 -3.86 18.55
C CYS A 51 4.27 -4.07 19.02
N THR A 52 4.85 -5.20 18.70
CA THR A 52 6.25 -5.49 19.14
C THR A 52 7.24 -4.54 18.43
N LYS A 53 8.26 -4.11 19.14
CA LYS A 53 9.25 -3.20 18.52
C LYS A 53 9.92 -3.88 17.31
N GLU A 54 9.99 -5.18 17.32
CA GLU A 54 10.62 -5.89 16.16
C GLU A 54 10.01 -5.42 14.84
N SER A 55 8.72 -5.23 14.81
CA SER A 55 8.05 -4.75 13.57
C SER A 55 8.51 -3.33 13.25
N TYR A 56 8.75 -2.53 14.27
CA TYR A 56 9.19 -1.13 14.02
C TYR A 56 10.51 -1.13 13.25
N ASP A 57 11.43 -1.97 13.62
CA ASP A 57 12.74 -2.03 12.90
C ASP A 57 12.50 -2.36 11.42
N TYR A 58 11.58 -3.26 11.16
CA TYR A 58 11.27 -3.61 9.73
C TYR A 58 10.73 -2.39 8.99
N LEU A 59 9.84 -1.65 9.60
CA LEU A 59 9.28 -0.45 8.92
C LEU A 59 10.39 0.58 8.68
N LYS A 60 11.29 0.72 9.62
CA LYS A 60 12.40 1.69 9.44
C LYS A 60 13.25 1.29 8.23
N THR A 61 13.36 0.02 7.97
CA THR A 61 14.16 -0.45 6.80
C THR A 61 13.58 0.07 5.48
N LEU A 62 12.29 -0.01 5.33
CA LEU A 62 11.66 0.47 4.05
C LEU A 62 11.91 1.97 3.86
N ALA A 63 11.88 2.73 4.93
CA ALA A 63 12.11 4.21 4.80
C ALA A 63 12.71 4.76 6.09
N GLY A 64 13.40 5.87 5.99
CA GLY A 64 14.02 6.48 7.22
C GLY A 64 12.95 7.25 8.00
N ASP A 65 12.11 8.00 7.32
CA ASP A 65 11.07 8.78 8.03
C ASP A 65 9.83 7.92 8.25
N VAL A 66 9.56 7.55 9.48
CA VAL A 66 8.35 6.71 9.76
C VAL A 66 7.48 7.38 10.84
N HIS A 67 6.20 7.43 10.64
CA HIS A 67 5.30 8.05 11.65
C HIS A 67 4.32 7.00 12.19
N ILE A 68 4.25 6.84 13.49
CA ILE A 68 3.33 5.82 14.06
C ILE A 68 2.47 6.39 15.19
N VAL A 69 1.30 5.84 15.38
CA VAL A 69 0.39 6.32 16.48
C VAL A 69 0.09 5.14 17.42
N ARG A 70 -0.28 5.39 18.64
CA ARG A 70 -0.54 4.25 19.57
C ARG A 70 -1.88 3.57 19.28
N GLY A 71 -1.86 2.26 19.17
CA GLY A 71 -3.12 1.51 18.92
C GLY A 71 -3.67 1.04 20.27
N ASP A 72 -4.73 0.28 20.26
CA ASP A 72 -5.30 -0.20 21.56
C ASP A 72 -4.52 -1.42 22.08
N PHE A 73 -3.52 -1.85 21.37
CA PHE A 73 -2.74 -3.04 21.85
C PHE A 73 -1.23 -2.81 21.67
N ASP A 74 -0.79 -1.58 21.66
CA ASP A 74 0.67 -1.31 21.51
C ASP A 74 1.39 -1.45 22.86
N GLU A 75 2.50 -2.14 22.88
CA GLU A 75 3.25 -2.30 24.17
C GLU A 75 3.84 -0.97 24.59
N ASN A 76 4.47 -0.27 23.67
CA ASN A 76 5.08 1.04 24.00
C ASN A 76 4.00 2.12 24.14
N LEU A 77 3.90 2.71 25.30
CA LEU A 77 2.87 3.77 25.52
C LEU A 77 3.41 5.14 25.08
N ASN A 78 4.63 5.20 24.62
CA ASN A 78 5.20 6.51 24.19
C ASN A 78 4.63 6.96 22.84
N TYR A 79 3.81 6.15 22.21
CA TYR A 79 3.23 6.57 20.90
C TYR A 79 2.10 7.59 21.15
N PRO A 80 1.95 8.50 20.23
CA PRO A 80 0.92 9.56 20.35
C PRO A 80 -0.48 9.00 20.04
N GLU A 81 -1.47 9.42 20.79
CA GLU A 81 -2.86 8.93 20.52
C GLU A 81 -3.24 9.29 19.08
N GLN A 82 -2.86 10.46 18.65
CA GLN A 82 -3.18 10.90 17.26
C GLN A 82 -2.11 11.91 16.82
N LYS A 83 -1.81 11.97 15.54
CA LYS A 83 -0.76 12.94 15.08
C LYS A 83 -1.12 13.54 13.72
N VAL A 84 -0.72 14.77 13.49
CA VAL A 84 -1.01 15.43 12.19
C VAL A 84 0.31 15.68 11.46
N VAL A 85 0.53 15.02 10.36
CA VAL A 85 1.80 15.21 9.60
C VAL A 85 1.51 15.83 8.23
N THR A 86 2.23 16.85 7.87
CA THR A 86 1.99 17.50 6.54
C THR A 86 2.91 16.87 5.49
N VAL A 87 2.35 16.48 4.37
CA VAL A 87 3.18 15.86 3.30
C VAL A 87 3.04 16.69 2.02
N GLY A 88 3.85 17.71 1.88
CA GLY A 88 3.76 18.56 0.66
C GLY A 88 2.59 19.53 0.82
N GLN A 89 1.62 19.46 -0.05
CA GLN A 89 0.44 20.37 0.06
C GLN A 89 -0.68 19.72 0.88
N PHE A 90 -0.54 18.48 1.24
CA PHE A 90 -1.62 17.80 2.00
C PHE A 90 -1.40 17.78 3.51
N LYS A 91 -2.44 18.04 4.26
CA LYS A 91 -2.35 17.97 5.75
C LYS A 91 -3.06 16.70 6.18
N ILE A 92 -2.32 15.72 6.61
CA ILE A 92 -2.95 14.41 6.97
C ILE A 92 -2.97 14.17 8.49
N GLY A 93 -4.05 13.63 8.98
CA GLY A 93 -4.16 13.34 10.44
C GLY A 93 -3.98 11.83 10.63
N LEU A 94 -3.63 11.40 11.82
CA LEU A 94 -3.42 9.93 12.02
C LEU A 94 -3.97 9.47 13.37
N ILE A 95 -4.74 8.39 13.37
CA ILE A 95 -5.29 7.86 14.65
C ILE A 95 -5.62 6.37 14.47
N HIS A 96 -5.52 5.58 15.51
CA HIS A 96 -5.83 4.13 15.36
C HIS A 96 -7.29 3.95 14.93
N GLY A 97 -8.22 4.40 15.73
CA GLY A 97 -9.65 4.26 15.36
C GLY A 97 -10.46 3.75 16.56
N HIS A 98 -9.84 3.03 17.47
CA HIS A 98 -10.61 2.53 18.65
C HIS A 98 -11.17 3.70 19.47
N GLN A 99 -10.64 4.88 19.26
CA GLN A 99 -11.16 6.07 20.00
C GLN A 99 -12.36 6.67 19.26
N VAL A 100 -12.67 6.17 18.09
CA VAL A 100 -13.83 6.71 17.32
C VAL A 100 -15.06 5.83 17.54
N ILE A 101 -16.06 6.34 18.19
CA ILE A 101 -17.29 5.52 18.44
C ILE A 101 -18.49 6.11 17.66
N PRO A 102 -19.17 5.26 16.92
CA PRO A 102 -18.82 3.83 16.84
C PRO A 102 -17.52 3.61 16.05
N TRP A 103 -16.86 2.51 16.34
CA TRP A 103 -15.54 2.18 15.71
C TRP A 103 -15.45 2.54 14.21
N GLY A 104 -16.30 2.03 13.37
CA GLY A 104 -16.15 2.34 11.91
C GLY A 104 -17.25 3.28 11.39
N ASP A 105 -17.72 4.19 12.18
CA ASP A 105 -18.79 5.12 11.68
C ASP A 105 -18.17 6.23 10.83
N MET A 106 -18.76 6.53 9.71
CA MET A 106 -18.21 7.61 8.85
C MET A 106 -18.52 8.97 9.49
N ALA A 107 -19.71 9.12 10.02
CA ALA A 107 -20.07 10.42 10.67
C ALA A 107 -19.13 10.70 11.84
N SER A 108 -18.76 9.68 12.58
CA SER A 108 -17.81 9.90 13.71
C SER A 108 -16.44 10.29 13.15
N LEU A 109 -16.02 9.63 12.10
CA LEU A 109 -14.70 9.98 11.49
C LEU A 109 -14.75 11.41 10.94
N ALA A 110 -15.83 11.77 10.32
CA ALA A 110 -15.96 13.15 9.78
C ALA A 110 -15.90 14.16 10.93
N LEU A 111 -16.62 13.89 11.99
CA LEU A 111 -16.59 14.80 13.16
C LEU A 111 -15.15 14.97 13.63
N LEU A 112 -14.37 13.92 13.55
CA LEU A 112 -12.94 14.01 13.97
C LEU A 112 -12.15 14.85 12.95
N GLN A 113 -12.50 14.73 11.69
CA GLN A 113 -11.77 15.51 10.65
C GLN A 113 -11.87 17.01 10.96
N ARG A 114 -13.04 17.47 11.31
CA ARG A 114 -13.20 18.92 11.63
C ARG A 114 -12.20 19.34 12.72
N GLN A 115 -12.24 18.67 13.83
CA GLN A 115 -11.31 19.01 14.95
C GLN A 115 -9.85 18.98 14.46
N PHE A 116 -9.48 17.96 13.71
CA PHE A 116 -8.09 17.87 13.21
C PHE A 116 -7.81 18.89 12.10
N ASP A 117 -8.82 19.27 11.35
CA ASP A 117 -8.62 20.25 10.24
C ASP A 117 -7.60 19.70 9.24
N VAL A 118 -7.78 18.47 8.83
CA VAL A 118 -6.83 17.85 7.85
C VAL A 118 -7.54 17.57 6.53
N ASP A 119 -6.82 17.50 5.44
CA ASP A 119 -7.45 17.21 4.13
C ASP A 119 -7.68 15.70 4.01
N ILE A 120 -6.82 14.92 4.60
CA ILE A 120 -6.96 13.43 4.53
C ILE A 120 -6.87 12.84 5.95
N LEU A 121 -7.68 11.86 6.24
CA LEU A 121 -7.63 11.24 7.60
C LEU A 121 -7.30 9.74 7.48
N ILE A 122 -6.26 9.30 8.14
CA ILE A 122 -5.89 7.85 8.06
C ILE A 122 -6.25 7.15 9.36
N SER A 123 -6.91 6.02 9.29
CA SER A 123 -7.28 5.28 10.53
C SER A 123 -7.54 3.81 10.21
N GLY A 124 -7.48 2.96 11.21
CA GLY A 124 -7.71 1.51 10.96
C GLY A 124 -8.63 0.93 12.04
N HIS A 125 -8.14 -0.05 12.77
CA HIS A 125 -8.94 -0.71 13.87
C HIS A 125 -10.02 -1.65 13.30
N THR A 126 -10.61 -1.33 12.18
CA THR A 126 -11.66 -2.22 11.60
C THR A 126 -11.05 -3.31 10.70
N HIS A 127 -9.78 -3.22 10.41
CA HIS A 127 -9.15 -4.26 9.53
C HIS A 127 -9.88 -4.37 8.19
N LYS A 128 -10.56 -3.34 7.79
CA LYS A 128 -11.29 -3.37 6.48
C LYS A 128 -10.81 -2.21 5.61
N PHE A 129 -10.16 -2.49 4.51
CA PHE A 129 -9.69 -1.38 3.63
C PHE A 129 -10.84 -0.46 3.27
N GLU A 130 -10.61 0.83 3.28
CA GLU A 130 -11.68 1.79 2.93
C GLU A 130 -11.08 3.08 2.37
N ALA A 131 -11.47 3.43 1.16
CA ALA A 131 -10.93 4.68 0.54
C ALA A 131 -12.06 5.44 -0.16
N PHE A 132 -12.61 6.44 0.49
CA PHE A 132 -13.73 7.21 -0.14
C PHE A 132 -13.61 8.71 0.18
N GLU A 133 -14.37 9.52 -0.50
CA GLU A 133 -14.32 11.00 -0.26
C GLU A 133 -15.62 11.47 0.41
N HIS A 134 -15.54 12.45 1.28
CA HIS A 134 -16.78 12.95 1.95
C HIS A 134 -16.69 14.45 2.22
N GLU A 135 -17.57 15.22 1.63
CA GLU A 135 -17.56 16.70 1.85
C GLU A 135 -16.17 17.30 1.58
N ASN A 136 -15.68 17.11 0.39
CA ASN A 136 -14.35 17.68 0.00
C ASN A 136 -13.20 17.14 0.86
N LYS A 137 -13.42 16.08 1.59
CA LYS A 137 -12.30 15.51 2.42
C LYS A 137 -12.08 14.05 2.06
N PHE A 138 -10.89 13.54 2.28
CA PHE A 138 -10.61 12.13 1.92
C PHE A 138 -10.36 11.28 3.18
N TYR A 139 -10.86 10.07 3.17
CA TYR A 139 -10.65 9.16 4.34
C TYR A 139 -10.00 7.87 3.83
N ILE A 140 -8.99 7.40 4.51
CA ILE A 140 -8.31 6.14 4.04
C ILE A 140 -8.06 5.16 5.19
N ASN A 141 -8.34 3.91 4.93
CA ASN A 141 -8.09 2.86 5.96
C ASN A 141 -7.33 1.71 5.28
N PRO A 142 -6.08 1.56 5.62
CA PRO A 142 -5.24 0.50 5.00
C PRO A 142 -5.72 -0.89 5.41
N GLY A 143 -6.29 -1.03 6.57
CA GLY A 143 -6.79 -2.37 7.00
C GLY A 143 -5.68 -3.10 7.77
N SER A 144 -5.53 -4.38 7.53
CA SER A 144 -4.48 -5.15 8.26
C SER A 144 -3.45 -5.72 7.27
N ALA A 145 -2.24 -5.22 7.29
CA ALA A 145 -1.20 -5.74 6.36
C ALA A 145 -0.99 -7.25 6.56
N THR A 146 -1.38 -7.77 7.69
CA THR A 146 -1.21 -9.23 7.95
C THR A 146 -2.57 -9.93 8.05
N GLY A 147 -3.63 -9.27 7.65
CA GLY A 147 -4.98 -9.91 7.74
C GLY A 147 -5.21 -10.35 9.19
N ALA A 148 -4.75 -9.58 10.14
CA ALA A 148 -4.93 -9.95 11.57
C ALA A 148 -6.38 -10.30 11.86
N TYR A 149 -6.59 -11.22 12.76
CA TYR A 149 -7.98 -11.65 13.11
C TYR A 149 -8.78 -10.51 13.75
N ASN A 150 -10.07 -10.52 13.57
CA ASN A 150 -10.96 -9.48 14.17
C ASN A 150 -12.34 -10.09 14.46
N ALA A 151 -12.70 -10.15 15.71
CA ALA A 151 -14.00 -10.77 16.10
C ALA A 151 -15.20 -10.22 15.30
N LEU A 152 -15.15 -9.00 14.86
CA LEU A 152 -16.33 -8.44 14.10
C LEU A 152 -16.38 -8.93 12.65
N GLU A 153 -15.26 -9.24 12.06
CA GLU A 153 -15.29 -9.73 10.65
C GLU A 153 -14.58 -11.08 10.55
N THR A 154 -15.32 -12.11 10.20
CA THR A 154 -14.71 -13.47 10.10
C THR A 154 -13.86 -13.61 8.83
N ASN A 155 -14.02 -12.72 7.88
CA ASN A 155 -13.21 -12.83 6.64
C ASN A 155 -12.35 -11.57 6.46
N ILE A 156 -11.13 -11.61 6.92
CA ILE A 156 -10.24 -10.42 6.77
C ILE A 156 -9.27 -10.60 5.62
N ILE A 157 -9.05 -9.57 4.86
CA ILE A 157 -8.09 -9.66 3.72
C ILE A 157 -6.87 -8.78 4.04
N PRO A 158 -5.71 -9.39 4.07
CA PRO A 158 -4.48 -8.62 4.39
C PRO A 158 -4.20 -7.61 3.27
N SER A 159 -3.88 -6.38 3.61
CA SER A 159 -3.62 -5.37 2.53
C SER A 159 -2.98 -4.08 3.08
N PHE A 160 -2.27 -3.39 2.24
CA PHE A 160 -1.64 -2.09 2.65
C PHE A 160 -1.81 -1.08 1.52
N VAL A 161 -1.70 0.18 1.80
CA VAL A 161 -1.93 1.20 0.72
C VAL A 161 -0.75 2.17 0.53
N LEU A 162 -0.40 2.42 -0.72
CA LEU A 162 0.68 3.39 -1.04
C LEU A 162 0.05 4.67 -1.59
N MET A 163 0.49 5.81 -1.16
CA MET A 163 -0.12 7.07 -1.69
C MET A 163 0.92 7.89 -2.46
N ASP A 164 0.71 8.09 -3.73
CA ASP A 164 1.68 8.90 -4.53
C ASP A 164 1.18 10.33 -4.65
N ILE A 165 1.92 11.29 -4.14
CA ILE A 165 1.46 12.70 -4.22
C ILE A 165 2.39 13.54 -5.11
N GLN A 166 1.88 14.00 -6.23
CA GLN A 166 2.71 14.85 -7.13
C GLN A 166 2.69 16.29 -6.60
N ALA A 167 1.54 16.74 -6.18
CA ALA A 167 1.41 18.12 -5.63
C ALA A 167 0.03 18.26 -4.95
N SER A 168 -0.90 18.95 -5.56
CA SER A 168 -2.25 19.08 -4.95
C SER A 168 -3.14 17.89 -5.34
N THR A 169 -2.56 16.89 -5.96
CA THR A 169 -3.35 15.70 -6.38
C THR A 169 -2.72 14.43 -5.80
N VAL A 170 -3.52 13.52 -5.31
CA VAL A 170 -2.94 12.27 -4.74
C VAL A 170 -3.67 11.03 -5.26
N VAL A 171 -2.95 9.99 -5.52
CA VAL A 171 -3.59 8.72 -5.98
C VAL A 171 -3.22 7.63 -4.99
N THR A 172 -4.18 6.87 -4.54
CA THR A 172 -3.85 5.82 -3.54
C THR A 172 -3.97 4.43 -4.16
N TYR A 173 -3.04 3.58 -3.85
CA TYR A 173 -3.07 2.21 -4.39
C TYR A 173 -3.30 1.24 -3.25
N VAL A 174 -4.26 0.37 -3.38
CA VAL A 174 -4.54 -0.61 -2.29
C VAL A 174 -4.23 -2.01 -2.79
N TYR A 175 -3.55 -2.79 -1.99
CA TYR A 175 -3.22 -4.17 -2.42
C TYR A 175 -3.95 -5.18 -1.55
N GLN A 176 -4.85 -5.91 -2.13
CA GLN A 176 -5.59 -6.92 -1.33
C GLN A 176 -5.10 -8.31 -1.72
N LEU A 177 -4.82 -9.14 -0.75
CA LEU A 177 -4.32 -10.50 -1.07
C LEU A 177 -5.51 -11.44 -1.20
N ILE A 178 -6.13 -11.47 -2.34
CA ILE A 178 -7.29 -12.38 -2.54
C ILE A 178 -6.81 -13.61 -3.31
N GLY A 179 -6.93 -14.76 -2.71
CA GLY A 179 -6.44 -15.99 -3.40
C GLY A 179 -4.92 -15.96 -3.40
N ASP A 180 -4.28 -16.72 -4.25
CA ASP A 180 -2.79 -16.70 -4.29
C ASP A 180 -2.28 -15.38 -4.89
N ASP A 181 -2.87 -14.95 -5.96
CA ASP A 181 -2.42 -13.68 -6.61
C ASP A 181 -2.90 -12.46 -5.80
N VAL A 182 -2.29 -11.33 -6.00
CA VAL A 182 -2.72 -10.11 -5.24
C VAL A 182 -3.39 -9.13 -6.21
N LYS A 183 -4.54 -8.63 -5.86
CA LYS A 183 -5.26 -7.68 -6.75
C LYS A 183 -4.99 -6.24 -6.30
N VAL A 184 -4.99 -5.31 -7.22
CA VAL A 184 -4.74 -3.90 -6.82
C VAL A 184 -5.78 -2.96 -7.45
N GLU A 185 -6.21 -1.97 -6.70
CA GLU A 185 -7.21 -1.00 -7.23
C GLU A 185 -6.63 0.43 -7.20
N ARG A 186 -7.02 1.27 -8.11
CA ARG A 186 -6.46 2.66 -8.12
C ARG A 186 -7.53 3.70 -7.81
N ILE A 187 -7.27 4.55 -6.84
CA ILE A 187 -8.23 5.63 -6.48
C ILE A 187 -7.51 6.98 -6.52
N GLU A 188 -8.08 7.98 -7.16
CA GLU A 188 -7.40 9.30 -7.23
C GLU A 188 -8.20 10.38 -6.47
N TYR A 189 -7.50 11.24 -5.77
CA TYR A 189 -8.19 12.34 -5.02
C TYR A 189 -7.38 13.64 -5.16
N LYS A 190 -8.06 14.75 -5.27
CA LYS A 190 -7.33 16.05 -5.40
C LYS A 190 -8.03 17.13 -4.58
N LYS A 191 -7.28 18.07 -4.05
CA LYS A 191 -7.90 19.16 -3.23
C LYS A 191 -9.07 19.81 -4.00
N SER A 192 -10.10 20.20 -3.29
CA SER A 192 -11.27 20.84 -3.97
C SER A 192 -11.76 19.97 -5.13
N GLY B 1 37.19 -15.41 -38.74
CA GLY B 1 36.73 -15.50 -37.33
C GLY B 1 37.94 -15.61 -36.39
N PRO B 2 38.56 -14.49 -36.13
CA PRO B 2 39.74 -14.47 -35.23
C PRO B 2 39.34 -14.79 -33.79
N LEU B 3 38.08 -14.62 -33.46
CA LEU B 3 37.63 -14.91 -32.07
C LEU B 3 37.88 -16.38 -31.73
N GLY B 4 37.70 -17.26 -32.68
CA GLY B 4 37.93 -18.71 -32.42
C GLY B 4 36.80 -19.27 -31.55
N SER B 5 35.63 -18.68 -31.65
CA SER B 5 34.49 -19.18 -30.82
C SER B 5 33.34 -19.63 -31.71
N THR B 6 32.62 -20.64 -31.31
CA THR B 6 31.48 -21.14 -32.15
C THR B 6 30.29 -20.18 -32.03
N GLU B 7 29.70 -19.83 -33.15
CA GLU B 7 28.54 -18.90 -33.12
C GLU B 7 27.36 -19.53 -32.38
N GLU B 8 26.60 -18.74 -31.66
CA GLU B 8 25.42 -19.28 -30.94
C GLU B 8 24.40 -19.85 -31.93
N ASP B 9 24.43 -19.39 -33.15
CA ASP B 9 23.47 -19.89 -34.18
C ASP B 9 22.04 -19.64 -33.71
N LEU B 10 21.79 -18.52 -33.08
CA LEU B 10 20.41 -18.20 -32.61
C LEU B 10 19.91 -16.94 -33.34
N GLU B 11 18.73 -17.00 -33.87
CA GLU B 11 18.18 -15.80 -34.59
C GLU B 11 17.69 -14.76 -33.57
N ASP B 12 18.06 -13.53 -33.76
CA ASP B 12 17.62 -12.46 -32.82
C ASP B 12 16.19 -12.02 -33.15
N ALA B 13 15.37 -11.85 -32.15
CA ALA B 13 13.96 -11.43 -32.39
C ALA B 13 13.86 -9.90 -32.35
N GLU B 14 13.26 -9.32 -33.36
CA GLU B 14 13.12 -7.84 -33.40
C GLU B 14 12.32 -7.34 -32.19
N ASP B 15 12.72 -6.27 -31.58
CA ASP B 15 11.98 -5.74 -30.40
C ASP B 15 10.96 -4.68 -30.85
N THR B 16 10.79 -4.51 -32.14
CA THR B 16 9.81 -3.49 -32.63
C THR B 16 8.38 -3.90 -32.25
N VAL B 17 8.09 -5.18 -32.31
CA VAL B 17 6.71 -5.66 -31.98
C VAL B 17 6.37 -5.36 -30.51
N SER B 18 7.29 -5.55 -29.60
CA SER B 18 6.98 -5.30 -28.17
C SER B 18 7.91 -4.22 -27.59
N ALA B 19 7.47 -3.53 -26.58
CA ALA B 19 8.33 -2.46 -25.97
C ALA B 19 9.32 -3.08 -24.99
N ALA B 20 10.56 -2.65 -25.02
CA ALA B 20 11.58 -3.19 -24.08
C ALA B 20 11.25 -2.81 -22.64
N ASP B 21 10.67 -1.66 -22.44
CA ASP B 21 10.34 -1.20 -21.05
C ASP B 21 9.26 -2.11 -20.44
N PRO B 22 9.54 -2.62 -19.26
CA PRO B 22 8.57 -3.51 -18.57
C PRO B 22 7.36 -2.71 -18.06
N GLU B 23 7.47 -1.41 -18.01
CA GLU B 23 6.34 -0.56 -17.53
C GLU B 23 5.98 -0.92 -16.08
N PHE B 24 5.56 0.05 -15.31
CA PHE B 24 5.19 -0.22 -13.89
C PHE B 24 3.68 -0.20 -13.68
N CYS B 25 3.18 -1.21 -13.03
CA CYS B 25 1.71 -1.27 -12.74
C CYS B 25 1.36 -0.25 -11.67
N HIS B 26 2.23 -0.13 -10.71
CA HIS B 26 2.01 0.81 -9.58
C HIS B 26 3.28 0.83 -8.73
N PRO B 27 3.26 1.52 -7.61
CA PRO B 27 4.46 1.53 -6.75
C PRO B 27 4.77 0.10 -6.30
N LEU B 28 6.03 -0.26 -6.34
CA LEU B 28 6.49 -1.62 -5.91
C LEU B 28 6.16 -2.72 -6.93
N CYS B 29 6.32 -2.50 -8.21
CA CYS B 29 6.00 -3.62 -9.15
C CYS B 29 7.06 -3.66 -10.25
N GLN B 30 8.19 -4.27 -9.95
CA GLN B 30 9.28 -4.38 -10.96
C GLN B 30 9.03 -5.60 -11.85
N CYS B 31 7.81 -6.08 -11.83
CA CYS B 31 7.42 -7.26 -12.64
C CYS B 31 7.91 -7.17 -14.08
N PRO B 32 7.72 -8.26 -14.78
CA PRO B 32 8.06 -8.32 -16.22
C PRO B 32 7.04 -7.51 -17.00
N LYS B 33 5.79 -7.85 -16.82
CA LYS B 33 4.68 -7.14 -17.52
C LYS B 33 3.37 -7.40 -16.78
N CYS B 34 3.34 -8.38 -15.91
CA CYS B 34 2.05 -8.73 -15.23
C CYS B 34 1.01 -9.01 -16.32
N ALA B 35 1.48 -9.42 -17.46
CA ALA B 35 0.58 -9.70 -18.60
C ALA B 35 0.21 -11.20 -18.63
N PRO B 36 -1.07 -11.47 -18.66
CA PRO B 36 -1.54 -12.87 -18.68
C PRO B 36 -1.22 -13.51 -20.04
N ALA B 37 -0.68 -14.70 -20.03
CA ALA B 37 -0.34 -15.38 -21.32
C ALA B 37 -0.99 -16.76 -21.38
N GLN B 38 -2.10 -16.94 -20.68
CA GLN B 38 -2.78 -18.26 -20.71
C GLN B 38 -3.96 -18.24 -21.69
N LYS B 39 -3.95 -19.12 -22.66
CA LYS B 39 -5.07 -19.15 -23.65
C LYS B 39 -4.97 -20.41 -24.51
N ARG B 40 -5.06 -21.57 -23.90
CA ARG B 40 -4.97 -22.84 -24.67
C ARG B 40 -6.35 -23.34 -25.08
N LEU B 41 -7.38 -22.56 -24.83
CA LEU B 41 -8.76 -23.01 -25.22
C LEU B 41 -8.83 -23.23 -26.73
N ALA B 42 -8.08 -22.48 -27.48
CA ALA B 42 -8.09 -22.64 -28.97
C ALA B 42 -7.64 -24.06 -29.34
N LYS B 43 -8.12 -24.57 -30.44
CA LYS B 43 -7.72 -25.94 -30.85
C LYS B 43 -6.29 -25.94 -31.43
N VAL B 44 -5.45 -26.82 -30.95
CA VAL B 44 -4.05 -26.87 -31.47
C VAL B 44 -3.72 -28.30 -31.95
N PRO B 45 -4.22 -28.63 -33.11
CA PRO B 45 -3.99 -29.98 -33.68
C PRO B 45 -2.54 -30.12 -34.16
N ALA B 46 -1.99 -31.30 -34.06
CA ALA B 46 -0.59 -31.51 -34.52
C ALA B 46 -0.52 -31.36 -36.04
N SER B 47 0.65 -31.14 -36.58
CA SER B 47 0.76 -30.98 -38.06
C SER B 47 1.48 -32.18 -38.68
N GLY B 48 1.07 -32.58 -39.85
CA GLY B 48 1.71 -33.75 -40.52
C GLY B 48 1.36 -33.74 -42.01
N LEU B 49 1.08 -32.59 -42.56
CA LEU B 49 0.72 -32.51 -44.01
C LEU B 49 1.90 -32.96 -44.87
N GLY B 50 3.10 -32.69 -44.43
CA GLY B 50 4.29 -33.08 -45.23
C GLY B 50 4.39 -32.22 -46.49
N VAL B 51 4.32 -32.83 -47.64
CA VAL B 51 4.40 -32.04 -48.91
C VAL B 51 3.03 -31.96 -49.58
N ASN B 52 2.67 -30.80 -50.07
CA ASN B 52 1.33 -30.66 -50.73
C ASN B 52 1.17 -31.70 -51.84
N VAL B 53 2.23 -31.98 -52.56
CA VAL B 53 2.15 -32.99 -53.66
C VAL B 53 0.98 -32.66 -54.60
N THR B 54 1.24 -31.97 -55.67
CA THR B 54 0.15 -31.61 -56.62
C THR B 54 -0.18 -32.79 -57.53
N SER B 55 -1.36 -32.81 -58.10
CA SER B 55 -1.74 -33.94 -59.00
C SER B 55 -2.12 -33.40 -60.39
N GLN B 56 -1.92 -34.17 -61.41
CA GLN B 56 -2.26 -33.71 -62.78
C GLN B 56 -3.60 -34.31 -63.22
N ASP B 57 -4.44 -33.52 -63.82
CA ASP B 57 -5.77 -34.05 -64.27
C ASP B 57 -5.65 -34.63 -65.69
N GLY B 58 -5.89 -35.90 -65.84
CA GLY B 58 -5.80 -36.53 -67.19
C GLY B 58 -7.20 -36.75 -67.75
N SER B 59 -8.13 -35.92 -67.38
CA SER B 59 -9.54 -36.07 -67.89
C SER B 59 -9.55 -36.06 -69.41
N SER B 60 -8.70 -35.27 -70.03
CA SER B 60 -8.68 -35.21 -71.52
C SER B 60 -7.24 -35.16 -72.02
N TRP B 61 -7.02 -35.49 -73.27
CA TRP B 61 -5.64 -35.45 -73.83
C TRP B 61 -5.22 -34.02 -74.15
N GLY A 1 32.58 21.95 2.35
CA GLY A 1 32.04 21.05 1.29
C GLY A 1 30.83 20.30 1.83
N SER A 2 29.76 20.99 2.13
CA SER A 2 28.55 20.31 2.66
C SER A 2 27.33 20.63 1.78
N PRO A 3 27.27 19.99 0.64
CA PRO A 3 26.15 20.22 -0.29
C PRO A 3 24.85 19.65 0.28
N GLU A 4 23.75 20.31 0.06
CA GLU A 4 22.44 19.82 0.58
C GLU A 4 21.54 19.39 -0.58
N PHE A 5 20.63 18.50 -0.33
CA PHE A 5 19.72 18.03 -1.43
C PHE A 5 18.29 18.52 -1.17
N GLY A 6 17.59 18.91 -2.20
CA GLY A 6 16.19 19.40 -2.02
C GLY A 6 15.24 18.21 -2.06
N THR A 7 13.95 18.47 -2.03
CA THR A 7 12.97 17.34 -2.06
C THR A 7 12.18 17.38 -3.38
N ARG A 8 11.97 16.23 -3.98
CA ARG A 8 11.21 16.20 -5.26
C ARG A 8 9.76 16.64 -5.04
N ASP A 9 9.18 17.25 -6.04
CA ASP A 9 7.77 17.72 -5.91
C ASP A 9 6.84 16.55 -5.59
N ARG A 10 7.11 15.38 -6.11
CA ARG A 10 6.22 14.22 -5.81
C ARG A 10 6.91 13.24 -4.84
N MET A 11 6.14 12.57 -4.03
CA MET A 11 6.73 11.62 -3.04
C MET A 11 5.74 10.49 -2.72
N LEU A 12 6.23 9.28 -2.63
CA LEU A 12 5.34 8.12 -2.33
C LEU A 12 5.32 7.82 -0.82
N VAL A 13 4.15 7.64 -0.26
CA VAL A 13 4.07 7.33 1.20
C VAL A 13 3.40 5.96 1.41
N LEU A 14 3.90 5.18 2.33
CA LEU A 14 3.31 3.84 2.60
C LEU A 14 2.40 3.89 3.82
N VAL A 15 1.21 3.37 3.70
CA VAL A 15 0.26 3.38 4.85
C VAL A 15 -0.17 1.94 5.19
N LEU A 16 -0.04 1.56 6.44
CA LEU A 16 -0.45 0.19 6.85
C LEU A 16 -0.58 0.12 8.37
N GLY A 17 -0.90 -1.03 8.91
CA GLY A 17 -1.05 -1.13 10.39
C GLY A 17 -1.91 -2.35 10.75
N ASP A 18 -2.19 -2.50 12.02
CA ASP A 18 -2.99 -3.67 12.50
C ASP A 18 -2.28 -4.97 12.16
N LEU A 19 -0.99 -4.99 12.32
CA LEU A 19 -0.22 -6.24 12.05
C LEU A 19 -0.51 -7.21 13.19
N HIS A 20 -0.66 -6.69 14.38
CA HIS A 20 -0.96 -7.52 15.58
C HIS A 20 0.08 -8.62 15.77
N ILE A 21 1.34 -8.31 15.59
CA ILE A 21 2.39 -9.34 15.80
C ILE A 21 3.03 -9.12 17.18
N PRO A 22 3.27 -10.18 17.92
CA PRO A 22 2.93 -11.55 17.51
C PRO A 22 1.61 -11.99 18.15
N HIS A 23 0.76 -11.05 18.48
CA HIS A 23 -0.53 -11.41 19.13
C HIS A 23 -1.40 -12.31 18.24
N ARG A 24 -1.57 -11.96 16.99
CA ARG A 24 -2.44 -12.81 16.11
C ARG A 24 -1.68 -13.26 14.86
N CYS A 25 -0.63 -12.56 14.50
CA CYS A 25 0.14 -12.96 13.28
C CYS A 25 1.64 -12.95 13.58
N ASN A 26 2.42 -13.67 12.81
CA ASN A 26 3.89 -13.70 13.06
C ASN A 26 4.64 -12.80 12.07
N SER A 27 4.02 -12.45 10.98
CA SER A 27 4.72 -11.57 9.99
C SER A 27 3.76 -11.17 8.86
N LEU A 28 4.22 -10.38 7.93
CA LEU A 28 3.36 -9.98 6.79
C LEU A 28 3.28 -11.15 5.80
N PRO A 29 2.32 -11.12 4.92
CA PRO A 29 2.16 -12.22 3.94
C PRO A 29 3.39 -12.27 3.01
N ALA A 30 3.78 -13.47 2.64
CA ALA A 30 5.01 -13.65 1.79
C ALA A 30 5.04 -12.72 0.56
N LYS A 31 4.03 -12.75 -0.27
CA LYS A 31 4.06 -11.88 -1.48
C LYS A 31 4.22 -10.40 -1.13
N PHE A 32 3.61 -9.95 -0.05
CA PHE A 32 3.75 -8.51 0.32
C PHE A 32 5.19 -8.16 0.66
N LYS A 33 5.89 -9.03 1.35
CA LYS A 33 7.31 -8.72 1.68
C LYS A 33 8.06 -8.44 0.38
N LYS A 34 7.75 -9.18 -0.65
CA LYS A 34 8.42 -8.96 -1.97
C LYS A 34 7.95 -7.61 -2.55
N LEU A 35 6.71 -7.25 -2.34
CA LEU A 35 6.19 -5.96 -2.88
C LEU A 35 6.91 -4.77 -2.21
N LEU A 36 7.19 -4.87 -0.94
CA LEU A 36 7.86 -3.73 -0.24
C LEU A 36 9.38 -3.82 -0.34
N VAL A 37 10.02 -2.72 -0.66
CA VAL A 37 11.51 -2.71 -0.77
C VAL A 37 12.06 -1.33 -0.37
N PRO A 38 13.23 -1.32 0.22
CA PRO A 38 13.85 -0.04 0.65
C PRO A 38 14.33 0.76 -0.55
N GLY A 39 14.34 2.07 -0.45
CA GLY A 39 14.81 2.92 -1.58
C GLY A 39 13.63 3.30 -2.48
N LYS A 40 12.47 2.74 -2.22
CA LYS A 40 11.29 3.07 -3.07
C LYS A 40 10.29 3.94 -2.29
N ILE A 41 10.29 3.85 -0.99
CA ILE A 41 9.32 4.66 -0.20
C ILE A 41 10.06 5.73 0.61
N GLN A 42 9.59 6.95 0.56
CA GLN A 42 10.26 8.04 1.33
C GLN A 42 9.50 8.35 2.62
N HIS A 43 8.24 8.01 2.69
CA HIS A 43 7.46 8.29 3.93
C HIS A 43 6.58 7.08 4.30
N ILE A 44 6.51 6.77 5.58
CA ILE A 44 5.67 5.62 6.02
C ILE A 44 4.75 6.03 7.17
N LEU A 45 3.46 5.87 7.01
CA LEU A 45 2.52 6.22 8.10
C LEU A 45 1.92 4.93 8.67
N CYS A 46 1.95 4.76 9.97
CA CYS A 46 1.39 3.52 10.57
C CYS A 46 0.24 3.86 11.52
N THR A 47 -0.87 3.17 11.37
CA THR A 47 -2.04 3.45 12.25
C THR A 47 -2.20 2.37 13.32
N GLY A 48 -2.36 1.15 12.92
CA GLY A 48 -2.55 0.04 13.89
C GLY A 48 -1.30 -0.15 14.76
N ASN A 49 -1.46 -0.83 15.86
CA ASN A 49 -0.31 -1.07 16.79
C ASN A 49 0.67 -2.06 16.16
N LEU A 50 1.94 -1.91 16.45
CA LEU A 50 2.96 -2.83 15.85
C LEU A 50 2.62 -4.31 16.14
N CYS A 51 2.58 -4.74 17.39
CA CYS A 51 2.86 -3.86 18.56
C CYS A 51 4.31 -4.07 19.03
N THR A 52 4.90 -5.20 18.71
CA THR A 52 6.30 -5.48 19.15
C THR A 52 7.28 -4.53 18.45
N LYS A 53 8.30 -4.10 19.15
CA LYS A 53 9.31 -3.19 18.53
C LYS A 53 9.96 -3.87 17.33
N GLU A 54 10.02 -5.17 17.33
CA GLU A 54 10.66 -5.89 16.17
C GLU A 54 10.04 -5.43 14.85
N SER A 55 8.75 -5.23 14.82
CA SER A 55 8.10 -4.76 13.57
C SER A 55 8.55 -3.33 13.25
N TYR A 56 8.77 -2.53 14.27
CA TYR A 56 9.21 -1.13 14.03
C TYR A 56 10.53 -1.12 13.26
N ASP A 57 11.45 -1.97 13.62
CA ASP A 57 12.75 -2.02 12.90
C ASP A 57 12.51 -2.35 11.43
N TYR A 58 11.60 -3.24 11.15
CA TYR A 58 11.29 -3.61 9.73
C TYR A 58 10.76 -2.38 8.99
N LEU A 59 9.86 -1.65 9.60
CA LEU A 59 9.30 -0.43 8.92
C LEU A 59 10.41 0.58 8.68
N LYS A 60 11.31 0.72 9.62
CA LYS A 60 12.42 1.70 9.46
C LYS A 60 13.28 1.31 8.24
N THR A 61 13.40 0.03 7.97
CA THR A 61 14.22 -0.42 6.81
C THR A 61 13.62 0.09 5.49
N LEU A 62 12.33 0.00 5.34
CA LEU A 62 11.69 0.47 4.07
C LEU A 62 11.92 1.97 3.88
N ALA A 63 11.90 2.73 4.94
CA ALA A 63 12.11 4.20 4.81
C ALA A 63 12.71 4.78 6.10
N GLY A 64 13.42 5.87 5.99
CA GLY A 64 14.03 6.48 7.21
C GLY A 64 12.97 7.25 8.00
N ASP A 65 12.14 8.00 7.32
CA ASP A 65 11.09 8.79 8.04
C ASP A 65 9.85 7.92 8.27
N VAL A 66 9.58 7.55 9.49
CA VAL A 66 8.37 6.72 9.77
C VAL A 66 7.50 7.37 10.86
N HIS A 67 6.22 7.43 10.64
CA HIS A 67 5.32 8.05 11.66
C HIS A 67 4.35 6.99 12.19
N ILE A 68 4.27 6.84 13.49
CA ILE A 68 3.36 5.80 14.06
C ILE A 68 2.49 6.39 15.19
N VAL A 69 1.32 5.83 15.37
CA VAL A 69 0.41 6.31 16.47
C VAL A 69 0.10 5.13 17.40
N ARG A 70 -0.28 5.38 18.63
CA ARG A 70 -0.54 4.25 19.56
C ARG A 70 -1.88 3.56 19.27
N GLY A 71 -1.86 2.26 19.16
CA GLY A 71 -3.13 1.50 18.91
C GLY A 71 -3.68 1.04 20.25
N ASP A 72 -4.74 0.27 20.26
CA ASP A 72 -5.30 -0.20 21.55
C ASP A 72 -4.53 -1.42 22.07
N PHE A 73 -3.52 -1.85 21.36
CA PHE A 73 -2.74 -3.04 21.84
C PHE A 73 -1.23 -2.81 21.66
N ASP A 74 -0.80 -1.58 21.65
CA ASP A 74 0.67 -1.31 21.49
C ASP A 74 1.38 -1.45 22.84
N GLU A 75 2.49 -2.16 22.87
CA GLU A 75 3.24 -2.31 24.15
C GLU A 75 3.85 -0.98 24.57
N ASN A 76 4.47 -0.29 23.65
CA ASN A 76 5.08 1.03 23.98
C ASN A 76 4.00 2.10 24.12
N LEU A 77 3.90 2.70 25.27
CA LEU A 77 2.89 3.76 25.50
C LEU A 77 3.42 5.12 25.06
N ASN A 78 4.63 5.18 24.59
CA ASN A 78 5.21 6.49 24.16
C ASN A 78 4.64 6.94 22.82
N TYR A 79 3.82 6.13 22.19
CA TYR A 79 3.23 6.56 20.88
C TYR A 79 2.12 7.57 21.14
N PRO A 80 1.96 8.48 20.20
CA PRO A 80 0.93 9.55 20.33
C PRO A 80 -0.46 9.00 20.03
N GLU A 81 -1.46 9.42 20.77
CA GLU A 81 -2.84 8.93 20.51
C GLU A 81 -3.24 9.29 19.07
N GLN A 82 -2.86 10.46 18.64
CA GLN A 82 -3.17 10.90 17.25
C GLN A 82 -2.09 11.91 16.80
N LYS A 83 -1.81 11.97 15.52
CA LYS A 83 -0.76 12.92 15.06
C LYS A 83 -1.11 13.54 13.70
N VAL A 84 -0.72 14.76 13.48
CA VAL A 84 -1.00 15.43 12.17
C VAL A 84 0.32 15.67 11.43
N VAL A 85 0.53 15.00 10.34
CA VAL A 85 1.80 15.20 9.58
C VAL A 85 1.51 15.81 8.21
N THR A 86 2.23 16.84 7.85
CA THR A 86 1.99 17.49 6.52
C THR A 86 2.91 16.84 5.47
N VAL A 87 2.35 16.46 4.35
CA VAL A 87 3.17 15.85 3.28
C VAL A 87 3.03 16.67 2.00
N GLY A 88 3.85 17.68 1.85
CA GLY A 88 3.75 18.54 0.64
C GLY A 88 2.58 19.51 0.79
N GLN A 89 1.61 19.45 -0.08
CA GLN A 89 0.44 20.36 0.04
C GLN A 89 -0.68 19.72 0.86
N PHE A 90 -0.54 18.47 1.23
CA PHE A 90 -1.63 17.78 1.98
C PHE A 90 -1.40 17.77 3.50
N LYS A 91 -2.44 18.02 4.25
CA LYS A 91 -2.36 17.97 5.73
C LYS A 91 -3.06 16.69 6.17
N ILE A 92 -2.32 15.70 6.60
CA ILE A 92 -2.96 14.41 6.96
C ILE A 92 -2.97 14.17 8.47
N GLY A 93 -4.05 13.63 8.97
CA GLY A 93 -4.16 13.34 10.42
C GLY A 93 -3.97 11.83 10.62
N LEU A 94 -3.62 11.40 11.80
CA LEU A 94 -3.43 9.93 12.01
C LEU A 94 -3.97 9.46 13.36
N ILE A 95 -4.74 8.39 13.36
CA ILE A 95 -5.28 7.86 14.64
C ILE A 95 -5.63 6.37 14.47
N HIS A 96 -5.52 5.58 15.50
CA HIS A 96 -5.84 4.13 15.35
C HIS A 96 -7.30 3.94 14.92
N GLY A 97 -8.22 4.40 15.73
CA GLY A 97 -9.66 4.27 15.35
C GLY A 97 -10.46 3.76 16.56
N HIS A 98 -9.85 3.04 17.47
CA HIS A 98 -10.61 2.54 18.65
C HIS A 98 -11.17 3.71 19.47
N GLN A 99 -10.64 4.89 19.26
CA GLN A 99 -11.15 6.08 20.00
C GLN A 99 -12.36 6.68 19.26
N VAL A 100 -12.67 6.18 18.09
CA VAL A 100 -13.82 6.73 17.33
C VAL A 100 -15.06 5.85 17.54
N ILE A 101 -16.07 6.36 18.20
CA ILE A 101 -17.29 5.54 18.45
C ILE A 101 -18.49 6.13 17.68
N PRO A 102 -19.18 5.28 16.93
CA PRO A 102 -18.82 3.85 16.85
C PRO A 102 -17.53 3.63 16.06
N TRP A 103 -16.87 2.53 16.34
CA TRP A 103 -15.55 2.20 15.71
C TRP A 103 -15.45 2.56 14.22
N GLY A 104 -16.31 2.05 13.38
CA GLY A 104 -16.16 2.36 11.91
C GLY A 104 -17.26 3.29 11.40
N ASP A 105 -17.74 4.21 12.20
CA ASP A 105 -18.80 5.14 11.70
C ASP A 105 -18.18 6.25 10.84
N MET A 106 -18.77 6.54 9.72
CA MET A 106 -18.22 7.63 8.87
C MET A 106 -18.53 8.99 9.50
N ALA A 107 -19.72 9.14 10.04
CA ALA A 107 -20.08 10.43 10.68
C ALA A 107 -19.13 10.72 11.85
N SER A 108 -18.76 9.70 12.59
CA SER A 108 -17.81 9.92 13.72
C SER A 108 -16.45 10.31 13.16
N LEU A 109 -16.03 9.65 12.11
CA LEU A 109 -14.71 9.99 11.50
C LEU A 109 -14.76 11.42 10.96
N ALA A 110 -15.85 11.79 10.32
CA ALA A 110 -15.96 13.17 9.78
C ALA A 110 -15.90 14.17 10.94
N LEU A 111 -16.62 13.91 11.99
CA LEU A 111 -16.59 14.83 13.17
C LEU A 111 -15.14 14.98 13.64
N LEU A 112 -14.37 13.94 13.55
CA LEU A 112 -12.94 14.02 13.97
C LEU A 112 -12.15 14.85 12.96
N GLN A 113 -12.49 14.74 11.70
CA GLN A 113 -11.77 15.52 10.64
C GLN A 113 -11.86 17.02 10.96
N ARG A 114 -13.03 17.49 11.31
CA ARG A 114 -13.19 18.94 11.63
C ARG A 114 -12.19 19.34 12.72
N GLN A 115 -12.23 18.68 13.83
CA GLN A 115 -11.29 19.01 14.94
C GLN A 115 -9.83 18.98 14.46
N PHE A 116 -9.47 17.97 13.72
CA PHE A 116 -8.07 17.87 13.20
C PHE A 116 -7.81 18.90 12.10
N ASP A 117 -8.81 19.27 11.35
CA ASP A 117 -8.61 20.26 10.23
C ASP A 117 -7.59 19.70 9.23
N VAL A 118 -7.77 18.47 8.82
CA VAL A 118 -6.82 17.85 7.84
C VAL A 118 -7.55 17.57 6.52
N ASP A 119 -6.81 17.50 5.44
CA ASP A 119 -7.46 17.21 4.13
C ASP A 119 -7.69 15.71 4.00
N ILE A 120 -6.82 14.92 4.59
CA ILE A 120 -6.97 13.43 4.53
C ILE A 120 -6.88 12.84 5.94
N LEU A 121 -7.69 11.85 6.24
CA LEU A 121 -7.64 11.24 7.60
C LEU A 121 -7.32 9.75 7.48
N ILE A 122 -6.27 9.30 8.12
CA ILE A 122 -5.90 7.85 8.04
C ILE A 122 -6.26 7.15 9.36
N SER A 123 -6.93 6.03 9.28
CA SER A 123 -7.30 5.29 10.52
C SER A 123 -7.54 3.81 10.20
N GLY A 124 -7.50 2.96 11.20
CA GLY A 124 -7.73 1.51 10.95
C GLY A 124 -8.64 0.93 12.04
N HIS A 125 -8.16 -0.06 12.76
CA HIS A 125 -8.96 -0.71 13.86
C HIS A 125 -10.04 -1.64 13.30
N THR A 126 -10.62 -1.33 12.17
CA THR A 126 -11.69 -2.22 11.60
C THR A 126 -11.08 -3.31 10.70
N HIS A 127 -9.81 -3.22 10.40
CA HIS A 127 -9.17 -4.25 9.53
C HIS A 127 -9.92 -4.37 8.20
N LYS A 128 -10.59 -3.33 7.79
CA LYS A 128 -11.32 -3.36 6.48
C LYS A 128 -10.85 -2.20 5.61
N PHE A 129 -10.20 -2.49 4.51
CA PHE A 129 -9.72 -1.38 3.64
C PHE A 129 -10.88 -0.45 3.26
N GLU A 130 -10.64 0.83 3.29
CA GLU A 130 -11.72 1.80 2.94
C GLU A 130 -11.11 3.08 2.36
N ALA A 131 -11.50 3.45 1.17
CA ALA A 131 -10.96 4.68 0.54
C ALA A 131 -12.08 5.45 -0.15
N PHE A 132 -12.64 6.45 0.50
CA PHE A 132 -13.76 7.22 -0.13
C PHE A 132 -13.63 8.72 0.18
N GLU A 133 -14.39 9.54 -0.50
CA GLU A 133 -14.34 11.01 -0.26
C GLU A 133 -15.63 11.48 0.41
N HIS A 134 -15.56 12.46 1.28
CA HIS A 134 -16.79 12.96 1.96
C HIS A 134 -16.70 14.46 2.23
N GLU A 135 -17.58 15.24 1.64
CA GLU A 135 -17.57 16.72 1.86
C GLU A 135 -16.18 17.32 1.59
N ASN A 136 -15.68 17.13 0.39
CA ASN A 136 -14.35 17.70 0.00
C ASN A 136 -13.20 17.15 0.85
N LYS A 137 -13.42 16.09 1.59
CA LYS A 137 -12.32 15.52 2.42
C LYS A 137 -12.09 14.06 2.06
N PHE A 138 -10.90 13.55 2.28
CA PHE A 138 -10.62 12.13 1.93
C PHE A 138 -10.38 11.29 3.17
N TYR A 139 -10.87 10.08 3.18
CA TYR A 139 -10.67 9.16 4.33
C TYR A 139 -10.02 7.87 3.83
N ILE A 140 -9.01 7.39 4.51
CA ILE A 140 -8.33 6.15 4.03
C ILE A 140 -8.09 5.16 5.18
N ASN A 141 -8.36 3.92 4.93
CA ASN A 141 -8.11 2.87 5.95
C ASN A 141 -7.36 1.71 5.28
N PRO A 142 -6.11 1.57 5.61
CA PRO A 142 -5.26 0.50 5.00
C PRO A 142 -5.76 -0.89 5.39
N GLY A 143 -6.32 -1.03 6.56
CA GLY A 143 -6.81 -2.37 7.00
C GLY A 143 -5.70 -3.11 7.76
N SER A 144 -5.56 -4.39 7.53
CA SER A 144 -4.50 -5.16 8.25
C SER A 144 -3.49 -5.72 7.26
N ALA A 145 -2.28 -5.23 7.28
CA ALA A 145 -1.23 -5.75 6.35
C ALA A 145 -1.04 -7.26 6.55
N THR A 146 -1.42 -7.78 7.69
CA THR A 146 -1.24 -9.24 7.94
C THR A 146 -2.61 -9.94 8.04
N GLY A 147 -3.67 -9.27 7.64
CA GLY A 147 -5.02 -9.91 7.73
C GLY A 147 -5.25 -10.35 9.18
N ALA A 148 -4.78 -9.58 10.12
CA ALA A 148 -4.96 -9.96 11.56
C ALA A 148 -6.42 -10.31 11.86
N TYR A 149 -6.63 -11.23 12.76
CA TYR A 149 -8.02 -11.64 13.11
C TYR A 149 -8.82 -10.50 13.75
N ASN A 150 -10.11 -10.52 13.57
CA ASN A 150 -10.98 -9.47 14.17
C ASN A 150 -12.37 -10.08 14.47
N ALA A 151 -12.73 -10.14 15.71
CA ALA A 151 -14.04 -10.76 16.10
C ALA A 151 -15.24 -10.21 15.31
N LEU A 152 -15.18 -8.98 14.86
CA LEU A 152 -16.36 -8.42 14.12
C LEU A 152 -16.42 -8.91 12.66
N GLU A 153 -15.29 -9.22 12.06
CA GLU A 153 -15.33 -9.71 10.65
C GLU A 153 -14.62 -11.08 10.56
N THR A 154 -15.35 -12.10 10.20
CA THR A 154 -14.75 -13.46 10.10
C THR A 154 -13.91 -13.60 8.83
N ASN A 155 -14.06 -12.72 7.89
CA ASN A 155 -13.26 -12.82 6.64
C ASN A 155 -12.39 -11.57 6.46
N ILE A 156 -11.17 -11.61 6.92
CA ILE A 156 -10.28 -10.41 6.77
C ILE A 156 -9.31 -10.60 5.61
N ILE A 157 -9.09 -9.56 4.86
CA ILE A 157 -8.13 -9.66 3.73
C ILE A 157 -6.91 -8.78 4.03
N PRO A 158 -5.76 -9.38 4.07
CA PRO A 158 -4.52 -8.62 4.38
C PRO A 158 -4.24 -7.61 3.27
N SER A 159 -3.91 -6.40 3.61
CA SER A 159 -3.65 -5.38 2.55
C SER A 159 -2.99 -4.11 3.10
N PHE A 160 -2.26 -3.41 2.28
CA PHE A 160 -1.62 -2.14 2.70
C PHE A 160 -1.80 -1.12 1.57
N VAL A 161 -1.66 0.14 1.86
CA VAL A 161 -1.91 1.16 0.79
C VAL A 161 -0.73 2.13 0.59
N LEU A 162 -0.40 2.38 -0.65
CA LEU A 162 0.69 3.35 -0.98
C LEU A 162 0.05 4.61 -1.58
N MET A 163 0.46 5.77 -1.15
CA MET A 163 -0.16 7.01 -1.71
C MET A 163 0.87 7.80 -2.52
N ASP A 164 0.57 8.08 -3.76
CA ASP A 164 1.51 8.86 -4.60
C ASP A 164 1.06 10.32 -4.67
N ILE A 165 1.85 11.24 -4.18
CA ILE A 165 1.44 12.67 -4.22
C ILE A 165 2.37 13.49 -5.12
N GLN A 166 1.80 14.15 -6.09
CA GLN A 166 2.63 14.99 -7.01
C GLN A 166 2.52 16.47 -6.59
N ALA A 167 1.31 16.96 -6.50
CA ALA A 167 1.09 18.38 -6.11
C ALA A 167 -0.41 18.65 -6.01
N SER A 168 -0.93 18.77 -4.82
CA SER A 168 -2.40 19.01 -4.64
C SER A 168 -3.20 17.86 -5.26
N THR A 169 -2.55 16.79 -5.63
CA THR A 169 -3.26 15.63 -6.22
C THR A 169 -2.66 14.34 -5.66
N VAL A 170 -3.47 13.41 -5.21
CA VAL A 170 -2.87 12.15 -4.65
C VAL A 170 -3.56 10.91 -5.22
N VAL A 171 -2.78 9.91 -5.53
CA VAL A 171 -3.36 8.64 -6.04
C VAL A 171 -3.07 7.56 -5.01
N THR A 172 -4.08 6.87 -4.54
CA THR A 172 -3.82 5.83 -3.51
C THR A 172 -3.95 4.44 -4.13
N TYR A 173 -3.01 3.58 -3.83
CA TYR A 173 -3.06 2.21 -4.36
C TYR A 173 -3.30 1.24 -3.21
N VAL A 174 -4.27 0.39 -3.34
CA VAL A 174 -4.55 -0.58 -2.26
C VAL A 174 -4.20 -1.98 -2.74
N TYR A 175 -3.49 -2.73 -1.94
CA TYR A 175 -3.11 -4.11 -2.37
C TYR A 175 -3.84 -5.12 -1.51
N GLN A 176 -4.72 -5.88 -2.10
CA GLN A 176 -5.45 -6.91 -1.32
C GLN A 176 -4.95 -8.29 -1.71
N LEU A 177 -4.75 -9.15 -0.74
CA LEU A 177 -4.27 -10.51 -1.06
C LEU A 177 -5.46 -11.46 -1.19
N ILE A 178 -6.08 -11.47 -2.34
CA ILE A 178 -7.24 -12.38 -2.54
C ILE A 178 -6.76 -13.60 -3.31
N GLY A 179 -6.88 -14.77 -2.71
CA GLY A 179 -6.39 -15.98 -3.40
C GLY A 179 -4.86 -15.95 -3.41
N ASP A 180 -4.23 -16.71 -4.26
CA ASP A 180 -2.74 -16.68 -4.29
C ASP A 180 -2.23 -15.37 -4.89
N ASP A 181 -2.82 -14.92 -5.96
CA ASP A 181 -2.38 -13.65 -6.60
C ASP A 181 -2.86 -12.44 -5.81
N VAL A 182 -2.18 -11.32 -5.93
CA VAL A 182 -2.61 -10.10 -5.19
C VAL A 182 -3.29 -9.13 -6.16
N LYS A 183 -4.47 -8.67 -5.82
CA LYS A 183 -5.19 -7.72 -6.72
C LYS A 183 -4.93 -6.28 -6.28
N VAL A 184 -4.94 -5.35 -7.20
CA VAL A 184 -4.68 -3.94 -6.82
C VAL A 184 -5.72 -3.00 -7.45
N GLU A 185 -6.14 -2.00 -6.72
CA GLU A 185 -7.15 -1.03 -7.25
C GLU A 185 -6.56 0.38 -7.22
N ARG A 186 -6.98 1.24 -8.11
CA ARG A 186 -6.41 2.62 -8.13
C ARG A 186 -7.49 3.68 -7.82
N ILE A 187 -7.23 4.52 -6.85
CA ILE A 187 -8.19 5.60 -6.49
C ILE A 187 -7.46 6.95 -6.52
N GLU A 188 -8.03 7.95 -7.15
CA GLU A 188 -7.34 9.28 -7.21
C GLU A 188 -8.13 10.35 -6.46
N TYR A 189 -7.43 11.22 -5.76
CA TYR A 189 -8.12 12.31 -5.01
C TYR A 189 -7.31 13.62 -5.15
N LYS A 190 -8.00 14.73 -5.28
CA LYS A 190 -7.29 16.03 -5.41
C LYS A 190 -7.99 17.11 -4.59
N LYS A 191 -7.26 18.05 -4.05
CA LYS A 191 -7.89 19.14 -3.25
C LYS A 191 -9.06 19.77 -4.01
N SER A 192 -10.07 20.21 -3.31
CA SER A 192 -11.24 20.83 -3.99
C SER A 192 -11.12 22.36 -3.95
N GLY B 1 -26.91 -8.29 -8.23
CA GLY B 1 -27.46 -7.81 -9.53
C GLY B 1 -26.32 -7.63 -10.54
N PRO B 2 -26.58 -6.85 -11.55
CA PRO B 2 -25.56 -6.59 -12.60
C PRO B 2 -24.40 -5.77 -12.04
N LEU B 3 -24.59 -5.11 -10.93
CA LEU B 3 -23.49 -4.28 -10.34
C LEU B 3 -22.62 -5.15 -9.43
N GLY B 4 -21.34 -4.88 -9.39
CA GLY B 4 -20.43 -5.69 -8.52
C GLY B 4 -19.59 -6.62 -9.39
N SER B 5 -19.92 -7.88 -9.43
CA SER B 5 -19.14 -8.85 -10.27
C SER B 5 -20.02 -9.41 -11.37
N THR B 6 -19.45 -9.67 -12.53
CA THR B 6 -20.27 -10.22 -13.64
C THR B 6 -20.23 -11.75 -13.63
N GLU B 7 -21.36 -12.37 -13.80
CA GLU B 7 -21.40 -13.87 -13.80
C GLU B 7 -20.64 -14.44 -15.00
N GLU B 8 -20.60 -13.72 -16.09
CA GLU B 8 -19.89 -14.24 -17.30
C GLU B 8 -18.43 -14.56 -16.95
N ASP B 9 -17.94 -15.68 -17.42
CA ASP B 9 -16.53 -16.07 -17.12
C ASP B 9 -15.55 -15.09 -17.79
N LEU B 10 -15.82 -14.71 -19.01
CA LEU B 10 -14.90 -13.77 -19.72
C LEU B 10 -15.57 -12.42 -19.95
N GLU B 11 -14.88 -11.35 -19.67
CA GLU B 11 -15.47 -9.99 -19.90
C GLU B 11 -14.82 -9.33 -21.12
N ASP B 12 -13.59 -8.93 -21.00
CA ASP B 12 -12.89 -8.27 -22.14
C ASP B 12 -11.55 -8.96 -22.38
N ALA B 13 -10.73 -8.43 -23.26
CA ALA B 13 -9.41 -9.07 -23.53
C ALA B 13 -8.48 -8.89 -22.32
N GLU B 14 -8.05 -9.98 -21.73
CA GLU B 14 -7.16 -9.89 -20.55
C GLU B 14 -5.82 -9.24 -20.93
N ASP B 15 -5.34 -9.51 -22.12
CA ASP B 15 -4.04 -8.92 -22.55
C ASP B 15 -4.26 -7.59 -23.28
N THR B 16 -3.20 -6.90 -23.61
CA THR B 16 -3.35 -5.60 -24.32
C THR B 16 -2.49 -5.58 -25.59
N VAL B 17 -2.88 -4.80 -26.56
CA VAL B 17 -2.09 -4.76 -27.82
C VAL B 17 -1.73 -3.30 -28.18
N SER B 18 -2.72 -2.49 -28.44
CA SER B 18 -2.45 -1.07 -28.80
C SER B 18 -1.75 -0.35 -27.64
N ALA B 19 -2.00 -0.78 -26.43
CA ALA B 19 -1.34 -0.12 -25.26
C ALA B 19 -0.54 -1.15 -24.46
N ALA B 20 0.50 -0.71 -23.80
CA ALA B 20 1.33 -1.66 -23.00
C ALA B 20 1.60 -1.08 -21.61
N ASP B 21 2.59 -1.59 -20.92
CA ASP B 21 2.90 -1.06 -19.56
C ASP B 21 4.35 -0.57 -19.50
N PRO B 22 4.60 0.55 -20.12
CA PRO B 22 5.97 1.12 -20.14
C PRO B 22 6.34 1.65 -18.74
N GLU B 23 5.36 1.91 -17.92
CA GLU B 23 5.64 2.43 -16.55
C GLU B 23 5.24 1.40 -15.50
N PHE B 24 5.72 1.56 -14.29
CA PHE B 24 5.38 0.61 -13.20
C PHE B 24 3.87 0.48 -13.02
N CYS B 25 3.43 -0.68 -12.61
CA CYS B 25 1.96 -0.88 -12.36
C CYS B 25 1.54 0.05 -11.24
N HIS B 26 2.38 0.14 -10.25
CA HIS B 26 2.11 1.01 -9.08
C HIS B 26 3.38 1.05 -8.24
N PRO B 27 3.36 1.76 -7.15
CA PRO B 27 4.58 1.83 -6.29
C PRO B 27 4.99 0.44 -5.83
N LEU B 28 6.27 0.17 -5.87
CA LEU B 28 6.82 -1.14 -5.42
C LEU B 28 6.43 -2.29 -6.38
N CYS B 29 6.66 -2.17 -7.67
CA CYS B 29 6.31 -3.32 -8.55
C CYS B 29 7.40 -3.49 -9.60
N GLN B 30 8.50 -4.08 -9.20
CA GLN B 30 9.62 -4.31 -10.14
C GLN B 30 9.35 -5.56 -10.97
N CYS B 31 8.12 -5.97 -11.01
CA CYS B 31 7.71 -7.17 -11.78
C CYS B 31 8.31 -7.21 -13.18
N PRO B 32 8.11 -8.32 -13.83
CA PRO B 32 8.56 -8.47 -15.23
C PRO B 32 7.69 -7.60 -16.13
N LYS B 33 6.41 -7.83 -16.06
CA LYS B 33 5.43 -7.05 -16.88
C LYS B 33 4.04 -7.16 -16.27
N CYS B 34 3.84 -8.10 -15.37
CA CYS B 34 2.46 -8.30 -14.82
C CYS B 34 1.52 -8.50 -16.02
N ALA B 35 2.07 -9.00 -17.10
CA ALA B 35 1.27 -9.19 -18.33
C ALA B 35 1.43 -10.63 -18.86
N PRO B 36 0.50 -11.05 -19.67
CA PRO B 36 0.56 -12.41 -20.24
C PRO B 36 1.60 -12.46 -21.37
N ALA B 37 2.75 -13.03 -21.10
CA ALA B 37 3.81 -13.10 -22.16
C ALA B 37 3.34 -13.97 -23.33
N GLN B 38 2.59 -14.99 -23.05
CA GLN B 38 2.10 -15.89 -24.14
C GLN B 38 0.57 -16.01 -24.09
N LYS B 39 -0.03 -16.49 -25.15
CA LYS B 39 -1.51 -16.64 -25.17
C LYS B 39 -1.93 -17.73 -24.19
N ARG B 40 -3.16 -17.69 -23.73
CA ARG B 40 -3.63 -18.73 -22.77
C ARG B 40 -3.53 -20.13 -23.40
N LEU B 41 -2.99 -21.07 -22.67
CA LEU B 41 -2.87 -22.46 -23.21
C LEU B 41 -4.25 -23.12 -23.24
N ALA B 42 -5.08 -22.81 -22.28
CA ALA B 42 -6.44 -23.43 -22.23
C ALA B 42 -7.52 -22.39 -22.57
N LYS B 43 -8.65 -22.83 -23.04
CA LYS B 43 -9.75 -21.88 -23.40
C LYS B 43 -9.29 -20.88 -24.46
N VAL B 44 -8.60 -21.36 -25.47
CA VAL B 44 -8.12 -20.44 -26.54
C VAL B 44 -8.89 -20.70 -27.85
N PRO B 45 -9.63 -19.71 -28.30
CA PRO B 45 -10.42 -19.88 -29.54
C PRO B 45 -9.48 -19.93 -30.75
N ALA B 46 -9.62 -20.95 -31.56
CA ALA B 46 -8.74 -21.07 -32.76
C ALA B 46 -9.04 -19.94 -33.75
N SER B 47 -10.27 -19.50 -33.82
CA SER B 47 -10.63 -18.41 -34.76
C SER B 47 -10.22 -17.05 -34.17
N GLY B 48 -8.99 -16.65 -34.36
CA GLY B 48 -8.53 -15.34 -33.82
C GLY B 48 -8.82 -14.25 -34.85
N LEU B 49 -8.51 -13.02 -34.53
CA LEU B 49 -8.77 -11.91 -35.49
C LEU B 49 -7.94 -12.12 -36.76
N GLY B 50 -6.76 -12.66 -36.64
CA GLY B 50 -5.90 -12.89 -37.83
C GLY B 50 -4.46 -13.10 -37.38
N VAL B 51 -3.59 -12.20 -37.73
CA VAL B 51 -2.15 -12.34 -37.32
C VAL B 51 -1.76 -11.20 -36.38
N ASN B 52 -1.20 -11.51 -35.25
CA ASN B 52 -0.79 -10.45 -34.28
C ASN B 52 0.38 -10.95 -33.42
N VAL B 53 0.97 -10.08 -32.64
CA VAL B 53 2.10 -10.52 -31.78
C VAL B 53 1.78 -10.24 -30.31
N THR B 54 1.75 -11.27 -29.50
CA THR B 54 1.44 -11.08 -28.04
C THR B 54 2.69 -10.58 -27.31
N SER B 55 3.85 -11.05 -27.69
CA SER B 55 5.10 -10.61 -27.01
C SER B 55 5.37 -9.13 -27.25
N GLN B 56 6.16 -8.52 -26.41
CA GLN B 56 6.48 -7.08 -26.58
C GLN B 56 7.77 -6.91 -27.39
N ASP B 57 7.73 -6.15 -28.45
CA ASP B 57 8.94 -5.96 -29.30
C ASP B 57 9.81 -4.83 -28.72
N GLY B 58 11.03 -5.14 -28.35
CA GLY B 58 11.92 -4.09 -27.79
C GLY B 58 12.70 -3.43 -28.93
N SER B 59 12.40 -2.20 -29.23
CA SER B 59 13.12 -1.50 -30.34
C SER B 59 13.28 -0.01 -30.00
N SER B 60 14.24 0.64 -30.60
CA SER B 60 14.46 2.08 -30.32
C SER B 60 14.22 2.90 -31.60
N TRP B 61 13.74 4.10 -31.45
CA TRP B 61 13.47 4.96 -32.66
C TRP B 61 14.70 5.81 -32.98
N GLY A 1 -8.20 25.73 -14.43
CA GLY A 1 -6.71 25.74 -14.51
C GLY A 1 -6.17 24.32 -14.30
N SER A 2 -5.53 23.77 -15.29
CA SER A 2 -4.98 22.38 -15.14
C SER A 2 -3.88 22.36 -14.07
N PRO A 3 -3.75 21.23 -13.42
CA PRO A 3 -2.73 21.08 -12.35
C PRO A 3 -1.32 21.11 -12.96
N GLU A 4 -0.34 21.57 -12.22
CA GLU A 4 1.04 21.61 -12.76
C GLU A 4 1.81 20.36 -12.36
N PHE A 5 2.56 19.80 -13.29
CA PHE A 5 3.35 18.57 -12.97
C PHE A 5 4.71 18.62 -13.67
N GLY A 6 5.65 17.84 -13.22
CA GLY A 6 6.99 17.85 -13.85
C GLY A 6 7.89 18.88 -13.16
N THR A 7 7.41 20.09 -13.04
CA THR A 7 8.21 21.16 -12.38
C THR A 7 8.29 20.88 -10.87
N ARG A 8 7.39 20.10 -10.34
CA ARG A 8 7.42 19.80 -8.89
C ARG A 8 7.65 18.30 -8.67
N ASP A 9 8.37 17.95 -7.64
CA ASP A 9 8.66 16.51 -7.38
C ASP A 9 7.49 15.86 -6.62
N ARG A 10 7.29 14.58 -6.82
CA ARG A 10 6.20 13.85 -6.11
C ARG A 10 6.80 12.89 -5.10
N MET A 11 6.12 12.59 -4.02
CA MET A 11 6.72 11.65 -3.03
C MET A 11 5.76 10.51 -2.72
N LEU A 12 6.27 9.31 -2.59
CA LEU A 12 5.39 8.13 -2.29
C LEU A 12 5.34 7.86 -0.79
N VAL A 13 4.17 7.64 -0.25
CA VAL A 13 4.05 7.35 1.21
C VAL A 13 3.39 5.98 1.42
N LEU A 14 3.89 5.20 2.33
CA LEU A 14 3.31 3.85 2.60
C LEU A 14 2.39 3.90 3.82
N VAL A 15 1.20 3.37 3.70
CA VAL A 15 0.26 3.38 4.85
C VAL A 15 -0.17 1.94 5.19
N LEU A 16 -0.05 1.56 6.43
CA LEU A 16 -0.46 0.18 6.83
C LEU A 16 -0.58 0.11 8.37
N GLY A 17 -0.91 -1.04 8.90
CA GLY A 17 -1.04 -1.15 10.38
C GLY A 17 -1.90 -2.37 10.74
N ASP A 18 -2.18 -2.52 12.01
CA ASP A 18 -2.99 -3.68 12.49
C ASP A 18 -2.29 -4.99 12.14
N LEU A 19 -0.99 -5.01 12.31
CA LEU A 19 -0.22 -6.26 12.03
C LEU A 19 -0.51 -7.24 13.17
N HIS A 20 -0.66 -6.70 14.35
CA HIS A 20 -0.96 -7.53 15.56
C HIS A 20 0.08 -8.65 15.75
N ILE A 21 1.33 -8.33 15.56
CA ILE A 21 2.40 -9.36 15.77
C ILE A 21 3.04 -9.14 17.15
N PRO A 22 3.27 -10.21 17.89
CA PRO A 22 2.93 -11.59 17.47
C PRO A 22 1.61 -12.01 18.11
N HIS A 23 0.76 -11.08 18.45
CA HIS A 23 -0.53 -11.43 19.11
C HIS A 23 -1.40 -12.32 18.22
N ARG A 24 -1.57 -11.98 16.97
CA ARG A 24 -2.45 -12.82 16.09
C ARG A 24 -1.69 -13.28 14.83
N CYS A 25 -0.64 -12.59 14.47
CA CYS A 25 0.13 -12.99 13.25
C CYS A 25 1.63 -12.97 13.55
N ASN A 26 2.41 -13.69 12.78
CA ASN A 26 3.88 -13.72 13.04
C ASN A 26 4.64 -12.82 12.04
N SER A 27 4.01 -12.46 10.95
CA SER A 27 4.70 -11.59 9.96
C SER A 27 3.74 -11.19 8.83
N LEU A 28 4.21 -10.41 7.90
CA LEU A 28 3.34 -10.00 6.76
C LEU A 28 3.27 -11.17 5.77
N PRO A 29 2.29 -11.13 4.90
CA PRO A 29 2.13 -12.24 3.91
C PRO A 29 3.36 -12.29 2.99
N ALA A 30 3.78 -13.48 2.64
CA ALA A 30 5.00 -13.66 1.80
C ALA A 30 5.04 -12.73 0.57
N LYS A 31 4.03 -12.74 -0.25
CA LYS A 31 4.06 -11.87 -1.47
C LYS A 31 4.22 -10.39 -1.11
N PHE A 32 3.61 -9.95 -0.03
CA PHE A 32 3.74 -8.51 0.34
C PHE A 32 5.19 -8.15 0.68
N LYS A 33 5.89 -9.02 1.36
CA LYS A 33 7.31 -8.70 1.68
C LYS A 33 8.07 -8.41 0.39
N LYS A 34 7.73 -9.12 -0.66
CA LYS A 34 8.39 -8.90 -1.97
C LYS A 34 7.97 -7.53 -2.54
N LEU A 35 6.72 -7.15 -2.35
CA LEU A 35 6.25 -5.82 -2.87
C LEU A 35 6.97 -4.67 -2.15
N LEU A 36 7.21 -4.81 -0.88
CA LEU A 36 7.88 -3.70 -0.12
C LEU A 36 9.41 -3.80 -0.23
N VAL A 37 10.05 -2.71 -0.57
CA VAL A 37 11.54 -2.71 -0.68
C VAL A 37 12.09 -1.33 -0.30
N PRO A 38 13.25 -1.31 0.29
CA PRO A 38 13.89 -0.04 0.70
C PRO A 38 14.36 0.77 -0.52
N GLY A 39 14.34 2.07 -0.43
CA GLY A 39 14.79 2.92 -1.57
C GLY A 39 13.60 3.27 -2.47
N LYS A 40 12.45 2.72 -2.18
CA LYS A 40 11.27 3.02 -3.02
C LYS A 40 10.26 3.91 -2.27
N ILE A 41 10.27 3.85 -0.97
CA ILE A 41 9.31 4.68 -0.18
C ILE A 41 10.04 5.75 0.62
N GLN A 42 9.58 6.96 0.56
CA GLN A 42 10.24 8.07 1.31
C GLN A 42 9.49 8.37 2.62
N HIS A 43 8.21 8.02 2.68
CA HIS A 43 7.43 8.30 3.92
C HIS A 43 6.57 7.10 4.31
N ILE A 44 6.49 6.80 5.58
CA ILE A 44 5.64 5.64 6.02
C ILE A 44 4.72 6.06 7.16
N LEU A 45 3.43 5.89 7.00
CA LEU A 45 2.49 6.24 8.09
C LEU A 45 1.89 4.95 8.67
N CYS A 46 1.93 4.79 9.96
CA CYS A 46 1.37 3.54 10.57
C CYS A 46 0.22 3.86 11.51
N THR A 47 -0.89 3.19 11.36
CA THR A 47 -2.06 3.47 12.23
C THR A 47 -2.23 2.38 13.29
N GLY A 48 -2.39 1.15 12.86
CA GLY A 48 -2.57 0.04 13.83
C GLY A 48 -1.34 -0.14 14.72
N ASN A 49 -1.52 -0.81 15.83
CA ASN A 49 -0.37 -1.03 16.77
C ASN A 49 0.62 -2.03 16.16
N LEU A 50 1.88 -1.88 16.45
CA LEU A 50 2.91 -2.81 15.87
C LEU A 50 2.57 -4.29 16.17
N CYS A 51 2.52 -4.71 17.42
CA CYS A 51 2.82 -3.83 18.58
C CYS A 51 4.26 -4.03 19.05
N THR A 52 4.86 -5.15 18.72
CA THR A 52 6.26 -5.43 19.17
C THR A 52 7.24 -4.50 18.47
N LYS A 53 8.26 -4.06 19.16
CA LYS A 53 9.27 -3.14 18.55
C LYS A 53 9.92 -3.82 17.34
N GLU A 54 10.00 -5.12 17.35
CA GLU A 54 10.63 -5.84 16.19
C GLU A 54 10.01 -5.37 14.87
N SER A 55 8.72 -5.18 14.85
CA SER A 55 8.06 -4.72 13.60
C SER A 55 8.52 -3.28 13.29
N TYR A 56 8.74 -2.49 14.30
CA TYR A 56 9.19 -1.08 14.06
C TYR A 56 10.51 -1.07 13.29
N ASP A 57 11.42 -1.93 13.65
CA ASP A 57 12.73 -1.98 12.94
C ASP A 57 12.49 -2.31 11.46
N TYR A 58 11.58 -3.21 11.18
CA TYR A 58 11.28 -3.57 9.77
C TYR A 58 10.74 -2.34 9.03
N LEU A 59 9.84 -1.61 9.63
CA LEU A 59 9.29 -0.40 8.94
C LEU A 59 10.41 0.62 8.70
N LYS A 60 11.30 0.75 9.64
CA LYS A 60 12.42 1.73 9.47
C LYS A 60 13.27 1.34 8.26
N THR A 61 13.39 0.07 7.99
CA THR A 61 14.21 -0.40 6.83
C THR A 61 13.61 0.10 5.52
N LEU A 62 12.32 0.02 5.36
CA LEU A 62 11.69 0.49 4.09
C LEU A 62 11.92 1.99 3.89
N ALA A 63 11.89 2.75 4.95
CA ALA A 63 12.11 4.22 4.82
C ALA A 63 12.70 4.80 6.11
N GLY A 64 13.41 5.89 6.01
CA GLY A 64 14.01 6.50 7.23
C GLY A 64 12.95 7.27 8.01
N ASP A 65 12.12 8.03 7.33
CA ASP A 65 11.07 8.81 8.04
C ASP A 65 9.83 7.95 8.26
N VAL A 66 9.55 7.59 9.50
CA VAL A 66 8.35 6.75 9.78
C VAL A 66 7.48 7.41 10.85
N HIS A 67 6.20 7.47 10.63
CA HIS A 67 5.29 8.09 11.65
C HIS A 67 4.33 7.02 12.18
N ILE A 68 4.25 6.86 13.48
CA ILE A 68 3.34 5.82 14.04
C ILE A 68 2.46 6.40 15.17
N VAL A 69 1.29 5.84 15.35
CA VAL A 69 0.38 6.31 16.45
C VAL A 69 0.09 5.13 17.37
N ARG A 70 -0.27 5.37 18.61
CA ARG A 70 -0.52 4.23 19.53
C ARG A 70 -1.87 3.54 19.25
N GLY A 71 -1.85 2.24 19.14
CA GLY A 71 -3.11 1.48 18.90
C GLY A 71 -3.66 1.02 20.25
N ASP A 72 -4.71 0.26 20.24
CA ASP A 72 -5.29 -0.22 21.54
C ASP A 72 -4.51 -1.44 22.06
N PHE A 73 -3.51 -1.87 21.35
CA PHE A 73 -2.72 -3.06 21.82
C PHE A 73 -1.21 -2.83 21.64
N ASP A 74 -0.78 -1.60 21.64
CA ASP A 74 0.68 -1.33 21.47
C ASP A 74 1.41 -1.48 22.81
N GLU A 75 2.51 -2.18 22.83
CA GLU A 75 3.26 -2.34 24.11
C GLU A 75 3.87 -1.01 24.55
N ASN A 76 4.48 -0.32 23.62
CA ASN A 76 5.11 1.00 23.95
C ASN A 76 4.03 2.06 24.09
N LEU A 77 3.94 2.67 25.25
CA LEU A 77 2.92 3.73 25.47
C LEU A 77 3.45 5.09 25.03
N ASN A 78 4.67 5.15 24.56
CA ASN A 78 5.25 6.46 24.14
C ASN A 78 4.67 6.91 22.79
N TYR A 79 3.85 6.10 22.16
CA TYR A 79 3.25 6.53 20.86
C TYR A 79 2.14 7.55 21.11
N PRO A 80 1.99 8.46 20.19
CA PRO A 80 0.96 9.52 20.32
C PRO A 80 -0.43 8.97 20.01
N GLU A 81 -1.42 9.39 20.76
CA GLU A 81 -2.81 8.91 20.49
C GLU A 81 -3.21 9.28 19.06
N GLN A 82 -2.83 10.45 18.63
CA GLN A 82 -3.14 10.88 17.24
C GLN A 82 -2.07 11.89 16.79
N LYS A 83 -1.78 11.95 15.51
CA LYS A 83 -0.73 12.91 15.04
C LYS A 83 -1.09 13.52 13.69
N VAL A 84 -0.70 14.74 13.47
CA VAL A 84 -0.98 15.41 12.17
C VAL A 84 0.34 15.65 11.43
N VAL A 85 0.55 14.99 10.33
CA VAL A 85 1.81 15.18 9.56
C VAL A 85 1.53 15.80 8.20
N THR A 86 2.25 16.82 7.83
CA THR A 86 2.01 17.47 6.51
C THR A 86 2.92 16.83 5.45
N VAL A 87 2.36 16.45 4.34
CA VAL A 87 3.18 15.83 3.26
C VAL A 87 3.04 16.65 1.98
N GLY A 88 3.85 17.67 1.83
CA GLY A 88 3.76 18.52 0.61
C GLY A 88 2.58 19.49 0.78
N GLN A 89 1.62 19.43 -0.09
CA GLN A 89 0.43 20.35 0.03
C GLN A 89 -0.68 19.70 0.85
N PHE A 90 -0.53 18.46 1.22
CA PHE A 90 -1.62 17.77 1.98
C PHE A 90 -1.39 17.76 3.48
N LYS A 91 -2.43 18.01 4.23
CA LYS A 91 -2.34 17.96 5.72
C LYS A 91 -3.05 16.68 6.16
N ILE A 92 -2.31 15.70 6.59
CA ILE A 92 -2.95 14.39 6.95
C ILE A 92 -2.96 14.16 8.46
N GLY A 93 -4.04 13.61 8.97
CA GLY A 93 -4.15 13.32 10.42
C GLY A 93 -3.96 11.81 10.62
N LEU A 94 -3.60 11.38 11.79
CA LEU A 94 -3.41 9.91 12.00
C LEU A 94 -3.96 9.45 13.35
N ILE A 95 -4.73 8.38 13.36
CA ILE A 95 -5.27 7.85 14.64
C ILE A 95 -5.61 6.35 14.46
N HIS A 96 -5.51 5.57 15.50
CA HIS A 96 -5.83 4.12 15.34
C HIS A 96 -7.28 3.93 14.91
N GLY A 97 -8.20 4.39 15.72
CA GLY A 97 -9.64 4.25 15.36
C GLY A 97 -10.45 3.75 16.56
N HIS A 98 -9.83 3.03 17.46
CA HIS A 98 -10.59 2.52 18.65
C HIS A 98 -11.14 3.70 19.46
N GLN A 99 -10.62 4.88 19.25
CA GLN A 99 -11.13 6.08 20.00
C GLN A 99 -12.33 6.67 19.27
N VAL A 100 -12.65 6.17 18.10
CA VAL A 100 -13.81 6.73 17.34
C VAL A 100 -15.04 5.84 17.56
N ILE A 101 -16.05 6.36 18.21
CA ILE A 101 -17.26 5.54 18.47
C ILE A 101 -18.47 6.13 17.69
N PRO A 102 -19.16 5.28 16.95
CA PRO A 102 -18.81 3.85 16.87
C PRO A 102 -17.52 3.62 16.07
N TRP A 103 -16.85 2.54 16.36
CA TRP A 103 -15.54 2.20 15.73
C TRP A 103 -15.44 2.56 14.23
N GLY A 104 -16.30 2.06 13.39
CA GLY A 104 -16.16 2.36 11.92
C GLY A 104 -17.26 3.30 11.41
N ASP A 105 -17.73 4.21 12.22
CA ASP A 105 -18.79 5.14 11.72
C ASP A 105 -18.17 6.25 10.86
N MET A 106 -18.77 6.55 9.74
CA MET A 106 -18.21 7.63 8.88
C MET A 106 -18.52 9.00 9.52
N ALA A 107 -19.70 9.14 10.06
CA ALA A 107 -20.07 10.45 10.70
C ALA A 107 -19.11 10.72 11.86
N SER A 108 -18.75 9.71 12.60
CA SER A 108 -17.79 9.91 13.73
C SER A 108 -16.43 10.30 13.17
N LEU A 109 -16.01 9.65 12.12
CA LEU A 109 -14.69 9.99 11.51
C LEU A 109 -14.74 11.41 10.97
N ALA A 110 -15.83 11.78 10.33
CA ALA A 110 -15.94 13.17 9.80
C ALA A 110 -15.88 14.17 10.95
N LEU A 111 -16.59 13.91 12.01
CA LEU A 111 -16.56 14.82 13.19
C LEU A 111 -15.11 14.98 13.66
N LEU A 112 -14.34 13.93 13.56
CA LEU A 112 -12.91 14.02 13.98
C LEU A 112 -12.12 14.84 12.96
N GLN A 113 -12.47 14.74 11.71
CA GLN A 113 -11.75 15.51 10.66
C GLN A 113 -11.84 17.02 10.97
N ARG A 114 -13.01 17.48 11.32
CA ARG A 114 -13.16 18.93 11.65
C ARG A 114 -12.16 19.35 12.73
N GLN A 115 -12.20 18.68 13.85
CA GLN A 115 -11.25 19.01 14.96
C GLN A 115 -9.80 18.98 14.46
N PHE A 116 -9.44 17.97 13.71
CA PHE A 116 -8.04 17.87 13.20
C PHE A 116 -7.77 18.89 12.09
N ASP A 117 -8.79 19.27 11.35
CA ASP A 117 -8.59 20.25 10.25
C ASP A 117 -7.58 19.69 9.23
N VAL A 118 -7.75 18.46 8.83
CA VAL A 118 -6.81 17.84 7.84
C VAL A 118 -7.53 17.56 6.52
N ASP A 119 -6.80 17.49 5.43
CA ASP A 119 -7.45 17.20 4.12
C ASP A 119 -7.67 15.70 4.00
N ILE A 120 -6.81 14.91 4.59
CA ILE A 120 -6.96 13.43 4.53
C ILE A 120 -6.88 12.84 5.94
N LEU A 121 -7.68 11.86 6.24
CA LEU A 121 -7.63 11.23 7.59
C LEU A 121 -7.31 9.74 7.48
N ILE A 122 -6.26 9.29 8.12
CA ILE A 122 -5.90 7.84 8.04
C ILE A 122 -6.25 7.14 9.36
N SER A 123 -6.92 6.02 9.28
CA SER A 123 -7.29 5.28 10.52
C SER A 123 -7.54 3.81 10.20
N GLY A 124 -7.49 2.95 11.19
CA GLY A 124 -7.73 1.50 10.95
C GLY A 124 -8.64 0.92 12.04
N HIS A 125 -8.16 -0.07 12.76
CA HIS A 125 -8.96 -0.72 13.86
C HIS A 125 -10.04 -1.65 13.30
N THR A 126 -10.62 -1.33 12.17
CA THR A 126 -11.69 -2.22 11.60
C THR A 126 -11.08 -3.31 10.70
N HIS A 127 -9.81 -3.23 10.40
CA HIS A 127 -9.17 -4.26 9.52
C HIS A 127 -9.92 -4.38 8.19
N LYS A 128 -10.61 -3.34 7.78
CA LYS A 128 -11.34 -3.37 6.48
C LYS A 128 -10.86 -2.21 5.61
N PHE A 129 -10.21 -2.49 4.51
CA PHE A 129 -9.73 -1.39 3.64
C PHE A 129 -10.89 -0.45 3.27
N GLU A 130 -10.65 0.83 3.29
CA GLU A 130 -11.72 1.80 2.95
C GLU A 130 -11.12 3.08 2.37
N ALA A 131 -11.51 3.45 1.17
CA ALA A 131 -10.96 4.68 0.55
C ALA A 131 -12.09 5.46 -0.15
N PHE A 132 -12.65 6.44 0.50
CA PHE A 132 -13.76 7.22 -0.12
C PHE A 132 -13.64 8.72 0.19
N GLU A 133 -14.40 9.54 -0.50
CA GLU A 133 -14.35 11.02 -0.24
C GLU A 133 -15.64 11.49 0.42
N HIS A 134 -15.56 12.46 1.30
CA HIS A 134 -16.79 12.97 1.97
C HIS A 134 -16.69 14.48 2.24
N GLU A 135 -17.57 15.24 1.66
CA GLU A 135 -17.56 16.72 1.88
C GLU A 135 -16.18 17.32 1.60
N ASN A 136 -15.68 17.13 0.41
CA ASN A 136 -14.35 17.70 0.01
C ASN A 136 -13.20 17.15 0.88
N LYS A 137 -13.42 16.09 1.60
CA LYS A 137 -12.31 15.52 2.43
C LYS A 137 -12.09 14.06 2.06
N PHE A 138 -10.90 13.55 2.29
CA PHE A 138 -10.62 12.13 1.93
C PHE A 138 -10.38 11.29 3.17
N TYR A 139 -10.87 10.07 3.18
CA TYR A 139 -10.67 9.16 4.33
C TYR A 139 -10.02 7.87 3.83
N ILE A 140 -9.01 7.39 4.51
CA ILE A 140 -8.33 6.15 4.03
C ILE A 140 -8.09 5.16 5.18
N ASN A 141 -8.37 3.91 4.93
CA ASN A 141 -8.11 2.86 5.95
C ASN A 141 -7.36 1.70 5.28
N PRO A 142 -6.11 1.56 5.61
CA PRO A 142 -5.27 0.50 4.99
C PRO A 142 -5.76 -0.90 5.38
N GLY A 143 -6.33 -1.04 6.55
CA GLY A 143 -6.82 -2.38 6.99
C GLY A 143 -5.72 -3.11 7.74
N SER A 144 -5.57 -4.39 7.51
CA SER A 144 -4.52 -5.16 8.24
C SER A 144 -3.49 -5.74 7.24
N ALA A 145 -2.29 -5.24 7.26
CA ALA A 145 -1.25 -5.76 6.32
C ALA A 145 -1.05 -7.27 6.53
N THR A 146 -1.44 -7.79 7.66
CA THR A 146 -1.27 -9.25 7.92
C THR A 146 -2.62 -9.94 8.01
N GLY A 147 -3.68 -9.28 7.62
CA GLY A 147 -5.03 -9.92 7.71
C GLY A 147 -5.27 -10.36 9.17
N ALA A 148 -4.79 -9.59 10.11
CA ALA A 148 -4.96 -9.97 11.55
C ALA A 148 -6.43 -10.31 11.84
N TYR A 149 -6.64 -11.23 12.75
CA TYR A 149 -8.02 -11.65 13.10
C TYR A 149 -8.82 -10.51 13.74
N ASN A 150 -10.11 -10.53 13.56
CA ASN A 150 -10.99 -9.48 14.16
C ASN A 150 -12.37 -10.08 14.47
N ALA A 151 -12.73 -10.15 15.71
CA ALA A 151 -14.04 -10.77 16.11
C ALA A 151 -15.24 -10.21 15.31
N LEU A 152 -15.19 -8.98 14.86
CA LEU A 152 -16.36 -8.42 14.12
C LEU A 152 -16.42 -8.92 12.67
N GLU A 153 -15.30 -9.22 12.07
CA GLU A 153 -15.33 -9.71 10.66
C GLU A 153 -14.63 -11.07 10.56
N THR A 154 -15.37 -12.10 10.21
CA THR A 154 -14.76 -13.46 10.11
C THR A 154 -13.92 -13.60 8.83
N ASN A 155 -14.08 -12.71 7.89
CA ASN A 155 -13.27 -12.82 6.64
C ASN A 155 -12.42 -11.57 6.47
N ILE A 156 -11.19 -11.62 6.91
CA ILE A 156 -10.30 -10.42 6.76
C ILE A 156 -9.34 -10.61 5.60
N ILE A 157 -9.11 -9.57 4.85
CA ILE A 157 -8.16 -9.66 3.71
C ILE A 157 -6.94 -8.78 4.02
N PRO A 158 -5.78 -9.40 4.06
CA PRO A 158 -4.54 -8.63 4.36
C PRO A 158 -4.26 -7.62 3.26
N SER A 159 -3.93 -6.40 3.61
CA SER A 159 -3.66 -5.38 2.55
C SER A 159 -2.99 -4.12 3.11
N PHE A 160 -2.28 -3.41 2.28
CA PHE A 160 -1.62 -2.16 2.71
C PHE A 160 -1.81 -1.11 1.59
N VAL A 161 -1.67 0.15 1.89
CA VAL A 161 -1.91 1.16 0.82
C VAL A 161 -0.74 2.14 0.64
N LEU A 162 -0.39 2.39 -0.60
CA LEU A 162 0.69 3.36 -0.92
C LEU A 162 0.06 4.62 -1.52
N MET A 163 0.48 5.79 -1.11
CA MET A 163 -0.14 7.02 -1.68
C MET A 163 0.88 7.81 -2.50
N ASP A 164 0.57 8.08 -3.74
CA ASP A 164 1.52 8.85 -4.59
C ASP A 164 1.05 10.31 -4.68
N ILE A 165 1.84 11.23 -4.20
CA ILE A 165 1.43 12.66 -4.24
C ILE A 165 2.37 13.48 -5.14
N GLN A 166 1.81 14.14 -6.13
CA GLN A 166 2.64 14.98 -7.04
C GLN A 166 2.52 16.45 -6.62
N ALA A 167 1.32 16.95 -6.55
CA ALA A 167 1.09 18.37 -6.15
C ALA A 167 -0.41 18.65 -6.06
N SER A 168 -0.93 18.78 -4.87
CA SER A 168 -2.40 19.02 -4.71
C SER A 168 -3.21 17.86 -5.32
N THR A 169 -2.56 16.79 -5.66
CA THR A 169 -3.27 15.62 -6.25
C THR A 169 -2.66 14.34 -5.67
N VAL A 170 -3.46 13.42 -5.23
CA VAL A 170 -2.88 12.17 -4.66
C VAL A 170 -3.57 10.92 -5.23
N VAL A 171 -2.80 9.92 -5.52
CA VAL A 171 -3.39 8.65 -6.02
C VAL A 171 -3.10 7.57 -4.99
N THR A 172 -4.11 6.89 -4.52
CA THR A 172 -3.86 5.85 -3.49
C THR A 172 -3.98 4.46 -4.10
N TYR A 173 -3.06 3.61 -3.79
CA TYR A 173 -3.10 2.23 -4.33
C TYR A 173 -3.34 1.26 -3.19
N VAL A 174 -4.31 0.40 -3.32
CA VAL A 174 -4.59 -0.58 -2.24
C VAL A 174 -4.21 -1.97 -2.72
N TYR A 175 -3.46 -2.69 -1.93
CA TYR A 175 -3.05 -4.05 -2.35
C TYR A 175 -3.77 -5.09 -1.49
N GLN A 176 -4.69 -5.80 -2.07
CA GLN A 176 -5.41 -6.83 -1.29
C GLN A 176 -4.92 -8.21 -1.68
N LEU A 177 -4.76 -9.08 -0.72
CA LEU A 177 -4.29 -10.44 -1.04
C LEU A 177 -5.49 -11.38 -1.14
N ILE A 178 -5.99 -11.60 -2.32
CA ILE A 178 -7.15 -12.50 -2.48
C ILE A 178 -6.68 -13.78 -3.17
N GLY A 179 -6.93 -14.91 -2.57
CA GLY A 179 -6.46 -16.18 -3.18
C GLY A 179 -4.93 -16.20 -3.15
N ASP A 180 -4.32 -16.55 -4.25
CA ASP A 180 -2.82 -16.56 -4.29
C ASP A 180 -2.29 -15.25 -4.87
N ASP A 181 -2.76 -14.87 -6.03
CA ASP A 181 -2.30 -13.60 -6.66
C ASP A 181 -2.81 -12.40 -5.87
N VAL A 182 -2.14 -11.28 -5.96
CA VAL A 182 -2.60 -10.07 -5.23
C VAL A 182 -3.29 -9.10 -6.19
N LYS A 183 -4.46 -8.66 -5.85
CA LYS A 183 -5.20 -7.71 -6.74
C LYS A 183 -4.94 -6.28 -6.29
N VAL A 184 -4.90 -5.36 -7.21
CA VAL A 184 -4.65 -3.94 -6.81
C VAL A 184 -5.67 -3.00 -7.46
N GLU A 185 -6.12 -2.02 -6.73
CA GLU A 185 -7.12 -1.05 -7.29
C GLU A 185 -6.55 0.36 -7.25
N ARG A 186 -6.96 1.23 -8.13
CA ARG A 186 -6.40 2.61 -8.14
C ARG A 186 -7.48 3.66 -7.84
N ILE A 187 -7.22 4.51 -6.88
CA ILE A 187 -8.19 5.59 -6.52
C ILE A 187 -7.46 6.94 -6.55
N GLU A 188 -8.02 7.93 -7.19
CA GLU A 188 -7.33 9.25 -7.24
C GLU A 188 -8.13 10.34 -6.50
N TYR A 189 -7.44 11.20 -5.80
CA TYR A 189 -8.13 12.30 -5.06
C TYR A 189 -7.32 13.61 -5.21
N LYS A 190 -8.00 14.72 -5.34
CA LYS A 190 -7.29 16.02 -5.47
C LYS A 190 -7.99 17.10 -4.65
N LYS A 191 -7.26 18.04 -4.11
CA LYS A 191 -7.88 19.12 -3.30
C LYS A 191 -9.04 19.76 -4.06
N SER A 192 -10.08 20.15 -3.36
CA SER A 192 -11.25 20.77 -4.05
C SER A 192 -11.13 22.31 -4.01
N GLY B 1 15.80 -10.14 -41.14
CA GLY B 1 14.31 -10.05 -41.29
C GLY B 1 13.88 -10.79 -42.56
N PRO B 2 13.95 -12.10 -42.50
CA PRO B 2 13.56 -12.94 -43.66
C PRO B 2 12.05 -12.84 -43.92
N LEU B 3 11.28 -12.40 -42.94
CA LEU B 3 9.82 -12.29 -43.15
C LEU B 3 9.47 -10.93 -43.75
N GLY B 4 8.50 -10.89 -44.64
CA GLY B 4 8.13 -9.60 -45.28
C GLY B 4 9.01 -9.34 -46.50
N SER B 5 8.93 -8.17 -47.07
CA SER B 5 9.76 -7.86 -48.27
C SER B 5 10.16 -6.38 -48.28
N THR B 6 10.98 -5.98 -47.35
CA THR B 6 11.40 -4.55 -47.31
C THR B 6 12.91 -4.43 -47.06
N GLU B 7 13.50 -3.31 -47.37
CA GLU B 7 14.96 -3.14 -47.16
C GLU B 7 15.22 -2.48 -45.80
N GLU B 8 16.33 -2.78 -45.19
CA GLU B 8 16.64 -2.16 -43.86
C GLU B 8 16.69 -0.64 -43.98
N ASP B 9 16.14 0.05 -43.01
CA ASP B 9 16.14 1.55 -43.05
C ASP B 9 17.38 2.08 -42.33
N LEU B 10 18.24 2.78 -43.01
CA LEU B 10 19.45 3.33 -42.35
C LEU B 10 19.24 4.80 -41.97
N GLU B 11 19.37 5.13 -40.72
CA GLU B 11 19.17 6.54 -40.29
C GLU B 11 20.26 6.93 -39.28
N ASP B 12 20.65 8.18 -39.28
CA ASP B 12 21.70 8.63 -38.32
C ASP B 12 21.61 10.14 -38.11
N ALA B 13 22.22 10.63 -37.06
CA ALA B 13 22.18 12.10 -36.79
C ALA B 13 23.44 12.53 -36.03
N GLU B 14 23.87 13.76 -36.22
CA GLU B 14 25.09 14.24 -35.50
C GLU B 14 24.87 14.17 -33.99
N ASP B 15 23.65 14.39 -33.54
CA ASP B 15 23.38 14.35 -32.07
C ASP B 15 22.01 13.70 -31.81
N THR B 16 22.01 12.53 -31.22
CA THR B 16 20.71 11.85 -30.93
C THR B 16 20.59 11.56 -29.44
N VAL B 17 19.39 11.41 -28.94
CA VAL B 17 19.21 11.13 -27.48
C VAL B 17 18.35 9.88 -27.28
N SER B 18 18.74 9.02 -26.37
CA SER B 18 17.95 7.79 -26.10
C SER B 18 17.46 7.79 -24.65
N ALA B 19 16.30 7.23 -24.40
CA ALA B 19 15.79 7.21 -23.00
C ALA B 19 15.00 5.92 -22.74
N ALA B 20 14.93 5.50 -21.50
CA ALA B 20 14.17 4.25 -21.18
C ALA B 20 13.45 4.41 -19.83
N ASP B 21 12.21 4.83 -19.87
CA ASP B 21 11.45 5.01 -18.61
C ASP B 21 10.14 4.21 -18.65
N PRO B 22 10.22 2.97 -18.24
CA PRO B 22 9.02 2.10 -18.24
C PRO B 22 8.00 2.58 -17.19
N GLU B 23 6.75 2.60 -17.54
CA GLU B 23 5.71 3.07 -16.57
C GLU B 23 5.50 2.04 -15.47
N PHE B 24 5.18 2.49 -14.28
CA PHE B 24 4.95 1.54 -13.16
C PHE B 24 3.47 1.31 -12.91
N CYS B 25 3.12 0.10 -12.58
CA CYS B 25 1.69 -0.22 -12.27
C CYS B 25 1.30 0.55 -11.02
N HIS B 26 2.22 0.60 -10.10
CA HIS B 26 2.01 1.32 -8.83
C HIS B 26 3.32 1.31 -8.07
N PRO B 27 3.36 1.94 -6.94
CA PRO B 27 4.61 1.94 -6.14
C PRO B 27 5.00 0.51 -5.76
N LEU B 28 6.28 0.23 -5.83
CA LEU B 28 6.82 -1.12 -5.47
C LEU B 28 6.54 -2.18 -6.55
N CYS B 29 6.66 -1.85 -7.82
CA CYS B 29 6.43 -2.90 -8.85
C CYS B 29 7.59 -2.81 -9.85
N GLN B 30 8.67 -3.48 -9.55
CA GLN B 30 9.87 -3.46 -10.45
C GLN B 30 9.64 -4.40 -11.62
N CYS B 31 8.43 -4.81 -11.82
CA CYS B 31 8.11 -5.73 -12.96
C CYS B 31 8.71 -5.23 -14.27
N PRO B 32 8.64 -6.08 -15.26
CA PRO B 32 9.12 -5.67 -16.60
C PRO B 32 8.16 -4.62 -17.14
N LYS B 33 6.90 -4.93 -17.13
CA LYS B 33 5.84 -4.00 -17.59
C LYS B 33 4.47 -4.49 -17.12
N CYS B 34 4.39 -5.73 -16.70
CA CYS B 34 3.05 -6.28 -16.31
C CYS B 34 2.11 -6.06 -17.50
N ALA B 35 2.69 -5.99 -18.67
CA ALA B 35 1.90 -5.75 -19.91
C ALA B 35 2.30 -6.73 -21.00
N PRO B 36 1.51 -6.76 -22.05
CA PRO B 36 1.79 -7.68 -23.18
C PRO B 36 2.95 -7.13 -24.03
N ALA B 37 2.79 -5.94 -24.58
CA ALA B 37 3.88 -5.35 -25.42
C ALA B 37 3.44 -4.00 -25.99
N GLN B 38 2.81 -3.17 -25.18
CA GLN B 38 2.35 -1.85 -25.67
C GLN B 38 3.27 -0.72 -25.17
N LYS B 39 3.67 0.15 -26.04
CA LYS B 39 4.56 1.28 -25.62
C LYS B 39 3.82 2.61 -25.74
N ARG B 40 4.21 3.60 -24.97
CA ARG B 40 3.52 4.91 -25.03
C ARG B 40 4.13 5.79 -26.13
N LEU B 41 3.36 6.69 -26.69
CA LEU B 41 3.90 7.58 -27.75
C LEU B 41 4.24 8.95 -27.17
N ALA B 42 5.44 9.40 -27.36
CA ALA B 42 5.84 10.73 -26.80
C ALA B 42 5.92 11.78 -27.92
N LYS B 43 5.13 11.63 -28.94
CA LYS B 43 5.15 12.61 -30.06
C LYS B 43 4.10 13.71 -29.83
N VAL B 44 4.39 14.92 -30.22
CA VAL B 44 3.41 16.03 -30.02
C VAL B 44 2.65 16.31 -31.33
N PRO B 45 1.53 16.96 -31.20
CA PRO B 45 0.70 17.30 -32.38
C PRO B 45 1.38 18.37 -33.23
N ALA B 46 1.02 18.48 -34.47
CA ALA B 46 1.65 19.51 -35.36
C ALA B 46 1.52 20.90 -34.74
N SER B 47 2.48 21.75 -34.97
CA SER B 47 2.43 23.13 -34.39
C SER B 47 1.40 23.98 -35.15
N GLY B 48 0.74 24.88 -34.46
CA GLY B 48 -0.28 25.74 -35.12
C GLY B 48 -0.84 26.73 -34.11
N LEU B 49 -0.06 27.68 -33.67
CA LEU B 49 -0.56 28.67 -32.66
C LEU B 49 -1.07 29.92 -33.38
N GLY B 50 -2.20 30.43 -32.95
CA GLY B 50 -2.75 31.66 -33.59
C GLY B 50 -1.76 32.82 -33.45
N VAL B 51 -1.02 32.84 -32.38
CA VAL B 51 -0.04 33.94 -32.16
C VAL B 51 1.34 33.37 -31.81
N ASN B 52 2.39 34.00 -32.25
CA ASN B 52 3.75 33.49 -31.94
C ASN B 52 4.37 34.28 -30.78
N VAL B 53 4.90 33.61 -29.80
CA VAL B 53 5.52 34.32 -28.64
C VAL B 53 6.97 33.87 -28.47
N THR B 54 7.86 34.79 -28.20
CA THR B 54 9.29 34.42 -28.04
C THR B 54 9.52 33.77 -26.67
N SER B 55 10.19 32.65 -26.64
CA SER B 55 10.46 31.96 -25.33
C SER B 55 11.94 31.64 -25.20
N GLN B 56 12.44 31.63 -23.99
CA GLN B 56 13.90 31.31 -23.78
C GLN B 56 14.78 32.18 -24.68
N ASP B 57 14.91 33.44 -24.35
CA ASP B 57 15.76 34.35 -25.19
C ASP B 57 17.18 33.80 -25.28
N GLY B 58 17.69 33.26 -24.20
CA GLY B 58 19.07 32.71 -24.22
C GLY B 58 19.44 32.18 -22.83
N SER B 59 20.63 31.67 -22.68
CA SER B 59 21.04 31.14 -21.35
C SER B 59 22.55 30.81 -21.35
N SER B 60 22.97 29.95 -22.23
CA SER B 60 24.42 29.58 -22.29
C SER B 60 24.98 29.88 -23.69
N TRP B 61 26.21 30.31 -23.75
CA TRP B 61 26.83 30.62 -25.08
C TRP B 61 27.49 29.37 -25.66
N GLY A 1 12.70 25.73 -10.31
CA GLY A 1 12.87 24.25 -10.42
C GLY A 1 14.00 23.80 -9.50
N SER A 2 13.84 23.98 -8.22
CA SER A 2 14.92 23.56 -7.26
C SER A 2 14.35 22.65 -6.17
N PRO A 3 14.28 21.37 -6.47
CA PRO A 3 13.77 20.39 -5.49
C PRO A 3 14.71 20.29 -4.29
N GLU A 4 15.96 20.64 -4.48
CA GLU A 4 16.94 20.58 -3.36
C GLU A 4 16.53 21.55 -2.23
N PHE A 5 15.72 22.53 -2.56
CA PHE A 5 15.29 23.54 -1.54
C PHE A 5 14.74 22.83 -0.28
N GLY A 6 13.98 21.79 -0.44
CA GLY A 6 13.43 21.08 0.76
C GLY A 6 12.51 19.94 0.33
N THR A 7 11.28 20.22 0.03
CA THR A 7 10.34 19.14 -0.37
C THR A 7 10.70 18.58 -1.74
N ARG A 8 10.64 17.28 -1.89
CA ARG A 8 10.98 16.65 -3.20
C ARG A 8 9.72 16.56 -4.07
N ASP A 9 9.86 16.69 -5.36
CA ASP A 9 8.66 16.61 -6.25
C ASP A 9 8.09 15.19 -6.27
N ARG A 10 6.79 15.08 -6.13
CA ARG A 10 6.12 13.74 -6.14
C ARG A 10 6.77 12.77 -5.14
N MET A 11 6.10 12.45 -4.06
CA MET A 11 6.69 11.49 -3.08
C MET A 11 5.71 10.36 -2.76
N LEU A 12 6.19 9.14 -2.72
CA LEU A 12 5.31 7.98 -2.43
C LEU A 12 5.30 7.68 -0.93
N VAL A 13 4.13 7.54 -0.35
CA VAL A 13 4.05 7.24 1.12
C VAL A 13 3.38 5.89 1.36
N LEU A 14 3.90 5.11 2.26
CA LEU A 14 3.30 3.78 2.56
C LEU A 14 2.39 3.85 3.78
N VAL A 15 1.20 3.32 3.67
CA VAL A 15 0.25 3.35 4.82
C VAL A 15 -0.18 1.93 5.18
N LEU A 16 -0.08 1.56 6.43
CA LEU A 16 -0.51 0.20 6.85
C LEU A 16 -0.61 0.13 8.38
N GLY A 17 -0.89 -1.02 8.92
CA GLY A 17 -1.03 -1.13 10.40
C GLY A 17 -1.88 -2.35 10.77
N ASP A 18 -2.15 -2.51 12.04
CA ASP A 18 -2.97 -3.66 12.52
C ASP A 18 -2.26 -4.97 12.18
N LEU A 19 -0.96 -4.99 12.34
CA LEU A 19 -0.19 -6.24 12.07
C LEU A 19 -0.48 -7.22 13.21
N HIS A 20 -0.63 -6.68 14.39
CA HIS A 20 -0.93 -7.51 15.59
C HIS A 20 0.12 -8.62 15.79
N ILE A 21 1.37 -8.30 15.60
CA ILE A 21 2.43 -9.33 15.82
C ILE A 21 3.07 -9.11 17.20
N PRO A 22 3.30 -10.18 17.94
CA PRO A 22 2.97 -11.56 17.53
C PRO A 22 1.64 -11.98 18.16
N HIS A 23 0.79 -11.05 18.50
CA HIS A 23 -0.51 -11.40 19.15
C HIS A 23 -1.37 -12.30 18.26
N ARG A 24 -1.54 -11.96 17.02
CA ARG A 24 -2.41 -12.80 16.13
C ARG A 24 -1.65 -13.25 14.88
N CYS A 25 -0.60 -12.56 14.51
CA CYS A 25 0.17 -12.97 13.29
C CYS A 25 1.68 -12.95 13.60
N ASN A 26 2.45 -13.66 12.83
CA ASN A 26 3.92 -13.69 13.09
C ASN A 26 4.67 -12.79 12.10
N SER A 27 4.06 -12.44 11.00
CA SER A 27 4.74 -11.56 10.01
C SER A 27 3.78 -11.17 8.88
N LEU A 28 4.26 -10.39 7.94
CA LEU A 28 3.39 -9.98 6.80
C LEU A 28 3.32 -11.15 5.81
N PRO A 29 2.34 -11.12 4.94
CA PRO A 29 2.18 -12.21 3.96
C PRO A 29 3.41 -12.28 3.02
N ALA A 30 3.79 -13.47 2.64
CA ALA A 30 5.01 -13.65 1.79
C ALA A 30 5.04 -12.72 0.56
N LYS A 31 4.03 -12.74 -0.27
CA LYS A 31 4.06 -11.87 -1.47
C LYS A 31 4.22 -10.38 -1.11
N PHE A 32 3.61 -9.94 -0.04
CA PHE A 32 3.74 -8.51 0.34
C PHE A 32 5.19 -8.16 0.67
N LYS A 33 5.89 -9.03 1.35
CA LYS A 33 7.31 -8.72 1.67
C LYS A 33 8.06 -8.43 0.36
N LYS A 34 7.75 -9.16 -0.67
CA LYS A 34 8.41 -8.93 -1.98
C LYS A 34 7.95 -7.57 -2.55
N LEU A 35 6.70 -7.20 -2.32
CA LEU A 35 6.18 -5.90 -2.84
C LEU A 35 6.92 -4.73 -2.18
N LEU A 36 7.19 -4.81 -0.90
CA LEU A 36 7.87 -3.69 -0.19
C LEU A 36 9.40 -3.78 -0.32
N VAL A 37 10.04 -2.68 -0.61
CA VAL A 37 11.52 -2.68 -0.76
C VAL A 37 12.09 -1.31 -0.34
N PRO A 38 13.26 -1.33 0.25
CA PRO A 38 13.90 -0.07 0.70
C PRO A 38 14.41 0.75 -0.49
N GLY A 39 14.60 2.04 -0.31
CA GLY A 39 15.09 2.89 -1.43
C GLY A 39 13.92 3.24 -2.35
N LYS A 40 12.73 2.91 -1.96
CA LYS A 40 11.55 3.21 -2.81
C LYS A 40 10.57 4.15 -2.10
N ILE A 41 10.25 3.86 -0.87
CA ILE A 41 9.26 4.70 -0.14
C ILE A 41 9.98 5.75 0.72
N GLN A 42 9.62 6.99 0.55
CA GLN A 42 10.26 8.07 1.35
C GLN A 42 9.50 8.32 2.65
N HIS A 43 8.21 8.06 2.68
CA HIS A 43 7.43 8.29 3.93
C HIS A 43 6.57 7.09 4.30
N ILE A 44 6.48 6.77 5.56
CA ILE A 44 5.63 5.62 5.99
C ILE A 44 4.70 6.03 7.14
N LEU A 45 3.42 5.86 6.96
CA LEU A 45 2.46 6.21 8.05
C LEU A 45 1.87 4.92 8.63
N CYS A 46 1.89 4.75 9.92
CA CYS A 46 1.34 3.51 10.52
C CYS A 46 0.19 3.84 11.47
N THR A 47 -0.93 3.17 11.31
CA THR A 47 -2.10 3.45 12.20
C THR A 47 -2.25 2.36 13.26
N GLY A 48 -2.47 1.15 12.83
CA GLY A 48 -2.65 0.02 13.78
C GLY A 48 -1.43 -0.15 14.68
N ASN A 49 -1.59 -0.86 15.76
CA ASN A 49 -0.44 -1.09 16.71
C ASN A 49 0.55 -2.07 16.09
N LEU A 50 1.81 -1.92 16.40
CA LEU A 50 2.84 -2.85 15.82
C LEU A 50 2.50 -4.32 16.11
N CYS A 51 2.45 -4.76 17.36
CA CYS A 51 2.73 -3.88 18.53
C CYS A 51 4.18 -4.09 19.01
N THR A 52 4.77 -5.21 18.67
CA THR A 52 6.16 -5.49 19.13
C THR A 52 7.16 -4.55 18.43
N LYS A 53 8.17 -4.12 19.14
CA LYS A 53 9.18 -3.21 18.53
C LYS A 53 9.85 -3.89 17.33
N GLU A 54 9.92 -5.19 17.33
CA GLU A 54 10.56 -5.91 16.18
C GLU A 54 9.95 -5.43 14.86
N SER A 55 8.66 -5.25 14.82
CA SER A 55 8.01 -4.77 13.57
C SER A 55 8.46 -3.33 13.26
N TYR A 56 8.68 -2.54 14.28
CA TYR A 56 9.13 -1.14 14.04
C TYR A 56 10.45 -1.13 13.27
N ASP A 57 11.36 -1.98 13.64
CA ASP A 57 12.67 -2.03 12.93
C ASP A 57 12.44 -2.36 11.45
N TYR A 58 11.52 -3.25 11.17
CA TYR A 58 11.23 -3.60 9.75
C TYR A 58 10.69 -2.38 9.01
N LEU A 59 9.79 -1.65 9.61
CA LEU A 59 9.25 -0.44 8.92
C LEU A 59 10.35 0.58 8.70
N LYS A 60 11.25 0.71 9.63
CA LYS A 60 12.36 1.69 9.47
C LYS A 60 13.22 1.30 8.26
N THR A 61 13.35 0.03 8.00
CA THR A 61 14.16 -0.43 6.83
C THR A 61 13.57 0.08 5.51
N LEU A 62 12.27 0.00 5.36
CA LEU A 62 11.65 0.47 4.08
C LEU A 62 11.88 1.97 3.88
N ALA A 63 11.85 2.72 4.95
CA ALA A 63 12.07 4.20 4.82
C ALA A 63 12.67 4.77 6.10
N GLY A 64 13.37 5.86 6.01
CA GLY A 64 13.98 6.47 7.23
C GLY A 64 12.91 7.24 8.01
N ASP A 65 12.08 8.00 7.34
CA ASP A 65 11.03 8.78 8.05
C ASP A 65 9.78 7.91 8.28
N VAL A 66 9.51 7.54 9.50
CA VAL A 66 8.31 6.71 9.78
C VAL A 66 7.44 7.37 10.85
N HIS A 67 6.15 7.43 10.64
CA HIS A 67 5.25 8.05 11.65
C HIS A 67 4.28 6.99 12.18
N ILE A 68 4.20 6.83 13.48
CA ILE A 68 3.29 5.80 14.04
C ILE A 68 2.44 6.38 15.18
N VAL A 69 1.26 5.84 15.36
CA VAL A 69 0.35 6.31 16.45
C VAL A 69 0.07 5.14 17.40
N ARG A 70 -0.28 5.39 18.64
CA ARG A 70 -0.52 4.25 19.57
C ARG A 70 -1.86 3.56 19.28
N GLY A 71 -1.84 2.27 19.17
CA GLY A 71 -3.10 1.50 18.92
C GLY A 71 -3.65 1.04 20.27
N ASP A 72 -4.71 0.28 20.27
CA ASP A 72 -5.27 -0.19 21.57
C ASP A 72 -4.50 -1.41 22.09
N PHE A 73 -3.49 -1.85 21.38
CA PHE A 73 -2.71 -3.03 21.85
C PHE A 73 -1.20 -2.81 21.68
N ASP A 74 -0.76 -1.57 21.67
CA ASP A 74 0.69 -1.31 21.50
C ASP A 74 1.42 -1.45 22.85
N GLU A 75 2.52 -2.14 22.88
CA GLU A 75 3.27 -2.30 24.16
C GLU A 75 3.88 -0.96 24.58
N ASN A 76 4.49 -0.28 23.66
CA ASN A 76 5.11 1.03 23.99
C ASN A 76 4.03 2.11 24.13
N LEU A 77 3.93 2.71 25.28
CA LEU A 77 2.91 3.77 25.51
C LEU A 77 3.45 5.14 25.06
N ASN A 78 4.66 5.20 24.59
CA ASN A 78 5.24 6.50 24.17
C ASN A 78 4.66 6.95 22.82
N TYR A 79 3.85 6.14 22.20
CA TYR A 79 3.25 6.56 20.89
C TYR A 79 2.14 7.59 21.14
N PRO A 80 1.99 8.49 20.21
CA PRO A 80 0.95 9.55 20.34
C PRO A 80 -0.44 9.00 20.04
N GLU A 81 -1.44 9.42 20.79
CA GLU A 81 -2.82 8.93 20.52
C GLU A 81 -3.22 9.30 19.08
N GLN A 82 -2.83 10.47 18.64
CA GLN A 82 -3.14 10.91 17.26
C GLN A 82 -2.08 11.91 16.81
N LYS A 83 -1.78 11.98 15.53
CA LYS A 83 -0.74 12.93 15.07
C LYS A 83 -1.09 13.54 13.71
N VAL A 84 -0.70 14.77 13.49
CA VAL A 84 -0.98 15.42 12.19
C VAL A 84 0.34 15.68 11.45
N VAL A 85 0.55 15.01 10.34
CA VAL A 85 1.81 15.20 9.58
C VAL A 85 1.53 15.82 8.22
N THR A 86 2.24 16.84 7.86
CA THR A 86 2.01 17.48 6.53
C THR A 86 2.92 16.85 5.47
N VAL A 87 2.36 16.46 4.36
CA VAL A 87 3.19 15.84 3.28
C VAL A 87 3.05 16.68 2.01
N GLY A 88 3.85 17.69 1.86
CA GLY A 88 3.76 18.54 0.63
C GLY A 88 2.59 19.52 0.80
N GLN A 89 1.62 19.44 -0.07
CA GLN A 89 0.44 20.35 0.05
C GLN A 89 -0.68 19.71 0.87
N PHE A 90 -0.53 18.46 1.23
CA PHE A 90 -1.62 17.78 1.98
C PHE A 90 -1.39 17.77 3.51
N LYS A 91 -2.43 18.03 4.25
CA LYS A 91 -2.34 17.97 5.73
C LYS A 91 -3.05 16.69 6.17
N ILE A 92 -2.31 15.71 6.60
CA ILE A 92 -2.94 14.40 6.97
C ILE A 92 -2.95 14.18 8.48
N GLY A 93 -4.03 13.62 8.97
CA GLY A 93 -4.14 13.33 10.43
C GLY A 93 -3.96 11.83 10.63
N LEU A 94 -3.60 11.39 11.82
CA LEU A 94 -3.41 9.93 12.02
C LEU A 94 -3.96 9.46 13.37
N ILE A 95 -4.72 8.40 13.37
CA ILE A 95 -5.26 7.86 14.65
C ILE A 95 -5.59 6.37 14.48
N HIS A 96 -5.49 5.58 15.52
CA HIS A 96 -5.82 4.13 15.37
C HIS A 96 -7.27 3.95 14.94
N GLY A 97 -8.19 4.41 15.73
CA GLY A 97 -9.63 4.26 15.37
C GLY A 97 -10.44 3.76 16.58
N HIS A 98 -9.82 3.05 17.48
CA HIS A 98 -10.58 2.53 18.67
C HIS A 98 -11.14 3.71 19.47
N GLN A 99 -10.61 4.90 19.27
CA GLN A 99 -11.13 6.09 20.01
C GLN A 99 -12.33 6.68 19.28
N VAL A 100 -12.64 6.17 18.11
CA VAL A 100 -13.80 6.73 17.35
C VAL A 100 -15.03 5.84 17.56
N ILE A 101 -16.04 6.36 18.22
CA ILE A 101 -17.26 5.54 18.47
C ILE A 101 -18.46 6.13 17.70
N PRO A 102 -19.15 5.28 16.95
CA PRO A 102 -18.80 3.85 16.87
C PRO A 102 -17.50 3.62 16.08
N TRP A 103 -16.84 2.53 16.36
CA TRP A 103 -15.53 2.20 15.73
C TRP A 103 -15.43 2.56 14.24
N GLY A 104 -16.29 2.05 13.39
CA GLY A 104 -16.14 2.36 11.93
C GLY A 104 -17.24 3.29 11.42
N ASP A 105 -17.71 4.21 12.22
CA ASP A 105 -18.78 5.14 11.72
C ASP A 105 -18.16 6.24 10.86
N MET A 106 -18.75 6.54 9.74
CA MET A 106 -18.20 7.62 8.88
C MET A 106 -18.51 8.99 9.52
N ALA A 107 -19.69 9.13 10.05
CA ALA A 107 -20.06 10.43 10.69
C ALA A 107 -19.11 10.71 11.86
N SER A 108 -18.74 9.70 12.60
CA SER A 108 -17.79 9.91 13.73
C SER A 108 -16.43 10.30 13.17
N LEU A 109 -16.01 9.64 12.12
CA LEU A 109 -14.69 9.99 11.51
C LEU A 109 -14.74 11.41 10.97
N ALA A 110 -15.83 11.78 10.33
CA ALA A 110 -15.94 13.17 9.79
C ALA A 110 -15.88 14.16 10.95
N LEU A 111 -16.60 13.90 12.01
CA LEU A 111 -16.57 14.82 13.18
C LEU A 111 -15.12 14.98 13.65
N LEU A 112 -14.35 13.93 13.56
CA LEU A 112 -12.92 14.02 13.98
C LEU A 112 -12.13 14.85 12.97
N GLN A 113 -12.47 14.74 11.71
CA GLN A 113 -11.75 15.51 10.66
C GLN A 113 -11.84 17.01 10.96
N ARG A 114 -13.01 17.49 11.31
CA ARG A 114 -13.17 18.93 11.65
C ARG A 114 -12.17 19.34 12.72
N GLN A 115 -12.21 18.68 13.85
CA GLN A 115 -11.27 19.01 14.95
C GLN A 115 -9.82 18.99 14.46
N PHE A 116 -9.45 17.97 13.72
CA PHE A 116 -8.05 17.87 13.21
C PHE A 116 -7.78 18.90 12.09
N ASP A 117 -8.80 19.28 11.36
CA ASP A 117 -8.59 20.26 10.24
C ASP A 117 -7.58 19.70 9.23
N VAL A 118 -7.76 18.47 8.82
CA VAL A 118 -6.82 17.85 7.85
C VAL A 118 -7.53 17.56 6.52
N ASP A 119 -6.80 17.49 5.45
CA ASP A 119 -7.44 17.20 4.13
C ASP A 119 -7.67 15.70 4.00
N ILE A 120 -6.81 14.91 4.60
CA ILE A 120 -6.95 13.43 4.54
C ILE A 120 -6.87 12.84 5.95
N LEU A 121 -7.67 11.85 6.25
CA LEU A 121 -7.62 11.23 7.61
C LEU A 121 -7.30 9.74 7.49
N ILE A 122 -6.25 9.30 8.13
CA ILE A 122 -5.88 7.85 8.05
C ILE A 122 -6.24 7.15 9.37
N SER A 123 -6.91 6.02 9.29
CA SER A 123 -7.28 5.29 10.54
C SER A 123 -7.52 3.81 10.22
N GLY A 124 -7.48 2.96 11.22
CA GLY A 124 -7.71 1.50 10.97
C GLY A 124 -8.62 0.93 12.06
N HIS A 125 -8.13 -0.05 12.78
CA HIS A 125 -8.94 -0.70 13.88
C HIS A 125 -10.01 -1.65 13.32
N THR A 126 -10.60 -1.33 12.19
CA THR A 126 -11.66 -2.22 11.62
C THR A 126 -11.05 -3.31 10.73
N HIS A 127 -9.79 -3.22 10.42
CA HIS A 127 -9.14 -4.25 9.55
C HIS A 127 -9.90 -4.37 8.21
N LYS A 128 -10.57 -3.34 7.81
CA LYS A 128 -11.30 -3.37 6.50
C LYS A 128 -10.82 -2.21 5.63
N PHE A 129 -10.17 -2.49 4.53
CA PHE A 129 -9.70 -1.39 3.65
C PHE A 129 -10.85 -0.46 3.29
N GLU A 130 -10.62 0.83 3.30
CA GLU A 130 -11.70 1.79 2.95
C GLU A 130 -11.09 3.08 2.39
N ALA A 131 -11.48 3.43 1.18
CA ALA A 131 -10.94 4.68 0.56
C ALA A 131 -12.07 5.44 -0.14
N PHE A 132 -12.62 6.43 0.51
CA PHE A 132 -13.74 7.20 -0.12
C PHE A 132 -13.62 8.71 0.20
N GLU A 133 -14.38 9.53 -0.48
CA GLU A 133 -14.32 11.00 -0.25
C GLU A 133 -15.63 11.47 0.42
N HIS A 134 -15.54 12.45 1.29
CA HIS A 134 -16.78 12.95 1.97
C HIS A 134 -16.68 14.46 2.24
N GLU A 135 -17.56 15.22 1.66
CA GLU A 135 -17.55 16.70 1.87
C GLU A 135 -16.17 17.30 1.60
N ASN A 136 -15.67 17.11 0.40
CA ASN A 136 -14.34 17.68 0.01
C ASN A 136 -13.19 17.14 0.87
N LYS A 137 -13.41 16.08 1.60
CA LYS A 137 -12.31 15.52 2.44
C LYS A 137 -12.07 14.05 2.07
N PHE A 138 -10.89 13.55 2.29
CA PHE A 138 -10.61 12.12 1.93
C PHE A 138 -10.36 11.28 3.18
N TYR A 139 -10.86 10.08 3.18
CA TYR A 139 -10.65 9.16 4.35
C TYR A 139 -10.00 7.87 3.85
N ILE A 140 -8.99 7.39 4.52
CA ILE A 140 -8.32 6.14 4.05
C ILE A 140 -8.07 5.16 5.19
N ASN A 141 -8.34 3.91 4.95
CA ASN A 141 -8.10 2.86 5.97
C ASN A 141 -7.34 1.71 5.29
N PRO A 142 -6.08 1.57 5.63
CA PRO A 142 -5.24 0.49 5.01
C PRO A 142 -5.73 -0.89 5.41
N GLY A 143 -6.30 -1.03 6.57
CA GLY A 143 -6.79 -2.37 7.02
C GLY A 143 -5.68 -3.10 7.78
N SER A 144 -5.54 -4.39 7.55
CA SER A 144 -4.48 -5.15 8.27
C SER A 144 -3.46 -5.73 7.28
N ALA A 145 -2.25 -5.23 7.30
CA ALA A 145 -1.21 -5.75 6.37
C ALA A 145 -1.01 -7.25 6.57
N THR A 146 -1.40 -7.78 7.71
CA THR A 146 -1.22 -9.24 7.96
C THR A 146 -2.58 -9.93 8.06
N GLY A 147 -3.64 -9.27 7.66
CA GLY A 147 -4.99 -9.91 7.76
C GLY A 147 -5.23 -10.35 9.20
N ALA A 148 -4.75 -9.58 10.15
CA ALA A 148 -4.93 -9.95 11.58
C ALA A 148 -6.39 -10.30 11.88
N TYR A 149 -6.60 -11.22 12.78
CA TYR A 149 -7.99 -11.64 13.13
C TYR A 149 -8.78 -10.50 13.78
N ASN A 150 -10.08 -10.52 13.59
CA ASN A 150 -10.96 -9.47 14.19
C ASN A 150 -12.33 -10.08 14.49
N ALA A 151 -12.70 -10.15 15.73
CA ALA A 151 -14.01 -10.76 16.13
C ALA A 151 -15.20 -10.21 15.34
N LEU A 152 -15.15 -8.98 14.89
CA LEU A 152 -16.32 -8.43 14.14
C LEU A 152 -16.38 -8.93 12.69
N GLU A 153 -15.26 -9.22 12.09
CA GLU A 153 -15.30 -9.72 10.68
C GLU A 153 -14.59 -11.08 10.59
N THR A 154 -15.32 -12.10 10.23
CA THR A 154 -14.72 -13.46 10.13
C THR A 154 -13.87 -13.61 8.86
N ASN A 155 -14.03 -12.72 7.91
CA ASN A 155 -13.23 -12.82 6.67
C ASN A 155 -12.36 -11.57 6.49
N ILE A 156 -11.15 -11.61 6.94
CA ILE A 156 -10.26 -10.42 6.79
C ILE A 156 -9.29 -10.60 5.64
N ILE A 157 -9.06 -9.57 4.88
CA ILE A 157 -8.10 -9.67 3.75
C ILE A 157 -6.89 -8.78 4.05
N PRO A 158 -5.72 -9.39 4.08
CA PRO A 158 -4.50 -8.62 4.39
C PRO A 158 -4.22 -7.62 3.28
N SER A 159 -3.91 -6.38 3.61
CA SER A 159 -3.66 -5.38 2.52
C SER A 159 -3.00 -4.11 3.07
N PHE A 160 -2.29 -3.41 2.22
CA PHE A 160 -1.65 -2.13 2.63
C PHE A 160 -1.85 -1.11 1.52
N VAL A 161 -1.74 0.16 1.81
CA VAL A 161 -2.00 1.18 0.74
C VAL A 161 -0.86 2.19 0.58
N LEU A 162 -0.57 2.52 -0.65
CA LEU A 162 0.47 3.53 -0.97
C LEU A 162 -0.19 4.79 -1.50
N MET A 163 0.33 5.95 -1.20
CA MET A 163 -0.30 7.19 -1.71
C MET A 163 0.72 7.99 -2.52
N ASP A 164 0.50 8.13 -3.80
CA ASP A 164 1.45 8.91 -4.65
C ASP A 164 1.00 10.37 -4.71
N ILE A 165 1.81 11.27 -4.21
CA ILE A 165 1.42 12.71 -4.24
C ILE A 165 2.35 13.52 -5.14
N GLN A 166 1.81 14.17 -6.12
CA GLN A 166 2.65 15.00 -7.03
C GLN A 166 2.53 16.47 -6.62
N ALA A 167 1.33 16.97 -6.53
CA ALA A 167 1.11 18.39 -6.12
C ALA A 167 -0.39 18.66 -6.03
N SER A 168 -0.92 18.78 -4.84
CA SER A 168 -2.39 19.02 -4.67
C SER A 168 -3.20 17.87 -5.28
N THR A 169 -2.54 16.81 -5.66
CA THR A 169 -3.26 15.64 -6.25
C THR A 169 -2.66 14.35 -5.68
N VAL A 170 -3.47 13.42 -5.24
CA VAL A 170 -2.89 12.18 -4.67
C VAL A 170 -3.56 10.94 -5.26
N VAL A 171 -2.79 9.94 -5.55
CA VAL A 171 -3.36 8.67 -6.08
C VAL A 171 -3.07 7.57 -5.07
N THR A 172 -4.06 6.88 -4.61
CA THR A 172 -3.81 5.81 -3.60
C THR A 172 -3.91 4.44 -4.22
N TYR A 173 -3.00 3.57 -3.90
CA TYR A 173 -3.04 2.20 -4.43
C TYR A 173 -3.29 1.22 -3.29
N VAL A 174 -4.24 0.36 -3.43
CA VAL A 174 -4.53 -0.61 -2.34
C VAL A 174 -4.19 -2.02 -2.82
N TYR A 175 -3.49 -2.77 -2.02
CA TYR A 175 -3.12 -4.15 -2.43
C TYR A 175 -3.86 -5.16 -1.57
N GLN A 176 -4.78 -5.88 -2.14
CA GLN A 176 -5.52 -6.90 -1.35
C GLN A 176 -5.03 -8.28 -1.74
N LEU A 177 -4.79 -9.11 -0.77
CA LEU A 177 -4.32 -10.48 -1.08
C LEU A 177 -5.52 -11.43 -1.19
N ILE A 178 -6.02 -11.62 -2.38
CA ILE A 178 -7.18 -12.52 -2.57
C ILE A 178 -6.70 -13.79 -3.27
N GLY A 179 -6.97 -14.93 -2.68
CA GLY A 179 -6.49 -16.20 -3.30
C GLY A 179 -4.96 -16.20 -3.26
N ASP A 180 -4.32 -16.56 -4.35
CA ASP A 180 -2.83 -16.56 -4.37
C ASP A 180 -2.31 -15.24 -4.94
N ASP A 181 -2.73 -14.89 -6.12
CA ASP A 181 -2.26 -13.61 -6.73
C ASP A 181 -2.77 -12.42 -5.93
N VAL A 182 -2.17 -11.28 -6.08
CA VAL A 182 -2.64 -10.09 -5.33
C VAL A 182 -3.32 -9.11 -6.28
N LYS A 183 -4.49 -8.65 -5.93
CA LYS A 183 -5.22 -7.70 -6.82
C LYS A 183 -4.96 -6.25 -6.36
N VAL A 184 -4.95 -5.32 -7.27
CA VAL A 184 -4.71 -3.91 -6.87
C VAL A 184 -5.75 -2.97 -7.50
N GLU A 185 -6.19 -1.99 -6.77
CA GLU A 185 -7.19 -1.01 -7.30
C GLU A 185 -6.59 0.39 -7.26
N ARG A 186 -6.98 1.25 -8.17
CA ARG A 186 -6.40 2.63 -8.18
C ARG A 186 -7.49 3.69 -7.88
N ILE A 187 -7.23 4.52 -6.91
CA ILE A 187 -8.20 5.61 -6.56
C ILE A 187 -7.46 6.95 -6.58
N GLU A 188 -8.02 7.95 -7.22
CA GLU A 188 -7.33 9.28 -7.27
C GLU A 188 -8.13 10.35 -6.52
N TYR A 189 -7.44 11.21 -5.82
CA TYR A 189 -8.12 12.31 -5.07
C TYR A 189 -7.33 13.62 -5.21
N LYS A 190 -8.00 14.73 -5.33
CA LYS A 190 -7.28 16.02 -5.46
C LYS A 190 -7.99 17.11 -4.65
N LYS A 191 -7.25 18.04 -4.10
CA LYS A 191 -7.88 19.13 -3.29
C LYS A 191 -9.04 19.76 -4.05
N SER A 192 -8.92 19.86 -5.35
CA SER A 192 -10.02 20.47 -6.17
C SER A 192 -10.40 21.86 -5.62
N GLY B 1 0.19 -27.52 -4.64
CA GLY B 1 -0.23 -26.32 -3.85
C GLY B 1 -1.59 -25.84 -4.36
N PRO B 2 -1.89 -24.60 -4.07
CA PRO B 2 -3.18 -24.00 -4.50
C PRO B 2 -3.22 -23.85 -6.03
N LEU B 3 -2.08 -23.89 -6.67
CA LEU B 3 -2.05 -23.74 -8.15
C LEU B 3 -2.25 -25.10 -8.82
N GLY B 4 -2.91 -25.14 -9.95
CA GLY B 4 -3.13 -26.44 -10.64
C GLY B 4 -4.55 -26.49 -11.19
N SER B 5 -5.45 -25.74 -10.61
CA SER B 5 -6.86 -25.74 -11.10
C SER B 5 -7.25 -24.34 -11.59
N THR B 6 -8.09 -24.26 -12.59
CA THR B 6 -8.50 -22.92 -13.10
C THR B 6 -9.65 -22.35 -12.26
N GLU B 7 -9.50 -21.15 -11.77
CA GLU B 7 -10.59 -20.54 -10.95
C GLU B 7 -11.79 -20.21 -11.83
N GLU B 8 -11.54 -19.81 -13.06
CA GLU B 8 -12.66 -19.47 -13.98
C GLU B 8 -12.58 -20.32 -15.26
N ASP B 9 -13.47 -20.10 -16.18
CA ASP B 9 -13.44 -20.89 -17.45
C ASP B 9 -12.11 -20.68 -18.17
N LEU B 10 -11.59 -21.71 -18.81
CA LEU B 10 -10.29 -21.56 -19.53
C LEU B 10 -10.53 -21.08 -20.96
N GLU B 11 -9.49 -21.02 -21.75
CA GLU B 11 -9.64 -20.55 -23.17
C GLU B 11 -10.28 -19.15 -23.20
N ASP B 12 -9.78 -18.24 -22.40
CA ASP B 12 -10.36 -16.86 -22.37
C ASP B 12 -10.27 -16.23 -23.77
N ALA B 13 -9.20 -16.47 -24.49
CA ALA B 13 -9.06 -15.89 -25.84
C ALA B 13 -7.85 -16.47 -26.56
N GLU B 14 -7.89 -17.74 -26.88
CA GLU B 14 -6.73 -18.38 -27.58
C GLU B 14 -6.47 -17.69 -28.92
N ASP B 15 -7.50 -17.14 -29.52
CA ASP B 15 -7.31 -16.45 -30.84
C ASP B 15 -6.30 -15.30 -30.72
N THR B 16 -6.25 -14.65 -29.59
CA THR B 16 -5.30 -13.53 -29.42
C THR B 16 -4.49 -13.70 -28.12
N VAL B 17 -3.33 -13.09 -28.04
CA VAL B 17 -2.50 -13.23 -26.82
C VAL B 17 -2.28 -11.86 -26.16
N SER B 18 -2.47 -11.79 -24.87
CA SER B 18 -2.27 -10.50 -24.15
C SER B 18 -1.24 -10.66 -23.04
N ALA B 19 -0.45 -9.66 -22.77
CA ALA B 19 0.58 -9.77 -21.69
C ALA B 19 0.76 -8.42 -21.00
N ALA B 20 1.15 -8.43 -19.75
CA ALA B 20 1.37 -7.15 -19.02
C ALA B 20 2.66 -6.47 -19.50
N ASP B 21 2.67 -5.18 -19.59
CA ASP B 21 3.89 -4.47 -20.05
C ASP B 21 4.99 -4.57 -18.99
N PRO B 22 6.21 -4.42 -19.42
CA PRO B 22 7.37 -4.50 -18.49
C PRO B 22 7.37 -3.30 -17.54
N GLU B 23 6.70 -2.24 -17.90
CA GLU B 23 6.65 -1.03 -17.02
C GLU B 23 6.07 -1.41 -15.65
N PHE B 24 6.47 -0.72 -14.62
CA PHE B 24 5.96 -1.04 -13.26
C PHE B 24 4.43 -1.00 -13.23
N CYS B 25 3.83 -1.92 -12.52
CA CYS B 25 2.34 -1.94 -12.41
C CYS B 25 1.91 -0.83 -11.47
N HIS B 26 2.65 -0.64 -10.42
CA HIS B 26 2.34 0.42 -9.42
C HIS B 26 3.52 0.51 -8.45
N PRO B 27 3.42 1.38 -7.47
CA PRO B 27 4.52 1.51 -6.49
C PRO B 27 4.78 0.18 -5.78
N LEU B 28 6.03 -0.18 -5.65
CA LEU B 28 6.45 -1.45 -4.97
C LEU B 28 6.18 -2.70 -5.83
N CYS B 29 6.49 -2.67 -7.11
CA CYS B 29 6.25 -3.91 -7.92
C CYS B 29 7.43 -4.12 -8.87
N GLN B 30 8.49 -4.68 -8.36
CA GLN B 30 9.69 -4.96 -9.22
C GLN B 30 9.49 -6.28 -9.95
N CYS B 31 8.27 -6.72 -10.01
CA CYS B 31 7.92 -8.01 -10.68
C CYS B 31 8.59 -8.15 -12.05
N PRO B 32 8.46 -9.34 -12.59
CA PRO B 32 8.97 -9.62 -13.93
C PRO B 32 8.05 -8.96 -14.96
N LYS B 33 6.79 -9.28 -14.87
CA LYS B 33 5.78 -8.71 -15.80
C LYS B 33 4.38 -8.84 -15.17
N CYS B 34 4.26 -9.64 -14.14
CA CYS B 34 2.91 -9.88 -13.55
C CYS B 34 2.02 -10.47 -14.65
N ALA B 35 2.64 -11.15 -15.58
CA ALA B 35 1.90 -11.78 -16.70
C ALA B 35 1.18 -13.05 -16.21
N PRO B 36 0.34 -13.60 -17.05
CA PRO B 36 -0.40 -14.82 -16.67
C PRO B 36 0.55 -16.02 -16.54
N ALA B 37 0.58 -16.63 -15.39
CA ALA B 37 1.49 -17.81 -15.18
C ALA B 37 0.91 -19.05 -15.86
N GLN B 38 -0.37 -19.06 -16.14
CA GLN B 38 -0.98 -20.26 -16.79
C GLN B 38 -0.51 -20.38 -18.25
N LYS B 39 -0.30 -21.59 -18.71
CA LYS B 39 0.15 -21.80 -20.11
C LYS B 39 -1.02 -22.28 -20.96
N ARG B 40 -0.93 -22.13 -22.26
CA ARG B 40 -2.04 -22.59 -23.14
C ARG B 40 -1.57 -23.73 -24.03
N LEU B 41 -2.44 -24.68 -24.31
CA LEU B 41 -2.05 -25.83 -25.17
C LEU B 41 -2.54 -25.60 -26.60
N ALA B 42 -1.74 -25.91 -27.58
CA ALA B 42 -2.18 -25.72 -29.00
C ALA B 42 -2.85 -26.98 -29.51
N LYS B 43 -4.14 -26.94 -29.72
CA LYS B 43 -4.86 -28.15 -30.23
C LYS B 43 -5.77 -27.77 -31.39
N VAL B 44 -5.94 -28.67 -32.33
CA VAL B 44 -6.83 -28.37 -33.50
C VAL B 44 -8.22 -28.97 -33.24
N PRO B 45 -9.18 -28.53 -34.01
CA PRO B 45 -10.57 -29.04 -33.85
C PRO B 45 -10.67 -30.49 -34.35
N ALA B 46 -9.88 -31.37 -33.80
CA ALA B 46 -9.92 -32.81 -34.23
C ALA B 46 -11.23 -33.45 -33.80
N SER B 47 -11.87 -32.92 -32.78
CA SER B 47 -13.15 -33.52 -32.30
C SER B 47 -14.16 -33.59 -33.46
N GLY B 48 -14.16 -32.63 -34.34
CA GLY B 48 -15.11 -32.67 -35.48
C GLY B 48 -14.88 -33.94 -36.30
N LEU B 49 -13.66 -34.39 -36.37
CA LEU B 49 -13.36 -35.63 -37.16
C LEU B 49 -13.13 -36.81 -36.20
N GLY B 50 -13.79 -37.91 -36.43
CA GLY B 50 -13.60 -39.09 -35.54
C GLY B 50 -13.24 -40.33 -36.38
N VAL B 51 -12.37 -40.17 -37.34
CA VAL B 51 -11.98 -41.33 -38.20
C VAL B 51 -10.46 -41.41 -38.30
N ASN B 52 -9.92 -42.61 -38.36
CA ASN B 52 -8.44 -42.77 -38.47
C ASN B 52 -7.93 -42.11 -39.74
N VAL B 53 -6.86 -41.37 -39.66
CA VAL B 53 -6.31 -40.70 -40.87
C VAL B 53 -4.94 -41.30 -41.23
N THR B 54 -4.70 -41.52 -42.49
CA THR B 54 -3.39 -42.11 -42.91
C THR B 54 -2.64 -41.14 -43.83
N SER B 55 -1.37 -41.35 -44.02
CA SER B 55 -0.57 -40.45 -44.91
C SER B 55 -0.17 -41.17 -46.19
N GLN B 56 -0.01 -40.46 -47.28
CA GLN B 56 0.38 -41.11 -48.55
C GLN B 56 1.61 -40.42 -49.15
N ASP B 57 2.31 -41.10 -50.02
CA ASP B 57 3.53 -40.48 -50.63
C ASP B 57 3.15 -39.61 -51.83
N GLY B 58 3.40 -38.34 -51.76
CA GLY B 58 3.04 -37.43 -52.89
C GLY B 58 4.26 -36.57 -53.24
N SER B 59 4.69 -35.73 -52.35
CA SER B 59 5.87 -34.87 -52.62
C SER B 59 6.93 -35.05 -51.54
N SER B 60 8.19 -35.02 -51.90
CA SER B 60 9.26 -35.20 -50.88
C SER B 60 9.34 -33.98 -49.97
N TRP B 61 9.95 -34.12 -48.83
CA TRP B 61 10.04 -32.96 -47.88
C TRP B 61 11.28 -33.13 -46.98
N GLY A 1 11.21 6.30 -12.45
CA GLY A 1 12.41 6.73 -13.22
C GLY A 1 13.66 6.54 -12.38
N SER A 2 14.67 7.34 -12.60
CA SER A 2 15.93 7.20 -11.82
C SER A 2 16.03 8.29 -10.74
N PRO A 3 16.13 9.53 -11.16
CA PRO A 3 16.23 10.64 -10.18
C PRO A 3 14.90 10.84 -9.45
N GLU A 4 14.95 10.98 -8.14
CA GLU A 4 13.70 11.19 -7.36
C GLU A 4 13.10 12.56 -7.66
N PHE A 5 13.93 13.52 -7.97
CA PHE A 5 13.43 14.89 -8.25
C PHE A 5 13.77 15.29 -9.69
N GLY A 6 13.04 16.23 -10.23
CA GLY A 6 13.32 16.67 -11.63
C GLY A 6 12.27 17.70 -12.06
N THR A 7 11.63 17.48 -13.17
CA THR A 7 10.60 18.43 -13.66
C THR A 7 9.49 18.62 -12.63
N ARG A 8 9.13 17.58 -11.93
CA ARG A 8 8.04 17.71 -10.91
C ARG A 8 8.43 17.01 -9.60
N ASP A 9 8.01 17.54 -8.48
CA ASP A 9 8.35 16.90 -7.17
C ASP A 9 7.20 16.02 -6.69
N ARG A 10 7.42 14.73 -6.64
CA ARG A 10 6.34 13.80 -6.17
C ARG A 10 6.92 12.82 -5.15
N MET A 11 6.24 12.58 -4.05
CA MET A 11 6.82 11.63 -3.06
C MET A 11 5.82 10.49 -2.77
N LEU A 12 6.32 9.28 -2.66
CA LEU A 12 5.43 8.12 -2.40
C LEU A 12 5.40 7.80 -0.89
N VAL A 13 4.22 7.60 -0.35
CA VAL A 13 4.11 7.29 1.12
C VAL A 13 3.46 5.93 1.33
N LEU A 14 3.95 5.16 2.27
CA LEU A 14 3.35 3.82 2.55
C LEU A 14 2.42 3.89 3.76
N VAL A 15 1.24 3.33 3.64
CA VAL A 15 0.29 3.35 4.78
C VAL A 15 -0.15 1.92 5.14
N LEU A 16 -0.06 1.56 6.39
CA LEU A 16 -0.48 0.20 6.82
C LEU A 16 -0.60 0.14 8.35
N GLY A 17 -0.93 -1.00 8.90
CA GLY A 17 -1.06 -1.10 10.38
C GLY A 17 -1.92 -2.32 10.76
N ASP A 18 -2.18 -2.48 12.03
CA ASP A 18 -2.98 -3.64 12.51
C ASP A 18 -2.28 -4.94 12.16
N LEU A 19 -0.99 -4.97 12.32
CA LEU A 19 -0.21 -6.20 12.03
C LEU A 19 -0.49 -7.18 13.18
N HIS A 20 -0.63 -6.65 14.36
CA HIS A 20 -0.93 -7.49 15.56
C HIS A 20 0.12 -8.59 15.75
N ILE A 21 1.37 -8.28 15.56
CA ILE A 21 2.44 -9.30 15.76
C ILE A 21 3.09 -9.08 17.13
N PRO A 22 3.33 -10.15 17.86
CA PRO A 22 2.99 -11.53 17.46
C PRO A 22 1.67 -11.96 18.11
N HIS A 23 0.83 -11.03 18.44
CA HIS A 23 -0.46 -11.38 19.11
C HIS A 23 -1.33 -12.28 18.23
N ARG A 24 -1.52 -11.94 16.98
CA ARG A 24 -2.39 -12.78 16.11
C ARG A 24 -1.64 -13.24 14.85
N CYS A 25 -0.60 -12.53 14.47
CA CYS A 25 0.17 -12.93 13.25
C CYS A 25 1.67 -12.92 13.54
N ASN A 26 2.45 -13.63 12.77
CA ASN A 26 3.91 -13.66 13.00
C ASN A 26 4.65 -12.75 12.00
N SER A 27 4.03 -12.40 10.91
CA SER A 27 4.70 -11.53 9.91
C SER A 27 3.74 -11.13 8.80
N LEU A 28 4.21 -10.34 7.87
CA LEU A 28 3.33 -9.94 6.73
C LEU A 28 3.24 -11.11 5.74
N PRO A 29 2.26 -11.08 4.88
CA PRO A 29 2.10 -12.17 3.89
C PRO A 29 3.32 -12.25 2.97
N ALA A 30 3.75 -13.44 2.65
CA ALA A 30 4.97 -13.65 1.80
C ALA A 30 5.04 -12.72 0.58
N LYS A 31 4.07 -12.76 -0.29
CA LYS A 31 4.13 -11.89 -1.50
C LYS A 31 4.29 -10.41 -1.13
N PHE A 32 3.67 -9.98 -0.07
CA PHE A 32 3.80 -8.54 0.32
C PHE A 32 5.24 -8.19 0.67
N LYS A 33 5.94 -9.07 1.35
CA LYS A 33 7.36 -8.76 1.70
C LYS A 33 8.12 -8.47 0.41
N LYS A 34 7.88 -9.24 -0.62
CA LYS A 34 8.55 -9.01 -1.92
C LYS A 34 8.06 -7.68 -2.51
N LEU A 35 6.80 -7.38 -2.33
CA LEU A 35 6.22 -6.11 -2.86
C LEU A 35 6.86 -4.90 -2.18
N LEU A 36 7.21 -5.00 -0.91
CA LEU A 36 7.83 -3.83 -0.22
C LEU A 36 9.36 -3.89 -0.29
N VAL A 37 9.99 -2.78 -0.61
CA VAL A 37 11.49 -2.76 -0.70
C VAL A 37 12.02 -1.38 -0.29
N PRO A 38 13.19 -1.37 0.31
CA PRO A 38 13.82 -0.09 0.75
C PRO A 38 14.34 0.70 -0.45
N GLY A 39 14.40 2.00 -0.33
CA GLY A 39 14.91 2.85 -1.45
C GLY A 39 13.76 3.23 -2.38
N LYS A 40 12.59 2.73 -2.13
CA LYS A 40 11.43 3.06 -3.00
C LYS A 40 10.42 3.93 -2.27
N ILE A 41 10.37 3.85 -0.96
CA ILE A 41 9.39 4.66 -0.19
C ILE A 41 10.11 5.73 0.63
N GLN A 42 9.64 6.94 0.57
CA GLN A 42 10.29 8.04 1.35
C GLN A 42 9.51 8.34 2.63
N HIS A 43 8.25 7.98 2.69
CA HIS A 43 7.45 8.26 3.92
C HIS A 43 6.58 7.05 4.29
N ILE A 44 6.49 6.74 5.56
CA ILE A 44 5.65 5.60 6.00
C ILE A 44 4.71 6.01 7.13
N LEU A 45 3.42 5.84 6.94
CA LEU A 45 2.45 6.19 8.02
C LEU A 45 1.85 4.91 8.59
N CYS A 46 1.87 4.74 9.89
CA CYS A 46 1.31 3.50 10.48
C CYS A 46 0.15 3.83 11.42
N THR A 47 -0.97 3.16 11.26
CA THR A 47 -2.14 3.44 12.14
C THR A 47 -2.29 2.35 13.20
N GLY A 48 -2.54 1.15 12.77
CA GLY A 48 -2.74 0.02 13.73
C GLY A 48 -1.52 -0.16 14.62
N ASN A 49 -1.67 -0.87 15.70
CA ASN A 49 -0.52 -1.10 16.64
C ASN A 49 0.48 -2.08 16.03
N LEU A 50 1.74 -1.93 16.35
CA LEU A 50 2.78 -2.85 15.78
C LEU A 50 2.44 -4.33 16.06
N CYS A 51 2.38 -4.77 17.31
CA CYS A 51 2.64 -3.89 18.48
C CYS A 51 4.08 -4.09 18.98
N THR A 52 4.68 -5.22 18.66
CA THR A 52 6.08 -5.48 19.13
C THR A 52 7.08 -4.55 18.43
N LYS A 53 8.08 -4.12 19.15
CA LYS A 53 9.09 -3.20 18.55
C LYS A 53 9.77 -3.89 17.35
N GLU A 54 9.85 -5.19 17.35
CA GLU A 54 10.50 -5.90 16.21
C GLU A 54 9.90 -5.44 14.89
N SER A 55 8.60 -5.25 14.84
CA SER A 55 7.96 -4.77 13.59
C SER A 55 8.42 -3.35 13.27
N TYR A 56 8.63 -2.55 14.29
CA TYR A 56 9.09 -1.15 14.06
C TYR A 56 10.41 -1.14 13.31
N ASP A 57 11.33 -1.99 13.68
CA ASP A 57 12.64 -2.04 12.97
C ASP A 57 12.42 -2.36 11.50
N TYR A 58 11.51 -3.26 11.22
CA TYR A 58 11.23 -3.62 9.79
C TYR A 58 10.69 -2.40 9.04
N LEU A 59 9.79 -1.67 9.63
CA LEU A 59 9.24 -0.46 8.94
C LEU A 59 10.36 0.56 8.72
N LYS A 60 11.24 0.69 9.67
CA LYS A 60 12.35 1.68 9.51
C LYS A 60 13.23 1.29 8.31
N THR A 61 13.35 0.01 8.05
CA THR A 61 14.18 -0.44 6.90
C THR A 61 13.60 0.06 5.56
N LEU A 62 12.31 -0.03 5.39
CA LEU A 62 11.69 0.45 4.12
C LEU A 62 11.92 1.95 3.92
N ALA A 63 11.88 2.71 4.98
CA ALA A 63 12.10 4.18 4.85
C ALA A 63 12.69 4.75 6.15
N GLY A 64 13.40 5.84 6.06
CA GLY A 64 14.00 6.45 7.28
C GLY A 64 12.93 7.22 8.06
N ASP A 65 12.11 7.97 7.38
CA ASP A 65 11.06 8.76 8.08
C ASP A 65 9.80 7.90 8.29
N VAL A 66 9.51 7.53 9.50
CA VAL A 66 8.31 6.70 9.76
C VAL A 66 7.43 7.37 10.83
N HIS A 67 6.14 7.43 10.61
CA HIS A 67 5.23 8.04 11.62
C HIS A 67 4.25 6.99 12.14
N ILE A 68 4.17 6.83 13.44
CA ILE A 68 3.25 5.80 14.01
C ILE A 68 2.39 6.38 15.13
N VAL A 69 1.22 5.84 15.32
CA VAL A 69 0.32 6.33 16.41
C VAL A 69 0.04 5.15 17.36
N ARG A 70 -0.26 5.41 18.61
CA ARG A 70 -0.49 4.26 19.54
C ARG A 70 -1.83 3.58 19.27
N GLY A 71 -1.81 2.28 19.16
CA GLY A 71 -3.07 1.52 18.93
C GLY A 71 -3.61 1.05 20.28
N ASP A 72 -4.67 0.29 20.28
CA ASP A 72 -5.23 -0.19 21.58
C ASP A 72 -4.44 -1.40 22.10
N PHE A 73 -3.44 -1.84 21.38
CA PHE A 73 -2.65 -3.02 21.83
C PHE A 73 -1.15 -2.79 21.65
N ASP A 74 -0.71 -1.56 21.64
CA ASP A 74 0.75 -1.29 21.46
C ASP A 74 1.48 -1.43 22.80
N GLU A 75 2.59 -2.13 22.82
CA GLU A 75 3.35 -2.29 24.10
C GLU A 75 3.95 -0.95 24.51
N ASN A 76 4.56 -0.27 23.60
CA ASN A 76 5.18 1.06 23.91
C ASN A 76 4.09 2.12 24.07
N LEU A 77 4.02 2.73 25.22
CA LEU A 77 2.99 3.78 25.46
C LEU A 77 3.52 5.15 25.01
N ASN A 78 4.74 5.21 24.53
CA ASN A 78 5.30 6.52 24.11
C ASN A 78 4.72 6.96 22.77
N TYR A 79 3.89 6.16 22.14
CA TYR A 79 3.29 6.58 20.84
C TYR A 79 2.18 7.60 21.10
N PRO A 80 2.01 8.51 20.18
CA PRO A 80 0.98 9.57 20.32
C PRO A 80 -0.41 9.02 20.02
N GLU A 81 -1.40 9.44 20.79
CA GLU A 81 -2.79 8.95 20.52
C GLU A 81 -3.20 9.31 19.10
N GLN A 82 -2.82 10.48 18.65
CA GLN A 82 -3.15 10.93 17.27
C GLN A 82 -2.08 11.93 16.80
N LYS A 83 -1.80 12.00 15.54
CA LYS A 83 -0.76 12.95 15.06
C LYS A 83 -1.13 13.57 13.70
N VAL A 84 -0.73 14.79 13.48
CA VAL A 84 -1.03 15.45 12.19
C VAL A 84 0.28 15.70 11.44
N VAL A 85 0.48 15.04 10.34
CA VAL A 85 1.75 15.24 9.56
C VAL A 85 1.44 15.85 8.20
N THR A 86 2.16 16.88 7.83
CA THR A 86 1.92 17.52 6.50
C THR A 86 2.81 16.89 5.44
N VAL A 87 2.25 16.50 4.34
CA VAL A 87 3.06 15.89 3.25
C VAL A 87 2.91 16.72 1.97
N GLY A 88 3.72 17.73 1.82
CA GLY A 88 3.61 18.59 0.60
C GLY A 88 2.44 19.56 0.78
N GLN A 89 1.46 19.49 -0.09
CA GLN A 89 0.29 20.40 0.04
C GLN A 89 -0.83 19.76 0.87
N PHE A 90 -0.67 18.51 1.23
CA PHE A 90 -1.76 17.82 2.00
C PHE A 90 -1.51 17.80 3.51
N LYS A 91 -2.55 18.06 4.26
CA LYS A 91 -2.44 18.00 5.75
C LYS A 91 -3.14 16.72 6.19
N ILE A 92 -2.40 15.74 6.62
CA ILE A 92 -3.03 14.44 6.98
C ILE A 92 -3.03 14.21 8.50
N GLY A 93 -4.10 13.65 9.00
CA GLY A 93 -4.20 13.37 10.46
C GLY A 93 -4.02 11.86 10.65
N LEU A 94 -3.66 11.41 11.83
CA LEU A 94 -3.45 9.95 12.03
C LEU A 94 -3.99 9.49 13.39
N ILE A 95 -4.75 8.42 13.40
CA ILE A 95 -5.28 7.87 14.68
C ILE A 95 -5.62 6.39 14.50
N HIS A 96 -5.50 5.60 15.54
CA HIS A 96 -5.83 4.15 15.39
C HIS A 96 -7.28 3.96 14.98
N GLY A 97 -8.21 4.42 15.79
CA GLY A 97 -9.64 4.28 15.44
C GLY A 97 -10.43 3.76 16.64
N HIS A 98 -9.81 3.05 17.54
CA HIS A 98 -10.56 2.55 18.73
C HIS A 98 -11.11 3.72 19.55
N GLN A 99 -10.59 4.90 19.34
CA GLN A 99 -11.09 6.09 20.09
C GLN A 99 -12.30 6.68 19.36
N VAL A 100 -12.63 6.19 18.19
CA VAL A 100 -13.80 6.73 17.44
C VAL A 100 -15.02 5.85 17.67
N ILE A 101 -16.02 6.36 18.34
CA ILE A 101 -17.25 5.55 18.60
C ILE A 101 -18.45 6.13 17.84
N PRO A 102 -19.15 5.28 17.10
CA PRO A 102 -18.79 3.84 17.01
C PRO A 102 -17.50 3.63 16.21
N TRP A 103 -16.84 2.53 16.48
CA TRP A 103 -15.53 2.20 15.84
C TRP A 103 -15.44 2.57 14.35
N GLY A 104 -16.30 2.06 13.51
CA GLY A 104 -16.17 2.37 12.05
C GLY A 104 -17.28 3.30 11.55
N ASP A 105 -17.75 4.22 12.35
CA ASP A 105 -18.81 5.15 11.87
C ASP A 105 -18.21 6.25 11.00
N MET A 106 -18.80 6.55 9.88
CA MET A 106 -18.26 7.64 9.03
C MET A 106 -18.57 8.99 9.66
N ALA A 107 -19.75 9.14 10.21
CA ALA A 107 -20.12 10.44 10.85
C ALA A 107 -19.15 10.72 12.02
N SER A 108 -18.78 9.70 12.75
CA SER A 108 -17.82 9.92 13.87
C SER A 108 -16.46 10.31 13.30
N LEU A 109 -16.05 9.65 12.24
CA LEU A 109 -14.74 10.00 11.62
C LEU A 109 -14.79 11.43 11.09
N ALA A 110 -15.88 11.79 10.47
CA ALA A 110 -16.01 13.18 9.93
C ALA A 110 -15.94 14.18 11.08
N LEU A 111 -16.64 13.91 12.14
CA LEU A 111 -16.60 14.83 13.32
C LEU A 111 -15.15 14.99 13.78
N LEU A 112 -14.38 13.95 13.68
CA LEU A 112 -12.95 14.04 14.09
C LEU A 112 -12.16 14.87 13.06
N GLN A 113 -12.53 14.75 11.81
CA GLN A 113 -11.81 15.53 10.76
C GLN A 113 -11.90 17.03 11.07
N ARG A 114 -13.07 17.50 11.43
CA ARG A 114 -13.23 18.94 11.75
C ARG A 114 -12.22 19.36 12.82
N GLN A 115 -12.24 18.69 13.95
CA GLN A 115 -11.29 19.02 15.06
C GLN A 115 -9.85 19.00 14.55
N PHE A 116 -9.49 17.99 13.80
CA PHE A 116 -8.09 17.89 13.28
C PHE A 116 -7.84 18.92 12.16
N ASP A 117 -8.86 19.30 11.43
CA ASP A 117 -8.66 20.28 10.31
C ASP A 117 -7.66 19.73 9.30
N VAL A 118 -7.83 18.50 8.89
CA VAL A 118 -6.91 17.87 7.90
C VAL A 118 -7.63 17.60 6.59
N ASP A 119 -6.91 17.52 5.50
CA ASP A 119 -7.56 17.23 4.19
C ASP A 119 -7.79 15.73 4.07
N ILE A 120 -6.92 14.94 4.65
CA ILE A 120 -7.06 13.46 4.60
C ILE A 120 -6.96 12.87 6.00
N LEU A 121 -7.77 11.88 6.30
CA LEU A 121 -7.71 11.27 7.66
C LEU A 121 -7.38 9.78 7.54
N ILE A 122 -6.32 9.33 8.17
CA ILE A 122 -5.96 7.88 8.09
C ILE A 122 -6.30 7.18 9.40
N SER A 123 -6.96 6.05 9.34
CA SER A 123 -7.33 5.31 10.57
C SER A 123 -7.57 3.83 10.27
N GLY A 124 -7.53 2.99 11.26
CA GLY A 124 -7.75 1.53 11.01
C GLY A 124 -8.64 0.95 12.11
N HIS A 125 -8.15 -0.04 12.83
CA HIS A 125 -8.95 -0.69 13.94
C HIS A 125 -10.03 -1.63 13.38
N THR A 126 -10.63 -1.31 12.26
CA THR A 126 -11.69 -2.20 11.68
C THR A 126 -11.10 -3.29 10.79
N HIS A 127 -9.83 -3.20 10.47
CA HIS A 127 -9.19 -4.24 9.59
C HIS A 127 -9.95 -4.36 8.26
N LYS A 128 -10.63 -3.31 7.87
CA LYS A 128 -11.38 -3.34 6.57
C LYS A 128 -10.90 -2.18 5.69
N PHE A 129 -10.27 -2.46 4.59
CA PHE A 129 -9.79 -1.36 3.71
C PHE A 129 -10.96 -0.43 3.35
N GLU A 130 -10.72 0.86 3.37
CA GLU A 130 -11.81 1.82 3.03
C GLU A 130 -11.21 3.11 2.45
N ALA A 131 -11.61 3.47 1.26
CA ALA A 131 -11.07 4.71 0.63
C ALA A 131 -12.21 5.48 -0.05
N PHE A 132 -12.76 6.47 0.59
CA PHE A 132 -13.89 7.23 -0.02
C PHE A 132 -13.76 8.74 0.30
N GLU A 133 -14.53 9.55 -0.38
CA GLU A 133 -14.47 11.03 -0.13
C GLU A 133 -15.77 11.50 0.55
N HIS A 134 -15.68 12.48 1.42
CA HIS A 134 -16.91 12.98 2.10
C HIS A 134 -16.82 14.48 2.38
N GLU A 135 -17.70 15.25 1.80
CA GLU A 135 -17.69 16.73 2.02
C GLU A 135 -16.31 17.33 1.74
N ASN A 136 -15.83 17.14 0.53
CA ASN A 136 -14.49 17.71 0.12
C ASN A 136 -13.34 17.17 0.98
N LYS A 137 -13.55 16.10 1.71
CA LYS A 137 -12.44 15.54 2.53
C LYS A 137 -12.21 14.08 2.16
N PHE A 138 -11.02 13.57 2.37
CA PHE A 138 -10.74 12.16 2.01
C PHE A 138 -10.48 11.31 3.26
N TYR A 139 -10.97 10.10 3.26
CA TYR A 139 -10.76 9.19 4.42
C TYR A 139 -10.11 7.90 3.91
N ILE A 140 -9.09 7.42 4.58
CA ILE A 140 -8.42 6.18 4.10
C ILE A 140 -8.16 5.19 5.24
N ASN A 141 -8.45 3.94 4.99
CA ASN A 141 -8.18 2.89 6.02
C ASN A 141 -7.43 1.74 5.34
N PRO A 142 -6.16 1.60 5.66
CA PRO A 142 -5.34 0.53 5.03
C PRO A 142 -5.82 -0.87 5.43
N GLY A 143 -6.38 -1.01 6.61
CA GLY A 143 -6.86 -2.35 7.03
C GLY A 143 -5.75 -3.08 7.79
N SER A 144 -5.60 -4.36 7.56
CA SER A 144 -4.54 -5.13 8.27
C SER A 144 -3.53 -5.70 7.27
N ALA A 145 -2.32 -5.21 7.29
CA ALA A 145 -1.29 -5.71 6.34
C ALA A 145 -1.08 -7.23 6.54
N THR A 146 -1.46 -7.74 7.68
CA THR A 146 -1.28 -9.20 7.93
C THR A 146 -2.63 -9.90 8.04
N GLY A 147 -3.70 -9.24 7.65
CA GLY A 147 -5.04 -9.88 7.75
C GLY A 147 -5.27 -10.33 9.20
N ALA A 148 -4.79 -9.56 10.15
CA ALA A 148 -4.96 -9.93 11.58
C ALA A 148 -6.41 -10.28 11.89
N TYR A 149 -6.61 -11.20 12.80
CA TYR A 149 -8.00 -11.63 13.16
C TYR A 149 -8.79 -10.48 13.81
N ASN A 150 -10.09 -10.51 13.64
CA ASN A 150 -10.96 -9.45 14.25
C ASN A 150 -12.34 -10.07 14.55
N ALA A 151 -12.68 -10.14 15.80
CA ALA A 151 -13.99 -10.76 16.21
C ALA A 151 -15.19 -10.20 15.42
N LEU A 152 -15.15 -8.97 14.97
CA LEU A 152 -16.33 -8.41 14.24
C LEU A 152 -16.40 -8.92 12.79
N GLU A 153 -15.29 -9.22 12.18
CA GLU A 153 -15.33 -9.71 10.77
C GLU A 153 -14.63 -11.07 10.67
N THR A 154 -15.36 -12.08 10.32
CA THR A 154 -14.76 -13.45 10.21
C THR A 154 -13.92 -13.59 8.94
N ASN A 155 -14.09 -12.70 7.99
CA ASN A 155 -13.29 -12.80 6.74
C ASN A 155 -12.43 -11.55 6.56
N ILE A 156 -11.20 -11.59 7.00
CA ILE A 156 -10.32 -10.39 6.84
C ILE A 156 -9.37 -10.58 5.67
N ILE A 157 -9.14 -9.54 4.91
CA ILE A 157 -8.20 -9.63 3.78
C ILE A 157 -6.98 -8.76 4.07
N PRO A 158 -5.82 -9.36 4.09
CA PRO A 158 -4.58 -8.59 4.39
C PRO A 158 -4.30 -7.59 3.26
N SER A 159 -3.93 -6.37 3.58
CA SER A 159 -3.66 -5.39 2.49
C SER A 159 -2.99 -4.11 3.03
N PHE A 160 -2.26 -3.43 2.18
CA PHE A 160 -1.61 -2.17 2.59
C PHE A 160 -1.78 -1.17 1.44
N VAL A 161 -1.66 0.11 1.71
CA VAL A 161 -1.89 1.11 0.62
C VAL A 161 -0.69 2.04 0.36
N LEU A 162 -0.42 2.29 -0.89
CA LEU A 162 0.69 3.21 -1.28
C LEU A 162 0.07 4.51 -1.81
N MET A 163 0.53 5.65 -1.37
CA MET A 163 -0.07 6.92 -1.87
C MET A 163 0.97 7.73 -2.66
N ASP A 164 0.66 8.07 -3.88
CA ASP A 164 1.61 8.87 -4.70
C ASP A 164 1.15 10.33 -4.76
N ILE A 165 1.94 11.24 -4.26
CA ILE A 165 1.52 12.68 -4.29
C ILE A 165 2.46 13.52 -5.16
N GLN A 166 1.99 13.96 -6.29
CA GLN A 166 2.84 14.80 -7.17
C GLN A 166 2.82 16.24 -6.65
N ALA A 167 1.67 16.70 -6.23
CA ALA A 167 1.53 18.08 -5.69
C ALA A 167 0.15 18.22 -5.03
N SER A 168 -0.77 18.90 -5.66
CA SER A 168 -2.14 19.04 -5.06
C SER A 168 -3.00 17.84 -5.45
N THR A 169 -2.41 16.83 -6.06
CA THR A 169 -3.19 15.63 -6.47
C THR A 169 -2.55 14.37 -5.86
N VAL A 170 -3.35 13.44 -5.39
CA VAL A 170 -2.75 12.21 -4.80
C VAL A 170 -3.40 10.95 -5.38
N VAL A 171 -2.61 9.94 -5.63
CA VAL A 171 -3.17 8.67 -6.16
C VAL A 171 -2.91 7.59 -5.12
N THR A 172 -3.92 6.89 -4.70
CA THR A 172 -3.71 5.84 -3.68
C THR A 172 -3.81 4.44 -4.29
N TYR A 173 -2.90 3.59 -3.96
CA TYR A 173 -2.93 2.22 -4.49
C TYR A 173 -3.19 1.24 -3.36
N VAL A 174 -4.16 0.39 -3.50
CA VAL A 174 -4.45 -0.59 -2.42
C VAL A 174 -4.10 -1.99 -2.89
N TYR A 175 -3.40 -2.73 -2.07
CA TYR A 175 -3.02 -4.12 -2.48
C TYR A 175 -3.79 -5.13 -1.64
N GLN A 176 -4.65 -5.88 -2.25
CA GLN A 176 -5.40 -6.91 -1.48
C GLN A 176 -4.89 -8.29 -1.84
N LEU A 177 -4.70 -9.13 -0.87
CA LEU A 177 -4.21 -10.51 -1.18
C LEU A 177 -5.39 -11.45 -1.32
N ILE A 178 -5.98 -11.49 -2.49
CA ILE A 178 -7.14 -12.41 -2.71
C ILE A 178 -6.64 -13.63 -3.46
N GLY A 179 -6.77 -14.79 -2.87
CA GLY A 179 -6.27 -16.01 -3.56
C GLY A 179 -4.75 -15.97 -3.55
N ASP A 180 -4.09 -16.73 -4.39
CA ASP A 180 -2.61 -16.71 -4.42
C ASP A 180 -2.09 -15.39 -5.01
N ASP A 181 -2.68 -14.95 -6.10
CA ASP A 181 -2.22 -13.68 -6.74
C ASP A 181 -2.70 -12.46 -5.95
N VAL A 182 -2.03 -11.36 -6.10
CA VAL A 182 -2.44 -10.12 -5.36
C VAL A 182 -3.13 -9.16 -6.34
N LYS A 183 -4.30 -8.68 -5.98
CA LYS A 183 -5.02 -7.73 -6.88
C LYS A 183 -4.78 -6.29 -6.43
N VAL A 184 -4.75 -5.37 -7.35
CA VAL A 184 -4.52 -3.95 -6.96
C VAL A 184 -5.55 -3.02 -7.61
N GLU A 185 -6.00 -2.04 -6.88
CA GLU A 185 -7.00 -1.07 -7.43
C GLU A 185 -6.42 0.34 -7.39
N ARG A 186 -6.82 1.20 -8.29
CA ARG A 186 -6.26 2.59 -8.29
C ARG A 186 -7.34 3.64 -8.01
N ILE A 187 -7.09 4.48 -7.04
CA ILE A 187 -8.06 5.56 -6.70
C ILE A 187 -7.34 6.91 -6.71
N GLU A 188 -7.90 7.90 -7.36
CA GLU A 188 -7.20 9.23 -7.41
C GLU A 188 -8.01 10.31 -6.66
N TYR A 189 -7.33 11.17 -5.97
CA TYR A 189 -8.02 12.27 -5.23
C TYR A 189 -7.22 13.58 -5.36
N LYS A 190 -7.90 14.68 -5.50
CA LYS A 190 -7.18 15.99 -5.62
C LYS A 190 -7.91 17.07 -4.81
N LYS A 191 -7.18 18.01 -4.27
CA LYS A 191 -7.83 19.09 -3.47
C LYS A 191 -8.98 19.73 -4.26
N SER A 192 -8.84 19.82 -5.56
CA SER A 192 -9.91 20.43 -6.38
C SER A 192 -10.03 19.71 -7.72
N GLY B 1 24.35 -14.02 -34.51
CA GLY B 1 23.91 -15.41 -34.24
C GLY B 1 24.96 -16.13 -33.38
N PRO B 2 24.97 -15.80 -32.11
CA PRO B 2 25.93 -16.42 -31.17
C PRO B 2 25.58 -17.90 -30.94
N LEU B 3 26.50 -18.67 -30.44
CA LEU B 3 26.22 -20.12 -30.20
C LEU B 3 25.32 -20.27 -28.97
N GLY B 4 24.42 -21.22 -28.98
CA GLY B 4 23.51 -21.41 -27.82
C GLY B 4 24.30 -21.98 -26.64
N SER B 5 24.06 -21.46 -25.46
CA SER B 5 24.78 -21.96 -24.26
C SER B 5 23.77 -22.34 -23.17
N THR B 6 24.02 -23.40 -22.46
CA THR B 6 23.06 -23.81 -21.39
C THR B 6 23.75 -23.88 -20.03
N GLU B 7 23.11 -23.38 -19.00
CA GLU B 7 23.71 -23.42 -17.63
C GLU B 7 22.79 -24.20 -16.69
N GLU B 8 23.25 -24.50 -15.51
CA GLU B 8 22.40 -25.26 -14.55
C GLU B 8 21.09 -24.50 -14.31
N ASP B 9 19.98 -25.20 -14.29
CA ASP B 9 18.67 -24.52 -14.06
C ASP B 9 18.36 -24.43 -12.57
N LEU B 10 18.21 -23.24 -12.06
CA LEU B 10 17.89 -23.08 -10.60
C LEU B 10 16.38 -22.97 -10.41
N GLU B 11 15.86 -23.55 -9.37
CA GLU B 11 14.37 -23.49 -9.14
C GLU B 11 14.06 -22.43 -8.09
N ASP B 12 12.98 -21.71 -8.27
CA ASP B 12 12.59 -20.65 -7.29
C ASP B 12 13.78 -19.75 -6.96
N ALA B 13 14.59 -19.45 -7.94
CA ALA B 13 15.77 -18.56 -7.69
C ALA B 13 15.74 -17.34 -8.64
N GLU B 14 16.27 -17.49 -9.83
CA GLU B 14 16.27 -16.35 -10.78
C GLU B 14 15.58 -16.74 -12.10
N ASP B 15 14.89 -15.83 -12.71
CA ASP B 15 14.20 -16.15 -14.00
C ASP B 15 14.63 -15.17 -15.09
N THR B 16 14.20 -15.39 -16.30
CA THR B 16 14.59 -14.46 -17.41
C THR B 16 13.78 -13.18 -17.33
N VAL B 17 14.43 -12.05 -17.47
CA VAL B 17 13.69 -10.75 -17.41
C VAL B 17 13.90 -9.95 -18.69
N SER B 18 12.85 -9.45 -19.28
CA SER B 18 13.00 -8.67 -20.54
C SER B 18 13.86 -7.43 -20.30
N ALA B 19 13.69 -6.80 -19.16
CA ALA B 19 14.50 -5.58 -18.85
C ALA B 19 14.72 -5.48 -17.34
N ALA B 20 15.77 -4.82 -16.92
CA ALA B 20 16.04 -4.68 -15.46
C ALA B 20 14.90 -3.92 -14.78
N ASP B 21 14.39 -2.89 -15.42
CA ASP B 21 13.28 -2.11 -14.81
C ASP B 21 12.26 -1.71 -15.88
N PRO B 22 11.39 -2.64 -16.22
CA PRO B 22 10.35 -2.37 -17.25
C PRO B 22 9.29 -1.41 -16.68
N GLU B 23 8.21 -1.21 -17.39
CA GLU B 23 7.15 -0.30 -16.90
C GLU B 23 6.68 -0.71 -15.51
N PHE B 24 6.30 0.23 -14.69
CA PHE B 24 5.86 -0.11 -13.31
C PHE B 24 4.33 -0.12 -13.19
N CYS B 25 3.79 -1.16 -12.63
CA CYS B 25 2.31 -1.24 -12.44
C CYS B 25 1.90 -0.22 -11.40
N HIS B 26 2.68 -0.12 -10.37
CA HIS B 26 2.40 0.84 -9.28
C HIS B 26 3.65 0.93 -8.40
N PRO B 27 3.60 1.68 -7.33
CA PRO B 27 4.79 1.79 -6.46
C PRO B 27 5.20 0.41 -5.93
N LEU B 28 6.48 0.16 -5.93
CA LEU B 28 7.05 -1.14 -5.43
C LEU B 28 6.72 -2.32 -6.34
N CYS B 29 6.86 -2.20 -7.64
CA CYS B 29 6.55 -3.38 -8.50
C CYS B 29 7.65 -3.52 -9.55
N GLN B 30 8.76 -4.08 -9.17
CA GLN B 30 9.89 -4.28 -10.12
C GLN B 30 9.66 -5.56 -10.93
N CYS B 31 8.45 -6.02 -10.93
CA CYS B 31 8.07 -7.25 -11.68
C CYS B 31 8.64 -7.27 -13.10
N PRO B 32 8.47 -8.40 -13.73
CA PRO B 32 8.88 -8.55 -15.15
C PRO B 32 7.91 -7.77 -16.03
N LYS B 33 6.64 -8.08 -15.89
CA LYS B 33 5.59 -7.40 -16.68
C LYS B 33 4.23 -7.59 -16.00
N CYS B 34 4.15 -8.52 -15.08
CA CYS B 34 2.81 -8.80 -14.45
C CYS B 34 1.84 -9.15 -15.57
N ALA B 35 2.37 -9.65 -16.66
CA ALA B 35 1.54 -10.00 -17.83
C ALA B 35 1.40 -11.52 -17.95
N PRO B 36 0.46 -11.95 -18.74
CA PRO B 36 0.23 -13.40 -18.93
C PRO B 36 1.40 -14.02 -19.71
N ALA B 37 1.77 -15.22 -19.38
CA ALA B 37 2.91 -15.88 -20.08
C ALA B 37 2.40 -16.68 -21.29
N GLN B 38 3.16 -16.72 -22.35
CA GLN B 38 2.72 -17.48 -23.56
C GLN B 38 3.30 -18.90 -23.52
N LYS B 39 2.46 -19.89 -23.67
CA LYS B 39 2.95 -21.30 -23.64
C LYS B 39 3.58 -21.68 -24.97
N ARG B 40 4.74 -22.29 -24.94
CA ARG B 40 5.42 -22.72 -26.20
C ARG B 40 5.42 -21.59 -27.24
N LEU B 41 5.77 -21.89 -28.46
CA LEU B 41 5.79 -20.84 -29.54
C LEU B 41 6.57 -19.61 -29.08
N ALA B 42 7.84 -19.77 -28.83
CA ALA B 42 8.67 -18.61 -28.38
C ALA B 42 9.51 -18.08 -29.54
N LYS B 43 9.70 -16.78 -29.62
CA LYS B 43 10.51 -16.21 -30.73
C LYS B 43 12.01 -16.31 -30.40
N VAL B 44 12.79 -16.77 -31.34
CA VAL B 44 14.26 -16.89 -31.08
C VAL B 44 14.89 -15.50 -31.01
N PRO B 45 15.81 -15.32 -30.08
CA PRO B 45 16.48 -14.02 -29.93
C PRO B 45 17.48 -13.79 -31.08
N ALA B 46 17.14 -12.96 -32.02
CA ALA B 46 18.05 -12.70 -33.17
C ALA B 46 17.46 -11.62 -34.09
N SER B 47 17.14 -10.48 -33.54
CA SER B 47 16.57 -9.38 -34.37
C SER B 47 17.52 -9.01 -35.51
N GLY B 48 18.80 -9.04 -35.25
CA GLY B 48 19.78 -8.69 -36.32
C GLY B 48 21.13 -8.31 -35.68
N LEU B 49 22.07 -7.90 -36.47
CA LEU B 49 23.39 -7.51 -35.91
C LEU B 49 23.47 -5.98 -35.77
N GLY B 50 24.07 -5.50 -34.72
CA GLY B 50 24.18 -4.03 -34.53
C GLY B 50 25.37 -3.70 -33.61
N VAL B 51 25.57 -2.45 -33.31
CA VAL B 51 26.70 -2.05 -32.43
C VAL B 51 26.17 -1.34 -31.19
N ASN B 52 26.71 -1.64 -30.03
CA ASN B 52 26.24 -0.98 -28.79
C ASN B 52 27.22 0.13 -28.38
N VAL B 53 26.70 1.27 -27.99
CA VAL B 53 27.59 2.40 -27.58
C VAL B 53 27.30 2.78 -26.12
N THR B 54 28.32 3.04 -25.34
CA THR B 54 28.10 3.42 -23.92
C THR B 54 28.25 4.93 -23.75
N SER B 55 27.54 5.51 -22.82
CA SER B 55 27.64 6.98 -22.60
C SER B 55 28.68 7.30 -21.51
N GLN B 56 29.25 6.30 -20.89
CA GLN B 56 30.25 6.56 -19.82
C GLN B 56 31.63 6.05 -20.24
N ASP B 57 32.67 6.73 -19.82
CA ASP B 57 34.05 6.29 -20.18
C ASP B 57 35.09 7.13 -19.43
N GLY B 58 34.77 7.56 -18.23
CA GLY B 58 35.73 8.38 -17.45
C GLY B 58 36.06 7.67 -16.13
N SER B 59 37.06 6.84 -16.12
CA SER B 59 37.43 6.12 -14.85
C SER B 59 38.31 7.00 -13.96
N SER B 60 38.62 8.20 -14.40
CA SER B 60 39.48 9.10 -13.58
C SER B 60 38.86 9.32 -12.20
N TRP B 61 37.55 9.37 -12.12
CA TRP B 61 36.88 9.60 -10.81
C TRP B 61 36.05 8.36 -10.44
N GLY A 1 12.51 -0.26 -20.79
CA GLY A 1 12.33 1.20 -21.04
C GLY A 1 13.22 1.99 -20.08
N SER A 2 13.03 1.82 -18.80
CA SER A 2 13.86 2.56 -17.80
C SER A 2 13.81 4.07 -18.07
N PRO A 3 12.63 4.63 -17.94
CA PRO A 3 12.45 6.09 -18.18
C PRO A 3 13.14 6.91 -17.08
N GLU A 4 13.42 8.16 -17.34
CA GLU A 4 14.10 9.01 -16.32
C GLU A 4 13.29 9.02 -15.02
N PHE A 5 13.97 9.14 -13.90
CA PHE A 5 13.26 9.14 -12.58
C PHE A 5 12.33 10.37 -12.50
N GLY A 6 11.30 10.28 -11.69
CA GLY A 6 10.35 11.42 -11.57
C GLY A 6 11.01 12.58 -10.81
N THR A 7 10.26 13.61 -10.53
CA THR A 7 10.82 14.79 -9.80
C THR A 7 10.68 14.61 -8.29
N ARG A 8 11.62 15.12 -7.54
CA ARG A 8 11.55 14.99 -6.05
C ARG A 8 10.24 15.59 -5.52
N ASP A 9 9.68 16.55 -6.21
CA ASP A 9 8.40 17.16 -5.75
C ASP A 9 7.36 16.07 -5.49
N ARG A 10 7.36 15.04 -6.28
CA ARG A 10 6.38 13.93 -6.09
C ARG A 10 6.89 13.00 -5.01
N MET A 11 6.11 12.66 -3.99
CA MET A 11 6.71 11.70 -3.01
C MET A 11 5.72 10.56 -2.72
N LEU A 12 6.21 9.36 -2.64
CA LEU A 12 5.33 8.19 -2.36
C LEU A 12 5.32 7.86 -0.86
N VAL A 13 4.15 7.66 -0.30
CA VAL A 13 4.08 7.35 1.17
C VAL A 13 3.42 5.98 1.39
N LEU A 14 3.92 5.22 2.32
CA LEU A 14 3.33 3.87 2.60
C LEU A 14 2.41 3.93 3.83
N VAL A 15 1.24 3.37 3.72
CA VAL A 15 0.30 3.37 4.87
C VAL A 15 -0.14 1.94 5.21
N LEU A 16 -0.03 1.56 6.46
CA LEU A 16 -0.44 0.19 6.87
C LEU A 16 -0.58 0.12 8.40
N GLY A 17 -0.89 -1.03 8.92
CA GLY A 17 -1.04 -1.14 10.41
C GLY A 17 -1.89 -2.36 10.77
N ASP A 18 -2.17 -2.52 12.04
CA ASP A 18 -2.99 -3.68 12.52
C ASP A 18 -2.28 -4.98 12.18
N LEU A 19 -0.99 -5.00 12.35
CA LEU A 19 -0.21 -6.25 12.07
C LEU A 19 -0.50 -7.22 13.21
N HIS A 20 -0.66 -6.68 14.40
CA HIS A 20 -0.97 -7.52 15.61
C HIS A 20 0.07 -8.62 15.80
N ILE A 21 1.33 -8.32 15.62
CA ILE A 21 2.39 -9.34 15.83
C ILE A 21 3.03 -9.11 17.22
N PRO A 22 3.26 -10.18 17.96
CA PRO A 22 2.92 -11.56 17.55
C PRO A 22 1.59 -12.00 18.18
N HIS A 23 0.75 -11.05 18.51
CA HIS A 23 -0.55 -11.41 19.16
C HIS A 23 -1.42 -12.31 18.27
N ARG A 24 -1.59 -11.97 17.02
CA ARG A 24 -2.45 -12.80 16.13
C ARG A 24 -1.68 -13.26 14.88
N CYS A 25 -0.64 -12.57 14.53
CA CYS A 25 0.14 -12.97 13.32
C CYS A 25 1.64 -12.97 13.62
N ASN A 26 2.42 -13.68 12.85
CA ASN A 26 3.89 -13.70 13.11
C ASN A 26 4.64 -12.80 12.12
N SER A 27 4.03 -12.45 11.02
CA SER A 27 4.72 -11.58 10.02
C SER A 27 3.77 -11.19 8.90
N LEU A 28 4.24 -10.41 7.97
CA LEU A 28 3.38 -10.00 6.82
C LEU A 28 3.31 -11.17 5.83
N PRO A 29 2.33 -11.14 4.97
CA PRO A 29 2.18 -12.23 3.97
C PRO A 29 3.41 -12.30 3.05
N ALA A 30 3.79 -13.49 2.65
CA ALA A 30 5.01 -13.66 1.79
C ALA A 30 5.04 -12.73 0.58
N LYS A 31 4.02 -12.74 -0.25
CA LYS A 31 4.05 -11.87 -1.46
C LYS A 31 4.21 -10.39 -1.10
N PHE A 32 3.60 -9.94 -0.03
CA PHE A 32 3.74 -8.50 0.35
C PHE A 32 5.19 -8.15 0.68
N LYS A 33 5.89 -9.03 1.36
CA LYS A 33 7.31 -8.72 1.68
C LYS A 33 8.06 -8.43 0.38
N LYS A 34 7.74 -9.15 -0.66
CA LYS A 34 8.40 -8.92 -1.97
C LYS A 34 7.95 -7.57 -2.55
N LEU A 35 6.70 -7.21 -2.35
CA LEU A 35 6.19 -5.92 -2.89
C LEU A 35 6.91 -4.74 -2.22
N LEU A 36 7.17 -4.83 -0.94
CA LEU A 36 7.85 -3.70 -0.23
C LEU A 36 9.37 -3.80 -0.34
N VAL A 37 10.02 -2.70 -0.64
CA VAL A 37 11.50 -2.70 -0.76
C VAL A 37 12.06 -1.32 -0.38
N PRO A 38 13.23 -1.31 0.22
CA PRO A 38 13.86 -0.03 0.63
C PRO A 38 14.32 0.78 -0.58
N GLY A 39 14.31 2.08 -0.48
CA GLY A 39 14.76 2.93 -1.62
C GLY A 39 13.56 3.29 -2.51
N LYS A 40 12.41 2.72 -2.23
CA LYS A 40 11.22 3.02 -3.06
C LYS A 40 10.23 3.91 -2.29
N ILE A 41 10.25 3.85 -0.99
CA ILE A 41 9.30 4.67 -0.20
C ILE A 41 10.04 5.75 0.60
N GLN A 42 9.58 6.96 0.56
CA GLN A 42 10.24 8.06 1.31
C GLN A 42 9.49 8.37 2.62
N HIS A 43 8.23 8.02 2.70
CA HIS A 43 7.45 8.30 3.94
C HIS A 43 6.58 7.09 4.33
N ILE A 44 6.52 6.77 5.59
CA ILE A 44 5.67 5.63 6.04
C ILE A 44 4.75 6.05 7.18
N LEU A 45 3.46 5.86 7.02
CA LEU A 45 2.51 6.21 8.11
C LEU A 45 1.92 4.92 8.69
N CYS A 46 1.95 4.76 9.99
CA CYS A 46 1.40 3.51 10.59
C CYS A 46 0.24 3.86 11.53
N THR A 47 -0.87 3.18 11.38
CA THR A 47 -2.05 3.46 12.26
C THR A 47 -2.20 2.39 13.33
N GLY A 48 -2.32 1.16 12.94
CA GLY A 48 -2.51 0.06 13.91
C GLY A 48 -1.27 -0.13 14.79
N ASN A 49 -1.43 -0.84 15.88
CA ASN A 49 -0.28 -1.08 16.80
C ASN A 49 0.70 -2.08 16.18
N LEU A 50 1.96 -1.93 16.46
CA LEU A 50 2.98 -2.85 15.87
C LEU A 50 2.63 -4.33 16.16
N CYS A 51 2.59 -4.77 17.40
CA CYS A 51 2.87 -3.88 18.57
C CYS A 51 4.33 -4.09 19.05
N THR A 52 4.92 -5.21 18.70
CA THR A 52 6.31 -5.48 19.14
C THR A 52 7.30 -4.54 18.44
N LYS A 53 8.33 -4.12 19.13
CA LYS A 53 9.32 -3.21 18.51
C LYS A 53 9.99 -3.88 17.30
N GLU A 54 10.05 -5.19 17.30
CA GLU A 54 10.69 -5.90 16.15
C GLU A 54 10.06 -5.43 14.83
N SER A 55 8.77 -5.24 14.81
CA SER A 55 8.11 -4.76 13.56
C SER A 55 8.56 -3.33 13.25
N TYR A 56 8.79 -2.54 14.26
CA TYR A 56 9.23 -1.13 14.02
C TYR A 56 10.55 -1.12 13.25
N ASP A 57 11.47 -1.98 13.61
CA ASP A 57 12.77 -2.03 12.87
C ASP A 57 12.52 -2.35 11.41
N TYR A 58 11.61 -3.25 11.14
CA TYR A 58 11.30 -3.61 9.72
C TYR A 58 10.76 -2.38 8.98
N LEU A 59 9.86 -1.65 9.59
CA LEU A 59 9.31 -0.44 8.92
C LEU A 59 10.41 0.58 8.67
N LYS A 60 11.31 0.72 9.61
CA LYS A 60 12.42 1.69 9.43
C LYS A 60 13.27 1.30 8.22
N THR A 61 13.37 0.03 7.96
CA THR A 61 14.19 -0.44 6.80
C THR A 61 13.60 0.07 5.47
N LEU A 62 12.30 0.01 5.32
CA LEU A 62 11.68 0.49 4.04
C LEU A 62 11.92 1.99 3.86
N ALA A 63 11.90 2.75 4.92
CA ALA A 63 12.12 4.22 4.80
C ALA A 63 12.73 4.79 6.08
N GLY A 64 13.42 5.88 5.99
CA GLY A 64 14.03 6.49 7.20
C GLY A 64 12.98 7.26 8.00
N ASP A 65 12.14 8.00 7.32
CA ASP A 65 11.09 8.79 8.04
C ASP A 65 9.85 7.92 8.27
N VAL A 66 9.58 7.56 9.50
CA VAL A 66 8.38 6.71 9.78
C VAL A 66 7.52 7.37 10.86
N HIS A 67 6.23 7.43 10.66
CA HIS A 67 5.33 8.05 11.68
C HIS A 67 4.36 6.98 12.21
N ILE A 68 4.28 6.82 13.50
CA ILE A 68 3.36 5.79 14.07
C ILE A 68 2.50 6.37 15.20
N VAL A 69 1.33 5.82 15.39
CA VAL A 69 0.42 6.31 16.48
C VAL A 69 0.12 5.13 17.41
N ARG A 70 -0.29 5.38 18.63
CA ARG A 70 -0.55 4.25 19.56
C ARG A 70 -1.89 3.57 19.27
N GLY A 71 -1.88 2.26 19.17
CA GLY A 71 -3.14 1.51 18.91
C GLY A 71 -3.69 1.04 20.26
N ASP A 72 -4.75 0.27 20.26
CA ASP A 72 -5.32 -0.19 21.56
C ASP A 72 -4.55 -1.41 22.08
N PHE A 73 -3.54 -1.85 21.37
CA PHE A 73 -2.76 -3.04 21.85
C PHE A 73 -1.25 -2.82 21.67
N ASP A 74 -0.81 -1.58 21.66
CA ASP A 74 0.65 -1.31 21.51
C ASP A 74 1.36 -1.45 22.86
N GLU A 75 2.47 -2.15 22.89
CA GLU A 75 3.22 -2.31 24.18
C GLU A 75 3.82 -0.97 24.60
N ASN A 76 4.44 -0.29 23.68
CA ASN A 76 5.06 1.03 24.01
C ASN A 76 3.97 2.10 24.14
N LEU A 77 3.88 2.70 25.29
CA LEU A 77 2.86 3.77 25.52
C LEU A 77 3.39 5.13 25.08
N ASN A 78 4.61 5.19 24.61
CA ASN A 78 5.19 6.50 24.19
C ASN A 78 4.62 6.95 22.84
N TYR A 79 3.80 6.14 22.20
CA TYR A 79 3.22 6.56 20.90
C TYR A 79 2.10 7.58 21.15
N PRO A 80 1.94 8.48 20.22
CA PRO A 80 0.92 9.55 20.34
C PRO A 80 -0.48 9.00 20.04
N GLU A 81 -1.48 9.41 20.78
CA GLU A 81 -2.85 8.92 20.51
C GLU A 81 -3.25 9.29 19.07
N GLN A 82 -2.86 10.46 18.64
CA GLN A 82 -3.17 10.90 17.25
C GLN A 82 -2.10 11.91 16.79
N LYS A 83 -1.81 11.96 15.52
CA LYS A 83 -0.76 12.92 15.06
C LYS A 83 -1.11 13.53 13.70
N VAL A 84 -0.71 14.75 13.48
CA VAL A 84 -0.99 15.42 12.17
C VAL A 84 0.33 15.67 11.44
N VAL A 85 0.54 15.00 10.34
CA VAL A 85 1.82 15.18 9.59
C VAL A 85 1.53 15.80 8.21
N THR A 86 2.25 16.83 7.85
CA THR A 86 2.02 17.47 6.52
C THR A 86 2.93 16.83 5.47
N VAL A 87 2.38 16.44 4.36
CA VAL A 87 3.21 15.82 3.29
C VAL A 87 3.07 16.65 2.01
N GLY A 88 3.88 17.67 1.86
CA GLY A 88 3.79 18.52 0.64
C GLY A 88 2.62 19.49 0.80
N GLN A 89 1.65 19.42 -0.07
CA GLN A 89 0.47 20.34 0.03
C GLN A 89 -0.65 19.69 0.85
N PHE A 90 -0.50 18.44 1.22
CA PHE A 90 -1.60 17.77 1.98
C PHE A 90 -1.37 17.75 3.49
N LYS A 91 -2.41 18.01 4.24
CA LYS A 91 -2.32 17.96 5.72
C LYS A 91 -3.04 16.67 6.16
N ILE A 92 -2.30 15.69 6.58
CA ILE A 92 -2.94 14.39 6.95
C ILE A 92 -2.96 14.16 8.46
N GLY A 93 -4.03 13.61 8.96
CA GLY A 93 -4.15 13.33 10.42
C GLY A 93 -3.97 11.82 10.62
N LEU A 94 -3.61 11.39 11.80
CA LEU A 94 -3.42 9.92 12.00
C LEU A 94 -3.97 9.46 13.36
N ILE A 95 -4.74 8.39 13.36
CA ILE A 95 -5.28 7.86 14.63
C ILE A 95 -5.62 6.36 14.46
N HIS A 96 -5.52 5.58 15.50
CA HIS A 96 -5.84 4.13 15.35
C HIS A 96 -7.29 3.94 14.92
N GLY A 97 -8.23 4.40 15.72
CA GLY A 97 -9.66 4.25 15.35
C GLY A 97 -10.47 3.76 16.55
N HIS A 98 -9.85 3.04 17.46
CA HIS A 98 -10.62 2.53 18.63
C HIS A 98 -11.18 3.72 19.45
N GLN A 99 -10.65 4.89 19.25
CA GLN A 99 -11.17 6.09 19.99
C GLN A 99 -12.37 6.68 19.24
N VAL A 100 -12.67 6.17 18.07
CA VAL A 100 -13.83 6.73 17.30
C VAL A 100 -15.07 5.84 17.51
N ILE A 101 -16.08 6.36 18.17
CA ILE A 101 -17.30 5.55 18.42
C ILE A 101 -18.49 6.13 17.64
N PRO A 102 -19.18 5.29 16.90
CA PRO A 102 -18.83 3.84 16.82
C PRO A 102 -17.53 3.62 16.03
N TRP A 103 -16.87 2.53 16.32
CA TRP A 103 -15.56 2.20 15.69
C TRP A 103 -15.45 2.56 14.20
N GLY A 104 -16.30 2.05 13.35
CA GLY A 104 -16.15 2.36 11.89
C GLY A 104 -17.26 3.29 11.37
N ASP A 105 -17.73 4.21 12.17
CA ASP A 105 -18.79 5.14 11.67
C ASP A 105 -18.17 6.24 10.82
N MET A 106 -18.76 6.54 9.68
CA MET A 106 -18.21 7.63 8.83
C MET A 106 -18.52 8.98 9.46
N ALA A 107 -19.70 9.14 10.00
CA ALA A 107 -20.07 10.43 10.64
C ALA A 107 -19.11 10.71 11.80
N SER A 108 -18.76 9.70 12.55
CA SER A 108 -17.81 9.92 13.68
C SER A 108 -16.45 10.30 13.12
N LEU A 109 -16.01 9.65 12.07
CA LEU A 109 -14.70 9.99 11.46
C LEU A 109 -14.74 11.42 10.92
N ALA A 110 -15.83 11.78 10.29
CA ALA A 110 -15.95 13.16 9.75
C ALA A 110 -15.88 14.17 10.89
N LEU A 111 -16.61 13.90 11.95
CA LEU A 111 -16.58 14.82 13.12
C LEU A 111 -15.13 14.98 13.60
N LEU A 112 -14.35 13.93 13.52
CA LEU A 112 -12.93 14.02 13.94
C LEU A 112 -12.14 14.84 12.93
N GLN A 113 -12.48 14.73 11.67
CA GLN A 113 -11.76 15.52 10.62
C GLN A 113 -11.84 17.01 10.93
N ARG A 114 -13.02 17.48 11.27
CA ARG A 114 -13.18 18.93 11.60
C ARG A 114 -12.18 19.34 12.68
N GLN A 115 -12.22 18.68 13.81
CA GLN A 115 -11.28 19.01 14.92
C GLN A 115 -9.83 18.98 14.43
N PHE A 116 -9.46 17.97 13.69
CA PHE A 116 -8.06 17.86 13.18
C PHE A 116 -7.79 18.89 12.06
N ASP A 117 -8.79 19.27 11.32
CA ASP A 117 -8.60 20.25 10.21
C ASP A 117 -7.58 19.69 9.20
N VAL A 118 -7.75 18.46 8.80
CA VAL A 118 -6.81 17.84 7.82
C VAL A 118 -7.53 17.55 6.49
N ASP A 119 -6.79 17.48 5.42
CA ASP A 119 -7.42 17.19 4.10
C ASP A 119 -7.66 15.69 3.98
N ILE A 120 -6.79 14.90 4.58
CA ILE A 120 -6.95 13.42 4.52
C ILE A 120 -6.86 12.83 5.93
N LEU A 121 -7.67 11.85 6.23
CA LEU A 121 -7.62 11.23 7.59
C LEU A 121 -7.30 9.73 7.47
N ILE A 122 -6.25 9.28 8.11
CA ILE A 122 -5.89 7.84 8.04
C ILE A 122 -6.24 7.14 9.35
N SER A 123 -6.91 6.02 9.27
CA SER A 123 -7.29 5.28 10.52
C SER A 123 -7.53 3.80 10.20
N GLY A 124 -7.49 2.95 11.19
CA GLY A 124 -7.72 1.50 10.95
C GLY A 124 -8.63 0.92 12.04
N HIS A 125 -8.16 -0.06 12.76
CA HIS A 125 -8.96 -0.71 13.86
C HIS A 125 -10.04 -1.65 13.30
N THR A 126 -10.61 -1.33 12.17
CA THR A 126 -11.68 -2.22 11.59
C THR A 126 -11.07 -3.32 10.70
N HIS A 127 -9.80 -3.23 10.41
CA HIS A 127 -9.16 -4.26 9.53
C HIS A 127 -9.91 -4.38 8.19
N LYS A 128 -10.58 -3.34 7.79
CA LYS A 128 -11.30 -3.37 6.48
C LYS A 128 -10.83 -2.22 5.60
N PHE A 129 -10.18 -2.51 4.51
CA PHE A 129 -9.69 -1.40 3.62
C PHE A 129 -10.85 -0.46 3.26
N GLU A 130 -10.61 0.81 3.28
CA GLU A 130 -11.69 1.78 2.93
C GLU A 130 -11.08 3.06 2.35
N ALA A 131 -11.46 3.42 1.15
CA ALA A 131 -10.92 4.67 0.52
C ALA A 131 -12.05 5.43 -0.17
N PHE A 132 -12.61 6.43 0.48
CA PHE A 132 -13.71 7.19 -0.16
C PHE A 132 -13.60 8.70 0.15
N GLU A 133 -14.35 9.51 -0.54
CA GLU A 133 -14.30 10.99 -0.29
C GLU A 133 -15.60 11.46 0.38
N HIS A 134 -15.53 12.44 1.24
CA HIS A 134 -16.76 12.95 1.91
C HIS A 134 -16.67 14.45 2.19
N GLU A 135 -17.54 15.22 1.60
CA GLU A 135 -17.54 16.70 1.82
C GLU A 135 -16.15 17.30 1.55
N ASN A 136 -15.65 17.11 0.35
CA ASN A 136 -14.31 17.67 -0.04
C ASN A 136 -13.17 17.13 0.83
N LYS A 137 -13.40 16.07 1.55
CA LYS A 137 -12.29 15.50 2.39
C LYS A 137 -12.06 14.04 2.02
N PHE A 138 -10.88 13.53 2.25
CA PHE A 138 -10.59 12.11 1.90
C PHE A 138 -10.35 11.27 3.15
N TYR A 139 -10.84 10.06 3.15
CA TYR A 139 -10.63 9.16 4.31
C TYR A 139 -9.99 7.86 3.82
N ILE A 140 -8.98 7.38 4.49
CA ILE A 140 -8.31 6.13 4.03
C ILE A 140 -8.06 5.15 5.17
N ASN A 141 -8.34 3.90 4.92
CA ASN A 141 -8.09 2.85 5.95
C ASN A 141 -7.34 1.70 5.27
N PRO A 142 -6.08 1.55 5.61
CA PRO A 142 -5.24 0.48 5.00
C PRO A 142 -5.72 -0.90 5.40
N GLY A 143 -6.30 -1.04 6.57
CA GLY A 143 -6.80 -2.39 7.00
C GLY A 143 -5.69 -3.11 7.76
N SER A 144 -5.54 -4.39 7.54
CA SER A 144 -4.48 -5.16 8.27
C SER A 144 -3.47 -5.74 7.28
N ALA A 145 -2.26 -5.24 7.31
CA ALA A 145 -1.22 -5.76 6.37
C ALA A 145 -1.02 -7.27 6.57
N THR A 146 -1.40 -7.79 7.71
CA THR A 146 -1.23 -9.25 7.97
C THR A 146 -2.59 -9.94 8.06
N GLY A 147 -3.65 -9.28 7.66
CA GLY A 147 -5.00 -9.92 7.76
C GLY A 147 -5.24 -10.37 9.20
N ALA A 148 -4.78 -9.59 10.14
CA ALA A 148 -4.95 -9.96 11.58
C ALA A 148 -6.42 -10.31 11.87
N TYR A 149 -6.63 -11.22 12.78
CA TYR A 149 -8.02 -11.65 13.12
C TYR A 149 -8.81 -10.51 13.76
N ASN A 150 -10.11 -10.53 13.58
CA ASN A 150 -10.98 -9.47 14.17
C ASN A 150 -12.37 -10.08 14.47
N ALA A 151 -12.73 -10.15 15.71
CA ALA A 151 -14.04 -10.76 16.10
C ALA A 151 -15.24 -10.21 15.31
N LEU A 152 -15.19 -8.98 14.85
CA LEU A 152 -16.35 -8.42 14.10
C LEU A 152 -16.41 -8.92 12.66
N GLU A 153 -15.28 -9.23 12.06
CA GLU A 153 -15.32 -9.72 10.65
C GLU A 153 -14.62 -11.08 10.55
N THR A 154 -15.34 -12.11 10.19
CA THR A 154 -14.74 -13.47 10.10
C THR A 154 -13.89 -13.61 8.84
N ASN A 155 -14.05 -12.73 7.89
CA ASN A 155 -13.23 -12.83 6.64
C ASN A 155 -12.38 -11.58 6.47
N ILE A 156 -11.16 -11.62 6.93
CA ILE A 156 -10.26 -10.43 6.78
C ILE A 156 -9.29 -10.62 5.62
N ILE A 157 -9.06 -9.58 4.87
CA ILE A 157 -8.10 -9.68 3.74
C ILE A 157 -6.89 -8.79 4.04
N PRO A 158 -5.73 -9.41 4.08
CA PRO A 158 -4.50 -8.64 4.40
C PRO A 158 -4.22 -7.63 3.28
N SER A 159 -3.90 -6.40 3.62
CA SER A 159 -3.66 -5.40 2.55
C SER A 159 -3.00 -4.13 3.10
N PHE A 160 -2.28 -3.43 2.26
CA PHE A 160 -1.65 -2.15 2.69
C PHE A 160 -1.83 -1.14 1.55
N VAL A 161 -1.70 0.12 1.83
CA VAL A 161 -1.95 1.14 0.75
C VAL A 161 -0.76 2.06 0.48
N LEU A 162 -0.53 2.34 -0.79
CA LEU A 162 0.58 3.25 -1.19
C LEU A 162 -0.05 4.56 -1.70
N MET A 163 0.42 5.70 -1.27
CA MET A 163 -0.19 6.97 -1.75
C MET A 163 0.83 7.77 -2.58
N ASP A 164 0.47 8.11 -3.78
CA ASP A 164 1.39 8.91 -4.65
C ASP A 164 0.96 10.37 -4.67
N ILE A 165 1.79 11.27 -4.20
CA ILE A 165 1.42 12.71 -4.19
C ILE A 165 2.35 13.53 -5.09
N GLN A 166 1.78 14.20 -6.06
CA GLN A 166 2.61 15.04 -6.98
C GLN A 166 2.50 16.50 -6.56
N ALA A 167 1.29 16.99 -6.47
CA ALA A 167 1.07 18.42 -6.06
C ALA A 167 -0.43 18.68 -5.97
N SER A 168 -0.94 18.81 -4.77
CA SER A 168 -2.41 19.06 -4.59
C SER A 168 -3.23 17.90 -5.20
N THR A 169 -2.57 16.83 -5.58
CA THR A 169 -3.28 15.66 -6.16
C THR A 169 -2.68 14.38 -5.60
N VAL A 170 -3.49 13.45 -5.15
CA VAL A 170 -2.90 12.20 -4.59
C VAL A 170 -3.58 10.95 -5.18
N VAL A 171 -2.81 9.95 -5.47
CA VAL A 171 -3.39 8.69 -6.00
C VAL A 171 -3.09 7.59 -4.98
N THR A 172 -4.09 6.90 -4.52
CA THR A 172 -3.84 5.85 -3.51
C THR A 172 -3.96 4.46 -4.14
N TYR A 173 -3.02 3.61 -3.83
CA TYR A 173 -3.06 2.24 -4.37
C TYR A 173 -3.28 1.26 -3.22
N VAL A 174 -4.26 0.40 -3.35
CA VAL A 174 -4.52 -0.57 -2.27
C VAL A 174 -4.17 -1.98 -2.74
N TYR A 175 -3.45 -2.71 -1.94
CA TYR A 175 -3.08 -4.09 -2.36
C TYR A 175 -3.82 -5.10 -1.50
N GLN A 176 -4.72 -5.82 -2.09
CA GLN A 176 -5.47 -6.84 -1.30
C GLN A 176 -4.98 -8.24 -1.68
N LEU A 177 -4.78 -9.08 -0.73
CA LEU A 177 -4.31 -10.45 -1.04
C LEU A 177 -5.52 -11.38 -1.15
N ILE A 178 -6.02 -11.58 -2.33
CA ILE A 178 -7.20 -12.48 -2.50
C ILE A 178 -6.73 -13.75 -3.20
N GLY A 179 -6.98 -14.89 -2.60
CA GLY A 179 -6.51 -16.16 -3.23
C GLY A 179 -4.98 -16.18 -3.21
N ASP A 180 -4.36 -16.50 -4.30
CA ASP A 180 -2.87 -16.52 -4.34
C ASP A 180 -2.33 -15.21 -4.93
N ASP A 181 -2.82 -14.83 -6.07
CA ASP A 181 -2.34 -13.56 -6.71
C ASP A 181 -2.82 -12.35 -5.92
N VAL A 182 -2.13 -11.24 -6.02
CA VAL A 182 -2.56 -10.03 -5.29
C VAL A 182 -3.28 -9.07 -6.23
N LYS A 183 -4.45 -8.63 -5.85
CA LYS A 183 -5.21 -7.69 -6.72
C LYS A 183 -4.97 -6.25 -6.29
N VAL A 184 -4.99 -5.32 -7.20
CA VAL A 184 -4.74 -3.89 -6.81
C VAL A 184 -5.78 -2.97 -7.43
N GLU A 185 -6.20 -1.98 -6.70
CA GLU A 185 -7.22 -1.01 -7.22
C GLU A 185 -6.63 0.41 -7.19
N ARG A 186 -7.04 1.26 -8.08
CA ARG A 186 -6.47 2.65 -8.10
C ARG A 186 -7.53 3.71 -7.78
N ILE A 187 -7.27 4.54 -6.82
CA ILE A 187 -8.23 5.63 -6.46
C ILE A 187 -7.49 6.97 -6.48
N GLU A 188 -8.06 7.98 -7.10
CA GLU A 188 -7.37 9.30 -7.16
C GLU A 188 -8.17 10.38 -6.41
N TYR A 189 -7.47 11.24 -5.71
CA TYR A 189 -8.16 12.34 -4.96
C TYR A 189 -7.36 13.64 -5.11
N LYS A 190 -8.04 14.75 -5.23
CA LYS A 190 -7.31 16.05 -5.36
C LYS A 190 -8.02 17.13 -4.53
N LYS A 191 -7.28 18.07 -4.00
CA LYS A 191 -7.91 19.15 -3.19
C LYS A 191 -9.08 19.79 -3.94
N SER A 192 -8.98 19.88 -5.24
CA SER A 192 -10.09 20.48 -6.04
C SER A 192 -9.97 20.06 -7.51
N GLY B 1 -6.84 -36.39 -13.93
CA GLY B 1 -8.16 -35.92 -13.43
C GLY B 1 -8.15 -35.89 -11.90
N PRO B 2 -8.47 -37.01 -11.31
CA PRO B 2 -8.51 -37.11 -9.83
C PRO B 2 -7.09 -37.01 -9.26
N LEU B 3 -6.10 -37.38 -10.02
CA LEU B 3 -4.69 -37.31 -9.53
C LEU B 3 -4.34 -35.86 -9.16
N GLY B 4 -4.84 -34.91 -9.89
CA GLY B 4 -4.53 -33.48 -9.58
C GLY B 4 -4.37 -32.70 -10.89
N SER B 5 -5.39 -32.69 -11.71
CA SER B 5 -5.30 -31.96 -13.01
C SER B 5 -6.22 -30.72 -12.96
N THR B 6 -5.82 -29.67 -13.61
CA THR B 6 -6.66 -28.44 -13.62
C THR B 6 -7.31 -28.24 -14.99
N GLU B 7 -8.58 -27.89 -15.01
CA GLU B 7 -9.27 -27.68 -16.31
C GLU B 7 -9.74 -26.23 -16.43
N GLU B 8 -9.81 -25.71 -17.62
CA GLU B 8 -10.26 -24.30 -17.80
C GLU B 8 -11.70 -24.15 -17.30
N ASP B 9 -12.00 -23.06 -16.63
CA ASP B 9 -13.39 -22.86 -16.14
C ASP B 9 -13.78 -21.39 -16.24
N LEU B 10 -15.01 -21.12 -16.60
CA LEU B 10 -15.46 -19.71 -16.72
C LEU B 10 -16.37 -19.33 -15.55
N GLU B 11 -16.06 -18.27 -14.85
CA GLU B 11 -16.90 -17.85 -13.69
C GLU B 11 -17.32 -16.39 -13.83
N ASP B 12 -18.61 -16.13 -13.81
CA ASP B 12 -19.09 -14.73 -13.94
C ASP B 12 -18.73 -13.93 -12.69
N ALA B 13 -18.65 -14.59 -11.55
CA ALA B 13 -18.32 -13.89 -10.28
C ALA B 13 -16.96 -13.18 -10.39
N GLU B 14 -16.05 -13.73 -11.15
CA GLU B 14 -14.71 -13.07 -11.27
C GLU B 14 -14.58 -12.36 -12.62
N ASP B 15 -13.80 -11.31 -12.65
CA ASP B 15 -13.61 -10.54 -13.92
C ASP B 15 -12.13 -10.16 -14.07
N THR B 16 -11.74 -9.63 -15.20
CA THR B 16 -10.30 -9.25 -15.37
C THR B 16 -10.18 -7.85 -15.98
N VAL B 17 -9.20 -7.09 -15.53
CA VAL B 17 -8.99 -5.73 -16.08
C VAL B 17 -7.47 -5.45 -16.17
N SER B 18 -7.03 -4.81 -17.22
CA SER B 18 -5.57 -4.53 -17.34
C SER B 18 -5.32 -3.21 -18.07
N ALA B 19 -4.13 -2.67 -17.94
CA ALA B 19 -3.79 -1.40 -18.62
C ALA B 19 -2.33 -1.42 -19.09
N ALA B 20 -2.00 -0.65 -20.08
CA ALA B 20 -0.59 -0.63 -20.57
C ALA B 20 0.19 0.53 -19.96
N ASP B 21 1.40 0.27 -19.53
CA ASP B 21 2.21 1.36 -18.91
C ASP B 21 3.69 0.96 -18.87
N PRO B 22 4.54 1.83 -19.36
CA PRO B 22 6.01 1.55 -19.37
C PRO B 22 6.57 1.57 -17.96
N GLU B 23 5.86 2.15 -17.03
CA GLU B 23 6.36 2.22 -15.62
C GLU B 23 5.73 1.09 -14.80
N PHE B 24 6.23 0.87 -13.62
CA PHE B 24 5.69 -0.23 -12.75
C PHE B 24 4.18 -0.19 -12.70
N CYS B 25 3.59 -1.32 -12.39
CA CYS B 25 2.11 -1.40 -12.26
C CYS B 25 1.66 -0.37 -11.22
N HIS B 26 2.48 -0.20 -10.21
CA HIS B 26 2.19 0.77 -9.13
C HIS B 26 3.43 0.88 -8.25
N PRO B 27 3.38 1.68 -7.22
CA PRO B 27 4.56 1.80 -6.34
C PRO B 27 4.91 0.44 -5.72
N LEU B 28 6.18 0.14 -5.65
CA LEU B 28 6.67 -1.15 -5.06
C LEU B 28 6.36 -2.35 -5.96
N CYS B 29 6.59 -2.28 -7.24
CA CYS B 29 6.31 -3.47 -8.10
C CYS B 29 7.47 -3.67 -9.06
N GLN B 30 8.54 -4.27 -8.59
CA GLN B 30 9.72 -4.52 -9.45
C GLN B 30 9.50 -5.78 -10.28
N CYS B 31 8.26 -6.19 -10.37
CA CYS B 31 7.90 -7.41 -11.14
C CYS B 31 8.58 -7.44 -12.52
N PRO B 32 8.47 -8.59 -13.15
CA PRO B 32 8.99 -8.75 -14.52
C PRO B 32 8.12 -7.93 -15.47
N LYS B 33 6.85 -8.21 -15.44
CA LYS B 33 5.88 -7.48 -16.31
C LYS B 33 4.47 -7.64 -15.74
N CYS B 34 4.27 -8.58 -14.84
CA CYS B 34 2.90 -8.84 -14.33
C CYS B 34 1.99 -9.10 -15.54
N ALA B 35 2.59 -9.58 -16.59
CA ALA B 35 1.84 -9.86 -17.85
C ALA B 35 1.19 -11.24 -17.80
N PRO B 36 0.01 -11.35 -18.38
CA PRO B 36 -0.71 -12.64 -18.40
C PRO B 36 -0.03 -13.61 -19.38
N ALA B 37 -0.19 -14.89 -19.16
CA ALA B 37 0.44 -15.89 -20.07
C ALA B 37 -0.38 -17.19 -20.07
N GLN B 38 0.26 -18.33 -20.23
CA GLN B 38 -0.47 -19.63 -20.23
C GLN B 38 -1.53 -19.64 -21.35
N LYS B 39 -1.15 -19.27 -22.55
CA LYS B 39 -2.12 -19.27 -23.67
C LYS B 39 -2.42 -20.71 -24.12
N ARG B 40 -3.67 -21.08 -24.13
CA ARG B 40 -4.02 -22.48 -24.55
C ARG B 40 -5.25 -22.46 -25.46
N LEU B 41 -5.27 -23.29 -26.46
CA LEU B 41 -6.44 -23.32 -27.39
C LEU B 41 -7.53 -24.28 -26.88
N ALA B 42 -7.37 -24.78 -25.69
CA ALA B 42 -8.38 -25.72 -25.13
C ALA B 42 -9.75 -25.04 -24.98
N LYS B 43 -9.76 -23.73 -24.90
CA LYS B 43 -11.05 -23.00 -24.75
C LYS B 43 -11.91 -23.17 -26.01
N VAL B 44 -13.20 -23.30 -25.85
CA VAL B 44 -14.08 -23.48 -27.03
C VAL B 44 -15.17 -22.38 -27.06
N PRO B 45 -14.77 -21.20 -27.47
CA PRO B 45 -15.71 -20.06 -27.53
C PRO B 45 -16.72 -20.27 -28.66
N ALA B 46 -17.87 -19.65 -28.58
CA ALA B 46 -18.89 -19.82 -29.65
C ALA B 46 -18.30 -19.44 -31.01
N SER B 47 -18.77 -20.07 -32.06
CA SER B 47 -18.23 -19.75 -33.41
C SER B 47 -19.23 -18.89 -34.19
N GLY B 48 -18.75 -18.11 -35.12
CA GLY B 48 -19.66 -17.25 -35.92
C GLY B 48 -19.09 -17.04 -37.32
N LEU B 49 -19.16 -15.84 -37.84
CA LEU B 49 -18.62 -15.57 -39.19
C LEU B 49 -17.23 -14.94 -39.10
N GLY B 50 -16.30 -15.41 -39.89
CA GLY B 50 -14.93 -14.84 -39.85
C GLY B 50 -14.89 -13.57 -40.70
N VAL B 51 -13.73 -12.99 -40.89
CA VAL B 51 -13.64 -11.75 -41.69
C VAL B 51 -12.91 -12.03 -43.02
N ASN B 52 -13.49 -11.61 -44.11
CA ASN B 52 -12.84 -11.85 -45.43
C ASN B 52 -13.55 -11.02 -46.52
N VAL B 53 -12.80 -10.33 -47.34
CA VAL B 53 -13.43 -9.51 -48.41
C VAL B 53 -12.81 -9.85 -49.78
N THR B 54 -13.54 -9.66 -50.84
CA THR B 54 -13.00 -9.97 -52.19
C THR B 54 -13.09 -8.74 -53.10
N SER B 55 -12.08 -8.46 -53.86
CA SER B 55 -12.11 -7.28 -54.77
C SER B 55 -11.64 -7.68 -56.18
N GLN B 56 -12.17 -7.05 -57.19
CA GLN B 56 -11.75 -7.40 -58.58
C GLN B 56 -10.52 -6.58 -58.97
N ASP B 57 -9.47 -7.23 -59.39
CA ASP B 57 -8.24 -6.50 -59.78
C ASP B 57 -7.29 -7.43 -60.55
N GLY B 58 -6.22 -6.91 -61.06
CA GLY B 58 -5.26 -7.76 -61.83
C GLY B 58 -5.06 -7.20 -63.24
N SER B 59 -5.87 -6.24 -63.64
CA SER B 59 -5.71 -5.67 -65.00
C SER B 59 -5.13 -4.25 -64.92
N SER B 60 -3.84 -4.14 -64.89
CA SER B 60 -3.19 -2.79 -64.80
C SER B 60 -3.03 -2.17 -66.20
N TRP B 61 -3.53 -2.83 -67.21
CA TRP B 61 -3.39 -2.28 -68.60
C TRP B 61 -4.60 -2.66 -69.45
N GLY A 1 23.59 12.97 -10.08
CA GLY A 1 24.46 14.02 -10.67
C GLY A 1 23.68 15.33 -10.79
N SER A 2 22.41 15.25 -11.06
CA SER A 2 21.60 16.49 -11.19
C SER A 2 20.49 16.53 -10.13
N PRO A 3 20.22 17.71 -9.63
CA PRO A 3 19.17 17.87 -8.59
C PRO A 3 17.79 17.75 -9.20
N GLU A 4 16.77 17.64 -8.40
CA GLU A 4 15.39 17.51 -8.94
C GLU A 4 15.08 18.69 -9.87
N PHE A 5 14.30 18.47 -10.90
CA PHE A 5 13.98 19.58 -11.84
C PHE A 5 12.72 20.33 -11.39
N GLY A 6 12.76 21.63 -11.43
CA GLY A 6 11.58 22.44 -11.01
C GLY A 6 11.63 22.67 -9.50
N THR A 7 10.67 23.38 -8.97
CA THR A 7 10.65 23.64 -7.49
C THR A 7 9.68 22.70 -6.79
N ARG A 8 9.02 21.84 -7.53
CA ARG A 8 8.05 20.90 -6.89
C ARG A 8 8.36 19.46 -7.30
N ASP A 9 8.01 18.51 -6.48
CA ASP A 9 8.29 17.08 -6.82
C ASP A 9 7.22 16.17 -6.20
N ARG A 10 7.23 14.91 -6.54
CA ARG A 10 6.20 13.98 -5.97
C ARG A 10 6.85 13.00 -4.99
N MET A 11 6.11 12.56 -4.01
CA MET A 11 6.68 11.60 -3.02
C MET A 11 5.67 10.49 -2.70
N LEU A 12 6.14 9.26 -2.64
CA LEU A 12 5.23 8.11 -2.35
C LEU A 12 5.23 7.80 -0.85
N VAL A 13 4.06 7.64 -0.28
CA VAL A 13 3.98 7.32 1.18
C VAL A 13 3.33 5.96 1.40
N LEU A 14 3.85 5.18 2.32
CA LEU A 14 3.25 3.83 2.59
C LEU A 14 2.34 3.89 3.81
N VAL A 15 1.16 3.36 3.69
CA VAL A 15 0.21 3.37 4.84
C VAL A 15 -0.22 1.93 5.19
N LEU A 16 -0.09 1.56 6.44
CA LEU A 16 -0.50 0.20 6.85
C LEU A 16 -0.61 0.13 8.38
N GLY A 17 -0.88 -1.02 8.93
CA GLY A 17 -1.00 -1.13 10.41
C GLY A 17 -1.86 -2.34 10.79
N ASP A 18 -2.13 -2.51 12.05
CA ASP A 18 -2.95 -3.67 12.53
C ASP A 18 -2.24 -4.97 12.18
N LEU A 19 -0.94 -4.99 12.35
CA LEU A 19 -0.17 -6.23 12.08
C LEU A 19 -0.46 -7.21 13.22
N HIS A 20 -0.61 -6.68 14.41
CA HIS A 20 -0.91 -7.51 15.60
C HIS A 20 0.12 -8.61 15.80
N ILE A 21 1.39 -8.30 15.61
CA ILE A 21 2.45 -9.34 15.82
C ILE A 21 3.08 -9.11 17.20
N PRO A 22 3.32 -10.17 17.95
CA PRO A 22 2.98 -11.55 17.53
C PRO A 22 1.65 -11.99 18.18
N HIS A 23 0.81 -11.04 18.51
CA HIS A 23 -0.49 -11.40 19.16
C HIS A 23 -1.35 -12.30 18.27
N ARG A 24 -1.53 -11.96 17.02
CA ARG A 24 -2.39 -12.79 16.14
C ARG A 24 -1.63 -13.25 14.89
N CYS A 25 -0.59 -12.56 14.53
CA CYS A 25 0.18 -12.96 13.31
C CYS A 25 1.69 -12.95 13.61
N ASN A 26 2.47 -13.67 12.85
CA ASN A 26 3.94 -13.70 13.09
C ASN A 26 4.69 -12.80 12.10
N SER A 27 4.07 -12.45 11.00
CA SER A 27 4.76 -11.57 10.01
C SER A 27 3.80 -11.17 8.89
N LEU A 28 4.27 -10.38 7.96
CA LEU A 28 3.40 -9.99 6.81
C LEU A 28 3.33 -11.16 5.83
N PRO A 29 2.35 -11.12 4.95
CA PRO A 29 2.20 -12.22 3.96
C PRO A 29 3.43 -12.27 3.03
N ALA A 30 3.80 -13.46 2.64
CA ALA A 30 5.01 -13.66 1.78
C ALA A 30 5.05 -12.72 0.56
N LYS A 31 4.03 -12.74 -0.27
CA LYS A 31 4.07 -11.87 -1.49
C LYS A 31 4.23 -10.39 -1.13
N PHE A 32 3.63 -9.94 -0.06
CA PHE A 32 3.77 -8.51 0.32
C PHE A 32 5.21 -8.17 0.67
N LYS A 33 5.91 -9.05 1.34
CA LYS A 33 7.32 -8.75 1.68
C LYS A 33 8.10 -8.46 0.39
N LYS A 34 7.79 -9.19 -0.65
CA LYS A 34 8.48 -8.96 -1.95
C LYS A 34 8.02 -7.62 -2.54
N LEU A 35 6.75 -7.31 -2.41
CA LEU A 35 6.21 -6.02 -2.95
C LEU A 35 6.84 -4.82 -2.23
N LEU A 36 7.12 -4.92 -0.95
CA LEU A 36 7.73 -3.77 -0.23
C LEU A 36 9.27 -3.83 -0.29
N VAL A 37 9.90 -2.72 -0.59
CA VAL A 37 11.40 -2.71 -0.66
C VAL A 37 11.94 -1.31 -0.29
N PRO A 38 13.12 -1.29 0.29
CA PRO A 38 13.75 -0.01 0.70
C PRO A 38 14.21 0.80 -0.52
N GLY A 39 14.24 2.10 -0.41
CA GLY A 39 14.69 2.94 -1.55
C GLY A 39 13.49 3.30 -2.43
N LYS A 40 12.34 2.76 -2.13
CA LYS A 40 11.14 3.06 -2.96
C LYS A 40 10.16 3.94 -2.20
N ILE A 41 10.17 3.86 -0.90
CA ILE A 41 9.21 4.69 -0.11
C ILE A 41 9.96 5.76 0.69
N GLN A 42 9.51 6.99 0.61
CA GLN A 42 10.18 8.08 1.36
C GLN A 42 9.42 8.38 2.67
N HIS A 43 8.16 8.05 2.72
CA HIS A 43 7.38 8.32 3.96
C HIS A 43 6.51 7.11 4.34
N ILE A 44 6.43 6.79 5.60
CA ILE A 44 5.59 5.64 6.04
C ILE A 44 4.65 6.05 7.17
N LEU A 45 3.37 5.88 6.99
CA LEU A 45 2.40 6.22 8.08
C LEU A 45 1.81 4.93 8.65
N CYS A 46 1.85 4.75 9.94
CA CYS A 46 1.29 3.51 10.53
C CYS A 46 0.14 3.83 11.48
N THR A 47 -0.98 3.18 11.32
CA THR A 47 -2.15 3.44 12.20
C THR A 47 -2.30 2.33 13.24
N GLY A 48 -2.54 1.13 12.79
CA GLY A 48 -2.73 -0.01 13.74
C GLY A 48 -1.50 -0.18 14.64
N ASN A 49 -1.66 -0.88 15.73
CA ASN A 49 -0.52 -1.10 16.68
C ASN A 49 0.49 -2.09 16.06
N LEU A 50 1.74 -1.93 16.40
CA LEU A 50 2.78 -2.85 15.83
C LEU A 50 2.45 -4.33 16.10
N CYS A 51 2.39 -4.79 17.34
CA CYS A 51 2.66 -3.91 18.52
C CYS A 51 4.10 -4.10 19.02
N THR A 52 4.70 -5.22 18.68
CA THR A 52 6.10 -5.49 19.14
C THR A 52 7.09 -4.55 18.46
N LYS A 53 8.11 -4.12 19.17
CA LYS A 53 9.12 -3.20 18.55
C LYS A 53 9.79 -3.87 17.35
N GLU A 54 9.86 -5.19 17.35
CA GLU A 54 10.50 -5.89 16.20
C GLU A 54 9.90 -5.43 14.87
N SER A 55 8.60 -5.23 14.84
CA SER A 55 7.95 -4.75 13.59
C SER A 55 8.40 -3.33 13.29
N TYR A 56 8.63 -2.53 14.30
CA TYR A 56 9.07 -1.13 14.06
C TYR A 56 10.40 -1.12 13.30
N ASP A 57 11.32 -1.97 13.67
CA ASP A 57 12.63 -2.01 12.95
C ASP A 57 12.39 -2.34 11.47
N TYR A 58 11.49 -3.24 11.20
CA TYR A 58 11.20 -3.59 9.78
C TYR A 58 10.66 -2.37 9.03
N LEU A 59 9.76 -1.64 9.63
CA LEU A 59 9.20 -0.44 8.95
C LEU A 59 10.32 0.58 8.72
N LYS A 60 11.21 0.72 9.66
CA LYS A 60 12.32 1.70 9.50
C LYS A 60 13.18 1.32 8.29
N THR A 61 13.31 0.05 8.03
CA THR A 61 14.14 -0.40 6.86
C THR A 61 13.54 0.10 5.54
N LEU A 62 12.24 0.02 5.39
CA LEU A 62 11.62 0.48 4.11
C LEU A 62 11.84 1.99 3.93
N ALA A 63 11.82 2.74 4.99
CA ALA A 63 12.03 4.22 4.87
C ALA A 63 12.62 4.79 6.15
N GLY A 64 13.34 5.87 6.05
CA GLY A 64 13.95 6.48 7.27
C GLY A 64 12.89 7.26 8.06
N ASP A 65 12.06 8.01 7.39
CA ASP A 65 11.01 8.79 8.10
C ASP A 65 9.76 7.94 8.30
N VAL A 66 9.47 7.56 9.52
CA VAL A 66 8.26 6.72 9.79
C VAL A 66 7.39 7.38 10.85
N HIS A 67 6.10 7.45 10.64
CA HIS A 67 5.20 8.06 11.65
C HIS A 67 4.23 7.00 12.18
N ILE A 68 4.17 6.83 13.48
CA ILE A 68 3.24 5.79 14.04
C ILE A 68 2.39 6.37 15.18
N VAL A 69 1.20 5.84 15.35
CA VAL A 69 0.31 6.32 16.45
C VAL A 69 0.04 5.14 17.39
N ARG A 70 -0.26 5.40 18.64
CA ARG A 70 -0.50 4.26 19.57
C ARG A 70 -1.84 3.57 19.29
N GLY A 71 -1.81 2.26 19.17
CA GLY A 71 -3.08 1.51 18.93
C GLY A 71 -3.63 1.05 20.28
N ASP A 72 -4.70 0.28 20.28
CA ASP A 72 -5.25 -0.19 21.58
C ASP A 72 -4.48 -1.41 22.10
N PHE A 73 -3.47 -1.84 21.39
CA PHE A 73 -2.70 -3.03 21.85
C PHE A 73 -1.19 -2.80 21.68
N ASP A 74 -0.75 -1.57 21.67
CA ASP A 74 0.72 -1.30 21.51
C ASP A 74 1.44 -1.44 22.86
N GLU A 75 2.53 -2.14 22.88
CA GLU A 75 3.28 -2.30 24.17
C GLU A 75 3.89 -0.97 24.58
N ASN A 76 4.51 -0.28 23.67
CA ASN A 76 5.14 1.04 23.99
C ASN A 76 4.04 2.11 24.14
N LEU A 77 3.96 2.71 25.29
CA LEU A 77 2.93 3.77 25.52
C LEU A 77 3.47 5.14 25.08
N ASN A 78 4.69 5.20 24.60
CA ASN A 78 5.26 6.51 24.17
C ASN A 78 4.69 6.96 22.82
N TYR A 79 3.87 6.15 22.20
CA TYR A 79 3.27 6.57 20.90
C TYR A 79 2.16 7.59 21.14
N PRO A 80 2.01 8.49 20.22
CA PRO A 80 0.98 9.56 20.35
C PRO A 80 -0.42 9.01 20.04
N GLU A 81 -1.41 9.43 20.78
CA GLU A 81 -2.80 8.93 20.52
C GLU A 81 -3.19 9.30 19.08
N GLN A 82 -2.82 10.47 18.65
CA GLN A 82 -3.12 10.91 17.26
C GLN A 82 -2.05 11.91 16.80
N LYS A 83 -1.77 11.97 15.53
CA LYS A 83 -0.72 12.93 15.07
C LYS A 83 -1.07 13.54 13.71
N VAL A 84 -0.68 14.77 13.49
CA VAL A 84 -0.96 15.42 12.18
C VAL A 84 0.36 15.67 11.44
N VAL A 85 0.58 15.00 10.34
CA VAL A 85 1.84 15.20 9.59
C VAL A 85 1.55 15.81 8.21
N THR A 86 2.28 16.83 7.85
CA THR A 86 2.04 17.48 6.53
C THR A 86 2.94 16.84 5.47
N VAL A 87 2.39 16.45 4.36
CA VAL A 87 3.21 15.84 3.28
C VAL A 87 3.07 16.67 2.01
N GLY A 88 3.89 17.68 1.85
CA GLY A 88 3.78 18.54 0.64
C GLY A 88 2.62 19.51 0.80
N GLN A 89 1.65 19.43 -0.07
CA GLN A 89 0.48 20.36 0.04
C GLN A 89 -0.65 19.70 0.86
N PHE A 90 -0.50 18.47 1.23
CA PHE A 90 -1.59 17.78 1.99
C PHE A 90 -1.36 17.76 3.50
N LYS A 91 -2.40 18.02 4.25
CA LYS A 91 -2.31 17.97 5.74
C LYS A 91 -3.02 16.68 6.17
N ILE A 92 -2.27 15.70 6.60
CA ILE A 92 -2.92 14.41 6.96
C ILE A 92 -2.93 14.17 8.48
N GLY A 93 -4.01 13.62 8.97
CA GLY A 93 -4.11 13.33 10.43
C GLY A 93 -3.93 11.83 10.63
N LEU A 94 -3.58 11.39 11.81
CA LEU A 94 -3.39 9.93 12.02
C LEU A 94 -3.93 9.46 13.37
N ILE A 95 -4.69 8.40 13.38
CA ILE A 95 -5.24 7.87 14.65
C ILE A 95 -5.58 6.37 14.48
N HIS A 96 -5.48 5.58 15.52
CA HIS A 96 -5.80 4.13 15.37
C HIS A 96 -7.25 3.95 14.94
N GLY A 97 -8.17 4.41 15.74
CA GLY A 97 -9.61 4.27 15.38
C GLY A 97 -10.42 3.76 16.57
N HIS A 98 -9.80 3.05 17.49
CA HIS A 98 -10.56 2.54 18.66
C HIS A 98 -11.12 3.72 19.48
N GLN A 99 -10.60 4.90 19.27
CA GLN A 99 -11.11 6.09 20.02
C GLN A 99 -12.31 6.68 19.28
N VAL A 100 -12.62 6.19 18.11
CA VAL A 100 -13.78 6.73 17.34
C VAL A 100 -15.01 5.85 17.56
N ILE A 101 -16.02 6.36 18.22
CA ILE A 101 -17.24 5.55 18.47
C ILE A 101 -18.44 6.13 17.69
N PRO A 102 -19.14 5.29 16.95
CA PRO A 102 -18.78 3.85 16.88
C PRO A 102 -17.48 3.63 16.09
N TRP A 103 -16.82 2.53 16.37
CA TRP A 103 -15.50 2.20 15.74
C TRP A 103 -15.40 2.56 14.24
N GLY A 104 -16.26 2.05 13.40
CA GLY A 104 -16.12 2.36 11.94
C GLY A 104 -17.22 3.29 11.42
N ASP A 105 -17.69 4.21 12.22
CA ASP A 105 -18.76 5.14 11.72
C ASP A 105 -18.14 6.25 10.87
N MET A 106 -18.73 6.54 9.74
CA MET A 106 -18.17 7.63 8.88
C MET A 106 -18.49 8.99 9.51
N ALA A 107 -19.67 9.14 10.05
CA ALA A 107 -20.04 10.44 10.69
C ALA A 107 -19.08 10.72 11.86
N SER A 108 -18.72 9.70 12.61
CA SER A 108 -17.77 9.92 13.74
C SER A 108 -16.40 10.31 13.17
N LEU A 109 -15.98 9.65 12.12
CA LEU A 109 -14.67 9.99 11.51
C LEU A 109 -14.71 11.42 10.97
N ALA A 110 -15.80 11.79 10.34
CA ALA A 110 -15.91 13.17 9.80
C ALA A 110 -15.86 14.17 10.95
N LEU A 111 -16.57 13.91 12.01
CA LEU A 111 -16.54 14.83 13.18
C LEU A 111 -15.09 14.99 13.65
N LEU A 112 -14.32 13.94 13.57
CA LEU A 112 -12.89 14.02 13.98
C LEU A 112 -12.11 14.85 12.97
N GLN A 113 -12.45 14.74 11.71
CA GLN A 113 -11.73 15.52 10.65
C GLN A 113 -11.82 17.02 10.97
N ARG A 114 -12.99 17.49 11.31
CA ARG A 114 -13.15 18.93 11.64
C ARG A 114 -12.14 19.35 12.71
N GLN A 115 -12.18 18.68 13.84
CA GLN A 115 -11.24 19.02 14.95
C GLN A 115 -9.78 18.99 14.46
N PHE A 116 -9.43 17.97 13.72
CA PHE A 116 -8.03 17.87 13.21
C PHE A 116 -7.76 18.90 12.10
N ASP A 117 -8.77 19.28 11.36
CA ASP A 117 -8.57 20.26 10.24
C ASP A 117 -7.56 19.70 9.23
N VAL A 118 -7.73 18.46 8.82
CA VAL A 118 -6.79 17.84 7.84
C VAL A 118 -7.51 17.57 6.53
N ASP A 119 -6.77 17.49 5.44
CA ASP A 119 -7.41 17.21 4.13
C ASP A 119 -7.64 15.69 4.01
N ILE A 120 -6.78 14.92 4.60
CA ILE A 120 -6.93 13.43 4.54
C ILE A 120 -6.84 12.83 5.96
N LEU A 121 -7.65 11.85 6.26
CA LEU A 121 -7.60 11.24 7.61
C LEU A 121 -7.28 9.75 7.49
N ILE A 122 -6.22 9.30 8.14
CA ILE A 122 -5.87 7.85 8.06
C ILE A 122 -6.22 7.14 9.37
N SER A 123 -6.88 6.03 9.30
CA SER A 123 -7.25 5.29 10.54
C SER A 123 -7.50 3.81 10.22
N GLY A 124 -7.46 2.96 11.22
CA GLY A 124 -7.69 1.51 10.98
C GLY A 124 -8.60 0.93 12.07
N HIS A 125 -8.11 -0.06 12.79
CA HIS A 125 -8.91 -0.71 13.89
C HIS A 125 -9.99 -1.64 13.33
N THR A 126 -10.58 -1.32 12.19
CA THR A 126 -11.63 -2.21 11.63
C THR A 126 -11.03 -3.31 10.74
N HIS A 127 -9.76 -3.22 10.43
CA HIS A 127 -9.13 -4.25 9.55
C HIS A 127 -9.88 -4.37 8.22
N LYS A 128 -10.55 -3.33 7.82
CA LYS A 128 -11.28 -3.36 6.51
C LYS A 128 -10.81 -2.21 5.64
N PHE A 129 -10.16 -2.49 4.53
CA PHE A 129 -9.67 -1.39 3.66
C PHE A 129 -10.84 -0.46 3.29
N GLU A 130 -10.60 0.83 3.31
CA GLU A 130 -11.68 1.79 2.96
C GLU A 130 -11.07 3.08 2.38
N ALA A 131 -11.46 3.44 1.19
CA ALA A 131 -10.92 4.67 0.56
C ALA A 131 -12.05 5.44 -0.14
N PHE A 132 -12.60 6.43 0.51
CA PHE A 132 -13.71 7.21 -0.12
C PHE A 132 -13.59 8.70 0.20
N GLU A 133 -14.35 9.53 -0.49
CA GLU A 133 -14.30 11.00 -0.25
C GLU A 133 -15.60 11.48 0.43
N HIS A 134 -15.52 12.45 1.29
CA HIS A 134 -16.76 12.95 1.97
C HIS A 134 -16.66 14.46 2.25
N GLU A 135 -17.54 15.23 1.66
CA GLU A 135 -17.53 16.70 1.87
C GLU A 135 -16.14 17.30 1.59
N ASN A 136 -15.65 17.12 0.40
CA ASN A 136 -14.32 17.68 0.00
C ASN A 136 -13.17 17.14 0.87
N LYS A 137 -13.38 16.08 1.59
CA LYS A 137 -12.27 15.51 2.43
C LYS A 137 -12.05 14.04 2.07
N PHE A 138 -10.87 13.54 2.29
CA PHE A 138 -10.58 12.12 1.94
C PHE A 138 -10.33 11.27 3.18
N TYR A 139 -10.84 10.07 3.19
CA TYR A 139 -10.63 9.16 4.34
C TYR A 139 -9.98 7.87 3.84
N ILE A 140 -8.96 7.39 4.52
CA ILE A 140 -8.29 6.15 4.05
C ILE A 140 -8.04 5.16 5.20
N ASN A 141 -8.32 3.91 4.96
CA ASN A 141 -8.08 2.86 5.97
C ASN A 141 -7.32 1.70 5.30
N PRO A 142 -6.06 1.56 5.63
CA PRO A 142 -5.22 0.50 5.02
C PRO A 142 -5.71 -0.90 5.42
N GLY A 143 -6.28 -1.04 6.59
CA GLY A 143 -6.77 -2.38 7.02
C GLY A 143 -5.67 -3.11 7.78
N SER A 144 -5.51 -4.38 7.56
CA SER A 144 -4.47 -5.16 8.28
C SER A 144 -3.45 -5.73 7.28
N ALA A 145 -2.23 -5.23 7.31
CA ALA A 145 -1.19 -5.76 6.37
C ALA A 145 -0.99 -7.26 6.58
N THR A 146 -1.38 -7.78 7.72
CA THR A 146 -1.20 -9.24 7.97
C THR A 146 -2.57 -9.94 8.06
N GLY A 147 -3.62 -9.28 7.67
CA GLY A 147 -4.97 -9.91 7.76
C GLY A 147 -5.21 -10.35 9.21
N ALA A 148 -4.74 -9.58 10.15
CA ALA A 148 -4.91 -9.95 11.59
C ALA A 148 -6.37 -10.30 11.89
N TYR A 149 -6.58 -11.21 12.79
CA TYR A 149 -7.97 -11.64 13.14
C TYR A 149 -8.77 -10.50 13.78
N ASN A 150 -10.06 -10.52 13.61
CA ASN A 150 -10.94 -9.46 14.20
C ASN A 150 -12.32 -10.08 14.49
N ALA A 151 -12.69 -10.13 15.74
CA ALA A 151 -13.99 -10.76 16.14
C ALA A 151 -15.19 -10.20 15.35
N LEU A 152 -15.13 -8.98 14.89
CA LEU A 152 -16.31 -8.42 14.15
C LEU A 152 -16.37 -8.91 12.70
N GLU A 153 -15.25 -9.22 12.10
CA GLU A 153 -15.28 -9.71 10.69
C GLU A 153 -14.57 -11.08 10.60
N THR A 154 -15.31 -12.10 10.24
CA THR A 154 -14.70 -13.46 10.14
C THR A 154 -13.86 -13.61 8.87
N ASN A 155 -14.02 -12.72 7.93
CA ASN A 155 -13.21 -12.82 6.68
C ASN A 155 -12.36 -11.57 6.50
N ILE A 156 -11.13 -11.61 6.95
CA ILE A 156 -10.24 -10.41 6.80
C ILE A 156 -9.27 -10.61 5.64
N ILE A 157 -9.04 -9.57 4.89
CA ILE A 157 -8.09 -9.67 3.75
C ILE A 157 -6.88 -8.79 4.06
N PRO A 158 -5.72 -9.39 4.09
CA PRO A 158 -4.48 -8.63 4.41
C PRO A 158 -4.21 -7.62 3.28
N SER A 159 -3.91 -6.38 3.61
CA SER A 159 -3.64 -5.39 2.52
C SER A 159 -3.01 -4.11 3.06
N PHE A 160 -2.29 -3.41 2.22
CA PHE A 160 -1.67 -2.13 2.63
C PHE A 160 -1.84 -1.12 1.49
N VAL A 161 -1.73 0.15 1.78
CA VAL A 161 -1.96 1.16 0.69
C VAL A 161 -0.80 2.14 0.52
N LEU A 162 -0.45 2.41 -0.72
CA LEU A 162 0.62 3.39 -1.04
C LEU A 162 -0.02 4.65 -1.61
N MET A 163 0.41 5.81 -1.19
CA MET A 163 -0.22 7.05 -1.74
C MET A 163 0.81 7.85 -2.54
N ASP A 164 0.54 8.10 -3.79
CA ASP A 164 1.48 8.89 -4.63
C ASP A 164 1.02 10.35 -4.69
N ILE A 165 1.81 11.26 -4.20
CA ILE A 165 1.41 12.69 -4.22
C ILE A 165 2.34 13.51 -5.12
N GLN A 166 1.79 14.17 -6.10
CA GLN A 166 2.62 15.01 -7.01
C GLN A 166 2.50 16.48 -6.58
N ALA A 167 1.29 16.98 -6.52
CA ALA A 167 1.07 18.39 -6.11
C ALA A 167 -0.43 18.66 -6.02
N SER A 168 -0.97 18.76 -4.83
CA SER A 168 -2.44 19.00 -4.67
C SER A 168 -3.24 17.84 -5.28
N THR A 169 -2.58 16.79 -5.67
CA THR A 169 -3.29 15.61 -6.26
C THR A 169 -2.68 14.33 -5.69
N VAL A 170 -3.48 13.40 -5.27
CA VAL A 170 -2.90 12.14 -4.70
C VAL A 170 -3.57 10.89 -5.28
N VAL A 171 -2.78 9.89 -5.58
CA VAL A 171 -3.34 8.63 -6.10
C VAL A 171 -3.05 7.53 -5.07
N THR A 172 -4.06 6.84 -4.61
CA THR A 172 -3.80 5.79 -3.59
C THR A 172 -3.92 4.41 -4.22
N TYR A 173 -2.98 3.55 -3.91
CA TYR A 173 -3.01 2.18 -4.45
C TYR A 173 -3.26 1.20 -3.32
N VAL A 174 -4.24 0.38 -3.44
CA VAL A 174 -4.52 -0.60 -2.36
C VAL A 174 -4.19 -2.01 -2.84
N TYR A 175 -3.45 -2.75 -2.07
CA TYR A 175 -3.09 -4.13 -2.49
C TYR A 175 -3.83 -5.14 -1.63
N GLN A 176 -4.75 -5.85 -2.21
CA GLN A 176 -5.49 -6.87 -1.42
C GLN A 176 -5.00 -8.26 -1.79
N LEU A 177 -4.79 -9.10 -0.82
CA LEU A 177 -4.32 -10.47 -1.11
C LEU A 177 -5.52 -11.41 -1.22
N ILE A 178 -6.00 -11.61 -2.42
CA ILE A 178 -7.17 -12.52 -2.60
C ILE A 178 -6.69 -13.79 -3.30
N GLY A 179 -6.95 -14.92 -2.73
CA GLY A 179 -6.49 -16.20 -3.34
C GLY A 179 -4.95 -16.22 -3.29
N ASP A 180 -4.31 -16.52 -4.39
CA ASP A 180 -2.82 -16.55 -4.40
C ASP A 180 -2.28 -15.24 -4.99
N ASP A 181 -2.78 -14.85 -6.14
CA ASP A 181 -2.29 -13.59 -6.79
C ASP A 181 -2.77 -12.37 -5.99
N VAL A 182 -2.08 -11.27 -6.12
CA VAL A 182 -2.50 -10.04 -5.39
C VAL A 182 -3.22 -9.08 -6.35
N LYS A 183 -4.39 -8.64 -5.99
CA LYS A 183 -5.13 -7.70 -6.87
C LYS A 183 -4.87 -6.26 -6.43
N VAL A 184 -4.86 -5.33 -7.36
CA VAL A 184 -4.60 -3.91 -6.97
C VAL A 184 -5.65 -2.97 -7.59
N GLU A 185 -6.09 -2.00 -6.84
CA GLU A 185 -7.10 -1.04 -7.36
C GLU A 185 -6.53 0.39 -7.31
N ARG A 186 -6.95 1.25 -8.19
CA ARG A 186 -6.40 2.64 -8.19
C ARG A 186 -7.48 3.68 -7.90
N ILE A 187 -7.23 4.52 -6.92
CA ILE A 187 -8.21 5.60 -6.57
C ILE A 187 -7.48 6.95 -6.59
N GLU A 188 -8.03 7.95 -7.23
CA GLU A 188 -7.34 9.28 -7.28
C GLU A 188 -8.14 10.35 -6.54
N TYR A 189 -7.45 11.21 -5.84
CA TYR A 189 -8.13 12.31 -5.09
C TYR A 189 -7.34 13.61 -5.23
N LYS A 190 -8.02 14.72 -5.35
CA LYS A 190 -7.29 16.03 -5.48
C LYS A 190 -8.02 17.10 -4.67
N LYS A 191 -7.28 18.03 -4.11
CA LYS A 191 -7.91 19.11 -3.30
C LYS A 191 -9.06 19.76 -4.07
N SER A 192 -10.10 20.14 -3.38
CA SER A 192 -11.28 20.78 -4.07
C SER A 192 -11.74 22.01 -3.29
N GLY B 1 58.08 0.94 7.87
CA GLY B 1 57.21 0.22 6.89
C GLY B 1 57.63 -1.24 6.79
N PRO B 2 56.73 -2.07 6.37
CA PRO B 2 57.03 -3.53 6.23
C PRO B 2 58.02 -3.76 5.09
N LEU B 3 58.82 -4.78 5.19
CA LEU B 3 59.81 -5.05 4.12
C LEU B 3 59.25 -6.08 3.13
N GLY B 4 59.48 -5.87 1.86
CA GLY B 4 58.95 -6.81 0.84
C GLY B 4 57.61 -6.32 0.31
N SER B 5 56.89 -7.14 -0.40
CA SER B 5 55.58 -6.72 -0.95
C SER B 5 54.54 -6.58 0.17
N THR B 6 53.47 -5.86 -0.08
CA THR B 6 52.42 -5.68 0.96
C THR B 6 51.10 -6.27 0.48
N GLU B 7 50.35 -6.90 1.34
CA GLU B 7 49.05 -7.50 0.93
C GLU B 7 48.11 -6.42 0.40
N GLU B 8 47.36 -6.72 -0.63
CA GLU B 8 46.42 -5.72 -1.20
C GLU B 8 44.98 -6.10 -0.83
N ASP B 9 44.10 -5.13 -0.69
CA ASP B 9 42.69 -5.46 -0.33
C ASP B 9 42.06 -6.35 -1.41
N LEU B 10 41.34 -7.35 -1.00
CA LEU B 10 40.69 -8.26 -1.99
C LEU B 10 39.26 -7.80 -2.31
N GLU B 11 38.85 -6.69 -1.78
CA GLU B 11 37.47 -6.19 -2.05
C GLU B 11 37.28 -5.96 -3.56
N ASP B 12 36.13 -6.27 -4.08
CA ASP B 12 35.88 -6.06 -5.53
C ASP B 12 34.53 -5.38 -5.75
N ALA B 13 34.30 -4.85 -6.92
CA ALA B 13 33.00 -4.16 -7.19
C ALA B 13 32.17 -4.95 -8.21
N GLU B 14 30.87 -4.90 -8.10
CA GLU B 14 30.00 -5.64 -9.05
C GLU B 14 29.29 -4.64 -9.98
N ASP B 15 28.74 -5.11 -11.07
CA ASP B 15 28.06 -4.18 -12.01
C ASP B 15 26.63 -3.85 -11.55
N THR B 16 26.44 -2.71 -10.94
CA THR B 16 25.07 -2.31 -10.48
C THR B 16 24.72 -0.93 -11.04
N VAL B 17 23.49 -0.71 -11.42
CA VAL B 17 23.10 0.63 -11.96
C VAL B 17 21.70 1.01 -11.48
N SER B 18 21.57 2.15 -10.84
CA SER B 18 20.23 2.59 -10.37
C SER B 18 19.61 3.58 -11.36
N ALA B 19 20.33 3.93 -12.40
CA ALA B 19 19.80 4.90 -13.40
C ALA B 19 18.56 4.34 -14.10
N ALA B 20 18.49 3.04 -14.27
CA ALA B 20 17.30 2.44 -14.95
C ALA B 20 16.03 2.74 -14.16
N ASP B 21 14.98 3.11 -14.84
CA ASP B 21 13.70 3.41 -14.13
C ASP B 21 12.51 3.28 -15.10
N PRO B 22 12.19 2.05 -15.43
CA PRO B 22 11.05 1.79 -16.35
C PRO B 22 9.72 2.14 -15.66
N GLU B 23 8.71 2.46 -16.44
CA GLU B 23 7.40 2.80 -15.82
C GLU B 23 6.91 1.66 -14.94
N PHE B 24 6.23 1.97 -13.87
CA PHE B 24 5.74 0.89 -12.96
C PHE B 24 4.22 0.74 -13.01
N CYS B 25 3.79 -0.47 -12.78
CA CYS B 25 2.32 -0.73 -12.73
C CYS B 25 1.75 0.12 -11.60
N HIS B 26 2.54 0.27 -10.58
CA HIS B 26 2.17 1.07 -9.40
C HIS B 26 3.38 1.12 -8.47
N PRO B 27 3.28 1.79 -7.36
CA PRO B 27 4.43 1.82 -6.44
C PRO B 27 4.78 0.40 -5.99
N LEU B 28 6.04 0.10 -5.83
CA LEU B 28 6.51 -1.27 -5.43
C LEU B 28 6.43 -2.28 -6.57
N CYS B 29 6.68 -1.90 -7.78
CA CYS B 29 6.64 -2.91 -8.87
C CYS B 29 7.83 -2.66 -9.78
N GLN B 30 8.98 -3.09 -9.33
CA GLN B 30 10.23 -2.88 -10.13
C GLN B 30 10.29 -3.88 -11.27
N CYS B 31 9.16 -4.45 -11.59
CA CYS B 31 9.08 -5.43 -12.70
C CYS B 31 9.68 -4.89 -13.98
N PRO B 32 9.89 -5.77 -14.92
CA PRO B 32 10.38 -5.37 -16.25
C PRO B 32 9.29 -4.60 -16.97
N LYS B 33 8.13 -5.20 -17.01
CA LYS B 33 6.95 -4.58 -17.68
C LYS B 33 5.68 -5.31 -17.25
N CYS B 34 5.82 -6.47 -16.65
CA CYS B 34 4.60 -7.27 -16.30
C CYS B 34 3.81 -7.49 -17.60
N ALA B 35 4.52 -7.47 -18.69
CA ALA B 35 3.90 -7.65 -20.03
C ALA B 35 4.78 -8.56 -20.89
N PRO B 36 4.20 -9.11 -21.93
CA PRO B 36 4.96 -10.00 -22.84
C PRO B 36 5.96 -9.17 -23.66
N ALA B 37 7.22 -9.54 -23.63
CA ALA B 37 8.23 -8.78 -24.41
C ALA B 37 8.81 -9.64 -25.53
N GLN B 38 9.08 -9.04 -26.67
CA GLN B 38 9.65 -9.82 -27.80
C GLN B 38 11.02 -9.25 -28.20
N LYS B 39 11.97 -10.10 -28.50
CA LYS B 39 13.32 -9.60 -28.90
C LYS B 39 13.78 -10.28 -30.18
N ARG B 40 14.54 -9.60 -30.98
CA ARG B 40 15.04 -10.23 -32.25
C ARG B 40 16.51 -10.63 -32.09
N LEU B 41 16.83 -11.86 -32.38
CA LEU B 41 18.24 -12.32 -32.24
C LEU B 41 19.16 -11.50 -33.16
N ALA B 42 18.70 -11.19 -34.35
CA ALA B 42 19.54 -10.40 -35.30
C ALA B 42 20.87 -11.13 -35.57
N LYS B 43 21.87 -10.88 -34.76
CA LYS B 43 23.18 -11.56 -34.96
C LYS B 43 23.66 -12.18 -33.64
N VAL B 44 24.24 -13.36 -33.70
CA VAL B 44 24.72 -14.02 -32.46
C VAL B 44 25.77 -13.12 -31.77
N PRO B 45 25.70 -13.07 -30.46
CA PRO B 45 26.66 -12.22 -29.69
C PRO B 45 28.07 -12.78 -29.78
N ALA B 46 28.22 -14.08 -29.79
CA ALA B 46 29.59 -14.67 -29.87
C ALA B 46 30.20 -14.39 -31.25
N SER B 47 31.47 -14.09 -31.29
CA SER B 47 32.12 -13.82 -32.61
C SER B 47 33.29 -14.78 -32.82
N GLY B 48 33.61 -15.08 -34.05
CA GLY B 48 34.74 -16.01 -34.33
C GLY B 48 36.03 -15.43 -33.77
N LEU B 49 36.24 -14.15 -33.90
CA LEU B 49 37.49 -13.53 -33.37
C LEU B 49 37.17 -12.62 -32.18
N GLY B 50 37.85 -12.82 -31.07
CA GLY B 50 37.59 -11.95 -29.88
C GLY B 50 38.51 -10.73 -29.93
N VAL B 51 38.40 -9.85 -28.96
CA VAL B 51 39.27 -8.64 -28.95
C VAL B 51 39.93 -8.48 -27.59
N ASN B 52 41.08 -7.84 -27.54
CA ASN B 52 41.77 -7.64 -26.24
C ASN B 52 41.86 -6.15 -25.90
N VAL B 53 41.81 -5.81 -24.64
CA VAL B 53 41.89 -4.38 -24.25
C VAL B 53 43.00 -4.16 -23.21
N THR B 54 43.55 -2.99 -23.15
CA THR B 54 44.64 -2.72 -22.16
C THR B 54 44.28 -1.51 -21.29
N SER B 55 44.55 -1.59 -20.01
CA SER B 55 44.23 -0.44 -19.11
C SER B 55 45.48 -0.03 -18.32
N GLN B 56 45.54 1.21 -17.92
CA GLN B 56 46.74 1.67 -17.14
C GLN B 56 46.91 0.84 -15.87
N ASP B 57 45.81 0.47 -15.24
CA ASP B 57 45.92 -0.34 -13.99
C ASP B 57 46.64 -1.65 -14.27
N GLY B 58 46.43 -2.23 -15.42
CA GLY B 58 47.11 -3.51 -15.75
C GLY B 58 48.63 -3.29 -15.82
N SER B 59 49.39 -4.27 -15.42
CA SER B 59 50.88 -4.12 -15.46
C SER B 59 51.50 -5.22 -16.33
N SER B 60 52.62 -4.92 -16.95
CA SER B 60 53.27 -5.94 -17.82
C SER B 60 54.58 -6.41 -17.19
N TRP B 61 54.91 -7.67 -17.31
CA TRP B 61 56.17 -8.18 -16.71
C TRP B 61 57.10 -8.71 -17.81
N GLY A 1 22.37 11.14 8.12
CA GLY A 1 20.98 11.68 8.10
C GLY A 1 20.96 13.00 7.33
N SER A 2 21.45 13.00 6.11
CA SER A 2 21.46 14.25 5.31
C SER A 2 20.02 14.69 5.00
N PRO A 3 19.80 15.99 5.04
CA PRO A 3 18.45 16.53 4.75
C PRO A 3 18.11 16.35 3.26
N GLU A 4 16.90 15.94 2.97
CA GLU A 4 16.51 15.75 1.54
C GLU A 4 15.45 16.77 1.14
N PHE A 5 15.63 17.44 0.03
CA PHE A 5 14.63 18.44 -0.42
C PHE A 5 13.97 17.99 -1.72
N GLY A 6 12.68 18.15 -1.85
CA GLY A 6 11.99 17.73 -3.10
C GLY A 6 10.47 17.81 -2.94
N THR A 7 9.99 18.81 -2.23
CA THR A 7 8.50 18.93 -2.05
C THR A 7 7.83 19.03 -3.43
N ARG A 8 8.42 19.77 -4.32
CA ARG A 8 7.84 19.90 -5.69
C ARG A 8 7.72 18.52 -6.34
N ASP A 9 8.66 17.65 -6.07
CA ASP A 9 8.62 16.29 -6.66
C ASP A 9 7.57 15.43 -5.95
N ARG A 10 6.76 14.72 -6.69
CA ARG A 10 5.70 13.86 -6.07
C ARG A 10 6.33 12.92 -5.02
N MET A 11 5.65 12.60 -3.94
CA MET A 11 6.31 11.68 -2.98
C MET A 11 5.41 10.46 -2.70
N LEU A 12 5.98 9.29 -2.63
CA LEU A 12 5.17 8.08 -2.36
C LEU A 12 5.17 7.77 -0.86
N VAL A 13 4.02 7.61 -0.27
CA VAL A 13 3.96 7.31 1.19
C VAL A 13 3.30 5.95 1.42
N LEU A 14 3.84 5.17 2.32
CA LEU A 14 3.26 3.82 2.59
C LEU A 14 2.34 3.88 3.82
N VAL A 15 1.16 3.35 3.71
CA VAL A 15 0.23 3.36 4.87
C VAL A 15 -0.20 1.93 5.22
N LEU A 16 -0.07 1.55 6.46
CA LEU A 16 -0.48 0.17 6.87
C LEU A 16 -0.59 0.10 8.40
N GLY A 17 -0.87 -1.05 8.94
CA GLY A 17 -1.01 -1.16 10.42
C GLY A 17 -1.86 -2.37 10.78
N ASP A 18 -2.16 -2.53 12.04
CA ASP A 18 -2.97 -3.68 12.51
C ASP A 18 -2.27 -4.99 12.18
N LEU A 19 -0.97 -5.01 12.35
CA LEU A 19 -0.20 -6.26 12.08
C LEU A 19 -0.50 -7.24 13.22
N HIS A 20 -0.66 -6.70 14.41
CA HIS A 20 -0.97 -7.54 15.60
C HIS A 20 0.07 -8.64 15.80
N ILE A 21 1.33 -8.34 15.63
CA ILE A 21 2.38 -9.36 15.85
C ILE A 21 3.02 -9.15 17.23
N PRO A 22 3.24 -10.21 17.97
CA PRO A 22 2.91 -11.59 17.56
C PRO A 22 1.57 -12.02 18.19
N HIS A 23 0.73 -11.08 18.52
CA HIS A 23 -0.57 -11.43 19.16
C HIS A 23 -1.43 -12.32 18.27
N ARG A 24 -1.60 -11.98 17.02
CA ARG A 24 -2.46 -12.82 16.13
C ARG A 24 -1.69 -13.28 14.88
N CYS A 25 -0.64 -12.58 14.52
CA CYS A 25 0.14 -12.99 13.31
C CYS A 25 1.64 -12.98 13.62
N ASN A 26 2.42 -13.70 12.86
CA ASN A 26 3.89 -13.73 13.12
C ASN A 26 4.64 -12.83 12.14
N SER A 27 4.04 -12.48 11.03
CA SER A 27 4.74 -11.61 10.04
C SER A 27 3.78 -11.20 8.91
N LEU A 28 4.26 -10.42 7.99
CA LEU A 28 3.41 -10.02 6.83
C LEU A 28 3.33 -11.19 5.84
N PRO A 29 2.36 -11.15 4.97
CA PRO A 29 2.22 -12.24 3.98
C PRO A 29 3.44 -12.30 3.05
N ALA A 30 3.83 -13.49 2.65
CA ALA A 30 5.04 -13.66 1.80
C ALA A 30 5.07 -12.72 0.58
N LYS A 31 4.06 -12.73 -0.24
CA LYS A 31 4.09 -11.85 -1.46
C LYS A 31 4.24 -10.37 -1.09
N PHE A 32 3.64 -9.94 -0.01
CA PHE A 32 3.77 -8.50 0.38
C PHE A 32 5.22 -8.14 0.70
N LYS A 33 5.94 -9.01 1.36
CA LYS A 33 7.36 -8.69 1.67
C LYS A 33 8.10 -8.40 0.36
N LYS A 34 7.82 -9.16 -0.66
CA LYS A 34 8.47 -8.92 -1.98
C LYS A 34 7.94 -7.59 -2.55
N LEU A 35 6.67 -7.32 -2.33
CA LEU A 35 6.06 -6.06 -2.84
C LEU A 35 6.70 -4.83 -2.16
N LEU A 36 7.09 -4.93 -0.92
CA LEU A 36 7.71 -3.75 -0.23
C LEU A 36 9.24 -3.80 -0.33
N VAL A 37 9.86 -2.69 -0.66
CA VAL A 37 11.35 -2.65 -0.78
C VAL A 37 11.88 -1.27 -0.37
N PRO A 38 13.06 -1.26 0.21
CA PRO A 38 13.68 0.03 0.65
C PRO A 38 14.19 0.83 -0.56
N GLY A 39 14.25 2.13 -0.43
CA GLY A 39 14.75 2.97 -1.56
C GLY A 39 13.58 3.38 -2.45
N LYS A 40 12.41 2.86 -2.21
CA LYS A 40 11.25 3.21 -3.06
C LYS A 40 10.24 4.07 -2.29
N ILE A 41 10.23 3.96 -0.99
CA ILE A 41 9.25 4.76 -0.19
C ILE A 41 9.98 5.82 0.63
N GLN A 42 9.51 7.04 0.57
CA GLN A 42 10.17 8.14 1.34
C GLN A 42 9.40 8.43 2.64
N HIS A 43 8.14 8.08 2.70
CA HIS A 43 7.35 8.34 3.95
C HIS A 43 6.50 7.13 4.33
N ILE A 44 6.44 6.81 5.59
CA ILE A 44 5.59 5.66 6.03
C ILE A 44 4.67 6.06 7.19
N LEU A 45 3.39 5.88 7.03
CA LEU A 45 2.45 6.22 8.12
C LEU A 45 1.85 4.92 8.70
N CYS A 46 1.90 4.76 9.98
CA CYS A 46 1.35 3.51 10.59
C CYS A 46 0.20 3.83 11.54
N THR A 47 -0.92 3.17 11.39
CA THR A 47 -2.09 3.45 12.27
C THR A 47 -2.22 2.36 13.33
N GLY A 48 -2.38 1.13 12.91
CA GLY A 48 -2.55 0.02 13.87
C GLY A 48 -1.32 -0.16 14.76
N ASN A 49 -1.48 -0.86 15.85
CA ASN A 49 -0.33 -1.09 16.78
C ASN A 49 0.67 -2.08 16.15
N LEU A 50 1.94 -1.93 16.45
CA LEU A 50 2.95 -2.84 15.86
C LEU A 50 2.63 -4.32 16.15
N CYS A 51 2.57 -4.76 17.40
CA CYS A 51 2.86 -3.88 18.57
C CYS A 51 4.30 -4.09 19.05
N THR A 52 4.90 -5.20 18.70
CA THR A 52 6.31 -5.48 19.15
C THR A 52 7.29 -4.53 18.44
N LYS A 53 8.31 -4.10 19.14
CA LYS A 53 9.31 -3.18 18.53
C LYS A 53 9.97 -3.86 17.31
N GLU A 54 10.05 -5.16 17.32
CA GLU A 54 10.68 -5.87 16.16
C GLU A 54 10.05 -5.41 14.84
N SER A 55 8.76 -5.23 14.82
CA SER A 55 8.09 -4.76 13.59
C SER A 55 8.52 -3.33 13.27
N TYR A 56 8.75 -2.53 14.28
CA TYR A 56 9.18 -1.13 14.03
C TYR A 56 10.50 -1.10 13.26
N ASP A 57 11.43 -1.95 13.62
CA ASP A 57 12.73 -1.98 12.89
C ASP A 57 12.48 -2.30 11.41
N TYR A 58 11.58 -3.21 11.13
CA TYR A 58 11.28 -3.57 9.72
C TYR A 58 10.74 -2.34 8.98
N LEU A 59 9.84 -1.61 9.59
CA LEU A 59 9.28 -0.41 8.92
C LEU A 59 10.38 0.62 8.68
N LYS A 60 11.28 0.76 9.62
CA LYS A 60 12.39 1.75 9.44
C LYS A 60 13.24 1.37 8.23
N THR A 61 13.37 0.10 7.96
CA THR A 61 14.18 -0.35 6.79
C THR A 61 13.57 0.16 5.47
N LEU A 62 12.27 0.06 5.33
CA LEU A 62 11.63 0.53 4.07
C LEU A 62 11.85 2.03 3.87
N ALA A 63 11.84 2.79 4.93
CA ALA A 63 12.04 4.27 4.80
C ALA A 63 12.65 4.84 6.09
N GLY A 64 13.35 5.94 5.99
CA GLY A 64 13.97 6.54 7.20
C GLY A 64 12.91 7.30 8.00
N ASP A 65 12.07 8.06 7.33
CA ASP A 65 11.03 8.83 8.06
C ASP A 65 9.78 7.97 8.28
N VAL A 66 9.50 7.59 9.49
CA VAL A 66 8.31 6.75 9.77
C VAL A 66 7.44 7.40 10.86
N HIS A 67 6.15 7.45 10.66
CA HIS A 67 5.24 8.06 11.67
C HIS A 67 4.28 6.99 12.21
N ILE A 68 4.22 6.83 13.50
CA ILE A 68 3.31 5.79 14.08
C ILE A 68 2.45 6.36 15.21
N VAL A 69 1.28 5.83 15.38
CA VAL A 69 0.37 6.29 16.48
C VAL A 69 0.07 5.12 17.42
N ARG A 70 -0.29 5.37 18.65
CA ARG A 70 -0.55 4.23 19.58
C ARG A 70 -1.88 3.55 19.28
N GLY A 71 -1.87 2.24 19.18
CA GLY A 71 -3.12 1.49 18.92
C GLY A 71 -3.69 1.02 20.26
N ASP A 72 -4.75 0.26 20.26
CA ASP A 72 -5.33 -0.20 21.56
C ASP A 72 -4.56 -1.42 22.08
N PHE A 73 -3.55 -1.87 21.37
CA PHE A 73 -2.77 -3.05 21.85
C PHE A 73 -1.26 -2.84 21.67
N ASP A 74 -0.83 -1.60 21.68
CA ASP A 74 0.63 -1.33 21.52
C ASP A 74 1.35 -1.48 22.87
N GLU A 75 2.46 -2.18 22.90
CA GLU A 75 3.20 -2.34 24.20
C GLU A 75 3.80 -1.00 24.62
N ASN A 76 4.42 -0.32 23.71
CA ASN A 76 5.05 1.00 24.04
C ASN A 76 3.96 2.07 24.17
N LEU A 77 3.87 2.67 25.32
CA LEU A 77 2.85 3.73 25.55
C LEU A 77 3.39 5.10 25.10
N ASN A 78 4.61 5.15 24.64
CA ASN A 78 5.19 6.46 24.22
C ASN A 78 4.62 6.91 22.87
N TYR A 79 3.80 6.10 22.24
CA TYR A 79 3.22 6.52 20.93
C TYR A 79 2.11 7.55 21.17
N PRO A 80 1.96 8.46 20.24
CA PRO A 80 0.94 9.52 20.36
C PRO A 80 -0.46 8.98 20.05
N GLU A 81 -1.45 9.40 20.79
CA GLU A 81 -2.84 8.91 20.51
C GLU A 81 -3.22 9.27 19.07
N GLN A 82 -2.83 10.45 18.65
CA GLN A 82 -3.14 10.88 17.25
C GLN A 82 -2.06 11.88 16.80
N LYS A 83 -1.77 11.95 15.53
CA LYS A 83 -0.71 12.90 15.08
C LYS A 83 -1.06 13.52 13.72
N VAL A 84 -0.65 14.74 13.50
CA VAL A 84 -0.93 15.40 12.19
C VAL A 84 0.39 15.65 11.47
N VAL A 85 0.61 14.98 10.37
CA VAL A 85 1.89 15.17 9.62
C VAL A 85 1.61 15.78 8.24
N THR A 86 2.33 16.81 7.88
CA THR A 86 2.10 17.45 6.56
C THR A 86 3.02 16.82 5.50
N VAL A 87 2.47 16.43 4.39
CA VAL A 87 3.30 15.80 3.32
C VAL A 87 3.17 16.64 2.04
N GLY A 88 3.98 17.65 1.89
CA GLY A 88 3.90 18.50 0.68
C GLY A 88 2.72 19.48 0.83
N GLN A 89 1.76 19.41 -0.04
CA GLN A 89 0.59 20.33 0.06
C GLN A 89 -0.54 19.68 0.87
N PHE A 90 -0.41 18.44 1.25
CA PHE A 90 -1.50 17.75 2.00
C PHE A 90 -1.27 17.74 3.51
N LYS A 91 -2.32 18.00 4.25
CA LYS A 91 -2.24 17.95 5.74
C LYS A 91 -2.95 16.66 6.17
N ILE A 92 -2.21 15.68 6.60
CA ILE A 92 -2.85 14.39 6.96
C ILE A 92 -2.88 14.16 8.47
N GLY A 93 -3.97 13.61 8.97
CA GLY A 93 -4.08 13.32 10.43
C GLY A 93 -3.91 11.81 10.63
N LEU A 94 -3.56 11.38 11.80
CA LEU A 94 -3.38 9.91 12.01
C LEU A 94 -3.93 9.44 13.36
N ILE A 95 -4.69 8.39 13.36
CA ILE A 95 -5.25 7.85 14.64
C ILE A 95 -5.59 6.36 14.45
N HIS A 96 -5.50 5.57 15.50
CA HIS A 96 -5.82 4.12 15.35
C HIS A 96 -7.27 3.93 14.91
N GLY A 97 -8.20 4.40 15.70
CA GLY A 97 -9.63 4.26 15.32
C GLY A 97 -10.45 3.76 16.52
N HIS A 98 -9.83 3.04 17.44
CA HIS A 98 -10.61 2.53 18.61
C HIS A 98 -11.17 3.71 19.42
N GLN A 99 -10.63 4.90 19.22
CA GLN A 99 -11.15 6.09 19.96
C GLN A 99 -12.35 6.69 19.22
N VAL A 100 -12.66 6.18 18.04
CA VAL A 100 -13.80 6.74 17.27
C VAL A 100 -15.04 5.86 17.48
N ILE A 101 -16.05 6.38 18.13
CA ILE A 101 -17.28 5.57 18.37
C ILE A 101 -18.48 6.16 17.59
N PRO A 102 -19.16 5.30 16.85
CA PRO A 102 -18.81 3.87 16.77
C PRO A 102 -17.51 3.64 15.99
N TRP A 103 -16.86 2.55 16.27
CA TRP A 103 -15.54 2.22 15.65
C TRP A 103 -15.43 2.58 14.16
N GLY A 104 -16.27 2.07 13.30
CA GLY A 104 -16.12 2.38 11.85
C GLY A 104 -17.22 3.31 11.32
N ASP A 105 -17.69 4.23 12.11
CA ASP A 105 -18.75 5.16 11.62
C ASP A 105 -18.12 6.26 10.77
N MET A 106 -18.71 6.56 9.63
CA MET A 106 -18.15 7.65 8.78
C MET A 106 -18.46 9.00 9.42
N ALA A 107 -19.65 9.16 9.95
CA ALA A 107 -20.01 10.46 10.58
C ALA A 107 -19.07 10.74 11.75
N SER A 108 -18.71 9.72 12.50
CA SER A 108 -17.76 9.94 13.63
C SER A 108 -16.39 10.32 13.08
N LEU A 109 -15.97 9.66 12.03
CA LEU A 109 -14.65 10.01 11.44
C LEU A 109 -14.69 11.43 10.90
N ALA A 110 -15.77 11.79 10.26
CA ALA A 110 -15.88 13.18 9.71
C ALA A 110 -15.82 14.18 10.86
N LEU A 111 -16.55 13.92 11.92
CA LEU A 111 -16.52 14.84 13.09
C LEU A 111 -15.08 15.00 13.57
N LEU A 112 -14.30 13.95 13.49
CA LEU A 112 -12.88 14.03 13.92
C LEU A 112 -12.09 14.85 12.90
N GLN A 113 -12.42 14.75 11.64
CA GLN A 113 -11.69 15.53 10.60
C GLN A 113 -11.78 17.02 10.91
N ARG A 114 -12.95 17.49 11.26
CA ARG A 114 -13.11 18.94 11.58
C ARG A 114 -12.10 19.35 12.66
N GLN A 115 -12.16 18.69 13.79
CA GLN A 115 -11.22 19.02 14.90
C GLN A 115 -9.77 18.99 14.41
N PHE A 116 -9.41 17.97 13.68
CA PHE A 116 -8.00 17.87 13.18
C PHE A 116 -7.73 18.89 12.07
N ASP A 117 -8.73 19.27 11.31
CA ASP A 117 -8.51 20.26 10.21
C ASP A 117 -7.50 19.69 9.21
N VAL A 118 -7.68 18.46 8.80
CA VAL A 118 -6.73 17.84 7.82
C VAL A 118 -7.44 17.56 6.50
N ASP A 119 -6.70 17.49 5.42
CA ASP A 119 -7.33 17.19 4.09
C ASP A 119 -7.57 15.69 3.97
N ILE A 120 -6.70 14.90 4.57
CA ILE A 120 -6.86 13.42 4.52
C ILE A 120 -6.78 12.83 5.93
N LEU A 121 -7.59 11.85 6.22
CA LEU A 121 -7.55 11.23 7.58
C LEU A 121 -7.23 9.74 7.46
N ILE A 122 -6.19 9.28 8.11
CA ILE A 122 -5.83 7.84 8.03
C ILE A 122 -6.19 7.13 9.34
N SER A 123 -6.85 6.02 9.26
CA SER A 123 -7.24 5.28 10.50
C SER A 123 -7.49 3.80 10.19
N GLY A 124 -7.45 2.96 11.18
CA GLY A 124 -7.69 1.50 10.94
C GLY A 124 -8.61 0.92 12.02
N HIS A 125 -8.13 -0.06 12.75
CA HIS A 125 -8.94 -0.71 13.85
C HIS A 125 -10.02 -1.64 13.27
N THR A 126 -10.59 -1.32 12.14
CA THR A 126 -11.65 -2.21 11.56
C THR A 126 -11.04 -3.31 10.67
N HIS A 127 -9.77 -3.23 10.38
CA HIS A 127 -9.13 -4.26 9.50
C HIS A 127 -9.87 -4.37 8.16
N LYS A 128 -10.54 -3.33 7.75
CA LYS A 128 -11.27 -3.36 6.44
C LYS A 128 -10.77 -2.20 5.58
N PHE A 129 -10.13 -2.49 4.48
CA PHE A 129 -9.63 -1.39 3.61
C PHE A 129 -10.79 -0.45 3.23
N GLU A 130 -10.55 0.83 3.26
CA GLU A 130 -11.62 1.80 2.90
C GLU A 130 -11.02 3.08 2.32
N ALA A 131 -11.39 3.44 1.13
CA ALA A 131 -10.85 4.68 0.51
C ALA A 131 -11.97 5.45 -0.20
N PHE A 132 -12.52 6.45 0.44
CA PHE A 132 -13.63 7.22 -0.20
C PHE A 132 -13.51 8.72 0.13
N GLU A 133 -14.26 9.54 -0.56
CA GLU A 133 -14.20 11.01 -0.32
C GLU A 133 -15.51 11.49 0.34
N HIS A 134 -15.43 12.47 1.21
CA HIS A 134 -16.67 12.97 1.88
C HIS A 134 -16.57 14.47 2.15
N GLU A 135 -17.44 15.25 1.56
CA GLU A 135 -17.43 16.73 1.78
C GLU A 135 -16.04 17.33 1.51
N ASN A 136 -15.54 17.14 0.32
CA ASN A 136 -14.21 17.69 -0.07
C ASN A 136 -13.07 17.14 0.80
N LYS A 137 -13.29 16.08 1.53
CA LYS A 137 -12.19 15.52 2.37
C LYS A 137 -11.96 14.05 2.00
N PHE A 138 -10.78 13.55 2.24
CA PHE A 138 -10.50 12.12 1.89
C PHE A 138 -10.27 11.28 3.14
N TYR A 139 -10.77 10.07 3.13
CA TYR A 139 -10.57 9.17 4.29
C TYR A 139 -9.92 7.87 3.81
N ILE A 140 -8.91 7.39 4.48
CA ILE A 140 -8.24 6.14 4.01
C ILE A 140 -8.00 5.16 5.16
N ASN A 141 -8.28 3.91 4.91
CA ASN A 141 -8.04 2.86 5.93
C ASN A 141 -7.29 1.70 5.26
N PRO A 142 -6.03 1.55 5.60
CA PRO A 142 -5.19 0.49 5.00
C PRO A 142 -5.68 -0.91 5.39
N GLY A 143 -6.26 -1.05 6.55
CA GLY A 143 -6.76 -2.38 6.99
C GLY A 143 -5.66 -3.12 7.76
N SER A 144 -5.51 -4.40 7.52
CA SER A 144 -4.47 -5.17 8.26
C SER A 144 -3.44 -5.75 7.27
N ALA A 145 -2.23 -5.25 7.31
CA ALA A 145 -1.18 -5.77 6.37
C ALA A 145 -0.98 -7.28 6.57
N THR A 146 -1.38 -7.80 7.71
CA THR A 146 -1.22 -9.26 7.96
C THR A 146 -2.57 -9.95 8.05
N GLY A 147 -3.63 -9.29 7.65
CA GLY A 147 -4.98 -9.92 7.74
C GLY A 147 -5.23 -10.37 9.18
N ALA A 148 -4.76 -9.60 10.13
CA ALA A 148 -4.95 -9.96 11.57
C ALA A 148 -6.41 -10.32 11.85
N TYR A 149 -6.62 -11.22 12.75
CA TYR A 149 -8.02 -11.65 13.09
C TYR A 149 -8.81 -10.50 13.73
N ASN A 150 -10.11 -10.52 13.54
CA ASN A 150 -10.98 -9.47 14.13
C ASN A 150 -12.36 -10.08 14.42
N ALA A 151 -12.75 -10.13 15.67
CA ALA A 151 -14.05 -10.75 16.05
C ALA A 151 -15.24 -10.19 15.25
N LEU A 152 -15.18 -8.97 14.81
CA LEU A 152 -16.35 -8.41 14.05
C LEU A 152 -16.40 -8.90 12.60
N GLU A 153 -15.29 -9.21 12.01
CA GLU A 153 -15.30 -9.71 10.60
C GLU A 153 -14.61 -11.06 10.51
N THR A 154 -15.34 -12.09 10.15
CA THR A 154 -14.74 -13.45 10.05
C THR A 154 -13.89 -13.59 8.79
N ASN A 155 -14.03 -12.71 7.84
CA ASN A 155 -13.22 -12.82 6.59
C ASN A 155 -12.36 -11.57 6.43
N ILE A 156 -11.14 -11.61 6.89
CA ILE A 156 -10.25 -10.41 6.75
C ILE A 156 -9.27 -10.61 5.59
N ILE A 157 -9.03 -9.57 4.84
CA ILE A 157 -8.07 -9.67 3.70
C ILE A 157 -6.85 -8.79 4.02
N PRO A 158 -5.70 -9.40 4.07
CA PRO A 158 -4.46 -8.65 4.39
C PRO A 158 -4.18 -7.63 3.28
N SER A 159 -3.87 -6.41 3.62
CA SER A 159 -3.62 -5.39 2.56
C SER A 159 -2.97 -4.12 3.12
N PHE A 160 -2.26 -3.41 2.29
CA PHE A 160 -1.63 -2.13 2.70
C PHE A 160 -1.83 -1.10 1.58
N VAL A 161 -1.72 0.16 1.87
CA VAL A 161 -1.98 1.18 0.80
C VAL A 161 -0.82 2.15 0.60
N LEU A 162 -0.49 2.40 -0.65
CA LEU A 162 0.59 3.38 -0.99
C LEU A 162 -0.07 4.63 -1.56
N MET A 163 0.35 5.79 -1.14
CA MET A 163 -0.29 7.03 -1.68
C MET A 163 0.73 7.83 -2.50
N ASP A 164 0.40 8.11 -3.74
CA ASP A 164 1.33 8.89 -4.60
C ASP A 164 0.89 10.36 -4.64
N ILE A 165 1.71 11.26 -4.17
CA ILE A 165 1.31 12.69 -4.17
C ILE A 165 2.24 13.51 -5.09
N GLN A 166 1.66 14.19 -6.05
CA GLN A 166 2.49 15.03 -6.97
C GLN A 166 2.37 16.50 -6.54
N ALA A 167 1.15 16.98 -6.45
CA ALA A 167 0.94 18.41 -6.05
C ALA A 167 -0.58 18.67 -5.94
N SER A 168 -1.10 18.78 -4.75
CA SER A 168 -2.56 19.02 -4.58
C SER A 168 -3.36 17.86 -5.19
N THR A 169 -2.71 16.80 -5.58
CA THR A 169 -3.42 15.64 -6.16
C THR A 169 -2.80 14.34 -5.60
N VAL A 170 -3.61 13.41 -5.17
CA VAL A 170 -3.01 12.16 -4.62
C VAL A 170 -3.70 10.91 -5.19
N VAL A 171 -2.92 9.92 -5.51
CA VAL A 171 -3.51 8.65 -6.02
C VAL A 171 -3.19 7.56 -5.00
N THR A 172 -4.18 6.88 -4.51
CA THR A 172 -3.90 5.82 -3.50
C THR A 172 -3.99 4.43 -4.12
N TYR A 173 -3.06 3.59 -3.80
CA TYR A 173 -3.09 2.22 -4.35
C TYR A 173 -3.34 1.24 -3.20
N VAL A 174 -4.29 0.39 -3.35
CA VAL A 174 -4.58 -0.59 -2.27
C VAL A 174 -4.21 -1.99 -2.74
N TYR A 175 -3.49 -2.72 -1.93
CA TYR A 175 -3.09 -4.09 -2.34
C TYR A 175 -3.82 -5.11 -1.48
N GLN A 176 -4.72 -5.84 -2.06
CA GLN A 176 -5.44 -6.88 -1.29
C GLN A 176 -4.96 -8.25 -1.69
N LEU A 177 -4.76 -9.12 -0.73
CA LEU A 177 -4.28 -10.49 -1.06
C LEU A 177 -5.49 -11.42 -1.15
N ILE A 178 -5.99 -11.63 -2.34
CA ILE A 178 -7.15 -12.54 -2.50
C ILE A 178 -6.68 -13.81 -3.19
N GLY A 179 -6.92 -14.94 -2.59
CA GLY A 179 -6.46 -16.22 -3.21
C GLY A 179 -4.93 -16.23 -3.19
N ASP A 180 -4.31 -16.56 -4.29
CA ASP A 180 -2.81 -16.57 -4.33
C ASP A 180 -2.29 -15.25 -4.90
N ASP A 181 -2.74 -14.88 -6.07
CA ASP A 181 -2.28 -13.60 -6.68
C ASP A 181 -2.79 -12.40 -5.87
N VAL A 182 -2.15 -11.27 -5.99
CA VAL A 182 -2.62 -10.08 -5.23
C VAL A 182 -3.31 -9.11 -6.18
N LYS A 183 -4.49 -8.65 -5.84
CA LYS A 183 -5.21 -7.70 -6.72
C LYS A 183 -4.97 -6.27 -6.26
N VAL A 184 -4.95 -5.33 -7.16
CA VAL A 184 -4.70 -3.91 -6.77
C VAL A 184 -5.74 -2.98 -7.41
N GLU A 185 -6.21 -2.01 -6.68
CA GLU A 185 -7.20 -1.05 -7.23
C GLU A 185 -6.63 0.38 -7.17
N ARG A 186 -7.04 1.23 -8.07
CA ARG A 186 -6.48 2.62 -8.08
C ARG A 186 -7.56 3.66 -7.77
N ILE A 187 -7.31 4.50 -6.81
CA ILE A 187 -8.29 5.58 -6.44
C ILE A 187 -7.57 6.94 -6.47
N GLU A 188 -8.14 7.94 -7.09
CA GLU A 188 -7.46 9.26 -7.14
C GLU A 188 -8.26 10.34 -6.38
N TYR A 189 -7.57 11.20 -5.69
CA TYR A 189 -8.25 12.30 -4.94
C TYR A 189 -7.46 13.60 -5.09
N LYS A 190 -8.14 14.71 -5.21
CA LYS A 190 -7.43 16.01 -5.34
C LYS A 190 -8.13 17.09 -4.51
N LYS A 191 -7.38 18.01 -3.96
CA LYS A 191 -8.02 19.10 -3.14
C LYS A 191 -9.18 19.75 -3.90
N SER A 192 -9.07 19.86 -5.20
CA SER A 192 -10.17 20.47 -6.00
C SER A 192 -10.74 19.45 -6.99
N GLY B 1 -5.81 -22.29 -4.34
CA GLY B 1 -6.66 -22.75 -3.20
C GLY B 1 -6.81 -21.61 -2.18
N PRO B 2 -7.88 -21.65 -1.44
CA PRO B 2 -8.14 -20.61 -0.41
C PRO B 2 -7.15 -20.74 0.74
N LEU B 3 -6.81 -19.65 1.39
CA LEU B 3 -5.85 -19.70 2.52
C LEU B 3 -6.61 -19.81 3.85
N GLY B 4 -6.28 -20.77 4.66
CA GLY B 4 -6.99 -20.92 5.97
C GLY B 4 -8.47 -21.18 5.71
N SER B 5 -9.33 -20.36 6.24
CA SER B 5 -10.79 -20.54 6.01
C SER B 5 -11.12 -20.26 4.55
N THR B 6 -12.30 -20.63 4.11
CA THR B 6 -12.66 -20.38 2.68
C THR B 6 -12.71 -18.87 2.42
N GLU B 7 -12.35 -18.45 1.22
CA GLU B 7 -12.37 -16.99 0.91
C GLU B 7 -13.64 -16.64 0.13
N GLU B 8 -13.86 -17.28 -0.99
CA GLU B 8 -15.08 -16.97 -1.79
C GLU B 8 -16.03 -18.17 -1.80
N ASP B 9 -17.27 -17.94 -1.47
CA ASP B 9 -18.26 -19.06 -1.45
C ASP B 9 -18.52 -19.57 -2.88
N LEU B 10 -18.46 -18.70 -3.85
CA LEU B 10 -18.70 -19.13 -5.26
C LEU B 10 -17.39 -19.43 -5.96
N GLU B 11 -17.38 -20.38 -6.86
CA GLU B 11 -16.12 -20.72 -7.59
C GLU B 11 -16.23 -20.31 -9.06
N ASP B 12 -15.17 -19.78 -9.62
CA ASP B 12 -15.21 -19.36 -11.05
C ASP B 12 -14.35 -20.31 -11.91
N ALA B 13 -14.73 -20.49 -13.15
CA ALA B 13 -13.93 -21.38 -14.04
C ALA B 13 -12.60 -20.71 -14.40
N GLU B 14 -11.62 -21.48 -14.79
CA GLU B 14 -10.30 -20.87 -15.16
C GLU B 14 -10.48 -19.81 -16.24
N ASP B 15 -9.74 -18.74 -16.17
CA ASP B 15 -9.87 -17.66 -17.19
C ASP B 15 -8.50 -17.05 -17.51
N THR B 16 -8.43 -16.23 -18.52
CA THR B 16 -7.13 -15.60 -18.88
C THR B 16 -7.26 -14.08 -18.88
N VAL B 17 -6.15 -13.38 -18.80
CA VAL B 17 -6.21 -11.89 -18.81
C VAL B 17 -5.21 -11.33 -19.83
N SER B 18 -5.58 -10.28 -20.52
CA SER B 18 -4.66 -9.70 -21.53
C SER B 18 -3.58 -8.85 -20.85
N ALA B 19 -2.45 -8.68 -21.48
CA ALA B 19 -1.36 -7.86 -20.87
C ALA B 19 -1.16 -6.58 -21.68
N ALA B 20 -0.88 -5.50 -21.02
CA ALA B 20 -0.66 -4.20 -21.75
C ALA B 20 -0.05 -3.16 -20.80
N ASP B 21 0.72 -3.60 -19.85
CA ASP B 21 1.34 -2.64 -18.90
C ASP B 21 2.86 -2.87 -18.81
N PRO B 22 3.56 -2.43 -19.82
CA PRO B 22 5.04 -2.59 -19.85
C PRO B 22 5.68 -1.73 -18.77
N GLU B 23 4.98 -0.71 -18.32
CA GLU B 23 5.53 0.17 -17.26
C GLU B 23 5.13 -0.36 -15.88
N PHE B 24 5.72 0.19 -14.86
CA PHE B 24 5.39 -0.28 -13.47
C PHE B 24 3.88 -0.33 -13.24
N CYS B 25 3.42 -1.36 -12.57
CA CYS B 25 1.98 -1.47 -12.27
C CYS B 25 1.60 -0.44 -11.22
N HIS B 26 2.47 -0.25 -10.28
CA HIS B 26 2.22 0.74 -9.19
C HIS B 26 3.50 0.85 -8.34
N PRO B 27 3.47 1.61 -7.28
CA PRO B 27 4.67 1.74 -6.43
C PRO B 27 5.10 0.37 -5.89
N LEU B 28 6.39 0.14 -5.87
CA LEU B 28 6.95 -1.14 -5.37
C LEU B 28 6.62 -2.34 -6.26
N CYS B 29 6.75 -2.24 -7.55
CA CYS B 29 6.44 -3.43 -8.39
C CYS B 29 7.49 -3.57 -9.48
N GLN B 30 8.64 -4.06 -9.10
CA GLN B 30 9.75 -4.27 -10.09
C GLN B 30 9.53 -5.59 -10.82
N CYS B 31 8.33 -6.09 -10.76
CA CYS B 31 7.97 -7.37 -11.41
C CYS B 31 8.49 -7.48 -12.84
N PRO B 32 8.37 -8.66 -13.37
CA PRO B 32 8.74 -8.90 -14.78
C PRO B 32 7.70 -8.26 -15.69
N LYS B 33 6.47 -8.62 -15.48
CA LYS B 33 5.34 -8.07 -16.28
C LYS B 33 4.02 -8.27 -15.54
N CYS B 34 4.03 -9.08 -14.52
CA CYS B 34 2.74 -9.38 -13.81
C CYS B 34 1.77 -9.96 -14.83
N ALA B 35 2.31 -10.58 -15.84
CA ALA B 35 1.49 -11.18 -16.91
C ALA B 35 1.24 -12.67 -16.63
N PRO B 36 0.33 -13.25 -17.38
CA PRO B 36 0.01 -14.69 -17.19
C PRO B 36 1.19 -15.57 -17.63
N ALA B 37 1.40 -16.67 -16.95
CA ALA B 37 2.52 -17.57 -17.33
C ALA B 37 2.10 -19.04 -17.18
N GLN B 38 2.68 -19.92 -17.95
CA GLN B 38 2.31 -21.36 -17.85
C GLN B 38 3.11 -22.06 -16.74
N LYS B 39 3.99 -21.35 -16.09
CA LYS B 39 4.79 -21.97 -15.00
C LYS B 39 3.97 -22.05 -13.72
N ARG B 40 4.11 -23.13 -12.97
CA ARG B 40 3.32 -23.28 -11.71
C ARG B 40 4.20 -23.86 -10.60
N LEU B 41 3.79 -23.69 -9.37
CA LEU B 41 4.59 -24.24 -8.24
C LEU B 41 4.25 -25.72 -8.02
N ALA B 42 5.17 -26.49 -7.53
CA ALA B 42 4.89 -27.95 -7.30
C ALA B 42 3.72 -28.12 -6.35
N LYS B 43 2.87 -29.08 -6.61
CA LYS B 43 1.69 -29.31 -5.72
C LYS B 43 2.00 -30.40 -4.70
N VAL B 44 1.45 -30.31 -3.52
CA VAL B 44 1.71 -31.35 -2.48
C VAL B 44 1.37 -32.74 -3.03
N PRO B 45 2.07 -33.74 -2.54
CA PRO B 45 1.84 -35.13 -3.00
C PRO B 45 0.47 -35.63 -2.53
N ALA B 46 -0.08 -35.03 -1.52
CA ALA B 46 -1.41 -35.48 -1.01
C ALA B 46 -2.54 -34.78 -1.79
N SER B 47 -3.45 -35.55 -2.34
CA SER B 47 -4.58 -34.94 -3.11
C SER B 47 -5.87 -35.72 -2.86
N GLY B 48 -7.00 -35.10 -3.09
CA GLY B 48 -8.29 -35.80 -2.86
C GLY B 48 -9.45 -34.82 -3.04
N LEU B 49 -10.64 -35.21 -2.68
CA LEU B 49 -11.81 -34.30 -2.83
C LEU B 49 -12.04 -33.53 -1.53
N GLY B 50 -12.08 -32.23 -1.61
CA GLY B 50 -12.29 -31.41 -0.38
C GLY B 50 -10.98 -31.28 0.39
N VAL B 51 -11.01 -30.78 1.59
CA VAL B 51 -9.76 -30.65 2.39
C VAL B 51 -9.95 -31.25 3.77
N ASN B 52 -8.89 -31.78 4.36
CA ASN B 52 -9.01 -32.40 5.72
C ASN B 52 -10.14 -33.45 5.72
N VAL B 53 -10.26 -34.19 4.66
CA VAL B 53 -11.33 -35.23 4.58
C VAL B 53 -10.74 -36.55 4.08
N THR B 54 -11.51 -37.60 4.10
CA THR B 54 -10.99 -38.92 3.63
C THR B 54 -10.60 -38.83 2.15
N SER B 55 -9.62 -39.58 1.73
CA SER B 55 -9.21 -39.53 0.30
C SER B 55 -8.80 -40.92 -0.20
N GLN B 56 -9.41 -41.38 -1.26
CA GLN B 56 -9.07 -42.73 -1.81
C GLN B 56 -9.05 -42.69 -3.34
N ASP B 57 -8.31 -43.56 -3.95
CA ASP B 57 -8.25 -43.58 -5.45
C ASP B 57 -9.41 -44.40 -6.01
N GLY B 58 -10.03 -43.94 -7.06
CA GLY B 58 -11.16 -44.70 -7.67
C GLY B 58 -12.46 -44.34 -6.95
N SER B 59 -13.53 -45.02 -7.25
CA SER B 59 -14.83 -44.73 -6.59
C SER B 59 -15.44 -46.02 -6.03
N SER B 60 -16.04 -45.96 -4.87
CA SER B 60 -16.63 -47.19 -4.26
C SER B 60 -17.96 -47.56 -4.96
N TRP B 61 -19.05 -46.95 -4.55
CA TRP B 61 -20.37 -47.28 -5.19
C TRP B 61 -20.60 -48.79 -5.23
#